data_8EZ9
#
_entry.id   8EZ9
#
_cell.length_a   1.00
_cell.length_b   1.00
_cell.length_c   1.00
_cell.angle_alpha   90.00
_cell.angle_beta   90.00
_cell.angle_gamma   90.00
#
_symmetry.space_group_name_H-M   'P 1'
#
loop_
_entity.id
_entity.type
_entity.pdbx_description
1 polymer 'unknown region of DNA-PKcs'
2 polymer 'DNA-dependent protein kinase catalytic subunit'
#
loop_
_entity_poly.entity_id
_entity_poly.type
_entity_poly.pdbx_seq_one_letter_code
_entity_poly.pdbx_strand_id
1 'polypeptide(L)'
;(UNK)(UNK)(UNK)(UNK)(UNK)(UNK)(UNK)(UNK)(UNK)(UNK)(UNK)(UNK)(UNK)(UNK)(UNK)(UNK)
(UNK)(UNK)(UNK)(UNK)
;
R,Q
2 'polypeptide(L)'
;MAGSGAGVRCSLLRLQETLSAADRCGAALAGHQLIRGLGQECVLSSSPAVLALQTSLVFSRDFGLLVFVRKSLNSIEFRE
CREEILKFLCIFLEKMGQKIAPYSVEIKNTCTSVYTKDRAAKCKIPALDLLIKLLQTFRSSRLMDEFKIGELFSKFYGEL
ALKKKIPDTVLEKVYELLGLLGEVHPSEMINNAENLFRAFLGELKTQMTSAVREPKLPVLAGCLKGLSSLLCNFTKSMEE
DPQTSREIFNFVLKAIRPQIDLKRYAVPSAGLRLFALHASQFSTCLLDNYVSLFEVLLKWCAHTNVELKKAALSALESFL
KQVSNMVAKNAEMHKNKLQYFMEQFYGIIRNVDSNNKELSIAIRGYGLFAGPCKVINAKDVDFMYVELIQRCKQMFLTQT
DTGDDRVYQMPSFLQSVASVLLYLDTVPEVYTPVLEHLVVMQIDSFPQYSPKMQLVCCRAIVKVFLALAAKGPVLRNCIS
TVVHQGLIRICSKPVVLPKGPESESEDHRASGEVRTGKWKVPTYKDYVDLFRHLLSSDQMMDSILADEAFFSVNSSSESL
NHLLYDEFVKSVLKIVEKLDLTLEIQTVGEQENGDEAPGVWMIPTSDPAANLHPAKPKDFSAFINLVEFCREILPEKQAE
FFEPWVYSFSYELILQSTRLPLISGFYKLLSITVRNAKKIKYFEGVSPKSLKHSPEDPEKYSCFALFVKFGKEVAVKMKQ
YKDELLASCLTFLLSLPHNIIELDVRAYVPALQMAFKLGLSYTPLAEVGLNALEEWSIYIDRHVMQPYYKDILPCLDGYL
KTSALSDETKNNWEVSALSRAAQKGFNKVVLKHLKKTKNLSSNEAISLEEIRIRVVQMLGSLGGQINKNLLTVTSSDEMM
KSYVAWDREKRLSFAVPFREMKPVIFLDVFLPRVTELALTASDRQTKVAACELLHSMVMFMLGKATQMPEGGQGAPPMYQ
LYKRTFPVLLRLACDVDQVTRQLYEPLVMQLIHWFTNNKKFESQDTVALLEAILDGIVDPVDSTLRDFCGRCIREFLKWS
IKQITPQQQEKSPVNTKSLFKRLYSLALHPNAFKRLGASLAFNNIYREFREEESLVEQFVFEALVIYMESLALAHADEKS
LGTIQQCCDAIDHLCRIIEKKHVSLNKAKKRRLPRGFPPSASLCLLDLVKWLLAHCGRPQTECRHKSIELFYKFVPLLPG
NRSPNLWLKDVLKEEGVSFLINTFEGGGCGQPSGILAQPTLLYLRGPFSLQATLCWLDLLLAALECYNTFIGERTVGALQ
VLGTEAQSSLLKAVAFFLESIAMHDIIAAEKCFGTGAAGNRTSPQEGERYNYSKCTVVVRIMEFTTTLLNTSPEGWKLLK
KDLCNTHLMRVLVQTLCEPASIGFNIGDVQVMAHLPDVCVNLMKALKMSPYKDILETHLREKITAQSIEELCAVNLYGPD
AQVDRSRLAAVVSACKQLHRAGLLHNILPSQSTDLHHSVGTELLSLVYKGIAPGDERQCLPSLDLSCKQLASGLLELAFA
FGGLCERLVSLLLNPAVLSTASLGSSQGSVIHFSHGEYFYSLFSETINTELLKNLDLAVLELMQSSVDNTKMVSAVLNGM
LDQSFRERANQKHQGLKLATTILQHWKKCDSWWAKDSPLETKMAVLALLAKILQIDSSVSFNTSHGSFPEVFTTYISLLA
DTKLDLHLKGQAVTLLPFFTSLTGGSLEELRRVLEQLIVAHFPMQSREFPPGTPRFNNYVDCMKKFLDALELSQSPMLLE
LMTEVLCREQQHVMEELFQSSFRRIARRGSCVTQVGLLESVYEMFRKDDPRLSFTRQSFVDRSLLTLLWHCSLDALREFF
STIVVDAIDVLKSRFTKLNESTFDTQITKKMGYYKILDVMYSRLPKDDVHAKESKINQVFHGSCITEGNELTKTLIKLCY
DAFTENMAGENQLLERRRLYHCAAYNCAISVICCVFNELKFYQGFLFSEKPEKNLLIFENLIDLKRRYNFPVEVEVPMER
KKKYIEIRKEAREAANGDSDGPSYMSSLSYLADSTLSEEMSQFDFSTGVQSYSYSSQDPRPATGRFRRREQRDPTVHDDV
LELEMDELNRHECMAPLTALVKHMHRSLGPPQGEEDSVPRDLPSWMKFLHGKLGNPIVPLNIRLFLAKLVINTEEVFRPY
AKHWLSPLLQLAASENNGGEGIHYMVVEIVATILSWTGLATPTGVPKDEVLANRLLNFLMKHVFHPKRAVFRHNLEIIKT
LVECWKDCLSIPYRLIFEKFSGKDPNSKDNSVGIQLLGIVMANDLPPYDPQCGIQSSEYFQALVNNMSFVRYKEVYAAAA
EVLGLILRYVMERKNILEESLCELVAKQLKQHQNTMEDKFIVCLNKVTKSFPPLADRFMNAVFFLLPKFHGVLKTLCLEV
VLCRVEGMTELYFQLKSKDFVQVMRHRDDERQKVCLDIIYKMMPKLKPVELRELLNPVVEFVSHPSTTCREQMYNILMWI
HDNYRDPESETDNDSQEIFKLAKDVLIQGLIDENPGLQLIIRNFWSHETRLPSNTLDRLLALNSLYSPKIEVHFLSLATN
FLLEMTSMSPDYPNPMFEHPLSECEFQEYTIDSDWRFRSTVLTPMFVETQASQGTLQTRTQEGSLSARWPVAGQIRATQQ
QHDFTLTQTADGRSSFDWLTGSSTDPLVDHTSPSSDSLLFAHKRSERLQRAPLKSVGPDFGKKRLGLPGDEVDNKVKGAA
GRTDLLRLRRRFMRDQEKLSLMYARKGVAEQKREKEIKSELKMKQDAQVVLYRSYRHGDLPDIQIKHSSLITPLQAVAQR
DPIIAKQLFSSLFSGILKEMDKFKTLSEKNNITQKLLQDFNRFLNTTFSFFPPFVSCIQDISCQHAALLSLDPAAVSAGC
LASLQQPVGIRLLEEALLRLLPAELPAKRVRGKARLPPDVLRWVELAKLYRSIGEYDVLRGIFTSEIGTKQITQSALLAE
ARSDYSEAAKQYDEALNKQDWVDGEPTEAEKDFWELASLDCYNHLAEWKSLEYCSTASIDSENPPDLNKIWSEPFYQETY
LPYMIRSKLKLLLQGEADQSLLTFIDKAMHGELQKAILELHYSQELSLLYLLQDDVDRAKYYIQNGIQSFMQNYSSIDVL
LHQSRLTKLQSVQALTEIQEFISFISKQGNLSSQVPLKRLLNTWTNRYPDAKMDPMNIWDDIITNRCFFLSKIEEKLTPL
PEDNSMNVDQDGDPSDRMEVQEQEEDISSLIRSCKFSMKMKMIDSARKQNNFSLAMKLLKELHKESKTRDDWLVSWVQSY
CRLSHCRSRSQGCSEQVLTVLKTVSLLDENNVSSYLSKNILAFRDQNILLGTTYRIIANALSSEPACLAEIEEDKARRIL
ELSGSSSEDSEKVIAGLYQRAFQHLSEAVQAAEEEAQPPSWSCGPAAGVIDAYMTLADFCDQQLRKEEENASVIDSAELQ
AYPALVVEKMLKALKLNSNEARLKFPRLLQIIERYPEETLSLMTKEISSVPCWQFISWISHMVALLDKDQAVAVQHSVEE
ITDNYPQAIVYPFIISSESYSFKDTSTGHKNKEFVARIKSKLDQGGVIQDFINALDQLSNPELLFKDWSNDVRAELAKTP
VNKKNIEKMYERMYAALGDPKAPGLGAFRRKFIQTFGKEFDKHFGKGGSKLLRMKLSDFNDITNMLLLKMNKDSKPPGNL
KECSPWMSDFKVEFLRNELEIPGQYDGRGKPLPEYHVRIAGFDERVTVMASLRRPKRIIIRGHDEREHPFLVKGGEDLRQ
DQRVEQLFQVMNGILAQDSACSQRALQLRTYSVVPMTSRLGLIEWLENTVTLKDLLLNTMSQEEKAAYLSDPRAPPCEYK
DWLTKMSGKHDVGAYMLMYKGANRTETVTSFRKRESKVPADLLKRAFVRMSTSPEAFLALRSHFASSHALICISHWILGI
GDRHLNNFMVAMETGGVIGIDFGHAFGSATQFLPVPELMPFRLTRQFINLMLPMKETGLMYSIMVHALRAFRSDPGLLTN
TMDVFVKEPSFDWKNFEQKMLKKGGSWIQEINVAEKNWYPRQKICYAKRKLAGANPAVITCDELLLGHEKAPAFRDYVAV
ARGSKDHNIRAQEPESGLSEETQVKCLMDQATDPNILGRTWEGWEPWM
;
L,C
#
# COMPACT_ATOMS: atom_id res chain seq x y z
N UNK A 1 -46.25 -61.37 -24.43
CA UNK A 1 -47.37 -60.51 -24.08
C UNK A 1 -46.97 -59.04 -24.12
N UNK A 2 -46.41 -58.61 -25.25
CA UNK A 2 -46.01 -57.23 -25.45
C UNK A 2 -46.33 -56.81 -26.88
N UNK A 3 -47.11 -55.73 -27.01
CA UNK A 3 -47.62 -55.29 -28.30
C UNK A 3 -46.52 -55.00 -29.32
N UNK A 4 -45.52 -54.23 -28.90
CA UNK A 4 -44.41 -53.87 -29.79
C UNK A 4 -43.63 -55.11 -30.21
N UNK A 5 -43.40 -56.00 -29.26
CA UNK A 5 -42.69 -57.24 -29.53
C UNK A 5 -43.43 -58.08 -30.56
N UNK A 6 -44.74 -58.18 -30.41
CA UNK A 6 -45.57 -58.96 -31.33
C UNK A 6 -45.59 -58.32 -32.72
N UNK A 7 -45.66 -56.99 -32.74
CA UNK A 7 -45.67 -56.24 -33.98
C UNK A 7 -44.38 -56.48 -34.75
N UNK A 8 -43.27 -56.52 -34.03
CA UNK A 8 -41.98 -56.80 -34.63
C UNK A 8 -41.93 -58.24 -35.13
N UNK A 9 -42.36 -59.16 -34.27
CA UNK A 9 -42.33 -60.58 -34.57
C UNK A 9 -43.15 -60.92 -35.80
N UNK A 10 -44.20 -60.15 -36.07
CA UNK A 10 -45.00 -60.37 -37.27
C UNK A 10 -44.17 -60.32 -38.54
N UNK A 11 -43.56 -59.16 -38.78
CA UNK A 11 -42.75 -58.96 -39.98
C UNK A 11 -41.40 -59.65 -39.86
N UNK A 12 -41.07 -60.13 -38.67
CA UNK A 12 -39.88 -60.95 -38.50
C UNK A 12 -40.18 -62.38 -38.96
N UNK A 13 -41.42 -62.79 -38.76
CA UNK A 13 -41.88 -64.11 -39.15
C UNK A 13 -42.08 -64.16 -40.65
N UNK A 14 -42.76 -63.16 -41.19
CA UNK A 14 -42.97 -63.09 -42.64
C UNK A 14 -41.65 -63.00 -43.41
N UNK A 15 -40.78 -63.97 -43.16
CA UNK A 15 -39.43 -64.03 -43.71
C UNK A 15 -38.75 -65.30 -43.20
N UNK A 16 -39.34 -65.89 -42.16
CA UNK A 16 -38.83 -67.10 -41.52
C UNK A 16 -37.43 -66.90 -40.92
N UNK A 17 -37.10 -65.66 -40.58
CA UNK A 17 -35.84 -65.37 -39.91
C UNK A 17 -35.98 -65.58 -38.41
N UNK A 18 -35.01 -65.10 -37.62
CA UNK A 18 -35.13 -65.16 -36.16
C UNK A 18 -34.27 -64.18 -35.34
N UNK A 19 -33.10 -63.74 -35.81
CA UNK A 19 -32.14 -62.94 -35.04
C UNK A 19 -32.67 -61.57 -34.57
N UNK A 20 -32.26 -61.14 -33.37
CA UNK A 20 -32.69 -59.90 -32.70
C UNK A 20 -31.81 -59.50 -31.51
N ALA B 6 -15.90 -32.06 -5.24
CA ALA B 6 -14.87 -31.36 -5.98
C ALA B 6 -13.53 -32.08 -5.87
N GLY B 7 -13.55 -33.26 -5.25
CA GLY B 7 -12.34 -34.02 -5.03
C GLY B 7 -11.63 -34.45 -6.30
N VAL B 8 -12.39 -34.90 -7.30
CA VAL B 8 -11.79 -35.41 -8.53
C VAL B 8 -11.01 -34.31 -9.25
N ARG B 9 -11.65 -33.15 -9.44
CA ARG B 9 -11.00 -32.06 -10.14
C ARG B 9 -9.88 -31.45 -9.32
N CYS B 10 -10.15 -31.17 -8.04
CA CYS B 10 -9.17 -30.49 -7.20
C CYS B 10 -7.95 -31.36 -6.93
N SER B 11 -8.11 -32.68 -6.93
CA SER B 11 -6.97 -33.56 -6.72
C SER B 11 -5.93 -33.37 -7.82
N LEU B 12 -6.35 -33.46 -9.08
CA LEU B 12 -5.43 -33.22 -10.18
C LEU B 12 -4.97 -31.78 -10.24
N LEU B 13 -5.85 -30.82 -9.93
CA LEU B 13 -5.45 -29.42 -9.93
C LEU B 13 -4.32 -29.17 -8.95
N ARG B 14 -4.44 -29.70 -7.73
CA ARG B 14 -3.39 -29.52 -6.74
C ARG B 14 -2.13 -30.32 -7.10
N LEU B 15 -2.31 -31.55 -7.59
CA LEU B 15 -1.15 -32.37 -7.93
C LEU B 15 -0.38 -31.79 -9.12
N GLN B 16 -1.01 -30.92 -9.91
CA GLN B 16 -0.29 -30.22 -10.96
C GLN B 16 0.28 -28.88 -10.49
N GLU B 17 -0.51 -28.12 -9.72
CA GLU B 17 -0.05 -26.81 -9.26
C GLU B 17 1.13 -26.93 -8.30
N THR B 18 1.11 -27.92 -7.41
CA THR B 18 2.21 -28.11 -6.47
C THR B 18 3.52 -28.38 -7.20
N LEU B 19 3.53 -29.35 -8.11
CA LEU B 19 4.74 -29.73 -8.83
C LEU B 19 4.91 -28.84 -10.06
N SER B 20 5.11 -27.55 -9.79
CA SER B 20 5.28 -26.54 -10.83
C SER B 20 6.67 -25.95 -10.88
N ALA B 21 7.64 -26.54 -10.17
CA ALA B 21 9.00 -26.03 -10.13
C ALA B 21 9.97 -27.18 -9.92
N ALA B 22 11.08 -27.14 -10.66
CA ALA B 22 12.11 -28.17 -10.54
C ALA B 22 13.23 -27.66 -9.64
N ASP B 23 14.16 -28.53 -9.30
CA ASP B 23 15.33 -28.20 -8.49
C ASP B 23 16.56 -28.85 -9.11
N ARG B 24 16.70 -28.73 -10.43
CA ARG B 24 17.73 -29.45 -11.17
C ARG B 24 19.12 -29.02 -10.69
N CYS B 25 19.83 -29.96 -10.06
CA CYS B 25 21.16 -29.71 -9.53
C CYS B 25 21.99 -30.97 -9.69
N GLY B 26 23.14 -30.99 -9.02
CA GLY B 26 24.04 -32.13 -9.10
C GLY B 26 23.85 -33.13 -7.97
N ALA B 27 23.15 -34.22 -8.26
CA ALA B 27 22.93 -35.27 -7.27
C ALA B 27 22.58 -36.55 -8.02
N ALA B 28 22.26 -37.59 -7.24
CA ALA B 28 21.93 -38.90 -7.80
C ALA B 28 20.62 -38.84 -8.57
N LEU B 29 20.71 -38.91 -9.91
CA LEU B 29 19.55 -38.81 -10.80
C LEU B 29 18.73 -37.56 -10.53
N ALA B 30 19.40 -36.44 -10.27
CA ALA B 30 18.73 -35.17 -9.95
C ALA B 30 18.25 -34.43 -11.18
N GLY B 31 18.18 -35.06 -12.35
CA GLY B 31 17.73 -34.37 -13.54
C GLY B 31 16.62 -35.09 -14.28
N HIS B 32 16.11 -36.18 -13.71
CA HIS B 32 15.13 -36.99 -14.40
C HIS B 32 13.91 -37.35 -13.56
N GLN B 33 14.08 -37.48 -12.24
CA GLN B 33 13.03 -38.10 -11.43
C GLN B 33 11.82 -37.18 -11.26
N LEU B 34 12.06 -35.88 -11.05
CA LEU B 34 10.94 -34.95 -10.88
C LEU B 34 10.11 -34.87 -12.15
N ILE B 35 10.76 -34.86 -13.31
CA ILE B 35 10.04 -34.84 -14.58
C ILE B 35 9.29 -36.16 -14.80
N ARG B 36 9.88 -37.28 -14.36
CA ARG B 36 9.18 -38.56 -14.43
C ARG B 36 7.90 -38.52 -13.60
N GLY B 37 7.98 -37.95 -12.39
CA GLY B 37 6.78 -37.80 -11.59
C GLY B 37 5.76 -36.88 -12.24
N LEU B 38 6.24 -35.79 -12.86
CA LEU B 38 5.37 -34.90 -13.61
C LEU B 38 4.59 -35.67 -14.67
N GLY B 39 5.30 -36.44 -15.48
CA GLY B 39 4.64 -37.21 -16.54
C GLY B 39 3.68 -38.24 -15.99
N GLN B 40 4.11 -38.97 -14.96
CA GLN B 40 3.28 -40.05 -14.42
C GLN B 40 2.09 -39.53 -13.63
N GLU B 41 2.09 -38.27 -13.23
CA GLU B 41 0.90 -37.71 -12.60
C GLU B 41 0.01 -37.02 -13.63
N CYS B 42 0.59 -36.57 -14.75
CA CYS B 42 -0.22 -35.97 -15.81
C CYS B 42 -1.01 -37.04 -16.55
N VAL B 43 -0.48 -38.26 -16.63
CA VAL B 43 -1.12 -39.34 -17.38
C VAL B 43 -2.46 -39.76 -16.79
N LEU B 44 -2.68 -39.51 -15.49
CA LEU B 44 -3.92 -39.89 -14.83
C LEU B 44 -5.13 -39.16 -15.40
N SER B 45 -4.93 -38.06 -16.11
CA SER B 45 -6.03 -37.31 -16.73
C SER B 45 -6.66 -38.14 -17.83
N SER B 46 -7.89 -38.60 -17.62
CA SER B 46 -8.59 -39.44 -18.58
C SER B 46 -10.07 -39.11 -18.76
N SER B 47 -10.59 -38.07 -18.10
CA SER B 47 -11.98 -37.66 -18.27
C SER B 47 -12.03 -36.30 -18.96
N PRO B 48 -13.15 -35.99 -19.64
CA PRO B 48 -13.21 -34.69 -20.36
C PRO B 48 -13.01 -33.50 -19.46
N ALA B 49 -13.50 -33.53 -18.22
CA ALA B 49 -13.32 -32.39 -17.31
C ALA B 49 -11.85 -32.22 -16.95
N VAL B 50 -11.20 -33.31 -16.53
CA VAL B 50 -9.78 -33.19 -16.18
C VAL B 50 -8.95 -32.92 -17.43
N LEU B 51 -9.38 -33.41 -18.60
CA LEU B 51 -8.66 -33.09 -19.82
C LEU B 51 -8.74 -31.61 -20.13
N ALA B 52 -9.92 -31.01 -19.96
CA ALA B 52 -10.04 -29.55 -20.14
C ALA B 52 -9.19 -28.80 -19.14
N LEU B 53 -9.19 -29.23 -17.87
CA LEU B 53 -8.39 -28.56 -16.86
C LEU B 53 -6.90 -28.66 -17.18
N GLN B 54 -6.45 -29.84 -17.63
CA GLN B 54 -5.05 -30.01 -18.01
C GLN B 54 -4.68 -29.16 -19.22
N THR B 55 -5.58 -29.09 -20.22
CA THR B 55 -5.30 -28.22 -21.37
C THR B 55 -5.28 -26.76 -20.98
N SER B 56 -6.03 -26.37 -19.95
CA SER B 56 -5.97 -24.98 -19.48
C SER B 56 -4.69 -24.70 -18.70
N LEU B 57 -4.28 -25.64 -17.86
CA LEU B 57 -3.14 -25.39 -16.97
C LEU B 57 -1.81 -25.60 -17.69
N VAL B 58 -1.60 -26.80 -18.24
CA VAL B 58 -0.34 -27.14 -18.89
C VAL B 58 -0.06 -26.23 -20.08
N PHE B 59 -1.09 -25.86 -20.85
CA PHE B 59 -0.91 -25.03 -22.03
C PHE B 59 -1.17 -23.56 -21.73
N SER B 60 -0.85 -23.14 -20.50
CA SER B 60 -0.84 -21.73 -20.15
C SER B 60 0.45 -21.10 -20.64
N ARG B 61 0.61 -19.80 -20.38
CA ARG B 61 1.84 -19.10 -20.73
C ARG B 61 2.65 -18.65 -19.52
N ASP B 62 2.01 -18.48 -18.37
CA ASP B 62 2.73 -18.10 -17.15
C ASP B 62 3.25 -19.32 -16.38
N PHE B 63 2.68 -20.49 -16.59
CA PHE B 63 3.14 -21.69 -15.91
C PHE B 63 2.78 -22.92 -16.75
N GLY B 64 3.43 -24.02 -16.45
CA GLY B 64 3.23 -25.27 -17.16
C GLY B 64 4.55 -25.89 -17.61
N LEU B 65 4.44 -27.14 -18.05
CA LEU B 65 5.62 -27.86 -18.54
C LEU B 65 6.20 -27.17 -19.77
N LEU B 66 5.34 -26.88 -20.75
CA LEU B 66 5.79 -26.36 -22.04
C LEU B 66 6.42 -24.98 -21.93
N VAL B 67 5.98 -24.14 -20.99
CA VAL B 67 6.55 -22.81 -20.86
C VAL B 67 8.03 -22.88 -20.53
N PHE B 68 8.38 -23.65 -19.49
CA PHE B 68 9.79 -23.76 -19.14
C PHE B 68 10.54 -24.69 -20.07
N VAL B 69 9.86 -25.59 -20.78
CA VAL B 69 10.52 -26.33 -21.85
C VAL B 69 10.98 -25.36 -22.93
N ARG B 70 10.14 -24.41 -23.30
CA ARG B 70 10.50 -23.37 -24.26
C ARG B 70 11.43 -22.31 -23.67
N LYS B 71 11.57 -22.27 -22.34
CA LYS B 71 12.48 -21.32 -21.71
C LYS B 71 13.77 -21.92 -21.19
N SER B 72 13.84 -23.23 -20.95
CA SER B 72 15.08 -23.87 -20.55
C SER B 72 15.95 -24.07 -21.78
N LEU B 73 16.99 -23.24 -21.92
CA LEU B 73 17.89 -23.31 -23.07
C LEU B 73 19.30 -23.75 -22.74
N ASN B 74 19.79 -23.52 -21.53
CA ASN B 74 21.00 -24.20 -21.07
C ASN B 74 20.61 -25.64 -20.74
N SER B 75 20.31 -26.41 -21.79
CA SER B 75 19.46 -27.59 -21.68
C SER B 75 20.21 -28.89 -21.92
N ILE B 76 21.45 -29.01 -21.43
CA ILE B 76 22.19 -30.27 -21.56
C ILE B 76 21.52 -31.33 -20.72
N GLU B 77 21.28 -31.04 -19.44
CA GLU B 77 20.55 -31.96 -18.58
C GLU B 77 19.05 -31.81 -18.72
N PHE B 78 18.59 -30.83 -19.49
CA PHE B 78 17.18 -30.70 -19.81
C PHE B 78 16.79 -31.57 -21.01
N ARG B 79 17.75 -32.20 -21.67
CA ARG B 79 17.41 -33.15 -22.72
C ARG B 79 16.60 -34.31 -22.17
N GLU B 80 16.88 -34.74 -20.94
CA GLU B 80 16.04 -35.76 -20.31
C GLU B 80 14.64 -35.23 -20.03
N CYS B 81 14.53 -33.95 -19.66
CA CYS B 81 13.21 -33.35 -19.47
C CYS B 81 12.41 -33.37 -20.76
N ARG B 82 13.04 -33.02 -21.89
CA ARG B 82 12.35 -33.15 -23.18
C ARG B 82 12.03 -34.61 -23.48
N GLU B 83 12.99 -35.50 -23.24
CA GLU B 83 12.86 -36.94 -23.45
C GLU B 83 11.60 -37.47 -22.78
N GLU B 84 11.30 -36.96 -21.59
CA GLU B 84 10.09 -37.37 -20.88
C GLU B 84 8.86 -36.63 -21.40
N ILE B 85 8.90 -35.30 -21.38
CA ILE B 85 7.69 -34.51 -21.59
C ILE B 85 7.18 -34.63 -23.03
N LEU B 86 8.09 -34.49 -24.01
CA LEU B 86 7.65 -34.59 -25.39
C LEU B 86 7.19 -36.00 -25.76
N LYS B 87 7.89 -37.03 -25.29
CA LYS B 87 7.46 -38.40 -25.54
C LYS B 87 6.15 -38.73 -24.85
N PHE B 88 5.81 -38.03 -23.76
CA PHE B 88 4.51 -38.24 -23.13
C PHE B 88 3.42 -37.47 -23.88
N LEU B 89 3.68 -36.20 -24.19
CA LEU B 89 2.68 -35.37 -24.86
C LEU B 89 2.41 -35.86 -26.27
N CYS B 90 3.37 -36.54 -26.89
CA CYS B 90 3.16 -37.11 -28.21
C CYS B 90 2.01 -38.11 -28.20
N ILE B 91 2.03 -39.05 -27.27
CA ILE B 91 0.93 -40.00 -27.14
C ILE B 91 -0.30 -39.29 -26.57
N PHE B 92 -0.09 -38.28 -25.73
CA PHE B 92 -1.20 -37.59 -25.08
C PHE B 92 -2.07 -36.82 -26.07
N LEU B 93 -1.45 -36.31 -27.15
CA LEU B 93 -2.16 -35.44 -28.07
C LEU B 93 -3.19 -36.16 -28.93
N GLU B 94 -3.07 -37.48 -29.11
CA GLU B 94 -4.05 -38.24 -29.86
C GLU B 94 -4.71 -39.36 -29.06
N LYS B 95 -4.15 -39.75 -27.91
CA LYS B 95 -4.86 -40.67 -27.04
C LYS B 95 -6.14 -40.03 -26.53
N MET B 96 -6.07 -38.77 -26.09
CA MET B 96 -7.22 -37.96 -25.72
C MET B 96 -6.92 -36.54 -26.20
N GLY B 97 -7.46 -36.18 -27.36
CA GLY B 97 -7.15 -34.89 -27.95
C GLY B 97 -8.34 -34.12 -28.47
N GLN B 98 -9.55 -34.54 -28.07
CA GLN B 98 -10.76 -33.84 -28.50
C GLN B 98 -10.78 -32.41 -27.96
N LYS B 99 -10.37 -32.21 -26.71
CA LYS B 99 -10.45 -30.90 -26.10
C LYS B 99 -9.45 -29.92 -26.69
N ILE B 100 -8.23 -30.37 -27.00
CA ILE B 100 -7.17 -29.44 -27.36
C ILE B 100 -7.21 -29.12 -28.85
N ALA B 101 -8.09 -28.19 -29.23
CA ALA B 101 -8.03 -27.49 -30.49
C ALA B 101 -7.13 -26.24 -30.46
N PRO B 102 -7.27 -25.35 -29.48
CA PRO B 102 -6.78 -23.96 -29.68
C PRO B 102 -5.26 -23.78 -29.57
N TYR B 103 -4.50 -24.73 -29.01
CA TYR B 103 -3.11 -24.44 -28.65
C TYR B 103 -2.09 -25.25 -29.44
N SER B 104 -2.45 -25.80 -30.60
CA SER B 104 -1.46 -26.46 -31.44
C SER B 104 -0.42 -25.47 -31.98
N VAL B 105 -0.81 -24.20 -32.17
CA VAL B 105 0.15 -23.18 -32.56
C VAL B 105 1.19 -22.97 -31.48
N GLU B 106 0.75 -22.91 -30.21
CA GLU B 106 1.70 -22.83 -29.11
C GLU B 106 2.57 -24.08 -29.02
N ILE B 107 2.03 -25.24 -29.35
CA ILE B 107 2.85 -26.46 -29.38
C ILE B 107 3.93 -26.35 -30.45
N LYS B 108 3.57 -25.81 -31.62
CA LYS B 108 4.55 -25.60 -32.68
C LYS B 108 5.62 -24.61 -32.24
N ASN B 109 5.21 -23.58 -31.51
CA ASN B 109 6.19 -22.67 -30.93
C ASN B 109 7.07 -23.39 -29.91
N THR B 110 6.49 -24.34 -29.18
CA THR B 110 7.21 -25.03 -28.12
C THR B 110 8.32 -25.93 -28.67
N CYS B 111 8.18 -26.66 -29.78
CA CYS B 111 9.29 -27.56 -30.18
C CYS B 111 10.60 -26.80 -30.51
N THR B 112 11.75 -27.42 -30.28
CA THR B 112 13.07 -26.77 -30.40
C THR B 112 14.22 -27.77 -30.49
N SER B 113 15.41 -27.34 -30.89
CA SER B 113 16.47 -28.21 -31.37
C SER B 113 17.89 -27.68 -31.16
N VAL B 114 18.66 -28.29 -30.24
CA VAL B 114 20.15 -28.28 -30.23
C VAL B 114 20.64 -29.62 -29.69
N TYR B 115 21.71 -30.20 -30.24
CA TYR B 115 22.25 -31.51 -29.84
C TYR B 115 23.71 -31.76 -30.28
N THR B 116 24.43 -32.71 -29.66
CA THR B 116 25.75 -33.21 -30.15
C THR B 116 25.56 -33.92 -31.49
N LYS B 117 26.49 -33.82 -32.46
CA LYS B 117 26.26 -34.34 -33.82
C LYS B 117 26.24 -35.87 -33.95
N ASP B 118 26.67 -36.59 -32.90
CA ASP B 118 26.98 -38.03 -32.94
C ASP B 118 25.76 -38.97 -32.95
N ARG B 119 26.06 -40.28 -32.82
CA ARG B 119 25.21 -41.49 -32.90
C ARG B 119 23.81 -41.34 -32.34
N ALA B 120 23.71 -40.71 -31.17
CA ALA B 120 22.46 -40.42 -30.48
C ALA B 120 22.49 -39.14 -29.61
N ALA B 121 21.30 -38.61 -29.36
CA ALA B 121 20.91 -37.75 -28.23
C ALA B 121 19.41 -38.01 -28.02
N LYS B 122 18.95 -38.13 -26.78
CA LYS B 122 17.68 -38.79 -26.48
C LYS B 122 16.41 -38.06 -26.94
N CYS B 123 16.49 -36.80 -27.37
CA CYS B 123 15.33 -36.08 -27.88
C CYS B 123 15.30 -36.01 -29.40
N LYS B 124 16.15 -36.77 -30.10
CA LYS B 124 16.16 -36.72 -31.55
C LYS B 124 15.03 -37.54 -32.16
N ILE B 125 14.36 -38.39 -31.39
CA ILE B 125 13.17 -39.09 -31.88
C ILE B 125 11.99 -38.12 -31.95
N PRO B 126 11.55 -37.51 -30.84
CA PRO B 126 10.28 -36.76 -30.89
C PRO B 126 10.40 -35.32 -31.34
N ALA B 127 11.61 -34.80 -31.56
CA ALA B 127 11.81 -33.38 -31.82
C ALA B 127 10.93 -32.88 -32.96
N LEU B 128 10.88 -33.63 -34.06
CA LEU B 128 9.95 -33.35 -35.14
C LEU B 128 8.78 -34.32 -35.18
N ASP B 129 8.82 -35.40 -34.40
CA ASP B 129 7.66 -36.29 -34.34
C ASP B 129 6.48 -35.60 -33.67
N LEU B 130 6.72 -34.63 -32.81
CA LEU B 130 5.61 -33.83 -32.29
C LEU B 130 4.93 -33.04 -33.42
N LEU B 131 5.72 -32.46 -34.33
CA LEU B 131 5.13 -31.81 -35.50
C LEU B 131 4.48 -32.82 -36.44
N ILE B 132 4.99 -34.05 -36.48
CA ILE B 132 4.33 -35.10 -37.25
C ILE B 132 2.95 -35.41 -36.65
N LYS B 133 2.87 -35.45 -35.32
CA LYS B 133 1.57 -35.62 -34.66
C LYS B 133 0.66 -34.43 -34.92
N LEU B 134 1.25 -33.22 -35.01
CA LEU B 134 0.46 -32.06 -35.43
C LEU B 134 -0.09 -32.23 -36.84
N LEU B 135 0.74 -32.79 -37.74
CA LEU B 135 0.28 -33.10 -39.09
C LEU B 135 -0.89 -34.08 -39.06
N GLN B 136 -0.78 -35.11 -38.22
CA GLN B 136 -1.80 -36.15 -38.18
C GLN B 136 -3.10 -35.65 -37.56
N THR B 137 -2.97 -34.91 -36.45
CA THR B 137 -4.08 -34.40 -35.62
C THR B 137 -4.87 -33.31 -36.36
N PHE B 138 -4.20 -32.34 -36.99
CA PHE B 138 -4.85 -31.13 -37.53
C PHE B 138 -4.93 -31.01 -39.05
N ARG B 139 -4.44 -32.01 -39.82
CA ARG B 139 -4.93 -32.34 -41.19
C ARG B 139 -5.18 -31.11 -42.09
N SER B 140 -6.39 -30.93 -42.61
CA SER B 140 -6.77 -29.81 -43.50
C SER B 140 -7.21 -28.51 -42.79
N SER B 141 -7.22 -28.47 -41.45
CA SER B 141 -7.84 -27.40 -40.65
C SER B 141 -7.06 -26.08 -40.68
N ARG B 142 -7.63 -24.99 -40.14
CA ARG B 142 -6.96 -23.70 -40.16
C ARG B 142 -5.73 -23.67 -39.26
N LEU B 143 -5.56 -24.64 -38.37
CA LEU B 143 -4.34 -24.75 -37.59
C LEU B 143 -3.11 -24.89 -38.47
N MET B 144 -3.29 -25.23 -39.75
CA MET B 144 -2.18 -25.33 -40.67
C MET B 144 -2.44 -24.42 -41.87
N ASP B 145 -1.48 -24.37 -42.80
CA ASP B 145 -1.52 -23.53 -43.99
C ASP B 145 -1.45 -22.04 -43.65
N GLU B 146 -1.35 -21.72 -42.36
CA GLU B 146 -1.33 -20.33 -41.90
C GLU B 146 -0.06 -19.98 -41.13
N PHE B 147 0.32 -20.83 -40.17
CA PHE B 147 1.23 -20.45 -39.11
C PHE B 147 2.68 -20.74 -39.50
N LYS B 148 3.27 -19.80 -40.24
CA LYS B 148 4.72 -19.70 -40.42
C LYS B 148 5.35 -21.00 -40.91
N ILE B 149 4.76 -21.57 -41.97
CA ILE B 149 5.40 -22.72 -42.61
C ILE B 149 6.68 -22.29 -43.32
N GLY B 150 6.84 -20.98 -43.54
CA GLY B 150 8.06 -20.45 -44.13
C GLY B 150 9.29 -20.67 -43.27
N GLU B 151 9.18 -20.48 -41.96
CA GLU B 151 10.33 -20.76 -41.09
C GLU B 151 10.76 -22.21 -41.18
N LEU B 152 9.80 -23.15 -41.25
CA LEU B 152 10.14 -24.55 -41.39
C LEU B 152 10.77 -24.84 -42.74
N PHE B 153 10.18 -24.37 -43.84
CA PHE B 153 10.80 -24.72 -45.11
C PHE B 153 12.10 -23.95 -45.34
N SER B 154 12.41 -22.96 -44.52
CA SER B 154 13.75 -22.38 -44.60
C SER B 154 14.73 -23.22 -43.81
N LYS B 155 14.46 -23.41 -42.51
CA LYS B 155 15.43 -24.04 -41.64
C LYS B 155 15.64 -25.51 -42.00
N PHE B 156 14.54 -26.25 -42.23
CA PHE B 156 14.68 -27.68 -42.51
C PHE B 156 15.15 -27.97 -43.93
N TYR B 157 14.85 -27.08 -44.89
CA TYR B 157 15.49 -27.17 -46.18
C TYR B 157 16.99 -26.98 -46.04
N GLY B 158 17.42 -26.05 -45.18
CA GLY B 158 18.82 -25.96 -44.84
C GLY B 158 19.33 -27.23 -44.18
N GLU B 159 18.46 -27.91 -43.43
CA GLU B 159 18.85 -29.18 -42.82
C GLU B 159 19.07 -30.26 -43.87
N LEU B 160 18.24 -30.30 -44.92
CA LEU B 160 18.44 -31.29 -45.97
C LEU B 160 19.69 -30.99 -46.79
N ALA B 161 19.92 -29.70 -47.08
CA ALA B 161 21.13 -29.31 -47.79
C ALA B 161 22.38 -29.53 -46.97
N LEU B 162 22.25 -29.81 -45.68
CA LEU B 162 23.39 -30.16 -44.84
C LEU B 162 24.01 -31.48 -45.29
N LYS B 163 23.24 -32.31 -46.03
CA LYS B 163 23.74 -33.54 -46.64
C LYS B 163 24.28 -34.53 -45.62
N LYS B 164 23.38 -35.07 -44.77
CA LYS B 164 23.67 -36.21 -43.91
C LYS B 164 24.80 -35.92 -42.91
N LYS B 165 24.82 -34.72 -42.34
CA LYS B 165 25.69 -34.44 -41.19
C LYS B 165 24.94 -34.59 -39.87
N ILE B 166 23.92 -35.45 -39.87
CA ILE B 166 23.05 -35.67 -38.71
C ILE B 166 22.87 -37.18 -38.55
N PRO B 167 22.56 -37.66 -37.34
CA PRO B 167 22.34 -39.11 -37.16
C PRO B 167 21.02 -39.56 -37.75
N ASP B 168 20.74 -40.85 -37.54
CA ASP B 168 19.61 -41.53 -38.17
C ASP B 168 18.25 -40.96 -37.74
N THR B 169 18.06 -40.81 -36.44
CA THR B 169 16.74 -40.57 -35.88
C THR B 169 16.16 -39.23 -36.32
N VAL B 170 16.99 -38.21 -36.47
CA VAL B 170 16.49 -36.91 -36.92
C VAL B 170 16.44 -36.86 -38.44
N LEU B 171 17.27 -37.65 -39.12
CA LEU B 171 17.28 -37.64 -40.59
C LEU B 171 16.02 -38.28 -41.15
N GLU B 172 15.58 -39.40 -40.55
CA GLU B 172 14.26 -39.94 -40.87
C GLU B 172 13.19 -38.87 -40.74
N LYS B 173 13.17 -38.16 -39.61
CA LYS B 173 12.10 -37.20 -39.34
C LYS B 173 12.16 -36.03 -40.31
N VAL B 174 13.38 -35.62 -40.68
CA VAL B 174 13.54 -34.52 -41.63
C VAL B 174 12.97 -34.89 -42.99
N TYR B 175 13.33 -36.08 -43.49
CA TYR B 175 12.78 -36.52 -44.77
C TYR B 175 11.26 -36.64 -44.70
N GLU B 176 10.75 -37.26 -43.64
CA GLU B 176 9.31 -37.46 -43.51
C GLU B 176 8.57 -36.13 -43.45
N LEU B 177 9.04 -35.21 -42.60
CA LEU B 177 8.35 -33.95 -42.43
C LEU B 177 8.44 -33.07 -43.66
N LEU B 178 9.57 -33.15 -44.40
CA LEU B 178 9.62 -32.44 -45.67
C LEU B 178 8.61 -32.99 -46.65
N GLY B 179 8.50 -34.32 -46.73
CA GLY B 179 7.52 -34.93 -47.61
C GLY B 179 6.09 -34.52 -47.28
N LEU B 180 5.76 -34.51 -45.98
CA LEU B 180 4.42 -34.16 -45.56
C LEU B 180 4.15 -32.66 -45.74
N LEU B 181 5.15 -31.82 -45.47
CA LEU B 181 5.01 -30.39 -45.76
C LEU B 181 4.87 -30.14 -47.25
N GLY B 182 5.37 -31.06 -48.07
CA GLY B 182 5.04 -31.02 -49.49
C GLY B 182 3.58 -31.26 -49.79
N GLU B 183 2.80 -31.73 -48.81
CA GLU B 183 1.38 -31.93 -49.02
C GLU B 183 0.55 -30.70 -48.63
N VAL B 184 1.05 -29.87 -47.71
CA VAL B 184 0.34 -28.65 -47.38
C VAL B 184 0.61 -27.62 -48.47
N HIS B 185 -0.24 -27.64 -49.49
CA HIS B 185 -0.20 -26.83 -50.71
C HIS B 185 -0.24 -25.32 -50.49
N PRO B 186 -1.15 -24.79 -49.65
CA PRO B 186 -1.46 -23.35 -49.74
C PRO B 186 -0.26 -22.44 -49.50
N SER B 187 -0.21 -21.38 -50.30
CA SER B 187 0.49 -20.12 -50.07
C SER B 187 2.01 -20.17 -50.24
N GLU B 188 2.63 -21.35 -50.34
CA GLU B 188 4.10 -21.36 -50.41
C GLU B 188 4.62 -22.53 -51.24
N MET B 189 5.78 -22.29 -51.84
CA MET B 189 6.81 -23.22 -52.30
C MET B 189 6.35 -24.18 -53.41
N ILE B 190 5.49 -23.74 -54.33
CA ILE B 190 5.23 -24.53 -55.52
C ILE B 190 6.48 -24.64 -56.38
N ASN B 191 7.38 -23.66 -56.29
CA ASN B 191 8.58 -23.64 -57.13
C ASN B 191 9.70 -24.48 -56.52
N ASN B 192 9.75 -24.59 -55.20
CA ASN B 192 10.82 -25.33 -54.55
C ASN B 192 10.50 -26.81 -54.42
N ALA B 193 9.27 -27.22 -54.76
CA ALA B 193 8.87 -28.61 -54.59
C ALA B 193 9.66 -29.56 -55.49
N GLU B 194 10.20 -29.06 -56.60
CA GLU B 194 10.89 -29.91 -57.55
C GLU B 194 12.22 -30.43 -57.02
N ASN B 195 12.80 -29.79 -56.01
CA ASN B 195 14.11 -30.20 -55.53
C ASN B 195 14.07 -31.54 -54.81
N LEU B 196 12.89 -32.00 -54.39
CA LEU B 196 12.82 -33.23 -53.60
C LEU B 196 13.31 -34.42 -54.39
N PHE B 197 12.88 -34.54 -55.66
CA PHE B 197 13.36 -35.61 -56.52
C PHE B 197 14.88 -35.59 -56.68
N ARG B 198 15.49 -34.40 -56.68
CA ARG B 198 16.92 -34.29 -56.94
C ARG B 198 17.73 -35.19 -56.01
N ALA B 199 17.30 -35.32 -54.76
CA ALA B 199 17.93 -36.27 -53.85
C ALA B 199 17.20 -37.61 -53.90
N PHE B 200 15.87 -37.59 -53.79
CA PHE B 200 15.08 -38.79 -53.59
C PHE B 200 15.19 -39.78 -54.74
N LEU B 201 15.83 -39.37 -55.85
CA LEU B 201 16.03 -40.28 -56.97
C LEU B 201 17.25 -41.17 -56.75
N GLY B 202 18.32 -40.61 -56.21
CA GLY B 202 19.52 -41.39 -55.97
C GLY B 202 19.67 -41.92 -54.57
N GLU B 203 19.15 -41.19 -53.57
CA GLU B 203 19.40 -41.59 -52.19
C GLU B 203 18.59 -42.82 -51.80
N LEU B 204 17.39 -42.98 -52.37
CA LEU B 204 16.60 -44.17 -52.08
C LEU B 204 17.26 -45.41 -52.65
N LYS B 205 17.84 -45.31 -53.84
CA LYS B 205 18.67 -46.39 -54.38
C LYS B 205 19.90 -46.61 -53.50
N THR B 206 20.46 -45.52 -52.97
CA THR B 206 21.65 -45.63 -52.12
C THR B 206 21.37 -46.42 -50.86
N GLN B 207 20.22 -46.19 -50.23
CA GLN B 207 19.94 -46.72 -48.90
C GLN B 207 19.79 -48.24 -48.87
N MET B 208 19.04 -48.81 -49.82
CA MET B 208 18.39 -50.10 -49.60
C MET B 208 19.19 -51.23 -50.22
N THR B 209 19.48 -51.21 -51.53
CA THR B 209 20.08 -52.37 -52.15
C THR B 209 21.51 -52.14 -52.62
N SER B 210 21.93 -50.89 -52.77
CA SER B 210 23.35 -50.59 -52.95
C SER B 210 23.97 -50.63 -51.56
N ALA B 211 24.63 -51.73 -51.26
CA ALA B 211 25.05 -52.08 -49.90
C ALA B 211 26.12 -51.16 -49.33
N VAL B 212 26.46 -50.06 -50.00
CA VAL B 212 27.46 -49.12 -49.51
C VAL B 212 27.13 -48.69 -48.08
N ARG B 213 25.84 -48.55 -47.78
CA ARG B 213 25.37 -48.37 -46.41
C ARG B 213 24.17 -49.27 -46.21
N GLU B 214 24.13 -49.96 -45.07
CA GLU B 214 23.18 -51.04 -44.83
C GLU B 214 21.74 -50.55 -44.93
N PRO B 215 20.83 -51.37 -45.45
CA PRO B 215 19.41 -50.97 -45.53
C PRO B 215 18.74 -50.98 -44.17
N LYS B 216 19.27 -50.20 -43.22
CA LYS B 216 18.66 -50.12 -41.91
C LYS B 216 17.35 -49.33 -42.00
N LEU B 217 16.40 -49.71 -41.14
CA LEU B 217 15.01 -49.32 -41.37
C LEU B 217 14.76 -47.82 -41.34
N PRO B 218 15.20 -47.06 -40.32
CA PRO B 218 14.72 -45.67 -40.21
C PRO B 218 15.05 -44.77 -41.40
N VAL B 219 16.27 -44.87 -41.94
CA VAL B 219 16.61 -44.02 -43.09
C VAL B 219 15.73 -44.36 -44.28
N LEU B 220 15.52 -45.67 -44.52
CA LEU B 220 14.65 -46.10 -45.60
C LEU B 220 13.23 -45.58 -45.41
N ALA B 221 12.70 -45.72 -44.20
CA ALA B 221 11.32 -45.29 -43.93
C ALA B 221 11.17 -43.79 -44.14
N GLY B 222 12.13 -43.01 -43.64
CA GLY B 222 12.08 -41.57 -43.81
C GLY B 222 12.17 -41.15 -45.26
N CYS B 223 13.12 -41.75 -46.01
CA CYS B 223 13.29 -41.41 -47.42
C CYS B 223 12.04 -41.76 -48.22
N LEU B 224 11.45 -42.93 -47.95
CA LEU B 224 10.23 -43.30 -48.65
C LEU B 224 9.07 -42.38 -48.29
N LYS B 225 8.91 -42.06 -47.01
CA LYS B 225 7.78 -41.23 -46.59
C LYS B 225 7.89 -39.84 -47.21
N GLY B 226 9.10 -39.29 -47.24
CA GLY B 226 9.33 -38.01 -47.90
C GLY B 226 9.08 -38.08 -49.39
N LEU B 227 9.59 -39.13 -50.04
CA LEU B 227 9.41 -39.29 -51.48
C LEU B 227 7.94 -39.53 -51.82
N SER B 228 7.18 -40.16 -50.93
CA SER B 228 5.80 -40.52 -51.22
C SER B 228 4.87 -39.31 -51.17
N SER B 229 4.89 -38.56 -50.07
CA SER B 229 3.85 -37.56 -49.82
C SER B 229 3.87 -36.41 -50.81
N LEU B 230 4.93 -36.27 -51.61
CA LEU B 230 5.05 -35.10 -52.46
C LEU B 230 4.13 -35.16 -53.68
N LEU B 231 3.79 -36.37 -54.15
CA LEU B 231 2.94 -36.48 -55.33
C LEU B 231 1.46 -36.37 -55.01
N CYS B 232 1.14 -35.91 -53.79
CA CYS B 232 -0.25 -35.59 -53.48
C CYS B 232 -0.81 -34.51 -54.39
N ASN B 233 0.04 -33.61 -54.87
CA ASN B 233 -0.36 -32.57 -55.80
C ASN B 233 0.52 -32.70 -57.04
N PHE B 234 0.46 -31.71 -57.92
CA PHE B 234 1.06 -31.81 -59.26
C PHE B 234 0.54 -33.05 -59.97
N THR B 235 -0.77 -33.11 -60.16
CA THR B 235 -1.43 -34.34 -60.59
C THR B 235 -0.90 -34.81 -61.94
N LYS B 236 -0.76 -36.13 -62.07
CA LYS B 236 -0.13 -36.75 -63.23
C LYS B 236 -1.14 -37.16 -64.29
N SER B 237 -2.25 -36.44 -64.40
CA SER B 237 -3.16 -36.59 -65.52
C SER B 237 -2.70 -35.82 -66.75
N MET B 238 -1.62 -35.05 -66.64
CA MET B 238 -1.11 -34.25 -67.73
C MET B 238 0.21 -34.79 -68.27
N GLU B 239 1.12 -35.19 -67.38
CA GLU B 239 2.43 -35.68 -67.80
C GLU B 239 3.08 -36.40 -66.63
N GLU B 240 4.15 -37.14 -66.94
CA GLU B 240 5.08 -37.80 -66.01
C GLU B 240 4.51 -39.05 -65.35
N ASP B 241 3.39 -39.58 -65.83
CA ASP B 241 2.92 -40.88 -65.33
C ASP B 241 3.89 -42.00 -65.68
N PRO B 242 4.39 -42.13 -66.92
CA PRO B 242 5.39 -43.16 -67.19
C PRO B 242 6.82 -42.74 -66.88
N GLN B 243 7.02 -41.55 -66.33
CA GLN B 243 8.36 -41.05 -66.00
C GLN B 243 8.59 -40.95 -64.51
N THR B 244 7.74 -40.21 -63.79
CA THR B 244 7.86 -40.10 -62.35
C THR B 244 6.66 -40.66 -61.60
N SER B 245 5.90 -41.57 -62.20
CA SER B 245 4.86 -42.29 -61.47
C SER B 245 4.97 -43.80 -61.68
N ARG B 246 5.97 -44.26 -62.42
CA ARG B 246 6.25 -45.69 -62.56
C ARG B 246 7.65 -46.06 -62.13
N GLU B 247 8.65 -45.22 -62.44
CA GLU B 247 10.03 -45.50 -62.04
C GLU B 247 10.37 -44.98 -60.65
N ILE B 248 9.40 -44.40 -59.94
CA ILE B 248 9.52 -44.25 -58.50
C ILE B 248 8.52 -45.19 -57.87
N PHE B 249 7.46 -45.53 -58.61
CA PHE B 249 6.51 -46.51 -58.13
C PHE B 249 7.17 -47.87 -57.98
N ASN B 250 8.03 -48.26 -58.92
CA ASN B 250 8.81 -49.48 -58.73
C ASN B 250 9.73 -49.33 -57.53
N PHE B 251 10.26 -48.13 -57.30
CA PHE B 251 11.02 -47.87 -56.08
C PHE B 251 10.15 -48.02 -54.84
N VAL B 252 8.88 -47.59 -54.93
CA VAL B 252 7.96 -47.77 -53.81
C VAL B 252 7.75 -49.24 -53.53
N LEU B 253 7.55 -50.05 -54.57
CA LEU B 253 7.44 -51.49 -54.39
C LEU B 253 8.70 -52.07 -53.76
N LYS B 254 9.86 -51.62 -54.24
CA LYS B 254 11.15 -52.06 -53.73
C LYS B 254 11.30 -51.77 -52.25
N ALA B 255 10.77 -50.62 -51.82
CA ALA B 255 10.87 -50.24 -50.42
C ALA B 255 9.80 -50.91 -49.54
N ILE B 256 8.62 -51.20 -50.07
CA ILE B 256 7.55 -51.77 -49.25
C ILE B 256 7.93 -53.17 -48.79
N ARG B 257 8.52 -53.98 -49.68
CA ARG B 257 8.95 -55.30 -49.28
C ARG B 257 10.00 -55.18 -48.16
N PRO B 258 9.92 -56.04 -47.15
CA PRO B 258 10.77 -55.86 -45.97
C PRO B 258 12.23 -56.18 -46.24
N GLN B 259 13.10 -55.17 -46.21
CA GLN B 259 14.52 -55.40 -46.37
C GLN B 259 15.11 -56.19 -45.21
N ILE B 260 14.40 -56.24 -44.07
CA ILE B 260 14.66 -57.21 -43.02
C ILE B 260 13.31 -57.52 -42.39
N ASP B 261 13.24 -58.64 -41.68
CA ASP B 261 11.97 -59.14 -41.17
C ASP B 261 11.38 -58.28 -40.06
N LEU B 262 12.12 -57.30 -39.56
CA LEU B 262 11.56 -56.38 -38.56
C LEU B 262 10.37 -55.62 -39.11
N LYS B 263 10.44 -55.17 -40.37
CA LYS B 263 9.36 -54.51 -41.10
C LYS B 263 8.59 -53.52 -40.24
N ARG B 264 9.27 -52.47 -39.77
CA ARG B 264 8.67 -51.51 -38.86
C ARG B 264 7.53 -50.74 -39.54
N TYR B 265 6.87 -49.90 -38.74
CA TYR B 265 5.64 -49.23 -39.14
C TYR B 265 5.78 -48.44 -40.43
N ALA B 266 6.68 -47.45 -40.44
CA ALA B 266 6.72 -46.47 -41.53
C ALA B 266 7.45 -46.96 -42.78
N VAL B 267 8.12 -48.10 -42.71
CA VAL B 267 8.90 -48.59 -43.85
C VAL B 267 7.97 -48.88 -45.04
N PRO B 268 6.86 -49.61 -44.88
CA PRO B 268 5.90 -49.72 -45.99
C PRO B 268 4.74 -48.76 -45.90
N SER B 269 4.59 -48.03 -44.80
CA SER B 269 3.37 -47.26 -44.57
C SER B 269 3.19 -46.15 -45.59
N ALA B 270 4.30 -45.54 -46.04
CA ALA B 270 4.21 -44.45 -47.00
C ALA B 270 3.56 -44.90 -48.30
N GLY B 271 4.03 -46.01 -48.85
CA GLY B 271 3.52 -46.51 -50.11
C GLY B 271 2.05 -46.86 -50.03
N LEU B 272 1.65 -47.60 -49.00
CA LEU B 272 0.26 -47.99 -48.87
C LEU B 272 -0.63 -46.78 -48.58
N ARG B 273 -0.12 -45.81 -47.83
CA ARG B 273 -0.89 -44.59 -47.56
C ARG B 273 -1.15 -43.83 -48.84
N LEU B 274 -0.12 -43.64 -49.67
CA LEU B 274 -0.33 -42.97 -50.94
C LEU B 274 -1.21 -43.80 -51.88
N PHE B 275 -1.13 -45.13 -51.77
CA PHE B 275 -1.99 -45.98 -52.58
C PHE B 275 -3.45 -45.76 -52.22
N ALA B 276 -3.75 -45.72 -50.92
CA ALA B 276 -5.12 -45.51 -50.48
C ALA B 276 -5.59 -44.08 -50.77
N LEU B 277 -4.69 -43.10 -50.74
CA LEU B 277 -5.10 -41.72 -50.95
C LEU B 277 -5.24 -41.38 -52.43
N HIS B 278 -4.14 -41.50 -53.19
CA HIS B 278 -4.07 -40.98 -54.55
C HIS B 278 -3.60 -42.02 -55.56
N ALA B 279 -4.18 -43.21 -55.53
CA ALA B 279 -3.91 -44.18 -56.59
C ALA B 279 -4.58 -43.72 -57.88
N SER B 280 -5.55 -42.80 -57.75
CA SER B 280 -6.27 -42.28 -58.91
C SER B 280 -5.42 -41.40 -59.81
N GLN B 281 -4.27 -40.92 -59.31
CA GLN B 281 -3.45 -40.03 -60.12
C GLN B 281 -2.71 -40.78 -61.21
N PHE B 282 -1.86 -41.73 -60.82
CA PHE B 282 -1.18 -42.59 -61.79
C PHE B 282 -2.19 -43.60 -62.33
N SER B 283 -2.60 -43.40 -63.58
CA SER B 283 -3.64 -44.22 -64.19
C SER B 283 -3.27 -44.84 -65.52
N THR B 284 -2.44 -44.20 -66.33
CA THR B 284 -2.01 -44.76 -67.60
C THR B 284 -1.15 -46.01 -67.43
N CYS B 285 -0.52 -46.16 -66.26
CA CYS B 285 0.29 -47.35 -66.01
C CYS B 285 -0.55 -48.62 -66.03
N LEU B 286 -1.80 -48.54 -65.56
CA LEU B 286 -2.68 -49.69 -65.45
C LEU B 286 -3.04 -50.27 -66.81
N LEU B 287 -2.76 -49.51 -67.88
CA LEU B 287 -3.05 -50.00 -69.23
C LEU B 287 -2.22 -51.24 -69.56
N ASP B 288 -1.02 -51.34 -68.99
CA ASP B 288 -0.17 -52.52 -69.15
C ASP B 288 0.14 -53.21 -67.83
N ASN B 289 0.25 -52.47 -66.74
CA ASN B 289 0.52 -53.04 -65.43
C ASN B 289 -0.57 -54.04 -65.05
N TYR B 290 -0.15 -55.24 -64.65
CA TYR B 290 -1.09 -56.24 -64.17
C TYR B 290 -1.26 -56.13 -62.67
N VAL B 291 -2.44 -56.53 -62.18
CA VAL B 291 -2.74 -56.46 -60.76
C VAL B 291 -2.62 -57.84 -60.15
N SER B 292 -1.88 -58.73 -60.82
CA SER B 292 -1.73 -60.10 -60.33
C SER B 292 -0.95 -60.17 -59.02
N LEU B 293 -0.32 -59.06 -58.62
CA LEU B 293 0.30 -58.96 -57.30
C LEU B 293 -0.76 -58.85 -56.19
N PHE B 294 -2.03 -59.08 -56.51
CA PHE B 294 -3.08 -58.97 -55.50
C PHE B 294 -2.91 -60.02 -54.41
N GLU B 295 -2.46 -61.22 -54.77
CA GLU B 295 -2.19 -62.23 -53.74
C GLU B 295 -0.97 -61.87 -52.90
N VAL B 296 0.03 -61.20 -53.46
CA VAL B 296 1.15 -60.71 -52.65
C VAL B 296 0.66 -59.69 -51.64
N LEU B 297 -0.15 -58.72 -52.09
CA LEU B 297 -0.70 -57.73 -51.18
C LEU B 297 -1.63 -58.38 -50.16
N LEU B 298 -2.31 -59.45 -50.54
CA LEU B 298 -3.16 -60.19 -49.62
C LEU B 298 -2.33 -60.88 -48.54
N LYS B 299 -1.25 -61.55 -48.96
CA LYS B 299 -0.49 -62.37 -48.02
C LYS B 299 0.34 -61.52 -47.08
N TRP B 300 0.93 -60.43 -47.57
CA TRP B 300 1.71 -59.57 -46.69
C TRP B 300 0.79 -58.70 -45.85
N CYS B 301 -0.03 -59.33 -45.00
CA CYS B 301 -1.08 -58.63 -44.27
C CYS B 301 -1.12 -59.00 -42.78
N ALA B 302 -0.20 -59.79 -42.23
CA ALA B 302 -0.31 -60.27 -40.84
C ALA B 302 0.09 -59.23 -39.78
N HIS B 303 0.73 -58.13 -40.19
CA HIS B 303 1.50 -57.18 -39.39
C HIS B 303 0.71 -56.52 -38.23
N THR B 304 1.12 -56.72 -36.97
CA THR B 304 0.20 -56.70 -35.81
C THR B 304 -0.43 -55.37 -35.39
N ASN B 305 -0.07 -54.21 -35.96
CA ASN B 305 -0.81 -52.95 -35.71
C ASN B 305 -2.23 -53.08 -36.28
N VAL B 306 -3.28 -52.95 -35.47
CA VAL B 306 -4.65 -53.44 -35.82
C VAL B 306 -5.24 -52.77 -37.06
N GLU B 307 -4.93 -51.52 -37.34
CA GLU B 307 -5.36 -50.86 -38.56
C GLU B 307 -4.35 -51.01 -39.70
N LEU B 308 -3.11 -51.38 -39.40
CA LEU B 308 -2.21 -51.75 -40.48
C LEU B 308 -2.58 -53.11 -41.03
N LYS B 309 -3.25 -53.94 -40.21
CA LYS B 309 -3.93 -55.13 -40.72
C LYS B 309 -4.92 -54.78 -41.82
N LYS B 310 -5.61 -53.64 -41.70
CA LYS B 310 -6.56 -53.18 -42.70
C LYS B 310 -5.94 -52.27 -43.74
N ALA B 311 -4.67 -51.87 -43.55
CA ALA B 311 -4.00 -51.01 -44.53
C ALA B 311 -3.93 -51.67 -45.90
N ALA B 312 -3.65 -52.97 -45.95
CA ALA B 312 -3.66 -53.69 -47.20
C ALA B 312 -5.06 -53.64 -47.83
N LEU B 313 -6.09 -53.79 -47.01
CA LEU B 313 -7.46 -53.70 -47.50
C LEU B 313 -7.74 -52.33 -48.09
N SER B 314 -7.27 -51.27 -47.43
CA SER B 314 -7.47 -49.92 -47.95
C SER B 314 -6.76 -49.74 -49.29
N ALA B 315 -5.54 -50.24 -49.38
CA ALA B 315 -4.82 -50.18 -50.65
C ALA B 315 -5.58 -50.91 -51.74
N LEU B 316 -6.11 -52.09 -51.42
CA LEU B 316 -6.83 -52.89 -52.40
C LEU B 316 -8.12 -52.21 -52.84
N GLU B 317 -8.84 -51.61 -51.91
CA GLU B 317 -10.07 -50.91 -52.30
C GLU B 317 -9.73 -49.73 -53.19
N SER B 318 -8.62 -49.05 -52.91
CA SER B 318 -8.16 -47.99 -53.80
C SER B 318 -7.88 -48.53 -55.20
N PHE B 319 -7.13 -49.64 -55.29
CA PHE B 319 -6.80 -50.17 -56.61
C PHE B 319 -8.03 -50.63 -57.37
N LEU B 320 -8.99 -51.23 -56.65
CA LEU B 320 -10.25 -51.63 -57.29
C LEU B 320 -11.03 -50.43 -57.79
N LYS B 321 -11.06 -49.35 -57.01
CA LYS B 321 -11.71 -48.13 -57.48
C LYS B 321 -11.03 -47.62 -58.75
N GLN B 322 -9.70 -47.65 -58.79
CA GLN B 322 -8.98 -47.20 -59.98
C GLN B 322 -9.24 -48.06 -61.20
N VAL B 323 -9.25 -49.39 -61.04
CA VAL B 323 -9.55 -50.24 -62.19
C VAL B 323 -11.01 -50.09 -62.59
N SER B 324 -11.88 -49.70 -61.65
CA SER B 324 -13.28 -49.47 -61.98
C SER B 324 -13.45 -48.22 -62.83
N ASN B 325 -12.82 -47.11 -62.43
CA ASN B 325 -13.06 -45.82 -63.10
C ASN B 325 -12.03 -45.64 -64.22
N MET B 326 -12.26 -46.33 -65.33
CA MET B 326 -11.48 -46.07 -66.54
C MET B 326 -12.21 -46.59 -67.79
N VAL B 327 -12.58 -45.67 -68.67
CA VAL B 327 -13.02 -46.06 -70.00
C VAL B 327 -11.82 -46.52 -70.83
N ALA B 328 -10.60 -46.24 -70.37
CA ALA B 328 -9.40 -46.72 -71.03
C ALA B 328 -9.27 -48.23 -70.97
N LYS B 329 -10.03 -48.91 -70.12
CA LYS B 329 -10.13 -50.37 -70.16
C LYS B 329 -11.52 -50.87 -70.51
N ASN B 330 -12.58 -50.21 -70.04
CA ASN B 330 -13.93 -50.59 -70.44
C ASN B 330 -14.08 -50.37 -71.94
N ALA B 331 -14.64 -51.37 -72.61
CA ALA B 331 -14.74 -51.43 -74.07
C ALA B 331 -13.38 -51.46 -74.74
N GLU B 332 -12.32 -51.73 -73.96
CA GLU B 332 -10.99 -51.86 -74.53
C GLU B 332 -10.27 -53.15 -74.14
N MET B 333 -10.38 -53.60 -72.89
CA MET B 333 -9.95 -54.89 -72.31
C MET B 333 -10.97 -55.27 -71.23
N HIS B 334 -11.90 -56.17 -71.58
CA HIS B 334 -12.90 -56.65 -70.63
C HIS B 334 -12.48 -57.95 -69.97
N LYS B 335 -11.34 -58.51 -70.37
CA LYS B 335 -11.05 -59.91 -70.06
C LYS B 335 -10.70 -60.15 -68.60
N ASN B 336 -9.97 -59.23 -67.96
CA ASN B 336 -9.24 -59.58 -66.75
C ASN B 336 -10.15 -59.81 -65.54
N LYS B 337 -11.30 -59.12 -65.46
CA LYS B 337 -12.14 -59.25 -64.28
C LYS B 337 -12.73 -60.65 -64.13
N LEU B 338 -13.05 -61.30 -65.26
CA LEU B 338 -13.64 -62.63 -65.20
C LEU B 338 -12.70 -63.66 -64.61
N GLN B 339 -11.41 -63.33 -64.51
CA GLN B 339 -10.41 -64.27 -64.04
C GLN B 339 -10.65 -64.71 -62.60
N TYR B 340 -11.10 -63.79 -61.75
CA TYR B 340 -11.02 -63.97 -60.31
C TYR B 340 -12.18 -64.77 -59.73
N PHE B 341 -13.40 -64.32 -60.00
CA PHE B 341 -14.58 -64.80 -59.27
C PHE B 341 -15.35 -65.89 -60.01
N MET B 342 -15.55 -65.71 -61.31
CA MET B 342 -16.49 -66.55 -62.04
C MET B 342 -15.99 -67.99 -62.11
N GLU B 343 -16.90 -68.94 -61.95
CA GLU B 343 -16.62 -70.36 -61.69
C GLU B 343 -15.70 -70.59 -60.49
N GLN B 344 -15.48 -69.58 -59.65
CA GLN B 344 -14.79 -69.81 -58.39
C GLN B 344 -15.41 -69.04 -57.23
N PHE B 345 -16.43 -68.23 -57.46
CA PHE B 345 -17.09 -67.52 -56.36
C PHE B 345 -17.77 -68.47 -55.38
N TYR B 346 -18.04 -69.71 -55.78
CA TYR B 346 -18.71 -70.65 -54.90
C TYR B 346 -17.78 -71.25 -53.84
N GLY B 347 -16.47 -71.27 -54.11
CA GLY B 347 -15.52 -71.81 -53.16
C GLY B 347 -14.42 -70.83 -52.86
N ILE B 348 -14.61 -69.58 -53.29
CA ILE B 348 -13.63 -68.52 -53.05
C ILE B 348 -13.50 -68.24 -51.56
N ILE B 349 -14.57 -68.66 -50.85
CA ILE B 349 -14.91 -68.76 -49.43
C ILE B 349 -15.08 -70.23 -48.94
N ARG B 350 -14.54 -71.22 -49.66
CA ARG B 350 -14.32 -72.59 -49.14
C ARG B 350 -12.89 -73.12 -49.35
N ASN B 351 -12.11 -72.47 -50.21
CA ASN B 351 -10.65 -72.32 -50.22
C ASN B 351 -10.43 -70.93 -49.59
N VAL B 352 -10.65 -70.91 -48.28
CA VAL B 352 -11.13 -69.78 -47.46
C VAL B 352 -10.29 -68.54 -47.14
N ASP B 353 -8.98 -68.61 -47.14
CA ASP B 353 -8.23 -67.70 -46.27
C ASP B 353 -6.78 -67.55 -46.70
N SER B 354 -5.94 -67.06 -45.78
CA SER B 354 -4.53 -67.37 -45.75
C SER B 354 -3.94 -67.27 -44.34
N ASN B 355 -2.83 -67.98 -44.11
CA ASN B 355 -2.07 -68.12 -42.86
C ASN B 355 -1.44 -66.82 -42.30
N ASN B 356 -1.66 -65.71 -42.97
CA ASN B 356 -1.38 -64.36 -42.53
C ASN B 356 -2.59 -63.64 -41.89
N LYS B 357 -3.60 -64.37 -41.42
CA LYS B 357 -4.84 -63.86 -40.79
C LYS B 357 -5.71 -63.05 -41.76
N GLU B 358 -6.05 -63.66 -42.91
CA GLU B 358 -6.75 -63.01 -44.05
C GLU B 358 -7.95 -63.81 -44.64
N LEU B 359 -8.57 -64.62 -43.80
CA LEU B 359 -9.91 -65.19 -43.94
C LEU B 359 -10.95 -64.10 -44.20
N SER B 360 -10.60 -62.84 -43.92
CA SER B 360 -11.43 -61.71 -44.30
C SER B 360 -11.64 -61.64 -45.82
N ILE B 361 -10.98 -62.50 -46.59
CA ILE B 361 -11.20 -62.53 -48.03
C ILE B 361 -12.66 -62.83 -48.34
N ALA B 362 -13.35 -63.53 -47.43
CA ALA B 362 -14.77 -63.79 -47.61
C ALA B 362 -15.54 -62.49 -47.75
N ILE B 363 -15.15 -61.48 -46.97
CA ILE B 363 -15.68 -60.12 -47.08
C ILE B 363 -15.09 -59.40 -48.30
N ARG B 364 -13.77 -59.39 -48.46
CA ARG B 364 -13.05 -58.64 -49.52
C ARG B 364 -13.52 -58.94 -50.92
N GLY B 365 -13.81 -60.21 -51.20
CA GLY B 365 -14.39 -60.66 -52.46
C GLY B 365 -15.77 -60.06 -52.76
N TYR B 366 -16.41 -59.50 -51.74
CA TYR B 366 -17.63 -58.72 -51.85
C TYR B 366 -17.48 -57.40 -51.10
N GLY B 367 -16.25 -56.84 -51.10
CA GLY B 367 -16.05 -55.41 -50.92
C GLY B 367 -16.46 -54.70 -52.20
N LEU B 368 -15.76 -53.65 -52.61
CA LEU B 368 -15.92 -53.11 -53.97
C LEU B 368 -15.69 -54.18 -55.05
N PHE B 369 -15.03 -55.28 -54.69
CA PHE B 369 -14.83 -56.49 -55.48
C PHE B 369 -16.12 -57.11 -56.00
N ALA B 370 -17.28 -56.84 -55.39
CA ALA B 370 -18.55 -57.14 -56.02
C ALA B 370 -18.60 -56.63 -57.48
N GLY B 371 -17.91 -55.51 -57.74
CA GLY B 371 -17.31 -55.18 -59.03
C GLY B 371 -18.10 -54.20 -59.90
N PRO B 372 -17.41 -53.42 -60.76
CA PRO B 372 -18.05 -52.62 -61.81
C PRO B 372 -18.91 -53.50 -62.70
N CYS B 373 -19.91 -52.89 -63.34
CA CYS B 373 -20.95 -53.62 -64.08
C CYS B 373 -21.33 -52.95 -65.40
N LYS B 374 -20.52 -52.02 -65.87
CA LYS B 374 -20.83 -51.08 -66.95
C LYS B 374 -20.99 -51.77 -68.31
N VAL B 375 -20.26 -52.86 -68.55
CA VAL B 375 -20.40 -53.60 -69.79
C VAL B 375 -20.77 -55.04 -69.45
N ILE B 376 -21.33 -55.23 -68.25
CA ILE B 376 -21.59 -56.55 -67.70
C ILE B 376 -23.09 -56.66 -67.41
N ASN B 377 -23.61 -57.88 -67.59
CA ASN B 377 -25.04 -58.14 -67.44
C ASN B 377 -25.24 -59.34 -66.52
N ALA B 378 -26.47 -59.85 -66.52
CA ALA B 378 -26.85 -61.08 -65.83
C ALA B 378 -26.85 -60.93 -64.32
N LYS B 379 -27.39 -61.93 -63.64
CA LYS B 379 -27.57 -61.91 -62.18
C LYS B 379 -26.56 -62.78 -61.45
N ASP B 380 -25.46 -63.17 -62.09
CA ASP B 380 -24.48 -64.02 -61.44
C ASP B 380 -23.78 -63.31 -60.29
N VAL B 381 -23.77 -61.98 -60.28
CA VAL B 381 -23.12 -61.24 -59.19
C VAL B 381 -24.01 -61.05 -57.99
N ASP B 382 -25.33 -61.04 -58.17
CA ASP B 382 -26.24 -60.93 -57.03
C ASP B 382 -26.97 -62.22 -56.68
N PHE B 383 -26.73 -63.33 -57.38
CA PHE B 383 -27.04 -64.64 -56.81
C PHE B 383 -26.31 -64.82 -55.48
N MET B 384 -25.17 -64.15 -55.34
CA MET B 384 -24.38 -64.28 -54.11
C MET B 384 -25.17 -63.83 -52.89
N TYR B 385 -26.16 -62.96 -53.08
CA TYR B 385 -26.82 -62.29 -51.96
C TYR B 385 -27.39 -63.29 -50.95
N VAL B 386 -27.77 -64.48 -51.37
CA VAL B 386 -28.32 -65.48 -50.43
C VAL B 386 -27.25 -66.00 -49.45
N GLU B 387 -26.09 -66.48 -49.90
CA GLU B 387 -25.06 -66.86 -48.91
C GLU B 387 -24.50 -65.64 -48.19
N LEU B 388 -24.42 -64.50 -48.89
CA LEU B 388 -24.11 -63.23 -48.27
C LEU B 388 -25.06 -62.93 -47.11
N ILE B 389 -26.20 -63.59 -47.02
CA ILE B 389 -27.07 -63.52 -45.86
C ILE B 389 -26.83 -64.69 -44.90
N GLN B 390 -26.46 -65.88 -45.39
CA GLN B 390 -26.10 -66.97 -44.50
C GLN B 390 -24.96 -66.64 -43.53
N ARG B 391 -24.10 -65.68 -43.84
CA ARG B 391 -23.06 -65.26 -42.88
C ARG B 391 -23.61 -64.74 -41.55
N CYS B 392 -24.76 -64.09 -41.66
CA CYS B 392 -25.20 -63.03 -40.76
C CYS B 392 -26.65 -63.13 -40.31
N LYS B 393 -27.41 -64.05 -40.89
CA LYS B 393 -28.76 -64.39 -40.47
C LYS B 393 -28.84 -65.16 -39.15
N GLN B 394 -27.72 -65.47 -38.49
CA GLN B 394 -27.77 -66.31 -37.29
C GLN B 394 -26.90 -65.75 -36.16
N MET B 395 -27.03 -64.44 -35.88
CA MET B 395 -26.20 -63.81 -34.84
C MET B 395 -26.52 -64.36 -33.45
N PHE B 396 -27.81 -64.38 -33.08
CA PHE B 396 -28.24 -64.87 -31.79
C PHE B 396 -28.24 -66.39 -31.69
N LEU B 397 -27.99 -67.08 -32.80
CA LEU B 397 -28.38 -68.48 -32.91
C LEU B 397 -27.27 -69.45 -32.54
N THR B 398 -26.07 -69.29 -33.12
CA THR B 398 -24.96 -70.19 -32.82
C THR B 398 -23.68 -69.46 -32.42
N GLN B 399 -23.68 -68.13 -32.41
CA GLN B 399 -22.42 -67.39 -32.38
C GLN B 399 -22.51 -66.22 -31.40
N THR B 400 -23.01 -66.48 -30.20
CA THR B 400 -23.20 -65.42 -29.20
C THR B 400 -21.88 -64.74 -28.85
N ASP B 401 -20.95 -65.48 -28.24
CA ASP B 401 -19.65 -64.93 -27.89
C ASP B 401 -18.72 -64.82 -29.10
N THR B 402 -19.25 -65.02 -30.30
CA THR B 402 -18.58 -64.68 -31.55
C THR B 402 -18.85 -63.24 -31.94
N GLY B 403 -19.55 -62.49 -31.10
CA GLY B 403 -19.86 -61.10 -31.33
C GLY B 403 -18.68 -60.15 -31.28
N ASP B 404 -17.57 -60.57 -30.67
CA ASP B 404 -16.28 -59.89 -30.84
C ASP B 404 -15.39 -60.64 -31.83
N ASP B 405 -16.00 -61.47 -32.68
CA ASP B 405 -15.34 -62.45 -33.54
C ASP B 405 -16.08 -62.38 -34.87
N ARG B 406 -16.15 -63.49 -35.62
CA ARG B 406 -16.72 -63.52 -36.97
C ARG B 406 -17.98 -62.66 -37.13
N VAL B 407 -18.77 -62.45 -36.08
CA VAL B 407 -19.87 -61.50 -36.17
C VAL B 407 -19.62 -60.24 -35.36
N TYR B 408 -18.35 -59.92 -35.08
CA TYR B 408 -17.96 -58.54 -34.83
C TYR B 408 -17.82 -57.77 -36.13
N GLN B 409 -17.76 -58.48 -37.25
CA GLN B 409 -17.53 -57.90 -38.56
C GLN B 409 -18.83 -57.37 -39.13
N MET B 410 -19.78 -57.04 -38.26
CA MET B 410 -21.00 -56.38 -38.71
C MET B 410 -20.73 -55.15 -39.57
N PRO B 411 -19.81 -54.24 -39.21
CA PRO B 411 -19.55 -53.10 -40.12
C PRO B 411 -18.88 -53.51 -41.42
N SER B 412 -18.03 -54.53 -41.41
CA SER B 412 -17.53 -55.06 -42.67
C SER B 412 -18.69 -55.60 -43.50
N PHE B 413 -19.67 -56.22 -42.84
CA PHE B 413 -20.84 -56.71 -43.56
C PHE B 413 -21.65 -55.54 -44.11
N LEU B 414 -21.64 -54.42 -43.39
CA LEU B 414 -22.23 -53.19 -43.89
C LEU B 414 -21.53 -52.74 -45.16
N GLN B 415 -20.20 -52.81 -45.18
CA GLN B 415 -19.47 -52.48 -46.40
C GLN B 415 -19.85 -53.40 -47.53
N SER B 416 -20.02 -54.70 -47.25
CA SER B 416 -20.41 -55.64 -48.29
C SER B 416 -21.80 -55.32 -48.84
N VAL B 417 -22.76 -55.04 -47.97
CA VAL B 417 -24.11 -54.74 -48.45
C VAL B 417 -24.14 -53.38 -49.14
N ALA B 418 -23.28 -52.45 -48.70
CA ALA B 418 -23.14 -51.20 -49.42
C ALA B 418 -22.60 -51.44 -50.82
N SER B 419 -21.67 -52.39 -50.94
CA SER B 419 -21.16 -52.75 -52.26
C SER B 419 -22.26 -53.33 -53.14
N VAL B 420 -23.06 -54.26 -52.60
CA VAL B 420 -24.10 -54.87 -53.44
C VAL B 420 -25.13 -53.84 -53.85
N LEU B 421 -25.55 -52.98 -52.92
CA LEU B 421 -26.48 -51.91 -53.25
C LEU B 421 -25.90 -50.96 -54.29
N LEU B 422 -24.63 -50.59 -54.11
CA LEU B 422 -23.97 -49.69 -55.04
C LEU B 422 -23.93 -50.26 -56.45
N TYR B 423 -24.02 -51.58 -56.59
CA TYR B 423 -24.09 -52.22 -57.90
C TYR B 423 -25.41 -52.95 -58.10
N LEU B 424 -26.42 -52.68 -57.28
CA LEU B 424 -27.74 -53.25 -57.50
C LEU B 424 -28.44 -52.48 -58.61
N ASP B 425 -28.39 -53.02 -59.83
CA ASP B 425 -29.19 -52.52 -60.94
C ASP B 425 -30.30 -53.49 -61.31
N THR B 426 -30.56 -54.48 -60.46
CA THR B 426 -31.68 -55.39 -60.64
C THR B 426 -32.06 -55.99 -59.30
N VAL B 427 -33.35 -56.29 -59.14
CA VAL B 427 -33.88 -56.89 -57.92
C VAL B 427 -34.98 -57.89 -58.26
N PRO B 428 -34.71 -59.19 -58.20
CA PRO B 428 -35.82 -60.16 -58.25
C PRO B 428 -36.71 -60.02 -57.03
N GLU B 429 -37.97 -59.64 -57.25
CA GLU B 429 -38.85 -59.26 -56.15
C GLU B 429 -39.08 -60.41 -55.18
N VAL B 430 -38.83 -61.65 -55.60
CA VAL B 430 -39.08 -62.81 -54.75
C VAL B 430 -38.20 -62.79 -53.51
N TYR B 431 -37.05 -62.11 -53.58
CA TYR B 431 -36.18 -61.95 -52.42
C TYR B 431 -35.98 -60.50 -52.01
N THR B 432 -37.02 -59.68 -52.13
CA THR B 432 -37.10 -58.48 -51.32
C THR B 432 -37.10 -58.78 -49.81
N PRO B 433 -37.78 -59.81 -49.31
CA PRO B 433 -37.78 -60.03 -47.85
C PRO B 433 -36.40 -60.13 -47.24
N VAL B 434 -35.49 -60.89 -47.85
CA VAL B 434 -34.16 -61.07 -47.27
C VAL B 434 -33.40 -59.76 -47.29
N LEU B 435 -33.40 -59.07 -48.44
CA LEU B 435 -32.85 -57.73 -48.57
C LEU B 435 -33.32 -56.82 -47.45
N GLU B 436 -34.64 -56.63 -47.37
CA GLU B 436 -35.19 -55.67 -46.43
C GLU B 436 -34.91 -56.08 -45.00
N HIS B 437 -35.01 -57.37 -44.70
CA HIS B 437 -34.93 -57.79 -43.31
C HIS B 437 -33.50 -57.72 -42.80
N LEU B 438 -32.51 -58.08 -43.62
CA LEU B 438 -31.16 -57.93 -43.11
C LEU B 438 -30.68 -56.49 -43.17
N VAL B 439 -31.14 -55.69 -44.14
CA VAL B 439 -30.89 -54.26 -44.10
C VAL B 439 -31.44 -53.68 -42.80
N VAL B 440 -32.61 -54.16 -42.40
CA VAL B 440 -33.17 -53.79 -41.09
C VAL B 440 -32.24 -54.21 -39.96
N MET B 441 -31.81 -55.47 -39.97
CA MET B 441 -30.97 -55.97 -38.90
C MET B 441 -29.67 -55.18 -38.85
N GLN B 442 -29.34 -54.52 -39.96
CA GLN B 442 -28.22 -53.62 -40.12
C GLN B 442 -28.35 -52.33 -39.32
N ILE B 443 -29.48 -51.63 -39.38
CA ILE B 443 -29.62 -50.40 -38.60
C ILE B 443 -29.54 -50.71 -37.11
N ASP B 444 -30.02 -51.89 -36.71
CA ASP B 444 -29.97 -52.27 -35.30
C ASP B 444 -28.53 -52.35 -34.82
N SER B 445 -27.64 -52.88 -35.65
CA SER B 445 -26.27 -53.18 -35.22
C SER B 445 -25.39 -51.93 -35.09
N PHE B 446 -25.90 -50.76 -35.44
CA PHE B 446 -25.17 -49.49 -35.52
C PHE B 446 -24.37 -49.08 -34.28
N PRO B 447 -24.89 -49.20 -33.06
CA PRO B 447 -24.19 -48.59 -31.91
C PRO B 447 -22.95 -49.34 -31.44
N GLN B 448 -22.59 -50.47 -32.07
CA GLN B 448 -21.69 -51.41 -31.43
C GLN B 448 -20.21 -51.13 -31.67
N TYR B 449 -19.84 -49.88 -32.00
CA TYR B 449 -18.50 -49.57 -32.49
C TYR B 449 -18.15 -48.10 -32.32
N SER B 450 -17.09 -47.68 -33.01
CA SER B 450 -16.40 -46.41 -32.77
C SER B 450 -16.71 -45.39 -33.85
N PRO B 451 -16.36 -44.12 -33.64
CA PRO B 451 -16.79 -43.06 -34.58
C PRO B 451 -16.34 -43.21 -36.03
N LYS B 452 -15.12 -43.70 -36.30
CA LYS B 452 -14.72 -43.92 -37.69
C LYS B 452 -15.71 -44.85 -38.40
N MET B 453 -16.01 -45.95 -37.73
CA MET B 453 -16.93 -46.93 -38.28
C MET B 453 -18.34 -46.35 -38.33
N GLN B 454 -18.62 -45.39 -37.46
CA GLN B 454 -19.87 -44.64 -37.54
C GLN B 454 -19.94 -43.82 -38.82
N LEU B 455 -18.87 -43.12 -39.14
CA LEU B 455 -18.85 -42.29 -40.36
C LEU B 455 -19.02 -43.17 -41.59
N VAL B 456 -18.37 -44.33 -41.63
CA VAL B 456 -18.53 -45.18 -42.82
C VAL B 456 -19.94 -45.77 -42.87
N CYS B 457 -20.47 -46.18 -41.71
CA CYS B 457 -21.81 -46.79 -41.68
C CYS B 457 -22.88 -45.81 -42.10
N CYS B 458 -22.77 -44.55 -41.67
CA CYS B 458 -23.81 -43.57 -41.98
C CYS B 458 -23.98 -43.43 -43.49
N ARG B 459 -22.87 -43.19 -44.20
CA ARG B 459 -22.95 -43.07 -45.65
C ARG B 459 -23.38 -44.40 -46.27
N ALA B 460 -22.95 -45.52 -45.69
CA ALA B 460 -23.35 -46.81 -46.23
C ALA B 460 -24.86 -46.96 -46.24
N ILE B 461 -25.50 -46.75 -45.10
CA ILE B 461 -26.94 -46.93 -44.99
C ILE B 461 -27.68 -45.87 -45.80
N VAL B 462 -27.13 -44.64 -45.85
CA VAL B 462 -27.74 -43.60 -46.67
C VAL B 462 -27.78 -44.02 -48.12
N LYS B 463 -26.66 -44.53 -48.65
CA LYS B 463 -26.64 -44.97 -50.04
C LYS B 463 -27.53 -46.19 -50.24
N VAL B 464 -27.63 -47.07 -49.24
CA VAL B 464 -28.56 -48.20 -49.34
C VAL B 464 -29.98 -47.69 -49.56
N PHE B 465 -30.45 -46.81 -48.67
CA PHE B 465 -31.82 -46.33 -48.77
C PHE B 465 -32.04 -45.55 -50.05
N LEU B 466 -31.06 -44.76 -50.47
CA LEU B 466 -31.19 -44.00 -51.72
C LEU B 466 -31.35 -44.94 -52.89
N ALA B 467 -30.54 -46.01 -52.94
CA ALA B 467 -30.65 -46.97 -54.03
C ALA B 467 -32.01 -47.66 -54.02
N LEU B 468 -32.48 -48.07 -52.83
CA LEU B 468 -33.79 -48.71 -52.76
C LEU B 468 -34.89 -47.79 -53.25
N ALA B 469 -34.84 -46.51 -52.85
CA ALA B 469 -35.83 -45.56 -53.32
C ALA B 469 -35.74 -45.35 -54.82
N ALA B 470 -34.54 -45.47 -55.40
CA ALA B 470 -34.38 -45.20 -56.82
C ALA B 470 -34.97 -46.29 -57.70
N LYS B 471 -35.19 -47.49 -57.17
CA LYS B 471 -35.50 -48.63 -58.03
C LYS B 471 -36.99 -48.88 -58.27
N GLY B 472 -37.89 -48.13 -57.65
CA GLY B 472 -39.28 -48.21 -58.05
C GLY B 472 -40.32 -48.31 -56.95
N PRO B 473 -41.57 -48.01 -57.30
CA PRO B 473 -42.66 -48.00 -56.31
C PRO B 473 -42.90 -49.32 -55.60
N VAL B 474 -42.68 -50.45 -56.26
CA VAL B 474 -42.90 -51.73 -55.58
C VAL B 474 -41.91 -51.90 -54.44
N LEU B 475 -40.71 -51.31 -54.58
CA LEU B 475 -39.75 -51.33 -53.48
C LEU B 475 -40.01 -50.19 -52.51
N ARG B 476 -40.87 -49.24 -52.88
CA ARG B 476 -41.28 -48.21 -51.94
C ARG B 476 -42.04 -48.82 -50.77
N ASN B 477 -42.90 -49.81 -51.06
CA ASN B 477 -43.57 -50.53 -49.99
C ASN B 477 -42.54 -51.22 -49.09
N CYS B 478 -41.52 -51.82 -49.71
CA CYS B 478 -40.50 -52.52 -48.94
C CYS B 478 -39.76 -51.56 -48.02
N ILE B 479 -39.39 -50.38 -48.52
CA ILE B 479 -38.62 -49.44 -47.70
C ILE B 479 -39.49 -48.84 -46.61
N SER B 480 -40.78 -48.61 -46.93
CA SER B 480 -41.71 -48.15 -45.89
C SER B 480 -41.80 -49.16 -44.77
N THR B 481 -41.92 -50.44 -45.11
CA THR B 481 -41.89 -51.48 -44.08
C THR B 481 -40.56 -51.47 -43.35
N VAL B 482 -39.46 -51.23 -44.07
CA VAL B 482 -38.14 -51.23 -43.43
C VAL B 482 -38.11 -50.20 -42.32
N VAL B 483 -38.50 -48.97 -42.62
CA VAL B 483 -38.40 -47.91 -41.62
C VAL B 483 -39.43 -48.10 -40.51
N HIS B 484 -40.64 -48.55 -40.86
CA HIS B 484 -41.65 -48.83 -39.84
C HIS B 484 -41.13 -49.86 -38.83
N GLN B 485 -40.56 -50.97 -39.31
CA GLN B 485 -40.05 -52.00 -38.43
C GLN B 485 -38.80 -51.53 -37.67
N GLY B 486 -37.97 -50.70 -38.31
CA GLY B 486 -36.83 -50.13 -37.64
C GLY B 486 -37.23 -49.32 -36.42
N LEU B 487 -38.19 -48.39 -36.58
CA LEU B 487 -38.71 -47.67 -35.43
C LEU B 487 -39.32 -48.62 -34.40
N ILE B 488 -39.95 -49.72 -34.86
CA ILE B 488 -40.55 -50.68 -33.92
C ILE B 488 -39.49 -51.22 -32.96
N ARG B 489 -38.35 -51.66 -33.49
CA ARG B 489 -37.29 -52.13 -32.58
C ARG B 489 -36.46 -51.02 -31.95
N ILE B 490 -36.46 -49.80 -32.47
CA ILE B 490 -35.73 -48.74 -31.76
C ILE B 490 -36.28 -48.58 -30.35
N CYS B 491 -37.60 -48.57 -30.21
CA CYS B 491 -38.22 -48.46 -28.89
C CYS B 491 -38.37 -49.84 -28.26
N SER B 492 -37.22 -50.44 -27.94
CA SER B 492 -37.24 -51.76 -27.32
C SER B 492 -36.68 -51.79 -25.90
N LYS B 493 -35.44 -51.36 -25.73
CA LYS B 493 -34.72 -51.63 -24.48
C LYS B 493 -34.73 -50.40 -23.58
N PRO B 494 -35.11 -50.52 -22.32
CA PRO B 494 -35.53 -49.35 -21.52
C PRO B 494 -34.41 -48.67 -20.74
N VAL B 495 -34.63 -47.38 -20.48
CA VAL B 495 -33.78 -46.61 -19.58
C VAL B 495 -34.58 -45.37 -19.18
N VAL B 496 -34.28 -44.81 -18.01
CA VAL B 496 -35.01 -43.65 -17.51
C VAL B 496 -34.05 -42.48 -17.32
N LEU B 497 -33.08 -42.64 -16.43
CA LEU B 497 -32.10 -41.60 -16.12
C LEU B 497 -32.73 -40.27 -15.75
N PRO B 522 -25.97 -48.75 -24.14
CA PRO B 522 -26.60 -48.53 -25.45
C PRO B 522 -28.12 -48.34 -25.37
N THR B 523 -28.61 -47.24 -25.91
CA THR B 523 -30.03 -46.94 -25.92
C THR B 523 -30.38 -46.03 -27.09
N TYR B 524 -31.67 -45.75 -27.25
CA TYR B 524 -32.11 -44.85 -28.31
C TYR B 524 -31.66 -43.41 -28.08
N LYS B 525 -31.36 -43.02 -26.84
CA LYS B 525 -30.66 -41.77 -26.61
C LYS B 525 -29.32 -41.75 -27.35
N ASP B 526 -28.72 -42.93 -27.56
CA ASP B 526 -27.55 -43.03 -28.42
C ASP B 526 -27.95 -43.25 -29.88
N TYR B 527 -29.09 -43.92 -30.10
CA TYR B 527 -29.47 -44.29 -31.46
C TYR B 527 -29.72 -43.06 -32.31
N VAL B 528 -30.33 -42.03 -31.72
CA VAL B 528 -30.98 -40.96 -32.48
C VAL B 528 -30.01 -40.21 -33.36
N ASP B 529 -28.70 -40.33 -33.09
CA ASP B 529 -27.71 -39.68 -33.94
C ASP B 529 -27.84 -40.14 -35.38
N LEU B 530 -28.00 -41.45 -35.57
CA LEU B 530 -28.19 -42.02 -36.90
C LEU B 530 -29.38 -41.39 -37.62
N PHE B 531 -30.54 -41.38 -36.95
CA PHE B 531 -31.75 -40.93 -37.63
C PHE B 531 -31.71 -39.43 -37.89
N ARG B 532 -31.13 -38.66 -36.97
CA ARG B 532 -31.00 -37.23 -37.21
C ARG B 532 -30.08 -36.97 -38.39
N HIS B 533 -29.00 -37.73 -38.51
CA HIS B 533 -28.14 -37.62 -39.69
C HIS B 533 -28.89 -38.01 -40.96
N LEU B 534 -29.73 -39.06 -40.88
CA LEU B 534 -30.52 -39.46 -42.04
C LEU B 534 -31.43 -38.33 -42.50
N LEU B 535 -32.19 -37.76 -41.59
CA LEU B 535 -33.15 -36.72 -41.97
C LEU B 535 -32.43 -35.45 -42.43
N SER B 536 -31.28 -35.15 -41.84
CA SER B 536 -30.49 -34.00 -42.23
C SER B 536 -29.42 -34.34 -43.26
N SER B 537 -29.59 -35.43 -44.00
CA SER B 537 -28.60 -35.88 -44.98
C SER B 537 -28.66 -34.97 -46.21
N ASP B 538 -28.14 -33.75 -46.03
CA ASP B 538 -28.17 -32.77 -47.11
C ASP B 538 -27.13 -33.07 -48.17
N GLN B 539 -25.91 -33.44 -47.76
CA GLN B 539 -24.79 -33.50 -48.68
C GLN B 539 -24.19 -34.90 -48.82
N MET B 540 -24.33 -35.76 -47.81
CA MET B 540 -23.73 -37.10 -47.89
C MET B 540 -24.28 -37.93 -49.03
N MET B 541 -25.25 -37.40 -49.78
CA MET B 541 -25.64 -38.01 -51.05
C MET B 541 -24.50 -37.99 -52.05
N ASP B 542 -23.58 -37.04 -51.95
CA ASP B 542 -22.34 -37.04 -52.71
C ASP B 542 -21.20 -37.54 -51.83
N SER B 543 -21.11 -38.87 -51.72
CA SER B 543 -20.04 -39.51 -50.97
C SER B 543 -19.86 -40.96 -51.42
N SER B 557 -31.48 -35.55 -53.68
CA SER B 557 -31.44 -35.38 -52.24
C SER B 557 -32.84 -35.34 -51.64
N GLU B 558 -33.76 -34.67 -52.34
CA GLU B 558 -35.14 -34.61 -51.89
C GLU B 558 -35.76 -35.99 -51.82
N SER B 559 -35.51 -36.83 -52.83
CA SER B 559 -36.01 -38.20 -52.83
C SER B 559 -35.51 -38.98 -51.64
N LEU B 560 -34.41 -38.55 -51.02
CA LEU B 560 -33.90 -39.19 -49.82
C LEU B 560 -34.44 -38.50 -48.56
N ASN B 561 -34.16 -37.21 -48.36
CA ASN B 561 -34.52 -36.57 -47.10
C ASN B 561 -36.02 -36.45 -46.93
N HIS B 562 -36.72 -35.97 -47.96
CA HIS B 562 -38.16 -35.78 -47.88
C HIS B 562 -38.86 -37.11 -47.64
N LEU B 563 -38.43 -38.15 -48.35
CA LEU B 563 -39.03 -39.47 -48.19
C LEU B 563 -38.74 -40.05 -46.81
N LEU B 564 -37.51 -39.87 -46.31
CA LEU B 564 -37.21 -40.33 -44.95
C LEU B 564 -38.11 -39.64 -43.94
N TYR B 565 -38.32 -38.33 -44.11
CA TYR B 565 -39.15 -37.58 -43.18
C TYR B 565 -40.59 -38.09 -43.18
N ASP B 566 -41.19 -38.19 -44.36
CA ASP B 566 -42.62 -38.51 -44.37
C ASP B 566 -42.85 -39.98 -44.01
N GLU B 567 -41.92 -40.87 -44.36
CA GLU B 567 -42.05 -42.24 -43.90
C GLU B 567 -41.90 -42.32 -42.39
N PHE B 568 -41.01 -41.51 -41.82
CA PHE B 568 -40.87 -41.47 -40.36
C PHE B 568 -42.18 -41.06 -39.69
N VAL B 569 -42.80 -39.98 -40.16
CA VAL B 569 -44.01 -39.50 -39.52
C VAL B 569 -45.17 -40.48 -39.72
N LYS B 570 -45.24 -41.09 -40.91
CA LYS B 570 -46.24 -42.13 -41.13
C LYS B 570 -46.03 -43.30 -40.18
N SER B 571 -44.78 -43.73 -40.01
CA SER B 571 -44.49 -44.86 -39.13
C SER B 571 -44.84 -44.54 -37.69
N VAL B 572 -44.53 -43.32 -37.23
CA VAL B 572 -44.81 -43.01 -35.83
C VAL B 572 -46.32 -42.94 -35.59
N LEU B 573 -47.07 -42.35 -36.53
CA LEU B 573 -48.51 -42.34 -36.35
C LEU B 573 -49.09 -43.75 -36.41
N LYS B 574 -48.57 -44.58 -37.31
CA LYS B 574 -49.07 -45.94 -37.44
C LYS B 574 -48.81 -46.74 -36.16
N ILE B 575 -47.62 -46.60 -35.58
CA ILE B 575 -47.32 -47.35 -34.37
C ILE B 575 -48.12 -46.83 -33.18
N VAL B 576 -48.22 -45.50 -33.03
CA VAL B 576 -48.94 -44.97 -31.87
C VAL B 576 -50.41 -45.36 -31.96
N GLU B 577 -50.94 -45.52 -33.18
CA GLU B 577 -52.28 -46.07 -33.32
C GLU B 577 -52.33 -47.49 -32.76
N LYS B 578 -51.41 -48.35 -33.17
CA LYS B 578 -51.53 -49.78 -32.89
C LYS B 578 -51.34 -50.09 -31.40
N LEU B 579 -50.65 -49.23 -30.65
CA LEU B 579 -50.44 -49.52 -29.24
C LEU B 579 -51.72 -49.32 -28.44
N ASP B 580 -51.79 -49.98 -27.29
CA ASP B 580 -52.92 -49.86 -26.36
C ASP B 580 -52.41 -49.38 -25.00
N LEU B 581 -52.73 -48.13 -24.69
CA LEU B 581 -52.24 -47.45 -23.49
C LEU B 581 -53.26 -47.42 -22.36
N THR B 582 -54.16 -48.38 -22.28
CA THR B 582 -55.16 -48.43 -21.22
C THR B 582 -54.51 -48.59 -19.85
N LEU B 583 -55.10 -48.02 -18.79
CA LEU B 583 -54.54 -48.13 -17.45
C LEU B 583 -55.42 -48.96 -16.53
N GLU B 584 -56.64 -48.48 -16.28
CA GLU B 584 -57.68 -49.14 -15.48
C GLU B 584 -57.12 -49.97 -14.33
N ILE B 585 -56.36 -49.32 -13.44
CA ILE B 585 -55.91 -49.88 -12.16
C ILE B 585 -55.33 -51.30 -12.25
N MET B 602 -61.47 -54.91 1.67
CA MET B 602 -61.41 -54.53 3.09
C MET B 602 -60.99 -53.07 3.21
N ILE B 603 -59.91 -52.72 2.53
CA ILE B 603 -59.33 -51.38 2.61
C ILE B 603 -59.98 -50.44 1.60
N PRO B 604 -60.54 -49.32 2.03
CA PRO B 604 -60.93 -48.26 1.10
C PRO B 604 -59.81 -47.25 0.90
N THR B 605 -59.66 -46.84 -0.36
CA THR B 605 -58.78 -45.72 -0.71
C THR B 605 -59.55 -44.81 -1.66
N SER B 606 -59.55 -43.51 -1.37
CA SER B 606 -60.43 -42.59 -2.08
C SER B 606 -59.69 -41.37 -2.61
N ASP B 607 -58.55 -41.59 -3.24
CA ASP B 607 -57.79 -40.47 -3.79
C ASP B 607 -58.51 -39.91 -5.01
N PRO B 608 -58.90 -38.63 -4.99
CA PRO B 608 -59.47 -38.04 -6.21
C PRO B 608 -58.47 -37.95 -7.36
N ALA B 609 -57.18 -38.00 -7.06
CA ALA B 609 -56.16 -37.96 -8.10
C ALA B 609 -56.16 -39.26 -8.90
N ALA B 610 -55.28 -39.31 -9.90
CA ALA B 610 -55.21 -40.44 -10.81
C ALA B 610 -54.20 -41.46 -10.28
N ASN B 611 -54.68 -42.39 -9.47
CA ASN B 611 -53.90 -43.54 -9.04
C ASN B 611 -54.36 -44.75 -9.85
N LEU B 612 -53.65 -45.05 -10.94
CA LEU B 612 -54.07 -46.10 -11.86
C LEU B 612 -52.85 -46.92 -12.26
N HIS B 613 -52.98 -48.25 -12.18
CA HIS B 613 -51.91 -49.11 -12.63
C HIS B 613 -51.88 -49.17 -14.16
N PRO B 614 -50.75 -49.50 -14.76
CA PRO B 614 -50.74 -49.82 -16.18
C PRO B 614 -51.38 -51.18 -16.45
N ALA B 615 -51.90 -51.33 -17.66
CA ALA B 615 -52.51 -52.60 -18.06
C ALA B 615 -51.45 -53.63 -18.41
N LYS B 616 -50.63 -53.34 -19.43
CA LYS B 616 -49.47 -54.14 -19.77
C LYS B 616 -48.26 -53.21 -19.90
N PRO B 617 -47.34 -53.26 -18.93
CA PRO B 617 -46.30 -52.21 -18.83
C PRO B 617 -45.43 -52.05 -20.06
N LYS B 618 -45.18 -53.14 -20.79
CA LYS B 618 -44.21 -53.08 -21.88
C LYS B 618 -44.65 -52.10 -22.97
N ASP B 619 -45.93 -52.15 -23.35
CA ASP B 619 -46.42 -51.24 -24.38
C ASP B 619 -46.35 -49.79 -23.91
N PHE B 620 -46.68 -49.55 -22.64
CA PHE B 620 -46.61 -48.19 -22.12
C PHE B 620 -45.18 -47.67 -22.12
N SER B 621 -44.22 -48.52 -21.75
CA SER B 621 -42.82 -48.13 -21.81
C SER B 621 -42.38 -47.84 -23.24
N ALA B 622 -42.84 -48.66 -24.19
CA ALA B 622 -42.51 -48.41 -25.58
C ALA B 622 -43.09 -47.08 -26.05
N PHE B 623 -44.30 -46.76 -25.60
CA PHE B 623 -44.90 -45.47 -25.94
C PHE B 623 -44.07 -44.33 -25.37
N ILE B 624 -43.62 -44.47 -24.12
CA ILE B 624 -42.74 -43.46 -23.53
C ILE B 624 -41.49 -43.30 -24.39
N ASN B 625 -40.93 -44.41 -24.84
CA ASN B 625 -39.72 -44.36 -25.64
C ASN B 625 -39.97 -43.61 -26.93
N LEU B 626 -41.09 -43.89 -27.61
CA LEU B 626 -41.43 -43.19 -28.83
C LEU B 626 -41.60 -41.69 -28.59
N VAL B 627 -42.31 -41.35 -27.51
CA VAL B 627 -42.57 -39.94 -27.22
C VAL B 627 -41.27 -39.20 -27.01
N GLU B 628 -40.34 -39.79 -26.25
CA GLU B 628 -39.08 -39.08 -26.03
C GLU B 628 -38.28 -39.03 -27.32
N PHE B 629 -38.30 -40.12 -28.10
CA PHE B 629 -37.45 -40.23 -29.29
C PHE B 629 -37.83 -39.19 -30.34
N CYS B 630 -39.13 -39.02 -30.59
CA CYS B 630 -39.53 -38.07 -31.62
C CYS B 630 -39.26 -36.62 -31.22
N ARG B 631 -38.97 -36.38 -29.93
CA ARG B 631 -38.79 -35.02 -29.43
C ARG B 631 -37.60 -34.32 -30.08
N GLU B 632 -36.46 -35.00 -30.18
CA GLU B 632 -35.27 -34.43 -30.79
C GLU B 632 -35.20 -34.72 -32.29
N ILE B 633 -36.29 -35.21 -32.87
CA ILE B 633 -36.33 -35.53 -34.30
C ILE B 633 -37.23 -34.54 -35.03
N LEU B 634 -38.50 -34.49 -34.64
CA LEU B 634 -39.47 -33.72 -35.42
C LEU B 634 -39.19 -32.21 -35.43
N PRO B 635 -39.03 -31.52 -34.30
CA PRO B 635 -38.93 -30.05 -34.35
C PRO B 635 -37.51 -29.52 -34.49
N GLU B 636 -36.51 -30.36 -34.24
CA GLU B 636 -35.13 -29.86 -34.17
C GLU B 636 -34.68 -29.23 -35.48
N LYS B 637 -35.02 -29.84 -36.62
CA LYS B 637 -34.61 -29.31 -37.90
C LYS B 637 -35.42 -28.08 -38.30
N GLN B 638 -36.68 -28.00 -37.89
CA GLN B 638 -37.59 -26.93 -38.32
C GLN B 638 -37.75 -26.94 -39.84
N ALA B 639 -38.31 -28.03 -40.36
CA ALA B 639 -38.33 -28.31 -41.78
C ALA B 639 -39.64 -27.84 -42.40
N GLU B 640 -39.62 -27.66 -43.73
CA GLU B 640 -40.81 -27.33 -44.50
C GLU B 640 -41.45 -28.59 -45.06
N PHE B 641 -41.68 -29.58 -44.19
CA PHE B 641 -42.30 -30.83 -44.60
C PHE B 641 -43.46 -31.24 -43.70
N PHE B 642 -43.63 -30.60 -42.54
CA PHE B 642 -44.68 -30.96 -41.61
C PHE B 642 -46.04 -30.37 -41.99
N GLU B 643 -46.06 -29.36 -42.87
CA GLU B 643 -47.29 -28.65 -43.19
C GLU B 643 -48.40 -29.54 -43.77
N PRO B 644 -48.12 -30.49 -44.68
CA PRO B 644 -49.23 -31.31 -45.19
C PRO B 644 -49.73 -32.33 -44.17
N TRP B 645 -48.99 -32.54 -43.09
CA TRP B 645 -49.36 -33.55 -42.10
C TRP B 645 -50.12 -32.96 -40.93
N VAL B 646 -49.97 -31.65 -40.68
CA VAL B 646 -50.42 -31.02 -39.45
C VAL B 646 -51.80 -31.50 -39.06
N TYR B 647 -52.75 -31.43 -39.99
CA TYR B 647 -54.14 -31.74 -39.66
C TYR B 647 -54.29 -33.19 -39.22
N SER B 648 -53.82 -34.13 -40.03
CA SER B 648 -54.02 -35.54 -39.72
C SER B 648 -53.25 -35.93 -38.47
N PHE B 649 -52.02 -35.45 -38.33
CA PHE B 649 -51.21 -35.77 -37.17
C PHE B 649 -51.88 -35.28 -35.89
N SER B 650 -52.27 -34.01 -35.86
CA SER B 650 -52.92 -33.48 -34.67
C SER B 650 -54.23 -34.20 -34.40
N TYR B 651 -55.01 -34.49 -35.45
CA TYR B 651 -56.29 -35.16 -35.26
C TYR B 651 -56.10 -36.53 -34.64
N GLU B 652 -55.15 -37.31 -35.16
CA GLU B 652 -54.96 -38.66 -34.66
C GLU B 652 -54.36 -38.67 -33.26
N LEU B 653 -53.53 -37.68 -32.93
CA LEU B 653 -53.09 -37.55 -31.55
C LEU B 653 -54.24 -37.20 -30.62
N ILE B 654 -55.12 -36.29 -31.04
CA ILE B 654 -56.23 -35.86 -30.19
C ILE B 654 -57.18 -37.02 -29.94
N LEU B 655 -57.46 -37.84 -30.97
CA LEU B 655 -58.37 -38.97 -30.78
C LEU B 655 -57.92 -39.88 -29.65
N GLN B 656 -56.61 -39.98 -29.40
CA GLN B 656 -56.14 -40.77 -28.28
C GLN B 656 -56.08 -39.93 -27.00
N SER B 657 -55.54 -38.72 -27.09
CA SER B 657 -55.32 -37.91 -25.88
C SER B 657 -56.62 -37.62 -25.16
N THR B 658 -57.66 -37.25 -25.88
CA THR B 658 -58.95 -37.02 -25.25
C THR B 658 -59.56 -38.32 -24.75
N ARG B 659 -59.59 -39.35 -25.60
CA ARG B 659 -60.22 -40.61 -25.22
C ARG B 659 -59.43 -41.37 -24.17
N LEU B 660 -58.09 -41.24 -24.15
CA LEU B 660 -57.37 -42.00 -23.14
C LEU B 660 -57.34 -41.25 -21.81
N PRO B 661 -57.21 -41.96 -20.68
CA PRO B 661 -57.25 -41.31 -19.36
C PRO B 661 -56.03 -40.44 -19.08
N LEU B 662 -55.78 -39.48 -19.99
CA LEU B 662 -54.99 -38.30 -19.71
C LEU B 662 -53.56 -38.62 -19.30
N ILE B 663 -52.77 -39.20 -20.20
CA ILE B 663 -51.38 -39.57 -19.94
C ILE B 663 -50.49 -38.56 -20.65
N SER B 664 -49.19 -38.60 -20.31
CA SER B 664 -48.32 -37.44 -20.54
C SER B 664 -48.01 -37.22 -22.02
N GLY B 665 -47.46 -38.25 -22.68
CA GLY B 665 -46.70 -38.01 -23.90
C GLY B 665 -47.48 -37.29 -25.00
N PHE B 666 -48.81 -37.46 -25.01
CA PHE B 666 -49.62 -36.87 -26.06
C PHE B 666 -49.53 -35.35 -26.06
N TYR B 667 -49.54 -34.75 -24.87
CA TYR B 667 -49.41 -33.29 -24.77
C TYR B 667 -48.08 -32.82 -25.34
N LYS B 668 -47.00 -33.55 -25.07
CA LYS B 668 -45.70 -33.16 -25.58
C LYS B 668 -45.64 -33.28 -27.10
N LEU B 669 -46.26 -34.33 -27.65
CA LEU B 669 -46.32 -34.44 -29.10
C LEU B 669 -47.11 -33.28 -29.71
N LEU B 670 -48.23 -32.92 -29.08
CA LEU B 670 -49.03 -31.80 -29.57
C LEU B 670 -48.26 -30.49 -29.46
N SER B 671 -47.46 -30.34 -28.39
CA SER B 671 -46.63 -29.16 -28.26
C SER B 671 -45.61 -29.08 -29.38
N ILE B 672 -44.99 -30.21 -29.73
CA ILE B 672 -44.12 -30.24 -30.89
C ILE B 672 -44.87 -29.79 -32.14
N THR B 673 -46.08 -30.30 -32.32
CA THR B 673 -46.89 -29.97 -33.49
C THR B 673 -47.13 -28.47 -33.59
N VAL B 674 -47.64 -27.86 -32.52
CA VAL B 674 -47.95 -26.44 -32.55
C VAL B 674 -46.69 -25.60 -32.68
N ARG B 675 -45.58 -26.03 -32.06
CA ARG B 675 -44.35 -25.29 -32.18
C ARG B 675 -43.86 -25.25 -33.63
N ASN B 676 -43.90 -26.40 -34.31
CA ASN B 676 -43.56 -26.41 -35.73
C ASN B 676 -44.52 -25.54 -36.54
N ALA B 677 -45.81 -25.63 -36.24
CA ALA B 677 -46.80 -24.87 -36.99
C ALA B 677 -46.53 -23.38 -36.89
N LYS B 678 -46.30 -22.87 -35.67
CA LYS B 678 -46.06 -21.44 -35.51
C LYS B 678 -44.65 -21.07 -35.99
N LYS B 679 -43.74 -22.04 -36.05
CA LYS B 679 -42.42 -21.77 -36.59
C LYS B 679 -42.46 -21.60 -38.10
N ILE B 680 -43.40 -22.25 -38.78
CA ILE B 680 -43.41 -22.25 -40.24
C ILE B 680 -44.37 -21.20 -40.76
N LYS B 681 -44.82 -20.30 -39.90
CA LYS B 681 -45.76 -19.24 -40.26
C LYS B 681 -46.99 -19.83 -40.96
N TYR B 682 -47.74 -20.61 -40.19
CA TYR B 682 -48.76 -21.48 -40.79
C TYR B 682 -50.13 -20.82 -40.83
N PHE B 683 -50.54 -20.15 -39.76
CA PHE B 683 -51.95 -19.84 -39.55
C PHE B 683 -52.32 -18.45 -40.06
N GLU B 684 -53.51 -18.37 -40.67
CA GLU B 684 -54.21 -17.14 -41.02
C GLU B 684 -55.68 -17.32 -40.64
N GLY B 685 -55.91 -17.82 -39.42
CA GLY B 685 -57.25 -18.15 -38.98
C GLY B 685 -58.15 -16.94 -38.87
N VAL B 686 -59.43 -17.24 -38.62
CA VAL B 686 -60.55 -16.28 -38.59
C VAL B 686 -60.45 -15.17 -39.64
N PRO B 698 -58.60 -24.83 -46.18
CA PRO B 698 -60.02 -25.04 -45.87
C PRO B 698 -60.20 -25.87 -44.60
N GLU B 699 -59.75 -27.13 -44.61
CA GLU B 699 -59.70 -27.90 -43.37
C GLU B 699 -58.69 -27.30 -42.40
N LYS B 700 -57.78 -26.47 -42.90
CA LYS B 700 -56.97 -25.59 -42.07
C LYS B 700 -57.82 -24.93 -40.99
N TYR B 701 -58.97 -24.38 -41.39
CA TYR B 701 -59.87 -23.75 -40.42
C TYR B 701 -60.42 -24.77 -39.44
N SER B 702 -60.72 -25.98 -39.91
CA SER B 702 -61.20 -27.02 -39.01
C SER B 702 -60.15 -27.39 -37.97
N CYS B 703 -58.90 -27.53 -38.40
CA CYS B 703 -57.82 -27.82 -37.45
C CYS B 703 -57.62 -26.67 -36.47
N PHE B 704 -57.77 -25.44 -36.96
CA PHE B 704 -57.69 -24.27 -36.08
C PHE B 704 -58.76 -24.33 -35.00
N ALA B 705 -59.99 -24.65 -35.41
CA ALA B 705 -61.09 -24.78 -34.46
C ALA B 705 -60.86 -25.93 -33.49
N LEU B 706 -60.29 -27.04 -33.97
CA LEU B 706 -59.95 -28.15 -33.09
C LEU B 706 -58.94 -27.70 -32.04
N PHE B 707 -57.93 -26.95 -32.44
CA PHE B 707 -56.98 -26.42 -31.47
C PHE B 707 -57.68 -25.50 -30.46
N VAL B 708 -58.58 -24.65 -30.94
CA VAL B 708 -59.32 -23.76 -30.04
C VAL B 708 -60.04 -24.59 -28.97
N LYS B 709 -60.89 -25.50 -29.42
CA LYS B 709 -61.71 -26.28 -28.50
C LYS B 709 -60.81 -27.06 -27.54
N PHE B 710 -59.85 -27.81 -28.11
CA PHE B 710 -58.98 -28.67 -27.31
C PHE B 710 -58.21 -27.88 -26.28
N GLY B 711 -57.65 -26.73 -26.67
CA GLY B 711 -56.99 -25.88 -25.70
C GLY B 711 -57.91 -25.48 -24.58
N LYS B 712 -59.18 -25.21 -24.91
CA LYS B 712 -60.10 -24.82 -23.85
C LYS B 712 -60.33 -25.96 -22.85
N GLU B 713 -60.64 -27.18 -23.33
CA GLU B 713 -60.95 -28.18 -22.30
C GLU B 713 -59.68 -28.64 -21.59
N VAL B 714 -58.52 -28.57 -22.24
CA VAL B 714 -57.30 -28.95 -21.53
C VAL B 714 -56.97 -27.92 -20.46
N ALA B 715 -57.20 -26.64 -20.76
CA ALA B 715 -57.07 -25.62 -19.72
C ALA B 715 -58.02 -25.89 -18.57
N VAL B 716 -59.24 -26.34 -18.88
CA VAL B 716 -60.20 -26.66 -17.82
C VAL B 716 -59.69 -27.84 -16.98
N LYS B 717 -59.22 -28.91 -17.63
CA LYS B 717 -58.85 -30.11 -16.89
C LYS B 717 -57.51 -29.95 -16.19
N MET B 718 -56.75 -28.91 -16.54
CA MET B 718 -55.43 -28.72 -15.95
C MET B 718 -55.48 -28.64 -14.43
N LYS B 719 -56.56 -28.11 -13.87
CA LYS B 719 -56.57 -27.78 -12.43
C LYS B 719 -56.40 -29.02 -11.56
N GLN B 720 -56.63 -30.21 -12.09
CA GLN B 720 -56.53 -31.43 -11.28
C GLN B 720 -55.23 -32.20 -11.50
N TYR B 721 -54.33 -31.73 -12.36
CA TYR B 721 -53.10 -32.45 -12.61
C TYR B 721 -52.04 -32.16 -11.55
N LYS B 722 -50.90 -32.86 -11.69
CA LYS B 722 -49.82 -32.82 -10.72
C LYS B 722 -48.56 -33.41 -11.34
N ASP B 723 -47.41 -32.87 -10.93
CA ASP B 723 -46.06 -33.35 -11.29
C ASP B 723 -45.92 -33.40 -12.82
N GLU B 724 -45.35 -34.46 -13.39
CA GLU B 724 -44.91 -34.44 -14.78
C GLU B 724 -46.06 -34.21 -15.74
N LEU B 725 -47.24 -34.78 -15.45
CA LEU B 725 -48.41 -34.53 -16.28
C LEU B 725 -48.75 -33.04 -16.27
N LEU B 726 -48.71 -32.42 -15.09
CA LEU B 726 -49.00 -31.00 -15.00
C LEU B 726 -47.97 -30.17 -15.77
N ALA B 727 -46.69 -30.51 -15.64
CA ALA B 727 -45.66 -29.78 -16.36
C ALA B 727 -45.85 -29.90 -17.86
N SER B 728 -46.14 -31.11 -18.34
CA SER B 728 -46.33 -31.31 -19.77
C SER B 728 -47.54 -30.56 -20.30
N CYS B 729 -48.66 -30.62 -19.58
CA CYS B 729 -49.86 -29.95 -20.07
C CYS B 729 -49.66 -28.44 -20.08
N LEU B 730 -49.02 -27.89 -19.03
CA LEU B 730 -48.75 -26.46 -19.03
C LEU B 730 -47.82 -26.08 -20.18
N THR B 731 -46.82 -26.92 -20.45
CA THR B 731 -45.93 -26.67 -21.58
C THR B 731 -46.71 -26.63 -22.88
N PHE B 732 -47.69 -27.52 -23.03
CA PHE B 732 -48.47 -27.53 -24.27
C PHE B 732 -49.35 -26.28 -24.36
N LEU B 733 -50.05 -25.94 -23.28
CA LEU B 733 -50.92 -24.77 -23.28
C LEU B 733 -50.14 -23.51 -23.63
N LEU B 734 -48.97 -23.33 -23.04
CA LEU B 734 -48.21 -22.12 -23.32
C LEU B 734 -47.64 -22.11 -24.74
N SER B 735 -47.72 -23.22 -25.47
CA SER B 735 -47.21 -23.28 -26.83
C SER B 735 -48.20 -22.81 -27.88
N LEU B 736 -49.46 -22.57 -27.50
CA LEU B 736 -50.49 -22.18 -28.45
C LEU B 736 -50.13 -20.86 -29.13
N PRO B 737 -50.35 -20.73 -30.43
CA PRO B 737 -50.01 -19.48 -31.12
C PRO B 737 -50.89 -18.33 -30.67
N HIS B 738 -50.40 -17.11 -30.92
CA HIS B 738 -51.07 -15.89 -30.49
C HIS B 738 -52.49 -15.81 -31.05
N ASN B 739 -52.72 -16.45 -32.20
CA ASN B 739 -54.05 -16.51 -32.78
C ASN B 739 -55.03 -17.19 -31.82
N ILE B 740 -54.56 -18.25 -31.15
CA ILE B 740 -55.37 -18.90 -30.14
C ILE B 740 -55.49 -18.02 -28.89
N ILE B 741 -54.57 -17.07 -28.72
CA ILE B 741 -54.52 -16.27 -27.51
C ILE B 741 -55.30 -14.97 -27.69
N GLU B 742 -55.80 -14.73 -28.90
CA GLU B 742 -56.50 -13.47 -29.14
C GLU B 742 -58.00 -13.70 -29.19
N LEU B 743 -58.42 -14.95 -29.41
CA LEU B 743 -59.82 -15.29 -29.30
C LEU B 743 -60.30 -15.30 -27.85
N ASP B 744 -59.41 -15.57 -26.90
CA ASP B 744 -59.70 -15.45 -25.48
C ASP B 744 -58.38 -15.39 -24.73
N VAL B 745 -58.38 -14.70 -23.58
CA VAL B 745 -57.17 -14.59 -22.77
C VAL B 745 -57.42 -14.98 -21.30
N ARG B 746 -58.51 -14.46 -20.69
CA ARG B 746 -58.90 -14.97 -19.37
C ARG B 746 -58.78 -16.49 -19.28
N ALA B 747 -59.04 -17.21 -20.37
CA ALA B 747 -59.03 -18.65 -20.29
C ALA B 747 -57.64 -19.18 -19.95
N TYR B 748 -56.61 -18.61 -20.55
CA TYR B 748 -55.27 -19.16 -20.43
C TYR B 748 -54.46 -18.49 -19.34
N VAL B 749 -54.98 -17.40 -18.78
CA VAL B 749 -54.28 -16.71 -17.70
C VAL B 749 -53.99 -17.61 -16.51
N PRO B 750 -54.94 -18.39 -15.99
CA PRO B 750 -54.57 -19.30 -14.88
C PRO B 750 -53.51 -20.30 -15.26
N ALA B 751 -53.53 -20.79 -16.51
CA ALA B 751 -52.49 -21.72 -16.95
C ALA B 751 -51.12 -21.06 -16.90
N LEU B 752 -51.01 -19.84 -17.42
CA LEU B 752 -49.75 -19.13 -17.35
C LEU B 752 -49.34 -18.86 -15.90
N GLN B 753 -50.31 -18.50 -15.07
CA GLN B 753 -50.02 -18.20 -13.67
C GLN B 753 -49.39 -19.41 -12.98
N MET B 754 -50.03 -20.57 -13.10
CA MET B 754 -49.47 -21.78 -12.52
C MET B 754 -48.12 -22.11 -13.14
N ALA B 755 -47.98 -21.86 -14.45
CA ALA B 755 -46.73 -22.17 -15.14
C ALA B 755 -45.56 -21.45 -14.49
N PHE B 756 -45.56 -20.12 -14.50
CA PHE B 756 -44.42 -19.44 -13.91
C PHE B 756 -44.56 -19.28 -12.39
N LYS B 757 -45.57 -19.89 -11.78
CA LYS B 757 -45.57 -20.03 -10.33
C LYS B 757 -44.74 -21.23 -9.90
N LEU B 758 -44.99 -22.39 -10.53
CA LEU B 758 -44.18 -23.56 -10.25
C LEU B 758 -42.82 -23.47 -10.93
N GLY B 759 -42.65 -22.50 -11.83
CA GLY B 759 -41.41 -22.36 -12.58
C GLY B 759 -40.18 -22.19 -11.71
N LEU B 760 -40.32 -21.66 -10.49
CA LEU B 760 -39.18 -21.46 -9.62
C LEU B 760 -38.50 -22.78 -9.25
N SER B 761 -39.26 -23.86 -9.17
CA SER B 761 -38.71 -25.15 -8.77
C SER B 761 -38.15 -25.94 -9.96
N TYR B 762 -38.78 -25.82 -11.12
CA TYR B 762 -38.35 -26.57 -12.30
C TYR B 762 -38.38 -25.59 -13.48
N THR B 763 -37.19 -25.09 -13.85
CA THR B 763 -36.98 -23.92 -14.69
C THR B 763 -37.62 -23.93 -16.09
N PRO B 764 -37.63 -25.04 -16.83
CA PRO B 764 -38.12 -24.95 -18.22
C PRO B 764 -39.54 -24.42 -18.34
N LEU B 765 -40.41 -24.67 -17.36
CA LEU B 765 -41.73 -24.03 -17.39
C LEU B 765 -41.60 -22.51 -17.33
N ALA B 766 -40.70 -22.01 -16.47
CA ALA B 766 -40.46 -20.58 -16.43
C ALA B 766 -39.97 -20.07 -17.78
N GLU B 767 -39.06 -20.82 -18.40
CA GLU B 767 -38.54 -20.42 -19.72
C GLU B 767 -39.66 -20.35 -20.74
N VAL B 768 -40.52 -21.37 -20.77
CA VAL B 768 -41.59 -21.42 -21.76
C VAL B 768 -42.59 -20.29 -21.54
N GLY B 769 -42.96 -20.05 -20.28
CA GLY B 769 -43.89 -18.98 -19.98
C GLY B 769 -43.33 -17.61 -20.33
N LEU B 770 -42.05 -17.38 -20.01
CA LEU B 770 -41.42 -16.12 -20.33
C LEU B 770 -41.02 -16.02 -21.80
N ASN B 771 -41.19 -17.09 -22.58
CA ASN B 771 -41.22 -16.93 -24.03
C ASN B 771 -42.61 -16.51 -24.50
N ALA B 772 -43.63 -17.19 -23.98
CA ALA B 772 -45.00 -16.88 -24.35
C ALA B 772 -45.35 -15.43 -24.04
N LEU B 773 -44.71 -14.85 -23.02
CA LEU B 773 -45.02 -13.47 -22.67
C LEU B 773 -44.69 -12.52 -23.82
N GLU B 774 -43.47 -12.56 -24.35
CA GLU B 774 -43.15 -11.63 -25.43
C GLU B 774 -43.86 -12.05 -26.72
N GLU B 775 -44.01 -13.36 -26.95
CA GLU B 775 -44.73 -13.77 -28.15
C GLU B 775 -46.17 -13.30 -28.12
N TRP B 776 -46.75 -13.12 -26.94
CA TRP B 776 -48.06 -12.48 -26.82
C TRP B 776 -47.96 -10.98 -27.01
N SER B 777 -47.01 -10.34 -26.32
CA SER B 777 -46.96 -8.88 -26.28
C SER B 777 -46.71 -8.28 -27.66
N ILE B 778 -45.77 -8.85 -28.41
CA ILE B 778 -45.41 -8.24 -29.69
C ILE B 778 -46.49 -8.51 -30.74
N TYR B 779 -47.36 -9.48 -30.51
CA TYR B 779 -48.37 -9.85 -31.49
C TYR B 779 -49.78 -9.39 -31.16
N ILE B 780 -50.23 -9.56 -29.92
CA ILE B 780 -51.60 -9.25 -29.55
C ILE B 780 -51.78 -7.73 -29.48
N ASP B 781 -53.00 -7.26 -29.72
CA ASP B 781 -53.32 -5.85 -29.60
C ASP B 781 -53.14 -5.38 -28.16
N ARG B 782 -52.63 -4.16 -27.99
CA ARG B 782 -52.33 -3.66 -26.66
C ARG B 782 -53.58 -3.56 -25.80
N HIS B 783 -54.67 -3.03 -26.36
CA HIS B 783 -55.89 -2.84 -25.56
C HIS B 783 -56.50 -4.17 -25.15
N VAL B 784 -56.42 -5.18 -26.02
CA VAL B 784 -57.01 -6.47 -25.70
C VAL B 784 -56.32 -7.09 -24.50
N MET B 785 -55.01 -6.90 -24.39
CA MET B 785 -54.27 -7.54 -23.30
C MET B 785 -54.13 -6.64 -22.08
N GLN B 786 -54.27 -5.32 -22.24
CA GLN B 786 -53.93 -4.38 -21.15
C GLN B 786 -54.60 -4.69 -19.82
N PRO B 787 -55.91 -4.97 -19.75
CA PRO B 787 -56.52 -5.32 -18.44
C PRO B 787 -55.95 -6.59 -17.82
N TYR B 788 -55.43 -7.51 -18.65
CA TYR B 788 -54.93 -8.80 -18.19
C TYR B 788 -53.65 -8.67 -17.38
N TYR B 789 -52.93 -7.55 -17.50
CA TYR B 789 -51.60 -7.48 -16.89
C TYR B 789 -51.69 -7.42 -15.37
N LYS B 790 -52.86 -7.09 -14.83
CA LYS B 790 -53.02 -6.98 -13.38
C LYS B 790 -52.81 -8.30 -12.67
N ASP B 791 -52.91 -9.44 -13.36
CA ASP B 791 -52.65 -10.74 -12.78
C ASP B 791 -51.42 -11.40 -13.39
N ILE B 792 -51.07 -11.08 -14.64
CA ILE B 792 -49.95 -11.73 -15.31
C ILE B 792 -48.62 -11.44 -14.62
N LEU B 793 -48.34 -10.18 -14.31
CA LEU B 793 -47.04 -9.84 -13.72
C LEU B 793 -46.89 -10.07 -12.22
N PRO B 794 -47.89 -9.80 -11.38
CA PRO B 794 -47.62 -9.83 -9.92
C PRO B 794 -47.05 -11.13 -9.42
N CYS B 795 -47.44 -12.27 -9.98
CA CYS B 795 -46.87 -13.54 -9.54
C CYS B 795 -45.45 -13.75 -10.03
N LEU B 796 -44.96 -12.89 -10.92
CA LEU B 796 -43.59 -12.99 -11.45
C LEU B 796 -42.55 -12.43 -10.48
N ASP B 797 -42.97 -11.67 -9.46
CA ASP B 797 -42.01 -11.05 -8.56
C ASP B 797 -41.22 -12.08 -7.77
N GLY B 798 -41.73 -13.31 -7.65
CA GLY B 798 -41.03 -14.33 -6.89
C GLY B 798 -39.67 -14.65 -7.46
N TYR B 799 -39.53 -14.58 -8.79
CA TYR B 799 -38.23 -14.79 -9.42
C TYR B 799 -37.20 -13.77 -8.96
N LEU B 800 -37.63 -12.59 -8.51
CA LEU B 800 -36.73 -11.50 -8.18
C LEU B 800 -36.32 -11.52 -6.71
N LYS B 801 -36.23 -12.71 -6.11
CA LYS B 801 -36.03 -12.81 -4.67
C LYS B 801 -34.56 -12.94 -4.30
N THR B 802 -33.87 -13.94 -4.83
CA THR B 802 -32.57 -14.34 -4.28
C THR B 802 -31.47 -14.19 -5.31
N SER B 803 -30.39 -13.51 -4.93
CA SER B 803 -29.15 -13.45 -5.69
C SER B 803 -27.99 -13.61 -4.72
N ALA B 804 -27.24 -14.71 -4.86
CA ALA B 804 -26.25 -15.09 -3.87
C ALA B 804 -24.85 -15.30 -4.46
N LEU B 805 -24.55 -14.73 -5.62
CA LEU B 805 -23.23 -14.87 -6.21
C LEU B 805 -22.23 -13.92 -5.56
N GLU B 844 -28.46 -30.20 -17.33
CA GLU B 844 -29.34 -29.05 -17.19
C GLU B 844 -29.07 -28.03 -18.28
N ALA B 845 -30.15 -27.54 -18.91
CA ALA B 845 -30.01 -26.58 -20.00
C ALA B 845 -30.70 -25.25 -19.71
N ILE B 846 -31.48 -25.15 -18.64
CA ILE B 846 -32.13 -23.90 -18.24
C ILE B 846 -31.60 -23.54 -16.86
N SER B 847 -31.08 -22.32 -16.74
CA SER B 847 -30.38 -21.91 -15.53
C SER B 847 -31.07 -20.69 -14.91
N LEU B 848 -30.81 -20.48 -13.62
CA LEU B 848 -31.43 -19.36 -12.91
C LEU B 848 -30.91 -18.02 -13.42
N GLU B 849 -29.63 -17.93 -13.74
CA GLU B 849 -29.07 -16.64 -14.15
C GLU B 849 -29.64 -16.20 -15.49
N GLU B 850 -29.76 -17.11 -16.45
CA GLU B 850 -30.36 -16.74 -17.73
C GLU B 850 -31.79 -16.28 -17.57
N ILE B 851 -32.60 -17.03 -16.83
CA ILE B 851 -34.01 -16.68 -16.69
C ILE B 851 -34.15 -15.37 -15.92
N ARG B 852 -33.26 -15.13 -14.96
CA ARG B 852 -33.33 -13.90 -14.18
C ARG B 852 -32.99 -12.68 -15.03
N ILE B 853 -31.88 -12.75 -15.76
CA ILE B 853 -31.53 -11.64 -16.63
C ILE B 853 -32.62 -11.42 -17.67
N ARG B 854 -33.14 -12.51 -18.24
CA ARG B 854 -34.16 -12.39 -19.26
C ARG B 854 -35.45 -11.82 -18.70
N VAL B 855 -35.83 -12.19 -17.46
CA VAL B 855 -37.08 -11.71 -16.91
C VAL B 855 -36.96 -10.24 -16.53
N VAL B 856 -35.79 -9.81 -16.06
CA VAL B 856 -35.58 -8.38 -15.82
C VAL B 856 -35.68 -7.62 -17.13
N GLN B 857 -35.05 -8.16 -18.19
CA GLN B 857 -35.14 -7.55 -19.51
C GLN B 857 -36.60 -7.46 -19.96
N MET B 858 -37.38 -8.50 -19.73
CA MET B 858 -38.78 -8.53 -20.16
C MET B 858 -39.60 -7.51 -19.39
N LEU B 859 -39.51 -7.52 -18.05
CA LEU B 859 -40.29 -6.58 -17.26
C LEU B 859 -39.87 -5.14 -17.50
N GLY B 860 -38.67 -4.90 -18.01
CA GLY B 860 -38.30 -3.55 -18.39
C GLY B 860 -38.81 -3.17 -19.76
N SER B 861 -38.53 -3.99 -20.76
CA SER B 861 -38.90 -3.69 -22.14
C SER B 861 -40.40 -3.77 -22.39
N LEU B 862 -41.17 -4.32 -21.44
CA LEU B 862 -42.60 -4.44 -21.67
C LEU B 862 -43.29 -3.08 -21.59
N GLY B 863 -42.71 -2.15 -20.84
CA GLY B 863 -43.21 -0.80 -20.78
C GLY B 863 -43.47 -0.37 -19.35
N GLY B 864 -43.07 0.86 -19.05
CA GLY B 864 -43.21 1.42 -17.72
C GLY B 864 -44.66 1.45 -17.26
N GLN B 865 -45.51 1.95 -18.16
CA GLN B 865 -46.95 1.95 -17.94
C GLN B 865 -47.49 0.56 -17.68
N ILE B 866 -46.77 -0.47 -18.14
CA ILE B 866 -47.22 -1.84 -17.95
C ILE B 866 -46.65 -2.42 -16.66
N ASN B 867 -45.31 -2.36 -16.49
CA ASN B 867 -44.74 -3.05 -15.34
C ASN B 867 -45.01 -2.33 -14.04
N LYS B 868 -45.61 -1.12 -14.10
CA LYS B 868 -46.11 -0.50 -12.88
C LYS B 868 -46.94 -1.46 -12.04
N ASN B 869 -47.63 -2.41 -12.68
CA ASN B 869 -48.54 -3.32 -12.00
C ASN B 869 -47.85 -4.52 -11.36
N LEU B 870 -46.53 -4.44 -11.12
CA LEU B 870 -45.79 -5.58 -10.62
C LEU B 870 -45.97 -5.83 -9.13
N LEU B 871 -46.53 -4.89 -8.39
CA LEU B 871 -46.61 -5.02 -6.94
C LEU B 871 -47.47 -6.21 -6.54
N THR B 872 -47.24 -6.71 -5.32
CA THR B 872 -47.85 -7.97 -4.88
C THR B 872 -49.36 -7.98 -5.11
N VAL B 873 -50.04 -6.87 -4.80
CA VAL B 873 -51.36 -6.57 -5.36
C VAL B 873 -51.28 -5.11 -5.81
N THR B 874 -51.66 -4.84 -7.05
CA THR B 874 -51.46 -3.53 -7.64
C THR B 874 -52.47 -2.52 -7.10
N SER B 875 -51.98 -1.54 -6.33
CA SER B 875 -52.81 -0.44 -5.82
C SER B 875 -53.98 -0.95 -4.99
N SER B 876 -53.69 -1.72 -3.95
CA SER B 876 -54.72 -2.22 -3.05
C SER B 876 -54.15 -2.31 -1.64
N ASP B 877 -55.06 -2.29 -0.66
CA ASP B 877 -54.67 -2.31 0.74
C ASP B 877 -54.76 -3.70 1.36
N GLU B 878 -55.16 -4.72 0.60
CA GLU B 878 -55.60 -6.02 1.14
C GLU B 878 -54.48 -6.80 1.85
N MET B 879 -53.22 -6.54 1.52
CA MET B 879 -52.08 -7.38 1.90
C MET B 879 -51.45 -6.99 3.25
N MET B 880 -52.10 -7.42 4.35
CA MET B 880 -51.42 -7.66 5.65
C MET B 880 -51.71 -9.08 6.20
N LYS B 881 -52.05 -10.02 5.30
CA LYS B 881 -51.98 -11.46 5.53
C LYS B 881 -50.55 -11.80 5.98
N SER B 882 -50.34 -12.75 6.88
CA SER B 882 -49.02 -13.15 7.38
C SER B 882 -48.19 -12.06 8.10
N TYR B 883 -48.80 -10.94 8.48
CA TYR B 883 -48.16 -9.77 9.05
C TYR B 883 -48.97 -9.24 10.23
N VAL B 884 -49.40 -10.14 11.10
CA VAL B 884 -50.15 -9.77 12.30
C VAL B 884 -49.74 -10.70 13.42
N ALA B 885 -49.71 -10.17 14.64
CA ALA B 885 -49.57 -11.00 15.83
C ALA B 885 -50.80 -11.91 15.90
N TRP B 886 -50.57 -13.22 15.77
CA TRP B 886 -51.68 -14.15 15.59
C TRP B 886 -52.68 -14.04 16.74
N ASP B 887 -52.19 -13.79 17.95
CA ASP B 887 -53.04 -13.63 19.12
C ASP B 887 -53.17 -12.18 19.58
N ARG B 888 -52.23 -11.32 19.19
CA ARG B 888 -52.25 -9.90 19.56
C ARG B 888 -52.05 -9.72 21.07
N GLU B 889 -51.74 -10.82 21.75
CA GLU B 889 -51.65 -10.77 23.21
C GLU B 889 -50.48 -11.55 23.79
N LYS B 890 -49.83 -12.41 22.99
CA LYS B 890 -48.54 -13.02 23.34
C LYS B 890 -48.59 -13.75 24.68
N ARG B 891 -49.37 -14.84 24.73
CA ARG B 891 -49.69 -15.51 25.98
C ARG B 891 -48.84 -16.72 26.28
N LEU B 892 -48.43 -17.47 25.27
CA LEU B 892 -47.76 -18.76 25.48
C LEU B 892 -46.25 -18.53 25.53
N SER B 893 -45.72 -18.48 26.73
CA SER B 893 -44.32 -18.16 26.99
C SER B 893 -43.68 -19.24 27.84
N PHE B 894 -42.35 -19.31 27.77
CA PHE B 894 -41.57 -20.31 28.49
C PHE B 894 -40.41 -19.62 29.20
N ALA B 895 -40.02 -20.16 30.35
CA ALA B 895 -38.86 -19.67 31.08
C ALA B 895 -37.75 -20.71 31.02
N VAL B 896 -36.61 -20.33 30.43
CA VAL B 896 -35.46 -21.21 30.32
C VAL B 896 -34.70 -21.13 31.65
N PRO B 897 -34.27 -22.26 32.22
CA PRO B 897 -33.65 -22.24 33.55
C PRO B 897 -32.13 -22.08 33.52
N PHE B 898 -31.64 -21.09 34.24
CA PHE B 898 -30.23 -20.91 34.56
C PHE B 898 -30.03 -21.19 36.06
N ARG B 899 -28.83 -20.98 36.55
CA ARG B 899 -28.49 -21.37 37.92
C ARG B 899 -28.85 -20.33 38.97
N GLU B 900 -29.26 -19.14 38.55
CA GLU B 900 -29.78 -18.12 39.45
C GLU B 900 -31.10 -17.54 39.00
N MET B 901 -31.38 -17.53 37.70
CA MET B 901 -32.48 -16.74 37.18
C MET B 901 -33.09 -17.48 36.00
N LYS B 902 -34.38 -17.26 35.76
CA LYS B 902 -35.13 -18.02 34.75
C LYS B 902 -35.81 -17.06 33.77
N PRO B 903 -35.08 -16.59 32.76
CA PRO B 903 -35.65 -15.61 31.82
C PRO B 903 -36.82 -16.18 31.05
N VAL B 904 -37.87 -15.37 30.92
CA VAL B 904 -39.05 -15.78 30.17
C VAL B 904 -38.92 -15.33 28.72
N ILE B 905 -39.29 -16.21 27.81
CA ILE B 905 -39.36 -15.90 26.39
C ILE B 905 -40.78 -16.16 25.92
N PHE B 906 -41.36 -15.17 25.22
CA PHE B 906 -42.71 -15.31 24.70
C PHE B 906 -42.65 -16.26 23.51
N LEU B 907 -42.65 -17.56 23.85
CA LEU B 907 -42.28 -18.58 22.88
C LEU B 907 -43.17 -18.55 21.65
N ASP B 908 -44.37 -17.99 21.78
CA ASP B 908 -45.30 -17.94 20.65
C ASP B 908 -44.88 -16.93 19.60
N VAL B 909 -43.78 -16.18 19.82
CA VAL B 909 -43.34 -15.25 18.80
C VAL B 909 -42.62 -16.00 17.68
N PHE B 910 -42.09 -17.18 17.98
CA PHE B 910 -41.32 -17.93 16.98
C PHE B 910 -42.22 -18.58 15.94
N LEU B 911 -43.52 -18.68 16.19
CA LEU B 911 -44.37 -19.56 15.41
C LEU B 911 -44.33 -19.29 13.90
N PRO B 912 -44.51 -18.05 13.41
CA PRO B 912 -44.56 -17.85 11.95
C PRO B 912 -43.31 -18.34 11.24
N ARG B 913 -42.14 -17.92 11.73
CA ARG B 913 -40.90 -18.25 11.05
C ARG B 913 -40.62 -19.76 11.08
N VAL B 914 -40.86 -20.40 12.23
CA VAL B 914 -40.57 -21.83 12.32
C VAL B 914 -41.53 -22.61 11.45
N THR B 915 -42.80 -22.19 11.39
CA THR B 915 -43.72 -22.85 10.47
C THR B 915 -43.31 -22.64 9.01
N GLU B 916 -42.86 -21.44 8.66
CA GLU B 916 -42.43 -21.20 7.29
C GLU B 916 -41.26 -22.10 6.93
N LEU B 917 -40.31 -22.26 7.86
CA LEU B 917 -39.21 -23.19 7.64
C LEU B 917 -39.70 -24.62 7.50
N ALA B 918 -40.63 -25.03 8.37
CA ALA B 918 -41.12 -26.41 8.34
C ALA B 918 -41.87 -26.71 7.06
N LEU B 919 -42.44 -25.68 6.42
CA LEU B 919 -43.15 -25.91 5.16
C LEU B 919 -42.24 -25.79 3.93
N THR B 920 -41.41 -24.74 3.86
CA THR B 920 -40.76 -24.39 2.60
C THR B 920 -39.25 -24.22 2.69
N ALA B 921 -38.58 -24.86 3.66
CA ALA B 921 -37.12 -24.76 3.73
C ALA B 921 -36.49 -25.48 2.54
N SER B 922 -35.31 -24.99 2.13
CA SER B 922 -34.60 -25.51 0.97
C SER B 922 -33.51 -26.50 1.31
N ASP B 923 -33.40 -26.92 2.58
CA ASP B 923 -32.37 -27.87 2.97
C ASP B 923 -33.04 -28.99 3.76
N ARG B 924 -32.78 -30.24 3.36
CA ARG B 924 -33.45 -31.39 3.98
C ARG B 924 -33.07 -31.51 5.46
N GLN B 925 -31.80 -31.30 5.79
CA GLN B 925 -31.39 -31.39 7.18
C GLN B 925 -31.96 -30.22 7.98
N THR B 926 -31.94 -29.02 7.40
CA THR B 926 -32.67 -27.91 8.02
C THR B 926 -34.16 -28.22 8.09
N LYS B 927 -34.68 -28.92 7.08
CA LYS B 927 -36.09 -29.33 7.10
C LYS B 927 -36.40 -30.18 8.33
N VAL B 928 -35.57 -31.20 8.58
CA VAL B 928 -35.85 -32.11 9.68
C VAL B 928 -35.65 -31.42 11.01
N ALA B 929 -34.62 -30.57 11.12
CA ALA B 929 -34.42 -29.82 12.35
C ALA B 929 -35.62 -28.91 12.63
N ALA B 930 -36.09 -28.22 11.60
CA ALA B 930 -37.22 -27.31 11.78
C ALA B 930 -38.49 -28.05 12.16
N CYS B 931 -38.74 -29.21 11.53
CA CYS B 931 -39.98 -29.91 11.83
C CYS B 931 -39.93 -30.54 13.21
N GLU B 932 -38.74 -30.97 13.65
CA GLU B 932 -38.63 -31.45 15.02
C GLU B 932 -38.83 -30.31 16.02
N LEU B 933 -38.30 -29.13 15.71
CA LEU B 933 -38.57 -27.95 16.53
C LEU B 933 -40.06 -27.70 16.63
N LEU B 934 -40.74 -27.70 15.47
CA LEU B 934 -42.17 -27.44 15.45
C LEU B 934 -42.93 -28.50 16.23
N HIS B 935 -42.52 -29.77 16.11
CA HIS B 935 -43.14 -30.84 16.88
C HIS B 935 -43.01 -30.58 18.37
N SER B 936 -41.79 -30.36 18.85
CA SER B 936 -41.59 -30.16 20.28
C SER B 936 -42.36 -28.95 20.78
N MET B 937 -42.42 -27.90 19.95
CA MET B 937 -43.03 -26.65 20.38
C MET B 937 -44.56 -26.75 20.39
N VAL B 938 -45.14 -27.50 19.44
CA VAL B 938 -46.58 -27.74 19.51
C VAL B 938 -46.91 -28.64 20.68
N MET B 939 -46.02 -29.59 21.00
CA MET B 939 -46.23 -30.38 22.21
C MET B 939 -46.20 -29.47 23.43
N PHE B 940 -45.38 -28.42 23.36
CA PHE B 940 -45.31 -27.48 24.47
C PHE B 940 -46.61 -26.71 24.63
N MET B 941 -47.23 -26.28 23.52
CA MET B 941 -48.55 -25.67 23.66
C MET B 941 -49.55 -26.67 24.25
N LEU B 942 -49.50 -27.92 23.78
CA LEU B 942 -50.43 -28.91 24.29
C LEU B 942 -50.28 -29.09 25.79
N GLY B 943 -49.06 -29.11 26.28
CA GLY B 943 -48.81 -29.19 27.71
C GLY B 943 -49.22 -27.95 28.47
N LYS B 944 -48.88 -26.77 27.95
CA LYS B 944 -49.19 -25.51 28.62
C LYS B 944 -50.69 -25.23 28.61
N ALA B 945 -51.45 -25.90 27.75
CA ALA B 945 -52.89 -25.70 27.71
C ALA B 945 -53.53 -25.91 29.08
N THR B 946 -52.95 -26.76 29.92
CA THR B 946 -53.33 -26.87 31.31
C THR B 946 -52.25 -26.27 32.20
N GLN B 947 -52.65 -25.39 33.10
CA GLN B 947 -51.75 -24.83 34.10
C GLN B 947 -52.42 -24.73 35.47
N MET B 948 -53.42 -25.58 35.75
CA MET B 948 -54.25 -25.48 36.93
C MET B 948 -54.98 -24.13 36.97
N PRO B 949 -55.95 -23.91 36.07
CA PRO B 949 -56.61 -22.59 35.94
C PRO B 949 -57.52 -22.26 37.11
N GLU B 950 -56.93 -22.01 38.28
CA GLU B 950 -57.70 -21.71 39.48
C GLU B 950 -57.47 -20.29 40.00
N GLY B 951 -56.43 -19.61 39.54
CA GLY B 951 -56.25 -18.21 39.86
C GLY B 951 -56.88 -17.35 38.78
N GLY B 952 -56.07 -16.60 38.04
CA GLY B 952 -56.53 -16.05 36.78
C GLY B 952 -56.92 -17.22 35.89
N GLN B 953 -58.14 -17.22 35.37
CA GLN B 953 -58.72 -18.44 34.81
C GLN B 953 -58.02 -18.78 33.49
N GLY B 954 -56.94 -19.54 33.61
CA GLY B 954 -56.30 -20.16 32.48
C GLY B 954 -55.60 -19.18 31.55
N ALA B 955 -55.00 -19.76 30.52
CA ALA B 955 -54.34 -19.01 29.45
C ALA B 955 -54.80 -19.57 28.12
N PRO B 956 -56.07 -19.39 27.74
CA PRO B 956 -56.66 -20.20 26.66
C PRO B 956 -56.22 -19.73 25.28
N PRO B 957 -55.58 -20.60 24.50
CA PRO B 957 -55.37 -20.31 23.08
C PRO B 957 -56.49 -20.83 22.18
N MET B 958 -57.43 -21.61 22.70
CA MET B 958 -58.45 -22.25 21.87
C MET B 958 -59.32 -21.27 21.12
N TYR B 959 -59.18 -19.96 21.37
CA TYR B 959 -59.86 -18.95 20.59
C TYR B 959 -59.04 -18.52 19.38
N GLN B 960 -57.75 -18.27 19.56
CA GLN B 960 -56.97 -17.62 18.51
C GLN B 960 -55.85 -18.49 17.94
N LEU B 961 -54.96 -19.00 18.79
CA LEU B 961 -53.70 -19.56 18.30
C LEU B 961 -53.89 -20.93 17.66
N TYR B 962 -54.76 -21.76 18.25
CA TYR B 962 -55.01 -23.07 17.67
C TYR B 962 -55.62 -22.94 16.28
N LYS B 963 -56.46 -21.93 16.07
CA LYS B 963 -57.11 -21.71 14.78
C LYS B 963 -56.10 -21.59 13.65
N ARG B 964 -54.89 -21.10 13.94
CA ARG B 964 -53.87 -20.96 12.93
C ARG B 964 -52.72 -21.94 13.08
N THR B 965 -52.68 -22.71 14.16
CA THR B 965 -51.60 -23.71 14.25
C THR B 965 -52.07 -25.09 13.79
N PHE B 966 -53.36 -25.41 13.93
CA PHE B 966 -53.85 -26.68 13.39
C PHE B 966 -53.70 -26.81 11.88
N PRO B 967 -54.09 -25.83 11.06
CA PRO B 967 -53.87 -25.98 9.61
C PRO B 967 -52.41 -26.18 9.25
N VAL B 968 -51.49 -25.60 10.02
CA VAL B 968 -50.08 -25.90 9.83
C VAL B 968 -49.82 -27.39 10.01
N LEU B 969 -50.32 -27.96 11.12
CA LEU B 969 -50.10 -29.37 11.39
C LEU B 969 -50.69 -30.24 10.28
N LEU B 970 -51.89 -29.91 9.82
CA LEU B 970 -52.53 -30.73 8.80
C LEU B 970 -51.78 -30.65 7.47
N ARG B 971 -51.46 -29.44 7.02
CA ARG B 971 -50.83 -29.28 5.72
C ARG B 971 -49.45 -29.91 5.64
N LEU B 972 -48.65 -29.80 6.71
CA LEU B 972 -47.36 -30.48 6.72
C LEU B 972 -47.53 -31.99 6.75
N ALA B 973 -48.61 -32.48 7.35
CA ALA B 973 -48.86 -33.91 7.36
C ALA B 973 -49.05 -34.44 5.95
N CYS B 974 -48.44 -35.58 5.68
CA CYS B 974 -48.37 -36.15 4.33
C CYS B 974 -47.76 -35.19 3.33
N ASP B 975 -46.75 -34.44 3.74
CA ASP B 975 -45.82 -33.87 2.78
C ASP B 975 -45.03 -35.03 2.17
N VAL B 976 -44.49 -34.81 0.97
CA VAL B 976 -43.82 -35.93 0.32
C VAL B 976 -42.41 -36.05 0.90
N ASP B 977 -42.34 -36.70 2.05
CA ASP B 977 -41.08 -36.98 2.74
C ASP B 977 -41.42 -38.04 3.78
N GLN B 978 -40.82 -39.23 3.65
CA GLN B 978 -41.22 -40.34 4.51
C GLN B 978 -40.99 -40.03 5.97
N VAL B 979 -39.84 -39.43 6.29
CA VAL B 979 -39.47 -39.22 7.69
C VAL B 979 -40.42 -38.22 8.35
N THR B 980 -40.68 -37.09 7.69
CA THR B 980 -41.55 -36.09 8.28
C THR B 980 -42.97 -36.62 8.43
N ARG B 981 -43.48 -37.29 7.39
CA ARG B 981 -44.82 -37.84 7.42
C ARG B 981 -44.98 -38.83 8.56
N GLN B 982 -43.98 -39.71 8.72
CA GLN B 982 -44.08 -40.74 9.75
C GLN B 982 -43.88 -40.16 11.15
N LEU B 983 -43.12 -39.07 11.26
CA LEU B 983 -42.97 -38.44 12.57
C LEU B 983 -44.21 -37.63 12.94
N TYR B 984 -44.99 -37.21 11.94
CA TYR B 984 -46.06 -36.27 12.24
C TYR B 984 -47.44 -36.93 12.30
N GLU B 985 -47.68 -37.95 11.48
CA GLU B 985 -49.01 -38.58 11.48
C GLU B 985 -49.39 -39.20 12.83
N PRO B 986 -48.48 -39.81 13.60
CA PRO B 986 -48.88 -40.22 14.95
C PRO B 986 -49.31 -39.04 15.80
N LEU B 987 -48.70 -37.87 15.58
CA LEU B 987 -49.10 -36.68 16.32
C LEU B 987 -50.52 -36.26 15.98
N VAL B 988 -50.87 -36.24 14.70
CA VAL B 988 -52.23 -35.83 14.35
C VAL B 988 -53.23 -36.86 14.87
N MET B 989 -52.85 -38.15 14.82
CA MET B 989 -53.73 -39.18 15.35
C MET B 989 -53.92 -39.00 16.85
N GLN B 990 -52.85 -38.71 17.58
CA GLN B 990 -52.96 -38.55 19.03
C GLN B 990 -53.75 -37.30 19.39
N LEU B 991 -53.54 -36.20 18.66
CA LEU B 991 -54.27 -34.98 18.99
C LEU B 991 -55.76 -35.15 18.71
N ILE B 992 -56.11 -35.82 17.61
CA ILE B 992 -57.53 -36.02 17.33
C ILE B 992 -58.13 -37.00 18.34
N HIS B 993 -57.39 -38.05 18.68
CA HIS B 993 -57.77 -39.02 19.69
C HIS B 993 -57.53 -38.50 21.11
N TRP B 994 -57.25 -37.22 21.25
CA TRP B 994 -57.29 -36.55 22.55
C TRP B 994 -58.47 -35.59 22.61
N PHE B 995 -58.60 -34.70 21.61
CA PHE B 995 -59.72 -33.76 21.62
C PHE B 995 -61.05 -34.47 21.41
N THR B 996 -61.04 -35.71 20.92
CA THR B 996 -62.30 -36.45 20.81
C THR B 996 -62.60 -37.25 22.07
N ASN B 997 -61.60 -37.70 22.79
CA ASN B 997 -61.77 -38.62 23.91
C ASN B 997 -61.89 -37.94 25.26
N ASN B 998 -61.27 -36.77 25.44
CA ASN B 998 -61.39 -36.08 26.72
C ASN B 998 -62.85 -35.73 26.98
N LYS B 999 -63.26 -35.89 28.25
CA LYS B 999 -64.67 -35.77 28.60
C LYS B 999 -65.23 -34.38 28.27
N LYS B 1000 -64.41 -33.34 28.41
CA LYS B 1000 -64.88 -32.00 28.11
C LYS B 1000 -65.20 -31.86 26.63
N PHE B 1001 -66.40 -31.36 26.33
CA PHE B 1001 -66.93 -31.29 24.97
C PHE B 1001 -67.36 -29.88 24.62
N GLU B 1002 -67.64 -29.06 25.63
CA GLU B 1002 -68.26 -27.76 25.42
C GLU B 1002 -67.33 -26.75 24.79
N SER B 1003 -66.03 -26.95 24.87
CA SER B 1003 -65.08 -25.95 24.37
C SER B 1003 -65.16 -25.83 22.85
N GLN B 1004 -64.89 -24.63 22.36
CA GLN B 1004 -64.99 -24.37 20.92
C GLN B 1004 -63.85 -25.00 20.15
N ASP B 1005 -62.83 -25.49 20.84
CA ASP B 1005 -61.63 -26.02 20.20
C ASP B 1005 -61.91 -27.20 19.26
N THR B 1006 -62.77 -28.12 19.68
CA THR B 1006 -63.16 -29.19 18.77
C THR B 1006 -63.86 -28.65 17.53
N VAL B 1007 -64.73 -27.66 17.71
CA VAL B 1007 -65.38 -27.03 16.56
C VAL B 1007 -64.34 -26.42 15.64
N ALA B 1008 -63.35 -25.73 16.22
CA ALA B 1008 -62.28 -25.11 15.45
C ALA B 1008 -61.46 -26.14 14.67
N LEU B 1009 -61.11 -27.27 15.28
CA LEU B 1009 -60.31 -28.26 14.57
C LEU B 1009 -61.13 -28.96 13.50
N LEU B 1010 -62.43 -29.19 13.75
CA LEU B 1010 -63.29 -29.74 12.72
C LEU B 1010 -63.40 -28.79 11.53
N GLU B 1011 -63.55 -27.50 11.82
CA GLU B 1011 -63.60 -26.51 10.74
C GLU B 1011 -62.28 -26.48 9.97
N ALA B 1012 -61.16 -26.60 10.67
CA ALA B 1012 -59.87 -26.67 10.00
C ALA B 1012 -59.77 -27.90 9.11
N ILE B 1013 -60.26 -29.05 9.60
CA ILE B 1013 -60.26 -30.27 8.78
C ILE B 1013 -61.07 -30.06 7.51
N LEU B 1014 -62.28 -29.52 7.66
CA LEU B 1014 -63.13 -29.32 6.48
C LEU B 1014 -62.51 -28.29 5.53
N ASP B 1015 -61.87 -27.26 6.07
CA ASP B 1015 -61.17 -26.29 5.23
C ASP B 1015 -60.03 -26.93 4.47
N GLY B 1016 -59.29 -27.83 5.11
CA GLY B 1016 -58.30 -28.60 4.37
C GLY B 1016 -58.92 -29.47 3.31
N ILE B 1017 -60.11 -30.01 3.59
CA ILE B 1017 -60.81 -30.82 2.60
C ILE B 1017 -61.19 -30.00 1.37
N VAL B 1018 -61.71 -28.78 1.56
CA VAL B 1018 -62.10 -27.98 0.40
C VAL B 1018 -60.88 -27.41 -0.32
N ASP B 1019 -59.73 -27.34 0.35
CA ASP B 1019 -58.50 -26.76 -0.18
C ASP B 1019 -58.15 -27.36 -1.54
N PRO B 1020 -58.19 -26.58 -2.62
CA PRO B 1020 -58.01 -27.14 -3.96
C PRO B 1020 -56.57 -27.23 -4.43
N VAL B 1021 -55.61 -27.04 -3.53
CA VAL B 1021 -54.22 -26.98 -3.97
C VAL B 1021 -53.61 -28.37 -4.12
N ASP B 1022 -54.03 -29.34 -3.31
CA ASP B 1022 -53.39 -30.66 -3.33
C ASP B 1022 -54.39 -31.80 -3.21
N SER B 1023 -54.26 -32.80 -4.08
CA SER B 1023 -55.13 -33.96 -4.00
C SER B 1023 -54.85 -34.81 -2.77
N THR B 1024 -53.58 -35.04 -2.46
CA THR B 1024 -53.24 -35.89 -1.33
C THR B 1024 -53.73 -35.30 -0.02
N LEU B 1025 -53.75 -33.97 0.10
CA LEU B 1025 -54.28 -33.35 1.31
C LEU B 1025 -55.77 -33.64 1.47
N ARG B 1026 -56.52 -33.63 0.36
CA ARG B 1026 -57.96 -33.89 0.46
C ARG B 1026 -58.23 -35.28 1.01
N ASP B 1027 -57.59 -36.30 0.44
CA ASP B 1027 -57.79 -37.66 0.92
C ASP B 1027 -57.17 -37.90 2.29
N PHE B 1028 -56.09 -37.20 2.64
CA PHE B 1028 -55.57 -37.31 4.00
C PHE B 1028 -56.55 -36.74 5.01
N CYS B 1029 -57.19 -35.61 4.68
CA CYS B 1029 -58.23 -35.10 5.54
C CYS B 1029 -59.43 -36.04 5.59
N GLY B 1030 -59.68 -36.77 4.50
CA GLY B 1030 -60.69 -37.82 4.55
C GLY B 1030 -60.33 -38.91 5.54
N ARG B 1031 -59.07 -39.33 5.52
CA ARG B 1031 -58.57 -40.27 6.54
C ARG B 1031 -58.76 -39.69 7.94
N CYS B 1032 -58.46 -38.40 8.10
CA CYS B 1032 -58.58 -37.76 9.40
C CYS B 1032 -60.02 -37.77 9.89
N ILE B 1033 -60.97 -37.47 9.01
CA ILE B 1033 -62.38 -37.45 9.43
C ILE B 1033 -62.88 -38.86 9.68
N ARG B 1034 -62.34 -39.85 8.94
CA ARG B 1034 -62.67 -41.24 9.22
C ARG B 1034 -62.27 -41.60 10.64
N GLU B 1035 -61.02 -41.34 11.01
CA GLU B 1035 -60.56 -41.64 12.36
C GLU B 1035 -61.34 -40.84 13.39
N PHE B 1036 -61.61 -39.56 13.09
CA PHE B 1036 -62.43 -38.72 13.95
C PHE B 1036 -63.74 -39.40 14.29
N LEU B 1037 -64.56 -39.68 13.28
CA LEU B 1037 -65.88 -40.25 13.56
C LEU B 1037 -65.76 -41.61 14.21
N LYS B 1038 -64.81 -42.44 13.76
CA LYS B 1038 -64.71 -43.80 14.26
C LYS B 1038 -64.45 -43.80 15.77
N TRP B 1039 -63.39 -43.12 16.21
CA TRP B 1039 -63.17 -43.15 17.65
C TRP B 1039 -64.00 -42.14 18.43
N SER B 1040 -64.64 -41.18 17.78
CA SER B 1040 -65.61 -40.35 18.48
C SER B 1040 -66.83 -41.17 18.87
N ILE B 1041 -67.32 -42.01 17.95
CA ILE B 1041 -68.48 -42.84 18.26
C ILE B 1041 -68.08 -44.03 19.12
N LYS B 1042 -66.83 -44.47 19.02
CA LYS B 1042 -66.38 -45.53 19.92
C LYS B 1042 -66.09 -45.00 21.31
N GLN B 1043 -65.91 -43.68 21.45
CA GLN B 1043 -65.67 -43.06 22.74
C GLN B 1043 -66.96 -42.70 23.48
N ILE B 1044 -68.08 -42.53 22.76
CA ILE B 1044 -69.27 -41.92 23.33
C ILE B 1044 -69.62 -42.54 24.67
N THR B 1045 -69.98 -41.69 25.63
CA THR B 1045 -70.58 -42.18 26.86
C THR B 1045 -72.04 -42.46 26.54
N PRO B 1046 -72.46 -43.73 26.56
CA PRO B 1046 -73.75 -44.07 25.92
C PRO B 1046 -74.97 -43.73 26.76
N GLN B 1047 -74.83 -43.68 28.10
CA GLN B 1047 -76.02 -43.64 28.94
C GLN B 1047 -76.83 -42.35 28.78
N GLN B 1048 -76.18 -41.20 28.68
CA GLN B 1048 -76.92 -39.94 28.60
C GLN B 1048 -77.49 -39.78 27.21
N GLN B 1049 -78.81 -39.56 27.13
CA GLN B 1049 -79.49 -39.30 25.87
C GLN B 1049 -79.81 -37.82 25.69
N GLU B 1050 -80.34 -37.19 26.74
CA GLU B 1050 -80.49 -35.74 26.78
C GLU B 1050 -79.27 -35.17 27.49
N LYS B 1051 -78.52 -34.32 26.80
CA LYS B 1051 -77.18 -34.00 27.24
C LYS B 1051 -76.78 -32.61 26.78
N SER B 1052 -75.81 -32.03 27.48
CA SER B 1052 -75.14 -30.82 27.04
C SER B 1052 -74.36 -31.05 25.74
N PRO B 1053 -73.61 -32.16 25.58
CA PRO B 1053 -72.88 -32.37 24.33
C PRO B 1053 -73.77 -32.74 23.15
N VAL B 1054 -74.34 -31.72 22.51
CA VAL B 1054 -75.18 -31.95 21.34
C VAL B 1054 -74.33 -32.20 20.10
N ASN B 1055 -73.02 -32.00 20.20
CA ASN B 1055 -72.15 -31.88 19.03
C ASN B 1055 -71.88 -33.21 18.32
N THR B 1056 -72.47 -34.32 18.76
CA THR B 1056 -72.41 -35.53 17.94
C THR B 1056 -73.17 -35.34 16.64
N LYS B 1057 -74.24 -34.54 16.69
CA LYS B 1057 -75.01 -34.19 15.50
C LYS B 1057 -74.33 -33.11 14.67
N SER B 1058 -73.29 -32.48 15.22
CA SER B 1058 -72.82 -31.20 14.68
C SER B 1058 -72.19 -31.34 13.30
N LEU B 1059 -71.26 -32.30 13.14
CA LEU B 1059 -70.49 -32.41 11.91
C LEU B 1059 -71.42 -32.62 10.72
N PHE B 1060 -72.55 -33.27 10.96
CA PHE B 1060 -73.42 -33.65 9.87
C PHE B 1060 -73.97 -32.42 9.15
N LYS B 1061 -74.54 -31.48 9.88
CA LYS B 1061 -75.25 -30.38 9.22
C LYS B 1061 -74.28 -29.49 8.44
N ARG B 1062 -73.09 -29.27 8.97
CA ARG B 1062 -72.10 -28.51 8.22
C ARG B 1062 -71.59 -29.31 7.02
N LEU B 1063 -71.57 -30.65 7.10
CA LEU B 1063 -71.32 -31.44 5.91
C LEU B 1063 -72.41 -31.24 4.86
N TYR B 1064 -73.67 -31.25 5.30
CA TYR B 1064 -74.78 -31.12 4.36
C TYR B 1064 -74.70 -29.77 3.67
N SER B 1065 -74.35 -28.74 4.45
CA SER B 1065 -74.09 -27.41 3.92
C SER B 1065 -72.98 -27.40 2.89
N LEU B 1066 -71.83 -27.99 3.23
CA LEU B 1066 -70.73 -28.06 2.28
C LEU B 1066 -71.14 -28.74 1.00
N ALA B 1067 -72.04 -29.71 1.08
CA ALA B 1067 -72.62 -30.33 -0.11
C ALA B 1067 -73.47 -29.33 -0.89
N LEU B 1068 -74.38 -28.65 -0.20
CA LEU B 1068 -75.33 -27.77 -0.86
C LEU B 1068 -74.70 -26.41 -1.12
N HIS B 1069 -73.58 -26.39 -1.83
CA HIS B 1069 -72.86 -25.17 -2.09
C HIS B 1069 -72.43 -25.13 -3.55
N PRO B 1070 -72.73 -24.04 -4.28
CA PRO B 1070 -72.48 -24.02 -5.73
C PRO B 1070 -71.02 -24.19 -6.13
N ASN B 1071 -70.06 -23.78 -5.31
CA ASN B 1071 -68.66 -23.93 -5.66
C ASN B 1071 -68.33 -25.42 -5.84
N ALA B 1072 -67.63 -25.74 -6.93
CA ALA B 1072 -67.35 -27.13 -7.25
C ALA B 1072 -66.55 -27.80 -6.15
N PHE B 1073 -65.53 -27.12 -5.65
CA PHE B 1073 -64.59 -27.74 -4.72
C PHE B 1073 -65.24 -27.95 -3.36
N LYS B 1074 -66.19 -27.11 -2.98
CA LYS B 1074 -66.87 -27.26 -1.69
C LYS B 1074 -67.62 -28.59 -1.62
N ARG B 1075 -68.48 -28.85 -2.60
CA ARG B 1075 -69.21 -30.12 -2.57
C ARG B 1075 -68.32 -31.28 -2.98
N LEU B 1076 -67.25 -31.00 -3.73
CA LEU B 1076 -66.24 -32.03 -3.94
C LEU B 1076 -65.70 -32.54 -2.62
N GLY B 1077 -65.28 -31.62 -1.75
CA GLY B 1077 -64.78 -32.02 -0.45
C GLY B 1077 -65.84 -32.66 0.41
N ALA B 1078 -67.07 -32.12 0.37
CA ALA B 1078 -68.16 -32.71 1.15
C ALA B 1078 -68.38 -34.16 0.76
N SER B 1079 -68.53 -34.43 -0.54
CA SER B 1079 -68.76 -35.79 -1.01
C SER B 1079 -67.55 -36.69 -0.70
N LEU B 1080 -66.34 -36.16 -0.89
CA LEU B 1080 -65.15 -36.97 -0.64
C LEU B 1080 -65.05 -37.39 0.82
N ALA B 1081 -65.31 -36.47 1.74
CA ALA B 1081 -65.33 -36.82 3.15
C ALA B 1081 -66.47 -37.78 3.45
N PHE B 1082 -67.61 -37.59 2.78
CA PHE B 1082 -68.78 -38.45 3.00
C PHE B 1082 -68.48 -39.88 2.55
N ASN B 1083 -67.61 -40.05 1.57
CA ASN B 1083 -67.26 -41.33 0.98
C ASN B 1083 -66.36 -42.17 1.90
N ASN B 1084 -65.84 -41.58 2.97
CA ASN B 1084 -64.92 -42.28 3.86
C ASN B 1084 -65.48 -42.49 5.25
N ILE B 1085 -66.78 -42.75 5.37
CA ILE B 1085 -67.42 -42.84 6.68
C ILE B 1085 -67.96 -44.24 6.98
N TYR B 1086 -68.26 -45.02 5.96
CA TYR B 1086 -69.17 -46.15 6.04
C TYR B 1086 -68.58 -47.41 6.67
N ARG B 1087 -67.27 -47.63 6.58
CA ARG B 1087 -66.73 -48.99 6.67
C ARG B 1087 -67.12 -49.67 7.97
N GLU B 1088 -66.85 -49.02 9.11
CA GLU B 1088 -67.36 -49.53 10.37
C GLU B 1088 -68.67 -48.88 10.78
N PHE B 1089 -69.08 -47.84 10.06
CA PHE B 1089 -70.39 -47.22 10.28
C PHE B 1089 -71.50 -48.24 10.06
N ARG B 1090 -71.31 -49.15 9.11
CA ARG B 1090 -72.31 -50.11 8.66
C ARG B 1090 -72.85 -51.00 9.77
N GLU B 1091 -71.96 -51.58 10.57
CA GLU B 1091 -72.29 -52.76 11.35
C GLU B 1091 -73.01 -52.47 12.65
N GLU B 1092 -72.67 -51.39 13.35
CA GLU B 1092 -73.14 -51.21 14.72
C GLU B 1092 -73.85 -49.88 15.00
N GLU B 1093 -73.86 -48.93 14.08
CA GLU B 1093 -74.41 -47.60 14.33
C GLU B 1093 -75.83 -47.44 13.78
N SER B 1094 -76.67 -48.47 13.91
CA SER B 1094 -77.99 -48.46 13.29
C SER B 1094 -78.88 -47.37 13.86
N LEU B 1095 -78.54 -46.81 15.03
CA LEU B 1095 -79.35 -45.72 15.57
C LEU B 1095 -79.22 -44.45 14.73
N VAL B 1096 -78.06 -44.22 14.13
CA VAL B 1096 -77.84 -42.98 13.38
C VAL B 1096 -78.01 -43.18 11.89
N GLU B 1097 -78.53 -44.34 11.46
CA GLU B 1097 -78.68 -44.59 10.03
C GLU B 1097 -79.67 -43.64 9.36
N GLN B 1098 -80.58 -43.04 10.12
CA GLN B 1098 -81.56 -42.13 9.52
C GLN B 1098 -80.88 -40.91 8.92
N PHE B 1099 -79.87 -40.36 9.58
CA PHE B 1099 -79.25 -39.13 9.11
C PHE B 1099 -78.48 -39.36 7.81
N VAL B 1100 -77.73 -40.46 7.72
CA VAL B 1100 -77.03 -40.76 6.46
C VAL B 1100 -78.00 -41.23 5.39
N PHE B 1101 -79.10 -41.87 5.81
CA PHE B 1101 -80.21 -42.19 4.91
C PHE B 1101 -80.73 -40.93 4.23
N GLU B 1102 -80.88 -39.87 5.01
CA GLU B 1102 -81.28 -38.57 4.49
C GLU B 1102 -80.17 -37.95 3.65
N ALA B 1103 -78.93 -38.13 4.10
CA ALA B 1103 -77.78 -37.57 3.42
C ALA B 1103 -77.68 -38.09 2.00
N LEU B 1104 -77.94 -39.38 1.80
CA LEU B 1104 -77.77 -39.96 0.47
C LEU B 1104 -78.66 -39.25 -0.55
N VAL B 1105 -79.94 -39.06 -0.20
CA VAL B 1105 -80.84 -38.42 -1.14
C VAL B 1105 -80.51 -36.96 -1.33
N ILE B 1106 -80.16 -36.23 -0.26
CA ILE B 1106 -79.92 -34.80 -0.46
C ILE B 1106 -78.52 -34.55 -1.02
N TYR B 1107 -77.65 -35.56 -0.99
CA TYR B 1107 -76.45 -35.53 -1.81
C TYR B 1107 -76.77 -35.74 -3.28
N MET B 1108 -77.70 -36.66 -3.60
CA MET B 1108 -78.16 -36.70 -4.98
C MET B 1108 -78.69 -35.34 -5.41
N GLU B 1109 -79.39 -34.65 -4.50
CA GLU B 1109 -79.75 -33.26 -4.76
C GLU B 1109 -78.52 -32.39 -4.96
N SER B 1110 -77.50 -32.56 -4.11
CA SER B 1110 -76.27 -31.81 -4.30
C SER B 1110 -75.60 -32.14 -5.61
N LEU B 1111 -75.54 -33.42 -5.97
CA LEU B 1111 -75.01 -33.81 -7.27
C LEU B 1111 -75.99 -33.54 -8.40
N ALA B 1112 -77.26 -33.30 -8.09
CA ALA B 1112 -78.14 -32.66 -9.06
C ALA B 1112 -77.68 -31.23 -9.34
N LEU B 1113 -77.27 -30.52 -8.29
CA LEU B 1113 -76.65 -29.21 -8.46
C LEU B 1113 -75.30 -29.32 -9.12
N ALA B 1114 -74.73 -30.53 -9.19
CA ALA B 1114 -73.39 -30.72 -9.75
C ALA B 1114 -73.35 -30.68 -11.27
N HIS B 1115 -74.40 -30.20 -11.93
CA HIS B 1115 -74.26 -29.78 -13.32
C HIS B 1115 -74.47 -28.30 -13.51
N ALA B 1116 -75.26 -27.66 -12.64
CA ALA B 1116 -75.36 -26.21 -12.66
C ALA B 1116 -74.04 -25.60 -12.21
N ASP B 1117 -73.55 -24.62 -12.98
CA ASP B 1117 -72.26 -23.98 -12.72
C ASP B 1117 -71.12 -24.98 -12.73
N GLU B 1118 -71.27 -26.06 -13.49
CA GLU B 1118 -70.32 -27.17 -13.41
C GLU B 1118 -69.23 -27.04 -14.46
N LYS B 1119 -68.01 -27.39 -14.05
CA LYS B 1119 -66.90 -27.60 -14.96
C LYS B 1119 -66.59 -29.10 -15.00
N SER B 1120 -65.99 -29.55 -16.10
CA SER B 1120 -65.85 -30.97 -16.32
C SER B 1120 -64.70 -31.56 -15.50
N LEU B 1121 -64.75 -31.37 -14.18
CA LEU B 1121 -63.82 -32.03 -13.26
C LEU B 1121 -64.38 -33.42 -12.98
N GLY B 1122 -63.71 -34.43 -13.54
CA GLY B 1122 -64.24 -35.79 -13.45
C GLY B 1122 -64.38 -36.29 -12.02
N THR B 1123 -63.71 -35.62 -11.07
CA THR B 1123 -63.83 -35.98 -9.67
C THR B 1123 -65.24 -35.74 -9.14
N ILE B 1124 -65.89 -34.66 -9.58
CA ILE B 1124 -67.22 -34.32 -9.08
C ILE B 1124 -68.20 -35.44 -9.36
N GLN B 1125 -68.39 -35.78 -10.63
CA GLN B 1125 -69.42 -36.74 -11.02
C GLN B 1125 -69.06 -38.14 -10.58
N GLN B 1126 -67.78 -38.49 -10.61
CA GLN B 1126 -67.38 -39.85 -10.25
C GLN B 1126 -67.76 -40.17 -8.81
N CYS B 1127 -67.68 -39.17 -7.92
CA CYS B 1127 -68.07 -39.39 -6.53
C CYS B 1127 -69.57 -39.59 -6.35
N CYS B 1128 -70.35 -39.64 -7.45
CA CYS B 1128 -71.73 -40.06 -7.32
C CYS B 1128 -71.84 -41.54 -6.95
N ASP B 1129 -70.74 -42.28 -7.03
CA ASP B 1129 -70.76 -43.68 -6.65
C ASP B 1129 -71.09 -43.85 -5.17
N ALA B 1130 -70.89 -42.81 -4.37
CA ALA B 1130 -71.23 -42.88 -2.96
C ALA B 1130 -72.72 -43.16 -2.76
N ILE B 1131 -73.57 -42.64 -3.64
CA ILE B 1131 -75.00 -42.87 -3.51
C ILE B 1131 -75.31 -44.35 -3.62
N ASP B 1132 -74.98 -44.96 -4.77
CA ASP B 1132 -75.20 -46.40 -4.94
C ASP B 1132 -74.48 -47.20 -3.86
N HIS B 1133 -73.33 -46.70 -3.42
CA HIS B 1133 -72.56 -47.32 -2.35
C HIS B 1133 -73.40 -47.48 -1.09
N LEU B 1134 -73.88 -46.38 -0.54
CA LEU B 1134 -74.68 -46.48 0.68
C LEU B 1134 -76.06 -47.06 0.41
N CYS B 1135 -76.52 -47.02 -0.84
CA CYS B 1135 -77.73 -47.77 -1.17
C CYS B 1135 -77.52 -49.26 -0.99
N ARG B 1136 -76.29 -49.74 -1.23
CA ARG B 1136 -75.98 -51.13 -0.91
C ARG B 1136 -76.26 -51.43 0.56
N ILE B 1137 -75.83 -50.54 1.46
CA ILE B 1137 -76.17 -50.67 2.88
C ILE B 1137 -77.68 -50.60 3.08
N ILE B 1138 -78.36 -49.74 2.31
CA ILE B 1138 -79.81 -49.63 2.42
C ILE B 1138 -80.47 -50.97 2.13
N GLU B 1139 -80.07 -51.65 1.05
CA GLU B 1139 -80.67 -52.95 0.78
C GLU B 1139 -80.23 -53.99 1.80
N LYS B 1140 -78.99 -53.88 2.29
CA LYS B 1140 -78.48 -54.87 3.24
C LYS B 1140 -79.38 -54.97 4.47
N LYS B 1141 -79.68 -53.83 5.10
CA LYS B 1141 -80.55 -53.79 6.26
C LYS B 1141 -81.88 -53.12 5.91
N HIS B 1142 -82.38 -53.39 4.71
CA HIS B 1142 -83.73 -52.97 4.34
C HIS B 1142 -84.77 -53.63 5.21
N VAL B 1143 -84.44 -54.78 5.83
CA VAL B 1143 -85.39 -55.51 6.64
C VAL B 1143 -85.88 -54.69 7.83
N SER B 1144 -85.05 -53.78 8.34
CA SER B 1144 -85.42 -52.98 9.51
C SER B 1144 -86.16 -51.71 9.14
N LEU B 1145 -86.19 -51.33 7.86
CA LEU B 1145 -86.79 -50.07 7.44
C LEU B 1145 -88.24 -50.27 6.99
N ASN B 1146 -88.90 -51.27 7.54
CA ASN B 1146 -90.35 -51.44 7.39
C ASN B 1146 -91.10 -50.96 8.61
N LYS B 1147 -90.70 -51.39 9.80
CA LYS B 1147 -91.20 -50.85 11.06
C LYS B 1147 -90.29 -51.32 12.18
N ALA B 1148 -89.83 -50.36 12.99
CA ALA B 1148 -88.96 -50.68 14.11
C ALA B 1148 -89.24 -49.87 15.36
N LYS B 1149 -90.44 -49.30 15.52
CA LYS B 1149 -90.78 -48.39 16.61
C LYS B 1149 -89.91 -47.13 16.60
N LYS B 1150 -89.21 -46.87 15.51
CA LYS B 1150 -88.52 -45.61 15.30
C LYS B 1150 -89.29 -44.76 14.29
N ARG B 1151 -89.36 -43.45 14.54
CA ARG B 1151 -90.24 -42.62 13.73
C ARG B 1151 -89.55 -41.43 13.05
N ARG B 1152 -88.62 -40.79 13.75
CA ARG B 1152 -88.15 -39.46 13.34
C ARG B 1152 -87.62 -39.46 11.92
N LEU B 1153 -88.09 -38.49 11.13
CA LEU B 1153 -87.79 -38.38 9.70
C LEU B 1153 -87.62 -36.91 9.34
N PRO B 1154 -86.42 -36.35 9.53
CA PRO B 1154 -86.24 -34.91 9.36
C PRO B 1154 -86.41 -34.40 7.93
N ARG B 1155 -86.72 -35.29 6.97
CA ARG B 1155 -86.73 -34.90 5.56
C ARG B 1155 -87.78 -33.83 5.28
N GLY B 1156 -89.04 -34.06 5.68
CA GLY B 1156 -90.02 -33.00 5.80
C GLY B 1156 -90.46 -32.29 4.53
N PHE B 1157 -89.80 -32.53 3.39
CA PHE B 1157 -90.26 -31.89 2.15
C PHE B 1157 -91.71 -32.20 1.83
N PRO B 1158 -92.21 -33.43 1.96
CA PRO B 1158 -93.63 -33.62 2.25
C PRO B 1158 -93.88 -33.46 3.75
N PRO B 1159 -95.05 -32.97 4.14
CA PRO B 1159 -95.30 -32.70 5.56
C PRO B 1159 -95.02 -33.89 6.46
N SER B 1160 -94.84 -33.59 7.75
CA SER B 1160 -94.37 -34.55 8.75
C SER B 1160 -95.06 -35.90 8.63
N ALA B 1161 -94.26 -36.97 8.68
CA ALA B 1161 -94.74 -38.32 8.45
C ALA B 1161 -93.98 -39.26 9.38
N SER B 1162 -94.10 -40.57 9.12
CA SER B 1162 -93.44 -41.59 9.93
C SER B 1162 -92.65 -42.51 9.01
N LEU B 1163 -91.76 -43.29 9.62
CA LEU B 1163 -90.80 -44.10 8.86
C LEU B 1163 -91.39 -45.32 8.18
N CYS B 1164 -91.07 -45.49 6.90
CA CYS B 1164 -91.22 -46.73 6.14
C CYS B 1164 -90.59 -46.48 4.77
N LEU B 1165 -90.20 -47.58 4.10
CA LEU B 1165 -89.40 -47.46 2.89
C LEU B 1165 -90.16 -46.80 1.74
N LEU B 1166 -91.47 -47.03 1.65
CA LEU B 1166 -92.21 -46.62 0.47
C LEU B 1166 -92.16 -45.11 0.24
N ASP B 1167 -91.85 -44.34 1.30
CA ASP B 1167 -91.76 -42.89 1.14
C ASP B 1167 -90.65 -42.51 0.16
N LEU B 1168 -89.49 -43.16 0.26
CA LEU B 1168 -88.39 -42.85 -0.64
C LEU B 1168 -88.69 -43.33 -2.06
N VAL B 1169 -89.42 -44.44 -2.18
CA VAL B 1169 -89.81 -44.91 -3.51
C VAL B 1169 -90.69 -43.86 -4.20
N LYS B 1170 -91.72 -43.39 -3.49
CA LYS B 1170 -92.54 -42.34 -4.08
C LYS B 1170 -91.80 -41.02 -4.21
N TRP B 1171 -90.77 -40.79 -3.40
CA TRP B 1171 -89.93 -39.60 -3.58
C TRP B 1171 -89.18 -39.66 -4.91
N LEU B 1172 -88.57 -40.81 -5.20
CA LEU B 1172 -87.92 -40.99 -6.48
C LEU B 1172 -88.92 -40.85 -7.62
N LEU B 1173 -90.12 -41.41 -7.44
CA LEU B 1173 -91.18 -41.19 -8.42
C LEU B 1173 -91.42 -39.70 -8.66
N ALA B 1174 -91.59 -38.94 -7.56
CA ALA B 1174 -91.96 -37.53 -7.69
C ALA B 1174 -90.82 -36.71 -8.27
N HIS B 1175 -89.57 -37.06 -7.95
CA HIS B 1175 -88.43 -36.28 -8.38
C HIS B 1175 -87.69 -36.90 -9.56
N CYS B 1176 -88.39 -37.55 -10.48
CA CYS B 1176 -87.75 -37.92 -11.74
C CYS B 1176 -87.51 -36.70 -12.62
N GLY B 1177 -88.25 -35.62 -12.39
CA GLY B 1177 -88.19 -34.45 -13.24
C GLY B 1177 -87.02 -33.53 -12.98
N ARG B 1178 -85.94 -34.04 -12.42
CA ARG B 1178 -84.77 -33.21 -12.19
C ARG B 1178 -84.16 -32.82 -13.52
N PRO B 1179 -84.03 -31.52 -13.83
CA PRO B 1179 -83.60 -31.12 -15.18
C PRO B 1179 -82.13 -31.39 -15.48
N GLN B 1180 -81.43 -32.15 -14.65
CA GLN B 1180 -79.99 -32.31 -14.80
C GLN B 1180 -79.66 -33.78 -15.03
N THR B 1181 -78.68 -34.04 -15.91
CA THR B 1181 -78.55 -35.37 -16.53
C THR B 1181 -78.10 -36.44 -15.53
N GLU B 1182 -77.09 -36.14 -14.72
CA GLU B 1182 -76.54 -37.17 -13.84
C GLU B 1182 -77.60 -37.69 -12.88
N CYS B 1183 -78.30 -36.79 -12.19
CA CYS B 1183 -79.40 -37.22 -11.33
C CYS B 1183 -80.54 -37.78 -12.16
N ARG B 1184 -80.76 -37.23 -13.36
CA ARG B 1184 -81.79 -37.74 -14.26
C ARG B 1184 -81.63 -39.22 -14.52
N HIS B 1185 -80.39 -39.72 -14.57
CA HIS B 1185 -80.19 -41.16 -14.62
C HIS B 1185 -80.27 -41.77 -13.22
N LYS B 1186 -79.44 -41.28 -12.30
CA LYS B 1186 -79.26 -41.97 -11.03
C LYS B 1186 -80.60 -42.25 -10.35
N SER B 1187 -81.54 -41.30 -10.43
CA SER B 1187 -82.85 -41.50 -9.85
C SER B 1187 -83.54 -42.72 -10.45
N ILE B 1188 -83.49 -42.85 -11.79
CA ILE B 1188 -84.26 -43.91 -12.44
C ILE B 1188 -83.65 -45.28 -12.16
N GLU B 1189 -82.32 -45.43 -12.31
CA GLU B 1189 -81.81 -46.78 -12.02
C GLU B 1189 -81.84 -47.09 -10.53
N LEU B 1190 -81.77 -46.06 -9.68
CA LEU B 1190 -81.88 -46.31 -8.25
C LEU B 1190 -83.30 -46.72 -7.88
N PHE B 1191 -84.30 -46.16 -8.58
CA PHE B 1191 -85.67 -46.64 -8.44
C PHE B 1191 -85.78 -48.11 -8.84
N TYR B 1192 -85.21 -48.46 -9.99
CA TYR B 1192 -85.23 -49.86 -10.39
C TYR B 1192 -84.55 -50.75 -9.35
N LYS B 1193 -83.47 -50.26 -8.74
CA LYS B 1193 -82.77 -51.03 -7.72
C LYS B 1193 -83.64 -51.20 -6.47
N PHE B 1194 -84.34 -50.15 -6.06
CA PHE B 1194 -85.10 -50.19 -4.81
C PHE B 1194 -86.39 -50.99 -4.92
N VAL B 1195 -87.09 -50.88 -6.03
CA VAL B 1195 -88.45 -51.45 -6.13
C VAL B 1195 -88.57 -52.94 -5.77
N PRO B 1196 -87.65 -53.83 -6.14
CA PRO B 1196 -87.82 -55.23 -5.69
C PRO B 1196 -87.73 -55.38 -4.19
N LEU B 1197 -87.12 -54.43 -3.49
CA LEU B 1197 -86.96 -54.49 -2.04
C LEU B 1197 -88.20 -54.03 -1.30
N LEU B 1198 -89.23 -53.58 -2.01
CA LEU B 1198 -90.53 -53.24 -1.43
C LEU B 1198 -91.08 -54.49 -0.76
N PRO B 1199 -91.74 -54.38 0.40
CA PRO B 1199 -92.28 -55.57 1.05
C PRO B 1199 -93.36 -56.26 0.23
N GLY B 1200 -93.69 -55.69 -0.92
CA GLY B 1200 -94.50 -56.39 -1.89
C GLY B 1200 -93.80 -57.50 -2.64
N ASN B 1201 -92.47 -57.41 -2.76
CA ASN B 1201 -91.63 -58.44 -3.35
C ASN B 1201 -92.06 -58.80 -4.78
N ARG B 1202 -92.46 -57.81 -5.56
CA ARG B 1202 -93.09 -58.04 -6.84
C ARG B 1202 -92.52 -57.12 -7.91
N SER B 1203 -92.65 -57.53 -9.17
CA SER B 1203 -91.96 -56.85 -10.26
C SER B 1203 -92.48 -55.43 -10.43
N PRO B 1204 -91.59 -54.45 -10.64
CA PRO B 1204 -92.08 -53.07 -10.85
C PRO B 1204 -92.95 -52.93 -12.08
N ASN B 1205 -92.60 -53.61 -13.18
CA ASN B 1205 -93.37 -53.54 -14.40
C ASN B 1205 -94.66 -54.34 -14.31
N LEU B 1206 -94.88 -55.05 -13.21
CA LEU B 1206 -96.10 -55.82 -13.03
C LEU B 1206 -97.05 -55.15 -12.06
N TRP B 1207 -96.57 -54.84 -10.85
CA TRP B 1207 -97.48 -54.36 -9.81
C TRP B 1207 -97.71 -52.86 -9.89
N LEU B 1208 -96.65 -52.06 -9.73
CA LEU B 1208 -96.84 -50.61 -9.69
C LEU B 1208 -97.31 -50.08 -11.04
N LYS B 1209 -96.93 -50.74 -12.13
CA LYS B 1209 -97.46 -50.40 -13.44
C LYS B 1209 -98.99 -50.54 -13.49
N ASP B 1210 -99.56 -51.35 -12.60
CA ASP B 1210 -101.00 -51.55 -12.51
C ASP B 1210 -101.62 -50.68 -11.43
N VAL B 1211 -100.85 -50.37 -10.38
CA VAL B 1211 -101.36 -49.52 -9.31
C VAL B 1211 -101.48 -48.07 -9.76
N LEU B 1212 -100.49 -47.59 -10.52
CA LEU B 1212 -100.47 -46.18 -10.86
C LEU B 1212 -101.59 -45.80 -11.82
N LYS B 1213 -102.11 -46.76 -12.59
CA LYS B 1213 -103.16 -46.42 -13.55
C LYS B 1213 -104.49 -46.11 -12.86
N GLU B 1214 -104.58 -46.30 -11.55
CA GLU B 1214 -105.83 -46.02 -10.82
C GLU B 1214 -106.31 -44.61 -11.10
N GLU B 1215 -105.43 -43.62 -10.97
CA GLU B 1215 -105.77 -42.24 -11.29
C GLU B 1215 -104.50 -41.45 -11.56
N GLY B 1216 -104.63 -40.15 -11.79
CA GLY B 1216 -103.48 -39.28 -11.84
C GLY B 1216 -102.48 -39.62 -12.93
N VAL B 1217 -102.95 -39.86 -14.16
CA VAL B 1217 -102.03 -40.00 -15.28
C VAL B 1217 -101.16 -38.75 -15.43
N SER B 1218 -101.60 -37.64 -14.82
CA SER B 1218 -100.79 -36.43 -14.78
C SER B 1218 -99.46 -36.65 -14.08
N PHE B 1219 -99.35 -37.73 -13.28
CA PHE B 1219 -98.08 -38.08 -12.65
C PHE B 1219 -96.94 -38.23 -13.66
N LEU B 1220 -97.25 -38.32 -14.95
CA LEU B 1220 -96.23 -38.49 -15.97
C LEU B 1220 -96.08 -37.28 -16.89
N ILE B 1221 -96.97 -36.29 -16.79
CA ILE B 1221 -96.90 -35.12 -17.65
C ILE B 1221 -96.78 -33.85 -16.81
N ASN B 1222 -97.76 -33.64 -15.93
CA ASN B 1222 -97.74 -32.45 -15.08
C ASN B 1222 -96.54 -32.46 -14.15
N THR B 1223 -96.16 -33.64 -13.64
CA THR B 1223 -95.01 -33.74 -12.77
C THR B 1223 -93.70 -33.42 -13.48
N PHE B 1224 -93.71 -33.35 -14.81
CA PHE B 1224 -92.48 -33.22 -15.58
C PHE B 1224 -92.06 -31.77 -15.74
N GLU B 1225 -92.09 -31.02 -14.64
CA GLU B 1225 -91.40 -29.73 -14.55
C GLU B 1225 -91.05 -29.45 -13.10
N GLY B 1226 -89.82 -29.77 -12.70
CA GLY B 1226 -89.37 -29.55 -11.34
C GLY B 1226 -90.27 -30.19 -10.30
N GLY B 1227 -90.97 -29.35 -9.54
CA GLY B 1227 -91.92 -29.82 -8.55
C GLY B 1227 -93.07 -28.84 -8.37
N GLY B 1228 -94.30 -29.33 -8.42
CA GLY B 1228 -95.45 -28.47 -8.27
C GLY B 1228 -95.78 -27.64 -9.49
N CYS B 1229 -95.33 -28.04 -10.67
CA CYS B 1229 -95.58 -27.28 -11.88
C CYS B 1229 -96.34 -28.11 -12.91
N GLY B 1230 -96.46 -27.60 -14.13
CA GLY B 1230 -97.07 -28.33 -15.22
C GLY B 1230 -96.21 -28.29 -16.47
N GLN B 1231 -96.82 -28.03 -17.62
CA GLN B 1231 -96.02 -27.72 -18.79
C GLN B 1231 -96.59 -26.48 -19.48
N PRO B 1232 -96.65 -25.34 -18.79
CA PRO B 1232 -97.34 -24.18 -19.37
C PRO B 1232 -96.57 -23.54 -20.51
N SER B 1233 -95.27 -23.35 -20.35
CA SER B 1233 -94.41 -22.84 -21.42
C SER B 1233 -93.66 -23.96 -22.13
N GLY B 1234 -94.14 -25.19 -22.02
CA GLY B 1234 -93.49 -26.34 -22.62
C GLY B 1234 -93.15 -26.15 -24.07
N ILE B 1235 -94.17 -26.05 -24.93
CA ILE B 1235 -93.93 -25.77 -26.34
C ILE B 1235 -93.80 -24.28 -26.60
N LEU B 1236 -94.01 -23.45 -25.58
CA LEU B 1236 -94.03 -22.00 -25.75
C LEU B 1236 -92.61 -21.43 -25.79
N ALA B 1237 -91.80 -21.93 -26.72
CA ALA B 1237 -90.45 -21.38 -26.88
C ALA B 1237 -90.47 -20.10 -27.71
N GLN B 1238 -91.57 -19.84 -28.42
CA GLN B 1238 -91.65 -18.67 -29.28
C GLN B 1238 -91.47 -17.35 -28.55
N PRO B 1239 -92.10 -17.09 -27.39
CA PRO B 1239 -91.78 -15.85 -26.67
C PRO B 1239 -90.31 -15.74 -26.30
N THR B 1240 -89.70 -16.83 -25.85
CA THR B 1240 -88.28 -16.81 -25.50
C THR B 1240 -87.39 -16.63 -26.72
N LEU B 1241 -87.88 -16.94 -27.93
CA LEU B 1241 -87.12 -16.65 -29.13
C LEU B 1241 -86.92 -15.15 -29.32
N LEU B 1242 -87.82 -14.34 -28.76
CA LEU B 1242 -87.76 -12.90 -28.95
C LEU B 1242 -87.86 -12.13 -27.64
N TYR B 1243 -87.60 -12.76 -26.50
CA TYR B 1243 -87.63 -12.08 -25.21
C TYR B 1243 -86.47 -12.56 -24.33
N SER B 1249 -79.00 -10.42 -27.37
CA SER B 1249 -79.76 -9.50 -26.54
C SER B 1249 -80.80 -10.24 -25.71
N LEU B 1250 -80.91 -11.55 -25.94
CA LEU B 1250 -81.89 -12.39 -25.27
C LEU B 1250 -81.18 -13.62 -24.73
N GLN B 1251 -81.87 -14.39 -23.89
CA GLN B 1251 -81.21 -15.44 -23.12
C GLN B 1251 -82.20 -16.54 -22.78
N ALA B 1252 -81.77 -17.45 -21.90
CA ALA B 1252 -82.55 -18.57 -21.37
C ALA B 1252 -82.87 -19.62 -22.42
N THR B 1253 -82.30 -19.49 -23.62
CA THR B 1253 -82.52 -20.48 -24.67
C THR B 1253 -82.08 -21.87 -24.22
N LEU B 1254 -80.85 -21.97 -23.73
CA LEU B 1254 -80.35 -23.26 -23.23
C LEU B 1254 -81.15 -23.71 -22.02
N CYS B 1255 -81.66 -22.76 -21.23
CA CYS B 1255 -82.47 -23.11 -20.07
C CYS B 1255 -83.74 -23.84 -20.50
N TRP B 1256 -84.38 -23.38 -21.57
CA TRP B 1256 -85.54 -24.09 -22.08
C TRP B 1256 -85.15 -25.39 -22.78
N LEU B 1257 -84.04 -25.35 -23.53
CA LEU B 1257 -83.62 -26.53 -24.30
C LEU B 1257 -83.33 -27.70 -23.38
N ASP B 1258 -82.50 -27.48 -22.35
CA ASP B 1258 -82.17 -28.56 -21.42
C ASP B 1258 -83.40 -29.00 -20.64
N LEU B 1259 -84.26 -28.05 -20.27
CA LEU B 1259 -85.47 -28.40 -19.55
C LEU B 1259 -86.33 -29.37 -20.35
N LEU B 1260 -86.48 -29.12 -21.65
CA LEU B 1260 -87.24 -30.04 -22.48
C LEU B 1260 -86.46 -31.34 -22.73
N LEU B 1261 -85.15 -31.23 -22.91
CA LEU B 1261 -84.33 -32.38 -23.28
C LEU B 1261 -84.34 -33.42 -22.17
N ALA B 1262 -84.31 -32.98 -20.91
CA ALA B 1262 -84.37 -33.90 -19.80
C ALA B 1262 -85.68 -34.68 -19.78
N ALA B 1263 -86.78 -34.07 -20.21
CA ALA B 1263 -88.04 -34.80 -20.30
C ALA B 1263 -87.94 -35.95 -21.29
N LEU B 1264 -87.40 -35.70 -22.49
CA LEU B 1264 -87.20 -36.78 -23.44
C LEU B 1264 -86.22 -37.82 -22.90
N GLU B 1265 -85.22 -37.37 -22.12
CA GLU B 1265 -84.32 -38.31 -21.48
C GLU B 1265 -85.07 -39.21 -20.50
N CYS B 1266 -86.15 -38.71 -19.91
CA CYS B 1266 -87.00 -39.56 -19.08
C CYS B 1266 -87.64 -40.64 -19.92
N TYR B 1267 -88.46 -40.24 -20.91
CA TYR B 1267 -89.31 -41.19 -21.61
C TYR B 1267 -88.49 -42.32 -22.24
N ASN B 1268 -87.29 -42.01 -22.75
CA ASN B 1268 -86.51 -43.01 -23.49
C ASN B 1268 -86.26 -44.25 -22.66
N THR B 1269 -86.10 -44.10 -21.34
CA THR B 1269 -85.85 -45.26 -20.49
C THR B 1269 -87.15 -45.93 -20.08
N PHE B 1270 -88.20 -45.14 -19.84
CA PHE B 1270 -89.49 -45.73 -19.44
C PHE B 1270 -90.06 -46.58 -20.56
N ILE B 1271 -90.14 -46.03 -21.77
CA ILE B 1271 -90.61 -46.80 -22.91
C ILE B 1271 -89.59 -47.87 -23.32
N GLY B 1272 -88.30 -47.50 -23.28
CA GLY B 1272 -87.29 -48.41 -23.78
C GLY B 1272 -87.20 -49.72 -23.02
N GLU B 1273 -87.20 -49.66 -21.69
CA GLU B 1273 -87.05 -50.84 -20.86
C GLU B 1273 -88.39 -51.50 -20.51
N ARG B 1274 -89.44 -51.26 -21.30
CA ARG B 1274 -90.78 -51.76 -21.03
C ARG B 1274 -91.33 -51.29 -19.69
N THR B 1275 -90.69 -50.29 -19.08
CA THR B 1275 -91.22 -49.71 -17.86
C THR B 1275 -92.56 -49.04 -18.11
N VAL B 1276 -92.68 -48.29 -19.21
CA VAL B 1276 -93.89 -47.58 -19.57
C VAL B 1276 -94.14 -47.80 -21.06
N GLY B 1277 -95.39 -47.73 -21.46
CA GLY B 1277 -95.74 -47.74 -22.87
C GLY B 1277 -95.91 -46.33 -23.39
N ALA B 1278 -95.46 -46.11 -24.63
CA ALA B 1278 -95.47 -44.77 -25.20
C ALA B 1278 -96.89 -44.23 -25.35
N LEU B 1279 -97.87 -45.12 -25.52
CA LEU B 1279 -99.26 -44.68 -25.71
C LEU B 1279 -99.77 -43.91 -24.49
N GLN B 1280 -99.44 -44.38 -23.29
CA GLN B 1280 -100.06 -43.88 -22.07
C GLN B 1280 -99.78 -42.41 -21.80
N VAL B 1281 -98.79 -41.80 -22.46
CA VAL B 1281 -98.53 -40.38 -22.27
C VAL B 1281 -99.16 -39.51 -23.34
N LEU B 1282 -99.98 -40.08 -24.21
CA LEU B 1282 -100.71 -39.31 -25.23
C LEU B 1282 -102.18 -39.71 -25.34
N GLY B 1283 -102.57 -40.85 -24.79
CA GLY B 1283 -103.91 -41.39 -25.01
C GLY B 1283 -105.07 -40.53 -24.57
N THR B 1284 -105.77 -39.96 -25.57
CA THR B 1284 -107.05 -39.24 -25.40
C THR B 1284 -107.11 -38.37 -24.14
N GLU B 1285 -106.02 -37.65 -23.85
CA GLU B 1285 -106.03 -36.71 -22.73
C GLU B 1285 -104.95 -35.67 -23.00
N ALA B 1286 -104.56 -34.92 -21.96
CA ALA B 1286 -103.65 -33.79 -22.07
C ALA B 1286 -102.43 -34.10 -22.92
N GLN B 1287 -102.29 -33.39 -24.04
CA GLN B 1287 -101.23 -33.67 -24.99
C GLN B 1287 -99.87 -33.22 -24.44
N SER B 1288 -98.87 -34.07 -24.64
CA SER B 1288 -97.53 -33.77 -24.14
C SER B 1288 -96.42 -34.10 -25.11
N SER B 1289 -96.73 -34.42 -26.37
CA SER B 1289 -95.69 -34.77 -27.32
C SER B 1289 -94.92 -33.53 -27.77
N LEU B 1290 -93.76 -33.76 -28.36
CA LEU B 1290 -92.95 -32.70 -28.94
C LEU B 1290 -93.59 -32.24 -30.24
N LEU B 1291 -94.73 -31.55 -30.12
CA LEU B 1291 -95.67 -31.45 -31.23
C LEU B 1291 -95.17 -30.53 -32.34
N LYS B 1292 -94.72 -29.31 -32.01
CA LYS B 1292 -94.29 -28.40 -33.07
C LYS B 1292 -92.85 -27.92 -32.93
N ALA B 1293 -92.46 -27.52 -31.72
CA ALA B 1293 -91.23 -26.75 -31.54
C ALA B 1293 -90.00 -27.46 -32.07
N VAL B 1294 -90.02 -28.80 -32.15
CA VAL B 1294 -88.87 -29.51 -32.70
C VAL B 1294 -88.75 -29.23 -34.20
N ALA B 1295 -89.87 -29.10 -34.90
CA ALA B 1295 -89.81 -28.92 -36.35
C ALA B 1295 -89.09 -27.62 -36.71
N PHE B 1296 -89.41 -26.53 -36.01
CA PHE B 1296 -88.63 -25.31 -36.17
C PHE B 1296 -87.19 -25.52 -35.71
N PHE B 1297 -87.01 -26.25 -34.61
CA PHE B 1297 -85.67 -26.52 -34.10
C PHE B 1297 -84.83 -27.32 -35.09
N LEU B 1298 -85.46 -28.27 -35.78
CA LEU B 1298 -84.71 -29.15 -36.68
C LEU B 1298 -84.28 -28.46 -37.97
N GLU B 1299 -84.83 -27.30 -38.29
CA GLU B 1299 -84.51 -26.67 -39.57
C GLU B 1299 -83.81 -25.33 -39.44
N SER B 1300 -84.26 -24.48 -38.53
CA SER B 1300 -83.65 -23.17 -38.33
C SER B 1300 -82.52 -23.17 -37.32
N ILE B 1301 -82.34 -24.27 -36.59
CA ILE B 1301 -81.37 -24.32 -35.50
C ILE B 1301 -80.33 -25.40 -35.79
N ALA B 1302 -80.79 -26.60 -36.14
CA ALA B 1302 -79.93 -27.75 -36.37
C ALA B 1302 -79.34 -27.78 -37.78
N MET B 1303 -79.35 -26.66 -38.50
CA MET B 1303 -78.82 -26.60 -39.84
C MET B 1303 -77.54 -25.78 -39.94
N HIS B 1304 -77.31 -24.85 -39.02
CA HIS B 1304 -76.14 -24.00 -39.04
C HIS B 1304 -75.05 -24.58 -38.16
N ASP B 1305 -73.81 -24.17 -38.43
CA ASP B 1305 -72.68 -24.64 -37.64
C ASP B 1305 -71.74 -23.53 -37.18
N ILE B 1306 -71.72 -22.36 -37.82
CA ILE B 1306 -70.79 -21.30 -37.45
C ILE B 1306 -71.53 -20.00 -37.18
N ILE B 1307 -72.63 -19.77 -37.89
CA ILE B 1307 -73.43 -18.56 -37.68
C ILE B 1307 -74.76 -18.97 -37.10
N ALA B 1308 -74.77 -20.08 -36.36
CA ALA B 1308 -75.94 -20.47 -35.60
C ALA B 1308 -76.05 -19.58 -34.38
N ALA B 1309 -77.09 -18.74 -34.34
CA ALA B 1309 -77.25 -17.78 -33.26
C ALA B 1309 -78.65 -17.91 -32.67
N GLU B 1310 -79.00 -16.96 -31.81
CA GLU B 1310 -80.32 -16.91 -31.21
C GLU B 1310 -81.32 -16.28 -32.17
N LYS B 1311 -82.12 -17.10 -32.83
CA LYS B 1311 -83.04 -16.63 -33.85
C LYS B 1311 -84.29 -15.99 -33.24
N SER B 1323 -69.62 -12.74 -31.18
CA SER B 1323 -68.57 -13.34 -30.37
C SER B 1323 -68.72 -14.85 -30.30
N PRO B 1324 -67.59 -15.57 -30.32
CA PRO B 1324 -67.64 -17.04 -30.28
C PRO B 1324 -68.29 -17.59 -29.01
N GLN B 1325 -68.22 -16.85 -27.89
CA GLN B 1325 -68.83 -17.32 -26.66
C GLN B 1325 -70.34 -17.50 -26.79
N GLU B 1326 -70.95 -16.79 -27.74
CA GLU B 1326 -72.38 -16.99 -28.01
C GLU B 1326 -72.63 -18.40 -28.50
N GLY B 1327 -71.75 -18.92 -29.34
CA GLY B 1327 -71.97 -20.25 -29.90
C GLY B 1327 -71.30 -21.36 -29.11
N GLU B 1328 -70.39 -21.02 -28.19
CA GLU B 1328 -69.57 -22.06 -27.55
C GLU B 1328 -70.43 -23.04 -26.76
N ARG B 1329 -71.25 -22.54 -25.83
CA ARG B 1329 -72.16 -23.43 -25.13
C ARG B 1329 -73.28 -23.92 -26.03
N TYR B 1330 -73.70 -23.06 -26.96
CA TYR B 1330 -74.92 -23.28 -27.73
C TYR B 1330 -74.77 -24.46 -28.68
N ASN B 1331 -73.59 -24.62 -29.30
CA ASN B 1331 -73.38 -25.75 -30.19
C ASN B 1331 -73.43 -27.08 -29.44
N TYR B 1332 -72.76 -27.14 -28.29
CA TYR B 1332 -72.78 -28.37 -27.51
C TYR B 1332 -74.20 -28.69 -27.05
N SER B 1333 -74.95 -27.65 -26.67
CA SER B 1333 -76.34 -27.87 -26.29
C SER B 1333 -77.16 -28.43 -27.44
N LYS B 1334 -77.05 -27.81 -28.63
CA LYS B 1334 -77.83 -28.31 -29.77
C LYS B 1334 -77.48 -29.75 -30.05
N CYS B 1335 -76.18 -30.06 -30.07
CA CYS B 1335 -75.76 -31.40 -30.46
C CYS B 1335 -76.19 -32.45 -29.44
N THR B 1336 -76.13 -32.13 -28.15
CA THR B 1336 -76.68 -33.03 -27.15
C THR B 1336 -78.17 -33.26 -27.39
N VAL B 1337 -78.90 -32.19 -27.68
CA VAL B 1337 -80.33 -32.32 -27.94
C VAL B 1337 -80.57 -33.25 -29.12
N VAL B 1338 -79.81 -33.06 -30.20
CA VAL B 1338 -80.08 -33.82 -31.42
C VAL B 1338 -79.72 -35.29 -31.23
N VAL B 1339 -78.61 -35.59 -30.55
CA VAL B 1339 -78.26 -36.99 -30.36
C VAL B 1339 -79.27 -37.67 -29.44
N ARG B 1340 -79.74 -36.94 -28.41
CA ARG B 1340 -80.70 -37.54 -27.50
C ARG B 1340 -82.05 -37.78 -28.18
N ILE B 1341 -82.48 -36.86 -29.04
CA ILE B 1341 -83.73 -37.11 -29.77
C ILE B 1341 -83.54 -38.24 -30.78
N MET B 1342 -82.34 -38.37 -31.34
CA MET B 1342 -82.05 -39.54 -32.17
C MET B 1342 -82.29 -40.81 -31.39
N GLU B 1343 -81.72 -40.90 -30.18
CA GLU B 1343 -81.88 -42.10 -29.36
C GLU B 1343 -83.34 -42.34 -29.01
N PHE B 1344 -84.05 -41.27 -28.65
CA PHE B 1344 -85.48 -41.40 -28.32
C PHE B 1344 -86.27 -41.95 -29.50
N THR B 1345 -86.10 -41.37 -30.68
CA THR B 1345 -86.82 -41.85 -31.85
C THR B 1345 -86.44 -43.28 -32.18
N THR B 1346 -85.17 -43.65 -31.94
CA THR B 1346 -84.74 -45.02 -32.19
C THR B 1346 -85.47 -46.01 -31.29
N THR B 1347 -85.58 -45.71 -30.00
CA THR B 1347 -86.21 -46.66 -29.09
C THR B 1347 -87.74 -46.62 -29.17
N LEU B 1348 -88.29 -45.69 -29.96
CA LEU B 1348 -89.72 -45.41 -29.90
C LEU B 1348 -90.54 -46.54 -30.53
N LEU B 1349 -90.30 -46.81 -31.82
CA LEU B 1349 -91.20 -47.67 -32.57
C LEU B 1349 -91.08 -49.13 -32.16
N ASN B 1350 -89.93 -49.53 -31.61
CA ASN B 1350 -89.63 -50.93 -31.36
C ASN B 1350 -90.64 -51.57 -30.41
N THR B 1351 -91.04 -52.80 -30.75
CA THR B 1351 -91.91 -53.65 -29.93
C THR B 1351 -93.27 -53.01 -29.66
N SER B 1352 -93.78 -52.21 -30.59
CA SER B 1352 -95.09 -51.60 -30.43
C SER B 1352 -96.02 -52.09 -31.53
N PRO B 1353 -96.95 -53.00 -31.23
CA PRO B 1353 -97.93 -53.41 -32.26
C PRO B 1353 -98.76 -52.26 -32.79
N GLU B 1354 -99.06 -51.26 -31.96
CA GLU B 1354 -99.70 -50.05 -32.45
C GLU B 1354 -98.75 -49.23 -33.33
N GLY B 1355 -97.47 -49.22 -32.98
CA GLY B 1355 -96.43 -48.67 -33.84
C GLY B 1355 -96.58 -47.20 -34.21
N TRP B 1356 -96.51 -46.92 -35.51
CA TRP B 1356 -96.48 -45.55 -36.02
C TRP B 1356 -97.87 -44.93 -36.15
N LYS B 1357 -98.89 -45.47 -35.48
CA LYS B 1357 -100.22 -44.88 -35.57
C LYS B 1357 -100.23 -43.44 -35.03
N LEU B 1358 -99.57 -43.22 -33.88
CA LEU B 1358 -99.46 -41.87 -33.36
C LEU B 1358 -98.45 -41.06 -34.15
N LEU B 1359 -97.40 -41.73 -34.66
CA LEU B 1359 -96.41 -41.06 -35.48
C LEU B 1359 -96.99 -40.59 -36.81
N LYS B 1360 -98.17 -41.08 -37.17
CA LYS B 1360 -98.83 -40.64 -38.39
C LYS B 1360 -99.16 -39.15 -38.33
N LYS B 1361 -99.69 -38.70 -37.19
CA LYS B 1361 -100.14 -37.31 -37.08
C LYS B 1361 -98.95 -36.34 -37.15
N ASP B 1362 -97.90 -36.59 -36.37
CA ASP B 1362 -96.74 -35.71 -36.37
C ASP B 1362 -95.79 -36.08 -37.52
N LEU B 1363 -96.31 -35.92 -38.74
CA LEU B 1363 -95.50 -36.18 -39.92
C LEU B 1363 -94.32 -35.21 -40.05
N CYS B 1364 -94.16 -34.29 -39.10
CA CYS B 1364 -92.97 -33.45 -39.02
C CYS B 1364 -91.74 -34.30 -38.71
N ASN B 1365 -91.94 -35.61 -38.56
CA ASN B 1365 -90.80 -36.52 -38.56
C ASN B 1365 -90.14 -36.59 -39.93
N THR B 1366 -90.79 -35.99 -40.95
CA THR B 1366 -90.12 -35.78 -42.22
C THR B 1366 -88.85 -34.96 -42.03
N HIS B 1367 -88.92 -33.91 -41.22
CA HIS B 1367 -87.73 -33.16 -40.84
C HIS B 1367 -86.80 -33.96 -39.95
N LEU B 1368 -87.31 -34.96 -39.24
CA LEU B 1368 -86.42 -35.92 -38.59
C LEU B 1368 -85.58 -36.65 -39.62
N MET B 1369 -86.19 -37.10 -40.72
CA MET B 1369 -85.42 -37.69 -41.81
C MET B 1369 -84.51 -36.65 -42.46
N ARG B 1370 -84.93 -35.38 -42.47
CA ARG B 1370 -84.07 -34.31 -42.97
C ARG B 1370 -82.76 -34.26 -42.20
N VAL B 1371 -82.85 -34.19 -40.87
CA VAL B 1371 -81.63 -34.13 -40.06
C VAL B 1371 -80.87 -35.45 -40.13
N LEU B 1372 -81.59 -36.57 -40.27
CA LEU B 1372 -80.91 -37.85 -40.50
C LEU B 1372 -80.06 -37.82 -41.75
N VAL B 1373 -80.59 -37.28 -42.85
CA VAL B 1373 -79.82 -37.19 -44.08
C VAL B 1373 -78.64 -36.23 -43.90
N GLN B 1374 -78.90 -35.06 -43.32
CA GLN B 1374 -77.87 -34.04 -43.20
C GLN B 1374 -76.74 -34.48 -42.27
N THR B 1375 -77.02 -35.40 -41.34
CA THR B 1375 -75.97 -35.82 -40.41
C THR B 1375 -75.32 -37.13 -40.88
N LEU B 1376 -76.11 -38.01 -41.48
CA LEU B 1376 -75.57 -39.22 -42.09
C LEU B 1376 -74.58 -38.89 -43.20
N CYS B 1377 -74.89 -37.88 -44.01
CA CYS B 1377 -74.00 -37.49 -45.09
C CYS B 1377 -72.96 -36.46 -44.66
N GLU B 1378 -73.38 -35.36 -44.01
CA GLU B 1378 -72.41 -34.37 -43.56
C GLU B 1378 -72.60 -34.04 -42.09
N PRO B 1379 -72.19 -34.92 -41.17
CA PRO B 1379 -72.36 -34.60 -39.75
C PRO B 1379 -71.55 -33.40 -39.28
N ALA B 1380 -70.39 -33.15 -39.90
CA ALA B 1380 -69.47 -32.14 -39.39
C ALA B 1380 -69.86 -30.73 -39.83
N SER B 1381 -70.70 -30.58 -40.86
CA SER B 1381 -71.03 -29.26 -41.37
C SER B 1381 -72.48 -28.92 -41.11
N ILE B 1382 -73.39 -29.87 -41.35
CA ILE B 1382 -74.80 -29.67 -41.06
C ILE B 1382 -75.20 -30.70 -40.00
N GLY B 1383 -75.22 -30.27 -38.74
CA GLY B 1383 -75.42 -31.17 -37.62
C GLY B 1383 -74.48 -30.85 -36.48
N PHE B 1384 -73.63 -31.80 -36.11
CA PHE B 1384 -72.64 -31.56 -35.08
C PHE B 1384 -71.58 -30.57 -35.57
N ASN B 1385 -70.89 -29.97 -34.62
CA ASN B 1385 -69.84 -28.98 -34.90
C ASN B 1385 -68.57 -29.72 -35.32
N ILE B 1386 -67.45 -29.01 -35.32
CA ILE B 1386 -66.14 -29.63 -35.46
C ILE B 1386 -65.48 -29.67 -34.09
N GLY B 1387 -65.29 -30.87 -33.55
CA GLY B 1387 -64.78 -30.96 -32.18
C GLY B 1387 -64.54 -32.39 -31.74
N ASP B 1388 -64.99 -32.67 -30.53
CA ASP B 1388 -64.59 -33.89 -29.82
C ASP B 1388 -65.08 -35.15 -30.52
N VAL B 1389 -64.31 -36.24 -30.36
CA VAL B 1389 -64.63 -37.50 -31.02
C VAL B 1389 -65.68 -38.29 -30.24
N GLN B 1390 -65.84 -37.99 -28.95
CA GLN B 1390 -66.71 -38.78 -28.10
C GLN B 1390 -68.13 -38.89 -28.66
N VAL B 1391 -68.59 -37.86 -29.36
CA VAL B 1391 -69.87 -37.91 -30.05
C VAL B 1391 -69.69 -37.99 -31.56
N MET B 1392 -68.61 -37.38 -32.08
CA MET B 1392 -68.36 -37.41 -33.52
C MET B 1392 -68.29 -38.83 -34.06
N ALA B 1393 -67.75 -39.76 -33.28
CA ALA B 1393 -67.69 -41.15 -33.70
C ALA B 1393 -68.86 -41.98 -33.17
N HIS B 1394 -69.47 -41.55 -32.07
CA HIS B 1394 -70.56 -42.32 -31.49
C HIS B 1394 -71.86 -42.15 -32.28
N LEU B 1395 -72.09 -40.94 -32.79
CA LEU B 1395 -73.32 -40.63 -33.51
C LEU B 1395 -73.56 -41.54 -34.71
N PRO B 1396 -72.58 -41.88 -35.54
CA PRO B 1396 -72.86 -42.83 -36.63
C PRO B 1396 -73.39 -44.16 -36.13
N ASP B 1397 -72.93 -44.65 -34.98
CA ASP B 1397 -73.40 -45.93 -34.48
C ASP B 1397 -74.88 -45.90 -34.13
N VAL B 1398 -75.30 -44.90 -33.34
CA VAL B 1398 -76.71 -44.79 -33.00
C VAL B 1398 -77.55 -44.47 -34.21
N CYS B 1399 -77.02 -43.70 -35.17
CA CYS B 1399 -77.75 -43.43 -36.39
C CYS B 1399 -77.97 -44.73 -37.18
N VAL B 1400 -76.94 -45.58 -37.27
CA VAL B 1400 -77.08 -46.87 -37.93
C VAL B 1400 -78.12 -47.72 -37.23
N ASN B 1401 -78.11 -47.70 -35.90
CA ASN B 1401 -79.16 -48.37 -35.14
C ASN B 1401 -80.53 -47.83 -35.54
N LEU B 1402 -80.61 -46.51 -35.76
CA LEU B 1402 -81.89 -45.90 -36.12
C LEU B 1402 -82.37 -46.38 -37.49
N MET B 1403 -81.46 -46.45 -38.47
CA MET B 1403 -81.86 -47.01 -39.77
C MET B 1403 -82.24 -48.48 -39.64
N LYS B 1404 -81.55 -49.22 -38.78
CA LYS B 1404 -81.93 -50.61 -38.57
C LYS B 1404 -83.33 -50.72 -37.99
N ALA B 1405 -83.70 -49.76 -37.14
CA ALA B 1405 -85.08 -49.69 -36.64
C ALA B 1405 -86.08 -49.48 -37.76
N LEU B 1406 -85.75 -48.65 -38.75
CA LEU B 1406 -86.61 -48.51 -39.92
C LEU B 1406 -86.67 -49.80 -40.72
N LYS B 1407 -85.53 -50.49 -40.85
CA LYS B 1407 -85.49 -51.72 -41.63
C LYS B 1407 -86.36 -52.81 -41.00
N MET B 1408 -86.28 -52.95 -39.67
CA MET B 1408 -87.17 -53.90 -39.00
C MET B 1408 -88.61 -53.39 -38.93
N SER B 1409 -88.81 -52.09 -39.08
CA SER B 1409 -90.17 -51.57 -39.20
C SER B 1409 -90.79 -52.04 -40.51
N PRO B 1410 -92.05 -52.49 -40.49
CA PRO B 1410 -92.67 -52.97 -41.73
C PRO B 1410 -92.81 -51.91 -42.80
N TYR B 1411 -92.77 -50.64 -42.44
CA TYR B 1411 -92.97 -49.56 -43.42
C TYR B 1411 -91.66 -48.86 -43.75
N LYS B 1412 -91.37 -48.78 -45.05
CA LYS B 1412 -90.25 -48.01 -45.55
C LYS B 1412 -90.54 -47.29 -46.86
N ASP B 1413 -91.76 -47.34 -47.38
CA ASP B 1413 -92.03 -46.94 -48.75
C ASP B 1413 -91.86 -45.44 -48.99
N ILE B 1414 -92.33 -44.59 -48.07
CA ILE B 1414 -92.12 -43.15 -48.27
C ILE B 1414 -90.64 -42.84 -48.29
N LEU B 1415 -89.85 -43.54 -47.47
CA LEU B 1415 -88.41 -43.39 -47.51
C LEU B 1415 -87.86 -43.82 -48.87
N GLU B 1416 -88.35 -44.95 -49.38
CA GLU B 1416 -87.84 -45.55 -50.61
C GLU B 1416 -87.89 -44.63 -51.81
N THR B 1417 -88.60 -43.50 -51.70
CA THR B 1417 -88.55 -42.46 -52.71
C THR B 1417 -87.97 -41.16 -52.16
N HIS B 1418 -88.44 -40.73 -50.98
CA HIS B 1418 -88.07 -39.42 -50.44
C HIS B 1418 -86.58 -39.30 -50.18
N LEU B 1419 -85.90 -40.40 -49.89
CA LEU B 1419 -84.45 -40.36 -49.66
C LEU B 1419 -83.66 -40.96 -50.82
N ARG B 1420 -84.25 -41.90 -51.56
CA ARG B 1420 -83.60 -42.40 -52.76
C ARG B 1420 -83.50 -41.33 -53.83
N GLU B 1421 -84.39 -40.34 -53.80
CA GLU B 1421 -84.41 -39.27 -54.79
C GLU B 1421 -83.36 -38.19 -54.52
N LYS B 1422 -82.82 -38.11 -53.30
CA LYS B 1422 -81.69 -37.23 -53.05
C LYS B 1422 -80.53 -37.60 -53.97
N ILE B 1423 -80.18 -36.69 -54.86
CA ILE B 1423 -79.24 -37.01 -55.92
C ILE B 1423 -77.81 -36.84 -55.41
N THR B 1424 -77.30 -37.89 -54.76
CA THR B 1424 -75.86 -38.04 -54.62
C THR B 1424 -75.39 -38.51 -56.00
N ALA B 1425 -75.18 -37.55 -56.89
CA ALA B 1425 -75.27 -37.80 -58.32
C ALA B 1425 -74.26 -38.84 -58.78
N GLN B 1426 -74.60 -39.47 -59.91
CA GLN B 1426 -73.65 -40.35 -60.58
C GLN B 1426 -72.42 -39.56 -61.03
N SER B 1427 -72.53 -38.24 -61.09
CA SER B 1427 -71.40 -37.38 -61.40
C SER B 1427 -70.28 -37.47 -60.38
N ILE B 1428 -70.55 -37.94 -59.15
CA ILE B 1428 -69.48 -38.06 -58.17
C ILE B 1428 -68.42 -39.03 -58.67
N GLU B 1429 -68.84 -40.04 -59.43
CA GLU B 1429 -67.88 -40.88 -60.16
C GLU B 1429 -67.31 -40.11 -61.35
N GLU B 1430 -68.13 -39.28 -61.99
CA GLU B 1430 -67.79 -38.68 -63.27
C GLU B 1430 -67.21 -37.28 -63.17
N LEU B 1431 -67.65 -36.47 -62.19
CA LEU B 1431 -67.07 -35.14 -62.04
C LEU B 1431 -65.65 -35.19 -61.51
N CYS B 1432 -65.19 -36.36 -61.08
CA CYS B 1432 -63.78 -36.55 -60.75
C CYS B 1432 -62.90 -36.65 -62.00
N ALA B 1433 -63.51 -36.79 -63.18
CA ALA B 1433 -62.76 -36.79 -64.43
C ALA B 1433 -62.31 -35.39 -64.83
N VAL B 1434 -63.16 -34.38 -64.63
CA VAL B 1434 -62.80 -33.00 -64.93
C VAL B 1434 -61.94 -32.40 -63.82
N ASN B 1435 -62.20 -32.76 -62.57
CA ASN B 1435 -61.36 -32.34 -61.45
C ASN B 1435 -60.27 -33.37 -61.25
N LEU B 1436 -59.07 -33.06 -61.73
CA LEU B 1436 -57.97 -34.01 -61.68
C LEU B 1436 -57.51 -34.26 -60.25
N TYR B 1437 -57.02 -35.47 -60.00
CA TYR B 1437 -56.46 -35.83 -58.71
C TYR B 1437 -55.21 -35.01 -58.43
N GLY B 1438 -55.07 -34.57 -57.17
CA GLY B 1438 -53.86 -33.93 -56.74
C GLY B 1438 -54.03 -32.51 -56.22
N PRO B 1439 -53.48 -31.54 -56.96
CA PRO B 1439 -53.35 -30.18 -56.42
C PRO B 1439 -54.66 -29.52 -56.04
N ASP B 1440 -55.74 -29.77 -56.76
CA ASP B 1440 -57.02 -29.13 -56.49
C ASP B 1440 -58.08 -30.10 -55.98
N ALA B 1441 -57.72 -31.34 -55.66
CA ALA B 1441 -58.70 -32.34 -55.26
C ALA B 1441 -59.24 -32.11 -53.86
N GLN B 1442 -58.67 -31.17 -53.10
CA GLN B 1442 -59.10 -30.97 -51.72
C GLN B 1442 -60.55 -30.51 -51.63
N VAL B 1443 -61.09 -29.92 -52.70
CA VAL B 1443 -62.44 -29.37 -52.65
C VAL B 1443 -63.47 -30.47 -52.44
N ASP B 1444 -63.32 -31.60 -53.13
CA ASP B 1444 -64.28 -32.68 -53.04
C ASP B 1444 -63.78 -33.86 -52.21
N ARG B 1445 -62.68 -33.68 -51.48
CA ARG B 1445 -62.29 -34.69 -50.49
C ARG B 1445 -63.40 -34.86 -49.46
N SER B 1446 -64.06 -33.76 -49.08
CA SER B 1446 -65.19 -33.83 -48.19
C SER B 1446 -66.33 -34.63 -48.82
N ARG B 1447 -66.57 -34.43 -50.12
CA ARG B 1447 -67.60 -35.20 -50.81
C ARG B 1447 -67.28 -36.68 -50.78
N LEU B 1448 -66.02 -37.04 -51.06
CA LEU B 1448 -65.62 -38.45 -51.04
C LEU B 1448 -65.80 -39.05 -49.66
N ALA B 1449 -65.37 -38.32 -48.63
CA ALA B 1449 -65.52 -38.80 -47.26
C ALA B 1449 -67.00 -38.98 -46.91
N ALA B 1450 -67.83 -38.01 -47.28
CA ALA B 1450 -69.25 -38.09 -47.00
C ALA B 1450 -69.86 -39.33 -47.65
N VAL B 1451 -69.56 -39.55 -48.93
CA VAL B 1451 -70.20 -40.64 -49.66
C VAL B 1451 -69.72 -41.98 -49.13
N VAL B 1452 -68.43 -42.10 -48.82
CA VAL B 1452 -67.93 -43.38 -48.32
C VAL B 1452 -68.50 -43.68 -46.94
N SER B 1453 -68.54 -42.67 -46.06
CA SER B 1453 -69.11 -42.90 -44.74
C SER B 1453 -70.58 -43.25 -44.82
N ALA B 1454 -71.34 -42.54 -45.66
CA ALA B 1454 -72.76 -42.83 -45.79
C ALA B 1454 -72.98 -44.24 -46.34
N CYS B 1455 -72.23 -44.61 -47.37
CA CYS B 1455 -72.36 -45.92 -47.97
C CYS B 1455 -72.05 -47.04 -46.98
N LYS B 1456 -70.95 -46.89 -46.24
CA LYS B 1456 -70.56 -47.91 -45.27
C LYS B 1456 -71.59 -47.99 -44.14
N GLN B 1457 -72.10 -46.84 -43.69
CA GLN B 1457 -73.10 -46.84 -42.63
C GLN B 1457 -74.37 -47.54 -43.08
N LEU B 1458 -74.82 -47.25 -44.30
CA LEU B 1458 -75.99 -47.94 -44.83
C LEU B 1458 -75.73 -49.44 -44.97
N HIS B 1459 -74.51 -49.83 -45.36
CA HIS B 1459 -74.18 -51.24 -45.42
C HIS B 1459 -74.24 -51.89 -44.05
N ARG B 1460 -73.83 -51.15 -43.01
CA ARG B 1460 -73.91 -51.70 -41.66
C ARG B 1460 -75.34 -52.04 -41.29
N ALA B 1461 -76.29 -51.18 -41.66
CA ALA B 1461 -77.69 -51.37 -41.32
C ALA B 1461 -78.40 -52.38 -42.22
N GLY B 1462 -77.77 -52.82 -43.31
CA GLY B 1462 -78.46 -53.69 -44.25
C GLY B 1462 -79.40 -52.96 -45.18
N LEU B 1463 -79.23 -51.66 -45.34
CA LEU B 1463 -80.11 -50.85 -46.18
C LEU B 1463 -79.42 -50.38 -47.45
N LEU B 1464 -78.11 -50.56 -47.55
CA LEU B 1464 -77.35 -50.01 -48.67
C LEU B 1464 -77.80 -50.60 -50.01
N HIS B 1465 -78.01 -51.91 -50.07
CA HIS B 1465 -78.27 -52.57 -51.34
C HIS B 1465 -79.53 -52.04 -52.03
N ASN B 1466 -80.47 -51.50 -51.27
CA ASN B 1466 -81.70 -50.94 -51.84
C ASN B 1466 -81.70 -49.41 -51.83
N ILE B 1467 -80.57 -48.77 -51.51
CA ILE B 1467 -80.45 -47.32 -51.54
C ILE B 1467 -79.46 -46.87 -52.61
N LEU B 1468 -78.37 -47.60 -52.80
CA LEU B 1468 -77.40 -47.26 -53.83
C LEU B 1468 -78.08 -47.32 -55.20
N PRO B 1469 -77.89 -46.29 -56.04
CA PRO B 1469 -78.58 -46.26 -57.34
C PRO B 1469 -78.14 -47.41 -58.22
N SER B 1470 -79.08 -47.86 -59.06
CA SER B 1470 -78.85 -48.97 -59.99
C SER B 1470 -78.45 -48.37 -61.34
N GLN B 1471 -77.14 -48.40 -61.63
CA GLN B 1471 -76.66 -47.86 -62.89
C GLN B 1471 -76.91 -48.83 -64.03
N SER B 1472 -76.26 -50.00 -63.97
CA SER B 1472 -76.55 -51.10 -64.89
C SER B 1472 -76.62 -52.45 -64.19
N THR B 1473 -75.96 -52.63 -63.05
CA THR B 1473 -75.99 -53.88 -62.30
C THR B 1473 -76.05 -53.55 -60.83
N ASP B 1474 -76.86 -54.30 -60.08
CA ASP B 1474 -76.92 -54.09 -58.63
C ASP B 1474 -75.54 -54.27 -58.00
N LEU B 1475 -74.71 -55.13 -58.56
CA LEU B 1475 -73.28 -55.11 -58.28
C LEU B 1475 -72.60 -54.28 -59.35
N HIS B 1476 -72.31 -53.01 -59.02
CA HIS B 1476 -71.97 -52.00 -60.01
C HIS B 1476 -70.48 -51.97 -60.26
N HIS B 1477 -70.12 -51.76 -61.53
CA HIS B 1477 -68.71 -51.67 -61.91
C HIS B 1477 -68.05 -50.44 -61.32
N SER B 1478 -68.86 -49.43 -60.95
CA SER B 1478 -68.36 -48.08 -60.70
C SER B 1478 -67.20 -48.03 -59.71
N VAL B 1479 -67.31 -48.76 -58.59
CA VAL B 1479 -66.27 -48.70 -57.57
C VAL B 1479 -64.95 -49.20 -58.13
N GLY B 1480 -64.97 -50.35 -58.80
CA GLY B 1480 -63.73 -50.90 -59.36
C GLY B 1480 -63.19 -50.05 -60.49
N THR B 1481 -64.08 -49.54 -61.33
CA THR B 1481 -63.64 -48.72 -62.46
C THR B 1481 -62.95 -47.45 -61.99
N GLU B 1482 -63.53 -46.77 -60.98
CA GLU B 1482 -62.87 -45.60 -60.42
C GLU B 1482 -61.59 -45.99 -59.70
N LEU B 1483 -61.62 -47.12 -58.99
CA LEU B 1483 -60.44 -47.66 -58.31
C LEU B 1483 -59.26 -47.76 -59.28
N LEU B 1484 -59.49 -48.36 -60.44
CA LEU B 1484 -58.41 -48.52 -61.41
C LEU B 1484 -58.09 -47.20 -62.10
N SER B 1485 -59.11 -46.42 -62.46
CA SER B 1485 -58.91 -45.22 -63.26
C SER B 1485 -58.07 -44.19 -62.52
N LEU B 1486 -58.36 -43.98 -61.23
CA LEU B 1486 -57.52 -43.07 -60.45
C LEU B 1486 -56.09 -43.58 -60.33
N VAL B 1487 -55.88 -44.87 -60.56
CA VAL B 1487 -54.53 -45.43 -60.53
C VAL B 1487 -53.97 -45.57 -61.94
N TYR B 1488 -54.79 -46.09 -62.86
CA TYR B 1488 -54.31 -46.41 -64.21
C TYR B 1488 -53.91 -45.16 -65.00
N LYS B 1489 -54.48 -44.01 -64.67
CA LYS B 1489 -54.07 -42.76 -65.33
C LYS B 1489 -53.76 -41.62 -64.37
N GLY B 1490 -54.33 -41.61 -63.16
CA GLY B 1490 -54.14 -40.50 -62.26
C GLY B 1490 -52.75 -40.37 -61.68
N ILE B 1491 -52.35 -41.30 -60.83
CA ILE B 1491 -51.04 -41.21 -60.18
C ILE B 1491 -49.92 -41.48 -61.19
N ALA B 1492 -50.09 -42.51 -62.04
CA ALA B 1492 -49.25 -42.85 -63.19
C ALA B 1492 -47.77 -42.54 -63.01
N PRO B 1493 -47.09 -43.10 -62.01
CA PRO B 1493 -45.66 -42.80 -61.85
C PRO B 1493 -44.80 -43.55 -62.86
N GLY B 1494 -45.19 -44.78 -63.19
CA GLY B 1494 -44.44 -45.56 -64.17
C GLY B 1494 -44.71 -45.20 -65.61
N ASP B 1495 -45.79 -44.47 -65.89
CA ASP B 1495 -46.03 -43.97 -67.23
C ASP B 1495 -45.13 -42.80 -67.59
N GLU B 1496 -44.45 -42.21 -66.61
CA GLU B 1496 -43.44 -41.20 -66.87
C GLU B 1496 -42.02 -41.70 -66.58
N ARG B 1497 -41.88 -42.90 -66.01
CA ARG B 1497 -40.61 -43.64 -66.02
C ARG B 1497 -39.47 -42.86 -65.36
N GLN B 1498 -39.73 -42.33 -64.18
CA GLN B 1498 -38.72 -41.59 -63.43
C GLN B 1498 -38.90 -41.87 -61.94
N CYS B 1499 -37.85 -41.58 -61.18
CA CYS B 1499 -37.91 -41.71 -59.73
C CYS B 1499 -38.93 -40.71 -59.19
N LEU B 1500 -39.77 -41.17 -58.28
CA LEU B 1500 -40.91 -40.37 -57.83
C LEU B 1500 -40.61 -39.69 -56.51
N PRO B 1501 -40.92 -38.40 -56.37
CA PRO B 1501 -40.75 -37.73 -55.07
C PRO B 1501 -41.73 -38.25 -54.03
N SER B 1502 -41.67 -37.63 -52.85
CA SER B 1502 -42.37 -38.15 -51.69
C SER B 1502 -43.89 -38.08 -51.83
N LEU B 1503 -44.45 -37.22 -52.70
CA LEU B 1503 -45.91 -37.07 -52.91
C LEU B 1503 -46.72 -36.72 -51.63
N ASP B 1504 -48.00 -37.10 -51.57
CA ASP B 1504 -49.06 -36.44 -50.80
C ASP B 1504 -49.85 -37.39 -49.89
N LEU B 1505 -50.23 -36.90 -48.70
CA LEU B 1505 -51.06 -37.69 -47.79
C LEU B 1505 -52.52 -37.85 -48.26
N SER B 1506 -52.93 -37.06 -49.25
CA SER B 1506 -54.09 -37.34 -50.10
C SER B 1506 -54.04 -38.77 -50.65
N CYS B 1507 -52.86 -39.26 -51.04
CA CYS B 1507 -52.62 -40.63 -51.51
C CYS B 1507 -52.80 -41.70 -50.43
N LYS B 1508 -53.07 -41.28 -49.20
CA LYS B 1508 -53.47 -42.12 -48.07
C LYS B 1508 -54.93 -41.82 -47.73
N GLN B 1509 -55.33 -40.56 -47.54
CA GLN B 1509 -56.71 -40.22 -47.19
C GLN B 1509 -57.67 -40.65 -48.28
N LEU B 1510 -57.49 -40.11 -49.48
CA LEU B 1510 -58.33 -40.43 -50.62
C LEU B 1510 -58.27 -41.93 -50.87
N ALA B 1511 -57.08 -42.50 -50.89
CA ALA B 1511 -56.89 -43.93 -51.07
C ALA B 1511 -57.72 -44.79 -50.09
N SER B 1512 -57.58 -44.50 -48.81
CA SER B 1512 -58.35 -45.20 -47.78
C SER B 1512 -59.85 -44.99 -47.98
N GLY B 1513 -60.26 -43.76 -48.30
CA GLY B 1513 -61.66 -43.51 -48.52
C GLY B 1513 -62.21 -44.30 -49.69
N LEU B 1514 -61.50 -44.28 -50.82
CA LEU B 1514 -62.01 -44.99 -52.00
C LEU B 1514 -62.03 -46.50 -51.77
N LEU B 1515 -60.99 -47.04 -51.13
CA LEU B 1515 -60.99 -48.47 -50.85
C LEU B 1515 -62.11 -48.83 -49.88
N GLU B 1516 -62.31 -48.03 -48.83
CA GLU B 1516 -63.37 -48.30 -47.87
C GLU B 1516 -64.72 -48.28 -48.56
N LEU B 1517 -64.91 -47.36 -49.51
CA LEU B 1517 -66.12 -47.38 -50.33
C LEU B 1517 -66.23 -48.69 -51.09
N ALA B 1518 -65.12 -49.16 -51.66
CA ALA B 1518 -65.14 -50.40 -52.41
C ALA B 1518 -65.47 -51.59 -51.52
N PHE B 1519 -65.13 -51.51 -50.24
CA PHE B 1519 -65.16 -52.68 -49.36
C PHE B 1519 -66.33 -52.68 -48.40
N ALA B 1520 -67.17 -51.64 -48.42
CA ALA B 1520 -68.56 -51.83 -48.03
C ALA B 1520 -69.27 -52.71 -49.04
N PHE B 1521 -68.65 -52.87 -50.22
CA PHE B 1521 -69.16 -53.65 -51.33
C PHE B 1521 -68.28 -54.88 -51.54
N GLY B 1522 -68.80 -55.86 -52.29
CA GLY B 1522 -68.08 -57.08 -52.54
C GLY B 1522 -68.52 -57.76 -53.82
N GLY B 1523 -67.82 -58.85 -54.16
CA GLY B 1523 -68.11 -59.62 -55.35
C GLY B 1523 -67.29 -59.28 -56.57
N LEU B 1524 -66.22 -58.49 -56.42
CA LEU B 1524 -65.44 -58.06 -57.58
C LEU B 1524 -64.36 -59.05 -57.97
N CYS B 1525 -64.23 -60.17 -57.24
CA CYS B 1525 -63.04 -61.00 -57.36
C CYS B 1525 -62.78 -61.45 -58.80
N GLU B 1526 -63.83 -61.84 -59.52
CA GLU B 1526 -63.64 -62.36 -60.88
C GLU B 1526 -62.94 -61.35 -61.78
N ARG B 1527 -63.26 -60.07 -61.62
CA ARG B 1527 -62.64 -59.04 -62.45
C ARG B 1527 -61.50 -58.35 -61.69
N LEU B 1528 -61.62 -58.24 -60.36
CA LEU B 1528 -60.59 -57.57 -59.59
C LEU B 1528 -59.27 -58.34 -59.63
N VAL B 1529 -59.34 -59.67 -59.56
CA VAL B 1529 -58.12 -60.48 -59.64
C VAL B 1529 -57.49 -60.33 -61.02
N SER B 1530 -58.32 -60.30 -62.07
CA SER B 1530 -57.80 -60.06 -63.42
C SER B 1530 -57.15 -58.68 -63.51
N LEU B 1531 -57.71 -57.69 -62.82
CA LEU B 1531 -57.06 -56.38 -62.75
C LEU B 1531 -55.75 -56.46 -62.00
N LEU B 1532 -55.65 -57.35 -61.01
CA LEU B 1532 -54.36 -57.67 -60.42
C LEU B 1532 -53.45 -58.36 -61.42
N LEU B 1533 -54.04 -58.94 -62.47
CA LEU B 1533 -53.28 -59.72 -63.44
C LEU B 1533 -52.80 -58.90 -64.63
N ASN B 1534 -53.17 -57.61 -64.69
CA ASN B 1534 -52.81 -56.79 -65.83
C ASN B 1534 -51.29 -56.72 -65.96
N PRO B 1535 -50.72 -57.08 -67.12
CA PRO B 1535 -49.26 -57.08 -67.26
C PRO B 1535 -48.67 -55.73 -67.65
N ALA B 1536 -49.43 -54.63 -67.56
CA ALA B 1536 -48.86 -53.32 -67.86
C ALA B 1536 -47.77 -52.98 -66.84
N VAL B 1537 -46.63 -52.54 -67.35
CA VAL B 1537 -45.40 -52.42 -66.55
C VAL B 1537 -45.14 -50.94 -66.26
N LEU B 1538 -44.89 -50.63 -64.99
CA LEU B 1538 -44.46 -49.29 -64.59
C LEU B 1538 -42.93 -49.25 -64.43
N SER B 1539 -42.24 -49.50 -65.54
CA SER B 1539 -40.78 -49.46 -65.53
C SER B 1539 -40.29 -48.04 -65.27
N THR B 1540 -39.03 -47.93 -64.88
CA THR B 1540 -38.43 -46.62 -64.60
C THR B 1540 -37.10 -46.44 -65.32
N SER B 1549 -34.00 -51.48 -62.06
CA SER B 1549 -33.94 -52.93 -62.01
C SER B 1549 -34.41 -53.57 -63.31
N VAL B 1550 -33.55 -54.38 -63.93
CA VAL B 1550 -33.97 -55.08 -65.15
C VAL B 1550 -34.95 -56.20 -64.84
N ILE B 1551 -35.09 -56.60 -63.59
CA ILE B 1551 -36.22 -57.40 -63.16
C ILE B 1551 -37.36 -56.43 -62.87
N HIS B 1552 -38.31 -56.35 -63.79
CA HIS B 1552 -39.26 -55.25 -63.79
C HIS B 1552 -40.51 -55.59 -62.99
N PHE B 1553 -41.31 -54.56 -62.76
CA PHE B 1553 -42.51 -54.64 -61.94
C PHE B 1553 -43.66 -53.96 -62.66
N SER B 1554 -44.85 -54.56 -62.55
CA SER B 1554 -45.97 -54.22 -63.40
C SER B 1554 -47.08 -53.59 -62.57
N HIS B 1555 -48.07 -53.01 -63.27
CA HIS B 1555 -49.21 -52.41 -62.58
C HIS B 1555 -50.06 -53.47 -61.89
N GLY B 1556 -49.83 -54.74 -62.19
CA GLY B 1556 -50.54 -55.81 -61.54
C GLY B 1556 -50.32 -55.83 -60.04
N GLU B 1557 -49.07 -55.70 -59.61
CA GLU B 1557 -48.77 -55.62 -58.18
C GLU B 1557 -49.06 -54.23 -57.62
N TYR B 1558 -49.34 -53.26 -58.48
CA TYR B 1558 -49.49 -51.88 -58.03
C TYR B 1558 -50.68 -51.69 -57.12
N PHE B 1559 -51.75 -52.49 -57.30
CA PHE B 1559 -52.85 -52.46 -56.34
C PHE B 1559 -52.37 -52.83 -54.94
N TYR B 1560 -51.63 -53.94 -54.81
CA TYR B 1560 -51.16 -54.30 -53.48
C TYR B 1560 -50.11 -53.32 -53.00
N SER B 1561 -49.47 -52.61 -53.94
CA SER B 1561 -48.52 -51.57 -53.55
C SER B 1561 -49.22 -50.39 -52.88
N LEU B 1562 -50.18 -49.79 -53.57
CA LEU B 1562 -50.83 -48.59 -53.04
C LEU B 1562 -51.94 -48.93 -52.05
N PHE B 1563 -52.51 -50.13 -52.17
CA PHE B 1563 -53.80 -50.44 -51.56
C PHE B 1563 -53.71 -51.76 -50.82
N SER B 1564 -54.86 -52.35 -50.52
CA SER B 1564 -55.06 -53.77 -50.35
C SER B 1564 -54.66 -54.33 -49.00
N GLU B 1565 -54.41 -53.50 -47.99
CA GLU B 1565 -54.25 -54.03 -46.64
C GLU B 1565 -55.51 -54.77 -46.19
N THR B 1566 -56.62 -54.54 -46.89
CA THR B 1566 -57.91 -55.14 -46.56
C THR B 1566 -58.57 -55.87 -47.74
N ILE B 1567 -58.03 -55.75 -48.96
CA ILE B 1567 -58.45 -56.69 -49.99
C ILE B 1567 -58.10 -58.10 -49.57
N ASN B 1568 -57.02 -58.26 -48.80
CA ASN B 1568 -56.68 -59.57 -48.26
C ASN B 1568 -57.84 -60.15 -47.47
N THR B 1569 -58.38 -59.37 -46.52
CA THR B 1569 -59.45 -59.89 -45.67
C THR B 1569 -60.78 -59.96 -46.43
N GLU B 1570 -60.98 -59.09 -47.42
CA GLU B 1570 -62.14 -59.24 -48.30
C GLU B 1570 -62.10 -60.55 -49.07
N LEU B 1571 -60.92 -60.99 -49.49
CA LEU B 1571 -60.79 -62.30 -50.11
C LEU B 1571 -60.87 -63.41 -49.06
N LEU B 1572 -60.48 -63.11 -47.82
CA LEU B 1572 -60.54 -64.12 -46.77
C LEU B 1572 -61.97 -64.52 -46.46
N LYS B 1573 -62.86 -63.54 -46.25
CA LYS B 1573 -64.25 -63.88 -45.98
C LYS B 1573 -64.94 -64.43 -47.21
N ASN B 1574 -64.34 -64.27 -48.39
CA ASN B 1574 -64.87 -64.83 -49.63
C ASN B 1574 -63.81 -65.76 -50.22
N LEU B 1575 -63.33 -66.70 -49.40
CA LEU B 1575 -62.30 -67.61 -49.89
C LEU B 1575 -62.91 -68.81 -50.59
N ASP B 1576 -64.15 -69.16 -50.24
CA ASP B 1576 -64.77 -70.35 -50.79
C ASP B 1576 -65.01 -70.26 -52.29
N LEU B 1577 -65.26 -69.05 -52.81
CA LEU B 1577 -65.46 -68.87 -54.25
C LEU B 1577 -64.15 -68.94 -55.02
N ALA B 1578 -63.04 -68.58 -54.40
CA ALA B 1578 -61.75 -68.52 -55.06
C ALA B 1578 -60.72 -69.27 -54.23
N VAL B 1579 -61.06 -70.51 -53.84
CA VAL B 1579 -60.17 -71.31 -53.01
C VAL B 1579 -58.81 -71.48 -53.69
N LEU B 1580 -58.78 -71.90 -54.95
CA LEU B 1580 -57.52 -71.90 -55.69
C LEU B 1580 -57.67 -71.53 -57.16
N GLU B 1581 -58.87 -71.13 -57.62
CA GLU B 1581 -59.06 -70.89 -59.05
C GLU B 1581 -58.20 -69.74 -59.55
N LEU B 1582 -57.85 -68.80 -58.68
CA LEU B 1582 -57.00 -67.67 -59.05
C LEU B 1582 -55.67 -68.18 -59.59
N MET B 1583 -55.13 -69.21 -58.94
CA MET B 1583 -53.98 -69.95 -59.45
C MET B 1583 -54.38 -70.84 -60.62
N GLN B 1584 -55.51 -71.54 -60.49
CA GLN B 1584 -55.86 -72.58 -61.47
C GLN B 1584 -56.04 -72.01 -62.86
N SER B 1585 -56.43 -70.73 -62.97
CA SER B 1585 -56.32 -70.00 -64.23
C SER B 1585 -54.87 -69.57 -64.43
N SER B 1586 -54.05 -70.54 -64.82
CA SER B 1586 -52.60 -70.41 -64.74
C SER B 1586 -52.08 -69.40 -65.76
N VAL B 1587 -50.85 -68.95 -65.52
CA VAL B 1587 -50.16 -68.00 -66.37
C VAL B 1587 -48.70 -68.44 -66.48
N ASP B 1588 -48.00 -67.91 -67.46
CA ASP B 1588 -46.57 -68.22 -67.61
C ASP B 1588 -45.76 -67.56 -66.51
N ASN B 1589 -46.01 -66.28 -66.23
CA ASN B 1589 -45.30 -65.56 -65.17
C ASN B 1589 -46.15 -65.54 -63.91
N THR B 1590 -46.05 -66.63 -63.15
CA THR B 1590 -46.83 -66.79 -61.92
C THR B 1590 -46.22 -66.00 -60.77
N LYS B 1591 -45.29 -65.09 -61.06
CA LYS B 1591 -44.70 -64.28 -60.01
C LYS B 1591 -45.75 -63.45 -59.30
N MET B 1592 -46.68 -62.84 -60.05
CA MET B 1592 -47.75 -62.07 -59.44
C MET B 1592 -48.57 -62.93 -58.49
N VAL B 1593 -49.05 -64.07 -58.97
CA VAL B 1593 -49.99 -64.86 -58.17
C VAL B 1593 -49.27 -65.48 -56.97
N SER B 1594 -48.01 -65.89 -57.14
CA SER B 1594 -47.24 -66.37 -56.00
C SER B 1594 -47.11 -65.29 -54.94
N ALA B 1595 -46.75 -64.07 -55.36
CA ALA B 1595 -46.61 -62.99 -54.40
C ALA B 1595 -47.94 -62.65 -53.74
N VAL B 1596 -49.03 -62.72 -54.50
CA VAL B 1596 -50.32 -62.33 -53.95
C VAL B 1596 -50.80 -63.36 -52.93
N LEU B 1597 -50.61 -64.65 -53.20
CA LEU B 1597 -50.97 -65.66 -52.22
C LEU B 1597 -50.08 -65.53 -50.99
N ASN B 1598 -48.80 -65.19 -51.19
CA ASN B 1598 -47.92 -64.98 -50.05
C ASN B 1598 -48.38 -63.81 -49.19
N GLY B 1599 -48.81 -62.71 -49.81
CA GLY B 1599 -49.29 -61.58 -49.04
C GLY B 1599 -50.58 -61.88 -48.31
N MET B 1600 -51.48 -62.62 -48.95
CA MET B 1600 -52.68 -63.10 -48.28
C MET B 1600 -52.32 -63.96 -47.07
N LEU B 1601 -51.33 -64.82 -47.23
CA LEU B 1601 -50.87 -65.65 -46.11
C LEU B 1601 -50.30 -64.79 -44.99
N ASP B 1602 -49.57 -63.74 -45.36
CA ASP B 1602 -49.01 -62.82 -44.36
C ASP B 1602 -50.13 -62.16 -43.57
N GLN B 1603 -51.17 -61.71 -44.25
CA GLN B 1603 -52.31 -61.10 -43.54
C GLN B 1603 -53.00 -62.12 -42.64
N SER B 1604 -53.19 -63.34 -43.14
CA SER B 1604 -53.77 -64.39 -42.30
C SER B 1604 -52.90 -64.68 -41.09
N PHE B 1605 -51.59 -64.49 -41.20
CA PHE B 1605 -50.70 -64.59 -40.06
C PHE B 1605 -51.06 -63.56 -38.99
N ARG B 1606 -51.39 -62.34 -39.40
CA ARG B 1606 -51.69 -61.29 -38.44
C ARG B 1606 -53.08 -61.46 -37.83
N GLU B 1607 -54.05 -61.93 -38.61
CA GLU B 1607 -55.45 -61.86 -38.18
C GLU B 1607 -55.76 -62.79 -37.01
N ARG B 1608 -54.94 -63.82 -36.78
CA ARG B 1608 -55.34 -64.91 -35.90
C ARG B 1608 -55.69 -64.46 -34.50
N ALA B 1609 -55.11 -63.36 -34.02
CA ALA B 1609 -55.37 -62.93 -32.64
C ALA B 1609 -56.80 -62.43 -32.46
N ASN B 1610 -57.33 -61.75 -33.47
CA ASN B 1610 -58.63 -61.10 -33.35
C ASN B 1610 -59.79 -61.90 -33.92
N GLN B 1611 -59.57 -62.66 -34.99
CA GLN B 1611 -60.61 -63.48 -35.60
C GLN B 1611 -60.55 -64.88 -35.00
N LYS B 1612 -61.67 -65.36 -34.47
CA LYS B 1612 -61.69 -66.61 -33.74
C LYS B 1612 -61.73 -67.86 -34.62
N HIS B 1613 -62.03 -67.71 -35.92
CA HIS B 1613 -61.93 -68.88 -36.80
C HIS B 1613 -61.55 -68.38 -38.20
N GLN B 1614 -60.24 -68.37 -38.46
CA GLN B 1614 -59.68 -68.03 -39.76
C GLN B 1614 -58.21 -68.39 -39.71
N GLY B 1615 -57.68 -68.75 -40.88
CA GLY B 1615 -56.35 -69.36 -40.92
C GLY B 1615 -56.48 -70.86 -40.78
N LEU B 1616 -57.35 -71.28 -39.85
CA LEU B 1616 -57.84 -72.66 -39.88
C LEU B 1616 -58.66 -72.89 -41.15
N LYS B 1617 -59.36 -71.85 -41.62
CA LYS B 1617 -59.96 -71.89 -42.95
C LYS B 1617 -58.86 -71.97 -44.01
N LEU B 1618 -57.74 -71.28 -43.80
CA LEU B 1618 -56.61 -71.46 -44.69
C LEU B 1618 -56.08 -72.88 -44.62
N ALA B 1619 -55.97 -73.45 -43.43
CA ALA B 1619 -55.58 -74.86 -43.33
C ALA B 1619 -56.63 -75.80 -43.90
N THR B 1620 -57.85 -75.30 -44.15
CA THR B 1620 -58.94 -76.09 -44.71
C THR B 1620 -58.96 -75.99 -46.24
N THR B 1621 -58.46 -74.89 -46.79
CA THR B 1621 -58.48 -74.66 -48.23
C THR B 1621 -57.13 -74.87 -48.92
N ILE B 1622 -56.03 -74.76 -48.18
CA ILE B 1622 -54.68 -74.75 -48.73
C ILE B 1622 -54.25 -76.11 -49.30
N LEU B 1623 -55.02 -77.16 -49.05
CA LEU B 1623 -54.53 -78.52 -49.20
C LEU B 1623 -54.73 -79.11 -50.60
N GLN B 1624 -55.03 -78.29 -51.62
CA GLN B 1624 -55.38 -78.80 -52.94
C GLN B 1624 -54.51 -78.25 -54.07
N HIS B 1625 -53.28 -77.83 -53.79
CA HIS B 1625 -52.43 -77.31 -54.85
C HIS B 1625 -51.92 -78.38 -55.81
N TRP B 1626 -52.19 -79.65 -55.55
CA TRP B 1626 -51.51 -80.73 -56.26
C TRP B 1626 -52.23 -81.16 -57.53
N LYS B 1627 -52.97 -80.24 -58.16
CA LYS B 1627 -53.70 -80.59 -59.37
C LYS B 1627 -53.23 -79.83 -60.60
N LYS B 1628 -53.28 -78.49 -60.55
CA LYS B 1628 -52.95 -77.73 -61.76
C LYS B 1628 -51.76 -76.80 -61.64
N CYS B 1629 -51.24 -76.52 -60.44
CA CYS B 1629 -49.92 -75.91 -60.37
C CYS B 1629 -48.94 -77.03 -60.67
N ASP B 1630 -48.92 -77.47 -61.93
CA ASP B 1630 -48.44 -78.79 -62.27
C ASP B 1630 -46.95 -78.93 -62.00
N SER B 1631 -46.56 -80.16 -61.65
CA SER B 1631 -45.17 -80.53 -61.44
C SER B 1631 -44.56 -79.74 -60.27
N TRP B 1632 -45.16 -79.90 -59.10
CA TRP B 1632 -44.42 -79.65 -57.87
C TRP B 1632 -43.22 -80.59 -57.81
N TRP B 1633 -43.33 -81.73 -58.48
CA TRP B 1633 -42.32 -82.78 -58.54
C TRP B 1633 -41.39 -82.61 -59.74
N ALA B 1634 -40.86 -81.42 -59.97
CA ALA B 1634 -39.99 -81.18 -61.11
C ALA B 1634 -39.30 -79.83 -60.94
N LYS B 1635 -38.32 -79.59 -61.81
CA LYS B 1635 -37.67 -78.29 -61.93
C LYS B 1635 -38.01 -77.72 -63.31
N ASP B 1636 -39.16 -77.05 -63.39
CA ASP B 1636 -39.57 -76.42 -64.64
C ASP B 1636 -39.01 -75.02 -64.78
N SER B 1637 -38.74 -74.35 -63.66
CA SER B 1637 -38.20 -72.99 -63.65
C SER B 1637 -36.82 -73.04 -63.00
N PRO B 1638 -35.75 -73.10 -63.80
CA PRO B 1638 -34.40 -73.12 -63.23
C PRO B 1638 -34.02 -71.79 -62.61
N LEU B 1639 -34.83 -71.36 -61.63
CA LEU B 1639 -34.64 -70.07 -60.99
C LEU B 1639 -34.72 -70.27 -59.49
N GLU B 1640 -34.73 -69.16 -58.76
CA GLU B 1640 -35.01 -69.19 -57.33
C GLU B 1640 -36.49 -69.38 -57.03
N THR B 1641 -37.32 -69.53 -58.06
CA THR B 1641 -38.75 -69.75 -57.86
C THR B 1641 -39.04 -71.06 -57.14
N LYS B 1642 -38.09 -71.99 -57.11
CA LYS B 1642 -38.29 -73.24 -56.39
C LYS B 1642 -38.55 -73.01 -54.91
N MET B 1643 -37.97 -71.95 -54.34
CA MET B 1643 -38.08 -71.75 -52.91
C MET B 1643 -39.34 -70.98 -52.55
N ALA B 1644 -40.11 -70.54 -53.54
CA ALA B 1644 -41.43 -70.01 -53.25
C ALA B 1644 -42.28 -71.03 -52.54
N VAL B 1645 -42.10 -72.31 -52.90
CA VAL B 1645 -42.84 -73.39 -52.24
C VAL B 1645 -42.50 -73.41 -50.76
N LEU B 1646 -41.20 -73.44 -50.44
CA LEU B 1646 -40.77 -73.50 -49.05
C LEU B 1646 -41.25 -72.27 -48.30
N ALA B 1647 -41.14 -71.09 -48.93
CA ALA B 1647 -41.57 -69.86 -48.28
C ALA B 1647 -43.06 -69.89 -47.97
N LEU B 1648 -43.87 -70.40 -48.90
CA LEU B 1648 -45.31 -70.38 -48.68
C LEU B 1648 -45.71 -71.39 -47.62
N LEU B 1649 -45.09 -72.58 -47.61
CA LEU B 1649 -45.38 -73.54 -46.53
C LEU B 1649 -44.94 -73.02 -45.17
N ALA B 1650 -43.82 -72.28 -45.13
CA ALA B 1650 -43.12 -72.06 -43.87
C ALA B 1650 -44.04 -71.45 -42.80
N LYS B 1651 -44.50 -70.23 -43.03
CA LYS B 1651 -45.26 -69.53 -41.99
C LYS B 1651 -46.65 -70.13 -41.81
N ILE B 1652 -47.29 -70.54 -42.90
CA ILE B 1652 -48.65 -71.05 -42.78
C ILE B 1652 -48.65 -72.34 -41.95
N LEU B 1653 -47.56 -73.07 -41.98
CA LEU B 1653 -47.53 -74.34 -41.25
C LEU B 1653 -46.74 -74.25 -39.96
N GLN B 1654 -46.07 -73.12 -39.72
CA GLN B 1654 -45.26 -72.96 -38.51
C GLN B 1654 -46.15 -72.54 -37.34
N ILE B 1655 -47.34 -72.01 -37.63
CA ILE B 1655 -48.34 -71.67 -36.62
C ILE B 1655 -49.70 -72.18 -37.08
N ASP B 1656 -50.44 -72.78 -36.13
CA ASP B 1656 -51.83 -73.16 -36.34
C ASP B 1656 -51.99 -74.16 -37.48
N SER B 1657 -51.37 -75.33 -37.32
CA SER B 1657 -51.50 -76.42 -38.27
C SER B 1657 -52.16 -77.61 -37.60
N SER B 1658 -53.22 -77.37 -36.84
CA SER B 1658 -53.83 -78.41 -36.04
C SER B 1658 -54.47 -79.52 -36.87
N VAL B 1659 -54.69 -79.29 -38.17
CA VAL B 1659 -55.43 -80.24 -38.99
C VAL B 1659 -54.64 -80.63 -40.23
N SER B 1660 -53.37 -80.22 -40.30
CA SER B 1660 -52.52 -80.57 -41.43
C SER B 1660 -51.50 -81.67 -41.10
N PHE B 1661 -51.30 -81.97 -39.83
CA PHE B 1661 -50.29 -82.95 -39.45
C PHE B 1661 -50.86 -84.37 -39.50
N ASN B 1662 -50.02 -85.32 -39.93
CA ASN B 1662 -50.38 -86.74 -40.01
C ASN B 1662 -51.57 -86.97 -40.94
N THR B 1663 -51.77 -86.06 -41.89
CA THR B 1663 -52.86 -86.17 -42.86
C THR B 1663 -52.37 -86.92 -44.10
N SER B 1664 -53.12 -87.97 -44.46
CA SER B 1664 -52.76 -88.76 -45.63
C SER B 1664 -53.82 -88.65 -46.72
N HIS B 1665 -54.98 -88.06 -46.40
CA HIS B 1665 -56.12 -88.01 -47.31
C HIS B 1665 -56.08 -86.81 -48.26
N GLY B 1666 -54.97 -86.08 -48.34
CA GLY B 1666 -54.87 -84.95 -49.25
C GLY B 1666 -53.78 -85.10 -50.30
N SER B 1667 -53.65 -86.30 -50.88
CA SER B 1667 -52.61 -86.61 -51.88
C SER B 1667 -51.22 -86.46 -51.29
N PHE B 1668 -51.10 -86.76 -50.01
CA PHE B 1668 -49.87 -86.62 -49.23
C PHE B 1668 -48.77 -87.65 -49.52
N PRO B 1669 -49.08 -88.89 -49.91
CA PRO B 1669 -47.97 -89.78 -50.32
C PRO B 1669 -47.09 -89.19 -51.41
N GLU B 1670 -47.70 -88.55 -52.41
CA GLU B 1670 -46.90 -87.85 -53.41
C GLU B 1670 -46.15 -86.67 -52.79
N VAL B 1671 -46.78 -85.99 -51.84
CA VAL B 1671 -46.12 -84.86 -51.18
C VAL B 1671 -44.83 -85.33 -50.51
N PHE B 1672 -44.89 -86.44 -49.76
CA PHE B 1672 -43.70 -86.96 -49.09
C PHE B 1672 -42.68 -87.47 -50.09
N THR B 1673 -43.12 -88.20 -51.12
CA THR B 1673 -42.16 -88.76 -52.05
C THR B 1673 -41.43 -87.66 -52.81
N THR B 1674 -42.11 -86.54 -53.09
CA THR B 1674 -41.44 -85.42 -53.72
C THR B 1674 -40.52 -84.71 -52.74
N TYR B 1675 -41.00 -84.47 -51.51
CA TYR B 1675 -40.20 -83.80 -50.50
C TYR B 1675 -38.90 -84.56 -50.23
N ILE B 1676 -38.91 -85.87 -50.45
CA ILE B 1676 -37.69 -86.66 -50.33
C ILE B 1676 -36.89 -86.69 -51.64
N SER B 1677 -37.55 -86.92 -52.77
CA SER B 1677 -36.85 -87.09 -54.04
C SER B 1677 -36.13 -85.82 -54.46
N LEU B 1678 -36.67 -84.65 -54.11
CA LEU B 1678 -35.94 -83.41 -54.35
C LEU B 1678 -34.64 -83.39 -53.56
N LEU B 1679 -34.66 -83.98 -52.37
CA LEU B 1679 -33.53 -83.91 -51.45
C LEU B 1679 -32.34 -84.73 -51.92
N ALA B 1680 -32.53 -85.66 -52.87
CA ALA B 1680 -31.43 -86.42 -53.42
C ALA B 1680 -30.75 -85.70 -54.58
N ASP B 1681 -31.30 -84.57 -55.02
CA ASP B 1681 -30.72 -83.80 -56.12
C ASP B 1681 -29.49 -83.08 -55.58
N THR B 1682 -28.30 -83.58 -55.95
CA THR B 1682 -27.07 -83.15 -55.31
C THR B 1682 -26.52 -81.82 -55.85
N LYS B 1683 -27.13 -81.26 -56.88
CA LYS B 1683 -26.68 -79.98 -57.40
C LYS B 1683 -26.78 -78.91 -56.30
N LEU B 1684 -25.73 -78.09 -56.20
CA LEU B 1684 -25.52 -77.24 -55.02
C LEU B 1684 -26.51 -76.08 -55.01
N ASP B 1685 -27.76 -76.42 -54.71
CA ASP B 1685 -28.72 -75.45 -54.17
C ASP B 1685 -28.87 -75.72 -52.67
N LEU B 1686 -27.92 -75.16 -51.92
CA LEU B 1686 -27.62 -75.66 -50.58
C LEU B 1686 -28.61 -75.17 -49.54
N HIS B 1687 -28.73 -73.84 -49.37
CA HIS B 1687 -29.57 -73.31 -48.30
C HIS B 1687 -31.02 -73.76 -48.46
N LEU B 1688 -31.40 -74.15 -49.69
CA LEU B 1688 -32.64 -74.87 -49.90
C LEU B 1688 -32.75 -76.06 -48.96
N LYS B 1689 -31.68 -76.86 -48.89
CA LYS B 1689 -31.74 -78.10 -48.12
C LYS B 1689 -31.88 -77.79 -46.63
N GLY B 1690 -31.18 -76.75 -46.17
CA GLY B 1690 -31.32 -76.34 -44.79
C GLY B 1690 -32.72 -75.84 -44.46
N GLN B 1691 -33.32 -75.06 -45.36
CA GLN B 1691 -34.69 -74.62 -45.13
C GLN B 1691 -35.66 -75.79 -45.19
N ALA B 1692 -35.35 -76.80 -46.01
CA ALA B 1692 -36.19 -77.99 -46.07
C ALA B 1692 -36.14 -78.77 -44.76
N VAL B 1693 -34.95 -78.91 -44.17
CA VAL B 1693 -34.85 -79.57 -42.87
C VAL B 1693 -35.30 -78.65 -41.74
N THR B 1694 -35.48 -77.35 -42.00
CA THR B 1694 -36.24 -76.52 -41.09
C THR B 1694 -37.72 -76.89 -41.14
N LEU B 1695 -38.19 -77.33 -42.31
CA LEU B 1695 -39.55 -77.84 -42.49
C LEU B 1695 -39.63 -79.34 -42.24
N LEU B 1696 -38.62 -79.92 -41.60
CA LEU B 1696 -38.53 -81.33 -41.25
C LEU B 1696 -39.54 -81.78 -40.17
N PRO B 1697 -40.02 -80.93 -39.26
CA PRO B 1697 -41.01 -81.40 -38.28
C PRO B 1697 -42.31 -81.91 -38.87
N PHE B 1698 -42.39 -82.01 -40.19
CA PHE B 1698 -43.55 -82.55 -40.87
C PHE B 1698 -43.21 -83.93 -41.45
N PHE B 1699 -44.26 -84.73 -41.66
CA PHE B 1699 -44.17 -86.15 -41.98
C PHE B 1699 -43.60 -86.97 -40.83
N THR B 1700 -43.74 -86.52 -39.58
CA THR B 1700 -43.22 -87.27 -38.45
C THR B 1700 -44.27 -88.25 -37.93
N SER B 1701 -44.75 -89.11 -38.82
CA SER B 1701 -45.57 -90.25 -38.45
C SER B 1701 -44.95 -91.57 -38.90
N LEU B 1702 -44.05 -91.54 -39.87
CA LEU B 1702 -43.20 -92.67 -40.26
C LEU B 1702 -44.01 -93.83 -40.83
N THR B 1703 -45.28 -93.60 -41.21
CA THR B 1703 -45.91 -94.51 -42.15
C THR B 1703 -45.15 -94.48 -43.47
N GLY B 1704 -44.61 -93.33 -43.83
CA GLY B 1704 -43.64 -93.23 -44.91
C GLY B 1704 -42.28 -93.67 -44.43
N GLY B 1705 -42.23 -94.83 -43.78
CA GLY B 1705 -41.01 -95.55 -43.49
C GLY B 1705 -40.94 -96.89 -44.20
N SER B 1706 -41.71 -97.07 -45.27
CA SER B 1706 -41.79 -98.38 -45.91
C SER B 1706 -40.44 -98.84 -46.41
N LEU B 1707 -39.71 -97.98 -47.10
CA LEU B 1707 -38.31 -98.27 -47.41
C LEU B 1707 -37.40 -97.25 -46.73
N GLU B 1708 -37.78 -96.79 -45.54
CA GLU B 1708 -36.81 -96.25 -44.58
C GLU B 1708 -36.13 -94.97 -45.14
N GLU B 1709 -36.89 -94.27 -45.98
CA GLU B 1709 -36.36 -93.36 -46.98
C GLU B 1709 -35.57 -92.21 -46.36
N LEU B 1710 -36.22 -91.43 -45.49
CA LEU B 1710 -35.56 -90.27 -44.92
C LEU B 1710 -34.32 -90.68 -44.12
N ARG B 1711 -34.44 -91.78 -43.36
CA ARG B 1711 -33.33 -92.19 -42.51
C ARG B 1711 -32.16 -92.70 -43.34
N ARG B 1712 -32.41 -93.20 -44.56
CA ARG B 1712 -31.29 -93.64 -45.40
C ARG B 1712 -30.75 -92.51 -46.26
N VAL B 1713 -31.57 -91.50 -46.56
CA VAL B 1713 -31.09 -90.42 -47.41
C VAL B 1713 -30.30 -89.42 -46.57
N LEU B 1714 -30.58 -89.39 -45.26
CA LEU B 1714 -29.92 -88.42 -44.41
C LEU B 1714 -28.41 -88.63 -44.34
N GLU B 1715 -27.92 -89.86 -44.36
CA GLU B 1715 -26.47 -90.03 -44.33
C GLU B 1715 -25.86 -89.71 -45.69
N GLN B 1716 -26.52 -90.10 -46.78
CA GLN B 1716 -25.95 -89.81 -48.09
C GLN B 1716 -26.00 -88.31 -48.36
N LEU B 1717 -26.74 -87.57 -47.54
CA LEU B 1717 -26.64 -86.11 -47.48
C LEU B 1717 -25.49 -85.66 -46.58
N ILE B 1718 -25.53 -86.06 -45.31
CA ILE B 1718 -24.60 -85.56 -44.31
C ILE B 1718 -23.15 -85.93 -44.60
N VAL B 1719 -22.87 -87.20 -44.91
CA VAL B 1719 -21.50 -87.56 -45.28
C VAL B 1719 -21.05 -86.84 -46.53
N ALA B 1720 -21.97 -86.42 -47.38
CA ALA B 1720 -21.66 -85.56 -48.51
C ALA B 1720 -21.54 -84.10 -48.10
N HIS B 1721 -21.88 -83.77 -46.86
CA HIS B 1721 -21.72 -82.41 -46.38
C HIS B 1721 -20.91 -82.32 -45.09
N PHE B 1722 -20.96 -83.35 -44.25
CA PHE B 1722 -20.20 -83.38 -43.01
C PHE B 1722 -19.07 -84.39 -43.19
N PRO B 1723 -17.97 -84.01 -43.84
CA PRO B 1723 -17.06 -85.01 -44.40
C PRO B 1723 -16.18 -85.76 -43.41
N MET B 1724 -15.55 -85.07 -42.46
CA MET B 1724 -14.42 -85.68 -41.77
C MET B 1724 -14.17 -84.90 -40.48
N GLN B 1725 -12.99 -85.08 -39.89
CA GLN B 1725 -12.58 -84.53 -38.59
C GLN B 1725 -13.01 -83.09 -38.36
N SER B 1726 -13.15 -82.33 -39.45
CA SER B 1726 -13.55 -80.92 -39.40
C SER B 1726 -12.45 -80.05 -38.80
N ARG B 1727 -11.20 -80.52 -38.90
CA ARG B 1727 -10.07 -79.62 -38.78
C ARG B 1727 -9.76 -78.97 -40.11
N GLU B 1728 -9.97 -79.71 -41.21
CA GLU B 1728 -10.01 -79.13 -42.54
C GLU B 1728 -11.20 -78.19 -42.72
N PHE B 1729 -12.15 -78.22 -41.78
CA PHE B 1729 -13.17 -77.20 -41.64
C PHE B 1729 -12.79 -76.40 -40.40
N PRO B 1730 -11.84 -75.46 -40.49
CA PRO B 1730 -11.30 -74.83 -39.28
C PRO B 1730 -12.34 -73.94 -38.62
N PRO B 1731 -12.22 -73.72 -37.32
CA PRO B 1731 -13.20 -72.86 -36.62
C PRO B 1731 -13.24 -71.46 -37.22
N GLY B 1732 -14.44 -70.90 -37.31
CA GLY B 1732 -14.64 -69.63 -37.96
C GLY B 1732 -14.79 -69.68 -39.46
N THR B 1733 -14.24 -70.71 -40.12
CA THR B 1733 -14.37 -70.83 -41.57
C THR B 1733 -15.83 -71.05 -41.95
N PRO B 1734 -16.29 -70.46 -43.07
CA PRO B 1734 -17.65 -70.73 -43.52
C PRO B 1734 -17.94 -72.22 -43.70
N ARG B 1735 -16.93 -73.00 -44.07
CA ARG B 1735 -17.09 -74.46 -44.14
C ARG B 1735 -17.56 -75.00 -42.80
N PHE B 1736 -16.90 -74.58 -41.71
CA PHE B 1736 -17.23 -75.04 -40.36
C PHE B 1736 -18.53 -74.40 -39.83
N ASN B 1737 -18.71 -73.11 -40.02
CA ASN B 1737 -19.83 -72.42 -39.40
C ASN B 1737 -21.15 -72.58 -40.14
N ASN B 1738 -21.14 -72.75 -41.46
CA ASN B 1738 -22.36 -73.22 -42.09
C ASN B 1738 -22.75 -74.61 -41.61
N TYR B 1739 -21.76 -75.46 -41.32
CA TYR B 1739 -22.02 -76.75 -40.70
C TYR B 1739 -22.72 -76.57 -39.35
N VAL B 1740 -22.15 -75.73 -38.48
CA VAL B 1740 -22.72 -75.61 -37.13
C VAL B 1740 -24.12 -74.99 -37.19
N ASP B 1741 -24.32 -74.01 -38.09
CA ASP B 1741 -25.64 -73.40 -38.23
C ASP B 1741 -26.67 -74.40 -38.76
N CYS B 1742 -26.31 -75.15 -39.80
CA CYS B 1742 -27.19 -76.17 -40.34
C CYS B 1742 -27.51 -77.22 -39.28
N MET B 1743 -26.52 -77.59 -38.48
CA MET B 1743 -26.72 -78.61 -37.48
C MET B 1743 -27.64 -78.13 -36.36
N LYS B 1744 -27.53 -76.85 -35.98
CA LYS B 1744 -28.52 -76.32 -35.04
C LYS B 1744 -29.90 -76.28 -35.69
N LYS B 1745 -29.96 -76.07 -37.00
CA LYS B 1745 -31.28 -75.97 -37.62
C LYS B 1745 -31.90 -77.36 -37.82
N PHE B 1746 -31.09 -78.43 -37.76
CA PHE B 1746 -31.68 -79.71 -37.38
C PHE B 1746 -32.22 -79.67 -35.96
N LEU B 1747 -31.38 -79.26 -35.00
CA LEU B 1747 -31.75 -79.37 -33.58
C LEU B 1747 -33.11 -78.75 -33.29
N ASP B 1748 -33.38 -77.58 -33.85
CA ASP B 1748 -34.64 -76.89 -33.61
C ASP B 1748 -35.81 -77.74 -34.08
N ALA B 1749 -35.68 -78.36 -35.25
CA ALA B 1749 -36.75 -79.18 -35.79
C ALA B 1749 -37.08 -80.34 -34.85
N LEU B 1750 -36.06 -80.92 -34.22
CA LEU B 1750 -36.31 -82.07 -33.35
C LEU B 1750 -36.92 -81.62 -32.04
N GLU B 1751 -36.43 -80.52 -31.48
CA GLU B 1751 -37.10 -79.96 -30.30
C GLU B 1751 -38.56 -79.64 -30.59
N LEU B 1752 -38.89 -79.33 -31.85
CA LEU B 1752 -40.29 -79.21 -32.23
C LEU B 1752 -41.00 -80.56 -32.38
N SER B 1753 -40.30 -81.58 -32.88
CA SER B 1753 -40.95 -82.78 -33.40
C SER B 1753 -40.94 -83.97 -32.45
N GLN B 1754 -39.88 -84.16 -31.67
CA GLN B 1754 -39.70 -85.36 -30.84
C GLN B 1754 -39.75 -86.62 -31.70
N SER B 1755 -38.92 -86.64 -32.75
CA SER B 1755 -38.82 -87.82 -33.60
C SER B 1755 -37.57 -88.61 -33.23
N PRO B 1756 -37.71 -89.79 -32.62
CA PRO B 1756 -36.53 -90.44 -31.99
C PRO B 1756 -35.45 -90.84 -32.96
N MET B 1757 -35.82 -91.23 -34.18
CA MET B 1757 -34.84 -91.67 -35.15
C MET B 1757 -33.81 -90.59 -35.43
N LEU B 1758 -34.27 -89.35 -35.56
CA LEU B 1758 -33.34 -88.28 -35.93
C LEU B 1758 -32.54 -87.82 -34.71
N LEU B 1759 -33.08 -88.05 -33.50
CA LEU B 1759 -32.26 -87.94 -32.29
C LEU B 1759 -31.07 -88.90 -32.35
N GLU B 1760 -31.34 -90.18 -32.59
CA GLU B 1760 -30.23 -91.12 -32.65
C GLU B 1760 -29.33 -90.81 -33.84
N LEU B 1761 -29.88 -90.18 -34.87
CA LEU B 1761 -29.04 -89.72 -35.97
C LEU B 1761 -28.05 -88.65 -35.52
N MET B 1762 -28.48 -87.66 -34.72
CA MET B 1762 -27.47 -86.70 -34.25
C MET B 1762 -26.47 -87.37 -33.33
N THR B 1763 -26.93 -88.34 -32.53
CA THR B 1763 -25.99 -89.04 -31.65
C THR B 1763 -24.94 -89.77 -32.49
N GLU B 1764 -25.35 -90.31 -33.63
CA GLU B 1764 -24.38 -90.88 -34.56
C GLU B 1764 -23.46 -89.81 -35.15
N VAL B 1765 -24.02 -88.64 -35.47
CA VAL B 1765 -23.22 -87.58 -36.08
C VAL B 1765 -22.10 -87.14 -35.13
N LEU B 1766 -22.42 -87.00 -33.85
CA LEU B 1766 -21.42 -86.54 -32.90
C LEU B 1766 -20.38 -87.63 -32.62
N CYS B 1767 -20.76 -88.90 -32.76
CA CYS B 1767 -19.91 -89.97 -32.26
C CYS B 1767 -18.88 -90.41 -33.28
N ARG B 1768 -18.56 -89.55 -34.24
CA ARG B 1768 -17.35 -89.72 -35.03
C ARG B 1768 -16.22 -88.87 -34.47
N GLU B 1769 -16.44 -88.22 -33.33
CA GLU B 1769 -15.54 -87.26 -32.74
C GLU B 1769 -15.61 -87.42 -31.23
N GLN B 1770 -14.74 -86.73 -30.50
CA GLN B 1770 -14.76 -86.83 -29.05
C GLN B 1770 -15.16 -85.52 -28.39
N GLN B 1771 -14.44 -84.44 -28.70
CA GLN B 1771 -14.65 -83.15 -28.05
C GLN B 1771 -15.51 -82.23 -28.92
N HIS B 1772 -16.80 -82.55 -28.97
CA HIS B 1772 -17.73 -81.76 -29.77
C HIS B 1772 -17.85 -80.36 -29.21
N VAL B 1773 -17.80 -79.36 -30.09
CA VAL B 1773 -17.78 -77.97 -29.64
C VAL B 1773 -19.18 -77.42 -29.39
N MET B 1774 -20.20 -78.02 -30.00
CA MET B 1774 -21.59 -77.57 -29.90
C MET B 1774 -22.19 -77.84 -28.53
N GLU B 1775 -21.41 -78.44 -27.62
CA GLU B 1775 -21.96 -79.23 -26.53
C GLU B 1775 -23.01 -78.47 -25.71
N GLU B 1776 -22.67 -77.28 -25.24
CA GLU B 1776 -23.56 -76.58 -24.31
C GLU B 1776 -24.88 -76.15 -24.95
N LEU B 1777 -24.86 -75.61 -26.17
CA LEU B 1777 -26.13 -75.35 -26.86
C LEU B 1777 -26.78 -76.65 -27.32
N PHE B 1778 -26.01 -77.73 -27.34
CA PHE B 1778 -26.51 -79.05 -27.72
C PHE B 1778 -27.26 -79.68 -26.53
N GLN B 1779 -26.70 -79.52 -25.33
CA GLN B 1779 -27.44 -79.90 -24.13
C GLN B 1779 -28.60 -78.95 -23.87
N SER B 1780 -28.49 -77.70 -24.34
CA SER B 1780 -29.60 -76.76 -24.20
C SER B 1780 -30.82 -77.20 -25.00
N SER B 1781 -30.65 -78.17 -25.91
CA SER B 1781 -31.79 -78.76 -26.59
C SER B 1781 -32.16 -80.11 -25.94
N PHE B 1782 -31.14 -80.91 -25.57
CA PHE B 1782 -31.45 -82.16 -24.87
C PHE B 1782 -32.31 -81.93 -23.62
N ARG B 1783 -31.93 -80.96 -22.80
CA ARG B 1783 -32.63 -80.78 -21.53
C ARG B 1783 -34.09 -80.38 -21.73
N ARG B 1784 -34.45 -79.83 -22.90
CA ARG B 1784 -35.85 -79.55 -23.17
C ARG B 1784 -36.54 -80.70 -23.90
N ILE B 1785 -35.78 -81.59 -24.55
CA ILE B 1785 -36.40 -82.73 -25.21
C ILE B 1785 -37.20 -83.57 -24.22
N ALA B 1786 -36.65 -83.78 -23.02
CA ALA B 1786 -37.22 -84.73 -22.07
C ALA B 1786 -38.17 -84.08 -21.06
N ARG B 1787 -38.88 -83.00 -21.44
CA ARG B 1787 -39.80 -82.35 -20.52
C ARG B 1787 -41.13 -81.94 -21.14
N ARG B 1788 -41.38 -82.28 -22.40
CA ARG B 1788 -42.57 -81.80 -23.10
C ARG B 1788 -43.54 -82.92 -23.45
N GLY B 1789 -43.09 -83.95 -24.14
CA GLY B 1789 -43.97 -84.94 -24.72
C GLY B 1789 -44.58 -85.88 -23.70
N SER B 1790 -45.45 -86.75 -24.20
CA SER B 1790 -46.10 -87.74 -23.36
C SER B 1790 -45.10 -88.81 -22.91
N CYS B 1791 -45.46 -89.52 -21.84
CA CYS B 1791 -44.60 -90.58 -21.34
C CYS B 1791 -44.39 -91.66 -22.38
N VAL B 1792 -45.36 -91.85 -23.28
CA VAL B 1792 -45.18 -92.80 -24.37
C VAL B 1792 -44.05 -92.34 -25.30
N THR B 1793 -44.01 -91.05 -25.62
CA THR B 1793 -42.93 -90.52 -26.44
C THR B 1793 -41.60 -90.65 -25.73
N GLN B 1794 -41.57 -90.38 -24.42
CA GLN B 1794 -40.33 -90.47 -23.67
C GLN B 1794 -39.83 -91.92 -23.64
N VAL B 1795 -40.70 -92.88 -23.36
CA VAL B 1795 -40.26 -94.27 -23.37
C VAL B 1795 -39.84 -94.69 -24.78
N GLY B 1796 -40.49 -94.15 -25.80
CA GLY B 1796 -40.09 -94.48 -27.17
C GLY B 1796 -38.67 -94.02 -27.48
N LEU B 1797 -38.37 -92.76 -27.14
CA LEU B 1797 -37.01 -92.27 -27.39
C LEU B 1797 -35.99 -93.02 -26.52
N LEU B 1798 -36.35 -93.31 -25.27
CA LEU B 1798 -35.45 -94.04 -24.39
C LEU B 1798 -35.16 -95.42 -24.93
N GLU B 1799 -36.19 -96.15 -25.40
CA GLU B 1799 -35.94 -97.48 -25.95
C GLU B 1799 -35.19 -97.42 -27.26
N SER B 1800 -35.41 -96.37 -28.06
CA SER B 1800 -34.64 -96.23 -29.29
C SER B 1800 -33.16 -96.11 -29.00
N VAL B 1801 -32.79 -95.16 -28.12
CA VAL B 1801 -31.38 -94.97 -27.81
C VAL B 1801 -30.82 -96.19 -27.08
N TYR B 1802 -31.66 -96.86 -26.28
CA TYR B 1802 -31.23 -98.03 -25.53
C TYR B 1802 -30.92 -99.19 -26.46
N GLU B 1803 -31.81 -99.45 -27.43
CA GLU B 1803 -31.56 -100.48 -28.43
C GLU B 1803 -30.35 -100.16 -29.28
N MET B 1804 -30.19 -98.89 -29.66
CA MET B 1804 -28.99 -98.54 -30.43
C MET B 1804 -27.71 -98.72 -29.64
N PHE B 1805 -27.70 -98.45 -28.34
CA PHE B 1805 -26.51 -98.77 -27.57
C PHE B 1805 -26.32 -100.28 -27.45
N ARG B 1806 -27.40 -101.03 -27.28
CA ARG B 1806 -27.27 -102.48 -27.31
C ARG B 1806 -27.12 -102.98 -28.75
N LYS B 1807 -26.10 -102.47 -29.44
CA LYS B 1807 -25.79 -102.86 -30.81
C LYS B 1807 -24.30 -103.07 -30.96
N ASP B 1808 -23.93 -104.07 -31.75
CA ASP B 1808 -22.54 -104.39 -32.03
C ASP B 1808 -22.24 -104.09 -33.49
N ASP B 1809 -21.22 -103.26 -33.72
CA ASP B 1809 -20.85 -102.82 -35.06
C ASP B 1809 -19.39 -102.43 -35.04
N PRO B 1810 -18.74 -102.34 -36.22
CA PRO B 1810 -17.33 -101.93 -36.25
C PRO B 1810 -17.07 -100.55 -35.67
N ARG B 1811 -18.14 -99.78 -35.47
CA ARG B 1811 -18.04 -98.45 -34.88
C ARG B 1811 -17.27 -98.49 -33.56
N LEU B 1812 -16.68 -97.35 -33.22
CA LEU B 1812 -15.85 -97.26 -32.01
C LEU B 1812 -16.71 -97.25 -30.75
N SER B 1813 -16.52 -98.26 -29.89
CA SER B 1813 -17.14 -98.23 -28.58
C SER B 1813 -16.58 -97.12 -27.71
N PHE B 1814 -15.39 -96.62 -28.08
CA PHE B 1814 -14.90 -95.32 -27.62
C PHE B 1814 -16.01 -94.27 -27.66
N THR B 1815 -16.91 -94.40 -28.63
CA THR B 1815 -18.03 -93.47 -28.74
C THR B 1815 -19.28 -94.02 -28.07
N ARG B 1816 -19.34 -95.34 -27.84
CA ARG B 1816 -20.40 -95.87 -27.00
C ARG B 1816 -20.32 -95.29 -25.60
N GLN B 1817 -19.11 -95.10 -25.10
CA GLN B 1817 -18.94 -94.38 -23.84
C GLN B 1817 -19.53 -92.98 -23.93
N SER B 1818 -19.45 -92.35 -25.10
CA SER B 1818 -20.12 -91.06 -25.27
C SER B 1818 -21.63 -91.22 -25.21
N PHE B 1819 -22.17 -92.27 -25.84
CA PHE B 1819 -23.60 -92.51 -25.79
C PHE B 1819 -24.11 -92.65 -24.36
N VAL B 1820 -23.41 -93.44 -23.53
CA VAL B 1820 -23.85 -93.53 -22.14
C VAL B 1820 -23.65 -92.19 -21.42
N ASP B 1821 -22.44 -91.62 -21.51
CA ASP B 1821 -22.12 -90.45 -20.70
C ASP B 1821 -22.95 -89.23 -21.06
N ARG B 1822 -23.50 -89.17 -22.26
CA ARG B 1822 -24.32 -88.02 -22.61
C ARG B 1822 -25.79 -88.37 -22.82
N SER B 1823 -26.07 -89.27 -23.76
CA SER B 1823 -27.45 -89.49 -24.17
C SER B 1823 -28.25 -90.21 -23.09
N LEU B 1824 -27.70 -91.28 -22.54
CA LEU B 1824 -28.46 -92.13 -21.64
C LEU B 1824 -28.57 -91.56 -20.23
N LEU B 1825 -27.94 -90.42 -19.95
CA LEU B 1825 -28.04 -89.76 -18.66
C LEU B 1825 -28.82 -88.46 -18.68
N THR B 1826 -28.64 -87.61 -19.70
CA THR B 1826 -29.41 -86.37 -19.76
C THR B 1826 -30.88 -86.66 -20.00
N LEU B 1827 -31.19 -87.76 -20.69
CA LEU B 1827 -32.57 -88.17 -20.88
C LEU B 1827 -33.20 -88.71 -19.61
N LEU B 1828 -32.41 -88.97 -18.58
CA LEU B 1828 -32.93 -89.44 -17.30
C LEU B 1828 -32.66 -88.47 -16.16
N TRP B 1829 -31.79 -87.49 -16.35
CA TRP B 1829 -31.57 -86.48 -15.35
C TRP B 1829 -32.85 -85.70 -15.08
N HIS B 1830 -33.60 -85.37 -16.13
CA HIS B 1830 -34.85 -84.63 -16.00
C HIS B 1830 -36.07 -85.52 -16.16
N CYS B 1831 -36.01 -86.75 -15.65
CA CYS B 1831 -37.16 -87.63 -15.68
C CYS B 1831 -38.29 -87.06 -14.83
N SER B 1832 -39.44 -86.80 -15.46
CA SER B 1832 -40.53 -86.14 -14.75
C SER B 1832 -41.91 -86.71 -15.04
N LEU B 1833 -42.03 -87.94 -15.53
CA LEU B 1833 -43.33 -88.53 -15.83
C LEU B 1833 -43.39 -89.96 -15.33
N ASP B 1834 -44.53 -90.61 -15.58
CA ASP B 1834 -44.69 -92.02 -15.20
C ASP B 1834 -43.80 -92.94 -16.02
N ALA B 1835 -43.18 -92.42 -17.08
CA ALA B 1835 -42.23 -93.17 -17.90
C ALA B 1835 -41.06 -93.66 -17.06
N LEU B 1836 -40.84 -92.99 -15.92
CA LEU B 1836 -39.72 -93.27 -15.04
C LEU B 1836 -39.67 -94.74 -14.62
N ARG B 1837 -40.83 -95.31 -14.27
CA ARG B 1837 -40.89 -96.72 -13.87
C ARG B 1837 -41.19 -97.66 -15.04
N GLU B 1838 -41.83 -97.15 -16.09
CA GLU B 1838 -41.95 -97.92 -17.32
C GLU B 1838 -40.57 -98.34 -17.82
N PHE B 1839 -39.62 -97.40 -17.77
CA PHE B 1839 -38.26 -97.68 -18.20
C PHE B 1839 -37.62 -98.77 -17.33
N PHE B 1840 -37.87 -98.75 -16.03
CA PHE B 1840 -37.34 -99.78 -15.13
C PHE B 1840 -37.91 -101.15 -15.48
N SER B 1841 -39.23 -101.25 -15.52
CA SER B 1841 -39.88 -102.52 -15.82
C SER B 1841 -39.52 -103.02 -17.21
N THR B 1842 -39.09 -102.12 -18.10
CA THR B 1842 -38.66 -102.53 -19.43
C THR B 1842 -37.23 -103.06 -19.42
N ILE B 1843 -36.31 -102.33 -18.80
CA ILE B 1843 -34.90 -102.61 -19.00
C ILE B 1843 -34.32 -103.58 -17.97
N VAL B 1844 -34.94 -103.70 -16.79
CA VAL B 1844 -34.32 -104.52 -15.75
C VAL B 1844 -34.22 -105.98 -16.18
N VAL B 1845 -35.11 -106.41 -17.09
CA VAL B 1845 -35.05 -107.80 -17.57
C VAL B 1845 -33.74 -108.06 -18.30
N ASP B 1846 -33.22 -107.09 -19.03
CA ASP B 1846 -31.92 -107.21 -19.68
C ASP B 1846 -30.78 -106.90 -18.72
N ALA B 1847 -31.03 -105.98 -17.78
CA ALA B 1847 -30.02 -105.65 -16.78
C ALA B 1847 -29.64 -106.88 -15.97
N ILE B 1848 -30.64 -107.66 -15.57
CA ILE B 1848 -30.38 -108.89 -14.83
C ILE B 1848 -29.49 -109.82 -15.65
N ASP B 1849 -29.87 -110.06 -16.90
CA ASP B 1849 -29.12 -111.01 -17.73
C ASP B 1849 -27.69 -110.57 -17.92
N VAL B 1850 -27.47 -109.28 -18.18
CA VAL B 1850 -26.12 -108.79 -18.43
C VAL B 1850 -25.29 -108.83 -17.15
N LEU B 1851 -25.88 -108.45 -16.02
CA LEU B 1851 -25.12 -108.35 -14.78
C LEU B 1851 -25.06 -109.67 -14.00
N LYS B 1852 -25.66 -110.74 -14.51
CA LYS B 1852 -25.43 -112.08 -13.97
C LYS B 1852 -24.37 -112.84 -14.76
N SER B 1853 -24.51 -112.86 -16.09
CA SER B 1853 -23.50 -113.52 -16.92
C SER B 1853 -22.14 -112.85 -16.78
N ARG B 1854 -22.13 -111.52 -16.79
CA ARG B 1854 -20.94 -110.71 -16.46
C ARG B 1854 -19.86 -110.95 -17.52
N PHE B 1855 -18.60 -110.78 -17.13
CA PHE B 1855 -17.51 -110.75 -18.10
C PHE B 1855 -17.35 -112.07 -18.83
N THR B 1856 -17.10 -112.00 -20.13
CA THR B 1856 -16.86 -113.17 -20.97
C THR B 1856 -15.76 -112.84 -21.95
N LYS B 1857 -15.02 -113.87 -22.35
CA LYS B 1857 -13.94 -113.76 -23.33
C LYS B 1857 -12.89 -112.73 -22.91
N LEU B 1858 -12.29 -112.96 -21.74
CA LEU B 1858 -11.17 -112.16 -21.28
C LEU B 1858 -9.89 -112.66 -21.93
N ASN B 1859 -9.99 -113.73 -22.71
CA ASN B 1859 -8.91 -114.20 -23.55
C ASN B 1859 -8.68 -113.31 -24.76
N GLU B 1860 -9.69 -112.56 -25.18
CA GLU B 1860 -9.65 -111.69 -26.33
C GLU B 1860 -9.64 -110.24 -25.88
N SER B 1861 -9.44 -109.32 -26.82
CA SER B 1861 -9.55 -107.90 -26.51
C SER B 1861 -11.00 -107.42 -26.61
N THR B 1862 -11.92 -108.32 -26.96
CA THR B 1862 -13.29 -107.93 -27.26
C THR B 1862 -14.18 -107.87 -26.02
N PHE B 1863 -13.65 -108.14 -24.82
CA PHE B 1863 -14.46 -107.96 -23.62
C PHE B 1863 -14.70 -106.49 -23.30
N ASP B 1864 -14.02 -105.59 -24.02
CA ASP B 1864 -14.23 -104.17 -23.88
C ASP B 1864 -15.70 -103.81 -24.07
N THR B 1865 -16.39 -104.46 -25.01
CA THR B 1865 -17.81 -104.20 -25.19
C THR B 1865 -18.61 -104.67 -23.97
N GLN B 1866 -18.21 -105.81 -23.40
CA GLN B 1866 -18.87 -106.29 -22.18
C GLN B 1866 -18.77 -105.25 -21.07
N ILE B 1867 -17.56 -104.71 -20.87
CA ILE B 1867 -17.35 -103.75 -19.79
C ILE B 1867 -17.82 -102.34 -20.15
N THR B 1868 -18.15 -102.08 -21.41
CA THR B 1868 -18.91 -100.88 -21.74
C THR B 1868 -20.36 -101.03 -21.31
N LYS B 1869 -20.99 -102.15 -21.69
CA LYS B 1869 -22.39 -102.38 -21.34
C LYS B 1869 -22.57 -102.41 -19.83
N LYS B 1870 -21.65 -103.10 -19.12
CA LYS B 1870 -21.77 -103.22 -17.67
C LYS B 1870 -21.74 -101.86 -16.99
N MET B 1871 -20.75 -101.02 -17.30
CA MET B 1871 -20.68 -99.73 -16.65
C MET B 1871 -21.83 -98.82 -17.07
N GLY B 1872 -22.23 -98.90 -18.34
CA GLY B 1872 -23.35 -98.09 -18.79
C GLY B 1872 -24.63 -98.39 -18.06
N TYR B 1873 -24.85 -99.66 -17.71
CA TYR B 1873 -26.04 -100.03 -16.94
C TYR B 1873 -26.13 -99.23 -15.64
N TYR B 1874 -25.01 -99.12 -14.93
CA TYR B 1874 -25.06 -98.67 -13.54
C TYR B 1874 -25.55 -97.23 -13.43
N LYS B 1875 -24.93 -96.32 -14.19
CA LYS B 1875 -25.25 -94.91 -14.08
C LYS B 1875 -26.68 -94.62 -14.52
N ILE B 1876 -27.10 -95.23 -15.63
CA ILE B 1876 -28.45 -94.97 -16.13
C ILE B 1876 -29.47 -95.48 -15.13
N LEU B 1877 -29.25 -96.68 -14.58
CA LEU B 1877 -30.15 -97.18 -13.54
C LEU B 1877 -30.16 -96.27 -12.34
N ASP B 1878 -28.99 -95.75 -11.94
CA ASP B 1878 -28.92 -94.86 -10.78
C ASP B 1878 -29.78 -93.62 -10.97
N VAL B 1879 -29.61 -92.94 -12.10
CA VAL B 1879 -30.31 -91.67 -12.30
C VAL B 1879 -31.81 -91.92 -12.50
N MET B 1880 -32.17 -92.99 -13.21
CA MET B 1880 -33.59 -93.30 -13.26
C MET B 1880 -34.08 -93.93 -11.95
N TYR B 1881 -33.16 -94.33 -11.07
CA TYR B 1881 -33.54 -94.81 -9.75
C TYR B 1881 -33.96 -93.65 -8.85
N SER B 1882 -33.34 -92.49 -9.05
CA SER B 1882 -33.45 -91.39 -8.10
C SER B 1882 -34.80 -90.68 -8.20
N ARG B 1883 -35.16 -90.03 -7.10
CA ARG B 1883 -36.37 -89.21 -6.99
C ARG B 1883 -37.63 -90.02 -7.33
N LEU B 1884 -37.62 -91.29 -6.99
CA LEU B 1884 -38.84 -92.06 -6.87
C LEU B 1884 -39.45 -91.78 -5.50
N PRO B 1885 -40.73 -92.10 -5.31
CA PRO B 1885 -41.17 -92.33 -3.93
C PRO B 1885 -40.38 -93.49 -3.37
N LYS B 1886 -39.52 -93.23 -2.39
CA LYS B 1886 -38.46 -94.19 -2.05
C LYS B 1886 -39.02 -95.50 -1.51
N ASP B 1887 -40.34 -95.60 -1.38
CA ASP B 1887 -40.98 -96.84 -0.98
C ASP B 1887 -40.96 -97.87 -2.12
N ASP B 1888 -40.86 -97.38 -3.36
CA ASP B 1888 -40.96 -98.26 -4.52
C ASP B 1888 -39.87 -99.32 -4.56
N VAL B 1889 -38.81 -99.17 -3.77
CA VAL B 1889 -37.62 -99.99 -3.89
C VAL B 1889 -37.41 -100.87 -2.65
N HIS B 1890 -38.21 -100.68 -1.61
CA HIS B 1890 -38.19 -101.54 -0.43
C HIS B 1890 -39.61 -101.89 -0.02
N ALA B 1891 -40.44 -102.26 -0.99
CA ALA B 1891 -41.84 -102.58 -0.76
C ALA B 1891 -42.14 -103.98 -1.27
N LYS B 1892 -42.95 -104.72 -0.51
CA LYS B 1892 -43.48 -105.99 -0.99
C LYS B 1892 -44.28 -105.78 -2.26
N GLU B 1893 -45.06 -104.70 -2.31
CA GLU B 1893 -45.81 -104.31 -3.50
C GLU B 1893 -44.97 -103.32 -4.30
N SER B 1894 -44.40 -103.78 -5.41
CA SER B 1894 -43.71 -102.91 -6.34
C SER B 1894 -43.63 -103.62 -7.68
N LYS B 1895 -43.72 -102.85 -8.76
CA LYS B 1895 -43.72 -103.45 -10.09
C LYS B 1895 -42.30 -103.77 -10.52
N ILE B 1896 -41.65 -104.66 -9.78
CA ILE B 1896 -40.26 -105.04 -10.04
C ILE B 1896 -40.27 -106.47 -10.58
N ASN B 1897 -40.22 -106.59 -11.91
CA ASN B 1897 -40.17 -107.89 -12.55
C ASN B 1897 -38.74 -108.43 -12.56
N GLN B 1898 -38.58 -109.67 -12.11
CA GLN B 1898 -37.27 -110.27 -12.00
C GLN B 1898 -37.42 -111.77 -12.28
N VAL B 1899 -36.31 -112.38 -12.72
CA VAL B 1899 -36.33 -113.74 -13.25
C VAL B 1899 -36.81 -114.76 -12.22
N PHE B 1900 -36.64 -114.48 -10.91
CA PHE B 1900 -36.90 -115.49 -9.89
C PHE B 1900 -38.35 -115.97 -9.94
N HIS B 1901 -39.30 -115.06 -9.76
CA HIS B 1901 -40.72 -115.39 -9.81
C HIS B 1901 -41.50 -114.29 -10.52
N GLY B 1902 -40.93 -113.73 -11.59
CA GLY B 1902 -41.62 -112.66 -12.29
C GLY B 1902 -41.74 -111.42 -11.42
N SER B 1903 -42.98 -110.96 -11.22
CA SER B 1903 -43.28 -109.82 -10.37
C SER B 1903 -44.47 -110.05 -9.47
N CYS B 1904 -45.10 -111.24 -9.53
CA CYS B 1904 -46.27 -111.50 -8.71
C CYS B 1904 -45.94 -111.45 -7.23
N ILE B 1905 -44.86 -112.11 -6.81
CA ILE B 1905 -44.37 -112.08 -5.44
C ILE B 1905 -42.98 -111.47 -5.44
N THR B 1906 -42.67 -110.73 -4.37
CA THR B 1906 -41.38 -110.07 -4.25
C THR B 1906 -40.71 -110.32 -2.89
N GLU B 1907 -41.32 -111.14 -2.04
CA GLU B 1907 -40.84 -111.48 -0.70
C GLU B 1907 -40.24 -110.26 0.01
N GLY B 1908 -40.95 -109.14 -0.11
CA GLY B 1908 -40.46 -107.88 0.43
C GLY B 1908 -39.43 -107.15 -0.42
N ASN B 1909 -38.29 -107.78 -0.68
CA ASN B 1909 -37.22 -107.14 -1.44
C ASN B 1909 -36.25 -108.19 -1.97
N GLU B 1910 -35.98 -108.16 -3.28
CA GLU B 1910 -35.04 -109.11 -3.87
C GLU B 1910 -33.99 -108.45 -4.75
N LEU B 1911 -34.29 -107.29 -5.35
CA LEU B 1911 -33.35 -106.68 -6.27
C LEU B 1911 -32.17 -106.05 -5.55
N THR B 1912 -32.39 -105.58 -4.32
CA THR B 1912 -31.33 -104.87 -3.61
C THR B 1912 -30.17 -105.82 -3.26
N LYS B 1913 -30.47 -107.05 -2.86
CA LYS B 1913 -29.41 -107.97 -2.47
C LYS B 1913 -28.50 -108.29 -3.65
N THR B 1914 -29.06 -108.40 -4.85
CA THR B 1914 -28.24 -108.68 -6.02
C THR B 1914 -27.32 -107.50 -6.35
N LEU B 1915 -27.89 -106.30 -6.43
CA LEU B 1915 -27.08 -105.12 -6.74
C LEU B 1915 -26.09 -104.80 -5.63
N ILE B 1916 -26.42 -105.15 -4.39
CA ILE B 1916 -25.45 -105.02 -3.30
C ILE B 1916 -24.24 -105.91 -3.57
N LYS B 1917 -24.50 -107.14 -4.04
CA LYS B 1917 -23.41 -108.04 -4.41
C LYS B 1917 -22.60 -107.48 -5.58
N LEU B 1918 -23.28 -106.98 -6.60
CA LEU B 1918 -22.63 -106.62 -7.85
C LEU B 1918 -21.84 -105.32 -7.78
N CYS B 1919 -21.65 -104.76 -6.59
CA CYS B 1919 -20.79 -103.60 -6.42
C CYS B 1919 -19.71 -103.79 -5.38
N TYR B 1920 -19.89 -104.71 -4.43
CA TYR B 1920 -18.84 -105.00 -3.46
C TYR B 1920 -17.83 -106.00 -4.03
N ASP B 1921 -18.24 -106.78 -5.03
CA ASP B 1921 -17.42 -107.91 -5.49
C ASP B 1921 -16.22 -107.43 -6.30
N ALA B 1922 -16.44 -106.49 -7.22
CA ALA B 1922 -15.46 -106.21 -8.26
C ALA B 1922 -14.14 -105.70 -7.68
N PHE B 1923 -14.19 -104.86 -6.65
CA PHE B 1923 -12.98 -104.29 -6.07
C PHE B 1923 -12.08 -105.35 -5.47
N THR B 1924 -12.65 -106.34 -4.77
CA THR B 1924 -11.90 -107.50 -4.33
C THR B 1924 -11.81 -108.57 -5.39
N GLU B 1925 -12.47 -108.38 -6.54
CA GLU B 1925 -12.25 -109.22 -7.72
C GLU B 1925 -11.16 -108.67 -8.62
N ASN B 1926 -10.58 -107.51 -8.28
CA ASN B 1926 -9.59 -106.84 -9.14
C ASN B 1926 -8.19 -107.35 -8.80
N MET B 1927 -7.93 -108.60 -9.21
CA MET B 1927 -6.61 -109.20 -9.03
C MET B 1927 -5.76 -109.10 -10.30
N ALA B 1928 -6.41 -109.14 -11.46
CA ALA B 1928 -5.69 -109.23 -12.74
C ALA B 1928 -4.65 -108.13 -12.86
N GLY B 1929 -3.39 -108.54 -12.94
CA GLY B 1929 -2.29 -107.60 -13.06
C GLY B 1929 -1.87 -107.36 -14.49
N GLU B 1930 -1.98 -108.39 -15.32
CA GLU B 1930 -1.65 -108.28 -16.74
C GLU B 1930 -2.81 -107.59 -17.45
N ASN B 1931 -2.91 -106.28 -17.24
CA ASN B 1931 -3.92 -105.47 -17.91
C ASN B 1931 -3.39 -105.10 -19.30
N GLN B 1932 -3.88 -105.78 -20.33
CA GLN B 1932 -3.54 -105.41 -21.70
C GLN B 1932 -3.90 -103.95 -21.96
N LEU B 1933 -5.05 -103.52 -21.44
CA LEU B 1933 -5.38 -102.12 -21.28
C LEU B 1933 -6.02 -101.96 -19.90
N LEU B 1934 -5.84 -100.77 -19.31
CA LEU B 1934 -6.00 -100.63 -17.87
C LEU B 1934 -7.00 -99.57 -17.43
N GLU B 1935 -7.22 -98.52 -18.22
CA GLU B 1935 -8.11 -97.44 -17.78
C GLU B 1935 -9.55 -97.93 -17.66
N ARG B 1936 -9.96 -98.86 -18.52
CA ARG B 1936 -11.33 -99.32 -18.52
C ARG B 1936 -11.71 -99.94 -17.17
N ARG B 1937 -10.75 -100.60 -16.52
CA ARG B 1937 -11.02 -101.19 -15.22
C ARG B 1937 -11.43 -100.14 -14.21
N ARG B 1938 -10.66 -99.04 -14.13
CA ARG B 1938 -11.01 -98.00 -13.17
C ARG B 1938 -12.33 -97.35 -13.56
N LEU B 1939 -12.60 -97.22 -14.86
CA LEU B 1939 -13.87 -96.64 -15.27
C LEU B 1939 -15.06 -97.48 -14.80
N TYR B 1940 -15.07 -98.77 -15.09
CA TYR B 1940 -16.26 -99.52 -14.67
C TYR B 1940 -16.28 -99.74 -13.17
N HIS B 1941 -15.12 -99.74 -12.50
CA HIS B 1941 -15.15 -99.89 -11.04
C HIS B 1941 -15.64 -98.62 -10.35
N CYS B 1942 -15.30 -97.44 -10.88
CA CYS B 1942 -15.84 -96.21 -10.31
C CYS B 1942 -17.32 -96.09 -10.64
N ALA B 1943 -17.73 -96.61 -11.80
CA ALA B 1943 -19.16 -96.72 -12.09
C ALA B 1943 -19.86 -97.60 -11.05
N ALA B 1944 -19.23 -98.71 -10.70
CA ALA B 1944 -19.79 -99.60 -9.66
C ALA B 1944 -19.87 -98.89 -8.33
N TYR B 1945 -18.83 -98.15 -7.95
CA TYR B 1945 -18.82 -97.45 -6.67
C TYR B 1945 -19.89 -96.38 -6.62
N ASN B 1946 -20.07 -95.63 -7.72
CA ASN B 1946 -21.10 -94.60 -7.76
C ASN B 1946 -22.50 -95.21 -7.74
N CYS B 1947 -22.67 -96.37 -8.40
CA CYS B 1947 -23.93 -97.10 -8.28
C CYS B 1947 -24.18 -97.50 -6.84
N ALA B 1948 -23.13 -97.96 -6.15
CA ALA B 1948 -23.26 -98.32 -4.75
C ALA B 1948 -23.66 -97.12 -3.90
N ILE B 1949 -23.07 -95.95 -4.17
CA ILE B 1949 -23.39 -94.75 -3.40
C ILE B 1949 -24.84 -94.33 -3.64
N SER B 1950 -25.26 -94.34 -4.90
CA SER B 1950 -26.65 -93.97 -5.21
C SER B 1950 -27.63 -94.93 -4.56
N VAL B 1951 -27.29 -96.22 -4.53
CA VAL B 1951 -28.09 -97.20 -3.81
C VAL B 1951 -28.13 -96.88 -2.32
N ILE B 1952 -26.96 -96.71 -1.71
CA ILE B 1952 -26.84 -96.50 -0.28
C ILE B 1952 -27.59 -95.26 0.19
N CYS B 1953 -27.67 -94.22 -0.64
CA CYS B 1953 -28.39 -93.02 -0.25
C CYS B 1953 -29.87 -93.27 0.04
N CYS B 1954 -30.45 -94.35 -0.48
CA CYS B 1954 -31.90 -94.52 -0.39
C CYS B 1954 -32.37 -95.85 0.18
N VAL B 1955 -31.68 -96.95 -0.13
CA VAL B 1955 -32.32 -98.27 -0.04
C VAL B 1955 -32.69 -98.63 1.40
N PHE B 1956 -31.76 -98.50 2.34
CA PHE B 1956 -31.93 -99.15 3.63
C PHE B 1956 -32.88 -98.36 4.54
N ASN B 1957 -33.44 -99.06 5.51
CA ASN B 1957 -34.05 -98.45 6.69
C ASN B 1957 -33.06 -98.33 7.83
N GLU B 1958 -31.83 -98.77 7.61
CA GLU B 1958 -30.71 -98.58 8.53
C GLU B 1958 -29.47 -98.48 7.65
N LEU B 1959 -28.85 -97.31 7.62
CA LEU B 1959 -27.88 -97.00 6.58
C LEU B 1959 -26.58 -97.79 6.71
N LYS B 1960 -26.11 -98.03 7.94
CA LYS B 1960 -24.90 -98.81 8.17
C LYS B 1960 -25.32 -100.26 8.42
N PHE B 1961 -25.53 -100.99 7.33
CA PHE B 1961 -26.21 -102.27 7.39
C PHE B 1961 -25.56 -103.26 6.43
N TYR B 1962 -25.79 -104.55 6.70
CA TYR B 1962 -25.21 -105.65 5.93
C TYR B 1962 -23.68 -105.52 5.84
N GLN B 1963 -23.13 -105.84 4.67
CA GLN B 1963 -21.72 -105.58 4.40
C GLN B 1963 -21.48 -104.18 3.86
N GLY B 1964 -22.41 -103.25 4.10
CA GLY B 1964 -22.23 -101.90 3.62
C GLY B 1964 -21.08 -101.18 4.30
N PHE B 1965 -20.95 -101.35 5.61
CA PHE B 1965 -19.88 -100.66 6.34
C PHE B 1965 -18.56 -101.41 6.22
N LEU B 1966 -18.08 -101.66 5.00
CA LEU B 1966 -16.74 -102.17 4.70
C LEU B 1966 -16.43 -103.46 5.49
N PHE B 1967 -17.18 -104.53 5.19
CA PHE B 1967 -17.17 -105.82 5.90
C PHE B 1967 -15.78 -106.31 6.26
N SER B 1968 -14.89 -106.24 5.28
CA SER B 1968 -13.46 -106.26 5.44
C SER B 1968 -12.92 -104.93 4.91
N GLU B 1969 -11.76 -104.49 5.39
CA GLU B 1969 -11.18 -103.19 5.02
C GLU B 1969 -10.72 -103.18 3.56
N LYS B 1970 -11.53 -102.58 2.66
CA LYS B 1970 -11.30 -102.64 1.21
C LYS B 1970 -10.07 -101.84 0.75
N PRO B 1971 -9.37 -102.26 -0.31
CA PRO B 1971 -8.38 -101.46 -0.98
C PRO B 1971 -9.06 -100.43 -1.90
N GLU B 1972 -8.63 -99.16 -1.85
CA GLU B 1972 -9.32 -98.09 -2.61
C GLU B 1972 -8.95 -97.99 -4.11
N LYS B 1973 -8.60 -99.14 -4.72
CA LYS B 1973 -8.10 -99.24 -6.09
C LYS B 1973 -9.10 -98.69 -7.11
N ASN B 1974 -10.37 -98.65 -6.71
CA ASN B 1974 -11.52 -98.12 -7.46
C ASN B 1974 -11.47 -96.61 -7.73
N LEU B 1975 -10.74 -95.83 -6.91
CA LEU B 1975 -10.69 -94.38 -7.09
C LEU B 1975 -9.92 -93.98 -8.34
N LEU B 1976 -8.62 -94.27 -8.33
CA LEU B 1976 -7.63 -93.86 -9.31
C LEU B 1976 -6.72 -95.01 -9.71
N ILE B 1977 -6.33 -95.02 -10.97
CA ILE B 1977 -5.05 -95.61 -11.36
C ILE B 1977 -4.05 -94.53 -10.94
N PHE B 1978 -3.45 -94.71 -9.78
CA PHE B 1978 -2.74 -93.67 -9.04
C PHE B 1978 -1.79 -92.92 -9.99
N GLU B 1979 -1.80 -91.59 -9.91
CA GLU B 1979 -1.38 -90.74 -11.02
C GLU B 1979 -0.15 -89.92 -10.68
N ASN B 1980 0.77 -89.72 -11.65
CA ASN B 1980 2.15 -89.42 -11.28
C ASN B 1980 2.73 -88.19 -11.96
N LEU B 1981 2.40 -87.96 -13.23
CA LEU B 1981 3.16 -86.97 -14.00
C LEU B 1981 2.34 -85.79 -14.53
N ILE B 1982 1.12 -85.58 -14.06
CA ILE B 1982 0.30 -84.50 -14.60
C ILE B 1982 -0.26 -83.66 -13.46
N ASP B 1983 -0.25 -84.23 -12.25
CA ASP B 1983 -1.02 -83.71 -11.13
C ASP B 1983 -0.10 -83.53 -9.92
N LEU B 1984 -0.73 -83.35 -8.76
CA LEU B 1984 -0.11 -83.10 -7.46
C LEU B 1984 0.35 -81.65 -7.37
N LYS B 1985 0.19 -80.90 -8.45
CA LYS B 1985 0.29 -79.45 -8.44
C LYS B 1985 -0.29 -78.85 -9.71
N MET B 2085 -2.40 -80.59 -12.61
CA MET B 2085 -3.76 -80.48 -12.06
C MET B 2085 -4.70 -81.47 -12.73
N ASP B 2086 -5.10 -82.50 -12.01
CA ASP B 2086 -6.01 -83.50 -12.56
C ASP B 2086 -6.66 -84.26 -11.40
N GLU B 2087 -7.88 -84.76 -11.67
CA GLU B 2087 -8.54 -85.81 -10.90
C GLU B 2087 -9.07 -85.30 -9.56
N LEU B 2088 -8.75 -84.05 -9.20
CA LEU B 2088 -9.31 -83.50 -7.97
C LEU B 2088 -10.43 -82.52 -8.28
N ASN B 2089 -10.78 -82.37 -9.57
CA ASN B 2089 -11.88 -81.49 -9.94
C ASN B 2089 -12.97 -82.20 -10.71
N ARG B 2090 -12.65 -83.32 -11.38
CA ARG B 2090 -13.62 -83.94 -12.29
C ARG B 2090 -13.80 -85.43 -12.05
N HIS B 2091 -13.34 -85.99 -10.93
CA HIS B 2091 -13.69 -87.36 -10.60
C HIS B 2091 -15.18 -87.46 -10.40
N GLU B 2092 -15.78 -88.54 -10.93
CA GLU B 2092 -17.22 -88.63 -11.03
C GLU B 2092 -17.91 -88.94 -9.71
N CYS B 2093 -17.17 -88.91 -8.59
CA CYS B 2093 -17.78 -89.26 -7.31
C CYS B 2093 -18.03 -88.05 -6.42
N MET B 2094 -17.64 -86.85 -6.86
CA MET B 2094 -17.67 -85.70 -5.96
C MET B 2094 -19.08 -85.36 -5.52
N ALA B 2095 -20.04 -85.33 -6.45
CA ALA B 2095 -21.42 -85.09 -6.06
C ALA B 2095 -21.97 -86.20 -5.17
N PRO B 2096 -21.83 -87.49 -5.50
CA PRO B 2096 -22.33 -88.52 -4.57
C PRO B 2096 -21.57 -88.58 -3.25
N LEU B 2097 -20.25 -88.51 -3.28
CA LEU B 2097 -19.48 -88.55 -2.04
C LEU B 2097 -19.63 -87.28 -1.21
N THR B 2098 -20.13 -86.19 -1.80
CA THR B 2098 -20.48 -85.01 -1.02
C THR B 2098 -21.88 -85.17 -0.41
N ALA B 2099 -22.82 -85.69 -1.21
CA ALA B 2099 -24.14 -86.00 -0.66
C ALA B 2099 -24.05 -87.01 0.46
N LEU B 2100 -22.99 -87.84 0.46
CA LEU B 2100 -22.68 -88.73 1.57
C LEU B 2100 -22.71 -87.99 2.90
N VAL B 2101 -21.84 -86.99 3.06
CA VAL B 2101 -21.80 -86.24 4.30
C VAL B 2101 -22.92 -85.23 4.37
N LYS B 2102 -23.57 -84.92 3.24
CA LYS B 2102 -24.71 -84.02 3.26
C LYS B 2102 -25.94 -84.68 3.88
N HIS B 2103 -26.06 -86.00 3.77
CA HIS B 2103 -27.19 -86.73 4.31
C HIS B 2103 -26.87 -87.48 5.60
N MET B 2104 -25.75 -88.22 5.65
CA MET B 2104 -25.43 -88.98 6.85
C MET B 2104 -25.30 -88.08 8.06
N HIS B 2105 -24.84 -86.85 7.86
CA HIS B 2105 -24.80 -85.88 8.95
C HIS B 2105 -26.20 -85.43 9.35
N ARG B 2106 -27.14 -85.43 8.40
CA ARG B 2106 -28.52 -85.00 8.65
C ARG B 2106 -29.50 -86.15 8.56
N SER B 2107 -29.03 -87.38 8.75
CA SER B 2107 -29.88 -88.56 8.71
C SER B 2107 -30.49 -88.91 10.05
N LEU B 2108 -30.25 -88.12 11.08
CA LEU B 2108 -30.80 -88.36 12.41
C LEU B 2108 -32.33 -88.36 12.39
N PRO B 2119 -19.50 -83.81 25.56
CA PRO B 2119 -20.65 -84.65 25.20
C PRO B 2119 -20.54 -85.24 23.79
N ARG B 2120 -19.30 -85.42 23.32
CA ARG B 2120 -19.03 -85.86 21.96
C ARG B 2120 -18.21 -87.14 22.00
N ASP B 2121 -18.43 -88.00 21.00
CA ASP B 2121 -17.67 -89.24 20.89
C ASP B 2121 -17.62 -89.66 19.43
N LEU B 2122 -16.81 -90.68 19.16
CA LEU B 2122 -16.47 -91.09 17.80
C LEU B 2122 -17.63 -91.84 17.15
N PRO B 2123 -18.08 -91.44 15.96
CA PRO B 2123 -19.04 -92.27 15.23
C PRO B 2123 -18.39 -93.57 14.76
N SER B 2124 -19.23 -94.60 14.63
CA SER B 2124 -18.72 -95.94 14.34
C SER B 2124 -18.14 -96.04 12.94
N TRP B 2125 -18.78 -95.39 11.96
CA TRP B 2125 -18.52 -95.65 10.55
C TRP B 2125 -17.41 -94.79 9.95
N MET B 2126 -16.97 -93.74 10.62
CA MET B 2126 -15.94 -92.87 10.05
C MET B 2126 -14.52 -93.35 10.34
N LYS B 2127 -14.37 -94.38 11.19
CA LYS B 2127 -13.05 -94.90 11.49
C LYS B 2127 -12.37 -95.47 10.26
N PHE B 2128 -13.16 -95.96 9.30
CA PHE B 2128 -12.60 -96.40 8.03
C PHE B 2128 -11.79 -95.30 7.35
N LEU B 2129 -12.40 -94.13 7.17
CA LEU B 2129 -11.69 -93.02 6.54
C LEU B 2129 -10.56 -92.52 7.43
N HIS B 2130 -10.81 -92.46 8.74
CA HIS B 2130 -9.81 -91.91 9.65
C HIS B 2130 -8.53 -92.75 9.66
N GLY B 2131 -8.67 -94.07 9.64
CA GLY B 2131 -7.49 -94.93 9.73
C GLY B 2131 -6.56 -94.77 8.53
N LYS B 2132 -7.13 -94.80 7.32
CA LYS B 2132 -6.30 -94.65 6.12
C LYS B 2132 -5.84 -93.22 5.91
N LEU B 2133 -6.59 -92.23 6.40
CA LEU B 2133 -6.12 -90.85 6.29
C LEU B 2133 -4.87 -90.62 7.12
N GLY B 2134 -4.82 -91.18 8.33
CA GLY B 2134 -3.70 -90.99 9.23
C GLY B 2134 -2.53 -91.92 9.05
N ASN B 2135 -2.63 -92.91 8.16
CA ASN B 2135 -1.53 -93.85 7.97
C ASN B 2135 -0.68 -93.38 6.80
N PRO B 2136 0.52 -92.86 7.04
CA PRO B 2136 1.33 -92.26 5.96
C PRO B 2136 2.19 -93.28 5.20
N ILE B 2137 1.56 -94.37 4.78
CA ILE B 2137 2.23 -95.37 3.95
C ILE B 2137 1.32 -95.66 2.76
N VAL B 2138 0.07 -95.23 2.86
CA VAL B 2138 -0.93 -95.38 1.80
C VAL B 2138 -0.46 -94.55 0.60
N PRO B 2139 -0.76 -94.97 -0.63
CA PRO B 2139 -0.38 -94.14 -1.79
C PRO B 2139 -0.96 -92.73 -1.70
N LEU B 2140 -0.20 -91.78 -2.26
CA LEU B 2140 -0.46 -90.37 -2.01
C LEU B 2140 -1.81 -89.94 -2.57
N ASN B 2141 -2.22 -90.51 -3.71
CA ASN B 2141 -3.47 -90.11 -4.33
C ASN B 2141 -4.66 -90.34 -3.40
N ILE B 2142 -4.69 -91.48 -2.71
CA ILE B 2142 -5.81 -91.79 -1.82
C ILE B 2142 -5.86 -90.79 -0.68
N ARG B 2143 -4.72 -90.55 -0.02
CA ARG B 2143 -4.70 -89.66 1.13
C ARG B 2143 -5.08 -88.24 0.73
N LEU B 2144 -4.58 -87.77 -0.42
CA LEU B 2144 -4.90 -86.42 -0.86
C LEU B 2144 -6.37 -86.30 -1.26
N PHE B 2145 -6.91 -87.33 -1.91
CA PHE B 2145 -8.32 -87.30 -2.29
C PHE B 2145 -9.22 -87.24 -1.06
N LEU B 2146 -8.91 -88.07 -0.05
CA LEU B 2146 -9.73 -88.04 1.15
C LEU B 2146 -9.56 -86.74 1.93
N ALA B 2147 -8.35 -86.17 1.91
CA ALA B 2147 -8.14 -84.87 2.54
C ALA B 2147 -9.00 -83.81 1.86
N LYS B 2148 -9.04 -83.80 0.52
CA LYS B 2148 -9.88 -82.84 -0.19
C LYS B 2148 -11.36 -83.10 0.08
N LEU B 2149 -11.75 -84.37 0.21
CA LEU B 2149 -13.13 -84.69 0.56
C LEU B 2149 -13.50 -84.09 1.90
N VAL B 2150 -12.59 -84.17 2.87
CA VAL B 2150 -12.81 -83.53 4.16
C VAL B 2150 -12.86 -82.00 4.01
N ILE B 2151 -11.98 -81.45 3.16
CA ILE B 2151 -11.96 -80.01 2.90
C ILE B 2151 -13.28 -79.52 2.36
N ASN B 2152 -13.98 -80.36 1.59
CA ASN B 2152 -15.28 -79.96 1.05
C ASN B 2152 -16.29 -79.60 2.13
N THR B 2153 -16.08 -80.07 3.36
CA THR B 2153 -17.02 -79.82 4.44
C THR B 2153 -16.71 -78.47 5.12
N GLU B 2154 -17.75 -77.82 5.64
CA GLU B 2154 -17.65 -76.50 6.25
C GLU B 2154 -18.45 -76.42 7.54
N GLU B 2155 -18.20 -75.35 8.28
CA GLU B 2155 -19.01 -74.89 9.45
C GLU B 2155 -18.96 -75.96 10.55
N VAL B 2156 -20.06 -76.15 11.28
CA VAL B 2156 -20.06 -76.79 12.60
C VAL B 2156 -19.96 -78.31 12.47
N PHE B 2157 -19.76 -78.79 11.24
CA PHE B 2157 -19.82 -80.23 10.99
C PHE B 2157 -18.68 -81.02 11.63
N ARG B 2158 -17.68 -80.35 12.21
CA ARG B 2158 -16.50 -81.05 12.73
C ARG B 2158 -16.24 -80.80 14.22
N PRO B 2159 -17.24 -80.90 15.08
CA PRO B 2159 -17.02 -80.54 16.50
C PRO B 2159 -15.96 -81.40 17.18
N TYR B 2160 -15.77 -82.64 16.73
CA TYR B 2160 -14.86 -83.58 17.36
C TYR B 2160 -13.47 -83.56 16.72
N ALA B 2161 -13.04 -82.41 16.23
CA ALA B 2161 -11.83 -82.34 15.40
C ALA B 2161 -10.56 -82.68 16.17
N LYS B 2162 -10.52 -82.42 17.47
CA LYS B 2162 -9.27 -82.60 18.21
C LYS B 2162 -8.84 -84.05 18.29
N HIS B 2163 -9.77 -85.00 18.16
CA HIS B 2163 -9.43 -86.42 18.12
C HIS B 2163 -9.24 -86.93 16.71
N TRP B 2164 -9.29 -86.04 15.71
CA TRP B 2164 -8.98 -86.36 14.33
C TRP B 2164 -7.64 -85.80 13.90
N LEU B 2165 -7.10 -84.84 14.67
CA LEU B 2165 -6.06 -83.94 14.15
C LEU B 2165 -4.88 -84.66 13.52
N SER B 2166 -4.48 -85.81 14.06
CA SER B 2166 -3.21 -86.43 13.66
C SER B 2166 -3.10 -86.66 12.16
N PRO B 2167 -4.11 -87.22 11.44
CA PRO B 2167 -4.03 -87.25 9.97
C PRO B 2167 -3.85 -85.89 9.31
N LEU B 2168 -4.65 -84.89 9.71
CA LEU B 2168 -4.59 -83.59 9.06
C LEU B 2168 -3.31 -82.84 9.41
N LEU B 2169 -2.57 -83.29 10.42
CA LEU B 2169 -1.29 -82.70 10.74
C LEU B 2169 -0.15 -83.47 10.07
N GLN B 2170 -0.31 -84.78 9.91
CA GLN B 2170 0.70 -85.58 9.23
C GLN B 2170 0.72 -85.31 7.73
N LEU B 2171 -0.44 -85.24 7.10
CA LEU B 2171 -0.48 -84.91 5.67
C LEU B 2171 0.01 -83.50 5.43
N ALA B 2172 0.04 -82.66 6.46
CA ALA B 2172 0.54 -81.29 6.36
C ALA B 2172 2.07 -81.27 6.26
N ALA B 2173 2.70 -82.44 6.40
CA ALA B 2173 4.14 -82.51 6.25
C ALA B 2173 4.56 -82.12 4.84
N SER B 2174 5.66 -81.37 4.74
CA SER B 2174 6.06 -80.80 3.45
C SER B 2174 6.44 -81.87 2.45
N GLU B 2175 6.72 -83.09 2.90
CA GLU B 2175 7.04 -84.17 1.98
C GLU B 2175 5.80 -84.98 1.66
N ASN B 2176 5.98 -85.94 0.74
CA ASN B 2176 4.94 -86.86 0.25
C ASN B 2176 3.65 -86.14 -0.16
N ASN B 2177 3.79 -84.92 -0.68
CA ASN B 2177 2.65 -84.18 -1.22
C ASN B 2177 2.76 -83.94 -2.73
N GLY B 2178 3.96 -83.99 -3.30
CA GLY B 2178 4.11 -83.90 -4.73
C GLY B 2178 4.04 -82.50 -5.30
N GLY B 2179 4.84 -82.24 -6.33
CA GLY B 2179 4.89 -80.90 -6.90
C GLY B 2179 5.54 -79.93 -5.94
N GLU B 2180 6.84 -80.10 -5.72
CA GLU B 2180 7.54 -79.34 -4.69
C GLU B 2180 7.41 -77.84 -4.95
N GLY B 2181 7.38 -77.08 -3.88
CA GLY B 2181 6.91 -75.71 -3.92
C GLY B 2181 5.48 -75.60 -3.47
N ILE B 2182 5.12 -74.40 -2.98
CA ILE B 2182 3.77 -74.19 -2.47
C ILE B 2182 2.74 -74.49 -3.55
N HIS B 2183 1.79 -75.37 -3.23
CA HIS B 2183 0.75 -75.74 -4.17
C HIS B 2183 -0.61 -75.65 -3.50
N TYR B 2184 -1.64 -75.58 -4.33
CA TYR B 2184 -2.97 -75.16 -3.90
C TYR B 2184 -3.51 -75.99 -2.72
N MET B 2185 -3.26 -77.31 -2.71
CA MET B 2185 -3.80 -78.10 -1.62
C MET B 2185 -3.16 -77.77 -0.29
N VAL B 2186 -1.86 -77.44 -0.27
CA VAL B 2186 -1.25 -77.00 0.98
C VAL B 2186 -1.78 -75.64 1.39
N VAL B 2187 -2.02 -74.76 0.41
CA VAL B 2187 -2.62 -73.45 0.71
C VAL B 2187 -3.95 -73.64 1.41
N GLU B 2188 -4.82 -74.48 0.85
CA GLU B 2188 -6.10 -74.74 1.48
C GLU B 2188 -5.98 -75.56 2.75
N ILE B 2189 -4.94 -76.37 2.90
CA ILE B 2189 -4.71 -77.11 4.14
C ILE B 2189 -4.46 -76.13 5.28
N VAL B 2190 -3.50 -75.23 5.08
CA VAL B 2190 -3.17 -74.26 6.11
C VAL B 2190 -4.31 -73.26 6.31
N ALA B 2191 -5.11 -73.00 5.27
CA ALA B 2191 -6.31 -72.20 5.45
C ALA B 2191 -7.32 -72.91 6.37
N THR B 2192 -7.64 -74.16 6.04
CA THR B 2192 -8.75 -74.84 6.71
C THR B 2192 -8.38 -75.22 8.14
N ILE B 2193 -7.13 -75.64 8.39
CA ILE B 2193 -6.76 -76.05 9.73
C ILE B 2193 -6.83 -74.87 10.69
N LEU B 2194 -6.46 -73.67 10.22
CA LEU B 2194 -6.62 -72.47 11.04
C LEU B 2194 -8.07 -72.00 11.08
N SER B 2195 -8.85 -72.27 10.04
CA SER B 2195 -10.23 -71.81 9.97
C SER B 2195 -11.09 -72.36 11.12
N TRP B 2196 -10.59 -73.32 11.88
CA TRP B 2196 -11.28 -73.83 13.06
C TRP B 2196 -10.86 -73.09 14.33
N THR B 2197 -10.48 -71.81 14.18
CA THR B 2197 -10.27 -70.86 15.27
C THR B 2197 -9.11 -71.21 16.17
N GLY B 2198 -8.24 -72.14 15.75
CA GLY B 2198 -7.16 -72.54 16.63
C GLY B 2198 -7.71 -73.25 17.85
N LEU B 2199 -8.18 -74.49 17.65
CA LEU B 2199 -9.03 -75.17 18.61
C LEU B 2199 -8.33 -75.30 19.98
N ALA B 2200 -9.12 -75.68 20.98
CA ALA B 2200 -8.81 -75.49 22.39
C ALA B 2200 -7.39 -75.93 22.75
N THR B 2201 -6.85 -75.27 23.77
CA THR B 2201 -5.45 -75.46 24.15
C THR B 2201 -5.17 -76.73 24.95
N PRO B 2202 -5.89 -77.05 26.03
CA PRO B 2202 -5.35 -77.98 27.03
C PRO B 2202 -5.09 -79.37 26.46
N THR B 2203 -4.08 -80.01 27.05
CA THR B 2203 -3.63 -81.35 26.67
C THR B 2203 -3.32 -81.42 25.18
N GLY B 2204 -2.31 -80.63 24.78
CA GLY B 2204 -1.90 -80.57 23.40
C GLY B 2204 -1.01 -81.74 23.02
N VAL B 2205 -0.23 -81.53 21.97
CA VAL B 2205 0.67 -82.58 21.49
C VAL B 2205 2.05 -81.98 21.21
N PRO B 2206 3.10 -82.46 21.90
CA PRO B 2206 4.45 -81.98 21.60
C PRO B 2206 4.95 -82.36 20.21
N LYS B 2207 4.32 -83.34 19.55
CA LYS B 2207 4.68 -83.64 18.17
C LYS B 2207 4.34 -82.49 17.24
N ASP B 2208 3.41 -81.61 17.65
CA ASP B 2208 3.08 -80.43 16.89
C ASP B 2208 4.11 -79.32 17.05
N GLU B 2209 5.13 -79.55 17.88
CA GLU B 2209 6.31 -78.70 17.90
C GLU B 2209 7.32 -79.09 16.82
N VAL B 2210 7.20 -80.30 16.28
CA VAL B 2210 7.95 -80.67 15.09
C VAL B 2210 7.11 -80.41 13.84
N LEU B 2211 5.85 -80.82 13.88
CA LEU B 2211 4.99 -80.76 12.69
C LEU B 2211 4.80 -79.33 12.20
N ALA B 2212 4.38 -78.43 13.08
CA ALA B 2212 4.10 -77.06 12.68
C ALA B 2212 5.36 -76.35 12.22
N ASN B 2213 6.46 -76.52 12.96
CA ASN B 2213 7.70 -75.85 12.60
C ASN B 2213 8.23 -76.34 11.27
N ARG B 2214 8.22 -77.66 11.04
CA ARG B 2214 8.72 -78.15 9.76
C ARG B 2214 7.77 -77.86 8.61
N LEU B 2215 6.48 -77.72 8.87
CA LEU B 2215 5.56 -77.21 7.84
C LEU B 2215 5.92 -75.77 7.49
N LEU B 2216 6.23 -74.96 8.49
CA LEU B 2216 6.68 -73.60 8.24
C LEU B 2216 7.98 -73.59 7.46
N ASN B 2217 8.87 -74.55 7.73
CA ASN B 2217 10.22 -74.54 7.18
C ASN B 2217 10.23 -74.44 5.65
N PHE B 2218 9.38 -75.21 4.97
CA PHE B 2218 9.38 -75.18 3.51
C PHE B 2218 9.02 -73.81 2.98
N LEU B 2219 8.01 -73.17 3.56
CA LEU B 2219 7.71 -71.78 3.20
C LEU B 2219 8.87 -70.87 3.53
N MET B 2220 9.48 -71.08 4.70
CA MET B 2220 10.65 -70.29 5.08
C MET B 2220 11.77 -70.43 4.05
N LYS B 2221 11.85 -71.59 3.39
CA LYS B 2221 12.72 -71.73 2.23
C LYS B 2221 12.13 -71.03 1.01
N HIS B 2222 10.81 -71.18 0.80
CA HIS B 2222 10.14 -70.65 -0.40
C HIS B 2222 8.89 -69.85 0.00
N VAL B 2223 9.11 -68.59 0.38
CA VAL B 2223 8.01 -67.63 0.43
C VAL B 2223 7.84 -66.93 -0.91
N PHE B 2224 8.92 -66.79 -1.67
CA PHE B 2224 8.92 -66.01 -2.91
C PHE B 2224 7.97 -66.60 -3.94
N HIS B 2225 7.18 -65.73 -4.54
CA HIS B 2225 6.34 -66.03 -5.69
C HIS B 2225 6.29 -64.81 -6.59
N PRO B 2226 6.56 -64.96 -7.90
CA PRO B 2226 6.55 -63.79 -8.78
C PRO B 2226 5.25 -63.03 -8.79
N LYS B 2227 4.11 -63.69 -8.57
CA LYS B 2227 2.82 -63.02 -8.45
C LYS B 2227 2.75 -62.38 -7.08
N ARG B 2228 2.47 -61.07 -7.05
CA ARG B 2228 2.46 -60.34 -5.78
C ARG B 2228 1.21 -60.67 -4.96
N ALA B 2229 0.09 -60.95 -5.63
CA ALA B 2229 -1.14 -61.24 -4.90
C ALA B 2229 -1.04 -62.55 -4.13
N VAL B 2230 -0.52 -63.60 -4.77
CA VAL B 2230 -0.31 -64.85 -4.06
C VAL B 2230 0.75 -64.69 -2.97
N PHE B 2231 1.68 -63.76 -3.17
CA PHE B 2231 2.65 -63.43 -2.12
C PHE B 2231 1.95 -62.84 -0.91
N ARG B 2232 0.99 -61.94 -1.14
CA ARG B 2232 0.20 -61.40 -0.04
C ARG B 2232 -0.64 -62.47 0.64
N HIS B 2233 -1.21 -63.40 -0.15
CA HIS B 2233 -1.92 -64.52 0.45
C HIS B 2233 -0.99 -65.36 1.33
N ASN B 2234 0.24 -65.61 0.86
CA ASN B 2234 1.20 -66.35 1.65
C ASN B 2234 1.52 -65.63 2.95
N LEU B 2235 1.75 -64.32 2.88
CA LEU B 2235 2.05 -63.54 4.08
C LEU B 2235 0.89 -63.59 5.06
N GLU B 2236 -0.34 -63.42 4.56
CA GLU B 2236 -1.51 -63.43 5.41
C GLU B 2236 -1.75 -64.79 6.04
N ILE B 2237 -1.51 -65.88 5.30
CA ILE B 2237 -1.77 -67.20 5.86
C ILE B 2237 -0.70 -67.56 6.90
N ILE B 2238 0.55 -67.14 6.68
CA ILE B 2238 1.54 -67.35 7.73
C ILE B 2238 1.21 -66.48 8.94
N LYS B 2239 0.67 -65.27 8.71
CA LYS B 2239 0.25 -64.42 9.81
C LYS B 2239 -0.83 -65.09 10.64
N THR B 2240 -1.82 -65.69 9.98
CA THR B 2240 -2.86 -66.42 10.71
C THR B 2240 -2.27 -67.65 11.42
N LEU B 2241 -1.32 -68.33 10.77
CA LEU B 2241 -0.68 -69.49 11.38
C LEU B 2241 0.00 -69.13 12.69
N VAL B 2242 0.73 -68.02 12.70
CA VAL B 2242 1.38 -67.58 13.94
C VAL B 2242 0.40 -66.86 14.86
N GLU B 2243 -0.78 -66.50 14.36
CA GLU B 2243 -1.78 -65.87 15.21
C GLU B 2243 -2.62 -66.89 15.97
N CYS B 2244 -2.72 -68.11 15.45
CA CYS B 2244 -3.48 -69.17 16.11
C CYS B 2244 -2.61 -70.13 16.90
N TRP B 2245 -1.39 -70.40 16.44
CA TRP B 2245 -0.53 -71.41 17.02
C TRP B 2245 0.73 -70.81 17.63
N LYS B 2246 0.63 -69.59 18.19
CA LYS B 2246 1.80 -68.91 18.70
C LYS B 2246 2.43 -69.63 19.89
N ASP B 2247 1.66 -70.46 20.60
CA ASP B 2247 2.17 -71.16 21.78
C ASP B 2247 2.69 -72.55 21.46
N CYS B 2248 2.69 -72.97 20.20
CA CYS B 2248 3.20 -74.28 19.82
C CYS B 2248 4.40 -74.22 18.88
N LEU B 2249 4.91 -73.04 18.54
CA LEU B 2249 5.97 -72.90 17.57
C LEU B 2249 7.18 -72.20 18.18
N SER B 2250 8.35 -72.44 17.57
CA SER B 2250 9.58 -71.76 17.92
C SER B 2250 10.19 -71.21 16.64
N ILE B 2251 11.33 -70.54 16.77
CA ILE B 2251 11.94 -69.89 15.62
C ILE B 2251 13.43 -70.24 15.53
N PRO B 2252 13.82 -71.21 14.70
CA PRO B 2252 15.25 -71.51 14.48
C PRO B 2252 15.90 -70.52 13.51
N TYR B 2253 16.88 -69.78 14.04
CA TYR B 2253 17.45 -68.67 13.30
C TYR B 2253 18.31 -69.12 12.12
N ARG B 2254 18.88 -70.32 12.18
CA ARG B 2254 19.63 -70.84 11.06
C ARG B 2254 18.76 -71.00 9.82
N LEU B 2255 17.46 -71.22 10.00
CA LEU B 2255 16.54 -71.27 8.88
C LEU B 2255 16.37 -69.90 8.22
N ILE B 2256 16.71 -68.84 8.94
CA ILE B 2256 16.47 -67.47 8.49
C ILE B 2256 17.74 -66.69 8.24
N PHE B 2257 18.92 -67.29 8.49
CA PHE B 2257 20.18 -66.60 8.25
C PHE B 2257 20.27 -66.06 6.83
N GLU B 2258 19.90 -66.89 5.85
CA GLU B 2258 19.99 -66.48 4.46
C GLU B 2258 18.74 -65.78 3.95
N LYS B 2259 17.68 -65.71 4.76
CA LYS B 2259 16.46 -65.02 4.35
C LYS B 2259 16.66 -63.52 4.24
N PHE B 2260 17.81 -63.00 4.68
CA PHE B 2260 18.15 -61.59 4.54
C PHE B 2260 19.51 -61.35 3.88
N SER B 2261 20.35 -62.38 3.72
CA SER B 2261 21.70 -62.19 3.24
C SER B 2261 21.75 -62.34 1.71
N GLY B 2262 22.94 -62.18 1.16
CA GLY B 2262 23.14 -62.27 -0.27
C GLY B 2262 24.07 -61.18 -0.80
N LYS B 2263 24.46 -61.35 -2.08
CA LYS B 2263 25.38 -60.44 -2.77
C LYS B 2263 25.10 -60.49 -4.27
N ASP B 2264 24.45 -59.47 -4.80
CA ASP B 2264 24.23 -59.31 -6.23
C ASP B 2264 24.63 -57.90 -6.65
N PRO B 2265 24.71 -57.64 -7.97
CA PRO B 2265 24.89 -56.25 -8.41
C PRO B 2265 23.81 -55.30 -7.91
N ASN B 2266 22.54 -55.73 -7.86
CA ASN B 2266 21.58 -54.85 -7.20
C ASN B 2266 20.85 -55.48 -6.01
N SER B 2267 20.26 -56.67 -6.16
CA SER B 2267 19.36 -57.13 -5.11
C SER B 2267 19.04 -58.61 -5.28
N LYS B 2268 18.38 -59.15 -4.26
CA LYS B 2268 17.79 -60.49 -4.20
C LYS B 2268 18.75 -61.58 -4.69
N ASP B 2269 19.81 -61.79 -3.90
CA ASP B 2269 20.71 -62.91 -4.15
C ASP B 2269 20.16 -64.19 -3.55
N ASN B 2270 19.90 -64.17 -2.24
CA ASN B 2270 19.37 -65.32 -1.52
C ASN B 2270 18.21 -64.93 -0.63
N SER B 2271 17.62 -63.76 -0.85
CA SER B 2271 16.69 -63.20 0.11
C SER B 2271 15.64 -62.33 -0.57
N VAL B 2272 14.37 -62.68 -0.37
CA VAL B 2272 13.24 -61.79 -0.59
C VAL B 2272 12.40 -61.91 0.67
N GLY B 2273 12.77 -62.86 1.53
CA GLY B 2273 12.02 -63.13 2.75
C GLY B 2273 12.32 -62.15 3.85
N ILE B 2274 11.72 -60.96 3.76
CA ILE B 2274 11.91 -59.91 4.75
C ILE B 2274 10.70 -59.77 5.66
N GLN B 2275 9.50 -59.94 5.11
CA GLN B 2275 8.28 -59.88 5.92
C GLN B 2275 8.26 -60.99 6.96
N LEU B 2276 9.10 -62.02 6.77
CA LEU B 2276 9.27 -63.09 7.73
C LEU B 2276 9.39 -62.58 9.15
N LEU B 2277 10.42 -61.75 9.40
CA LEU B 2277 10.62 -61.23 10.74
C LEU B 2277 9.83 -59.95 10.97
N GLY B 2278 9.28 -59.36 9.91
CA GLY B 2278 8.36 -58.25 10.09
C GLY B 2278 7.10 -58.67 10.80
N ILE B 2279 6.62 -59.88 10.51
CA ILE B 2279 5.49 -60.45 11.23
C ILE B 2279 5.81 -60.64 12.71
N VAL B 2280 7.07 -60.96 13.03
CA VAL B 2280 7.46 -61.22 14.41
C VAL B 2280 7.20 -60.00 15.30
N MET B 2281 7.67 -58.82 14.86
CA MET B 2281 7.48 -57.62 15.67
C MET B 2281 6.04 -57.15 15.64
N ALA B 2282 5.36 -57.30 14.49
CA ALA B 2282 4.01 -56.77 14.35
C ALA B 2282 3.01 -57.47 15.24
N ASN B 2283 3.26 -58.73 15.59
CA ASN B 2283 2.30 -59.47 16.39
C ASN B 2283 2.90 -60.00 17.69
N ASP B 2284 3.70 -59.16 18.36
CA ASP B 2284 4.02 -59.34 19.77
C ASP B 2284 4.82 -60.62 20.02
N LEU B 2285 5.95 -60.78 19.32
CA LEU B 2285 6.75 -61.98 19.45
C LEU B 2285 8.18 -61.63 19.83
N PRO B 2286 8.65 -62.04 21.01
CA PRO B 2286 10.02 -61.67 21.44
C PRO B 2286 11.08 -62.39 20.63
N PRO B 2287 12.17 -61.71 20.32
CA PRO B 2287 13.26 -62.36 19.58
C PRO B 2287 14.33 -62.93 20.52
N TYR B 2288 15.31 -63.57 19.90
CA TYR B 2288 16.54 -64.04 20.55
C TYR B 2288 16.28 -64.91 21.76
N ASP B 2289 15.13 -65.58 21.83
CA ASP B 2289 15.00 -66.72 22.72
C ASP B 2289 16.02 -67.82 22.41
N PRO B 2290 16.22 -68.25 21.16
CA PRO B 2290 17.41 -69.07 20.87
C PRO B 2290 18.65 -68.20 20.88
N GLN B 2291 19.80 -68.83 21.10
CA GLN B 2291 21.01 -68.08 21.45
C GLN B 2291 21.48 -67.21 20.29
N CYS B 2292 22.28 -66.21 20.62
CA CYS B 2292 22.77 -65.25 19.65
C CYS B 2292 24.05 -65.76 18.99
N GLY B 2293 24.70 -64.90 18.24
CA GLY B 2293 25.95 -65.24 17.60
C GLY B 2293 26.84 -64.03 17.52
N ILE B 2294 28.16 -64.27 17.55
CA ILE B 2294 29.12 -63.18 17.47
C ILE B 2294 29.01 -62.47 16.12
N GLN B 2295 28.70 -63.22 15.06
CA GLN B 2295 28.53 -62.64 13.74
C GLN B 2295 27.06 -62.65 13.31
N SER B 2296 26.16 -62.36 14.24
CA SER B 2296 24.82 -61.94 13.85
C SER B 2296 24.84 -60.51 13.34
N SER B 2297 25.99 -59.83 13.46
CA SER B 2297 26.11 -58.45 13.00
C SER B 2297 26.15 -58.34 11.49
N GLU B 2298 26.67 -59.37 10.81
CA GLU B 2298 26.63 -59.37 9.35
C GLU B 2298 25.23 -59.36 8.80
N TYR B 2299 24.28 -59.98 9.51
CA TYR B 2299 22.86 -59.87 9.19
C TYR B 2299 22.43 -58.42 9.02
N PHE B 2300 23.18 -57.49 9.58
CA PHE B 2300 22.87 -56.07 9.52
C PHE B 2300 23.60 -55.43 8.34
N GLN B 2301 24.93 -55.54 8.34
CA GLN B 2301 25.78 -54.84 7.40
C GLN B 2301 25.65 -55.35 5.97
N ALA B 2302 25.42 -56.65 5.78
CA ALA B 2302 25.21 -57.16 4.42
C ALA B 2302 23.97 -56.55 3.79
N LEU B 2303 22.88 -56.46 4.54
CA LEU B 2303 21.67 -55.84 4.04
C LEU B 2303 21.85 -54.33 3.89
N VAL B 2304 22.66 -53.72 4.75
CA VAL B 2304 23.01 -52.32 4.56
C VAL B 2304 23.73 -52.15 3.21
N ASN B 2305 24.55 -53.13 2.83
CA ASN B 2305 25.24 -53.11 1.54
C ASN B 2305 24.31 -53.26 0.36
N ASN B 2306 23.02 -53.48 0.60
CA ASN B 2306 22.04 -53.60 -0.47
C ASN B 2306 21.52 -52.23 -0.94
N MET B 2307 22.28 -51.17 -0.67
CA MET B 2307 21.83 -49.80 -0.93
C MET B 2307 21.84 -49.40 -2.40
N SER B 2308 22.55 -50.13 -3.25
CA SER B 2308 23.01 -49.59 -4.54
C SER B 2308 21.99 -49.73 -5.66
N PHE B 2309 20.70 -49.64 -5.36
CA PHE B 2309 19.69 -49.87 -6.40
C PHE B 2309 19.72 -48.77 -7.45
N VAL B 2310 19.03 -49.06 -8.56
CA VAL B 2310 18.69 -48.08 -9.59
C VAL B 2310 17.19 -48.21 -9.87
N ARG B 2311 16.44 -48.73 -8.89
CA ARG B 2311 15.02 -49.01 -9.07
C ARG B 2311 14.26 -47.73 -9.36
N TYR B 2312 13.34 -47.80 -10.32
CA TYR B 2312 12.67 -46.61 -10.85
C TYR B 2312 11.30 -46.36 -10.23
N LYS B 2313 10.86 -47.17 -9.27
CA LYS B 2313 9.44 -47.18 -8.89
C LYS B 2313 9.22 -46.97 -7.40
N GLU B 2314 9.93 -46.00 -6.81
CA GLU B 2314 9.63 -45.45 -5.48
C GLU B 2314 9.63 -46.49 -4.37
N VAL B 2315 10.56 -47.45 -4.40
CA VAL B 2315 10.72 -48.36 -3.27
C VAL B 2315 12.01 -48.03 -2.51
N TYR B 2316 13.07 -47.69 -3.23
CA TYR B 2316 14.34 -47.15 -2.72
C TYR B 2316 15.20 -48.17 -2.00
N ALA B 2317 14.66 -49.35 -1.69
CA ALA B 2317 15.44 -50.30 -0.92
C ALA B 2317 14.71 -51.64 -0.80
N ALA B 2318 15.49 -52.72 -0.90
CA ALA B 2318 15.19 -53.98 -0.25
C ALA B 2318 15.91 -54.09 1.08
N ALA B 2319 16.85 -53.18 1.33
CA ALA B 2319 17.34 -52.97 2.69
C ALA B 2319 16.17 -52.66 3.60
N ALA B 2320 16.00 -53.48 4.61
CA ALA B 2320 14.74 -53.63 5.32
C ALA B 2320 14.36 -52.36 6.05
N GLU B 2321 13.11 -51.94 5.85
CA GLU B 2321 12.43 -51.07 6.80
C GLU B 2321 12.56 -51.60 8.21
N VAL B 2322 12.67 -52.91 8.35
CA VAL B 2322 12.56 -53.62 9.63
C VAL B 2322 13.93 -53.81 10.25
N LEU B 2323 14.99 -53.77 9.43
CA LEU B 2323 16.32 -54.13 9.92
C LEU B 2323 16.76 -53.22 11.06
N GLY B 2324 16.52 -51.92 10.95
CA GLY B 2324 16.92 -51.01 11.99
C GLY B 2324 16.17 -51.19 13.29
N LEU B 2325 15.11 -51.97 13.30
CA LEU B 2325 14.27 -52.14 14.48
C LEU B 2325 14.95 -52.93 15.59
N ILE B 2326 16.25 -53.25 15.46
CA ILE B 2326 16.96 -53.93 16.54
C ILE B 2326 16.98 -53.07 17.80
N LEU B 2327 17.14 -51.75 17.63
CA LEU B 2327 17.17 -50.86 18.78
C LEU B 2327 15.84 -50.89 19.54
N ARG B 2328 14.74 -51.08 18.82
CA ARG B 2328 13.44 -51.27 19.47
C ARG B 2328 13.34 -52.67 20.08
N TYR B 2329 13.81 -53.68 19.36
CA TYR B 2329 13.76 -55.06 19.81
C TYR B 2329 14.41 -55.25 21.18
N VAL B 2330 15.64 -54.76 21.31
CA VAL B 2330 16.53 -55.21 22.37
C VAL B 2330 16.73 -54.13 23.43
N MET B 2331 15.79 -53.18 23.56
CA MET B 2331 15.90 -52.20 24.63
C MET B 2331 15.14 -52.68 25.87
N GLU B 2332 13.86 -53.01 25.72
CA GLU B 2332 13.06 -53.48 26.86
C GLU B 2332 13.64 -54.76 27.45
N ARG B 2333 14.03 -55.70 26.58
CA ARG B 2333 14.72 -56.92 27.00
C ARG B 2333 16.18 -56.75 26.61
N LYS B 2334 17.06 -56.72 27.61
CA LYS B 2334 18.43 -56.25 27.41
C LYS B 2334 19.34 -57.40 26.96
N ASN B 2335 19.82 -57.31 25.73
CA ASN B 2335 20.97 -58.06 25.26
C ASN B 2335 22.01 -57.05 24.76
N ILE B 2336 23.29 -57.34 25.01
CA ILE B 2336 24.33 -56.32 24.90
C ILE B 2336 24.78 -56.05 23.46
N LEU B 2337 24.22 -56.74 22.47
CA LEU B 2337 24.75 -56.66 21.11
C LEU B 2337 24.60 -55.26 20.51
N GLU B 2338 23.53 -54.55 20.84
CA GLU B 2338 23.23 -53.29 20.17
C GLU B 2338 24.32 -52.24 20.39
N GLU B 2339 25.00 -52.31 21.54
CA GLU B 2339 25.99 -51.30 21.87
C GLU B 2339 27.19 -51.38 20.93
N SER B 2340 27.66 -52.59 20.63
CA SER B 2340 28.71 -52.76 19.62
C SER B 2340 28.14 -52.59 18.23
N LEU B 2341 26.86 -52.91 18.05
CA LEU B 2341 26.18 -52.73 16.77
C LEU B 2341 26.28 -51.29 16.28
N CYS B 2342 25.72 -50.37 17.07
CA CYS B 2342 25.38 -49.04 16.58
C CYS B 2342 26.59 -48.30 16.06
N GLU B 2343 27.72 -48.40 16.77
CA GLU B 2343 28.91 -47.65 16.37
C GLU B 2343 29.35 -48.01 14.95
N LEU B 2344 29.56 -49.30 14.70
CA LEU B 2344 30.05 -49.72 13.39
C LEU B 2344 28.99 -49.55 12.31
N VAL B 2345 27.72 -49.77 12.66
CA VAL B 2345 26.65 -49.56 11.69
C VAL B 2345 26.64 -48.10 11.23
N ALA B 2346 26.78 -47.18 12.18
CA ALA B 2346 26.84 -45.76 11.84
C ALA B 2346 28.10 -45.42 11.05
N LYS B 2347 29.24 -46.05 11.40
CA LYS B 2347 30.47 -45.80 10.66
C LYS B 2347 30.27 -46.11 9.18
N GLN B 2348 29.82 -47.34 8.90
CA GLN B 2348 29.63 -47.71 7.51
C GLN B 2348 28.48 -46.96 6.85
N LEU B 2349 27.47 -46.56 7.62
CA LEU B 2349 26.37 -45.81 7.05
C LEU B 2349 26.80 -44.42 6.62
N LYS B 2350 27.70 -43.78 7.39
CA LYS B 2350 28.23 -42.50 6.96
C LYS B 2350 29.22 -42.67 5.82
N GLN B 2351 29.92 -43.81 5.78
CA GLN B 2351 30.92 -44.01 4.74
C GLN B 2351 30.29 -44.25 3.38
N HIS B 2352 29.36 -45.21 3.29
CA HIS B 2352 28.87 -45.66 1.99
C HIS B 2352 27.97 -44.67 1.28
N GLN B 2353 27.80 -43.45 1.80
CA GLN B 2353 27.10 -42.43 1.04
C GLN B 2353 27.84 -42.09 -0.25
N ASN B 2354 29.16 -42.28 -0.27
CA ASN B 2354 29.97 -42.05 -1.46
C ASN B 2354 30.36 -43.34 -2.17
N THR B 2355 29.69 -44.45 -1.87
CA THR B 2355 29.97 -45.71 -2.57
C THR B 2355 29.32 -45.75 -3.94
N MET B 2356 28.00 -45.68 -4.02
CA MET B 2356 27.28 -45.55 -5.28
C MET B 2356 26.07 -44.65 -5.04
N GLU B 2357 25.40 -44.29 -6.13
CA GLU B 2357 24.35 -43.26 -6.07
C GLU B 2357 23.05 -43.86 -5.52
N ASP B 2358 22.88 -43.71 -4.20
CA ASP B 2358 21.57 -43.91 -3.59
C ASP B 2358 21.56 -43.22 -2.23
N LYS B 2359 20.35 -43.04 -1.70
CA LYS B 2359 20.14 -42.20 -0.53
C LYS B 2359 20.07 -43.02 0.76
N PHE B 2360 20.68 -42.49 1.82
CA PHE B 2360 20.63 -43.08 3.14
C PHE B 2360 19.68 -42.38 4.11
N ILE B 2361 18.80 -41.52 3.62
CA ILE B 2361 17.82 -40.90 4.51
C ILE B 2361 16.83 -41.93 5.02
N VAL B 2362 16.46 -42.89 4.17
CA VAL B 2362 15.49 -43.91 4.59
C VAL B 2362 16.05 -44.74 5.74
N CYS B 2363 17.37 -44.94 5.75
CA CYS B 2363 18.11 -45.71 6.78
C CYS B 2363 18.05 -45.05 8.13
N LEU B 2364 17.41 -43.89 8.20
CA LEU B 2364 16.98 -43.28 9.45
C LEU B 2364 15.48 -43.07 9.50
N ASN B 2365 14.85 -42.84 8.34
CA ASN B 2365 13.44 -42.49 8.29
C ASN B 2365 12.57 -43.65 8.74
N LYS B 2366 12.88 -44.86 8.28
CA LYS B 2366 12.05 -46.00 8.65
C LYS B 2366 12.43 -46.55 10.03
N VAL B 2367 13.57 -46.12 10.58
CA VAL B 2367 13.99 -46.56 11.90
C VAL B 2367 13.69 -45.44 12.90
N THR B 2368 13.06 -44.37 12.44
CA THR B 2368 12.56 -43.35 13.36
C THR B 2368 11.72 -43.97 14.47
N LYS B 2369 11.61 -43.24 15.58
CA LYS B 2369 10.94 -43.72 16.79
C LYS B 2369 11.57 -45.02 17.29
N SER B 2370 12.90 -45.08 17.25
CA SER B 2370 13.64 -46.22 17.79
C SER B 2370 14.86 -45.71 18.53
N PHE B 2371 14.87 -45.92 19.85
CA PHE B 2371 15.97 -45.56 20.75
C PHE B 2371 16.30 -44.07 20.61
N PRO B 2372 15.40 -43.19 21.07
CA PRO B 2372 15.61 -41.75 20.92
C PRO B 2372 16.87 -41.23 21.60
N PRO B 2373 17.30 -41.78 22.75
CA PRO B 2373 18.50 -41.22 23.39
C PRO B 2373 19.74 -41.19 22.50
N LEU B 2374 19.88 -42.13 21.56
CA LEU B 2374 20.89 -42.01 20.51
C LEU B 2374 20.20 -42.23 19.16
N ALA B 2375 19.60 -41.16 18.65
CA ALA B 2375 19.04 -41.12 17.30
C ALA B 2375 19.30 -39.78 16.64
N ASP B 2376 20.37 -39.10 17.04
CA ASP B 2376 20.61 -37.71 16.66
C ASP B 2376 21.99 -37.42 16.13
N ARG B 2377 22.91 -38.40 16.10
CA ARG B 2377 24.24 -38.15 15.55
C ARG B 2377 24.18 -37.79 14.06
N PHE B 2378 23.17 -38.29 13.34
CA PHE B 2378 23.09 -38.05 11.91
C PHE B 2378 22.87 -36.57 11.62
N MET B 2379 21.85 -35.97 12.25
CA MET B 2379 21.54 -34.57 12.00
C MET B 2379 22.73 -33.67 12.27
N ASN B 2380 23.55 -34.03 13.26
CA ASN B 2380 24.73 -33.26 13.66
C ASN B 2380 25.61 -32.87 12.48
N ALA B 2381 25.63 -33.68 11.43
CA ALA B 2381 26.36 -33.34 10.22
C ALA B 2381 25.46 -33.19 9.01
N VAL B 2382 24.29 -33.83 9.00
CA VAL B 2382 23.40 -33.76 7.85
C VAL B 2382 22.82 -32.36 7.70
N PHE B 2383 22.55 -31.66 8.80
CA PHE B 2383 21.93 -30.34 8.69
C PHE B 2383 22.78 -29.38 7.88
N PHE B 2384 24.11 -29.42 8.01
CA PHE B 2384 24.99 -28.64 7.14
C PHE B 2384 24.96 -29.13 5.69
N LEU B 2385 24.37 -30.29 5.36
CA LEU B 2385 24.53 -31.07 4.11
C LEU B 2385 23.26 -31.38 3.30
N LEU B 2386 22.11 -31.69 3.89
CA LEU B 2386 20.87 -32.07 3.18
C LEU B 2386 19.54 -31.54 3.77
N PRO B 2387 19.43 -30.28 4.26
CA PRO B 2387 18.16 -29.56 4.24
C PRO B 2387 17.37 -29.84 2.97
N LYS B 2388 16.10 -30.23 3.12
CA LYS B 2388 15.41 -31.06 2.13
C LYS B 2388 14.41 -30.30 1.26
N PHE B 2389 14.28 -30.73 0.01
CA PHE B 2389 13.19 -30.38 -0.89
C PHE B 2389 12.63 -31.68 -1.51
N HIS B 2390 12.02 -31.62 -2.69
CA HIS B 2390 11.78 -32.73 -3.62
C HIS B 2390 10.62 -33.63 -3.19
N GLY B 2391 9.63 -33.07 -2.50
CA GLY B 2391 8.33 -33.73 -2.40
C GLY B 2391 8.30 -34.86 -1.40
N VAL B 2392 8.23 -36.09 -1.90
CA VAL B 2392 8.11 -37.28 -1.06
C VAL B 2392 9.33 -37.38 -0.16
N LEU B 2393 10.50 -37.07 -0.70
CA LEU B 2393 11.73 -37.06 0.10
C LEU B 2393 11.68 -35.97 1.16
N LYS B 2394 11.07 -34.83 0.81
CA LYS B 2394 10.86 -33.77 1.78
C LYS B 2394 10.01 -34.26 2.94
N THR B 2395 8.92 -34.97 2.64
CA THR B 2395 8.07 -35.54 3.68
C THR B 2395 8.81 -36.57 4.51
N LEU B 2396 9.67 -37.37 3.87
CA LEU B 2396 10.47 -38.34 4.61
C LEU B 2396 11.40 -37.64 5.60
N CYS B 2397 12.04 -36.54 5.18
CA CYS B 2397 12.92 -35.82 6.09
C CYS B 2397 12.13 -35.07 7.16
N LEU B 2398 10.91 -34.65 6.84
CA LEU B 2398 10.03 -34.13 7.88
C LEU B 2398 9.80 -35.19 8.95
N GLU B 2399 9.41 -36.39 8.54
CA GLU B 2399 9.25 -37.48 9.50
C GLU B 2399 10.56 -37.81 10.22
N VAL B 2400 11.70 -37.55 9.59
CA VAL B 2400 12.98 -37.69 10.26
C VAL B 2400 13.13 -36.69 11.39
N VAL B 2401 12.77 -35.43 11.15
CA VAL B 2401 12.92 -34.41 12.18
C VAL B 2401 11.90 -34.64 13.31
N LEU B 2402 10.90 -35.49 13.06
CA LEU B 2402 9.85 -35.75 14.05
C LEU B 2402 10.41 -36.38 15.33
N CYS B 2403 11.61 -36.94 15.29
CA CYS B 2403 12.22 -37.50 16.49
C CYS B 2403 12.47 -36.39 17.50
N ARG B 2404 12.08 -36.63 18.75
CA ARG B 2404 12.20 -35.62 19.80
C ARG B 2404 13.54 -35.78 20.50
N VAL B 2405 14.34 -34.71 20.49
CA VAL B 2405 15.71 -34.77 21.00
C VAL B 2405 16.16 -33.38 21.38
N GLU B 2406 17.08 -33.29 22.34
CA GLU B 2406 17.61 -32.02 22.82
C GLU B 2406 18.72 -31.46 21.96
N GLY B 2407 19.23 -32.22 21.00
CA GLY B 2407 20.50 -31.95 20.35
C GLY B 2407 20.62 -30.62 19.66
N MET B 2408 19.57 -29.80 19.65
CA MET B 2408 19.61 -28.50 19.00
C MET B 2408 19.04 -27.43 19.93
N THR B 2409 19.81 -26.36 20.12
CA THR B 2409 19.36 -25.23 20.92
C THR B 2409 19.38 -23.95 20.10
N GLU B 2410 20.48 -23.70 19.39
CA GLU B 2410 20.63 -22.47 18.62
C GLU B 2410 20.11 -22.58 17.20
N LEU B 2411 19.49 -23.71 16.84
CA LEU B 2411 19.10 -23.93 15.44
C LEU B 2411 18.05 -22.94 14.95
N TYR B 2412 17.40 -22.21 15.86
CA TYR B 2412 16.34 -21.28 15.43
C TYR B 2412 16.91 -20.15 14.58
N PHE B 2413 18.24 -19.99 14.57
CA PHE B 2413 18.83 -19.08 13.60
C PHE B 2413 18.62 -19.57 12.17
N GLN B 2414 18.27 -20.85 11.97
CA GLN B 2414 17.83 -21.30 10.66
C GLN B 2414 16.48 -20.69 10.29
N LEU B 2415 15.51 -20.74 11.21
CA LEU B 2415 14.20 -20.13 10.98
C LEU B 2415 14.25 -18.62 11.06
N LYS B 2416 15.37 -18.05 11.48
CA LYS B 2416 15.63 -16.63 11.26
C LYS B 2416 15.83 -16.31 9.78
N SER B 2417 15.95 -17.33 8.94
CA SER B 2417 15.74 -17.22 7.51
C SER B 2417 14.26 -17.39 7.23
N LYS B 2418 13.74 -16.65 6.27
CA LYS B 2418 12.30 -16.46 6.15
C LYS B 2418 11.56 -17.68 5.61
N ASP B 2419 11.93 -18.14 4.41
CA ASP B 2419 11.01 -18.94 3.59
C ASP B 2419 10.89 -20.32 4.21
N PHE B 2420 10.26 -20.37 5.37
CA PHE B 2420 9.52 -21.51 5.88
C PHE B 2420 8.07 -21.09 6.06
N VAL B 2421 7.53 -20.44 5.03
CA VAL B 2421 6.21 -19.85 5.09
C VAL B 2421 5.35 -20.38 3.94
N GLN B 2422 5.79 -20.17 2.70
CA GLN B 2422 5.10 -20.73 1.55
C GLN B 2422 5.35 -22.22 1.40
N VAL B 2423 6.50 -22.71 1.84
CA VAL B 2423 6.78 -24.15 1.76
C VAL B 2423 5.84 -24.91 2.69
N MET B 2424 5.31 -24.22 3.70
CA MET B 2424 4.39 -24.84 4.64
C MET B 2424 3.17 -25.42 3.94
N ARG B 2425 2.76 -24.83 2.83
CA ARG B 2425 1.56 -25.19 2.10
C ARG B 2425 1.86 -25.76 0.72
N HIS B 2426 3.05 -26.35 0.54
CA HIS B 2426 3.46 -26.83 -0.78
C HIS B 2426 2.54 -27.93 -1.29
N ARG B 2427 2.33 -28.98 -0.50
CA ARG B 2427 1.50 -30.11 -0.91
C ARG B 2427 0.42 -30.34 0.14
N ASP B 2428 -0.76 -30.69 -0.32
CA ASP B 2428 -1.95 -30.74 0.53
C ASP B 2428 -1.83 -31.82 1.60
N ASP B 2429 -2.80 -31.81 2.51
CA ASP B 2429 -3.09 -32.75 3.59
C ASP B 2429 -1.84 -33.06 4.44
N GLU B 2430 -1.71 -34.32 4.87
CA GLU B 2430 -0.95 -34.65 6.08
C GLU B 2430 0.55 -34.45 5.92
N ARG B 2431 1.05 -34.25 4.71
CA ARG B 2431 2.49 -34.29 4.47
C ARG B 2431 3.24 -33.24 5.29
N GLN B 2432 2.62 -32.08 5.51
CA GLN B 2432 3.36 -30.94 6.02
C GLN B 2432 3.19 -30.71 7.53
N LYS B 2433 2.56 -31.63 8.27
CA LYS B 2433 2.22 -31.35 9.66
C LYS B 2433 3.46 -31.25 10.56
N VAL B 2434 4.55 -31.93 10.20
CA VAL B 2434 5.76 -31.85 11.01
C VAL B 2434 6.30 -30.43 11.04
N CYS B 2435 6.01 -29.63 10.01
CA CYS B 2435 6.49 -28.25 10.00
C CYS B 2435 5.91 -27.44 11.17
N LEU B 2436 4.60 -27.56 11.40
CA LEU B 2436 4.00 -26.89 12.56
C LEU B 2436 4.34 -27.63 13.86
N ASP B 2437 4.44 -28.96 13.80
CA ASP B 2437 4.85 -29.71 14.98
C ASP B 2437 6.24 -29.29 15.45
N ILE B 2438 7.04 -28.68 14.56
CA ILE B 2438 8.32 -28.12 14.96
C ILE B 2438 8.14 -27.09 16.06
N ILE B 2439 7.32 -26.07 15.78
CA ILE B 2439 7.02 -25.05 16.79
C ILE B 2439 6.28 -25.67 17.96
N TYR B 2440 5.44 -26.67 17.69
CA TYR B 2440 4.72 -27.33 18.77
C TYR B 2440 5.70 -27.94 19.78
N LYS B 2441 6.73 -28.61 19.29
CA LYS B 2441 7.62 -29.32 20.20
C LYS B 2441 8.70 -28.40 20.76
N MET B 2442 8.94 -27.25 20.14
CA MET B 2442 9.84 -26.30 20.79
C MET B 2442 9.13 -25.14 21.48
N MET B 2443 7.81 -25.19 21.67
CA MET B 2443 7.10 -24.12 22.36
C MET B 2443 7.70 -23.67 23.71
N PRO B 2444 8.10 -24.56 24.63
CA PRO B 2444 8.31 -24.09 26.01
C PRO B 2444 9.31 -22.96 26.19
N LYS B 2445 10.44 -22.97 25.46
CA LYS B 2445 11.54 -22.07 25.78
C LYS B 2445 11.53 -20.78 24.97
N LEU B 2446 10.58 -20.60 24.06
CA LEU B 2446 10.71 -19.57 23.05
C LEU B 2446 10.49 -18.17 23.63
N LYS B 2447 10.92 -17.19 22.84
CA LYS B 2447 10.55 -15.78 23.00
C LYS B 2447 9.98 -15.34 21.65
N PRO B 2448 8.73 -15.69 21.36
CA PRO B 2448 8.27 -15.71 19.97
C PRO B 2448 8.16 -14.35 19.30
N VAL B 2449 9.31 -13.72 19.05
CA VAL B 2449 9.31 -12.52 18.22
C VAL B 2449 8.98 -12.87 16.77
N GLU B 2450 9.46 -14.03 16.29
CA GLU B 2450 9.28 -14.38 14.90
C GLU B 2450 8.04 -15.24 14.65
N LEU B 2451 7.52 -15.91 15.69
CA LEU B 2451 6.25 -16.60 15.51
C LEU B 2451 5.12 -15.63 15.22
N ARG B 2452 5.32 -14.34 15.49
CA ARG B 2452 4.43 -13.31 15.00
C ARG B 2452 4.17 -13.46 13.51
N GLU B 2453 5.23 -13.36 12.71
CA GLU B 2453 5.07 -13.48 11.27
C GLU B 2453 4.87 -14.93 10.84
N LEU B 2454 5.46 -15.88 11.57
CA LEU B 2454 5.29 -17.28 11.20
C LEU B 2454 3.85 -17.74 11.33
N LEU B 2455 3.09 -17.17 12.26
CA LEU B 2455 1.68 -17.50 12.39
C LEU B 2455 0.81 -16.71 11.42
N ASN B 2456 1.37 -15.73 10.72
CA ASN B 2456 0.60 -14.98 9.73
C ASN B 2456 0.12 -15.85 8.56
N PRO B 2457 0.97 -16.68 7.93
CA PRO B 2457 0.41 -17.64 6.97
C PRO B 2457 -0.52 -18.65 7.63
N VAL B 2458 -0.28 -18.94 8.91
CA VAL B 2458 -1.21 -19.77 9.65
C VAL B 2458 -2.55 -19.08 9.79
N VAL B 2459 -2.57 -17.75 9.78
CA VAL B 2459 -3.85 -17.04 9.67
C VAL B 2459 -4.55 -17.45 8.38
N GLU B 2460 -3.79 -17.63 7.31
CA GLU B 2460 -4.28 -18.04 6.00
C GLU B 2460 -4.33 -19.56 5.82
N PHE B 2461 -3.92 -20.43 6.74
CA PHE B 2461 -4.24 -21.84 6.62
C PHE B 2461 -5.68 -22.13 6.99
N VAL B 2462 -6.41 -21.15 7.51
CA VAL B 2462 -7.87 -21.19 7.41
C VAL B 2462 -8.28 -21.10 5.95
N SER B 2463 -7.60 -20.24 5.19
CA SER B 2463 -7.84 -20.15 3.75
C SER B 2463 -7.19 -21.32 3.00
N HIS B 2464 -6.11 -21.88 3.53
CA HIS B 2464 -5.45 -22.98 2.84
C HIS B 2464 -6.10 -24.32 3.19
N PRO B 2465 -6.35 -25.16 2.19
CA PRO B 2465 -7.10 -26.40 2.45
C PRO B 2465 -6.30 -27.39 3.30
N SER B 2466 -6.94 -27.84 4.38
CA SER B 2466 -6.49 -28.94 5.23
C SER B 2466 -7.55 -29.13 6.31
N THR B 2467 -7.54 -30.30 6.94
CA THR B 2467 -8.40 -30.51 8.09
C THR B 2467 -7.60 -30.98 9.30
N THR B 2468 -6.70 -31.95 9.10
CA THR B 2468 -5.84 -32.39 10.19
C THR B 2468 -4.83 -31.32 10.55
N CYS B 2469 -4.27 -30.66 9.53
CA CYS B 2469 -3.38 -29.54 9.79
C CYS B 2469 -4.12 -28.40 10.47
N ARG B 2470 -5.39 -28.18 10.13
CA ARG B 2470 -6.17 -27.16 10.83
C ARG B 2470 -6.42 -27.55 12.28
N GLU B 2471 -6.60 -28.85 12.54
CA GLU B 2471 -6.72 -29.29 13.93
C GLU B 2471 -5.43 -29.04 14.70
N GLN B 2472 -4.29 -29.29 14.07
CA GLN B 2472 -3.01 -28.97 14.71
C GLN B 2472 -2.86 -27.46 14.92
N MET B 2473 -3.32 -26.67 13.94
CA MET B 2473 -3.43 -25.23 14.10
C MET B 2473 -4.20 -24.87 15.37
N TYR B 2474 -5.38 -25.46 15.55
CA TYR B 2474 -6.22 -25.11 16.69
C TYR B 2474 -5.56 -25.52 18.00
N ASN B 2475 -4.90 -26.68 18.02
CA ASN B 2475 -4.15 -27.07 19.21
C ASN B 2475 -3.03 -26.08 19.51
N ILE B 2476 -2.32 -25.64 18.47
CA ILE B 2476 -1.26 -24.65 18.65
C ILE B 2476 -1.82 -23.38 19.26
N LEU B 2477 -2.95 -22.93 18.73
CA LEU B 2477 -3.57 -21.69 19.21
C LEU B 2477 -4.05 -21.84 20.65
N MET B 2478 -4.61 -23.01 20.98
CA MET B 2478 -5.09 -23.25 22.33
C MET B 2478 -3.95 -23.23 23.33
N TRP B 2479 -2.81 -23.81 22.96
CA TRP B 2479 -1.64 -23.69 23.83
C TRP B 2479 -1.18 -22.25 23.92
N ILE B 2480 -1.16 -21.53 22.79
CA ILE B 2480 -0.63 -20.17 22.78
C ILE B 2480 -1.40 -19.29 23.75
N HIS B 2481 -2.73 -19.28 23.61
CA HIS B 2481 -3.52 -18.36 24.43
C HIS B 2481 -3.33 -18.63 25.91
N ASP B 2482 -3.28 -19.91 26.30
CA ASP B 2482 -3.13 -20.25 27.71
C ASP B 2482 -1.71 -19.96 28.20
N ASN B 2483 -0.70 -20.09 27.33
CA ASN B 2483 0.66 -20.17 27.81
C ASN B 2483 1.50 -18.93 27.57
N TYR B 2484 1.00 -17.93 26.84
CA TYR B 2484 1.64 -16.65 27.14
C TYR B 2484 1.06 -16.03 28.39
N ARG B 2485 0.24 -16.77 29.13
CA ARG B 2485 -0.34 -16.33 30.40
C ARG B 2485 -1.14 -15.04 30.19
N ASP B 2486 -2.23 -15.17 29.45
CA ASP B 2486 -3.09 -14.06 29.06
C ASP B 2486 -3.52 -13.21 30.26
N PRO B 2487 -3.95 -13.81 31.39
CA PRO B 2487 -4.25 -12.98 32.56
C PRO B 2487 -3.04 -12.23 33.12
N GLU B 2488 -1.82 -12.69 32.85
CA GLU B 2488 -0.63 -11.95 33.28
C GLU B 2488 -0.45 -10.73 32.41
N SER B 2489 -1.27 -9.71 32.63
CA SER B 2489 -1.23 -8.50 31.83
C SER B 2489 -0.08 -7.60 32.23
N GLU B 2490 1.14 -8.01 31.92
CA GLU B 2490 2.31 -7.17 32.17
C GLU B 2490 2.20 -5.87 31.39
N THR B 2491 2.51 -4.76 32.06
CA THR B 2491 2.26 -3.44 31.46
C THR B 2491 3.15 -3.21 30.23
N ASP B 2492 4.35 -3.77 30.22
CA ASP B 2492 5.35 -3.36 29.25
C ASP B 2492 5.65 -4.41 28.18
N ASN B 2493 5.27 -5.66 28.39
CA ASN B 2493 5.71 -6.73 27.51
C ASN B 2493 5.14 -6.57 26.11
N ASP B 2494 5.87 -7.12 25.13
CA ASP B 2494 5.53 -6.94 23.73
C ASP B 2494 4.41 -7.88 23.27
N SER B 2495 3.95 -8.78 24.14
CA SER B 2495 2.97 -9.78 23.75
C SER B 2495 1.60 -9.19 23.40
N GLN B 2496 1.44 -7.87 23.47
CA GLN B 2496 0.13 -7.26 23.20
C GLN B 2496 -0.26 -7.44 21.74
N GLU B 2497 0.71 -7.36 20.83
CA GLU B 2497 0.43 -7.58 19.41
C GLU B 2497 -0.06 -9.00 19.16
N ILE B 2498 0.67 -9.99 19.70
CA ILE B 2498 0.30 -11.38 19.46
C ILE B 2498 -1.01 -11.72 20.16
N PHE B 2499 -1.32 -11.02 21.25
CA PHE B 2499 -2.64 -11.14 21.86
C PHE B 2499 -3.73 -10.99 20.79
N LYS B 2500 -3.77 -9.82 20.15
CA LYS B 2500 -4.87 -9.55 19.23
C LYS B 2500 -4.73 -10.35 17.94
N LEU B 2501 -3.51 -10.59 17.44
CA LEU B 2501 -3.42 -11.34 16.19
C LEU B 2501 -3.77 -12.81 16.41
N ALA B 2502 -3.51 -13.34 17.61
CA ALA B 2502 -3.93 -14.71 17.90
C ALA B 2502 -5.43 -14.78 18.10
N LYS B 2503 -6.01 -13.78 18.77
CA LYS B 2503 -7.46 -13.74 18.89
C LYS B 2503 -8.12 -13.61 17.53
N ASP B 2504 -7.45 -12.93 16.59
CA ASP B 2504 -7.93 -12.73 15.23
C ASP B 2504 -8.26 -14.04 14.54
N VAL B 2505 -7.57 -15.12 14.87
CA VAL B 2505 -7.83 -16.41 14.24
C VAL B 2505 -8.56 -17.31 15.21
N LEU B 2506 -8.34 -17.11 16.51
CA LEU B 2506 -9.01 -17.94 17.51
C LEU B 2506 -10.51 -17.74 17.45
N ILE B 2507 -10.94 -16.52 17.16
CA ILE B 2507 -12.37 -16.24 17.03
C ILE B 2507 -12.93 -16.90 15.77
N GLN B 2508 -12.25 -16.71 14.63
CA GLN B 2508 -12.85 -17.14 13.36
C GLN B 2508 -12.76 -18.65 13.16
N GLY B 2509 -11.89 -19.33 13.91
CA GLY B 2509 -11.68 -20.75 13.65
C GLY B 2509 -12.95 -21.57 13.69
N LEU B 2510 -13.96 -21.08 14.41
CA LEU B 2510 -15.27 -21.72 14.43
C LEU B 2510 -15.95 -21.77 13.06
N ILE B 2511 -15.59 -20.86 12.14
CA ILE B 2511 -16.19 -20.86 10.81
C ILE B 2511 -15.82 -22.09 10.00
N ASP B 2512 -14.77 -22.81 10.39
CA ASP B 2512 -14.27 -23.92 9.60
C ASP B 2512 -15.35 -24.97 9.38
N GLU B 2513 -15.34 -25.55 8.17
CA GLU B 2513 -16.45 -26.38 7.72
C GLU B 2513 -16.53 -27.73 8.40
N ASN B 2514 -15.48 -28.17 9.08
CA ASN B 2514 -15.51 -29.45 9.75
C ASN B 2514 -16.32 -29.34 11.04
N PRO B 2515 -17.49 -29.98 11.13
CA PRO B 2515 -18.32 -29.82 12.33
C PRO B 2515 -17.64 -30.29 13.60
N GLY B 2516 -16.85 -31.37 13.53
CA GLY B 2516 -16.10 -31.79 14.69
C GLY B 2516 -15.08 -30.76 15.11
N LEU B 2517 -14.38 -30.16 14.14
CA LEU B 2517 -13.45 -29.09 14.45
C LEU B 2517 -14.17 -27.83 14.92
N GLN B 2518 -15.45 -27.68 14.63
CA GLN B 2518 -16.23 -26.61 15.23
C GLN B 2518 -16.50 -26.93 16.69
N LEU B 2519 -16.86 -28.19 16.99
CA LEU B 2519 -17.16 -28.57 18.36
C LEU B 2519 -15.92 -28.53 19.25
N ILE B 2520 -14.75 -28.80 18.68
CA ILE B 2520 -13.50 -28.83 19.43
C ILE B 2520 -13.16 -27.42 19.92
N ILE B 2521 -13.82 -26.40 19.35
CA ILE B 2521 -13.62 -25.03 19.78
C ILE B 2521 -14.84 -24.57 20.56
N ARG B 2522 -16.01 -25.14 20.24
CA ARG B 2522 -17.22 -24.86 20.99
C ARG B 2522 -17.05 -25.26 22.46
N ASN B 2523 -16.49 -26.44 22.71
CA ASN B 2523 -16.25 -26.86 24.08
C ASN B 2523 -15.07 -26.10 24.68
N PHE B 2524 -14.08 -25.75 23.84
CA PHE B 2524 -12.91 -25.03 24.33
C PHE B 2524 -13.27 -23.67 24.91
N TRP B 2525 -14.04 -22.88 24.16
CA TRP B 2525 -14.39 -21.54 24.64
C TRP B 2525 -15.28 -21.59 25.89
N SER B 2526 -15.91 -22.74 26.15
CA SER B 2526 -16.87 -22.87 27.24
C SER B 2526 -16.22 -23.22 28.57
N HIS B 2527 -14.91 -23.39 28.61
CA HIS B 2527 -14.21 -23.63 29.87
C HIS B 2527 -14.04 -22.29 30.59
N GLU B 2528 -13.59 -22.35 31.85
CA GLU B 2528 -13.39 -21.14 32.63
C GLU B 2528 -12.26 -20.28 32.07
N THR B 2529 -11.67 -20.67 30.94
CA THR B 2529 -10.57 -19.93 30.33
C THR B 2529 -10.93 -18.46 30.09
N ARG B 2530 -12.06 -18.18 29.45
CA ARG B 2530 -12.49 -16.79 29.31
C ARG B 2530 -13.95 -16.57 29.69
N LEU B 2531 -14.79 -17.59 29.47
CA LEU B 2531 -16.24 -17.39 29.55
C LEU B 2531 -16.71 -17.66 30.98
N PRO B 2532 -17.21 -16.65 31.70
CA PRO B 2532 -17.56 -16.86 33.12
C PRO B 2532 -18.90 -17.56 33.26
N SER B 2533 -19.32 -17.68 34.52
CA SER B 2533 -20.60 -18.32 34.83
C SER B 2533 -21.68 -17.28 35.08
N ASN B 2534 -21.32 -16.14 35.65
CA ASN B 2534 -22.29 -15.09 35.95
C ASN B 2534 -22.93 -14.60 34.65
N THR B 2535 -24.25 -14.46 34.67
CA THR B 2535 -25.01 -14.31 33.42
C THR B 2535 -24.63 -13.06 32.66
N LEU B 2536 -24.54 -11.92 33.35
CA LEU B 2536 -24.32 -10.67 32.64
C LEU B 2536 -22.85 -10.49 32.26
N ASP B 2537 -21.93 -10.94 33.11
CA ASP B 2537 -20.54 -11.03 32.70
C ASP B 2537 -20.41 -11.97 31.51
N ARG B 2538 -21.22 -13.03 31.49
CA ARG B 2538 -21.23 -13.93 30.33
C ARG B 2538 -21.70 -13.20 29.08
N LEU B 2539 -22.73 -12.36 29.21
CA LEU B 2539 -23.17 -11.58 28.06
C LEU B 2539 -22.06 -10.65 27.57
N LEU B 2540 -21.40 -9.95 28.51
CA LEU B 2540 -20.37 -9.00 28.11
C LEU B 2540 -19.20 -9.70 27.45
N ALA B 2541 -18.79 -10.86 27.97
CA ALA B 2541 -17.66 -11.58 27.39
C ALA B 2541 -17.94 -11.98 25.95
N LEU B 2542 -19.11 -12.56 25.70
CA LEU B 2542 -19.49 -12.89 24.33
C LEU B 2542 -19.69 -11.62 23.51
N ASN B 2543 -20.25 -10.58 24.13
CA ASN B 2543 -20.30 -9.27 23.49
C ASN B 2543 -18.91 -8.81 23.10
N SER B 2544 -17.91 -9.07 23.96
CA SER B 2544 -16.54 -8.72 23.66
C SER B 2544 -15.91 -9.65 22.63
N LEU B 2545 -16.53 -10.78 22.33
CA LEU B 2545 -15.95 -11.79 21.46
C LEU B 2545 -16.19 -11.50 19.97
N TYR B 2546 -16.94 -10.44 19.65
CA TYR B 2546 -17.24 -10.15 18.26
C TYR B 2546 -15.96 -9.82 17.48
N SER B 2547 -15.93 -10.24 16.22
CA SER B 2547 -14.92 -9.83 15.27
C SER B 2547 -15.60 -9.51 13.94
N PRO B 2548 -15.04 -8.57 13.16
CA PRO B 2548 -15.73 -8.19 11.92
C PRO B 2548 -15.85 -9.33 10.92
N LYS B 2549 -15.01 -10.36 11.03
CA LYS B 2549 -15.02 -11.43 10.05
C LYS B 2549 -15.99 -12.55 10.42
N ILE B 2550 -16.63 -12.49 11.58
CA ILE B 2550 -17.56 -13.54 11.97
C ILE B 2550 -19.02 -13.11 11.91
N GLU B 2551 -19.30 -11.92 11.37
CA GLU B 2551 -20.64 -11.36 11.43
C GLU B 2551 -21.68 -12.27 10.80
N VAL B 2552 -21.27 -13.10 9.84
CA VAL B 2552 -22.18 -13.99 9.13
C VAL B 2552 -22.77 -15.02 10.09
N HIS B 2553 -21.96 -15.47 11.05
CA HIS B 2553 -22.36 -16.55 11.95
C HIS B 2553 -22.50 -16.12 13.40
N PHE B 2554 -22.26 -14.84 13.70
CA PHE B 2554 -22.19 -14.39 15.10
C PHE B 2554 -23.46 -14.73 15.86
N LEU B 2555 -24.63 -14.58 15.24
CA LEU B 2555 -25.87 -14.85 15.97
C LEU B 2555 -25.94 -16.30 16.41
N SER B 2556 -25.67 -17.23 15.49
CA SER B 2556 -25.71 -18.65 15.82
C SER B 2556 -24.67 -19.00 16.87
N LEU B 2557 -23.46 -18.46 16.75
CA LEU B 2557 -22.44 -18.79 17.74
C LEU B 2557 -22.77 -18.21 19.10
N ALA B 2558 -23.31 -16.99 19.14
CA ALA B 2558 -23.70 -16.39 20.40
C ALA B 2558 -24.75 -17.23 21.10
N THR B 2559 -25.82 -17.59 20.38
CA THR B 2559 -26.85 -18.40 21.01
C THR B 2559 -26.33 -19.78 21.40
N ASN B 2560 -25.42 -20.36 20.59
CA ASN B 2560 -24.83 -21.64 20.93
C ASN B 2560 -24.10 -21.55 22.25
N PHE B 2561 -23.25 -20.54 22.42
CA PHE B 2561 -22.51 -20.41 23.67
C PHE B 2561 -23.44 -20.11 24.85
N LEU B 2562 -24.49 -19.32 24.60
CA LEU B 2562 -25.40 -18.96 25.69
C LEU B 2562 -26.18 -20.17 26.21
N LEU B 2563 -26.67 -21.01 25.31
CA LEU B 2563 -27.62 -22.04 25.74
C LEU B 2563 -26.96 -23.28 26.34
N GLU B 2564 -25.63 -23.34 26.41
CA GLU B 2564 -25.00 -24.53 26.97
C GLU B 2564 -25.23 -24.66 28.47
N MET B 2565 -25.33 -23.54 29.19
CA MET B 2565 -25.67 -23.62 30.61
C MET B 2565 -27.07 -24.13 30.84
N THR B 2566 -27.98 -23.98 29.88
CA THR B 2566 -29.24 -24.68 29.94
C THR B 2566 -29.05 -26.17 29.64
N SER B 2567 -28.11 -26.50 28.76
CA SER B 2567 -27.84 -27.88 28.40
C SER B 2567 -27.34 -28.71 29.57
N MET B 2568 -26.85 -28.08 30.62
CA MET B 2568 -26.49 -28.76 31.86
C MET B 2568 -27.32 -28.17 33.00
N SER B 2569 -28.33 -28.92 33.43
CA SER B 2569 -29.23 -28.46 34.49
C SER B 2569 -29.76 -29.65 35.27
N PRO B 2570 -29.68 -29.62 36.60
CA PRO B 2570 -30.16 -30.76 37.40
C PRO B 2570 -31.67 -30.86 37.49
N ASP B 2571 -32.40 -29.89 36.94
CA ASP B 2571 -33.86 -29.89 37.01
C ASP B 2571 -34.52 -30.68 35.88
N TYR B 2572 -33.73 -31.36 35.05
CA TYR B 2572 -34.31 -32.19 34.00
C TYR B 2572 -35.29 -33.25 34.50
N PRO B 2573 -35.04 -33.96 35.62
CA PRO B 2573 -36.07 -34.89 36.12
C PRO B 2573 -37.34 -34.19 36.58
N ASN B 2574 -37.41 -32.87 36.43
CA ASN B 2574 -38.61 -32.11 36.73
C ASN B 2574 -39.22 -31.56 35.46
N PRO B 2575 -40.01 -32.36 34.73
CA PRO B 2575 -40.73 -31.82 33.58
C PRO B 2575 -41.78 -30.80 34.04
N MET B 2576 -42.31 -30.04 33.08
CA MET B 2576 -43.08 -28.84 33.39
C MET B 2576 -44.14 -29.08 34.46
N PHE B 2577 -45.10 -29.97 34.19
CA PHE B 2577 -46.21 -30.17 35.12
C PHE B 2577 -46.34 -31.61 35.57
N GLU B 2578 -46.12 -32.55 34.65
CA GLU B 2578 -45.94 -33.98 34.94
C GLU B 2578 -47.26 -34.65 35.31
N HIS B 2579 -48.32 -33.87 35.50
CA HIS B 2579 -49.59 -34.43 35.90
C HIS B 2579 -50.12 -35.37 34.82
N PRO B 2580 -50.34 -36.64 35.14
CA PRO B 2580 -50.69 -37.68 34.14
C PRO B 2580 -52.16 -37.66 33.68
N LEU B 2581 -52.44 -36.79 32.71
CA LEU B 2581 -53.78 -36.74 32.15
C LEU B 2581 -54.02 -37.82 31.10
N SER B 2582 -52.97 -38.29 30.44
CA SER B 2582 -53.10 -39.31 29.40
C SER B 2582 -52.31 -40.55 29.81
N GLU B 2583 -52.25 -41.55 28.91
CA GLU B 2583 -51.80 -42.87 29.32
C GLU B 2583 -50.36 -43.23 28.97
N CYS B 2584 -50.01 -43.28 27.68
CA CYS B 2584 -48.71 -43.81 27.27
C CYS B 2584 -48.56 -43.69 25.76
N GLU B 2585 -47.30 -43.71 25.31
CA GLU B 2585 -46.97 -43.75 23.89
C GLU B 2585 -45.46 -43.89 23.74
N PHE B 2586 -45.05 -44.52 22.64
CA PHE B 2586 -43.64 -44.59 22.24
C PHE B 2586 -43.56 -44.92 20.76
N GLN B 2587 -42.48 -44.50 20.12
CA GLN B 2587 -42.27 -44.77 18.70
C GLN B 2587 -40.84 -44.40 18.30
N GLU B 2588 -40.39 -44.95 17.17
CA GLU B 2588 -39.11 -44.63 16.57
C GLU B 2588 -39.16 -44.92 15.08
N TYR B 2589 -38.50 -44.06 14.29
CA TYR B 2589 -38.47 -44.19 12.83
C TYR B 2589 -37.09 -43.83 12.29
N THR B 2590 -36.72 -44.44 11.17
CA THR B 2590 -35.45 -44.19 10.50
C THR B 2590 -35.53 -44.61 9.04
N ILE B 2591 -35.44 -43.65 8.12
CA ILE B 2591 -35.26 -43.90 6.69
C ILE B 2591 -34.24 -42.91 6.15
N ASP B 2592 -33.27 -43.43 5.39
CA ASP B 2592 -32.23 -42.60 4.78
C ASP B 2592 -32.81 -41.70 3.70
N VAL B 2770 -28.00 -39.25 5.60
CA VAL B 2770 -27.96 -38.28 6.69
C VAL B 2770 -29.33 -38.23 7.39
N LEU B 2771 -29.30 -38.08 8.71
CA LEU B 2771 -30.49 -38.15 9.56
C LEU B 2771 -30.37 -37.11 10.66
N TYR B 2772 -31.24 -37.19 11.67
CA TYR B 2772 -31.15 -36.31 12.82
C TYR B 2772 -31.67 -37.07 14.04
N ARG B 2773 -31.34 -36.57 15.24
CA ARG B 2773 -31.28 -37.44 16.40
C ARG B 2773 -31.86 -36.91 17.71
N SER B 2774 -32.40 -35.69 17.74
CA SER B 2774 -32.71 -35.04 19.03
C SER B 2774 -34.10 -35.38 19.58
N TYR B 2775 -34.61 -36.58 19.33
CA TYR B 2775 -35.91 -37.00 19.81
C TYR B 2775 -35.76 -37.93 21.00
N ARG B 2776 -36.78 -37.96 21.85
CA ARG B 2776 -36.87 -38.89 22.97
C ARG B 2776 -38.29 -38.87 23.52
N HIS B 2777 -38.67 -39.97 24.17
CA HIS B 2777 -40.02 -40.17 24.67
C HIS B 2777 -40.03 -40.21 26.20
N GLY B 2778 -41.08 -39.65 26.80
CA GLY B 2778 -41.12 -39.47 28.24
C GLY B 2778 -42.25 -40.21 28.92
N ASP B 2779 -42.41 -39.90 30.21
CA ASP B 2779 -43.43 -40.54 31.04
C ASP B 2779 -44.84 -40.18 30.57
N LEU B 2780 -45.10 -38.89 30.38
CA LEU B 2780 -46.33 -38.44 29.74
C LEU B 2780 -46.26 -38.82 28.26
N PRO B 2781 -47.33 -38.61 27.49
CA PRO B 2781 -47.18 -38.65 26.03
C PRO B 2781 -46.11 -37.69 25.56
N ASP B 2782 -45.72 -37.78 24.29
CA ASP B 2782 -44.63 -36.94 23.78
C ASP B 2782 -44.90 -35.45 23.98
N ILE B 2783 -46.10 -35.09 24.45
CA ILE B 2783 -46.46 -33.71 24.74
C ILE B 2783 -45.48 -33.13 25.75
N GLN B 2784 -45.20 -33.87 26.81
CA GLN B 2784 -44.33 -33.39 27.88
C GLN B 2784 -43.06 -34.22 27.93
N ILE B 2785 -41.92 -33.56 27.67
CA ILE B 2785 -40.62 -34.21 27.66
C ILE B 2785 -39.70 -33.36 28.52
N LYS B 2786 -38.55 -33.91 28.87
CA LYS B 2786 -37.51 -33.12 29.53
C LYS B 2786 -37.23 -31.84 28.73
N HIS B 2787 -36.82 -30.79 29.44
CA HIS B 2787 -36.67 -29.48 28.82
C HIS B 2787 -35.67 -29.49 27.67
N SER B 2788 -34.70 -30.41 27.68
CA SER B 2788 -33.72 -30.49 26.61
C SER B 2788 -34.41 -30.61 25.25
N SER B 2789 -35.54 -31.31 25.20
CA SER B 2789 -36.28 -31.47 23.96
C SER B 2789 -36.76 -30.14 23.40
N LEU B 2790 -36.80 -29.11 24.23
CA LEU B 2790 -37.25 -27.79 23.77
C LEU B 2790 -36.07 -26.90 23.42
N ILE B 2791 -35.06 -26.83 24.30
CA ILE B 2791 -33.91 -25.96 24.05
C ILE B 2791 -33.07 -26.47 22.88
N THR B 2792 -32.74 -27.76 22.88
CA THR B 2792 -31.79 -28.27 21.88
C THR B 2792 -32.20 -27.99 20.43
N PRO B 2793 -33.47 -28.20 20.04
CA PRO B 2793 -33.82 -27.85 18.65
C PRO B 2793 -33.72 -26.36 18.37
N LEU B 2794 -33.85 -25.52 19.40
CA LEU B 2794 -33.72 -24.08 19.20
C LEU B 2794 -32.34 -23.73 18.66
N GLN B 2795 -31.27 -24.17 19.34
CA GLN B 2795 -29.94 -23.87 18.81
C GLN B 2795 -29.64 -24.71 17.57
N ALA B 2796 -30.28 -25.89 17.46
CA ALA B 2796 -30.11 -26.68 16.25
C ALA B 2796 -30.54 -25.89 15.02
N VAL B 2797 -31.75 -25.33 15.03
CA VAL B 2797 -32.21 -24.52 13.91
C VAL B 2797 -31.43 -23.20 13.85
N ALA B 2798 -31.07 -22.64 15.01
CA ALA B 2798 -30.36 -21.37 15.04
C ALA B 2798 -29.01 -21.43 14.33
N GLN B 2799 -28.35 -22.59 14.34
CA GLN B 2799 -27.11 -22.71 13.59
C GLN B 2799 -27.35 -22.65 12.09
N ARG B 2800 -28.61 -22.77 11.64
CA ARG B 2800 -28.91 -22.84 10.21
C ARG B 2800 -29.56 -21.55 9.71
N ASP B 2801 -30.66 -21.12 10.31
CA ASP B 2801 -31.42 -19.96 9.82
C ASP B 2801 -31.00 -18.72 10.58
N PRO B 2802 -30.46 -17.70 9.90
CA PRO B 2802 -30.09 -16.47 10.61
C PRO B 2802 -31.25 -15.76 11.28
N ILE B 2803 -32.45 -15.80 10.69
CA ILE B 2803 -33.58 -15.05 11.24
C ILE B 2803 -33.98 -15.59 12.61
N ILE B 2804 -34.08 -16.92 12.72
CA ILE B 2804 -34.49 -17.51 13.99
C ILE B 2804 -33.42 -17.26 15.06
N ALA B 2805 -32.15 -17.28 14.66
CA ALA B 2805 -31.08 -16.98 15.61
C ALA B 2805 -31.17 -15.55 16.09
N LYS B 2806 -31.43 -14.62 15.17
CA LYS B 2806 -31.60 -13.21 15.53
C LYS B 2806 -32.74 -13.05 16.54
N GLN B 2807 -33.88 -13.65 16.23
CA GLN B 2807 -35.06 -13.49 17.07
C GLN B 2807 -34.84 -14.12 18.44
N LEU B 2808 -34.18 -15.29 18.48
CA LEU B 2808 -33.88 -15.94 19.74
C LEU B 2808 -32.91 -15.10 20.58
N PHE B 2809 -31.89 -14.52 19.95
CA PHE B 2809 -30.94 -13.69 20.68
C PHE B 2809 -31.67 -12.49 21.28
N SER B 2810 -32.54 -11.85 20.50
CA SER B 2810 -33.27 -10.69 21.02
C SER B 2810 -34.15 -11.10 22.20
N SER B 2811 -34.87 -12.21 22.07
CA SER B 2811 -35.76 -12.64 23.15
C SER B 2811 -34.99 -12.95 24.42
N LEU B 2812 -33.90 -13.71 24.30
CA LEU B 2812 -33.13 -14.09 25.49
C LEU B 2812 -32.50 -12.86 26.12
N PHE B 2813 -32.00 -11.93 25.31
CA PHE B 2813 -31.38 -10.74 25.86
C PHE B 2813 -32.42 -9.90 26.60
N SER B 2814 -33.62 -9.79 26.05
CA SER B 2814 -34.69 -9.07 26.74
C SER B 2814 -35.02 -9.74 28.07
N GLY B 2815 -35.13 -11.07 28.07
CA GLY B 2815 -35.40 -11.76 29.32
C GLY B 2815 -34.32 -11.53 30.37
N ILE B 2816 -33.05 -11.63 29.94
CA ILE B 2816 -31.94 -11.44 30.88
C ILE B 2816 -31.95 -10.02 31.44
N LEU B 2817 -32.16 -9.03 30.56
CA LEU B 2817 -32.11 -7.65 31.04
C LEU B 2817 -33.26 -7.36 31.98
N LYS B 2818 -34.47 -7.87 31.69
CA LYS B 2818 -35.60 -7.58 32.56
C LYS B 2818 -35.48 -8.32 33.90
N GLU B 2819 -34.88 -9.51 33.90
CA GLU B 2819 -34.71 -10.20 35.17
C GLU B 2819 -33.44 -9.75 35.89
N MET B 2820 -32.59 -8.98 35.22
CA MET B 2820 -31.55 -8.22 35.91
C MET B 2820 -32.15 -7.16 36.83
N ASP B 2821 -33.36 -6.70 36.54
CA ASP B 2821 -34.09 -5.83 37.46
C ASP B 2821 -34.46 -6.53 38.76
N LYS B 2822 -34.49 -7.87 38.76
CA LYS B 2822 -34.66 -8.62 40.00
C LYS B 2822 -33.39 -8.59 40.86
N PHE B 2823 -32.24 -8.47 40.20
CA PHE B 2823 -30.99 -8.22 40.94
C PHE B 2823 -31.09 -6.88 41.68
N LYS B 2824 -31.57 -5.84 40.98
CA LYS B 2824 -32.15 -4.63 41.56
C LYS B 2824 -31.15 -3.78 42.34
N THR B 2825 -29.88 -4.18 42.42
CA THR B 2825 -28.90 -3.25 42.96
C THR B 2825 -28.76 -2.09 41.96
N LEU B 2826 -28.69 -0.87 42.48
CA LEU B 2826 -29.17 0.28 41.71
C LEU B 2826 -28.07 0.96 40.89
N SER B 2827 -26.82 0.94 41.38
CA SER B 2827 -25.78 1.73 40.71
C SER B 2827 -25.12 0.96 39.58
N GLU B 2828 -24.93 -0.35 39.75
CA GLU B 2828 -24.16 -1.08 38.75
C GLU B 2828 -24.93 -1.20 37.45
N LYS B 2829 -26.27 -1.07 37.49
CA LYS B 2829 -27.03 -1.15 36.24
C LYS B 2829 -26.68 0.03 35.34
N ASN B 2830 -26.67 1.24 35.90
CA ASN B 2830 -26.20 2.40 35.17
C ASN B 2830 -24.73 2.28 34.81
N ASN B 2831 -23.95 1.56 35.63
CA ASN B 2831 -22.54 1.35 35.30
C ASN B 2831 -22.37 0.45 34.06
N ILE B 2832 -23.18 -0.61 33.96
CA ILE B 2832 -22.92 -1.67 32.99
C ILE B 2832 -23.68 -1.45 31.69
N THR B 2833 -24.83 -0.76 31.75
CA THR B 2833 -25.48 -0.34 30.52
C THR B 2833 -24.53 0.49 29.67
N GLN B 2834 -23.61 1.21 30.32
CA GLN B 2834 -22.53 1.86 29.58
C GLN B 2834 -21.76 0.85 28.75
N LYS B 2835 -21.07 -0.09 29.40
CA LYS B 2835 -20.26 -1.06 28.66
C LYS B 2835 -21.06 -1.68 27.52
N LEU B 2836 -22.32 -2.02 27.79
CA LEU B 2836 -23.20 -2.53 26.74
C LEU B 2836 -23.28 -1.55 25.58
N LEU B 2837 -23.46 -0.26 25.87
CA LEU B 2837 -23.70 0.70 24.79
C LEU B 2837 -22.40 1.01 24.03
N GLN B 2838 -21.25 1.01 24.71
CA GLN B 2838 -20.01 1.16 23.93
C GLN B 2838 -19.79 -0.02 23.00
N ASP B 2839 -20.06 -1.24 23.45
CA ASP B 2839 -19.93 -2.37 22.55
C ASP B 2839 -20.92 -2.26 21.39
N PHE B 2840 -22.15 -1.83 21.70
CA PHE B 2840 -23.17 -1.67 20.66
C PHE B 2840 -22.73 -0.63 19.64
N ASN B 2841 -22.13 0.46 20.11
CA ASN B 2841 -21.58 1.47 19.23
C ASN B 2841 -20.48 0.89 18.35
N ARG B 2842 -19.55 0.16 18.97
CA ARG B 2842 -18.36 -0.32 18.26
C ARG B 2842 -18.72 -1.30 17.17
N PHE B 2843 -19.75 -2.11 17.37
CA PHE B 2843 -20.21 -3.00 16.30
C PHE B 2843 -20.44 -2.22 15.00
N LEU B 2844 -21.33 -1.23 15.05
CA LEU B 2844 -21.60 -0.43 13.85
C LEU B 2844 -20.38 0.38 13.44
N ASN B 2845 -19.56 0.78 14.39
CA ASN B 2845 -18.42 1.64 14.09
C ASN B 2845 -17.32 0.92 13.34
N THR B 2846 -17.21 -0.40 13.47
CA THR B 2846 -16.07 -1.11 12.90
C THR B 2846 -16.43 -2.19 11.88
N THR B 2847 -17.69 -2.60 11.76
CA THR B 2847 -18.01 -3.70 10.86
C THR B 2847 -17.84 -3.29 9.39
N PHE B 2848 -17.68 -4.29 8.54
CA PHE B 2848 -17.53 -4.05 7.11
C PHE B 2848 -18.44 -4.92 6.25
N SER B 2849 -19.09 -5.93 6.81
CA SER B 2849 -20.02 -6.75 6.03
C SER B 2849 -21.45 -6.24 6.10
N PHE B 2850 -21.85 -5.61 7.21
CA PHE B 2850 -23.19 -5.05 7.36
C PHE B 2850 -24.26 -6.09 7.07
N PHE B 2851 -24.14 -7.23 7.72
CA PHE B 2851 -25.06 -8.34 7.50
C PHE B 2851 -26.42 -8.00 8.09
N PRO B 2852 -27.49 -7.97 7.30
CA PRO B 2852 -28.72 -7.26 7.70
C PRO B 2852 -29.33 -7.78 9.00
N PRO B 2853 -29.64 -9.08 9.11
CA PRO B 2853 -30.35 -9.50 10.34
C PRO B 2853 -29.57 -9.25 11.62
N PHE B 2854 -28.24 -9.32 11.55
CA PHE B 2854 -27.42 -8.94 12.70
C PHE B 2854 -27.69 -7.50 13.10
N VAL B 2855 -27.74 -6.60 12.11
CA VAL B 2855 -28.01 -5.20 12.40
C VAL B 2855 -29.40 -5.04 12.98
N SER B 2856 -30.40 -5.68 12.38
CA SER B 2856 -31.76 -5.57 12.90
C SER B 2856 -31.82 -6.03 14.34
N CYS B 2857 -31.11 -7.11 14.67
CA CYS B 2857 -30.95 -7.49 16.07
C CYS B 2857 -30.33 -6.35 16.88
N ILE B 2858 -29.31 -5.70 16.33
CA ILE B 2858 -28.55 -4.73 17.12
C ILE B 2858 -29.46 -3.57 17.52
N GLN B 2859 -30.37 -3.17 16.63
CA GLN B 2859 -31.37 -2.17 17.04
C GLN B 2859 -32.44 -2.77 17.95
N ASP B 2860 -32.73 -4.07 17.80
CA ASP B 2860 -33.89 -4.64 18.50
C ASP B 2860 -33.77 -4.51 20.00
N ILE B 2861 -32.56 -4.71 20.56
CA ILE B 2861 -32.38 -4.54 22.00
C ILE B 2861 -32.66 -3.11 22.43
N SER B 2862 -32.29 -2.14 21.59
CA SER B 2862 -32.31 -0.74 22.00
C SER B 2862 -33.70 -0.28 22.43
N CYS B 2863 -34.73 -0.57 21.64
CA CYS B 2863 -36.08 -0.10 21.91
C CYS B 2863 -36.86 -1.01 22.86
N GLN B 2864 -36.37 -2.23 23.10
CA GLN B 2864 -37.06 -3.12 24.03
C GLN B 2864 -36.95 -2.57 25.45
N HIS B 2865 -35.74 -2.26 25.89
CA HIS B 2865 -35.51 -1.55 27.15
C HIS B 2865 -35.33 -0.06 26.83
N ALA B 2866 -34.96 0.74 27.83
CA ALA B 2866 -34.62 2.13 27.60
C ALA B 2866 -33.18 2.39 28.02
N ALA B 2867 -32.75 3.66 27.94
CA ALA B 2867 -31.43 4.11 28.36
C ALA B 2867 -30.32 3.57 27.46
N LEU B 2868 -30.67 2.72 26.49
CA LEU B 2868 -29.72 2.35 25.45
C LEU B 2868 -29.93 3.18 24.20
N LEU B 2869 -30.92 4.05 24.20
CA LEU B 2869 -31.30 4.80 22.99
C LEU B 2869 -30.36 5.97 22.71
N SER B 2870 -29.39 6.23 23.59
CA SER B 2870 -28.43 7.30 23.38
C SER B 2870 -27.33 6.91 22.40
N LEU B 2871 -27.55 5.87 21.60
CA LEU B 2871 -26.54 5.39 20.66
C LEU B 2871 -26.23 6.47 19.63
N ASP B 2872 -24.97 6.50 19.18
CA ASP B 2872 -24.48 7.48 18.21
C ASP B 2872 -25.32 7.47 16.95
N PRO B 2873 -25.94 8.60 16.60
CA PRO B 2873 -26.87 8.59 15.46
C PRO B 2873 -26.20 8.34 14.12
N ALA B 2874 -25.06 8.99 13.87
CA ALA B 2874 -24.44 8.90 12.55
C ALA B 2874 -24.02 7.48 12.21
N ALA B 2875 -23.42 6.77 13.17
CA ALA B 2875 -22.92 5.42 12.89
C ALA B 2875 -24.06 4.48 12.53
N VAL B 2876 -25.10 4.43 13.37
CA VAL B 2876 -26.21 3.53 13.11
C VAL B 2876 -26.95 3.94 11.84
N SER B 2877 -27.09 5.24 11.61
CA SER B 2877 -27.78 5.69 10.40
C SER B 2877 -27.03 5.26 9.15
N ALA B 2878 -25.73 5.56 9.10
CA ALA B 2878 -24.93 5.20 7.92
C ALA B 2878 -24.89 3.69 7.73
N GLY B 2879 -24.81 2.93 8.82
CA GLY B 2879 -24.90 1.48 8.70
C GLY B 2879 -26.22 1.04 8.09
N CYS B 2880 -27.30 1.73 8.45
CA CYS B 2880 -28.59 1.42 7.85
C CYS B 2880 -28.60 1.72 6.36
N LEU B 2881 -28.18 2.92 5.97
CA LEU B 2881 -28.14 3.22 4.53
C LEU B 2881 -27.26 2.24 3.76
N ALA B 2882 -26.16 1.81 4.35
CA ALA B 2882 -25.29 0.85 3.68
C ALA B 2882 -25.96 -0.51 3.55
N SER B 2883 -26.53 -1.02 4.64
CA SER B 2883 -27.06 -2.37 4.69
C SER B 2883 -28.57 -2.43 4.53
N LEU B 2884 -29.21 -1.33 4.12
CA LEU B 2884 -30.67 -1.23 4.10
C LEU B 2884 -31.22 -1.49 5.49
N GLN B 2885 -32.33 -2.22 5.59
CA GLN B 2885 -33.03 -2.40 6.86
C GLN B 2885 -33.37 -1.05 7.48
N GLN B 2886 -33.75 -0.09 6.65
CA GLN B 2886 -34.02 1.27 7.13
C GLN B 2886 -35.13 1.37 8.16
N PRO B 2887 -36.29 0.73 8.01
CA PRO B 2887 -37.40 1.03 8.93
C PRO B 2887 -37.08 0.84 10.40
N VAL B 2888 -36.24 -0.14 10.75
CA VAL B 2888 -35.92 -0.33 12.16
C VAL B 2888 -35.09 0.84 12.67
N GLY B 2889 -34.17 1.34 11.84
CA GLY B 2889 -33.45 2.55 12.19
C GLY B 2889 -34.38 3.75 12.27
N ILE B 2890 -35.38 3.79 11.38
CA ILE B 2890 -36.37 4.86 11.42
C ILE B 2890 -37.03 4.87 12.79
N ARG B 2891 -37.49 3.70 13.23
CA ARG B 2891 -38.18 3.59 14.50
C ARG B 2891 -37.23 3.89 15.67
N LEU B 2892 -35.98 3.45 15.57
CA LEU B 2892 -35.05 3.66 16.67
C LEU B 2892 -34.80 5.14 16.89
N LEU B 2893 -34.46 5.88 15.83
CA LEU B 2893 -34.25 7.31 15.98
C LEU B 2893 -35.54 8.00 16.40
N GLU B 2894 -36.68 7.55 15.87
CA GLU B 2894 -37.96 8.14 16.22
C GLU B 2894 -38.24 8.01 17.71
N GLU B 2895 -37.99 6.83 18.29
CA GLU B 2895 -38.21 6.63 19.71
C GLU B 2895 -37.16 7.36 20.54
N ALA B 2896 -35.90 7.39 20.08
CA ALA B 2896 -34.87 8.09 20.82
C ALA B 2896 -35.15 9.57 20.91
N LEU B 2897 -35.86 10.12 19.91
CA LEU B 2897 -36.22 11.53 19.98
C LEU B 2897 -37.25 11.82 21.07
N LEU B 2898 -37.93 10.80 21.61
CA LEU B 2898 -38.90 11.03 22.67
C LEU B 2898 -38.26 11.49 23.97
N ARG B 2899 -37.13 10.90 24.35
CA ARG B 2899 -36.56 11.11 25.68
C ARG B 2899 -35.86 12.46 25.74
N LEU B 2900 -36.37 13.34 26.59
CA LEU B 2900 -35.70 14.61 26.85
C LEU B 2900 -34.45 14.41 27.70
N LEU B 2901 -33.52 15.36 27.58
CA LEU B 2901 -32.24 15.26 28.25
C LEU B 2901 -32.07 16.45 29.19
N PRO B 2902 -31.58 16.24 30.42
CA PRO B 2902 -31.37 17.32 31.40
C PRO B 2902 -30.08 18.10 31.15
N ARG B 2915 -19.32 18.97 14.15
CA ARG B 2915 -19.61 20.22 13.45
C ARG B 2915 -21.08 20.60 13.61
N LEU B 2916 -21.73 19.97 14.59
CA LEU B 2916 -23.11 20.29 14.95
C LEU B 2916 -23.32 19.90 16.39
N PRO B 2917 -23.08 20.82 17.32
CA PRO B 2917 -23.13 20.50 18.76
C PRO B 2917 -24.44 19.88 19.19
N PRO B 2918 -25.60 20.49 18.91
CA PRO B 2918 -26.82 20.03 19.56
C PRO B 2918 -27.21 18.62 19.13
N ASP B 2919 -27.96 17.94 20.01
CA ASP B 2919 -28.47 16.62 19.70
C ASP B 2919 -29.51 16.64 18.59
N VAL B 2920 -29.76 17.82 18.00
CA VAL B 2920 -30.73 17.94 16.91
C VAL B 2920 -30.30 17.12 15.70
N LEU B 2921 -29.02 16.72 15.64
CA LEU B 2921 -28.54 15.98 14.48
C LEU B 2921 -29.27 14.67 14.27
N ARG B 2922 -29.95 14.16 15.30
CA ARG B 2922 -30.89 13.05 15.10
C ARG B 2922 -31.86 13.39 13.98
N TRP B 2923 -32.35 14.64 13.98
CA TRP B 2923 -33.30 15.06 12.96
C TRP B 2923 -32.72 14.96 11.56
N VAL B 2924 -31.51 15.48 11.36
CA VAL B 2924 -30.92 15.49 10.02
C VAL B 2924 -30.56 14.08 9.58
N GLU B 2925 -30.11 13.24 10.52
CA GLU B 2925 -29.86 11.84 10.18
C GLU B 2925 -31.15 11.17 9.73
N LEU B 2926 -32.24 11.41 10.46
CA LEU B 2926 -33.53 10.85 10.07
C LEU B 2926 -33.97 11.39 8.72
N ALA B 2927 -33.64 12.65 8.42
CA ALA B 2927 -34.00 13.23 7.13
C ALA B 2927 -33.24 12.58 5.99
N LYS B 2928 -31.94 12.39 6.16
CA LYS B 2928 -31.14 11.68 5.16
C LYS B 2928 -31.68 10.27 4.95
N LEU B 2929 -32.01 9.61 6.05
CA LEU B 2929 -32.55 8.25 5.97
C LEU B 2929 -33.90 8.20 5.26
N TYR B 2930 -34.77 9.18 5.52
CA TYR B 2930 -36.03 9.26 4.79
C TYR B 2930 -35.79 9.52 3.31
N ARG B 2931 -34.78 10.33 2.99
CA ARG B 2931 -34.38 10.46 1.59
C ARG B 2931 -34.02 9.10 1.01
N SER B 2932 -33.28 8.29 1.77
CA SER B 2932 -32.92 6.96 1.30
C SER B 2932 -34.14 6.07 1.06
N ILE B 2933 -35.12 6.10 1.97
CA ILE B 2933 -36.32 5.28 1.78
C ILE B 2933 -37.27 5.88 0.74
N GLY B 2934 -37.22 7.19 0.51
CA GLY B 2934 -38.06 7.78 -0.50
C GLY B 2934 -39.45 8.20 -0.05
N GLU B 2935 -39.66 8.38 1.26
CA GLU B 2935 -40.92 8.93 1.76
C GLU B 2935 -40.77 10.45 1.84
N TYR B 2936 -40.92 11.08 0.67
CA TYR B 2936 -40.55 12.48 0.52
C TYR B 2936 -41.49 13.43 1.27
N ASP B 2937 -42.77 13.08 1.39
CA ASP B 2937 -43.70 13.99 2.04
C ASP B 2937 -43.32 14.22 3.49
N VAL B 2938 -43.02 13.14 4.20
CA VAL B 2938 -42.54 13.25 5.58
C VAL B 2938 -41.23 14.03 5.61
N LEU B 2939 -40.44 13.96 4.54
CA LEU B 2939 -39.20 14.71 4.49
C LEU B 2939 -39.45 16.22 4.59
N ARG B 2940 -40.39 16.73 3.79
CA ARG B 2940 -40.80 18.11 4.00
C ARG B 2940 -41.37 18.31 5.39
N GLY B 2941 -42.18 17.36 5.86
CA GLY B 2941 -42.77 17.51 7.19
C GLY B 2941 -41.74 17.69 8.27
N ILE B 2942 -40.55 17.12 8.07
CA ILE B 2942 -39.48 17.22 9.08
C ILE B 2942 -39.09 18.67 9.29
N PHE B 2943 -38.82 19.38 8.20
CA PHE B 2943 -38.39 20.77 8.33
C PHE B 2943 -39.57 21.72 8.32
N THR B 2944 -40.72 21.27 7.81
CA THR B 2944 -41.96 21.98 8.06
C THR B 2944 -42.33 21.91 9.54
N SER B 2945 -41.82 20.91 10.26
CA SER B 2945 -42.03 20.78 11.69
C SER B 2945 -41.25 21.81 12.49
N GLU B 2946 -40.66 22.79 11.79
CA GLU B 2946 -40.08 24.00 12.36
C GLU B 2946 -38.78 23.76 13.12
N ILE B 2947 -37.88 22.94 12.59
CA ILE B 2947 -36.54 22.84 13.14
C ILE B 2947 -35.58 23.65 12.27
N GLY B 2948 -35.12 24.81 12.75
CA GLY B 2948 -34.30 25.73 11.93
C GLY B 2948 -35.06 26.92 11.35
N THR B 2949 -36.00 27.47 12.10
CA THR B 2949 -36.89 28.54 11.65
C THR B 2949 -36.18 29.85 11.31
N LYS B 2950 -36.39 30.32 10.07
CA LYS B 2950 -36.35 31.73 9.69
C LYS B 2950 -37.21 31.92 8.45
N GLN B 2951 -38.20 32.80 8.52
CA GLN B 2951 -39.43 32.76 7.73
C GLN B 2951 -39.29 32.39 6.25
N ILE B 2952 -38.30 32.91 5.55
CA ILE B 2952 -38.20 32.69 4.09
C ILE B 2952 -38.16 31.21 3.73
N THR B 2953 -37.54 30.37 4.57
CA THR B 2953 -37.49 28.93 4.34
C THR B 2953 -38.88 28.33 4.25
N GLN B 2954 -39.81 28.83 5.06
CA GLN B 2954 -41.18 28.33 5.00
C GLN B 2954 -41.80 28.57 3.63
N SER B 2955 -41.64 29.78 3.09
CA SER B 2955 -42.17 30.07 1.77
C SER B 2955 -41.44 29.28 0.69
N ALA B 2956 -40.16 29.00 0.88
CA ALA B 2956 -39.44 28.15 -0.08
C ALA B 2956 -39.99 26.74 -0.09
N LEU B 2957 -40.24 26.17 1.10
CA LEU B 2957 -40.88 24.87 1.18
C LEU B 2957 -42.26 24.91 0.55
N LEU B 2958 -42.98 26.01 0.73
CA LEU B 2958 -44.28 26.16 0.10
C LEU B 2958 -44.17 26.10 -1.42
N ALA B 2959 -43.24 26.87 -1.98
CA ALA B 2959 -43.08 26.94 -3.42
C ALA B 2959 -42.70 25.58 -4.00
N GLU B 2960 -41.78 24.88 -3.34
CA GLU B 2960 -41.40 23.56 -3.84
C GLU B 2960 -42.52 22.54 -3.61
N ALA B 2961 -43.37 22.74 -2.59
CA ALA B 2961 -44.50 21.85 -2.39
C ALA B 2961 -45.53 22.02 -3.50
N ARG B 2962 -45.73 23.25 -3.97
CA ARG B 2962 -46.57 23.47 -5.13
C ARG B 2962 -45.93 23.01 -6.43
N SER B 2963 -44.76 22.37 -6.37
CA SER B 2963 -43.98 21.97 -7.53
C SER B 2963 -43.55 23.17 -8.38
N ASP B 2964 -43.64 24.37 -7.82
CA ASP B 2964 -43.14 25.58 -8.46
C ASP B 2964 -41.65 25.74 -8.19
N TYR B 2965 -40.84 24.86 -8.76
CA TYR B 2965 -39.41 24.86 -8.45
C TYR B 2965 -38.74 26.14 -8.93
N SER B 2966 -39.31 26.83 -9.91
CA SER B 2966 -38.69 28.05 -10.43
C SER B 2966 -38.62 29.13 -9.37
N GLU B 2967 -39.73 29.38 -8.65
CA GLU B 2967 -39.71 30.38 -7.59
C GLU B 2967 -38.83 29.92 -6.43
N ALA B 2968 -38.88 28.63 -6.11
CA ALA B 2968 -38.08 28.09 -5.01
C ALA B 2968 -36.60 28.28 -5.28
N ALA B 2969 -36.18 28.16 -6.54
CA ALA B 2969 -34.78 28.36 -6.90
C ALA B 2969 -34.32 29.76 -6.53
N LYS B 2970 -35.06 30.78 -6.96
CA LYS B 2970 -34.69 32.16 -6.65
C LYS B 2970 -34.73 32.41 -5.15
N GLN B 2971 -35.75 31.87 -4.48
CA GLN B 2971 -35.88 32.12 -3.04
C GLN B 2971 -34.72 31.49 -2.27
N TYR B 2972 -34.36 30.26 -2.61
CA TYR B 2972 -33.20 29.61 -2.00
C TYR B 2972 -31.93 30.39 -2.29
N ASP B 2973 -31.76 30.83 -3.54
CA ASP B 2973 -30.54 31.56 -3.92
C ASP B 2973 -30.42 32.84 -3.10
N GLU B 2974 -31.52 33.58 -2.96
CA GLU B 2974 -31.47 34.79 -2.14
C GLU B 2974 -31.25 34.46 -0.67
N ALA B 2975 -31.73 33.31 -0.22
CA ALA B 2975 -31.41 32.87 1.14
C ALA B 2975 -29.92 32.60 1.33
N LEU B 2976 -29.24 32.05 0.32
CA LEU B 2976 -27.81 31.83 0.41
C LEU B 2976 -26.99 33.11 0.27
N ASN B 2977 -27.34 33.98 -0.67
CA ASN B 2977 -26.58 35.20 -0.91
C ASN B 2977 -26.93 36.33 0.05
N LYS B 2978 -27.93 36.15 0.90
CA LYS B 2978 -28.24 37.15 1.92
C LYS B 2978 -27.12 37.22 2.95
N GLN B 2979 -26.51 38.40 3.09
CA GLN B 2979 -25.47 38.62 4.06
C GLN B 2979 -25.85 39.58 5.17
N ASP B 2980 -26.89 40.41 4.98
CA ASP B 2980 -27.37 41.29 6.02
C ASP B 2980 -28.38 40.58 6.91
N TRP B 2981 -27.99 39.42 7.44
CA TRP B 2981 -28.90 38.61 8.23
C TRP B 2981 -29.28 39.32 9.51
N VAL B 2982 -30.55 39.24 9.86
CA VAL B 2982 -31.09 39.88 11.06
C VAL B 2982 -31.97 38.89 11.80
N ASP B 2983 -32.46 39.28 12.98
CA ASP B 2983 -33.23 38.40 13.86
C ASP B 2983 -32.46 37.12 14.19
N GLY B 2984 -31.15 37.23 14.30
CA GLY B 2984 -30.31 36.08 14.53
C GLY B 2984 -29.74 35.51 13.25
N GLU B 2985 -29.27 34.27 13.29
CA GLU B 2985 -28.63 33.64 12.14
C GLU B 2985 -29.10 32.20 12.06
N PRO B 2986 -29.22 31.65 10.85
CA PRO B 2986 -29.47 30.21 10.72
C PRO B 2986 -28.21 29.42 11.03
N THR B 2987 -28.33 28.09 11.18
CA THR B 2987 -27.18 27.25 11.43
C THR B 2987 -26.76 26.53 10.16
N GLU B 2988 -25.53 26.02 10.16
CA GLU B 2988 -24.95 25.42 8.97
C GLU B 2988 -25.65 24.12 8.57
N ALA B 2989 -26.37 23.48 9.49
CA ALA B 2989 -27.22 22.36 9.10
C ALA B 2989 -28.25 22.79 8.06
N GLU B 2990 -28.85 23.96 8.27
CA GLU B 2990 -29.78 24.49 7.28
C GLU B 2990 -29.04 24.94 6.02
N LYS B 2991 -27.76 25.28 6.11
CA LYS B 2991 -26.97 25.52 4.90
C LYS B 2991 -26.87 24.24 4.08
N ASP B 2992 -26.58 23.12 4.74
CA ASP B 2992 -26.52 21.85 4.02
C ASP B 2992 -27.87 21.49 3.43
N PHE B 2993 -28.95 21.70 4.21
CA PHE B 2993 -30.29 21.44 3.68
C PHE B 2993 -30.60 22.32 2.48
N TRP B 2994 -30.21 23.60 2.55
CA TRP B 2994 -30.46 24.50 1.42
C TRP B 2994 -29.71 24.02 0.18
N GLU B 2995 -28.47 23.59 0.33
CA GLU B 2995 -27.72 23.09 -0.81
C GLU B 2995 -28.39 21.86 -1.40
N LEU B 2996 -28.82 20.92 -0.53
CA LEU B 2996 -29.45 19.71 -1.03
C LEU B 2996 -30.78 20.01 -1.72
N ALA B 2997 -31.57 20.90 -1.15
CA ALA B 2997 -32.84 21.28 -1.76
C ALA B 2997 -32.64 22.00 -3.08
N SER B 2998 -31.60 22.83 -3.16
CA SER B 2998 -31.27 23.47 -4.44
C SER B 2998 -30.90 22.43 -5.47
N LEU B 2999 -30.11 21.43 -5.07
CA LEU B 2999 -29.77 20.33 -5.98
C LEU B 2999 -31.05 19.66 -6.49
N ASP B 3000 -31.96 19.33 -5.58
CA ASP B 3000 -33.19 18.64 -5.98
C ASP B 3000 -34.02 19.47 -6.93
N CYS B 3001 -34.27 20.74 -6.57
CA CYS B 3001 -35.15 21.57 -7.38
C CYS B 3001 -34.52 21.90 -8.73
N TYR B 3002 -33.20 22.01 -8.80
CA TYR B 3002 -32.55 22.14 -10.10
C TYR B 3002 -32.67 20.85 -10.90
N ASN B 3003 -32.55 19.70 -10.24
CA ASN B 3003 -32.72 18.42 -10.92
C ASN B 3003 -34.12 18.27 -11.48
N HIS B 3004 -35.11 18.89 -10.86
CA HIS B 3004 -36.47 18.89 -11.40
C HIS B 3004 -36.68 19.96 -12.46
N LEU B 3005 -35.68 20.78 -12.73
CA LEU B 3005 -35.80 21.90 -13.66
C LEU B 3005 -34.85 21.79 -14.84
N ALA B 3006 -34.17 20.65 -14.99
CA ALA B 3006 -33.13 20.47 -16.02
C ALA B 3006 -32.07 21.55 -15.88
N GLU B 3007 -31.82 22.30 -16.97
CA GLU B 3007 -30.94 23.49 -16.96
C GLU B 3007 -29.62 23.23 -16.22
N TRP B 3008 -29.14 21.99 -16.30
CA TRP B 3008 -28.13 21.47 -15.40
C TRP B 3008 -26.84 22.28 -15.38
N LYS B 3009 -26.69 23.27 -16.27
CA LYS B 3009 -25.50 24.12 -16.24
C LYS B 3009 -25.36 24.80 -14.89
N SER B 3010 -26.45 25.40 -14.39
CA SER B 3010 -26.43 25.97 -13.05
C SER B 3010 -26.28 24.88 -12.00
N LEU B 3011 -26.90 23.72 -12.23
CA LEU B 3011 -26.75 22.61 -11.30
C LEU B 3011 -25.29 22.17 -11.23
N GLU B 3012 -24.62 22.06 -12.39
CA GLU B 3012 -23.19 21.80 -12.40
C GLU B 3012 -22.40 22.88 -11.68
N TYR B 3013 -22.71 24.14 -11.94
CA TYR B 3013 -21.92 25.20 -11.31
C TYR B 3013 -22.03 25.12 -9.80
N CYS B 3014 -23.26 24.92 -9.29
CA CYS B 3014 -23.45 24.82 -7.85
C CYS B 3014 -22.75 23.59 -7.29
N SER B 3015 -22.89 22.45 -7.96
CA SER B 3015 -22.30 21.21 -7.44
C SER B 3015 -20.78 21.31 -7.39
N THR B 3016 -20.17 21.88 -8.44
CA THR B 3016 -18.72 22.01 -8.48
C THR B 3016 -18.23 23.05 -7.49
N ALA B 3017 -18.93 24.18 -7.39
CA ALA B 3017 -18.47 25.26 -6.52
C ALA B 3017 -18.59 24.90 -5.04
N SER B 3018 -19.69 24.21 -4.66
CA SER B 3018 -19.86 23.87 -3.26
C SER B 3018 -18.80 22.90 -2.77
N ILE B 3019 -18.12 22.22 -3.69
CA ILE B 3019 -17.11 21.24 -3.31
C ILE B 3019 -15.72 21.85 -3.30
N ASP B 3020 -15.30 22.42 -4.43
CA ASP B 3020 -13.93 22.88 -4.60
C ASP B 3020 -13.95 24.31 -5.10
N SER B 3021 -12.80 24.98 -4.96
CA SER B 3021 -12.56 26.37 -5.35
C SER B 3021 -12.41 26.59 -6.86
N GLU B 3022 -11.60 25.81 -7.59
CA GLU B 3022 -10.98 26.37 -8.81
C GLU B 3022 -11.94 26.72 -9.95
N ASN B 3023 -11.62 27.85 -10.58
CA ASN B 3023 -12.50 28.61 -11.48
C ASN B 3023 -12.73 27.94 -12.84
N PRO B 3024 -11.75 27.32 -13.50
CA PRO B 3024 -12.05 26.22 -14.40
C PRO B 3024 -12.43 25.07 -13.47
N PRO B 3025 -13.68 24.55 -13.49
CA PRO B 3025 -14.18 23.70 -12.41
C PRO B 3025 -13.37 22.41 -12.23
N ASP B 3026 -13.02 22.06 -10.99
CA ASP B 3026 -12.34 20.80 -10.72
C ASP B 3026 -13.34 19.69 -10.48
N LEU B 3027 -12.91 18.47 -10.79
CA LEU B 3027 -13.63 17.27 -10.39
C LEU B 3027 -12.78 16.33 -9.55
N ASN B 3028 -11.47 16.36 -9.74
CA ASN B 3028 -10.59 15.32 -9.19
C ASN B 3028 -10.56 15.35 -7.67
N LYS B 3029 -10.62 16.52 -7.02
CA LYS B 3029 -10.52 16.58 -5.57
C LYS B 3029 -11.80 16.17 -4.86
N ILE B 3030 -12.84 15.71 -5.57
CA ILE B 3030 -13.81 14.84 -4.90
C ILE B 3030 -13.11 13.55 -4.47
N TRP B 3031 -13.79 12.69 -3.73
CA TRP B 3031 -13.13 11.65 -2.94
C TRP B 3031 -12.24 12.17 -1.80
N SER B 3032 -12.31 13.46 -1.46
CA SER B 3032 -11.56 14.00 -0.33
C SER B 3032 -12.21 13.72 1.03
N GLU B 3033 -13.54 13.70 1.14
CA GLU B 3033 -14.25 13.40 2.39
C GLU B 3033 -15.49 12.55 2.12
N PRO B 3034 -16.00 11.77 3.09
CA PRO B 3034 -17.13 10.92 2.69
C PRO B 3034 -18.43 11.66 2.43
N PHE B 3035 -18.58 12.81 3.08
CA PHE B 3035 -19.75 13.67 2.89
C PHE B 3035 -19.87 14.00 1.42
N TYR B 3036 -18.75 14.35 0.80
CA TYR B 3036 -18.76 14.84 -0.56
C TYR B 3036 -19.29 13.74 -1.48
N GLN B 3037 -18.77 12.53 -1.34
CA GLN B 3037 -19.14 11.45 -2.23
C GLN B 3037 -20.59 11.05 -2.01
N GLU B 3038 -20.95 10.82 -0.75
CA GLU B 3038 -22.24 10.26 -0.37
C GLU B 3038 -23.41 11.24 -0.56
N THR B 3039 -23.15 12.47 -1.01
CA THR B 3039 -24.19 13.43 -1.31
C THR B 3039 -24.01 14.09 -2.67
N TYR B 3040 -22.81 14.55 -3.01
CA TYR B 3040 -22.66 15.38 -4.20
C TYR B 3040 -22.24 14.64 -5.46
N LEU B 3041 -21.63 13.46 -5.33
CA LEU B 3041 -21.17 12.70 -6.49
C LEU B 3041 -22.28 12.40 -7.48
N PRO B 3042 -23.45 11.90 -7.05
CA PRO B 3042 -24.48 11.55 -8.04
C PRO B 3042 -24.98 12.73 -8.85
N TYR B 3043 -25.30 13.85 -8.19
CA TYR B 3043 -25.79 15.02 -8.90
C TYR B 3043 -24.75 15.52 -9.89
N MET B 3044 -23.49 15.56 -9.45
CA MET B 3044 -22.40 15.95 -10.32
C MET B 3044 -22.33 15.10 -11.58
N ILE B 3045 -22.28 13.77 -11.40
CA ILE B 3045 -22.08 12.90 -12.56
C ILE B 3045 -23.29 12.97 -13.48
N ARG B 3046 -24.49 13.04 -12.90
CA ARG B 3046 -25.71 13.11 -13.70
C ARG B 3046 -25.74 14.39 -14.52
N SER B 3047 -25.40 15.52 -13.90
CA SER B 3047 -25.38 16.78 -14.63
C SER B 3047 -24.34 16.77 -15.74
N LYS B 3048 -23.14 16.25 -15.47
CA LYS B 3048 -22.12 16.25 -16.52
C LYS B 3048 -22.54 15.36 -17.68
N LEU B 3049 -23.11 14.20 -17.37
CA LEU B 3049 -23.56 13.31 -18.44
C LEU B 3049 -24.62 13.99 -19.29
N LYS B 3050 -25.61 14.63 -18.65
CA LYS B 3050 -26.70 15.20 -19.42
C LYS B 3050 -26.24 16.42 -20.21
N LEU B 3051 -25.23 17.14 -19.73
CA LEU B 3051 -24.62 18.18 -20.56
C LEU B 3051 -23.88 17.57 -21.75
N LEU B 3052 -23.05 16.55 -21.51
CA LEU B 3052 -22.22 16.01 -22.57
C LEU B 3052 -23.05 15.34 -23.67
N LEU B 3053 -24.14 14.70 -23.31
CA LEU B 3053 -24.95 14.01 -24.31
C LEU B 3053 -25.74 14.97 -25.19
N GLN B 3054 -25.85 16.23 -24.81
CA GLN B 3054 -26.50 17.25 -25.65
C GLN B 3054 -25.42 18.19 -26.16
N GLY B 3055 -25.24 18.23 -27.47
CA GLY B 3055 -24.10 18.94 -28.02
C GLY B 3055 -22.81 18.27 -27.61
N GLU B 3056 -21.78 19.08 -27.37
CA GLU B 3056 -20.50 18.55 -26.94
C GLU B 3056 -19.75 19.62 -26.17
N ALA B 3057 -18.95 19.18 -25.21
CA ALA B 3057 -18.22 20.09 -24.33
C ALA B 3057 -16.98 19.38 -23.81
N ASP B 3058 -16.37 19.95 -22.77
CA ASP B 3058 -15.15 19.42 -22.19
C ASP B 3058 -15.33 17.97 -21.74
N GLN B 3059 -14.34 17.13 -22.02
CA GLN B 3059 -14.37 15.73 -21.63
C GLN B 3059 -13.84 15.51 -20.22
N SER B 3060 -13.97 16.51 -19.35
CA SER B 3060 -13.42 16.42 -18.00
C SER B 3060 -13.96 15.20 -17.25
N LEU B 3061 -15.20 14.80 -17.51
CA LEU B 3061 -15.73 13.61 -16.86
C LEU B 3061 -15.05 12.35 -17.37
N LEU B 3062 -14.67 12.35 -18.65
CA LEU B 3062 -13.96 11.20 -19.20
C LEU B 3062 -12.58 11.05 -18.56
N THR B 3063 -11.80 12.13 -18.54
CA THR B 3063 -10.52 12.12 -17.85
C THR B 3063 -10.70 11.80 -16.38
N PHE B 3064 -11.83 12.21 -15.82
CA PHE B 3064 -12.15 11.94 -14.42
C PHE B 3064 -12.34 10.45 -14.17
N ILE B 3065 -13.17 9.80 -14.97
CA ILE B 3065 -13.39 8.36 -14.79
C ILE B 3065 -12.14 7.59 -15.16
N ASP B 3066 -11.27 8.18 -15.99
CA ASP B 3066 -10.00 7.53 -16.28
C ASP B 3066 -9.17 7.30 -15.02
N LYS B 3067 -9.23 8.21 -14.05
CA LYS B 3067 -8.59 7.98 -12.76
C LYS B 3067 -9.52 7.30 -11.77
N ALA B 3068 -10.84 7.41 -11.97
CA ALA B 3068 -11.77 6.75 -11.06
C ALA B 3068 -11.62 5.24 -11.07
N MET B 3069 -11.29 4.64 -12.21
CA MET B 3069 -11.14 3.19 -12.25
C MET B 3069 -9.90 2.70 -11.53
N HIS B 3070 -8.76 3.38 -11.71
CA HIS B 3070 -7.51 2.93 -11.12
C HIS B 3070 -7.51 2.98 -9.60
N GLY B 3071 -8.41 3.76 -9.00
CA GLY B 3071 -8.63 3.66 -7.57
C GLY B 3071 -9.51 2.48 -7.25
N GLU B 3072 -8.96 1.49 -6.53
CA GLU B 3072 -9.67 0.23 -6.32
C GLU B 3072 -10.97 0.44 -5.56
N LEU B 3073 -10.94 1.25 -4.50
CA LEU B 3073 -12.15 1.50 -3.73
C LEU B 3073 -13.20 2.23 -4.57
N GLN B 3074 -12.76 3.07 -5.50
CA GLN B 3074 -13.70 3.78 -6.35
C GLN B 3074 -14.38 2.84 -7.34
N LYS B 3075 -13.66 1.82 -7.79
CA LYS B 3075 -14.24 0.83 -8.70
C LYS B 3075 -15.46 0.17 -8.05
N ALA B 3076 -15.37 -0.12 -6.75
CA ALA B 3076 -16.49 -0.74 -6.06
C ALA B 3076 -17.72 0.16 -6.06
N ILE B 3077 -17.54 1.44 -5.74
CA ILE B 3077 -18.67 2.36 -5.71
C ILE B 3077 -19.29 2.50 -7.10
N LEU B 3078 -18.44 2.64 -8.13
CA LEU B 3078 -18.96 2.84 -9.47
C LEU B 3078 -19.68 1.61 -9.98
N GLU B 3079 -19.12 0.41 -9.74
CA GLU B 3079 -19.83 -0.80 -10.11
C GLU B 3079 -21.07 -1.02 -9.25
N LEU B 3080 -21.16 -0.33 -8.11
CA LEU B 3080 -22.31 -0.50 -7.24
C LEU B 3080 -23.46 0.42 -7.63
N HIS B 3081 -23.17 1.61 -8.15
CA HIS B 3081 -24.23 2.61 -8.28
C HIS B 3081 -24.33 3.33 -9.62
N TYR B 3082 -23.43 3.11 -10.58
CA TYR B 3082 -23.45 3.99 -11.74
C TYR B 3082 -23.23 3.25 -13.06
N SER B 3083 -23.89 2.12 -13.26
CA SER B 3083 -23.71 1.39 -14.52
C SER B 3083 -24.25 2.19 -15.70
N GLN B 3084 -25.48 2.72 -15.58
CA GLN B 3084 -26.04 3.56 -16.63
C GLN B 3084 -25.06 4.66 -17.02
N GLU B 3085 -24.52 5.36 -16.03
CA GLU B 3085 -23.64 6.50 -16.24
C GLU B 3085 -22.41 6.12 -17.07
N LEU B 3086 -21.60 5.18 -16.57
CA LEU B 3086 -20.40 4.79 -17.30
C LEU B 3086 -20.73 4.23 -18.66
N SER B 3087 -21.78 3.41 -18.76
CA SER B 3087 -22.12 2.81 -20.04
C SER B 3087 -22.46 3.87 -21.08
N LEU B 3088 -23.39 4.78 -20.75
CA LEU B 3088 -23.80 5.78 -21.73
C LEU B 3088 -22.66 6.74 -22.04
N LEU B 3089 -21.80 7.03 -21.05
CA LEU B 3089 -20.67 7.91 -21.30
C LEU B 3089 -19.69 7.26 -22.26
N TYR B 3090 -19.44 5.95 -22.08
CA TYR B 3090 -18.60 5.23 -23.04
C TYR B 3090 -19.24 5.17 -24.41
N LEU B 3091 -20.58 5.14 -24.48
CA LEU B 3091 -21.25 5.11 -25.77
C LEU B 3091 -20.89 6.32 -26.63
N LEU B 3092 -20.44 7.41 -26.00
CA LEU B 3092 -19.92 8.53 -26.77
C LEU B 3092 -18.70 8.12 -27.58
N GLN B 3093 -17.82 7.32 -26.98
CA GLN B 3093 -16.55 6.97 -27.59
C GLN B 3093 -16.54 5.58 -28.21
N ASP B 3094 -17.71 4.99 -28.43
CA ASP B 3094 -17.89 3.78 -29.23
C ASP B 3094 -17.19 2.55 -28.63
N ASP B 3095 -16.93 2.57 -27.32
CA ASP B 3095 -16.41 1.38 -26.64
C ASP B 3095 -17.55 0.41 -26.33
N VAL B 3096 -18.17 -0.08 -27.42
CA VAL B 3096 -19.38 -0.87 -27.31
C VAL B 3096 -19.14 -2.15 -26.51
N ASP B 3097 -17.94 -2.74 -26.64
CA ASP B 3097 -17.63 -3.93 -25.86
C ASP B 3097 -17.68 -3.64 -24.37
N ARG B 3098 -17.09 -2.53 -23.95
CA ARG B 3098 -17.14 -2.14 -22.55
C ARG B 3098 -18.56 -1.78 -22.13
N ALA B 3099 -19.30 -1.11 -23.00
CA ALA B 3099 -20.66 -0.70 -22.67
C ALA B 3099 -21.55 -1.92 -22.47
N LYS B 3100 -21.39 -2.95 -23.31
CA LYS B 3100 -22.19 -4.16 -23.15
C LYS B 3100 -21.92 -4.80 -21.79
N TYR B 3101 -20.65 -4.90 -21.40
CA TYR B 3101 -20.30 -5.41 -20.08
C TYR B 3101 -20.97 -4.58 -19.00
N TYR B 3102 -20.89 -3.25 -19.12
CA TYR B 3102 -21.48 -2.37 -18.11
C TYR B 3102 -22.99 -2.56 -18.02
N ILE B 3103 -23.65 -2.83 -19.14
CA ILE B 3103 -25.11 -3.00 -19.11
C ILE B 3103 -25.51 -4.32 -18.46
N GLN B 3104 -24.83 -5.42 -18.81
CA GLN B 3104 -25.13 -6.66 -18.10
C GLN B 3104 -24.82 -6.52 -16.61
N ASN B 3105 -23.79 -5.76 -16.27
CA ASN B 3105 -23.49 -5.55 -14.85
C ASN B 3105 -24.57 -4.69 -14.20
N GLY B 3106 -25.12 -3.73 -14.94
CA GLY B 3106 -26.17 -2.89 -14.40
C GLY B 3106 -27.44 -3.68 -14.15
N ILE B 3107 -27.74 -4.63 -15.02
CA ILE B 3107 -28.86 -5.52 -14.77
C ILE B 3107 -28.66 -6.22 -13.44
N GLN B 3108 -27.46 -6.77 -13.22
CA GLN B 3108 -27.19 -7.47 -11.96
C GLN B 3108 -27.34 -6.53 -10.77
N SER B 3109 -26.84 -5.30 -10.91
CA SER B 3109 -26.93 -4.34 -9.82
C SER B 3109 -28.38 -4.05 -9.47
N PHE B 3110 -29.22 -3.87 -10.49
CA PHE B 3110 -30.63 -3.61 -10.23
C PHE B 3110 -31.30 -4.81 -9.56
N MET B 3111 -31.02 -6.03 -10.02
CA MET B 3111 -31.62 -7.19 -9.38
C MET B 3111 -31.20 -7.29 -7.92
N GLN B 3112 -29.91 -7.09 -7.65
CA GLN B 3112 -29.43 -7.21 -6.26
C GLN B 3112 -30.05 -6.13 -5.38
N ASN B 3113 -30.12 -4.90 -5.90
CA ASN B 3113 -30.71 -3.80 -5.13
C ASN B 3113 -32.18 -4.08 -4.84
N TYR B 3114 -32.93 -4.52 -5.86
CA TYR B 3114 -34.36 -4.77 -5.68
C TYR B 3114 -34.59 -5.96 -4.76
N SER B 3115 -33.75 -7.00 -4.87
CA SER B 3115 -33.89 -8.15 -4.00
C SER B 3115 -33.61 -7.78 -2.55
N SER B 3116 -32.66 -6.87 -2.32
CA SER B 3116 -32.33 -6.45 -0.97
C SER B 3116 -33.45 -5.66 -0.29
N ILE B 3117 -34.19 -4.84 -1.03
CA ILE B 3117 -35.18 -3.96 -0.39
C ILE B 3117 -36.33 -4.78 0.16
N ASP B 3118 -36.96 -4.27 1.22
CA ASP B 3118 -38.04 -4.97 1.89
C ASP B 3118 -39.29 -4.98 1.01
N VAL B 3119 -40.21 -5.91 1.33
CA VAL B 3119 -41.37 -6.15 0.49
C VAL B 3119 -42.53 -5.21 0.79
N LEU B 3120 -42.51 -4.50 1.92
CA LEU B 3120 -43.66 -3.75 2.38
C LEU B 3120 -43.60 -2.26 2.08
N LEU B 3121 -42.68 -1.81 1.22
CA LEU B 3121 -42.48 -0.38 0.98
C LEU B 3121 -42.74 -0.09 -0.50
N HIS B 3122 -43.91 0.46 -0.78
CA HIS B 3122 -44.31 0.72 -2.16
C HIS B 3122 -43.39 1.72 -2.86
N GLN B 3123 -43.10 2.83 -2.18
CA GLN B 3123 -42.40 3.93 -2.85
C GLN B 3123 -40.99 3.55 -3.25
N SER B 3124 -40.26 2.87 -2.35
CA SER B 3124 -38.88 2.48 -2.67
C SER B 3124 -38.85 1.51 -3.84
N ARG B 3125 -39.73 0.51 -3.81
CA ARG B 3125 -39.78 -0.45 -4.91
C ARG B 3125 -40.12 0.25 -6.22
N LEU B 3126 -41.09 1.16 -6.19
CA LEU B 3126 -41.50 1.85 -7.41
C LEU B 3126 -40.35 2.69 -7.96
N THR B 3127 -39.66 3.41 -7.09
CA THR B 3127 -38.52 4.23 -7.51
C THR B 3127 -37.41 3.40 -8.10
N LYS B 3128 -37.11 2.24 -7.51
CA LYS B 3128 -36.10 1.36 -8.11
C LYS B 3128 -36.59 0.80 -9.44
N LEU B 3129 -37.88 0.44 -9.50
CA LEU B 3129 -38.42 -0.24 -10.66
C LEU B 3129 -38.41 0.65 -11.90
N GLN B 3130 -38.74 1.94 -11.72
CA GLN B 3130 -38.91 2.78 -12.89
C GLN B 3130 -37.64 2.87 -13.74
N SER B 3131 -36.48 2.65 -13.12
CA SER B 3131 -35.22 2.87 -13.82
C SER B 3131 -34.95 1.82 -14.89
N VAL B 3132 -35.48 0.60 -14.72
CA VAL B 3132 -35.16 -0.49 -15.64
C VAL B 3132 -35.60 -0.16 -17.06
N GLN B 3133 -36.54 0.78 -17.21
CA GLN B 3133 -37.03 1.16 -18.53
C GLN B 3133 -35.90 1.74 -19.37
N ALA B 3134 -34.96 2.46 -18.74
CA ALA B 3134 -33.82 3.02 -19.47
C ALA B 3134 -32.76 1.95 -19.73
N LEU B 3135 -32.54 1.05 -18.77
CA LEU B 3135 -31.55 -0.01 -18.97
C LEU B 3135 -31.90 -0.89 -20.14
N THR B 3136 -33.19 -1.26 -20.24
CA THR B 3136 -33.63 -2.08 -21.37
C THR B 3136 -33.41 -1.36 -22.68
N GLU B 3137 -33.64 -0.04 -22.71
CA GLU B 3137 -33.40 0.72 -23.92
C GLU B 3137 -31.93 0.79 -24.28
N ILE B 3138 -31.04 0.90 -23.28
CA ILE B 3138 -29.61 0.89 -23.59
C ILE B 3138 -29.24 -0.44 -24.21
N GLN B 3139 -29.74 -1.53 -23.64
CA GLN B 3139 -29.47 -2.87 -24.19
C GLN B 3139 -29.98 -2.98 -25.62
N GLU B 3140 -31.19 -2.51 -25.87
CA GLU B 3140 -31.78 -2.56 -27.20
C GLU B 3140 -30.94 -1.76 -28.20
N PHE B 3141 -30.49 -0.57 -27.79
CA PHE B 3141 -29.71 0.26 -28.69
C PHE B 3141 -28.37 -0.40 -29.02
N ILE B 3142 -27.69 -0.95 -28.02
CA ILE B 3142 -26.39 -1.54 -28.26
C ILE B 3142 -26.54 -2.82 -29.08
N SER B 3143 -27.68 -3.50 -28.93
CA SER B 3143 -27.98 -4.61 -29.82
C SER B 3143 -28.14 -4.14 -31.25
N PHE B 3144 -28.81 -3.01 -31.45
CA PHE B 3144 -29.04 -2.53 -32.80
C PHE B 3144 -27.77 -2.02 -33.46
N ILE B 3145 -26.83 -1.44 -32.69
CA ILE B 3145 -25.64 -0.84 -33.31
C ILE B 3145 -24.83 -1.87 -34.08
N SER B 3146 -24.59 -3.04 -33.49
CA SER B 3146 -23.66 -4.01 -34.06
C SER B 3146 -24.44 -5.10 -34.77
N LYS B 3147 -24.84 -4.81 -36.02
CA LYS B 3147 -25.37 -5.84 -36.92
C LYS B 3147 -25.36 -5.25 -38.32
N GLN B 3148 -24.53 -5.83 -39.21
CA GLN B 3148 -24.39 -5.27 -40.54
C GLN B 3148 -25.67 -5.41 -41.35
N GLY B 3149 -26.48 -6.42 -41.06
CA GLY B 3149 -27.75 -6.57 -41.75
C GLY B 3149 -28.67 -5.38 -41.55
N ASN B 3150 -28.54 -4.69 -40.42
CA ASN B 3150 -29.30 -3.47 -40.16
C ASN B 3150 -28.52 -2.21 -40.52
N LEU B 3151 -27.18 -2.29 -40.51
CA LEU B 3151 -26.38 -1.12 -40.84
C LEU B 3151 -26.60 -0.66 -42.27
N SER B 3152 -26.70 -1.60 -43.21
CA SER B 3152 -26.77 -1.27 -44.62
C SER B 3152 -28.20 -1.30 -45.18
N SER B 3153 -29.20 -1.59 -44.36
CA SER B 3153 -30.57 -1.75 -44.84
C SER B 3153 -31.44 -0.60 -44.36
N GLN B 3154 -32.73 -0.69 -44.68
CA GLN B 3154 -33.67 0.37 -44.33
C GLN B 3154 -34.75 -0.10 -43.37
N VAL B 3155 -34.92 -1.41 -43.23
CA VAL B 3155 -36.10 -2.01 -42.59
C VAL B 3155 -36.14 -1.79 -41.07
N PRO B 3156 -35.13 -2.22 -40.30
CA PRO B 3156 -35.33 -2.33 -38.84
C PRO B 3156 -35.64 -1.01 -38.15
N LEU B 3157 -35.22 0.12 -38.73
CA LEU B 3157 -35.41 1.40 -38.05
C LEU B 3157 -36.88 1.73 -37.91
N LYS B 3158 -37.68 1.40 -38.92
CA LYS B 3158 -39.12 1.67 -38.83
C LYS B 3158 -39.77 0.86 -37.72
N ARG B 3159 -39.42 -0.42 -37.61
CA ARG B 3159 -39.94 -1.24 -36.52
C ARG B 3159 -39.51 -0.68 -35.17
N LEU B 3160 -38.25 -0.27 -35.05
CA LEU B 3160 -37.76 0.28 -33.81
C LEU B 3160 -38.52 1.55 -33.44
N LEU B 3161 -38.76 2.42 -34.43
CA LEU B 3161 -39.52 3.63 -34.19
C LEU B 3161 -40.94 3.30 -33.75
N ASN B 3162 -41.55 2.29 -34.37
CA ASN B 3162 -42.89 1.87 -33.95
C ASN B 3162 -42.89 1.48 -32.48
N THR B 3163 -41.96 0.60 -32.09
CA THR B 3163 -41.90 0.15 -30.69
C THR B 3163 -41.69 1.33 -29.75
N TRP B 3164 -40.84 2.28 -30.14
CA TRP B 3164 -40.60 3.43 -29.27
C TRP B 3164 -41.82 4.33 -29.18
N THR B 3165 -42.57 4.47 -30.28
CA THR B 3165 -43.75 5.33 -30.26
C THR B 3165 -44.94 4.73 -29.53
N ASN B 3166 -45.02 3.41 -29.37
CA ASN B 3166 -46.07 2.89 -28.48
C ASN B 3166 -45.50 2.50 -27.13
N ARG B 3167 -44.41 3.14 -26.70
CA ARG B 3167 -43.81 2.88 -25.40
C ARG B 3167 -43.42 4.20 -24.76
N TYR B 3168 -44.11 4.56 -23.69
CA TYR B 3168 -43.79 5.71 -22.87
C TYR B 3168 -44.23 5.42 -21.44
N PRO B 3169 -43.49 5.92 -20.46
CA PRO B 3169 -43.92 5.76 -19.07
C PRO B 3169 -45.22 6.52 -18.80
N ASP B 3170 -45.81 6.23 -17.63
CA ASP B 3170 -47.23 6.46 -17.40
C ASP B 3170 -47.67 7.91 -17.56
N ALA B 3171 -46.77 8.86 -17.33
CA ALA B 3171 -47.06 10.29 -17.44
C ALA B 3171 -48.05 10.77 -16.38
N LYS B 3172 -48.58 9.86 -15.58
CA LYS B 3172 -49.30 10.25 -14.37
C LYS B 3172 -48.68 9.59 -13.15
N MET B 3173 -48.31 8.31 -13.28
CA MET B 3173 -47.64 7.59 -12.20
C MET B 3173 -46.19 8.01 -12.02
N ASP B 3174 -45.48 8.28 -13.11
CA ASP B 3174 -44.03 8.42 -13.09
C ASP B 3174 -43.63 9.88 -13.13
N PRO B 3175 -42.85 10.35 -12.17
CA PRO B 3175 -42.47 11.76 -12.12
C PRO B 3175 -41.53 12.15 -13.25
N MET B 3176 -41.24 13.45 -13.29
CA MET B 3176 -40.46 14.00 -14.39
C MET B 3176 -39.02 13.50 -14.36
N ASN B 3177 -38.45 13.34 -13.17
CA ASN B 3177 -37.01 13.07 -13.03
C ASN B 3177 -36.54 11.83 -13.79
N ILE B 3178 -37.44 10.98 -14.27
CA ILE B 3178 -37.07 9.87 -15.14
C ILE B 3178 -37.67 10.00 -16.53
N TRP B 3179 -38.80 10.70 -16.67
CA TRP B 3179 -39.37 10.97 -17.98
C TRP B 3179 -38.39 11.80 -18.82
N ASP B 3180 -37.77 12.82 -18.23
CA ASP B 3180 -36.77 13.59 -18.94
C ASP B 3180 -35.60 12.70 -19.34
N ASP B 3181 -35.21 11.78 -18.46
CA ASP B 3181 -34.11 10.86 -18.75
C ASP B 3181 -34.42 10.03 -20.00
N ILE B 3182 -35.59 9.41 -20.04
CA ILE B 3182 -35.90 8.54 -21.17
C ILE B 3182 -36.00 9.36 -22.46
N ILE B 3183 -36.55 10.58 -22.35
CA ILE B 3183 -36.64 11.45 -23.52
C ILE B 3183 -35.25 11.80 -24.05
N THR B 3184 -34.35 12.16 -23.14
CA THR B 3184 -33.00 12.56 -23.55
C THR B 3184 -32.22 11.38 -24.14
N ASN B 3185 -32.37 10.18 -23.56
CA ASN B 3185 -31.70 9.03 -24.15
C ASN B 3185 -32.22 8.73 -25.54
N ARG B 3186 -33.54 8.83 -25.75
CA ARG B 3186 -34.05 8.62 -27.10
C ARG B 3186 -33.51 9.67 -28.08
N CYS B 3187 -33.49 10.93 -27.66
CA CYS B 3187 -32.99 11.99 -28.54
C CYS B 3187 -31.54 11.76 -28.92
N PHE B 3188 -30.69 11.44 -27.92
CA PHE B 3188 -29.31 11.14 -28.20
C PHE B 3188 -29.17 9.92 -29.10
N PHE B 3189 -30.00 8.90 -28.86
CA PHE B 3189 -29.90 7.68 -29.63
C PHE B 3189 -30.12 7.97 -31.11
N LEU B 3190 -31.16 8.74 -31.42
CA LEU B 3190 -31.42 9.05 -32.81
C LEU B 3190 -30.36 9.97 -33.40
N SER B 3191 -29.91 10.98 -32.64
CA SER B 3191 -28.88 11.87 -33.14
C SER B 3191 -27.59 11.11 -33.45
N LYS B 3192 -27.28 10.09 -32.67
CA LYS B 3192 -26.08 9.28 -32.91
C LYS B 3192 -26.30 8.35 -34.08
N ILE B 3193 -27.48 7.74 -34.18
CA ILE B 3193 -27.74 6.78 -35.25
C ILE B 3193 -27.80 7.49 -36.60
N GLU B 3194 -28.02 8.81 -36.61
CA GLU B 3194 -28.07 9.53 -37.87
C GLU B 3194 -26.79 9.36 -38.69
N GLU B 3195 -25.65 9.19 -38.01
CA GLU B 3195 -24.37 9.15 -38.71
C GLU B 3195 -24.20 7.88 -39.53
N LYS B 3196 -24.66 6.74 -39.01
CA LYS B 3196 -24.34 5.46 -39.63
C LYS B 3196 -25.30 5.10 -40.76
N LEU B 3197 -26.39 5.85 -40.93
CA LEU B 3197 -27.37 5.48 -41.94
C LEU B 3197 -26.98 5.98 -43.33
N THR B 3198 -26.15 7.02 -43.40
CA THR B 3198 -25.86 7.71 -44.65
C THR B 3198 -25.30 6.83 -45.76
N PRO B 3199 -24.37 5.89 -45.48
CA PRO B 3199 -23.88 5.13 -46.64
C PRO B 3199 -24.90 4.17 -47.21
N ILE B 3227 -36.93 9.89 -46.65
CA ILE B 3227 -37.17 8.88 -45.62
C ILE B 3227 -36.29 9.16 -44.41
N SER B 3228 -35.04 9.54 -44.65
CA SER B 3228 -34.14 9.83 -43.54
C SER B 3228 -34.59 11.07 -42.78
N SER B 3229 -35.44 11.89 -43.38
CA SER B 3229 -35.88 13.14 -42.75
C SER B 3229 -36.88 12.91 -41.63
N LEU B 3230 -37.74 11.89 -41.76
CA LEU B 3230 -38.78 11.68 -40.76
C LEU B 3230 -38.21 11.26 -39.41
N ILE B 3231 -36.99 10.74 -39.40
CA ILE B 3231 -36.30 10.48 -38.13
C ILE B 3231 -36.12 11.78 -37.37
N ARG B 3232 -35.70 12.84 -38.06
CA ARG B 3232 -35.61 14.15 -37.43
C ARG B 3232 -36.97 14.62 -36.95
N SER B 3233 -38.03 14.24 -37.68
CA SER B 3233 -39.38 14.66 -37.32
C SER B 3233 -39.89 13.98 -36.05
N CYS B 3234 -39.61 12.69 -35.88
CA CYS B 3234 -40.14 11.94 -34.74
C CYS B 3234 -39.78 12.57 -33.40
N LYS B 3235 -38.62 13.24 -33.33
CA LYS B 3235 -38.27 13.99 -32.12
C LYS B 3235 -39.36 14.99 -31.76
N PHE B 3236 -39.96 15.63 -32.77
CA PHE B 3236 -40.99 16.62 -32.51
C PHE B 3236 -42.19 16.02 -31.80
N SER B 3237 -42.73 14.91 -32.33
CA SER B 3237 -43.89 14.28 -31.70
C SER B 3237 -43.53 13.75 -30.32
N MET B 3238 -42.35 13.15 -30.19
CA MET B 3238 -41.95 12.58 -28.92
C MET B 3238 -41.80 13.68 -27.87
N LYS B 3239 -41.28 14.84 -28.26
CA LYS B 3239 -41.22 15.96 -27.33
C LYS B 3239 -42.57 16.64 -27.13
N MET B 3240 -43.50 16.48 -28.08
CA MET B 3240 -44.87 16.90 -27.80
C MET B 3240 -45.47 16.08 -26.67
N LYS B 3241 -45.23 14.76 -26.70
CA LYS B 3241 -45.66 13.93 -25.57
C LYS B 3241 -44.93 14.35 -24.29
N MET B 3242 -43.63 14.64 -24.39
CA MET B 3242 -42.91 15.31 -23.30
C MET B 3242 -43.70 16.47 -22.72
N ILE B 3243 -44.05 17.45 -23.56
CA ILE B 3243 -44.68 18.68 -23.07
C ILE B 3243 -46.03 18.39 -22.46
N ASP B 3244 -46.82 17.52 -23.12
CA ASP B 3244 -48.14 17.20 -22.60
C ASP B 3244 -48.04 16.56 -21.23
N SER B 3245 -47.13 15.61 -21.06
CA SER B 3245 -46.95 14.96 -19.76
C SER B 3245 -46.49 15.97 -18.72
N ALA B 3246 -45.55 16.83 -19.07
CA ALA B 3246 -45.05 17.82 -18.11
C ALA B 3246 -46.15 18.77 -17.67
N ARG B 3247 -46.98 19.22 -18.62
CA ARG B 3247 -48.10 20.10 -18.28
C ARG B 3247 -49.11 19.39 -17.40
N LYS B 3248 -49.37 18.12 -17.69
CA LYS B 3248 -50.28 17.35 -16.86
C LYS B 3248 -49.74 17.19 -15.44
N GLN B 3249 -48.42 17.07 -15.29
CA GLN B 3249 -47.80 16.96 -13.98
C GLN B 3249 -47.68 18.29 -13.27
N ASN B 3250 -48.31 19.34 -13.79
CA ASN B 3250 -48.32 20.72 -13.28
C ASN B 3250 -46.92 21.30 -13.09
N ASN B 3251 -45.88 20.70 -13.70
CA ASN B 3251 -44.54 21.27 -13.70
C ASN B 3251 -44.45 22.27 -14.85
N PHE B 3252 -44.93 23.49 -14.57
CA PHE B 3252 -45.20 24.44 -15.64
C PHE B 3252 -43.92 25.05 -16.21
N SER B 3253 -42.96 25.41 -15.35
CA SER B 3253 -41.78 26.13 -15.84
C SER B 3253 -40.92 25.25 -16.74
N LEU B 3254 -40.78 23.97 -16.40
CA LEU B 3254 -40.04 23.06 -17.25
C LEU B 3254 -40.67 22.96 -18.63
N ALA B 3255 -41.99 22.82 -18.68
CA ALA B 3255 -42.68 22.80 -19.96
C ALA B 3255 -42.48 24.12 -20.70
N MET B 3256 -42.49 25.24 -19.97
CA MET B 3256 -42.29 26.54 -20.60
C MET B 3256 -40.95 26.62 -21.30
N LYS B 3257 -39.88 26.20 -20.63
CA LYS B 3257 -38.55 26.27 -21.23
C LYS B 3257 -38.43 25.29 -22.39
N LEU B 3258 -38.95 24.07 -22.22
CA LEU B 3258 -38.84 23.08 -23.28
C LEU B 3258 -39.62 23.50 -24.51
N LEU B 3259 -40.74 24.21 -24.33
CA LEU B 3259 -41.50 24.72 -25.45
C LEU B 3259 -40.81 25.94 -26.06
N LYS B 3260 -40.18 26.77 -25.23
CA LYS B 3260 -39.33 27.84 -25.73
C LYS B 3260 -38.31 27.31 -26.70
N GLU B 3261 -37.74 26.14 -26.39
CA GLU B 3261 -36.72 25.55 -27.24
C GLU B 3261 -37.24 25.21 -28.64
N LEU B 3262 -38.56 25.06 -28.80
CA LEU B 3262 -39.11 24.44 -30.00
C LEU B 3262 -39.54 25.42 -31.09
N HIS B 3263 -39.80 26.68 -30.75
CA HIS B 3263 -40.29 27.61 -31.77
C HIS B 3263 -39.25 27.83 -32.86
N LYS B 3264 -37.98 27.99 -32.47
CA LYS B 3264 -36.92 28.18 -33.45
C LYS B 3264 -36.67 26.92 -34.27
N GLU B 3265 -37.20 25.77 -33.84
CA GLU B 3265 -36.97 24.52 -34.55
C GLU B 3265 -38.11 24.15 -35.49
N SER B 3266 -39.36 24.31 -35.05
CA SER B 3266 -40.52 23.89 -35.83
C SER B 3266 -41.17 25.00 -36.64
N LYS B 3267 -40.56 26.18 -36.70
CA LYS B 3267 -41.12 27.31 -37.43
C LYS B 3267 -41.18 27.03 -38.94
N THR B 3268 -40.48 25.99 -39.39
CA THR B 3268 -40.25 25.83 -40.82
C THR B 3268 -41.49 25.36 -41.59
N ARG B 3269 -42.28 24.43 -41.07
CA ARG B 3269 -43.39 23.88 -41.85
C ARG B 3269 -44.60 23.71 -40.93
N ASP B 3270 -45.77 23.66 -41.56
CA ASP B 3270 -47.04 24.02 -40.92
C ASP B 3270 -47.45 23.02 -39.84
N ASP B 3271 -47.31 21.73 -40.12
CA ASP B 3271 -47.90 20.72 -39.25
C ASP B 3271 -47.34 20.80 -37.84
N TRP B 3272 -46.08 21.21 -37.67
CA TRP B 3272 -45.53 21.26 -36.33
C TRP B 3272 -45.96 22.53 -35.63
N LEU B 3273 -46.00 23.63 -36.37
CA LEU B 3273 -46.33 24.92 -35.78
C LEU B 3273 -47.79 24.98 -35.34
N VAL B 3274 -48.70 24.43 -36.16
CA VAL B 3274 -50.11 24.48 -35.78
C VAL B 3274 -50.35 23.63 -34.53
N SER B 3275 -49.48 22.64 -34.28
CA SER B 3275 -49.59 21.87 -33.04
C SER B 3275 -48.81 22.53 -31.91
N TRP B 3276 -47.78 23.29 -32.25
CA TRP B 3276 -46.98 23.99 -31.25
C TRP B 3276 -47.81 25.09 -30.60
N VAL B 3277 -48.61 25.79 -31.41
CA VAL B 3277 -49.40 26.90 -30.87
C VAL B 3277 -50.48 26.36 -29.93
N GLN B 3278 -51.08 25.21 -30.25
CA GLN B 3278 -52.10 24.66 -29.37
C GLN B 3278 -51.47 24.24 -28.04
N SER B 3279 -50.28 23.65 -28.10
CA SER B 3279 -49.58 23.30 -26.86
C SER B 3279 -49.25 24.54 -26.04
N TYR B 3280 -48.81 25.61 -26.71
CA TYR B 3280 -48.47 26.84 -26.01
C TYR B 3280 -49.68 27.43 -25.31
N CYS B 3281 -50.81 27.53 -26.02
CA CYS B 3281 -51.99 28.13 -25.41
C CYS B 3281 -52.58 27.21 -24.34
N ARG B 3282 -52.47 25.89 -24.52
CA ARG B 3282 -52.97 24.98 -23.51
C ARG B 3282 -52.14 25.06 -22.23
N LEU B 3283 -50.81 25.16 -22.37
CA LEU B 3283 -49.97 25.41 -21.20
C LEU B 3283 -50.34 26.74 -20.56
N SER B 3284 -50.64 27.75 -21.39
CA SER B 3284 -51.09 29.03 -20.86
C SER B 3284 -52.33 28.86 -20.00
N HIS B 3285 -53.32 28.14 -20.51
CA HIS B 3285 -54.55 27.89 -19.75
C HIS B 3285 -54.23 27.18 -18.44
N CYS B 3286 -53.47 26.09 -18.53
CA CYS B 3286 -53.23 25.22 -17.38
C CYS B 3286 -52.48 25.97 -16.29
N ARG B 3287 -51.50 26.78 -16.67
CA ARG B 3287 -50.84 27.62 -15.67
C ARG B 3287 -51.80 28.66 -15.14
N SER B 3288 -52.41 29.44 -16.03
CA SER B 3288 -53.18 30.60 -15.60
C SER B 3288 -54.28 30.20 -14.63
N ARG B 3289 -54.79 28.98 -14.75
CA ARG B 3289 -55.82 28.51 -13.83
C ARG B 3289 -55.31 28.42 -12.40
N SER B 3290 -54.04 28.03 -12.24
CA SER B 3290 -53.55 27.53 -10.97
C SER B 3290 -52.97 28.59 -10.04
N GLN B 3291 -52.83 29.85 -10.45
CA GLN B 3291 -52.31 30.87 -9.55
C GLN B 3291 -53.13 32.14 -9.64
N GLY B 3292 -53.08 32.92 -8.56
CA GLY B 3292 -53.47 34.31 -8.59
C GLY B 3292 -54.92 34.54 -8.92
N CYS B 3293 -55.19 35.72 -9.48
CA CYS B 3293 -56.52 36.22 -9.77
C CYS B 3293 -56.43 37.09 -11.01
N SER B 3294 -57.40 37.98 -11.22
CA SER B 3294 -57.43 38.89 -12.36
C SER B 3294 -56.05 39.45 -12.71
N GLU B 3295 -55.18 39.64 -11.71
CA GLU B 3295 -53.84 40.15 -11.98
C GLU B 3295 -53.01 39.15 -12.79
N GLN B 3296 -53.17 37.84 -12.57
CA GLN B 3296 -52.35 36.88 -13.30
C GLN B 3296 -52.86 36.71 -14.73
N VAL B 3297 -54.15 36.95 -14.94
CA VAL B 3297 -54.72 36.88 -16.28
C VAL B 3297 -54.06 37.89 -17.21
N LEU B 3298 -53.50 38.96 -16.64
CA LEU B 3298 -52.90 40.02 -17.43
C LEU B 3298 -51.83 39.49 -18.37
N THR B 3299 -51.10 38.47 -17.93
CA THR B 3299 -50.05 37.89 -18.76
C THR B 3299 -50.63 37.15 -19.96
N VAL B 3300 -51.82 36.57 -19.83
CA VAL B 3300 -52.40 35.76 -20.89
C VAL B 3300 -52.73 36.60 -22.12
N LEU B 3301 -53.10 37.86 -21.92
CA LEU B 3301 -53.66 38.68 -22.98
C LEU B 3301 -52.72 38.87 -24.16
N LYS B 3302 -51.49 39.33 -23.91
CA LYS B 3302 -50.60 39.74 -25.00
C LYS B 3302 -50.16 38.57 -25.85
N THR B 3303 -50.29 37.34 -25.36
CA THR B 3303 -49.88 36.17 -26.14
C THR B 3303 -51.03 35.68 -27.03
N VAL B 3304 -52.15 35.31 -26.41
CA VAL B 3304 -53.30 34.81 -27.15
C VAL B 3304 -53.87 35.89 -28.05
N SER B 3305 -53.51 37.15 -27.82
CA SER B 3305 -53.98 38.22 -28.68
C SER B 3305 -53.53 38.05 -30.12
N LEU B 3306 -52.39 37.41 -30.36
CA LEU B 3306 -51.92 37.25 -31.73
C LEU B 3306 -51.56 35.80 -32.09
N LEU B 3307 -51.01 35.03 -31.15
CA LEU B 3307 -50.35 33.79 -31.53
C LEU B 3307 -51.30 32.80 -32.20
N ASP B 3308 -52.61 32.97 -31.98
CA ASP B 3308 -53.58 32.01 -32.51
C ASP B 3308 -53.86 32.22 -33.99
N GLU B 3309 -53.58 33.40 -34.54
CA GLU B 3309 -54.09 33.75 -35.85
C GLU B 3309 -53.32 33.03 -36.96
N ASN B 3310 -54.00 32.86 -38.10
CA ASN B 3310 -53.51 32.08 -39.23
C ASN B 3310 -52.63 32.87 -40.17
N ASN B 3311 -51.99 33.94 -39.70
CA ASN B 3311 -51.04 34.66 -40.53
C ASN B 3311 -49.95 33.74 -41.06
N VAL B 3312 -49.62 32.69 -40.31
CA VAL B 3312 -48.67 31.69 -40.77
C VAL B 3312 -49.42 30.52 -41.40
N SER B 3313 -50.47 30.06 -40.75
CA SER B 3313 -51.26 28.92 -41.23
C SER B 3313 -52.49 29.39 -42.01
N SER B 3314 -52.23 30.19 -43.05
CA SER B 3314 -53.32 30.61 -43.92
C SER B 3314 -53.86 29.45 -44.75
N TYR B 3315 -53.13 28.34 -44.79
CA TYR B 3315 -53.52 27.15 -45.55
C TYR B 3315 -54.03 26.03 -44.63
N LEU B 3316 -54.53 26.39 -43.44
CA LEU B 3316 -54.96 25.37 -42.49
C LEU B 3316 -56.18 24.61 -42.98
N SER B 3317 -56.84 25.10 -44.03
CA SER B 3317 -58.08 24.47 -44.48
C SER B 3317 -57.90 23.02 -44.86
N LYS B 3318 -56.67 22.60 -45.16
CA LYS B 3318 -56.42 21.21 -45.53
C LYS B 3318 -56.71 20.24 -44.39
N ASN B 3319 -56.29 20.57 -43.16
CA ASN B 3319 -56.35 19.62 -42.05
C ASN B 3319 -57.65 19.83 -41.26
N ILE B 3320 -58.09 18.77 -40.60
CA ILE B 3320 -59.45 18.77 -40.03
C ILE B 3320 -59.40 18.80 -38.51
N LEU B 3321 -58.52 18.02 -37.90
CA LEU B 3321 -58.42 18.00 -36.44
C LEU B 3321 -57.92 19.34 -35.91
N ALA B 3322 -56.86 19.87 -36.52
CA ALA B 3322 -56.25 21.09 -36.03
C ALA B 3322 -57.21 22.28 -36.14
N PHE B 3323 -58.10 22.26 -37.12
CA PHE B 3323 -59.10 23.31 -37.24
C PHE B 3323 -60.01 23.33 -36.01
N ARG B 3324 -60.51 22.16 -35.62
CA ARG B 3324 -61.32 22.05 -34.41
C ARG B 3324 -60.50 22.47 -33.19
N ASP B 3325 -59.23 22.06 -33.15
CA ASP B 3325 -58.39 22.39 -32.00
C ASP B 3325 -58.21 23.89 -31.87
N GLN B 3326 -57.97 24.60 -32.98
CA GLN B 3326 -57.77 26.04 -32.87
C GLN B 3326 -59.07 26.73 -32.47
N ASN B 3327 -60.20 26.28 -33.02
CA ASN B 3327 -61.47 26.83 -32.57
C ASN B 3327 -61.62 26.69 -31.05
N ILE B 3328 -61.39 25.48 -30.56
CA ILE B 3328 -61.58 25.19 -29.13
C ILE B 3328 -60.65 26.06 -28.30
N LEU B 3329 -59.39 26.20 -28.74
CA LEU B 3329 -58.42 26.90 -27.91
C LEU B 3329 -58.69 28.40 -27.89
N LEU B 3330 -59.12 28.98 -29.03
CA LEU B 3330 -59.60 30.36 -28.99
C LEU B 3330 -60.75 30.52 -27.99
N GLY B 3331 -61.71 29.60 -28.04
CA GLY B 3331 -62.82 29.68 -27.11
C GLY B 3331 -62.38 29.62 -25.66
N THR B 3332 -61.46 28.71 -25.35
CA THR B 3332 -60.99 28.55 -23.98
C THR B 3332 -60.18 29.76 -23.53
N THR B 3333 -59.40 30.36 -24.43
CA THR B 3333 -58.73 31.61 -24.09
C THR B 3333 -59.75 32.69 -23.73
N TYR B 3334 -60.80 32.81 -24.55
CA TYR B 3334 -61.74 33.90 -24.35
C TYR B 3334 -62.59 33.68 -23.10
N ARG B 3335 -62.81 32.42 -22.72
CA ARG B 3335 -63.68 32.15 -21.57
C ARG B 3335 -63.11 32.70 -20.26
N ILE B 3336 -61.80 32.57 -20.05
CA ILE B 3336 -61.21 32.98 -18.77
C ILE B 3336 -61.19 34.50 -18.66
N ILE B 3337 -61.12 35.20 -19.79
CA ILE B 3337 -61.04 36.65 -19.77
C ILE B 3337 -62.33 37.25 -19.21
N ALA B 3338 -63.47 36.67 -19.57
CA ALA B 3338 -64.74 37.16 -19.04
C ALA B 3338 -64.78 37.04 -17.53
N ASN B 3339 -64.33 35.90 -16.99
CA ASN B 3339 -64.27 35.74 -15.54
C ASN B 3339 -63.28 36.72 -14.93
N ALA B 3340 -62.19 37.02 -15.65
CA ALA B 3340 -61.20 37.95 -15.12
C ALA B 3340 -61.77 39.36 -14.99
N LEU B 3341 -62.45 39.84 -16.03
CA LEU B 3341 -63.04 41.18 -15.98
C LEU B 3341 -64.28 41.26 -15.08
N SER B 3342 -64.57 40.22 -14.31
CA SER B 3342 -65.66 40.27 -13.35
C SER B 3342 -65.26 39.88 -11.93
N SER B 3343 -64.20 39.09 -11.75
CA SER B 3343 -63.76 38.74 -10.41
C SER B 3343 -63.41 39.98 -9.61
N GLU B 3344 -62.57 40.84 -10.17
CA GLU B 3344 -62.42 42.19 -9.66
C GLU B 3344 -62.94 43.18 -10.70
N PRO B 3345 -63.99 43.94 -10.38
CA PRO B 3345 -64.38 45.03 -11.28
C PRO B 3345 -63.30 46.09 -11.40
N ALA B 3346 -62.37 46.15 -10.44
CA ALA B 3346 -61.28 47.11 -10.45
C ALA B 3346 -60.10 46.66 -11.30
N CYS B 3347 -60.33 46.30 -12.55
CA CYS B 3347 -59.23 46.05 -13.48
C CYS B 3347 -58.67 47.36 -14.01
N LEU B 3348 -59.49 48.40 -14.09
CA LEU B 3348 -59.02 49.71 -14.50
C LEU B 3348 -58.05 50.27 -13.46
N ALA B 3349 -57.11 51.09 -13.93
CA ALA B 3349 -56.01 51.62 -13.12
C ALA B 3349 -55.11 50.53 -12.56
N GLU B 3350 -55.22 49.31 -13.07
CA GLU B 3350 -54.40 48.17 -12.67
C GLU B 3350 -53.94 47.41 -13.91
N ILE B 3351 -53.54 48.13 -14.94
CA ILE B 3351 -53.28 47.54 -16.25
C ILE B 3351 -52.33 48.43 -17.04
N GLU B 3352 -51.47 47.79 -17.84
CA GLU B 3352 -50.67 48.51 -18.82
C GLU B 3352 -51.58 49.08 -19.89
N GLU B 3353 -51.27 50.31 -20.33
CA GLU B 3353 -52.24 51.09 -21.10
C GLU B 3353 -52.44 50.52 -22.50
N ASP B 3354 -51.36 50.08 -23.15
CA ASP B 3354 -51.45 49.65 -24.54
C ASP B 3354 -52.39 48.45 -24.69
N LYS B 3355 -52.19 47.40 -23.89
CA LYS B 3355 -53.06 46.24 -23.98
C LYS B 3355 -54.45 46.53 -23.43
N ALA B 3356 -54.56 47.51 -22.51
CA ALA B 3356 -55.87 47.92 -22.05
C ALA B 3356 -56.71 48.47 -23.20
N ARG B 3357 -56.07 49.09 -24.19
CA ARG B 3357 -56.78 49.49 -25.40
C ARG B 3357 -57.05 48.30 -26.31
N ARG B 3358 -56.16 47.31 -26.31
CA ARG B 3358 -56.41 46.11 -27.10
C ARG B 3358 -57.62 45.36 -26.55
N ILE B 3359 -57.94 45.54 -25.26
CA ILE B 3359 -59.17 44.99 -24.72
C ILE B 3359 -60.37 45.54 -25.48
N LEU B 3360 -60.42 46.87 -25.63
CA LEU B 3360 -61.51 47.48 -26.40
C LEU B 3360 -61.46 47.06 -27.87
N GLU B 3361 -60.25 46.95 -28.42
CA GLU B 3361 -60.10 46.52 -29.81
C GLU B 3361 -60.71 45.13 -30.02
N LEU B 3362 -60.50 44.22 -29.07
CA LEU B 3362 -61.16 42.92 -29.11
C LEU B 3362 -62.66 43.05 -28.92
N SER B 3363 -63.10 43.93 -28.01
CA SER B 3363 -64.52 44.10 -27.78
C SER B 3363 -65.22 44.67 -29.02
N GLY B 3364 -64.63 45.69 -29.65
CA GLY B 3364 -65.15 46.28 -30.86
C GLY B 3364 -66.11 47.43 -30.64
N SER B 3365 -66.68 47.54 -29.45
CA SER B 3365 -67.63 48.61 -29.17
C SER B 3365 -66.89 49.94 -29.02
N SER B 3366 -67.67 51.01 -28.81
CA SER B 3366 -67.14 52.34 -28.57
C SER B 3366 -67.37 52.80 -27.14
N SER B 3367 -67.40 51.88 -26.19
CA SER B 3367 -67.73 52.18 -24.80
C SER B 3367 -66.66 51.64 -23.86
N GLU B 3368 -66.79 51.99 -22.59
CA GLU B 3368 -65.95 51.45 -21.53
C GLU B 3368 -66.81 50.84 -20.42
N ASP B 3369 -68.01 50.41 -20.76
CA ASP B 3369 -68.87 49.68 -19.82
C ASP B 3369 -68.37 48.24 -19.77
N SER B 3370 -67.63 47.92 -18.71
CA SER B 3370 -66.91 46.66 -18.64
C SER B 3370 -67.83 45.46 -18.65
N GLU B 3371 -69.11 45.63 -18.32
CA GLU B 3371 -70.02 44.49 -18.27
C GLU B 3371 -70.24 43.89 -19.64
N LYS B 3372 -70.07 44.68 -20.70
CA LYS B 3372 -70.53 44.31 -22.03
C LYS B 3372 -69.56 43.41 -22.80
N VAL B 3373 -68.37 43.13 -22.25
CA VAL B 3373 -67.37 42.37 -22.98
C VAL B 3373 -67.73 40.88 -23.06
N ILE B 3374 -68.68 40.44 -22.24
CA ILE B 3374 -68.98 39.01 -22.16
C ILE B 3374 -69.47 38.50 -23.51
N ALA B 3375 -70.43 39.19 -24.11
CA ALA B 3375 -70.92 38.80 -25.43
C ALA B 3375 -69.84 38.91 -26.49
N GLY B 3376 -69.03 39.97 -26.46
CA GLY B 3376 -67.95 40.08 -27.42
C GLY B 3376 -67.02 38.89 -27.38
N LEU B 3377 -66.88 38.28 -26.20
CA LEU B 3377 -66.05 37.09 -26.10
C LEU B 3377 -66.80 35.85 -26.57
N TYR B 3378 -67.94 35.55 -25.95
CA TYR B 3378 -68.60 34.27 -26.25
C TYR B 3378 -69.11 34.22 -27.68
N GLN B 3379 -69.29 35.37 -28.34
CA GLN B 3379 -69.72 35.36 -29.73
C GLN B 3379 -68.73 34.60 -30.59
N ARG B 3380 -67.50 35.10 -30.66
CA ARG B 3380 -66.46 34.38 -31.40
C ARG B 3380 -66.21 33.00 -30.80
N ALA B 3381 -66.39 32.84 -29.48
CA ALA B 3381 -66.22 31.51 -28.88
C ALA B 3381 -67.14 30.49 -29.55
N PHE B 3382 -68.46 30.69 -29.45
CA PHE B 3382 -69.35 29.68 -30.02
C PHE B 3382 -69.38 29.73 -31.53
N GLN B 3383 -68.94 30.82 -32.17
CA GLN B 3383 -68.81 30.79 -33.63
C GLN B 3383 -67.73 29.80 -34.03
N HIS B 3384 -66.57 29.89 -33.37
CA HIS B 3384 -65.51 28.93 -33.61
C HIS B 3384 -65.98 27.51 -33.32
N LEU B 3385 -66.70 27.33 -32.20
CA LEU B 3385 -67.17 25.99 -31.85
C LEU B 3385 -68.16 25.45 -32.87
N SER B 3386 -69.07 26.31 -33.34
CA SER B 3386 -70.07 25.87 -34.32
C SER B 3386 -69.42 25.51 -35.64
N GLU B 3387 -68.40 26.26 -36.06
CA GLU B 3387 -67.66 25.86 -37.25
C GLU B 3387 -66.92 24.55 -37.01
N ALA B 3388 -66.37 24.36 -35.80
CA ALA B 3388 -65.62 23.14 -35.50
C ALA B 3388 -66.52 21.91 -35.56
N VAL B 3389 -67.74 22.00 -35.02
CA VAL B 3389 -68.62 20.84 -35.00
C VAL B 3389 -69.09 20.44 -36.40
N GLN B 3390 -68.84 21.27 -37.41
CA GLN B 3390 -69.11 20.87 -38.79
C GLN B 3390 -68.13 19.82 -39.28
N ALA B 3391 -66.97 19.69 -38.64
CA ALA B 3391 -65.96 18.74 -39.09
C ALA B 3391 -66.36 17.29 -38.82
N ALA B 3392 -67.47 17.08 -38.10
CA ALA B 3392 -67.97 15.72 -37.90
C ALA B 3392 -68.45 15.08 -39.21
N GLU B 3393 -68.60 15.87 -40.28
CA GLU B 3393 -68.88 15.34 -41.60
C GLU B 3393 -67.68 14.61 -42.21
N GLU B 3394 -66.53 14.65 -41.54
CA GLU B 3394 -65.30 14.03 -42.01
C GLU B 3394 -64.91 12.90 -41.06
N GLU B 3395 -63.72 12.34 -41.28
CA GLU B 3395 -63.21 11.19 -40.53
C GLU B 3395 -64.05 9.95 -40.78
N ALA B 3406 -59.64 8.91 -28.14
CA ALA B 3406 -60.94 8.49 -28.64
C ALA B 3406 -62.05 9.29 -27.99
N ALA B 3407 -61.68 10.37 -27.29
CA ALA B 3407 -62.64 11.24 -26.64
C ALA B 3407 -62.37 12.72 -26.84
N GLY B 3408 -61.22 13.12 -27.41
CA GLY B 3408 -60.93 14.53 -27.57
C GLY B 3408 -61.68 15.18 -28.72
N VAL B 3409 -62.36 14.39 -29.54
CA VAL B 3409 -63.23 14.91 -30.58
C VAL B 3409 -64.45 15.53 -29.90
N ILE B 3410 -64.82 14.97 -28.75
CA ILE B 3410 -66.14 15.15 -28.17
C ILE B 3410 -66.21 16.42 -27.33
N ASP B 3411 -65.12 16.76 -26.64
CA ASP B 3411 -65.14 17.77 -25.59
C ASP B 3411 -65.46 19.17 -26.10
N ALA B 3412 -65.40 19.41 -27.41
CA ALA B 3412 -65.80 20.70 -27.94
C ALA B 3412 -67.25 21.01 -27.57
N TYR B 3413 -68.10 20.00 -27.66
CA TYR B 3413 -69.52 20.17 -27.35
C TYR B 3413 -69.68 20.53 -25.87
N MET B 3414 -68.92 19.88 -25.00
CA MET B 3414 -68.96 20.19 -23.57
C MET B 3414 -68.44 21.59 -23.28
N THR B 3415 -67.38 22.02 -23.95
CA THR B 3415 -66.88 23.38 -23.74
C THR B 3415 -67.92 24.40 -24.20
N LEU B 3416 -68.63 24.09 -25.29
CA LEU B 3416 -69.77 24.91 -25.68
C LEU B 3416 -70.82 24.94 -24.57
N ALA B 3417 -71.07 23.79 -23.94
CA ALA B 3417 -72.09 23.70 -22.90
C ALA B 3417 -71.67 24.49 -21.65
N ASP B 3418 -70.38 24.46 -21.32
CA ASP B 3418 -69.93 24.89 -19.99
C ASP B 3418 -70.05 26.40 -19.81
N PHE B 3419 -69.67 27.17 -20.82
CA PHE B 3419 -69.77 28.61 -20.66
C PHE B 3419 -71.22 29.06 -20.60
N CYS B 3420 -72.11 28.39 -21.35
CA CYS B 3420 -73.53 28.66 -21.21
C CYS B 3420 -74.03 28.26 -19.81
N ASP B 3421 -73.50 27.17 -19.27
CA ASP B 3421 -73.88 26.75 -17.92
C ASP B 3421 -73.46 27.80 -16.89
N GLN B 3422 -72.26 28.35 -17.03
CA GLN B 3422 -71.83 29.41 -16.12
C GLN B 3422 -72.68 30.66 -16.32
N GLN B 3423 -72.99 30.98 -17.57
CA GLN B 3423 -73.86 32.12 -17.86
C GLN B 3423 -75.20 31.97 -17.17
N LEU B 3424 -75.76 30.75 -17.17
CA LEU B 3424 -77.01 30.50 -16.47
C LEU B 3424 -76.82 30.58 -14.96
N ARG B 3425 -75.97 29.71 -14.41
CA ARG B 3425 -75.72 29.67 -12.97
C ARG B 3425 -75.34 31.02 -12.39
N LYS B 3426 -74.93 31.98 -13.23
CA LYS B 3426 -74.83 33.36 -12.82
C LYS B 3426 -76.03 34.20 -13.22
N GLU B 3427 -76.87 33.73 -14.14
CA GLU B 3427 -78.11 34.41 -14.51
C GLU B 3427 -79.17 34.30 -13.43
N GLU B 3428 -79.44 33.09 -12.94
CA GLU B 3428 -80.31 32.96 -11.78
C GLU B 3428 -79.58 33.39 -10.52
N GLU B 3429 -80.35 33.83 -9.52
CA GLU B 3429 -79.84 34.38 -8.27
C GLU B 3429 -79.07 35.67 -8.58
N ASN B 3430 -77.78 35.74 -8.29
CA ASN B 3430 -77.08 37.00 -8.25
C ASN B 3430 -76.86 37.58 -9.65
N ALA B 3431 -76.72 38.91 -9.70
CA ALA B 3431 -76.06 39.63 -10.78
C ALA B 3431 -76.77 39.47 -12.13
N SER B 3432 -78.07 39.17 -12.13
CA SER B 3432 -78.81 39.29 -13.38
C SER B 3432 -79.25 40.74 -13.55
N VAL B 3433 -80.19 41.16 -12.71
CA VAL B 3433 -80.39 42.56 -12.37
C VAL B 3433 -80.35 42.73 -10.85
N ILE B 3434 -81.25 42.05 -10.15
CA ILE B 3434 -81.06 41.71 -8.74
C ILE B 3434 -81.22 40.20 -8.62
N ASP B 3435 -82.36 39.68 -9.10
CA ASP B 3435 -82.65 38.26 -9.05
C ASP B 3435 -83.24 37.70 -10.34
N SER B 3436 -83.76 38.55 -11.23
CA SER B 3436 -84.42 38.06 -12.44
C SER B 3436 -84.38 39.07 -13.57
N ALA B 3437 -83.53 38.85 -14.57
CA ALA B 3437 -83.52 39.65 -15.79
C ALA B 3437 -84.77 39.28 -16.60
N GLU B 3438 -85.65 40.25 -16.79
CA GLU B 3438 -86.98 39.96 -17.33
C GLU B 3438 -87.02 39.81 -18.84
N LEU B 3439 -86.01 40.28 -19.58
CA LEU B 3439 -86.07 40.19 -21.03
C LEU B 3439 -84.69 40.41 -21.62
N GLN B 3440 -84.22 39.43 -22.38
CA GLN B 3440 -83.08 39.49 -23.30
C GLN B 3440 -83.16 38.24 -24.16
N ALA B 3441 -82.45 38.28 -25.29
CA ALA B 3441 -82.25 37.06 -26.05
C ALA B 3441 -81.32 36.09 -25.33
N TYR B 3442 -80.59 36.58 -24.32
CA TYR B 3442 -79.65 35.73 -23.60
C TYR B 3442 -80.35 34.60 -22.86
N PRO B 3443 -81.35 34.84 -22.01
CA PRO B 3443 -82.03 33.71 -21.36
C PRO B 3443 -82.85 32.88 -22.33
N ALA B 3444 -83.06 33.36 -23.55
CA ALA B 3444 -83.91 32.65 -24.51
C ALA B 3444 -83.18 31.47 -25.15
N LEU B 3445 -82.06 31.74 -25.82
CA LEU B 3445 -81.43 30.75 -26.69
C LEU B 3445 -80.51 29.79 -25.95
N VAL B 3446 -80.18 30.07 -24.69
CA VAL B 3446 -79.21 29.24 -23.96
C VAL B 3446 -79.66 27.80 -23.91
N VAL B 3447 -80.93 27.56 -23.59
CA VAL B 3447 -81.40 26.20 -23.38
C VAL B 3447 -81.07 25.34 -24.59
N GLU B 3448 -81.49 25.76 -25.79
CA GLU B 3448 -81.21 24.96 -26.96
C GLU B 3448 -79.71 24.92 -27.24
N LYS B 3449 -79.05 26.09 -27.25
CA LYS B 3449 -77.68 26.14 -27.77
C LYS B 3449 -76.73 25.35 -26.89
N MET B 3450 -77.14 25.04 -25.65
CA MET B 3450 -76.24 24.26 -24.81
C MET B 3450 -76.71 22.83 -24.57
N LEU B 3451 -78.02 22.54 -24.48
CA LEU B 3451 -78.41 21.17 -24.21
C LEU B 3451 -78.74 20.36 -25.46
N LYS B 3452 -78.78 20.97 -26.65
CA LYS B 3452 -78.74 20.11 -27.84
C LYS B 3452 -77.38 19.43 -27.92
N ALA B 3453 -76.36 20.07 -27.36
CA ALA B 3453 -75.04 19.46 -27.25
C ALA B 3453 -75.07 18.25 -26.33
N LEU B 3454 -75.76 18.36 -25.19
CA LEU B 3454 -75.72 17.32 -24.18
C LEU B 3454 -76.26 16.01 -24.72
N LYS B 3455 -77.30 16.08 -25.56
CA LYS B 3455 -77.82 14.88 -26.21
C LYS B 3455 -76.73 14.18 -27.00
N LEU B 3456 -75.94 14.95 -27.75
CA LEU B 3456 -74.83 14.35 -28.50
C LEU B 3456 -73.71 13.91 -27.58
N ASN B 3457 -73.43 14.69 -26.53
CA ASN B 3457 -72.43 14.29 -25.55
C ASN B 3457 -72.84 12.99 -24.85
N SER B 3458 -74.12 12.90 -24.46
CA SER B 3458 -74.61 11.64 -23.92
C SER B 3458 -74.51 10.51 -24.92
N ASN B 3459 -74.64 10.80 -26.22
CA ASN B 3459 -74.42 9.79 -27.23
C ASN B 3459 -72.96 9.36 -27.28
N GLU B 3460 -72.03 10.27 -27.06
CA GLU B 3460 -70.62 9.98 -27.21
C GLU B 3460 -69.94 9.67 -25.89
N ALA B 3461 -70.23 8.49 -25.36
CA ALA B 3461 -69.38 7.77 -24.43
C ALA B 3461 -68.89 8.57 -23.18
N ARG B 3462 -67.61 8.38 -22.80
CA ARG B 3462 -67.06 8.51 -21.42
C ARG B 3462 -67.16 9.86 -20.70
N LEU B 3463 -67.39 9.80 -19.38
CA LEU B 3463 -67.32 10.93 -18.43
C LEU B 3463 -68.23 12.11 -18.77
N LYS B 3464 -69.49 11.84 -19.15
CA LYS B 3464 -70.57 12.84 -19.31
C LYS B 3464 -71.63 12.74 -18.23
N PHE B 3465 -72.20 11.55 -18.09
CA PHE B 3465 -73.22 11.18 -17.12
C PHE B 3465 -72.94 11.64 -15.69
N PRO B 3466 -71.72 11.64 -15.15
CA PRO B 3466 -71.54 12.11 -13.77
C PRO B 3466 -71.98 13.55 -13.56
N ARG B 3467 -72.04 14.35 -14.62
CA ARG B 3467 -72.48 15.73 -14.56
C ARG B 3467 -73.62 16.04 -15.53
N LEU B 3468 -74.20 15.02 -16.18
CA LEU B 3468 -75.12 15.27 -17.29
C LEU B 3468 -76.49 15.72 -16.81
N LEU B 3469 -77.19 14.84 -16.08
CA LEU B 3469 -78.62 15.01 -15.89
C LEU B 3469 -78.98 16.25 -15.09
N GLN B 3470 -78.31 16.50 -13.96
CA GLN B 3470 -78.62 17.65 -13.13
C GLN B 3470 -78.87 18.90 -13.97
N ILE B 3471 -78.09 19.05 -15.04
CA ILE B 3471 -78.34 20.13 -15.99
C ILE B 3471 -79.76 20.05 -16.53
N ILE B 3472 -80.11 18.94 -17.18
CA ILE B 3472 -81.41 18.81 -17.83
C ILE B 3472 -82.53 19.03 -16.82
N GLU B 3473 -82.42 18.39 -15.66
CA GLU B 3473 -83.48 18.53 -14.65
C GLU B 3473 -83.39 19.79 -13.81
N ARG B 3474 -82.50 20.75 -14.10
CA ARG B 3474 -82.79 22.06 -13.52
C ARG B 3474 -83.71 22.88 -14.40
N TYR B 3475 -83.79 22.55 -15.69
CA TYR B 3475 -84.60 23.29 -16.67
C TYR B 3475 -86.13 23.23 -16.52
N PRO B 3476 -86.72 22.18 -15.93
CA PRO B 3476 -88.19 22.20 -15.79
C PRO B 3476 -88.71 23.47 -15.12
N GLU B 3477 -87.98 24.03 -14.16
CA GLU B 3477 -88.34 25.34 -13.62
C GLU B 3477 -88.17 26.45 -14.66
N GLU B 3478 -87.29 26.25 -15.62
CA GLU B 3478 -86.85 27.33 -16.50
C GLU B 3478 -87.62 27.41 -17.81
N THR B 3479 -88.06 26.29 -18.37
CA THR B 3479 -88.24 26.16 -19.80
C THR B 3479 -89.71 26.12 -20.23
N LEU B 3480 -89.96 26.66 -21.41
CA LEU B 3480 -91.21 26.47 -22.14
C LEU B 3480 -91.01 25.47 -23.28
N SER B 3481 -89.75 25.31 -23.72
CA SER B 3481 -89.43 24.54 -24.92
C SER B 3481 -88.92 23.12 -24.62
N LEU B 3482 -88.91 22.71 -23.35
CA LEU B 3482 -88.25 21.46 -22.97
C LEU B 3482 -88.88 20.26 -23.66
N MET B 3483 -90.20 20.14 -23.60
CA MET B 3483 -90.88 18.96 -24.10
C MET B 3483 -90.67 18.80 -25.60
N THR B 3484 -90.81 19.90 -26.35
CA THR B 3484 -90.55 19.85 -27.79
C THR B 3484 -89.11 19.47 -28.08
N LYS B 3485 -88.17 20.02 -27.30
CA LYS B 3485 -86.77 19.65 -27.47
C LYS B 3485 -86.52 18.20 -27.10
N GLU B 3486 -87.04 17.79 -25.94
CA GLU B 3486 -86.56 16.57 -25.28
C GLU B 3486 -86.87 15.31 -26.08
N ILE B 3487 -88.09 15.20 -26.60
CA ILE B 3487 -88.61 13.91 -27.06
C ILE B 3487 -87.80 13.36 -28.24
N SER B 3488 -87.08 14.23 -28.95
CA SER B 3488 -86.46 13.82 -30.21
C SER B 3488 -85.60 12.57 -30.07
N SER B 3489 -84.74 12.50 -29.06
CA SER B 3489 -83.91 11.32 -28.87
C SER B 3489 -83.33 11.32 -27.45
N VAL B 3490 -83.44 10.18 -26.81
CA VAL B 3490 -82.76 9.89 -25.55
C VAL B 3490 -82.14 8.50 -25.62
N PRO B 3491 -81.13 8.29 -26.46
CA PRO B 3491 -80.62 6.94 -26.71
C PRO B 3491 -79.74 6.42 -25.58
N CYS B 3492 -79.47 5.12 -25.65
CA CYS B 3492 -78.49 4.43 -24.82
C CYS B 3492 -78.90 4.29 -23.36
N TRP B 3493 -78.07 3.58 -22.60
CA TRP B 3493 -78.30 3.14 -21.23
C TRP B 3493 -77.67 4.02 -20.17
N GLN B 3494 -77.21 5.22 -20.52
CA GLN B 3494 -76.38 6.01 -19.61
C GLN B 3494 -77.16 6.49 -18.38
N PHE B 3495 -78.49 6.37 -18.39
CA PHE B 3495 -79.30 7.04 -17.38
C PHE B 3495 -79.50 6.22 -16.10
N ILE B 3496 -78.86 5.06 -15.99
CA ILE B 3496 -79.14 4.16 -14.88
C ILE B 3496 -78.64 4.76 -13.56
N SER B 3497 -77.72 5.71 -13.63
CA SER B 3497 -77.13 6.25 -12.41
C SER B 3497 -78.17 7.01 -11.57
N TRP B 3498 -79.01 7.81 -12.22
CA TRP B 3498 -79.89 8.71 -11.50
C TRP B 3498 -81.34 8.22 -11.50
N ILE B 3499 -81.53 6.90 -11.49
CA ILE B 3499 -82.88 6.33 -11.47
C ILE B 3499 -83.63 6.76 -10.22
N SER B 3500 -82.95 6.81 -9.07
CA SER B 3500 -83.59 7.19 -7.82
C SER B 3500 -84.15 8.60 -7.87
N HIS B 3501 -83.68 9.43 -8.80
CA HIS B 3501 -84.24 10.76 -8.99
C HIS B 3501 -85.20 10.79 -10.16
N MET B 3502 -85.00 9.90 -11.14
CA MET B 3502 -85.96 9.77 -12.22
C MET B 3502 -87.34 9.45 -11.66
N VAL B 3503 -87.40 8.45 -10.79
CA VAL B 3503 -88.66 8.04 -10.19
C VAL B 3503 -89.28 9.19 -9.39
N ALA B 3504 -88.43 10.02 -8.75
CA ALA B 3504 -88.95 11.17 -8.03
C ALA B 3504 -89.60 12.18 -8.98
N LEU B 3505 -88.96 12.43 -10.13
CA LEU B 3505 -89.56 13.37 -11.08
C LEU B 3505 -90.78 12.80 -11.81
N LEU B 3506 -90.96 11.49 -11.82
CA LEU B 3506 -92.22 10.97 -12.37
C LEU B 3506 -93.47 11.50 -11.65
N ASP B 3507 -93.31 12.23 -10.54
CA ASP B 3507 -94.49 12.66 -9.78
C ASP B 3507 -94.99 14.06 -10.17
N LYS B 3508 -94.15 15.08 -9.98
CA LYS B 3508 -94.66 16.45 -9.89
C LYS B 3508 -94.87 17.04 -11.29
N ASP B 3509 -95.02 18.37 -11.33
CA ASP B 3509 -95.45 19.08 -12.52
C ASP B 3509 -94.61 18.73 -13.74
N GLN B 3510 -95.30 18.47 -14.84
CA GLN B 3510 -94.68 18.12 -16.12
C GLN B 3510 -93.70 16.95 -15.91
N ALA B 3511 -94.21 15.89 -15.31
CA ALA B 3511 -93.42 14.67 -15.08
C ALA B 3511 -93.13 13.98 -16.40
N VAL B 3512 -93.88 14.34 -17.44
CA VAL B 3512 -93.72 13.76 -18.76
C VAL B 3512 -92.34 14.03 -19.36
N ALA B 3513 -91.51 14.83 -18.68
CA ALA B 3513 -90.17 15.10 -19.18
C ALA B 3513 -89.35 13.82 -19.33
N VAL B 3514 -89.48 12.90 -18.38
CA VAL B 3514 -88.72 11.65 -18.44
C VAL B 3514 -89.68 10.48 -18.31
N GLN B 3515 -90.09 9.91 -19.43
CA GLN B 3515 -91.02 8.78 -19.44
C GLN B 3515 -90.59 7.65 -20.36
N HIS B 3516 -89.69 7.91 -21.30
CA HIS B 3516 -89.26 6.87 -22.23
C HIS B 3516 -88.06 6.10 -21.67
N SER B 3517 -87.15 6.80 -21.00
CA SER B 3517 -85.93 6.17 -20.51
C SER B 3517 -86.24 5.09 -19.49
N VAL B 3518 -87.16 5.38 -18.56
CA VAL B 3518 -87.47 4.41 -17.51
C VAL B 3518 -88.05 3.14 -18.12
N GLU B 3519 -88.97 3.29 -19.08
CA GLU B 3519 -89.60 2.11 -19.65
C GLU B 3519 -88.62 1.31 -20.48
N GLU B 3520 -87.72 1.98 -21.21
CA GLU B 3520 -86.75 1.22 -22.00
C GLU B 3520 -85.75 0.51 -21.11
N ILE B 3521 -85.37 1.13 -19.99
CA ILE B 3521 -84.52 0.44 -19.02
C ILE B 3521 -85.22 -0.78 -18.46
N THR B 3522 -86.50 -0.65 -18.09
CA THR B 3522 -87.24 -1.78 -17.57
C THR B 3522 -87.31 -2.91 -18.59
N ASP B 3523 -87.63 -2.59 -19.84
CA ASP B 3523 -87.71 -3.61 -20.87
C ASP B 3523 -86.35 -4.17 -21.25
N ASN B 3524 -85.26 -3.48 -20.90
CA ASN B 3524 -83.92 -3.99 -21.19
C ASN B 3524 -83.24 -4.55 -19.95
N TYR B 3525 -83.14 -3.77 -18.87
CA TYR B 3525 -82.48 -4.18 -17.64
C TYR B 3525 -83.42 -3.95 -16.46
N PRO B 3526 -84.32 -4.91 -16.20
CA PRO B 3526 -85.43 -4.63 -15.27
C PRO B 3526 -85.00 -4.48 -13.82
N GLN B 3527 -83.92 -5.16 -13.40
CA GLN B 3527 -83.62 -5.25 -11.98
C GLN B 3527 -83.25 -3.89 -11.38
N ALA B 3528 -82.77 -2.95 -12.20
CA ALA B 3528 -82.31 -1.67 -11.66
C ALA B 3528 -83.46 -0.86 -11.06
N ILE B 3529 -84.59 -0.77 -11.75
CA ILE B 3529 -85.66 0.11 -11.32
C ILE B 3529 -86.39 -0.44 -10.11
N VAL B 3530 -86.20 -1.74 -9.82
CA VAL B 3530 -87.08 -2.44 -8.87
C VAL B 3530 -87.08 -1.75 -7.52
N TYR B 3531 -85.91 -1.67 -6.89
CA TYR B 3531 -85.82 -1.14 -5.53
C TYR B 3531 -86.23 0.33 -5.40
N PRO B 3532 -85.72 1.24 -6.24
CA PRO B 3532 -86.12 2.65 -6.08
C PRO B 3532 -87.62 2.87 -6.20
N PHE B 3533 -88.29 2.15 -7.10
CA PHE B 3533 -89.72 2.34 -7.29
C PHE B 3533 -90.50 2.02 -6.03
N ILE B 3534 -89.98 1.09 -5.21
CA ILE B 3534 -90.68 0.71 -3.99
C ILE B 3534 -90.89 1.92 -3.10
N ILE B 3535 -89.83 2.68 -2.85
CA ILE B 3535 -89.96 3.88 -2.05
C ILE B 3535 -90.67 4.98 -2.82
N SER B 3536 -90.37 5.10 -4.13
CA SER B 3536 -90.98 6.16 -4.93
C SER B 3536 -92.50 6.07 -4.93
N SER B 3537 -93.04 4.87 -4.73
CA SER B 3537 -94.49 4.72 -4.65
C SER B 3537 -95.08 5.54 -3.50
N GLU B 3538 -94.44 5.50 -2.32
CA GLU B 3538 -94.99 6.16 -1.15
C GLU B 3538 -95.05 7.67 -1.28
N SER B 3539 -94.28 8.26 -2.19
CA SER B 3539 -94.28 9.70 -2.37
C SER B 3539 -95.14 10.16 -3.54
N TYR B 3540 -95.69 9.22 -4.32
CA TYR B 3540 -96.49 9.60 -5.47
C TYR B 3540 -97.78 10.28 -5.04
N SER B 3541 -98.07 11.42 -5.65
CA SER B 3541 -99.26 12.20 -5.33
C SER B 3541 -99.75 12.89 -6.59
N PHE B 3542 -101.08 13.00 -6.72
CA PHE B 3542 -101.68 13.49 -7.96
C PHE B 3542 -102.96 14.25 -7.67
N LYS B 3543 -103.41 14.99 -8.68
CA LYS B 3543 -104.74 15.60 -8.71
C LYS B 3543 -105.41 15.17 -10.01
N ASP B 3544 -106.72 14.97 -9.97
CA ASP B 3544 -107.45 14.40 -11.10
C ASP B 3544 -107.58 15.41 -12.24
N THR B 3545 -106.49 15.60 -12.98
CA THR B 3545 -106.45 16.49 -14.14
C THR B 3545 -105.55 15.84 -15.18
N SER B 3546 -105.30 16.58 -16.26
CA SER B 3546 -104.31 16.12 -17.23
C SER B 3546 -102.95 15.91 -16.58
N THR B 3547 -102.69 16.63 -15.49
CA THR B 3547 -101.51 16.36 -14.68
C THR B 3547 -101.63 15.05 -13.93
N GLY B 3548 -102.84 14.51 -13.79
CA GLY B 3548 -103.04 13.28 -13.05
C GLY B 3548 -103.93 12.25 -13.71
N HIS B 3549 -103.90 12.15 -15.04
CA HIS B 3549 -104.61 11.08 -15.73
C HIS B 3549 -103.58 10.16 -16.34
N LYS B 3550 -102.72 10.64 -17.25
CA LYS B 3550 -101.73 9.75 -17.84
C LYS B 3550 -100.49 9.65 -16.96
N ASN B 3551 -100.23 10.69 -16.15
CA ASN B 3551 -99.17 10.59 -15.16
C ASN B 3551 -99.50 9.59 -14.06
N LYS B 3552 -100.77 9.20 -13.93
CA LYS B 3552 -101.15 8.08 -13.08
C LYS B 3552 -101.22 6.79 -13.88
N GLU B 3553 -101.64 6.87 -15.15
CA GLU B 3553 -101.70 5.67 -15.97
C GLU B 3553 -100.34 5.05 -16.17
N PHE B 3554 -99.30 5.88 -16.35
CA PHE B 3554 -97.96 5.34 -16.55
C PHE B 3554 -97.45 4.61 -15.31
N VAL B 3555 -97.64 5.22 -14.14
CA VAL B 3555 -97.19 4.57 -12.91
C VAL B 3555 -98.00 3.31 -12.65
N ALA B 3556 -99.29 3.33 -12.98
CA ALA B 3556 -100.09 2.12 -12.88
C ALA B 3556 -99.61 1.04 -13.83
N ARG B 3557 -99.21 1.42 -15.05
CA ARG B 3557 -98.74 0.42 -16.01
C ARG B 3557 -97.43 -0.21 -15.56
N ILE B 3558 -96.48 0.61 -15.11
CA ILE B 3558 -95.21 0.05 -14.65
C ILE B 3558 -95.42 -0.79 -13.40
N LYS B 3559 -96.31 -0.35 -12.51
CA LYS B 3559 -96.66 -1.14 -11.34
C LYS B 3559 -97.24 -2.49 -11.74
N SER B 3560 -98.13 -2.48 -12.74
CA SER B 3560 -98.71 -3.73 -13.23
C SER B 3560 -97.63 -4.65 -13.79
N LYS B 3561 -96.67 -4.10 -14.53
CA LYS B 3561 -95.55 -4.90 -15.00
C LYS B 3561 -94.39 -4.93 -14.03
N LEU B 3562 -94.48 -4.23 -12.89
CA LEU B 3562 -93.47 -4.33 -11.86
C LEU B 3562 -93.54 -5.71 -11.19
N ASP B 3563 -92.44 -6.09 -10.55
CA ASP B 3563 -92.34 -7.37 -9.86
C ASP B 3563 -92.62 -8.50 -10.85
N GLN B 3564 -91.72 -8.61 -11.83
CA GLN B 3564 -91.99 -9.40 -13.03
C GLN B 3564 -92.30 -10.85 -12.69
N GLY B 3565 -91.53 -11.45 -11.79
CA GLY B 3565 -91.72 -12.83 -11.42
C GLY B 3565 -92.50 -13.07 -10.15
N GLY B 3566 -92.89 -12.02 -9.44
CA GLY B 3566 -93.65 -12.20 -8.21
C GLY B 3566 -92.84 -12.74 -7.05
N VAL B 3567 -91.52 -12.57 -7.06
CA VAL B 3567 -90.65 -13.13 -6.04
C VAL B 3567 -89.90 -12.05 -5.28
N ILE B 3568 -89.72 -10.88 -5.90
CA ILE B 3568 -88.91 -9.83 -5.28
C ILE B 3568 -89.58 -9.26 -4.03
N GLN B 3569 -90.89 -8.98 -4.09
CA GLN B 3569 -91.58 -8.46 -2.90
C GLN B 3569 -91.63 -9.51 -1.79
N ASP B 3570 -91.77 -10.79 -2.17
CA ASP B 3570 -91.68 -11.86 -1.18
C ASP B 3570 -90.30 -11.88 -0.53
N PHE B 3571 -89.24 -11.65 -1.32
CA PHE B 3571 -87.90 -11.51 -0.76
C PHE B 3571 -87.83 -10.33 0.19
N ILE B 3572 -88.48 -9.23 -0.17
CA ILE B 3572 -88.50 -8.04 0.69
C ILE B 3572 -89.11 -8.39 2.05
N ASN B 3573 -90.24 -9.07 2.03
CA ASN B 3573 -90.87 -9.46 3.30
C ASN B 3573 -90.03 -10.47 4.06
N ALA B 3574 -89.35 -11.36 3.33
CA ALA B 3574 -88.48 -12.35 3.97
C ALA B 3574 -87.36 -11.66 4.73
N LEU B 3575 -86.76 -10.63 4.13
CA LEU B 3575 -85.75 -9.85 4.86
C LEU B 3575 -86.40 -9.02 5.96
N ASP B 3576 -87.62 -8.53 5.73
CA ASP B 3576 -88.28 -7.67 6.71
C ASP B 3576 -88.48 -8.42 8.02
N GLN B 3577 -89.00 -9.66 7.94
CA GLN B 3577 -89.20 -10.44 9.16
C GLN B 3577 -87.87 -10.77 9.85
N LEU B 3578 -86.75 -10.66 9.14
CA LEU B 3578 -85.45 -10.90 9.78
C LEU B 3578 -85.10 -9.79 10.77
N SER B 3579 -85.61 -8.58 10.57
CA SER B 3579 -85.39 -7.52 11.52
C SER B 3579 -86.14 -7.79 12.82
N ASN B 3580 -85.70 -7.16 13.89
CA ASN B 3580 -86.37 -7.31 15.18
C ASN B 3580 -87.59 -6.40 15.23
N PRO B 3581 -88.80 -6.94 15.40
CA PRO B 3581 -89.97 -6.07 15.60
C PRO B 3581 -89.87 -5.20 16.82
N GLU B 3582 -88.96 -5.51 17.74
CA GLU B 3582 -88.72 -4.64 18.89
C GLU B 3582 -88.44 -3.21 18.44
N LEU B 3583 -87.52 -3.05 17.49
CA LEU B 3583 -87.25 -1.72 16.96
C LEU B 3583 -88.42 -1.19 16.15
N LEU B 3584 -89.20 -2.08 15.52
CA LEU B 3584 -90.37 -1.64 14.77
C LEU B 3584 -91.42 -1.06 15.72
N PHE B 3585 -91.68 -1.75 16.83
CA PHE B 3585 -92.63 -1.21 17.80
C PHE B 3585 -92.08 0.03 18.49
N LYS B 3586 -90.76 0.08 18.73
CA LYS B 3586 -90.17 1.31 19.25
C LYS B 3586 -90.31 2.47 18.28
N ASP B 3587 -90.22 2.20 16.98
CA ASP B 3587 -90.58 3.21 15.99
C ASP B 3587 -92.02 3.67 16.20
N TRP B 3588 -92.94 2.71 16.27
CA TRP B 3588 -94.35 3.01 16.49
C TRP B 3588 -94.58 3.85 17.74
N SER B 3589 -93.75 3.66 18.76
CA SER B 3589 -93.92 4.33 20.04
C SER B 3589 -93.80 5.85 19.94
N ASN B 3590 -93.13 6.37 18.91
CA ASN B 3590 -93.04 7.81 18.70
C ASN B 3590 -93.60 8.25 17.36
N ASP B 3591 -93.77 7.32 16.41
CA ASP B 3591 -94.27 7.64 15.09
C ASP B 3591 -95.56 8.45 15.13
N VAL B 3592 -96.60 7.86 15.74
CA VAL B 3592 -97.95 8.40 15.63
C VAL B 3592 -98.03 9.84 16.11
N ARG B 3593 -97.24 10.19 17.12
CA ARG B 3593 -97.27 11.55 17.67
C ARG B 3593 -97.00 12.57 16.57
N ALA B 3594 -95.80 12.54 16.00
CA ALA B 3594 -95.44 13.50 14.96
C ALA B 3594 -96.27 13.27 13.70
N GLU B 3595 -96.56 12.02 13.35
CA GLU B 3595 -97.17 11.72 12.07
C GLU B 3595 -98.65 12.06 12.00
N LEU B 3596 -99.37 12.05 13.12
CA LEU B 3596 -100.80 12.30 13.08
C LEU B 3596 -101.25 13.37 14.07
N ALA B 3597 -100.66 13.39 15.27
CA ALA B 3597 -101.32 14.05 16.40
C ALA B 3597 -100.38 14.99 17.13
N LYS B 3598 -99.63 15.82 16.41
CA LYS B 3598 -99.13 17.05 17.04
C LYS B 3598 -100.31 17.95 17.39
N THR B 3599 -101.22 18.12 16.44
CA THR B 3599 -102.61 18.50 16.59
C THR B 3599 -103.37 17.62 15.61
N PRO B 3600 -104.64 17.34 15.86
CA PRO B 3600 -105.34 16.38 15.01
C PRO B 3600 -105.43 16.86 13.57
N VAL B 3601 -105.68 15.92 12.67
CA VAL B 3601 -105.73 16.10 11.22
C VAL B 3601 -104.47 16.82 10.73
N ASN B 3602 -103.31 16.39 11.22
CA ASN B 3602 -102.07 16.72 10.52
C ASN B 3602 -102.11 16.17 9.11
N LYS B 3603 -102.38 14.88 8.96
CA LYS B 3603 -102.94 14.30 7.76
C LYS B 3603 -103.61 12.99 8.13
N LYS B 3604 -104.94 12.96 8.16
CA LYS B 3604 -105.64 11.82 8.76
C LYS B 3604 -105.52 10.56 7.91
N ASN B 3605 -105.04 10.66 6.67
CA ASN B 3605 -104.79 9.48 5.85
C ASN B 3605 -103.34 9.02 6.06
N ILE B 3606 -102.98 8.91 7.33
CA ILE B 3606 -101.76 8.20 7.72
C ILE B 3606 -102.18 6.91 8.40
N GLU B 3607 -103.03 7.00 9.42
CA GLU B 3607 -103.54 5.82 10.11
C GLU B 3607 -104.19 4.86 9.11
N LYS B 3608 -104.96 5.41 8.17
CA LYS B 3608 -105.31 4.68 6.95
C LYS B 3608 -104.21 4.93 5.92
N MET B 3609 -103.98 3.91 5.07
CA MET B 3609 -102.81 3.83 4.20
C MET B 3609 -101.57 3.53 5.03
N TYR B 3610 -101.75 3.44 6.35
CA TYR B 3610 -100.75 2.94 7.28
C TYR B 3610 -100.90 1.44 7.45
N GLU B 3611 -100.83 0.71 6.34
CA GLU B 3611 -101.03 -0.75 6.37
C GLU B 3611 -99.91 -1.43 7.14
N ARG B 3612 -98.71 -0.87 7.10
CA ARG B 3612 -97.54 -1.58 7.59
C ARG B 3612 -97.53 -1.68 9.13
N MET B 3613 -98.40 -0.93 9.81
CA MET B 3613 -98.63 -1.18 11.22
C MET B 3613 -98.98 -2.65 11.45
N TYR B 3614 -99.68 -3.25 10.50
CA TYR B 3614 -100.01 -4.66 10.54
C TYR B 3614 -99.03 -5.42 9.65
N ALA B 3615 -99.22 -6.75 9.54
CA ALA B 3615 -98.33 -7.67 8.85
C ALA B 3615 -97.03 -7.83 9.62
N ALA B 3616 -96.84 -7.01 10.65
CA ALA B 3616 -95.81 -7.20 11.65
C ALA B 3616 -96.40 -7.31 13.05
N LEU B 3617 -97.62 -6.80 13.23
CA LEU B 3617 -98.41 -7.06 14.43
C LEU B 3617 -98.92 -8.49 14.28
N GLY B 3618 -98.07 -9.43 14.71
CA GLY B 3618 -98.18 -10.80 14.24
C GLY B 3618 -99.38 -11.54 14.77
N ASP B 3619 -99.73 -12.58 14.04
CA ASP B 3619 -100.77 -13.57 14.35
C ASP B 3619 -100.51 -14.75 13.42
N PRO B 3620 -101.18 -15.89 13.56
CA PRO B 3620 -100.92 -17.01 12.64
C PRO B 3620 -101.31 -16.72 11.20
N LYS B 3621 -102.10 -15.68 10.94
CA LYS B 3621 -102.62 -15.43 9.60
C LYS B 3621 -101.78 -14.46 8.77
N ALA B 3622 -101.63 -13.22 9.25
CA ALA B 3622 -101.15 -12.14 8.40
C ALA B 3622 -99.67 -12.29 8.04
N PRO B 3623 -98.73 -12.39 8.99
CA PRO B 3623 -97.33 -12.57 8.60
C PRO B 3623 -97.09 -13.88 7.85
N GLY B 3624 -97.84 -14.93 8.17
CA GLY B 3624 -97.77 -16.14 7.37
C GLY B 3624 -98.20 -15.90 5.94
N LEU B 3625 -99.26 -15.10 5.76
CA LEU B 3625 -99.68 -14.71 4.42
C LEU B 3625 -98.66 -13.81 3.74
N GLY B 3626 -98.03 -12.91 4.51
CA GLY B 3626 -97.07 -11.98 3.94
C GLY B 3626 -95.82 -12.65 3.43
N ALA B 3627 -95.00 -13.19 4.34
CA ALA B 3627 -93.82 -13.94 3.95
C ALA B 3627 -93.91 -15.40 4.36
N PHE B 3628 -94.09 -15.68 5.65
CA PHE B 3628 -94.20 -17.04 6.18
C PHE B 3628 -94.44 -16.91 7.68
N ARG B 3629 -94.68 -18.05 8.32
CA ARG B 3629 -94.75 -18.12 9.79
C ARG B 3629 -93.33 -18.02 10.34
N ARG B 3630 -92.91 -16.78 10.57
CA ARG B 3630 -91.63 -16.52 11.22
C ARG B 3630 -91.61 -17.18 12.60
N LYS B 3631 -90.45 -17.74 12.95
CA LYS B 3631 -90.35 -18.51 14.18
C LYS B 3631 -90.70 -17.67 15.40
N PHE B 3632 -90.23 -16.43 15.44
CA PHE B 3632 -90.43 -15.63 16.66
C PHE B 3632 -91.82 -15.01 16.74
N ILE B 3633 -92.70 -15.33 15.79
CA ILE B 3633 -94.10 -14.98 15.93
C ILE B 3633 -94.68 -15.65 17.17
N GLN B 3634 -94.18 -16.84 17.51
CA GLN B 3634 -94.59 -17.48 18.76
C GLN B 3634 -94.33 -16.58 19.96
N THR B 3635 -93.31 -15.73 19.88
CA THR B 3635 -93.06 -14.78 20.96
C THR B 3635 -93.91 -13.52 20.80
N PHE B 3636 -93.84 -12.88 19.64
CA PHE B 3636 -94.57 -11.63 19.46
C PHE B 3636 -95.96 -11.86 18.88
N GLY B 3637 -96.04 -12.55 17.74
CA GLY B 3637 -97.32 -12.73 17.08
C GLY B 3637 -98.29 -13.63 17.80
N LYS B 3638 -97.81 -14.51 18.69
CA LYS B 3638 -98.68 -15.42 19.42
C LYS B 3638 -98.52 -15.34 20.93
N GLU B 3639 -97.60 -14.51 21.44
CA GLU B 3639 -97.57 -14.28 22.88
C GLU B 3639 -97.47 -12.80 23.23
N PHE B 3640 -97.50 -11.89 22.23
CA PHE B 3640 -97.61 -10.47 22.54
C PHE B 3640 -98.61 -9.81 21.58
N ASP B 3641 -99.78 -10.42 21.41
CA ASP B 3641 -100.82 -9.79 20.60
C ASP B 3641 -101.91 -9.19 21.46
N LYS B 3642 -102.12 -9.74 22.66
CA LYS B 3642 -103.25 -9.33 23.49
C LYS B 3642 -103.09 -7.90 23.98
N HIS B 3643 -101.90 -7.53 24.43
CA HIS B 3643 -101.68 -6.28 25.14
C HIS B 3643 -101.62 -5.05 24.24
N PHE B 3644 -101.87 -5.21 22.94
CA PHE B 3644 -101.99 -4.07 22.03
C PHE B 3644 -103.42 -3.54 21.98
N GLY B 3645 -104.30 -4.06 22.84
CA GLY B 3645 -105.73 -3.80 22.70
C GLY B 3645 -106.14 -2.37 23.00
N LYS B 3646 -105.21 -1.55 23.50
CA LYS B 3646 -105.49 -0.16 23.81
C LYS B 3646 -106.11 0.56 22.61
N GLY B 3647 -105.66 0.21 21.41
CA GLY B 3647 -106.28 0.65 20.18
C GLY B 3647 -106.37 -0.48 19.19
N GLY B 3648 -105.80 -1.63 19.55
CA GLY B 3648 -105.81 -2.80 18.70
C GLY B 3648 -106.97 -3.74 18.95
N SER B 3649 -107.59 -3.62 20.12
CA SER B 3649 -108.85 -4.31 20.39
C SER B 3649 -109.94 -3.23 20.46
N LYS B 3650 -109.52 -2.01 20.80
CA LYS B 3650 -110.30 -0.81 20.51
C LYS B 3650 -109.95 -0.36 19.10
N LEU B 3651 -110.37 -1.19 18.14
CA LEU B 3651 -109.80 -1.21 16.80
C LEU B 3651 -109.83 0.17 16.15
N LEU B 3652 -108.85 0.41 15.28
CA LEU B 3652 -108.69 1.68 14.57
C LEU B 3652 -108.60 2.84 15.57
N ARG B 3653 -107.50 2.82 16.33
CA ARG B 3653 -107.32 3.63 17.52
C ARG B 3653 -107.68 5.09 17.31
N MET B 3654 -108.72 5.54 18.01
CA MET B 3654 -109.02 6.96 18.12
C MET B 3654 -108.41 7.49 19.40
N LYS B 3655 -107.48 8.44 19.27
CA LYS B 3655 -106.79 8.94 20.45
C LYS B 3655 -107.73 9.78 21.29
N LEU B 3656 -107.75 9.50 22.59
CA LEU B 3656 -108.38 10.36 23.59
C LEU B 3656 -107.40 10.79 24.67
N SER B 3657 -106.18 10.28 24.63
CA SER B 3657 -105.12 10.61 25.57
C SER B 3657 -103.81 10.10 24.99
N ASP B 3658 -102.71 10.43 25.67
CA ASP B 3658 -101.39 9.99 25.28
C ASP B 3658 -100.98 8.91 26.29
N PHE B 3659 -101.03 7.66 25.85
CA PHE B 3659 -100.96 6.52 26.76
C PHE B 3659 -99.54 6.11 27.09
N ASN B 3660 -98.59 7.06 27.03
CA ASN B 3660 -97.18 6.72 27.25
C ASN B 3660 -96.96 5.97 28.56
N ASP B 3661 -97.68 6.36 29.62
CA ASP B 3661 -97.48 5.73 30.92
C ASP B 3661 -97.80 4.24 30.89
N ILE B 3662 -98.87 3.84 30.23
CA ILE B 3662 -99.25 2.44 30.15
C ILE B 3662 -98.64 1.71 28.97
N THR B 3663 -98.01 2.43 28.02
CA THR B 3663 -97.20 1.75 27.02
C THR B 3663 -95.81 1.45 27.58
N ASN B 3664 -95.39 2.24 28.57
CA ASN B 3664 -94.06 2.04 29.15
C ASN B 3664 -93.98 0.73 29.94
N MET B 3665 -95.11 0.23 30.44
CA MET B 3665 -95.05 -1.02 31.20
C MET B 3665 -94.79 -2.23 30.31
N LEU B 3666 -95.03 -2.13 29.00
CA LEU B 3666 -94.62 -3.17 28.07
C LEU B 3666 -93.37 -2.79 27.30
N LEU B 3667 -93.04 -1.51 27.20
CA LEU B 3667 -91.67 -1.13 26.85
C LEU B 3667 -90.69 -1.69 27.86
N LEU B 3668 -91.14 -1.87 29.11
CA LEU B 3668 -90.36 -2.59 30.10
C LEU B 3668 -90.39 -4.10 29.87
N LYS B 3669 -91.54 -4.63 29.45
CA LYS B 3669 -91.65 -6.05 29.10
C LYS B 3669 -90.72 -6.39 27.95
N MET B 3670 -90.34 -5.36 27.18
CA MET B 3670 -89.31 -5.54 26.17
C MET B 3670 -88.02 -6.08 26.75
N ASN B 3671 -87.89 -6.08 28.08
CA ASN B 3671 -86.82 -6.84 28.73
C ASN B 3671 -86.91 -8.33 28.40
N LYS B 3672 -88.09 -8.82 28.04
CA LYS B 3672 -88.27 -10.20 27.60
C LYS B 3672 -87.98 -10.27 26.11
N ASP B 3673 -86.71 -10.50 25.78
CA ASP B 3673 -86.29 -10.77 24.41
C ASP B 3673 -86.05 -12.27 24.29
N SER B 3674 -86.92 -12.96 23.56
CA SER B 3674 -86.90 -14.40 23.51
C SER B 3674 -85.63 -14.91 22.85
N LYS B 3675 -85.17 -16.08 23.32
CA LYS B 3675 -83.97 -16.75 22.84
C LYS B 3675 -82.79 -15.79 22.71
N PRO B 3676 -82.28 -15.25 23.81
CA PRO B 3676 -81.13 -14.34 23.73
C PRO B 3676 -79.84 -15.02 23.26
N PRO B 3677 -79.46 -16.19 23.81
CA PRO B 3677 -78.04 -16.57 23.73
C PRO B 3677 -77.52 -16.76 22.31
N GLY B 3678 -78.38 -17.13 21.37
CA GLY B 3678 -77.92 -17.35 20.01
C GLY B 3678 -79.10 -17.48 19.06
N ASN B 3679 -78.77 -17.51 17.78
CA ASN B 3679 -79.75 -17.62 16.70
C ASN B 3679 -79.20 -18.51 15.59
N LEU B 3680 -80.12 -18.97 14.74
CA LEU B 3680 -79.79 -19.77 13.57
C LEU B 3680 -80.72 -19.32 12.45
N LYS B 3681 -80.47 -19.78 11.20
CA LYS B 3681 -81.28 -19.28 10.09
C LYS B 3681 -82.76 -19.58 10.28
N GLU B 3682 -83.08 -20.58 11.12
CA GLU B 3682 -84.38 -21.22 11.09
C GLU B 3682 -85.50 -20.23 11.36
N CYS B 3683 -85.18 -19.09 11.98
CA CYS B 3683 -86.14 -18.00 12.14
C CYS B 3683 -86.68 -17.51 10.81
N SER B 3684 -85.94 -17.73 9.72
CA SER B 3684 -86.33 -17.26 8.40
C SER B 3684 -86.53 -18.46 7.48
N PRO B 3685 -87.76 -18.94 7.33
CA PRO B 3685 -87.98 -20.19 6.58
C PRO B 3685 -87.84 -20.04 5.07
N TRP B 3686 -88.36 -18.97 4.48
CA TRP B 3686 -88.19 -18.78 3.05
C TRP B 3686 -86.71 -18.64 2.70
N MET B 3687 -85.93 -18.08 3.63
CA MET B 3687 -84.49 -18.00 3.58
C MET B 3687 -83.86 -19.40 3.55
N SER B 3688 -84.69 -20.43 3.67
CA SER B 3688 -84.28 -21.83 3.56
C SER B 3688 -85.11 -22.49 2.48
N ASP B 3689 -84.74 -23.72 2.15
CA ASP B 3689 -85.37 -24.46 1.05
C ASP B 3689 -85.41 -23.60 -0.21
N PHE B 3690 -84.30 -22.92 -0.48
CA PHE B 3690 -84.16 -22.01 -1.60
C PHE B 3690 -83.00 -22.38 -2.50
N LYS B 3691 -82.12 -23.28 -2.03
CA LYS B 3691 -80.89 -23.61 -2.75
C LYS B 3691 -81.18 -24.01 -4.18
N VAL B 3692 -82.25 -24.77 -4.41
CA VAL B 3692 -82.70 -25.02 -5.77
C VAL B 3692 -83.41 -23.77 -6.25
N GLU B 3693 -82.70 -22.96 -7.02
CA GLU B 3693 -83.25 -21.67 -7.47
C GLU B 3693 -84.39 -21.92 -8.45
N PHE B 3694 -85.60 -21.59 -8.04
CA PHE B 3694 -86.77 -21.76 -8.91
C PHE B 3694 -86.75 -20.69 -10.00
N LEU B 3695 -86.75 -21.13 -11.25
CA LEU B 3695 -86.52 -20.22 -12.37
C LEU B 3695 -87.78 -19.47 -12.79
N ARG B 3696 -88.27 -18.58 -11.93
CA ARG B 3696 -89.33 -17.64 -12.31
C ARG B 3696 -88.72 -16.25 -12.53
N ASN B 3697 -88.03 -15.74 -11.53
CA ASN B 3697 -87.25 -14.50 -11.65
C ASN B 3697 -86.08 -14.64 -10.68
N GLU B 3698 -84.95 -15.12 -11.21
CA GLU B 3698 -83.80 -15.45 -10.39
C GLU B 3698 -83.19 -14.18 -9.82
N LEU B 3699 -83.20 -14.07 -8.50
CA LEU B 3699 -82.79 -12.84 -7.82
C LEU B 3699 -81.31 -12.58 -8.03
N GLU B 3700 -80.99 -11.37 -8.46
CA GLU B 3700 -79.60 -10.95 -8.58
C GLU B 3700 -79.13 -10.40 -7.24
N ILE B 3701 -77.93 -10.78 -6.83
CA ILE B 3701 -77.35 -10.23 -5.60
C ILE B 3701 -77.17 -8.74 -5.82
N PRO B 3702 -77.82 -7.90 -5.03
CA PRO B 3702 -77.95 -6.48 -5.40
C PRO B 3702 -76.63 -5.75 -5.46
N GLY B 3703 -76.55 -4.78 -6.36
CA GLY B 3703 -75.45 -3.84 -6.39
C GLY B 3703 -74.50 -3.90 -7.58
N GLN B 3704 -74.92 -4.42 -8.73
CA GLN B 3704 -74.02 -4.48 -9.87
C GLN B 3704 -74.08 -3.22 -10.71
N TYR B 3705 -75.28 -2.67 -10.92
CA TYR B 3705 -75.45 -1.56 -11.84
C TYR B 3705 -74.76 -0.31 -11.30
N ASP B 3706 -73.65 0.06 -11.94
CA ASP B 3706 -72.82 1.16 -11.45
C ASP B 3706 -72.44 2.12 -12.57
N GLY B 3707 -73.34 2.32 -13.54
CA GLY B 3707 -73.02 3.21 -14.64
C GLY B 3707 -71.95 2.62 -15.54
N ARG B 3708 -71.17 3.51 -16.13
CA ARG B 3708 -70.07 3.15 -17.04
C ARG B 3708 -70.66 2.39 -18.24
N GLY B 3709 -69.95 1.38 -18.74
CA GLY B 3709 -70.31 0.73 -19.98
C GLY B 3709 -71.61 -0.06 -19.88
N LYS B 3710 -72.00 -0.59 -21.03
CA LYS B 3710 -73.26 -1.33 -21.10
C LYS B 3710 -73.18 -2.60 -20.28
N PRO B 3711 -74.19 -2.91 -19.48
CA PRO B 3711 -74.10 -4.06 -18.57
C PRO B 3711 -74.05 -5.38 -19.32
N LEU B 3712 -73.46 -6.37 -18.66
CA LEU B 3712 -73.44 -7.76 -19.12
C LEU B 3712 -74.04 -8.60 -18.00
N PRO B 3713 -75.38 -8.61 -17.88
CA PRO B 3713 -76.01 -9.35 -16.78
C PRO B 3713 -75.74 -10.83 -16.81
N GLU B 3714 -75.32 -11.38 -17.95
CA GLU B 3714 -74.92 -12.78 -18.02
C GLU B 3714 -73.74 -13.05 -17.11
N TYR B 3715 -73.00 -11.99 -16.77
CA TYR B 3715 -71.87 -12.09 -15.85
C TYR B 3715 -72.18 -11.52 -14.48
N HIS B 3716 -73.28 -10.79 -14.32
CA HIS B 3716 -73.75 -10.45 -12.99
C HIS B 3716 -74.21 -11.70 -12.26
N VAL B 3717 -74.16 -11.65 -10.93
CA VAL B 3717 -74.40 -12.83 -10.13
C VAL B 3717 -75.83 -12.82 -9.63
N ARG B 3718 -76.50 -13.97 -9.81
CA ARG B 3718 -77.79 -14.25 -9.22
C ARG B 3718 -77.58 -15.03 -7.93
N ILE B 3719 -78.41 -14.76 -6.93
CA ILE B 3719 -78.26 -15.45 -5.66
C ILE B 3719 -78.70 -16.89 -5.82
N ALA B 3720 -77.93 -17.81 -5.23
CA ALA B 3720 -78.17 -19.23 -5.39
C ALA B 3720 -78.14 -20.02 -4.09
N GLY B 3721 -77.58 -19.49 -3.02
CA GLY B 3721 -77.45 -20.25 -1.79
C GLY B 3721 -77.43 -19.36 -0.58
N PHE B 3722 -77.96 -19.90 0.51
CA PHE B 3722 -78.09 -19.16 1.77
C PHE B 3722 -77.36 -19.93 2.87
N ASP B 3723 -76.37 -19.28 3.47
CA ASP B 3723 -75.49 -19.96 4.42
C ASP B 3723 -76.21 -20.19 5.74
N GLU B 3724 -75.60 -21.03 6.57
CA GLU B 3724 -76.20 -21.50 7.81
C GLU B 3724 -75.84 -20.65 9.03
N ARG B 3725 -74.73 -19.93 9.00
CA ARG B 3725 -74.33 -19.18 10.17
C ARG B 3725 -74.87 -17.76 10.11
N VAL B 3726 -75.49 -17.32 11.21
CA VAL B 3726 -76.06 -15.99 11.32
C VAL B 3726 -75.59 -15.41 12.66
N THR B 3727 -75.14 -14.17 12.63
CA THR B 3727 -74.52 -13.53 13.78
C THR B 3727 -75.06 -12.12 13.96
N VAL B 3728 -75.09 -11.67 15.22
CA VAL B 3728 -75.55 -10.32 15.53
C VAL B 3728 -74.36 -9.42 15.82
N MET B 3729 -74.40 -8.21 15.26
CA MET B 3729 -73.38 -7.19 15.51
C MET B 3729 -73.86 -6.28 16.63
N ALA B 3730 -73.00 -6.04 17.61
CA ALA B 3730 -73.35 -5.23 18.78
C ALA B 3730 -73.37 -3.76 18.39
N SER B 3731 -74.57 -3.17 18.37
CA SER B 3731 -74.74 -1.76 18.08
C SER B 3731 -76.06 -1.31 18.67
N LEU B 3732 -76.36 -0.02 18.51
CA LEU B 3732 -77.62 0.51 19.01
C LEU B 3732 -78.80 -0.15 18.31
N ARG B 3733 -78.70 -0.37 17.01
CA ARG B 3733 -79.73 -1.09 16.28
C ARG B 3733 -79.58 -2.60 16.40
N ARG B 3734 -78.43 -3.07 16.85
CA ARG B 3734 -78.08 -4.49 16.86
C ARG B 3734 -78.33 -5.11 15.48
N PRO B 3735 -77.62 -4.64 14.45
CA PRO B 3735 -77.88 -5.14 13.09
C PRO B 3735 -77.48 -6.59 12.95
N LYS B 3736 -77.93 -7.20 11.87
CA LYS B 3736 -77.87 -8.65 11.70
C LYS B 3736 -77.10 -8.99 10.44
N ARG B 3737 -76.28 -10.04 10.50
CA ARG B 3737 -75.46 -10.45 9.37
C ARG B 3737 -76.02 -11.69 8.70
N ILE B 3738 -75.95 -11.72 7.36
CA ILE B 3738 -76.30 -12.90 6.58
C ILE B 3738 -75.19 -13.16 5.57
N ILE B 3739 -74.91 -14.44 5.34
CA ILE B 3739 -73.95 -14.90 4.35
C ILE B 3739 -74.73 -15.53 3.21
N ILE B 3740 -74.58 -14.99 2.02
CA ILE B 3740 -75.39 -15.40 0.87
C ILE B 3740 -74.48 -15.90 -0.23
N ARG B 3741 -74.92 -16.96 -0.91
CA ARG B 3741 -74.14 -17.68 -1.90
C ARG B 3741 -74.79 -17.52 -3.26
N GLY B 3742 -74.08 -16.90 -4.20
CA GLY B 3742 -74.59 -16.75 -5.55
C GLY B 3742 -74.18 -17.89 -6.45
N HIS B 3743 -74.48 -17.76 -7.75
CA HIS B 3743 -74.03 -18.78 -8.67
C HIS B 3743 -72.58 -18.49 -9.06
N ASP B 3744 -71.76 -18.28 -8.03
CA ASP B 3744 -70.34 -18.02 -8.15
C ASP B 3744 -69.62 -18.91 -7.16
N GLU B 3745 -68.37 -19.25 -7.45
CA GLU B 3745 -67.59 -20.05 -6.52
C GLU B 3745 -67.43 -19.34 -5.18
N ARG B 3746 -67.23 -18.03 -5.19
CA ARG B 3746 -67.00 -17.28 -3.98
C ARG B 3746 -68.29 -17.09 -3.19
N GLU B 3747 -68.13 -16.69 -1.93
CA GLU B 3747 -69.25 -16.32 -1.08
C GLU B 3747 -69.36 -14.81 -0.99
N HIS B 3748 -70.45 -14.34 -0.40
CA HIS B 3748 -70.63 -12.91 -0.23
C HIS B 3748 -71.35 -12.58 1.08
N PRO B 3749 -70.72 -11.81 1.95
CA PRO B 3749 -71.38 -11.40 3.19
C PRO B 3749 -72.10 -10.06 3.05
N PHE B 3750 -73.11 -9.88 3.90
CA PHE B 3750 -73.88 -8.66 3.93
C PHE B 3750 -74.42 -8.41 5.33
N LEU B 3751 -74.81 -7.16 5.57
CA LEU B 3751 -75.43 -6.74 6.82
C LEU B 3751 -76.83 -6.20 6.52
N VAL B 3752 -77.84 -6.78 7.17
CA VAL B 3752 -79.22 -6.35 6.92
C VAL B 3752 -79.67 -5.36 7.99
N LYS B 3753 -79.56 -4.07 7.67
CA LYS B 3753 -79.93 -3.02 8.61
C LYS B 3753 -81.44 -2.77 8.53
N GLY B 3754 -82.15 -3.14 9.59
CA GLY B 3754 -83.55 -2.79 9.68
C GLY B 3754 -83.74 -1.52 10.50
N GLY B 3755 -84.96 -0.99 10.42
CA GLY B 3755 -85.34 0.17 11.19
C GLY B 3755 -84.61 1.44 10.82
N GLU B 3756 -84.10 1.53 9.60
CA GLU B 3756 -83.42 2.72 9.15
C GLU B 3756 -83.70 2.95 7.67
N ASP B 3757 -83.53 4.20 7.25
CA ASP B 3757 -83.58 4.59 5.85
C ASP B 3757 -82.18 5.08 5.46
N LEU B 3758 -81.68 4.59 4.33
CA LEU B 3758 -80.28 4.76 3.99
C LEU B 3758 -80.05 5.44 2.65
N ARG B 3759 -81.07 6.00 2.00
CA ARG B 3759 -80.85 6.62 0.70
C ARG B 3759 -79.86 7.76 0.77
N GLN B 3760 -79.85 8.52 1.87
CA GLN B 3760 -78.86 9.57 2.02
C GLN B 3760 -77.45 8.99 1.95
N ASP B 3761 -77.23 7.83 2.55
CA ASP B 3761 -75.89 7.25 2.54
C ASP B 3761 -75.58 6.67 1.16
N GLN B 3762 -76.58 6.11 0.50
CA GLN B 3762 -76.40 5.67 -0.88
C GLN B 3762 -75.93 6.83 -1.76
N ARG B 3763 -76.56 7.98 -1.60
CA ARG B 3763 -76.22 9.13 -2.44
C ARG B 3763 -74.86 9.71 -2.08
N VAL B 3764 -74.52 9.73 -0.79
CA VAL B 3764 -73.21 10.25 -0.42
C VAL B 3764 -72.11 9.32 -0.91
N GLU B 3765 -72.37 8.01 -0.94
CA GLU B 3765 -71.40 7.09 -1.54
C GLU B 3765 -71.33 7.29 -3.04
N GLN B 3766 -72.47 7.58 -3.67
CA GLN B 3766 -72.49 7.87 -5.10
C GLN B 3766 -71.58 9.06 -5.41
N LEU B 3767 -71.64 10.10 -4.58
CA LEU B 3767 -70.78 11.26 -4.82
C LEU B 3767 -69.33 10.99 -4.41
N PHE B 3768 -69.11 10.12 -3.42
CA PHE B 3768 -67.76 9.65 -3.16
C PHE B 3768 -67.16 8.96 -4.37
N GLN B 3769 -67.98 8.30 -5.18
CA GLN B 3769 -67.49 7.73 -6.43
C GLN B 3769 -66.90 8.82 -7.32
N VAL B 3770 -67.60 9.94 -7.46
CA VAL B 3770 -67.11 11.03 -8.29
C VAL B 3770 -65.85 11.64 -7.69
N MET B 3771 -65.83 11.80 -6.37
CA MET B 3771 -64.64 12.32 -5.71
C MET B 3771 -63.44 11.41 -5.97
N ASN B 3772 -63.65 10.10 -5.85
CA ASN B 3772 -62.58 9.15 -6.11
C ASN B 3772 -62.10 9.25 -7.56
N GLY B 3773 -63.03 9.40 -8.51
CA GLY B 3773 -62.63 9.53 -9.90
C GLY B 3773 -61.79 10.76 -10.15
N ILE B 3774 -62.22 11.91 -9.62
CA ILE B 3774 -61.49 13.15 -9.86
C ILE B 3774 -60.14 13.11 -9.15
N LEU B 3775 -60.08 12.45 -7.98
CA LEU B 3775 -58.79 12.25 -7.33
C LEU B 3775 -57.86 11.41 -8.20
N ALA B 3776 -58.41 10.36 -8.81
CA ALA B 3776 -57.61 9.51 -9.69
C ALA B 3776 -57.11 10.26 -10.91
N GLN B 3777 -57.92 11.16 -11.48
CA GLN B 3777 -57.49 11.90 -12.66
C GLN B 3777 -56.29 12.79 -12.38
N ASP B 3778 -56.27 13.43 -11.21
CA ASP B 3778 -55.21 14.37 -10.89
C ASP B 3778 -53.85 13.68 -10.83
N SER B 3779 -52.81 14.39 -11.23
CA SER B 3779 -51.47 13.79 -11.28
C SER B 3779 -50.86 13.69 -9.89
N ALA B 3780 -50.69 14.84 -9.22
CA ALA B 3780 -50.00 14.86 -7.94
C ALA B 3780 -50.68 13.97 -6.91
N CYS B 3781 -52.01 13.93 -6.91
CA CYS B 3781 -52.73 13.06 -5.99
C CYS B 3781 -52.49 11.60 -6.32
N SER B 3782 -52.31 11.29 -7.60
CA SER B 3782 -52.27 9.90 -8.04
C SER B 3782 -51.06 9.14 -7.51
N GLN B 3783 -49.87 9.76 -7.56
CA GLN B 3783 -48.67 9.05 -7.14
C GLN B 3783 -48.75 8.61 -5.68
N ARG B 3784 -49.33 9.43 -4.82
CA ARG B 3784 -49.50 9.02 -3.43
C ARG B 3784 -50.64 8.02 -3.25
N ALA B 3785 -51.45 7.80 -4.29
CA ALA B 3785 -52.55 6.83 -4.29
C ALA B 3785 -53.58 7.14 -3.20
N LEU B 3786 -54.28 8.25 -3.40
CA LEU B 3786 -55.38 8.65 -2.52
C LEU B 3786 -56.72 8.12 -3.02
N GLN B 3787 -56.91 6.81 -2.99
CA GLN B 3787 -58.21 6.28 -3.36
C GLN B 3787 -59.06 6.01 -2.13
N LEU B 3788 -60.23 6.63 -2.09
CA LEU B 3788 -61.13 6.45 -0.98
C LEU B 3788 -61.69 5.03 -0.97
N ARG B 3789 -61.85 4.50 0.23
CA ARG B 3789 -62.57 3.24 0.39
C ARG B 3789 -64.07 3.50 0.33
N THR B 3790 -64.78 2.62 -0.38
CA THR B 3790 -66.22 2.79 -0.57
C THR B 3790 -66.87 1.42 -0.39
N TYR B 3791 -67.97 1.39 0.36
CA TYR B 3791 -68.69 0.14 0.60
C TYR B 3791 -70.03 0.22 -0.14
N SER B 3792 -70.28 -0.76 -1.01
CA SER B 3792 -71.50 -0.75 -1.80
C SER B 3792 -72.73 -0.85 -0.91
N VAL B 3793 -73.72 0.00 -1.19
CA VAL B 3793 -74.89 0.15 -0.35
C VAL B 3793 -76.13 0.22 -1.23
N VAL B 3794 -77.17 -0.53 -0.86
CA VAL B 3794 -78.42 -0.55 -1.61
C VAL B 3794 -79.59 -0.53 -0.64
N PRO B 3795 -80.65 0.21 -0.93
CA PRO B 3795 -81.82 0.21 -0.04
C PRO B 3795 -82.86 -0.82 -0.45
N MET B 3796 -83.68 -1.20 0.53
CA MET B 3796 -84.86 -2.03 0.33
C MET B 3796 -86.16 -1.29 0.57
N THR B 3797 -86.34 -0.73 1.77
CA THR B 3797 -87.48 0.13 2.09
C THR B 3797 -86.94 1.34 2.84
N SER B 3798 -87.84 2.12 3.40
CA SER B 3798 -87.41 3.18 4.30
C SER B 3798 -87.03 2.64 5.68
N ARG B 3799 -87.10 1.31 5.87
CA ARG B 3799 -86.77 0.66 7.13
C ARG B 3799 -85.94 -0.60 6.96
N LEU B 3800 -85.71 -1.06 5.75
CA LEU B 3800 -84.95 -2.28 5.51
C LEU B 3800 -83.76 -1.94 4.63
N GLY B 3801 -82.59 -2.44 5.03
CA GLY B 3801 -81.38 -2.12 4.30
C GLY B 3801 -80.51 -3.34 4.17
N LEU B 3802 -79.54 -3.24 3.26
CA LEU B 3802 -78.66 -4.37 2.96
C LEU B 3802 -77.29 -3.79 2.67
N ILE B 3803 -76.39 -3.89 3.64
CA ILE B 3803 -75.08 -3.23 3.57
C ILE B 3803 -74.00 -4.28 3.42
N GLU B 3804 -73.10 -4.06 2.47
CA GLU B 3804 -71.96 -4.94 2.29
C GLU B 3804 -71.00 -4.76 3.46
N TRP B 3805 -70.52 -5.89 3.98
CA TRP B 3805 -69.64 -5.90 5.15
C TRP B 3805 -68.20 -6.14 4.69
N LEU B 3806 -67.32 -5.22 5.04
CA LEU B 3806 -65.89 -5.44 4.82
C LEU B 3806 -65.41 -6.53 5.76
N GLU B 3807 -64.79 -7.56 5.21
CA GLU B 3807 -64.26 -8.64 6.03
C GLU B 3807 -63.01 -8.19 6.76
N ASN B 3808 -62.89 -8.61 8.02
CA ASN B 3808 -61.73 -8.33 8.87
C ASN B 3808 -61.54 -6.81 9.07
N THR B 3809 -62.52 -6.24 9.77
CA THR B 3809 -62.45 -4.84 10.21
C THR B 3809 -62.95 -4.74 11.63
N VAL B 3810 -62.63 -3.61 12.28
CA VAL B 3810 -62.91 -3.41 13.69
C VAL B 3810 -63.28 -1.94 13.90
N THR B 3811 -64.19 -1.70 14.85
CA THR B 3811 -64.52 -0.33 15.19
C THR B 3811 -63.32 0.30 15.90
N LEU B 3812 -63.20 1.62 15.77
CA LEU B 3812 -62.09 2.31 16.43
C LEU B 3812 -62.18 2.18 17.94
N LYS B 3813 -63.39 2.24 18.49
CA LYS B 3813 -63.59 2.12 19.93
C LYS B 3813 -63.19 0.73 20.41
N ASP B 3814 -63.56 -0.31 19.66
CA ASP B 3814 -63.18 -1.67 20.04
C ASP B 3814 -61.66 -1.82 20.06
N LEU B 3815 -60.99 -1.30 19.03
CA LEU B 3815 -59.54 -1.37 18.98
C LEU B 3815 -58.90 -0.62 20.13
N LEU B 3816 -59.42 0.56 20.47
CA LEU B 3816 -58.88 1.33 21.57
C LEU B 3816 -59.06 0.59 22.90
N LEU B 3817 -60.25 0.03 23.12
CA LEU B 3817 -60.53 -0.59 24.41
C LEU B 3817 -59.79 -1.91 24.59
N ASN B 3818 -59.62 -2.70 23.53
CA ASN B 3818 -58.94 -3.97 23.74
C ASN B 3818 -57.43 -3.86 23.83
N THR B 3819 -56.83 -2.70 23.59
CA THR B 3819 -55.39 -2.54 23.74
C THR B 3819 -54.99 -1.97 25.09
N MET B 3820 -55.96 -1.64 25.95
CA MET B 3820 -55.63 -1.11 27.27
C MET B 3820 -55.84 -2.16 28.34
N SER B 3821 -55.30 -1.89 29.52
CA SER B 3821 -55.50 -2.79 30.66
C SER B 3821 -56.92 -2.64 31.20
N GLN B 3822 -57.36 -3.66 31.95
CA GLN B 3822 -58.70 -3.61 32.53
C GLN B 3822 -58.81 -2.50 33.56
N GLU B 3823 -57.73 -2.20 34.29
CA GLU B 3823 -57.73 -1.00 35.12
C GLU B 3823 -57.84 0.26 34.28
N GLU B 3824 -57.19 0.28 33.11
CA GLU B 3824 -57.41 1.37 32.17
C GLU B 3824 -58.81 1.31 31.58
N LYS B 3825 -59.38 0.12 31.41
CA LYS B 3825 -60.81 0.01 31.17
C LYS B 3825 -61.59 0.49 32.39
N ALA B 3826 -61.12 0.12 33.59
CA ALA B 3826 -61.70 0.64 34.82
C ALA B 3826 -61.44 2.13 34.98
N ALA B 3827 -60.47 2.68 34.24
CA ALA B 3827 -60.31 4.12 34.24
C ALA B 3827 -61.48 4.83 33.60
N TYR B 3828 -62.36 4.12 32.91
CA TYR B 3828 -63.60 4.71 32.40
C TYR B 3828 -64.83 4.07 33.01
N LEU B 3829 -64.98 2.75 32.91
CA LEU B 3829 -66.18 2.07 33.38
C LEU B 3829 -66.16 1.83 34.88
N SER B 3830 -65.12 2.29 35.58
CA SER B 3830 -65.09 2.25 37.03
C SER B 3830 -64.72 3.61 37.60
N ASP B 3831 -65.00 4.68 36.86
CA ASP B 3831 -64.78 6.05 37.33
C ASP B 3831 -65.69 6.35 38.51
N PRO B 3832 -65.26 7.22 39.43
CA PRO B 3832 -66.18 7.66 40.49
C PRO B 3832 -67.40 8.37 39.95
N ARG B 3833 -67.32 8.92 38.74
CA ARG B 3833 -68.46 9.55 38.10
C ARG B 3833 -69.27 8.50 37.35
N ALA B 3834 -70.57 8.43 37.65
CA ALA B 3834 -71.46 7.61 36.83
C ALA B 3834 -71.42 8.04 35.37
N PRO B 3835 -71.41 9.32 35.02
CA PRO B 3835 -71.06 9.71 33.65
C PRO B 3835 -69.68 9.22 33.29
N PRO B 3836 -69.47 8.81 32.04
CA PRO B 3836 -68.20 8.17 31.67
C PRO B 3836 -66.99 9.08 31.63
N CYS B 3837 -67.16 10.40 31.63
CA CYS B 3837 -66.01 11.29 31.54
C CYS B 3837 -66.35 12.63 32.20
N GLU B 3838 -65.44 13.59 32.04
CA GLU B 3838 -65.59 14.94 32.60
C GLU B 3838 -66.21 15.90 31.58
N TYR B 3839 -67.42 15.57 31.15
CA TYR B 3839 -68.24 16.48 30.37
C TYR B 3839 -69.60 16.70 31.01
N LYS B 3840 -70.29 15.62 31.37
CA LYS B 3840 -71.56 15.77 32.06
C LYS B 3840 -71.37 16.28 33.48
N ASP B 3841 -70.27 15.90 34.14
CA ASP B 3841 -70.05 16.33 35.51
C ASP B 3841 -69.85 17.83 35.60
N TRP B 3842 -69.20 18.42 34.60
CA TRP B 3842 -69.04 19.88 34.60
C TRP B 3842 -70.31 20.58 34.16
N LEU B 3843 -71.15 19.93 33.35
CA LEU B 3843 -72.48 20.44 33.13
C LEU B 3843 -73.22 20.56 34.46
N THR B 3844 -72.88 19.70 35.42
CA THR B 3844 -73.41 19.83 36.77
C THR B 3844 -72.57 20.78 37.61
N LYS B 3845 -71.29 20.97 37.26
CA LYS B 3845 -70.35 21.66 38.15
C LYS B 3845 -70.70 23.12 38.35
N MET B 3846 -70.90 23.88 37.26
CA MET B 3846 -71.08 25.32 37.39
C MET B 3846 -72.38 25.81 36.79
N SER B 3847 -73.39 24.95 36.67
CA SER B 3847 -74.70 25.41 36.20
C SER B 3847 -75.87 24.83 36.99
N GLY B 3848 -75.62 23.97 37.97
CA GLY B 3848 -76.70 23.36 38.74
C GLY B 3848 -77.37 22.22 37.98
N LYS B 3849 -78.59 22.46 37.52
CA LYS B 3849 -79.34 21.46 36.76
C LYS B 3849 -78.60 21.05 35.49
N HIS B 3850 -78.89 19.85 34.97
CA HIS B 3850 -77.93 19.18 34.10
C HIS B 3850 -78.51 18.52 32.85
N ASP B 3851 -79.48 19.12 32.17
CA ASP B 3851 -80.00 18.55 30.94
C ASP B 3851 -79.87 19.54 29.79
N VAL B 3852 -80.25 19.10 28.59
CA VAL B 3852 -80.23 19.96 27.41
C VAL B 3852 -81.21 21.12 27.56
N GLY B 3853 -82.23 20.96 28.40
CA GLY B 3853 -83.08 22.08 28.76
C GLY B 3853 -82.39 23.13 29.60
N ALA B 3854 -81.18 22.81 30.06
CA ALA B 3854 -80.33 23.78 30.75
C ALA B 3854 -78.89 23.78 30.28
N TYR B 3855 -78.47 22.86 29.42
CA TYR B 3855 -77.06 22.77 29.02
C TYR B 3855 -76.75 23.90 28.05
N MET B 3856 -76.61 25.10 28.60
CA MET B 3856 -75.98 26.22 27.91
C MET B 3856 -74.86 26.81 28.76
N LEU B 3857 -74.18 25.96 29.54
CA LEU B 3857 -73.15 26.39 30.46
C LEU B 3857 -72.04 27.18 29.79
N MET B 3858 -71.69 26.82 28.55
CA MET B 3858 -70.59 27.47 27.87
C MET B 3858 -70.80 28.97 27.74
N TYR B 3859 -72.05 29.40 27.60
CA TYR B 3859 -72.40 30.81 27.73
C TYR B 3859 -71.89 31.36 29.06
N LYS B 3860 -72.16 30.63 30.15
CA LYS B 3860 -71.72 31.04 31.47
C LYS B 3860 -70.29 30.63 31.79
N GLY B 3861 -69.67 29.76 30.98
CA GLY B 3861 -68.24 29.58 31.10
C GLY B 3861 -67.50 30.88 30.85
N ALA B 3862 -67.84 31.56 29.76
CA ALA B 3862 -67.64 33.00 29.59
C ALA B 3862 -66.20 33.42 29.41
N ASN B 3863 -65.25 32.48 29.55
CA ASN B 3863 -63.82 32.77 29.44
C ASN B 3863 -63.09 31.57 28.86
N ARG B 3864 -62.50 31.76 27.67
CA ARG B 3864 -61.53 30.81 27.16
C ARG B 3864 -60.32 30.74 28.08
N THR B 3865 -60.03 31.84 28.77
CA THR B 3865 -58.83 31.96 29.60
C THR B 3865 -58.95 31.25 30.94
N GLU B 3866 -59.94 30.38 31.09
CA GLU B 3866 -60.15 29.65 32.35
C GLU B 3866 -60.29 28.14 32.16
N THR B 3867 -60.78 27.70 31.00
CA THR B 3867 -61.31 26.34 30.90
C THR B 3867 -60.26 25.36 30.40
N VAL B 3868 -59.26 25.84 29.66
CA VAL B 3868 -58.37 24.96 28.90
C VAL B 3868 -57.61 23.99 29.80
N THR B 3869 -57.31 24.41 31.04
CA THR B 3869 -56.58 23.54 31.95
C THR B 3869 -57.34 22.26 32.23
N SER B 3870 -58.66 22.29 32.17
CA SER B 3870 -59.44 21.06 32.30
C SER B 3870 -59.20 20.11 31.14
N PHE B 3871 -59.11 20.67 29.93
CA PHE B 3871 -58.82 19.83 28.78
C PHE B 3871 -57.44 19.20 28.92
N ARG B 3872 -56.46 19.99 29.37
CA ARG B 3872 -55.13 19.42 29.61
C ARG B 3872 -55.18 18.34 30.69
N LYS B 3873 -55.97 18.55 31.74
CA LYS B 3873 -56.01 17.57 32.83
C LYS B 3873 -56.68 16.27 32.37
N ARG B 3874 -57.71 16.37 31.54
CA ARG B 3874 -58.28 15.13 30.98
C ARG B 3874 -57.32 14.46 30.03
N GLU B 3875 -56.55 15.25 29.26
CA GLU B 3875 -55.49 14.68 28.45
C GLU B 3875 -54.50 13.89 29.29
N SER B 3876 -54.14 14.38 30.47
CA SER B 3876 -53.28 13.65 31.39
C SER B 3876 -53.93 12.43 32.01
N LYS B 3877 -55.20 12.51 32.44
CA LYS B 3877 -55.85 11.37 33.05
C LYS B 3877 -55.98 10.20 32.08
N VAL B 3878 -56.38 10.48 30.85
CA VAL B 3878 -56.47 9.40 29.87
C VAL B 3878 -55.07 8.98 29.44
N PRO B 3879 -54.81 7.70 29.16
CA PRO B 3879 -53.44 7.27 28.90
C PRO B 3879 -53.02 7.60 27.48
N ALA B 3880 -51.76 7.97 27.31
CA ALA B 3880 -51.19 8.17 25.99
C ALA B 3880 -50.60 6.86 25.45
N ASP B 3881 -50.20 6.89 24.17
CA ASP B 3881 -49.58 5.75 23.49
C ASP B 3881 -50.54 4.55 23.47
N LEU B 3882 -51.72 4.75 22.90
CA LEU B 3882 -52.69 3.68 22.69
C LEU B 3882 -52.77 3.26 21.23
N LEU B 3883 -53.04 4.22 20.32
CA LEU B 3883 -52.95 3.90 18.90
C LEU B 3883 -51.54 3.43 18.54
N LYS B 3884 -50.53 4.10 19.07
CA LYS B 3884 -49.15 3.63 18.95
C LYS B 3884 -49.01 2.22 19.47
N ARG B 3885 -49.57 1.96 20.65
CA ARG B 3885 -49.47 0.63 21.24
C ARG B 3885 -50.17 -0.41 20.36
N ALA B 3886 -51.38 -0.11 19.90
CA ALA B 3886 -52.10 -1.06 19.06
C ALA B 3886 -51.32 -1.37 17.79
N PHE B 3887 -50.82 -0.33 17.13
CA PHE B 3887 -50.13 -0.53 15.85
C PHE B 3887 -48.82 -1.27 16.02
N VAL B 3888 -48.10 -1.03 17.11
CA VAL B 3888 -46.92 -1.85 17.34
C VAL B 3888 -47.33 -3.27 17.73
N ARG B 3889 -48.55 -3.43 18.28
CA ARG B 3889 -48.98 -4.76 18.69
C ARG B 3889 -49.32 -5.66 17.51
N MET B 3890 -50.07 -5.16 16.51
CA MET B 3890 -50.39 -6.07 15.40
C MET B 3890 -49.19 -6.23 14.47
N SER B 3891 -48.28 -5.27 14.46
CA SER B 3891 -47.11 -5.42 13.61
C SER B 3891 -46.22 -6.54 14.12
N THR B 3892 -45.86 -7.47 13.22
CA THR B 3892 -44.94 -8.53 13.58
C THR B 3892 -43.53 -7.98 13.75
N SER B 3893 -43.10 -7.13 12.83
CA SER B 3893 -41.79 -6.51 12.87
C SER B 3893 -41.93 -5.04 12.53
N PRO B 3894 -41.03 -4.19 13.02
CA PRO B 3894 -41.18 -2.75 12.81
C PRO B 3894 -41.18 -2.32 11.35
N GLU B 3895 -40.62 -3.13 10.45
CA GLU B 3895 -40.67 -2.78 9.03
C GLU B 3895 -42.11 -2.65 8.55
N ALA B 3896 -43.01 -3.49 9.07
CA ALA B 3896 -44.43 -3.32 8.78
C ALA B 3896 -44.99 -2.08 9.46
N PHE B 3897 -44.46 -1.73 10.63
CA PHE B 3897 -45.05 -0.67 11.44
C PHE B 3897 -44.99 0.67 10.73
N LEU B 3898 -43.87 0.99 10.09
CA LEU B 3898 -43.76 2.28 9.43
C LEU B 3898 -44.80 2.44 8.32
N ALA B 3899 -44.88 1.46 7.42
CA ALA B 3899 -45.84 1.53 6.34
C ALA B 3899 -47.27 1.54 6.88
N LEU B 3900 -47.52 0.75 7.92
CA LEU B 3900 -48.87 0.70 8.50
C LEU B 3900 -49.26 2.06 9.07
N ARG B 3901 -48.34 2.69 9.81
CA ARG B 3901 -48.63 4.00 10.40
C ARG B 3901 -48.84 5.05 9.33
N SER B 3902 -47.96 5.07 8.32
CA SER B 3902 -48.12 6.05 7.24
C SER B 3902 -49.44 5.85 6.50
N HIS B 3903 -49.81 4.59 6.25
CA HIS B 3903 -51.05 4.32 5.53
C HIS B 3903 -52.27 4.70 6.36
N PHE B 3904 -52.23 4.41 7.67
CA PHE B 3904 -53.31 4.84 8.55
C PHE B 3904 -53.47 6.35 8.53
N ALA B 3905 -52.35 7.07 8.66
CA ALA B 3905 -52.41 8.53 8.68
C ALA B 3905 -52.98 9.07 7.37
N SER B 3906 -52.47 8.56 6.25
CA SER B 3906 -52.94 9.05 4.95
C SER B 3906 -54.40 8.74 4.74
N SER B 3907 -54.82 7.52 5.08
CA SER B 3907 -56.22 7.15 4.91
C SER B 3907 -57.13 8.03 5.76
N HIS B 3908 -56.78 8.22 7.03
CA HIS B 3908 -57.60 9.06 7.89
C HIS B 3908 -57.67 10.50 7.38
N ALA B 3909 -56.53 11.04 6.93
CA ALA B 3909 -56.53 12.42 6.47
C ALA B 3909 -57.38 12.59 5.21
N LEU B 3910 -57.25 11.66 4.27
CA LEU B 3910 -58.09 11.73 3.08
C LEU B 3910 -59.56 11.57 3.42
N ILE B 3911 -59.88 10.65 4.34
CA ILE B 3911 -61.27 10.44 4.74
C ILE B 3911 -61.85 11.72 5.36
N CYS B 3912 -61.08 12.37 6.23
CA CYS B 3912 -61.61 13.54 6.91
C CYS B 3912 -61.74 14.71 5.94
N ILE B 3913 -60.74 14.93 5.07
CA ILE B 3913 -60.86 16.03 4.13
C ILE B 3913 -62.02 15.78 3.16
N SER B 3914 -62.27 14.52 2.80
CA SER B 3914 -63.43 14.20 1.97
C SER B 3914 -64.72 14.50 2.73
N HIS B 3915 -64.78 14.15 4.01
CA HIS B 3915 -65.94 14.55 4.81
C HIS B 3915 -66.05 16.03 4.98
N TRP B 3916 -65.01 16.81 4.71
CA TRP B 3916 -65.16 18.26 4.87
C TRP B 3916 -65.43 19.00 3.57
N ILE B 3917 -65.03 18.47 2.42
CA ILE B 3917 -65.30 19.16 1.16
C ILE B 3917 -66.80 19.44 1.04
N LEU B 3918 -67.63 18.45 1.31
CA LEU B 3918 -69.00 18.67 1.71
C LEU B 3918 -69.12 18.20 3.14
N GLY B 3919 -69.58 19.08 4.02
CA GLY B 3919 -69.51 18.80 5.44
C GLY B 3919 -70.43 17.67 5.85
N ILE B 3920 -69.93 16.85 6.77
CA ILE B 3920 -70.76 15.92 7.52
C ILE B 3920 -70.28 15.95 8.97
N GLY B 3921 -71.21 16.08 9.90
CA GLY B 3921 -70.87 16.13 11.31
C GLY B 3921 -70.95 14.77 11.95
N ASP B 3922 -71.60 14.72 13.12
CA ASP B 3922 -72.02 13.48 13.80
C ASP B 3922 -71.02 12.34 13.65
N ARG B 3923 -69.73 12.65 13.75
CA ARG B 3923 -68.70 11.63 13.75
C ARG B 3923 -68.52 11.04 15.15
N HIS B 3924 -69.54 10.32 15.62
CA HIS B 3924 -69.37 9.47 16.79
C HIS B 3924 -68.19 8.55 16.54
N LEU B 3925 -67.39 8.33 17.58
CA LEU B 3925 -66.10 7.68 17.39
C LEU B 3925 -66.25 6.31 16.73
N ASN B 3926 -67.44 5.72 16.86
CA ASN B 3926 -67.79 4.50 16.14
C ASN B 3926 -68.08 4.74 14.66
N ASN B 3927 -68.15 5.99 14.21
CA ASN B 3927 -68.35 6.23 12.78
C ASN B 3927 -67.10 5.97 11.94
N PHE B 3928 -65.94 5.75 12.57
CA PHE B 3928 -64.72 5.38 11.86
C PHE B 3928 -64.43 3.90 12.08
N MET B 3929 -64.36 3.13 11.00
CA MET B 3929 -63.90 1.74 11.06
C MET B 3929 -62.44 1.66 10.65
N VAL B 3930 -61.66 0.95 11.44
CA VAL B 3930 -60.30 0.59 11.05
C VAL B 3930 -60.34 -0.81 10.45
N ALA B 3931 -60.06 -0.91 9.14
CA ALA B 3931 -59.88 -2.20 8.50
C ALA B 3931 -58.52 -2.72 8.95
N MET B 3932 -58.52 -3.26 10.17
CA MET B 3932 -57.30 -3.38 10.96
C MET B 3932 -56.18 -4.09 10.20
N GLU B 3933 -56.38 -5.35 9.84
CA GLU B 3933 -55.32 -6.07 9.16
C GLU B 3933 -55.29 -5.77 7.66
N THR B 3934 -55.37 -4.48 7.31
CA THR B 3934 -55.06 -3.98 5.99
C THR B 3934 -54.25 -2.70 6.05
N GLY B 3935 -54.21 -2.04 7.21
CA GLY B 3935 -53.50 -0.79 7.37
C GLY B 3935 -54.36 0.44 7.21
N GLY B 3936 -55.51 0.30 6.55
CA GLY B 3936 -56.34 1.44 6.26
C GLY B 3936 -57.54 1.58 7.18
N VAL B 3937 -58.22 2.72 7.05
CA VAL B 3937 -59.44 2.98 7.79
C VAL B 3937 -60.53 3.41 6.80
N ILE B 3938 -61.77 3.11 7.17
CA ILE B 3938 -62.94 3.50 6.40
C ILE B 3938 -63.90 4.26 7.30
N GLY B 3939 -64.39 5.39 6.81
CA GLY B 3939 -65.40 6.13 7.52
C GLY B 3939 -66.78 5.60 7.16
N ILE B 3940 -67.39 4.84 8.08
CA ILE B 3940 -68.75 4.40 7.86
C ILE B 3940 -69.66 5.58 8.16
N ASP B 3941 -69.98 6.33 7.11
CA ASP B 3941 -70.94 7.42 7.23
C ASP B 3941 -72.30 6.78 7.41
N PHE B 3942 -72.76 6.76 8.66
CA PHE B 3942 -74.18 6.69 8.96
C PHE B 3942 -74.75 8.07 9.25
N GLY B 3943 -73.97 9.11 8.99
CA GLY B 3943 -74.29 10.46 9.43
C GLY B 3943 -75.17 11.22 8.46
N HIS B 3944 -75.09 12.54 8.57
CA HIS B 3944 -76.07 13.44 7.97
C HIS B 3944 -75.34 14.66 7.43
N ALA B 3945 -75.66 15.04 6.19
CA ALA B 3945 -74.75 15.84 5.39
C ALA B 3945 -74.87 17.33 5.68
N PHE B 3946 -73.89 18.09 5.18
CA PHE B 3946 -73.78 19.56 5.22
C PHE B 3946 -74.05 20.05 6.65
N GLY B 3947 -74.68 21.20 6.83
CA GLY B 3947 -74.92 21.77 8.13
C GLY B 3947 -76.11 21.19 8.85
N SER B 3948 -76.74 20.16 8.29
CA SER B 3948 -77.87 19.52 8.94
C SER B 3948 -77.46 18.93 10.28
N ALA B 3949 -76.20 18.52 10.40
CA ALA B 3949 -75.72 18.01 11.69
C ALA B 3949 -75.51 19.14 12.68
N THR B 3950 -74.94 20.27 12.25
CA THR B 3950 -74.60 21.32 13.20
C THR B 3950 -75.81 22.19 13.50
N GLN B 3951 -76.82 22.19 12.63
CA GLN B 3951 -77.93 23.11 12.81
C GLN B 3951 -78.79 22.78 14.03
N PHE B 3952 -78.80 21.53 14.48
CA PHE B 3952 -79.75 21.15 15.53
C PHE B 3952 -79.43 21.79 16.88
N LEU B 3953 -80.49 21.92 17.69
CA LEU B 3953 -80.44 22.68 18.93
C LEU B 3953 -79.54 22.06 20.00
N PRO B 3954 -79.75 20.78 20.44
CA PRO B 3954 -79.20 20.32 21.73
C PRO B 3954 -77.78 20.78 22.01
N VAL B 3955 -76.87 20.46 21.10
CA VAL B 3955 -75.51 20.99 21.15
C VAL B 3955 -75.10 21.40 19.75
N PRO B 3956 -74.62 22.63 19.55
CA PRO B 3956 -74.04 22.96 18.25
C PRO B 3956 -72.73 22.22 18.04
N GLU B 3957 -72.50 21.81 16.80
CA GLU B 3957 -71.29 21.09 16.43
C GLU B 3957 -70.44 21.97 15.52
N LEU B 3958 -69.15 22.06 15.83
CA LEU B 3958 -68.25 22.93 15.10
C LEU B 3958 -67.05 22.19 14.53
N MET B 3959 -67.02 20.86 14.63
CA MET B 3959 -65.80 20.11 14.38
C MET B 3959 -65.79 19.61 12.94
N PRO B 3960 -64.90 20.10 12.07
CA PRO B 3960 -64.81 19.50 10.74
C PRO B 3960 -64.03 18.19 10.72
N PHE B 3961 -62.99 18.08 11.53
CA PHE B 3961 -62.21 16.85 11.60
C PHE B 3961 -62.25 16.30 13.03
N ARG B 3962 -61.97 15.00 13.15
CA ARG B 3962 -61.64 14.42 14.45
C ARG B 3962 -60.14 14.15 14.46
N LEU B 3963 -59.38 15.09 15.00
CA LEU B 3963 -57.93 15.00 15.06
C LEU B 3963 -57.49 15.42 16.46
N THR B 3964 -58.14 14.84 17.47
CA THR B 3964 -58.13 15.45 18.79
C THR B 3964 -56.87 15.16 19.61
N ARG B 3965 -56.69 13.92 20.07
CA ARG B 3965 -55.47 13.62 20.82
C ARG B 3965 -54.69 12.44 20.28
N GLN B 3966 -55.36 11.29 20.13
CA GLN B 3966 -54.62 10.06 19.88
C GLN B 3966 -54.19 9.95 18.43
N PHE B 3967 -54.86 10.68 17.54
CA PHE B 3967 -54.45 10.70 16.14
C PHE B 3967 -53.13 11.46 15.99
N ILE B 3968 -53.03 12.63 16.61
CA ILE B 3968 -51.79 13.39 16.57
C ILE B 3968 -50.73 12.72 17.44
N ASN B 3969 -51.16 11.92 18.41
CA ASN B 3969 -50.20 11.25 19.29
C ASN B 3969 -49.37 10.21 18.57
N LEU B 3970 -49.88 9.64 17.47
CA LEU B 3970 -49.08 8.70 16.69
C LEU B 3970 -47.84 9.36 16.13
N MET B 3971 -47.94 10.63 15.76
CA MET B 3971 -46.82 11.39 15.21
C MET B 3971 -46.06 12.17 16.28
N LEU B 3972 -46.01 11.66 17.51
CA LEU B 3972 -45.47 12.42 18.64
C LEU B 3972 -44.13 13.09 18.36
N PRO B 3973 -43.14 12.45 17.72
CA PRO B 3973 -41.91 13.19 17.38
C PRO B 3973 -42.16 14.40 16.49
N MET B 3974 -43.16 14.32 15.60
CA MET B 3974 -43.46 15.42 14.71
C MET B 3974 -44.64 16.23 15.24
N LYS B 3975 -44.85 17.40 14.64
CA LYS B 3975 -46.09 18.11 14.83
C LYS B 3975 -47.17 17.46 13.96
N GLU B 3976 -48.44 17.81 14.23
CA GLU B 3976 -49.55 17.31 13.44
C GLU B 3976 -49.32 17.46 11.94
N THR B 3977 -48.46 18.38 11.53
CA THR B 3977 -48.16 18.58 10.11
C THR B 3977 -47.49 17.36 9.47
N GLY B 3978 -47.15 16.33 10.23
CA GLY B 3978 -46.49 15.17 9.65
C GLY B 3978 -47.38 14.40 8.70
N LEU B 3979 -47.14 14.60 7.41
CA LEU B 3979 -47.81 13.94 6.30
C LEU B 3979 -49.27 14.39 6.18
N MET B 3980 -49.80 15.01 7.23
CA MET B 3980 -51.18 15.48 7.20
C MET B 3980 -51.28 16.72 6.32
N TYR B 3981 -50.40 17.69 6.56
CA TYR B 3981 -50.38 18.91 5.75
C TYR B 3981 -50.12 18.58 4.29
N SER B 3982 -49.13 17.72 4.02
CA SER B 3982 -48.78 17.39 2.65
C SER B 3982 -49.91 16.65 1.95
N ILE B 3983 -50.57 15.74 2.66
CA ILE B 3983 -51.65 14.99 2.02
C ILE B 3983 -52.85 15.90 1.76
N MET B 3984 -53.16 16.77 2.72
CA MET B 3984 -54.39 17.56 2.63
C MET B 3984 -54.24 18.69 1.62
N VAL B 3985 -53.05 19.27 1.49
CA VAL B 3985 -52.88 20.33 0.50
C VAL B 3985 -53.11 19.78 -0.90
N HIS B 3986 -52.55 18.60 -1.18
CA HIS B 3986 -52.77 17.98 -2.48
C HIS B 3986 -54.23 17.60 -2.68
N ALA B 3987 -54.86 17.02 -1.65
CA ALA B 3987 -56.26 16.64 -1.79
C ALA B 3987 -57.15 17.84 -2.07
N LEU B 3988 -56.96 18.92 -1.32
CA LEU B 3988 -57.79 20.11 -1.52
C LEU B 3988 -57.50 20.77 -2.86
N ARG B 3989 -56.24 20.77 -3.29
CA ARG B 3989 -55.91 21.32 -4.61
C ARG B 3989 -56.58 20.52 -5.71
N ALA B 3990 -56.56 19.19 -5.60
CA ALA B 3990 -57.22 18.35 -6.60
C ALA B 3990 -58.72 18.60 -6.61
N PHE B 3991 -59.33 18.72 -5.42
CA PHE B 3991 -60.75 19.00 -5.33
C PHE B 3991 -61.10 20.36 -5.93
N ARG B 3992 -60.27 21.38 -5.69
CA ARG B 3992 -60.54 22.72 -6.17
C ARG B 3992 -60.10 22.93 -7.62
N SER B 3993 -59.45 21.94 -8.22
CA SER B 3993 -58.93 22.10 -9.58
C SER B 3993 -60.05 22.29 -10.59
N ASP B 3994 -61.23 21.72 -10.32
CA ASP B 3994 -62.40 21.93 -11.18
C ASP B 3994 -63.66 21.75 -10.33
N PRO B 3995 -64.26 22.85 -9.90
CA PRO B 3995 -65.41 22.73 -8.98
C PRO B 3995 -66.63 22.07 -9.60
N GLY B 3996 -66.76 22.16 -10.93
CA GLY B 3996 -68.04 21.85 -11.56
C GLY B 3996 -68.55 20.45 -11.28
N LEU B 3997 -67.67 19.45 -11.40
CA LEU B 3997 -68.10 18.07 -11.25
C LEU B 3997 -68.71 17.81 -9.88
N LEU B 3998 -68.10 18.35 -8.83
CA LEU B 3998 -68.63 18.16 -7.49
C LEU B 3998 -69.82 19.07 -7.20
N THR B 3999 -69.65 20.37 -7.40
CA THR B 3999 -70.73 21.32 -7.11
C THR B 3999 -72.00 20.94 -7.83
N ASN B 4000 -71.88 20.48 -9.08
CA ASN B 4000 -73.06 20.01 -9.80
C ASN B 4000 -73.57 18.70 -9.23
N THR B 4001 -72.65 17.86 -8.72
CA THR B 4001 -73.05 16.58 -8.15
C THR B 4001 -73.90 16.78 -6.90
N MET B 4002 -73.51 17.70 -6.01
CA MET B 4002 -74.33 17.95 -4.84
C MET B 4002 -75.63 18.65 -5.17
N ASP B 4003 -75.81 19.15 -6.40
CA ASP B 4003 -77.08 19.72 -6.78
C ASP B 4003 -78.17 18.66 -6.73
N VAL B 4004 -77.92 17.49 -7.35
CA VAL B 4004 -78.94 16.44 -7.37
C VAL B 4004 -79.12 15.81 -6.01
N PHE B 4005 -78.25 16.14 -5.04
CA PHE B 4005 -78.30 15.44 -3.77
C PHE B 4005 -79.36 16.04 -2.84
N VAL B 4006 -79.49 17.36 -2.85
CA VAL B 4006 -80.44 18.01 -1.93
C VAL B 4006 -81.40 18.91 -2.70
N LYS B 4007 -81.02 19.35 -3.90
CA LYS B 4007 -81.92 20.21 -4.66
C LYS B 4007 -82.97 19.35 -5.35
N GLU B 4008 -83.59 18.46 -4.58
CA GLU B 4008 -84.56 17.47 -5.04
C GLU B 4008 -85.64 17.33 -3.97
N PRO B 4009 -86.84 16.86 -4.35
CA PRO B 4009 -87.82 16.49 -3.32
C PRO B 4009 -87.47 15.19 -2.61
N SER B 4010 -86.34 14.56 -2.93
CA SER B 4010 -85.96 13.31 -2.29
C SER B 4010 -85.78 13.49 -0.79
N PHE B 4011 -85.34 14.67 -0.35
CA PHE B 4011 -85.12 14.95 1.05
C PHE B 4011 -85.95 16.15 1.48
N ASP B 4012 -86.50 16.06 2.68
CA ASP B 4012 -87.41 17.07 3.21
C ASP B 4012 -87.39 16.99 4.73
N TRP B 4013 -88.00 18.00 5.36
CA TRP B 4013 -88.19 17.99 6.80
C TRP B 4013 -88.99 16.75 7.19
N LYS B 4014 -89.82 16.27 6.27
CA LYS B 4014 -90.62 15.07 6.52
C LYS B 4014 -89.73 13.87 6.84
N ASN B 4015 -88.62 13.73 6.11
CA ASN B 4015 -87.76 12.56 6.23
C ASN B 4015 -86.56 12.79 7.13
N PHE B 4016 -85.86 13.91 6.99
CA PHE B 4016 -84.61 14.09 7.71
C PHE B 4016 -84.83 14.27 9.21
N GLU B 4017 -85.92 14.91 9.61
CA GLU B 4017 -86.20 15.06 11.04
C GLU B 4017 -86.18 13.72 11.75
N GLN B 4018 -86.73 12.70 11.11
CA GLN B 4018 -86.75 11.36 11.69
C GLN B 4018 -85.33 10.77 11.75
N LYS B 4019 -84.47 11.17 10.82
CA LYS B 4019 -83.12 10.59 10.74
C LYS B 4019 -82.26 11.00 11.92
N MET B 4020 -82.36 12.26 12.36
CA MET B 4020 -81.57 12.76 13.48
C MET B 4020 -82.03 12.24 14.83
N LEU B 4021 -83.35 12.21 15.07
CA LEU B 4021 -83.85 12.19 16.44
C LEU B 4021 -83.32 11.00 17.23
N LYS B 4022 -83.36 9.81 16.64
CA LYS B 4022 -82.80 8.65 17.34
C LYS B 4022 -81.28 8.71 17.39
N LYS B 4023 -80.62 9.24 16.34
CA LYS B 4023 -79.16 9.32 16.33
C LYS B 4023 -78.63 10.32 17.35
N GLY B 4024 -79.43 11.30 17.76
CA GLY B 4024 -78.99 12.27 18.73
C GLY B 4024 -79.19 11.82 20.16
N GLY B 4025 -80.30 11.15 20.42
CA GLY B 4025 -80.64 10.73 21.78
C GLY B 4025 -81.33 11.78 22.61
N SER B 4026 -80.70 12.94 22.77
CA SER B 4026 -81.33 14.06 23.47
C SER B 4026 -82.41 14.73 22.66
N TRP B 4027 -82.56 14.38 21.39
CA TRP B 4027 -83.56 14.97 20.51
C TRP B 4027 -84.88 14.19 20.50
N ILE B 4028 -84.96 13.06 21.20
CA ILE B 4028 -86.16 12.24 21.14
C ILE B 4028 -87.25 12.80 22.05
N GLN B 4029 -86.91 13.09 23.31
CA GLN B 4029 -87.94 13.45 24.28
C GLN B 4029 -88.51 14.85 24.03
N GLU B 4030 -87.67 15.79 23.61
CA GLU B 4030 -88.12 17.16 23.44
C GLU B 4030 -88.51 17.43 21.99
N ILE B 4031 -89.52 18.27 21.81
CA ILE B 4031 -90.06 18.61 20.50
C ILE B 4031 -90.00 20.12 20.33
N ASN B 4032 -89.28 20.57 19.31
CA ASN B 4032 -89.05 22.00 19.08
C ASN B 4032 -89.25 22.33 17.61
N VAL B 4033 -90.38 21.90 17.03
CA VAL B 4033 -90.64 22.04 15.60
C VAL B 4033 -90.64 23.48 15.11
N ALA B 4034 -90.68 24.46 16.03
CA ALA B 4034 -90.56 25.87 15.68
C ALA B 4034 -89.46 26.08 14.63
N GLU B 4035 -89.77 26.90 13.63
CA GLU B 4035 -89.06 26.86 12.35
C GLU B 4035 -87.55 26.93 12.53
N LYS B 4036 -86.85 26.10 11.76
CA LYS B 4036 -85.39 26.12 11.66
C LYS B 4036 -84.95 26.42 10.23
N ASN B 4037 -85.91 26.62 9.32
CA ASN B 4037 -85.64 26.92 7.92
C ASN B 4037 -84.82 25.83 7.24
N TRP B 4038 -85.39 24.64 7.08
CA TRP B 4038 -84.85 23.68 6.13
C TRP B 4038 -84.85 24.33 4.75
N TYR B 4039 -83.66 24.59 4.23
CA TYR B 4039 -83.60 25.36 2.99
C TYR B 4039 -82.52 24.78 2.08
N PRO B 4040 -82.91 24.26 0.91
CA PRO B 4040 -81.92 23.56 0.07
C PRO B 4040 -80.80 24.44 -0.43
N ARG B 4041 -81.10 25.71 -0.75
CA ARG B 4041 -80.13 26.52 -1.50
C ARG B 4041 -78.91 26.87 -0.65
N GLN B 4042 -79.09 27.17 0.62
CA GLN B 4042 -78.01 27.80 1.38
C GLN B 4042 -76.89 26.81 1.69
N LYS B 4043 -77.26 25.56 2.04
CA LYS B 4043 -76.25 24.56 2.37
C LYS B 4043 -75.38 24.24 1.17
N ILE B 4044 -75.96 24.22 -0.03
CA ILE B 4044 -75.18 23.98 -1.23
C ILE B 4044 -74.43 25.24 -1.64
N CYS B 4045 -74.95 26.43 -1.29
CA CYS B 4045 -74.25 27.66 -1.57
C CYS B 4045 -72.94 27.73 -0.81
N TYR B 4046 -72.98 27.32 0.46
CA TYR B 4046 -71.78 27.23 1.27
C TYR B 4046 -70.76 26.27 0.69
N ALA B 4047 -71.21 25.27 -0.05
CA ALA B 4047 -70.29 24.38 -0.75
C ALA B 4047 -69.44 25.14 -1.76
N LYS B 4048 -70.08 25.88 -2.68
CA LYS B 4048 -69.28 26.61 -3.65
C LYS B 4048 -68.53 27.75 -2.97
N ARG B 4049 -69.07 28.26 -1.86
CA ARG B 4049 -68.36 29.27 -1.09
C ARG B 4049 -67.00 28.74 -0.64
N LYS B 4050 -66.99 27.55 -0.02
CA LYS B 4050 -65.73 27.04 0.50
C LYS B 4050 -64.84 26.47 -0.60
N LEU B 4051 -65.40 25.85 -1.64
CA LEU B 4051 -64.58 25.36 -2.73
C LEU B 4051 -63.96 26.49 -3.53
N ALA B 4052 -64.64 27.62 -3.64
CA ALA B 4052 -64.01 28.79 -4.26
C ALA B 4052 -62.82 29.30 -3.45
N GLY B 4053 -62.70 28.89 -2.20
CA GLY B 4053 -61.64 29.35 -1.32
C GLY B 4053 -62.18 30.39 -0.35
N ALA B 4054 -62.48 29.95 0.88
CA ALA B 4054 -63.07 30.83 1.88
C ALA B 4054 -62.64 30.38 3.27
N ASN B 4055 -62.61 31.33 4.18
CA ASN B 4055 -62.27 31.03 5.57
C ASN B 4055 -63.37 30.18 6.21
N PRO B 4056 -63.03 29.04 6.80
CA PRO B 4056 -64.08 28.19 7.37
C PRO B 4056 -64.87 28.86 8.47
N ALA B 4057 -64.24 29.68 9.30
CA ALA B 4057 -64.94 30.28 10.43
C ALA B 4057 -66.07 31.18 9.95
N VAL B 4058 -65.82 31.94 8.88
CA VAL B 4058 -66.85 32.85 8.36
C VAL B 4058 -68.08 32.08 7.94
N ILE B 4059 -67.89 31.04 7.12
CA ILE B 4059 -69.03 30.29 6.62
C ILE B 4059 -69.73 29.55 7.76
N THR B 4060 -68.96 29.04 8.71
CA THR B 4060 -69.55 28.34 9.84
C THR B 4060 -70.44 29.26 10.67
N CYS B 4061 -69.92 30.43 11.05
CA CYS B 4061 -70.76 31.36 11.78
C CYS B 4061 -71.92 31.85 10.93
N ASP B 4062 -71.78 31.77 9.60
CA ASP B 4062 -72.93 32.05 8.75
C ASP B 4062 -74.03 31.01 8.96
N GLU B 4063 -73.69 29.72 9.06
CA GLU B 4063 -74.78 28.79 9.40
C GLU B 4063 -75.34 29.10 10.77
N LEU B 4064 -74.45 29.36 11.73
CA LEU B 4064 -74.90 29.53 13.11
C LEU B 4064 -75.85 30.71 13.25
N LEU B 4065 -75.53 31.85 12.62
CA LEU B 4065 -76.43 33.00 12.71
C LEU B 4065 -77.69 32.79 11.86
N LEU B 4066 -77.51 32.34 10.60
CA LEU B 4066 -78.63 32.31 9.68
C LEU B 4066 -79.58 31.15 9.96
N GLY B 4067 -79.06 30.02 10.43
CA GLY B 4067 -79.90 28.84 10.56
C GLY B 4067 -80.97 28.91 11.64
N HIS B 4068 -80.77 29.66 12.71
CA HIS B 4068 -81.63 29.52 13.88
C HIS B 4068 -82.66 30.62 14.03
N GLU B 4069 -82.18 31.87 14.14
CA GLU B 4069 -82.94 33.04 14.61
C GLU B 4069 -83.71 32.71 15.90
N LYS B 4070 -83.26 31.67 16.59
CA LYS B 4070 -83.95 31.16 17.76
C LYS B 4070 -83.06 31.11 19.00
N ALA B 4071 -81.86 30.55 18.85
CA ALA B 4071 -81.08 30.10 19.99
C ALA B 4071 -80.75 31.28 20.91
N PRO B 4072 -80.85 31.11 22.23
CA PRO B 4072 -80.46 32.19 23.14
C PRO B 4072 -78.98 32.54 23.07
N ALA B 4073 -78.15 31.69 22.48
CA ALA B 4073 -76.72 31.94 22.37
C ALA B 4073 -76.31 32.00 20.90
N PHE B 4074 -76.04 33.20 20.41
CA PHE B 4074 -75.52 33.36 19.06
C PHE B 4074 -74.07 33.83 19.06
N ARG B 4075 -73.85 34.99 19.68
CA ARG B 4075 -72.59 35.70 19.50
C ARG B 4075 -71.46 35.09 20.32
N ASP B 4076 -71.77 34.44 21.44
CA ASP B 4076 -70.73 33.70 22.15
C ASP B 4076 -70.12 32.63 21.25
N TYR B 4077 -70.97 31.82 20.62
CA TYR B 4077 -70.47 30.78 19.72
C TYR B 4077 -69.78 31.39 18.50
N VAL B 4078 -70.33 32.49 17.98
CA VAL B 4078 -69.69 33.16 16.84
C VAL B 4078 -68.27 33.57 17.19
N ALA B 4079 -68.09 34.25 18.32
CA ALA B 4079 -66.76 34.69 18.73
C ALA B 4079 -65.85 33.50 19.01
N VAL B 4080 -66.40 32.46 19.64
CA VAL B 4080 -65.60 31.27 19.96
C VAL B 4080 -65.07 30.63 18.68
N ALA B 4081 -65.92 30.54 17.66
CA ALA B 4081 -65.48 29.97 16.39
C ALA B 4081 -64.48 30.88 15.67
N ARG B 4082 -64.69 32.20 15.72
CA ARG B 4082 -63.87 33.11 14.93
C ARG B 4082 -62.43 33.19 15.44
N GLY B 4083 -62.17 32.82 16.69
CA GLY B 4083 -60.82 32.70 17.18
C GLY B 4083 -60.26 34.00 17.73
N SER B 4084 -59.19 33.86 18.51
CA SER B 4084 -58.53 35.02 19.10
C SER B 4084 -57.77 35.81 18.06
N LYS B 4085 -57.89 37.14 18.12
CA LYS B 4085 -57.15 38.00 17.20
C LYS B 4085 -55.65 37.90 17.43
N ASP B 4086 -55.23 37.85 18.70
CA ASP B 4086 -53.80 37.91 19.00
C ASP B 4086 -53.07 36.63 18.60
N HIS B 4087 -53.59 35.47 18.99
CA HIS B 4087 -52.80 34.25 18.87
C HIS B 4087 -53.52 33.12 18.15
N ASN B 4088 -54.52 33.42 17.33
CA ASN B 4088 -55.12 32.45 16.42
C ASN B 4088 -55.16 33.07 15.03
N ILE B 4089 -54.37 32.53 14.11
CA ILE B 4089 -54.28 33.12 12.78
C ILE B 4089 -55.56 32.97 11.99
N ARG B 4090 -56.55 32.23 12.52
CA ARG B 4090 -57.89 32.27 11.93
C ARG B 4090 -58.44 33.69 11.93
N ALA B 4091 -58.19 34.44 13.01
CA ALA B 4091 -58.61 35.83 13.10
C ALA B 4091 -57.60 36.79 12.49
N GLN B 4092 -56.55 36.26 11.86
CA GLN B 4092 -55.59 37.07 11.12
C GLN B 4092 -55.79 36.97 9.61
N GLU B 4093 -56.05 35.78 9.11
CA GLU B 4093 -56.29 35.60 7.68
C GLU B 4093 -57.72 35.99 7.35
N PRO B 4094 -57.95 36.99 6.50
CA PRO B 4094 -59.31 37.55 6.36
C PRO B 4094 -60.12 36.98 5.20
N GLU B 4095 -61.44 37.05 5.36
CA GLU B 4095 -62.43 36.85 4.30
C GLU B 4095 -62.26 35.55 3.52
N SER B 4096 -61.81 35.64 2.27
CA SER B 4096 -61.88 34.52 1.35
C SER B 4096 -60.72 34.59 0.36
N GLY B 4097 -60.81 33.76 -0.67
CA GLY B 4097 -59.76 33.71 -1.68
C GLY B 4097 -58.42 33.23 -1.17
N LEU B 4098 -58.40 32.59 -0.01
CA LEU B 4098 -57.14 32.15 0.59
C LEU B 4098 -56.56 30.97 -0.18
N SER B 4099 -55.24 30.94 -0.25
CA SER B 4099 -54.54 29.84 -0.92
C SER B 4099 -54.75 28.53 -0.19
N GLU B 4100 -54.62 27.43 -0.94
CA GLU B 4100 -54.92 26.10 -0.41
C GLU B 4100 -54.08 25.78 0.82
N GLU B 4101 -52.82 26.20 0.83
CA GLU B 4101 -52.00 26.01 2.03
C GLU B 4101 -52.53 26.84 3.19
N THR B 4102 -52.96 28.08 2.93
CA THR B 4102 -53.62 28.84 3.98
C THR B 4102 -54.94 28.20 4.38
N GLN B 4103 -55.67 27.64 3.40
CA GLN B 4103 -56.88 26.89 3.72
C GLN B 4103 -56.59 25.79 4.74
N VAL B 4104 -55.58 24.96 4.45
CA VAL B 4104 -55.33 23.80 5.32
C VAL B 4104 -54.76 24.25 6.65
N LYS B 4105 -53.96 25.33 6.65
CA LYS B 4105 -53.46 25.86 7.92
C LYS B 4105 -54.60 26.35 8.81
N CYS B 4106 -55.52 27.13 8.24
CA CYS B 4106 -56.65 27.61 9.01
C CYS B 4106 -57.53 26.46 9.48
N LEU B 4107 -57.72 25.46 8.61
CA LEU B 4107 -58.52 24.30 9.00
C LEU B 4107 -57.86 23.53 10.13
N MET B 4108 -56.55 23.34 10.06
CA MET B 4108 -55.78 22.72 11.14
C MET B 4108 -55.86 23.52 12.43
N ASP B 4109 -55.93 24.85 12.34
CA ASP B 4109 -56.11 25.66 13.54
C ASP B 4109 -57.32 25.17 14.33
N GLN B 4110 -58.44 24.97 13.64
CA GLN B 4110 -59.61 24.40 14.29
C GLN B 4110 -59.34 22.96 14.71
N ALA B 4111 -58.71 22.17 13.83
CA ALA B 4111 -58.58 20.74 14.05
C ALA B 4111 -57.87 20.39 15.36
N THR B 4112 -57.01 21.27 15.86
CA THR B 4112 -56.39 21.07 17.15
C THR B 4112 -56.49 22.37 17.96
N ASP B 4113 -57.71 22.89 18.06
CA ASP B 4113 -57.96 24.06 18.89
C ASP B 4113 -58.51 23.59 20.23
N PRO B 4114 -57.73 23.66 21.30
CA PRO B 4114 -58.19 23.10 22.58
C PRO B 4114 -59.45 23.74 23.12
N ASN B 4115 -59.67 25.03 22.89
CA ASN B 4115 -60.87 25.68 23.37
C ASN B 4115 -62.12 24.99 22.84
N ILE B 4116 -62.19 24.80 21.52
CA ILE B 4116 -63.40 24.26 20.93
C ILE B 4116 -63.38 22.74 20.92
N LEU B 4117 -62.18 22.15 20.93
CA LEU B 4117 -62.12 20.70 21.04
C LEU B 4117 -62.50 20.21 22.43
N GLY B 4118 -62.33 21.01 23.47
CA GLY B 4118 -62.70 20.58 24.80
C GLY B 4118 -64.15 20.79 25.14
N ARG B 4119 -64.98 21.08 24.15
CA ARG B 4119 -66.36 21.43 24.44
C ARG B 4119 -67.39 20.79 23.51
N THR B 4120 -67.18 19.59 23.00
CA THR B 4120 -68.21 18.91 22.25
C THR B 4120 -68.77 17.72 23.04
N TRP B 4121 -70.02 17.36 22.71
CA TRP B 4121 -70.88 16.51 23.52
C TRP B 4121 -70.33 15.09 23.66
N GLU B 4122 -70.58 14.50 24.83
CA GLU B 4122 -70.15 13.13 25.09
C GLU B 4122 -70.76 12.16 24.09
N GLY B 4123 -69.89 11.37 23.45
CA GLY B 4123 -70.22 10.69 22.24
C GLY B 4123 -69.39 11.12 21.05
N TRP B 4124 -68.81 12.31 21.10
CA TRP B 4124 -67.69 12.66 20.24
C TRP B 4124 -66.44 12.06 20.83
N GLU B 4125 -66.41 11.97 22.16
CA GLU B 4125 -65.23 11.60 22.93
C GLU B 4125 -64.04 12.45 22.49
N PRO B 4126 -64.11 13.77 22.65
CA PRO B 4126 -63.01 14.62 22.16
C PRO B 4126 -61.71 14.44 22.91
N TRP B 4127 -61.75 13.90 24.12
CA TRP B 4127 -60.54 13.74 24.91
C TRP B 4127 -59.64 12.62 24.39
N MET B 4128 -60.20 11.52 23.87
CA MET B 4128 -59.38 10.60 23.08
C MET B 4128 -58.77 11.33 21.90
N ALA C 6 34.58 9.09 -5.50
CA ALA C 6 33.95 7.87 -5.00
C ALA C 6 34.13 6.72 -5.98
N GLY C 7 34.91 6.97 -7.04
CA GLY C 7 35.12 5.99 -8.08
C GLY C 7 35.79 4.72 -7.60
N VAL C 8 36.81 4.85 -6.75
CA VAL C 8 37.58 3.68 -6.31
C VAL C 8 36.68 2.73 -5.52
N ARG C 9 35.95 3.25 -4.54
CA ARG C 9 35.10 2.40 -3.71
C ARG C 9 33.90 1.88 -4.50
N CYS C 10 33.23 2.77 -5.23
CA CYS C 10 32.01 2.40 -5.93
C CYS C 10 32.28 1.42 -7.06
N SER C 11 33.49 1.47 -7.66
CA SER C 11 33.82 0.52 -8.73
C SER C 11 33.78 -0.90 -8.20
N LEU C 12 34.49 -1.17 -7.11
CA LEU C 12 34.46 -2.50 -6.52
C LEU C 12 33.10 -2.83 -5.94
N LEU C 13 32.41 -1.86 -5.35
CA LEU C 13 31.08 -2.11 -4.81
C LEU C 13 30.13 -2.60 -5.90
N ARG C 14 30.13 -1.92 -7.05
CA ARG C 14 29.26 -2.32 -8.15
C ARG C 14 29.72 -3.63 -8.77
N LEU C 15 31.04 -3.81 -8.95
CA LEU C 15 31.55 -5.03 -9.55
C LEU C 15 31.30 -6.25 -8.67
N GLN C 16 31.05 -6.05 -7.37
CA GLN C 16 30.66 -7.15 -6.51
C GLN C 16 29.14 -7.31 -6.43
N GLU C 17 28.40 -6.21 -6.32
CA GLU C 17 26.94 -6.28 -6.21
C GLU C 17 26.31 -6.83 -7.48
N THR C 18 26.81 -6.44 -8.66
CA THR C 18 26.27 -6.94 -9.91
C THR C 18 26.41 -8.46 -10.02
N LEU C 19 27.62 -8.96 -9.80
CA LEU C 19 27.88 -10.40 -9.91
C LEU C 19 27.55 -11.11 -8.60
N SER C 20 26.26 -11.06 -8.26
CA SER C 20 25.76 -11.65 -7.03
C SER C 20 24.86 -12.85 -7.27
N ALA C 21 24.80 -13.37 -8.49
CA ALA C 21 23.94 -14.50 -8.81
C ALA C 21 24.55 -15.31 -9.93
N ALA C 22 24.50 -16.63 -9.80
CA ALA C 22 25.03 -17.52 -10.83
C ALA C 22 23.89 -18.01 -11.71
N ASP C 23 24.24 -18.72 -12.79
CA ASP C 23 23.27 -19.30 -13.70
C ASP C 23 23.71 -20.71 -14.06
N ARG C 24 24.10 -21.47 -13.04
CA ARG C 24 24.72 -22.78 -13.25
C ARG C 24 23.75 -23.73 -13.97
N CYS C 25 24.09 -24.08 -15.19
CA CYS C 25 23.26 -24.95 -16.01
C CYS C 25 24.17 -25.84 -16.87
N GLY C 26 23.58 -26.49 -17.85
CA GLY C 26 24.32 -27.38 -18.73
C GLY C 26 24.79 -26.72 -20.01
N ALA C 27 26.05 -26.33 -20.05
CA ALA C 27 26.64 -25.71 -21.24
C ALA C 27 28.15 -25.86 -21.17
N ALA C 28 28.83 -25.27 -22.15
CA ALA C 28 30.29 -25.35 -22.23
C ALA C 28 30.94 -24.60 -21.07
N LEU C 29 31.51 -25.34 -20.13
CA LEU C 29 32.13 -24.78 -18.93
C LEU C 29 31.18 -23.85 -18.18
N ALA C 30 29.90 -24.23 -18.08
CA ALA C 30 28.89 -23.42 -17.43
C ALA C 30 28.87 -23.55 -15.93
N GLY C 31 29.91 -24.12 -15.32
CA GLY C 31 29.93 -24.28 -13.88
C GLY C 31 31.19 -23.74 -13.22
N HIS C 32 32.04 -23.08 -13.99
CA HIS C 32 33.33 -22.63 -13.47
C HIS C 32 33.65 -21.18 -13.79
N GLN C 33 33.18 -20.68 -14.94
CA GLN C 33 33.70 -19.40 -15.45
C GLN C 33 33.20 -18.22 -14.63
N LEU C 34 31.92 -18.23 -14.25
CA LEU C 34 31.38 -17.12 -13.46
C LEU C 34 32.07 -17.02 -12.11
N ILE C 35 32.33 -18.17 -11.47
CA ILE C 35 33.05 -18.17 -10.21
C ILE C 35 34.50 -17.73 -10.39
N ARG C 36 35.12 -18.09 -11.52
CA ARG C 36 36.46 -17.60 -11.83
C ARG C 36 36.47 -16.08 -11.93
N GLY C 37 35.47 -15.50 -12.60
CA GLY C 37 35.36 -14.06 -12.65
C GLY C 37 35.14 -13.45 -11.28
N LEU C 38 34.30 -14.10 -10.46
CA LEU C 38 34.09 -13.65 -9.09
C LEU C 38 35.41 -13.56 -8.34
N GLY C 39 36.21 -14.63 -8.39
CA GLY C 39 37.49 -14.63 -7.69
C GLY C 39 38.45 -13.60 -8.24
N GLN C 40 38.54 -13.50 -9.58
CA GLN C 40 39.50 -12.59 -10.18
C GLN C 40 39.09 -11.13 -10.05
N GLU C 41 37.83 -10.86 -9.72
CA GLU C 41 37.44 -9.48 -9.45
C GLU C 41 37.52 -9.17 -7.96
N CYS C 42 37.41 -10.20 -7.11
CA CYS C 42 37.57 -9.99 -5.68
C CYS C 42 39.03 -9.74 -5.33
N VAL C 43 39.96 -10.32 -6.08
CA VAL C 43 41.39 -10.20 -5.79
C VAL C 43 41.91 -8.78 -5.91
N LEU C 44 41.23 -7.93 -6.69
CA LEU C 44 41.66 -6.55 -6.88
C LEU C 44 41.62 -5.73 -5.59
N SER C 45 40.89 -6.20 -4.57
CA SER C 45 40.82 -5.50 -3.29
C SER C 45 42.18 -5.56 -2.60
N SER C 46 42.85 -4.41 -2.49
CA SER C 46 44.17 -4.35 -1.89
C SER C 46 44.40 -3.14 -0.99
N SER C 47 43.39 -2.29 -0.77
CA SER C 47 43.52 -1.15 0.12
C SER C 47 42.64 -1.35 1.36
N PRO C 48 42.97 -0.71 2.48
CA PRO C 48 42.17 -0.92 3.70
C PRO C 48 40.70 -0.58 3.54
N ALA C 49 40.38 0.47 2.76
CA ALA C 49 38.97 0.82 2.56
C ALA C 49 38.24 -0.25 1.77
N VAL C 50 38.82 -0.68 0.64
CA VAL C 50 38.17 -1.72 -0.14
C VAL C 50 38.18 -3.04 0.62
N LEU C 51 39.20 -3.28 1.44
CA LEU C 51 39.21 -4.50 2.25
C LEU C 51 38.07 -4.49 3.27
N ALA C 52 37.83 -3.34 3.90
CA ALA C 52 36.69 -3.24 4.81
C ALA C 52 35.37 -3.41 4.07
N LEU C 53 35.23 -2.81 2.89
CA LEU C 53 34.01 -2.97 2.12
C LEU C 53 33.78 -4.42 1.71
N GLN C 54 34.85 -5.12 1.30
CA GLN C 54 34.74 -6.52 0.93
C GLN C 54 34.37 -7.38 2.14
N THR C 55 34.99 -7.11 3.30
CA THR C 55 34.63 -7.85 4.50
C THR C 55 33.19 -7.59 4.93
N SER C 56 32.66 -6.40 4.63
CA SER C 56 31.26 -6.12 4.94
C SER C 56 30.31 -6.83 3.97
N LEU C 57 30.66 -6.83 2.68
CA LEU C 57 29.75 -7.35 1.66
C LEU C 57 29.83 -8.87 1.57
N VAL C 58 31.03 -9.41 1.31
CA VAL C 58 31.21 -10.84 1.14
C VAL C 58 30.83 -11.62 2.39
N PHE C 59 31.12 -11.09 3.57
CA PHE C 59 30.83 -11.78 4.82
C PHE C 59 29.51 -11.31 5.42
N SER C 60 28.56 -10.95 4.57
CA SER C 60 27.19 -10.69 4.99
C SER C 60 26.46 -12.02 5.15
N ARG C 61 25.18 -11.94 5.56
CA ARG C 61 24.35 -13.13 5.66
C ARG C 61 23.24 -13.19 4.64
N ASP C 62 22.81 -12.06 4.09
CA ASP C 62 21.78 -12.07 3.05
C ASP C 62 22.36 -12.20 1.65
N PHE C 63 23.64 -11.89 1.45
CA PHE C 63 24.26 -12.04 0.15
C PHE C 63 25.76 -12.20 0.33
N GLY C 64 26.41 -12.69 -0.72
CA GLY C 64 27.83 -12.96 -0.71
C GLY C 64 28.16 -14.35 -1.21
N LEU C 65 29.45 -14.57 -1.45
CA LEU C 65 29.92 -15.87 -1.90
C LEU C 65 29.65 -16.94 -0.85
N LEU C 66 30.04 -16.67 0.40
CA LEU C 66 29.98 -17.66 1.46
C LEU C 66 28.57 -18.07 1.80
N VAL C 67 27.59 -17.16 1.68
CA VAL C 67 26.21 -17.51 2.01
C VAL C 67 25.70 -18.63 1.12
N PHE C 68 25.85 -18.46 -0.19
CA PHE C 68 25.39 -19.51 -1.09
C PHE C 68 26.33 -20.69 -1.14
N VAL C 69 27.60 -20.50 -0.77
CA VAL C 69 28.48 -21.66 -0.57
C VAL C 69 27.95 -22.54 0.54
N ARG C 70 27.52 -21.93 1.64
CA ARG C 70 26.90 -22.65 2.75
C ARG C 70 25.47 -23.10 2.44
N LYS C 71 24.85 -22.55 1.39
CA LYS C 71 23.51 -22.96 1.01
C LYS C 71 23.44 -23.86 -0.21
N SER C 72 24.45 -23.88 -1.07
CA SER C 72 24.47 -24.80 -2.20
C SER C 72 24.88 -26.18 -1.71
N LEU C 73 23.92 -27.10 -1.61
CA LEU C 73 24.17 -28.45 -1.12
C LEU C 73 24.00 -29.54 -2.16
N ASN C 74 23.17 -29.34 -3.18
CA ASN C 74 23.21 -30.20 -4.36
C ASN C 74 24.44 -29.79 -5.17
N SER C 75 25.62 -30.10 -4.63
CA SER C 75 26.85 -29.39 -4.96
C SER C 75 27.84 -30.24 -5.73
N ILE C 76 27.38 -31.07 -6.66
CA ILE C 76 28.29 -31.87 -7.48
C ILE C 76 29.09 -30.93 -8.39
N GLU C 77 28.39 -30.08 -9.13
CA GLU C 77 29.06 -29.08 -9.96
C GLU C 77 29.43 -27.83 -9.16
N PHE C 78 29.02 -27.75 -7.90
CA PHE C 78 29.46 -26.69 -7.01
C PHE C 78 30.81 -27.00 -6.36
N ARG C 79 31.34 -28.20 -6.57
CA ARG C 79 32.69 -28.49 -6.09
C ARG C 79 33.72 -27.60 -6.76
N GLU C 80 33.50 -27.25 -8.04
CA GLU C 80 34.38 -26.28 -8.69
C GLU C 80 34.22 -24.89 -8.08
N CYS C 81 33.00 -24.54 -7.67
CA CYS C 81 32.79 -23.26 -6.99
C CYS C 81 33.57 -23.20 -5.68
N ARG C 82 33.54 -24.29 -4.90
CA ARG C 82 34.38 -24.34 -3.70
C ARG C 82 35.86 -24.30 -4.06
N GLU C 83 36.24 -25.08 -5.08
CA GLU C 83 37.61 -25.16 -5.58
C GLU C 83 38.17 -23.78 -5.85
N GLU C 84 37.34 -22.89 -6.39
CA GLU C 84 37.76 -21.53 -6.66
C GLU C 84 37.71 -20.67 -5.39
N ILE C 85 36.53 -20.60 -4.75
CA ILE C 85 36.29 -19.60 -3.71
C ILE C 85 37.13 -19.89 -2.46
N LEU C 86 37.14 -21.15 -2.01
CA LEU C 86 37.92 -21.48 -0.81
C LEU C 86 39.41 -21.35 -1.05
N LYS C 87 39.91 -21.78 -2.20
CA LYS C 87 41.32 -21.63 -2.51
C LYS C 87 41.73 -20.17 -2.69
N PHE C 88 40.78 -19.30 -3.04
CA PHE C 88 41.08 -17.87 -3.08
C PHE C 88 41.06 -17.25 -1.69
N LEU C 89 40.00 -17.54 -0.93
CA LEU C 89 39.85 -16.95 0.39
C LEU C 89 40.92 -17.45 1.35
N CYS C 90 41.47 -18.64 1.09
CA CYS C 90 42.56 -19.15 1.91
C CYS C 90 43.77 -18.22 1.88
N ILE C 91 44.20 -17.84 0.68
CA ILE C 91 45.29 -16.87 0.55
C ILE C 91 44.82 -15.48 0.96
N PHE C 92 43.53 -15.18 0.75
CA PHE C 92 43.01 -13.85 1.03
C PHE C 92 43.00 -13.55 2.51
N LEU C 93 42.82 -14.57 3.36
CA LEU C 93 42.64 -14.37 4.79
C LEU C 93 43.92 -13.95 5.50
N GLU C 94 45.09 -14.23 4.94
CA GLU C 94 46.35 -13.80 5.53
C GLU C 94 47.20 -12.92 4.62
N LYS C 95 46.90 -12.86 3.33
CA LYS C 95 47.56 -11.87 2.49
C LYS C 95 47.17 -10.45 2.92
N MET C 96 45.88 -10.23 3.20
CA MET C 96 45.37 -8.98 3.77
C MET C 96 44.25 -9.39 4.73
N GLY C 97 44.57 -9.48 6.01
CA GLY C 97 43.61 -9.96 6.98
C GLY C 97 43.50 -9.14 8.25
N GLN C 98 44.06 -7.93 8.22
CA GLN C 98 43.98 -7.05 9.40
C GLN C 98 42.53 -6.67 9.70
N LYS C 99 41.74 -6.39 8.66
CA LYS C 99 40.37 -5.93 8.88
C LYS C 99 39.47 -7.03 9.42
N ILE C 100 39.63 -8.26 8.94
CA ILE C 100 38.66 -9.30 9.25
C ILE C 100 38.99 -9.98 10.57
N ALA C 101 38.60 -9.35 11.67
CA ALA C 101 38.48 -9.98 12.98
C ALA C 101 37.13 -10.68 13.20
N PRO C 102 36.00 -10.01 12.96
CA PRO C 102 34.74 -10.45 13.59
C PRO C 102 34.08 -11.69 12.99
N TYR C 103 34.45 -12.13 11.79
CA TYR C 103 33.66 -13.13 11.08
C TYR C 103 34.36 -14.46 10.87
N SER C 104 35.42 -14.76 11.64
CA SER C 104 36.03 -16.07 11.56
C SER C 104 35.08 -17.18 12.05
N VAL C 105 34.18 -16.85 12.97
CA VAL C 105 33.17 -17.83 13.40
C VAL C 105 32.24 -18.16 12.25
N GLU C 106 31.81 -17.15 11.48
CA GLU C 106 31.01 -17.42 10.29
C GLU C 106 31.79 -18.20 9.25
N ILE C 107 33.10 -17.98 9.14
CA ILE C 107 33.92 -18.78 8.23
C ILE C 107 33.93 -20.25 8.67
N LYS C 108 34.05 -20.48 9.98
CA LYS C 108 34.01 -21.84 10.50
C LYS C 108 32.65 -22.47 10.23
N ASN C 109 31.58 -21.70 10.35
CA ASN C 109 30.27 -22.19 9.95
C ASN C 109 30.22 -22.50 8.46
N THR C 110 30.92 -21.69 7.65
CA THR C 110 30.87 -21.83 6.21
C THR C 110 31.54 -23.13 5.74
N CYS C 111 32.67 -23.60 6.28
CA CYS C 111 33.28 -24.82 5.70
C CYS C 111 32.36 -26.06 5.79
N THR C 112 32.47 -26.99 4.84
CA THR C 112 31.56 -28.15 4.73
C THR C 112 32.13 -29.25 3.83
N SER C 113 31.56 -30.45 3.87
CA SER C 113 32.20 -31.67 3.39
C SER C 113 31.23 -32.77 2.91
N VAL C 114 31.15 -33.00 1.59
CA VAL C 114 30.70 -34.28 0.99
C VAL C 114 31.49 -34.53 -0.29
N TYR C 115 31.90 -35.76 -0.60
CA TYR C 115 32.71 -36.12 -1.78
C TYR C 115 32.67 -37.62 -2.14
N THR C 116 33.02 -37.99 -3.40
CA THR C 116 33.27 -39.40 -3.80
C THR C 116 34.48 -39.95 -3.04
N LYS C 117 34.51 -41.23 -2.63
CA LYS C 117 35.58 -41.75 -1.75
C LYS C 117 36.95 -41.89 -2.41
N ASP C 118 37.03 -41.79 -3.74
CA ASP C 118 38.20 -42.17 -4.55
C ASP C 118 39.39 -41.18 -4.52
N ARG C 119 40.37 -41.46 -5.39
CA ARG C 119 41.70 -40.85 -5.58
C ARG C 119 41.76 -39.34 -5.38
N ALA C 120 40.77 -38.64 -5.92
CA ALA C 120 40.62 -37.18 -5.81
C ALA C 120 39.14 -36.70 -5.85
N ALA C 121 38.94 -35.51 -5.29
CA ALA C 121 37.86 -34.55 -5.58
C ALA C 121 38.45 -33.18 -5.26
N LYS C 122 38.18 -32.16 -6.09
CA LYS C 122 39.02 -30.97 -6.13
C LYS C 122 38.94 -30.04 -4.90
N CYS C 123 37.99 -30.25 -3.97
CA CYS C 123 37.92 -29.45 -2.75
C CYS C 123 38.49 -30.17 -1.53
N LYS C 124 39.18 -31.30 -1.73
CA LYS C 124 39.71 -32.03 -0.59
C LYS C 124 41.01 -31.42 -0.08
N ILE C 125 41.63 -30.51 -0.81
CA ILE C 125 42.78 -29.77 -0.31
C ILE C 125 42.33 -28.72 0.70
N PRO C 126 41.48 -27.74 0.34
CA PRO C 126 41.22 -26.63 1.26
C PRO C 126 40.13 -26.86 2.29
N ALA C 127 39.41 -27.98 2.21
CA ALA C 127 38.23 -28.19 3.04
C ALA C 127 38.51 -27.98 4.52
N LEU C 128 39.63 -28.52 5.01
CA LEU C 128 40.09 -28.24 6.36
C LEU C 128 41.31 -27.31 6.38
N ASP C 129 41.91 -27.01 5.22
CA ASP C 129 42.99 -26.05 5.20
C ASP C 129 42.49 -24.65 5.52
N LEU C 130 41.22 -24.36 5.23
CA LEU C 130 40.65 -23.09 5.69
C LEU C 130 40.62 -23.01 7.21
N LEU C 131 40.26 -24.10 7.88
CA LEU C 131 40.34 -24.14 9.34
C LEU C 131 41.79 -24.11 9.82
N ILE C 132 42.72 -24.65 9.03
CA ILE C 132 44.13 -24.53 9.37
C ILE C 132 44.57 -23.06 9.31
N LYS C 133 44.09 -22.34 8.30
CA LYS C 133 44.36 -20.90 8.24
C LYS C 133 43.70 -20.17 9.41
N LEU C 134 42.52 -20.63 9.84
CA LEU C 134 41.92 -20.08 11.05
C LEU C 134 42.81 -20.33 12.27
N LEU C 135 43.40 -21.52 12.36
CA LEU C 135 44.36 -21.82 13.41
C LEU C 135 45.53 -20.85 13.38
N GLN C 136 46.05 -20.60 12.18
CA GLN C 136 47.24 -19.76 12.04
C GLN C 136 46.94 -18.29 12.34
N THR C 137 45.81 -17.81 11.81
CA THR C 137 45.37 -16.42 11.88
C THR C 137 44.97 -16.02 13.30
N PHE C 138 44.17 -16.85 13.99
CA PHE C 138 43.55 -16.48 15.27
C PHE C 138 44.08 -17.16 16.53
N ARG C 139 45.10 -18.03 16.44
CA ARG C 139 46.08 -18.30 17.51
C ARG C 139 45.46 -18.46 18.92
N SER C 140 45.88 -17.66 19.90
CA SER C 140 45.38 -17.70 21.29
C SER C 140 44.09 -16.88 21.57
N SER C 141 43.53 -16.21 20.56
CA SER C 141 42.46 -15.20 20.74
C SER C 141 41.10 -15.81 21.09
N ARG C 142 40.11 -14.98 21.46
CA ARG C 142 38.80 -15.48 21.84
C ARG C 142 38.04 -16.09 20.67
N LEU C 143 38.48 -15.86 19.44
CA LEU C 143 37.90 -16.53 18.29
C LEU C 143 38.00 -18.05 18.40
N MET C 144 38.87 -18.55 19.28
CA MET C 144 39.00 -19.98 19.50
C MET C 144 38.77 -20.29 20.98
N ASP C 145 38.82 -21.58 21.32
CA ASP C 145 38.59 -22.08 22.67
C ASP C 145 37.14 -21.87 23.12
N GLU C 146 36.32 -21.29 22.26
CA GLU C 146 34.92 -21.00 22.58
C GLU C 146 33.94 -21.68 21.65
N PHE C 147 34.17 -21.60 20.33
CA PHE C 147 33.13 -21.84 19.34
C PHE C 147 33.11 -23.30 18.91
N LYS C 148 32.42 -24.12 19.71
CA LYS C 148 31.98 -25.46 19.31
C LYS C 148 33.12 -26.32 18.78
N ILE C 149 34.21 -26.38 19.54
CA ILE C 149 35.28 -27.33 19.21
C ILE C 149 34.81 -28.76 19.45
N GLY C 150 33.72 -28.93 20.21
CA GLY C 150 33.14 -30.23 20.43
C GLY C 150 32.61 -30.90 19.17
N GLU C 151 31.95 -30.13 18.29
CA GLU C 151 31.50 -30.70 17.03
C GLU C 151 32.67 -31.22 16.21
N LEU C 152 33.78 -30.49 16.18
CA LEU C 152 34.96 -30.94 15.45
C LEU C 152 35.57 -32.17 16.08
N PHE C 153 35.79 -32.19 17.40
CA PHE C 153 36.41 -33.37 17.95
C PHE C 153 35.45 -34.55 17.98
N SER C 154 34.17 -34.35 17.72
CA SER C 154 33.30 -35.52 17.54
C SER C 154 33.44 -36.03 16.11
N LYS C 155 33.14 -35.16 15.13
CA LYS C 155 33.04 -35.61 13.75
C LYS C 155 34.40 -36.06 13.21
N PHE C 156 35.47 -35.28 13.47
CA PHE C 156 36.77 -35.62 12.92
C PHE C 156 37.45 -36.76 13.67
N TYR C 157 37.16 -36.91 14.97
CA TYR C 157 37.57 -38.12 15.67
C TYR C 157 36.90 -39.34 15.05
N GLY C 158 35.62 -39.21 14.67
CA GLY C 158 34.99 -40.25 13.89
C GLY C 158 35.68 -40.45 12.55
N GLU C 159 36.22 -39.36 11.97
CA GLU C 159 36.95 -39.48 10.72
C GLU C 159 38.25 -40.27 10.90
N LEU C 160 38.95 -40.07 12.02
CA LEU C 160 40.18 -40.83 12.25
C LEU C 160 39.88 -42.30 12.53
N ALA C 161 38.81 -42.56 13.30
CA ALA C 161 38.40 -43.95 13.55
C ALA C 161 37.90 -44.63 12.30
N LEU C 162 37.65 -43.88 11.22
CA LEU C 162 37.28 -44.48 9.95
C LEU C 162 38.42 -45.33 9.39
N LYS C 163 39.64 -45.08 9.84
CA LYS C 163 40.81 -45.89 9.50
C LYS C 163 41.11 -45.91 8.01
N LYS C 164 41.48 -44.76 7.46
CA LYS C 164 42.04 -44.65 6.10
C LYS C 164 41.06 -45.11 5.03
N LYS C 165 39.78 -44.76 5.18
CA LYS C 165 38.82 -44.93 4.09
C LYS C 165 38.63 -43.63 3.31
N ILE C 166 39.68 -42.81 3.28
CA ILE C 166 39.66 -41.50 2.65
C ILE C 166 40.95 -41.34 1.83
N PRO C 167 40.97 -40.51 0.79
CA PRO C 167 42.21 -40.33 0.03
C PRO C 167 43.24 -39.51 0.80
N ASP C 168 44.35 -39.24 0.10
CA ASP C 168 45.53 -38.62 0.70
C ASP C 168 45.27 -37.21 1.20
N THR C 169 44.66 -36.38 0.35
CA THR C 169 44.63 -34.93 0.58
C THR C 169 43.82 -34.56 1.82
N VAL C 170 42.75 -35.30 2.10
CA VAL C 170 41.96 -35.01 3.29
C VAL C 170 42.54 -35.71 4.52
N LEU C 171 43.25 -36.82 4.30
CA LEU C 171 43.83 -37.56 5.43
C LEU C 171 44.99 -36.78 6.06
N GLU C 172 45.84 -36.19 5.21
CA GLU C 172 46.83 -35.23 5.73
C GLU C 172 46.17 -34.17 6.60
N LYS C 173 45.11 -33.55 6.09
CA LYS C 173 44.49 -32.43 6.79
C LYS C 173 43.84 -32.90 8.09
N VAL C 174 43.29 -34.11 8.09
CA VAL C 174 42.67 -34.64 9.30
C VAL C 174 43.71 -34.84 10.38
N TYR C 175 44.83 -35.50 10.03
CA TYR C 175 45.89 -35.67 11.02
C TYR C 175 46.42 -34.34 11.52
N GLU C 176 46.67 -33.40 10.60
CA GLU C 176 47.23 -32.11 10.99
C GLU C 176 46.28 -31.34 11.90
N LEU C 177 45.00 -31.29 11.52
CA LEU C 177 44.04 -30.51 12.29
C LEU C 177 43.76 -31.16 13.63
N LEU C 178 43.78 -32.49 13.71
CA LEU C 178 43.66 -33.13 15.02
C LEU C 178 44.85 -32.78 15.90
N GLY C 179 46.06 -32.80 15.35
CA GLY C 179 47.23 -32.43 16.12
C GLY C 179 47.17 -31.01 16.64
N LEU C 180 46.74 -30.08 15.78
CA LEU C 180 46.65 -28.69 16.20
C LEU C 180 45.51 -28.45 17.18
N LEU C 181 44.38 -29.13 16.99
CA LEU C 181 43.29 -29.05 17.97
C LEU C 181 43.73 -29.65 19.30
N GLY C 182 44.71 -30.56 19.28
CA GLY C 182 45.34 -30.98 20.50
C GLY C 182 46.11 -29.88 21.21
N GLU C 183 46.35 -28.75 20.54
CA GLU C 183 47.02 -27.63 21.18
C GLU C 183 46.05 -26.65 21.82
N VAL C 184 44.82 -26.57 21.33
CA VAL C 184 43.83 -25.70 21.97
C VAL C 184 43.31 -26.42 23.21
N HIS C 185 43.98 -26.19 24.32
CA HIS C 185 43.77 -26.78 25.64
C HIS C 185 42.39 -26.54 26.24
N PRO C 186 41.86 -25.31 26.23
CA PRO C 186 40.74 -24.98 27.14
C PRO C 186 39.50 -25.83 26.93
N SER C 187 38.89 -26.21 28.05
CA SER C 187 37.51 -26.63 28.21
C SER C 187 37.17 -28.03 27.72
N GLU C 188 38.04 -28.70 26.95
CA GLU C 188 37.64 -29.99 26.40
C GLU C 188 38.83 -30.94 26.24
N MET C 189 38.52 -32.22 26.36
CA MET C 189 39.21 -33.41 25.84
C MET C 189 40.62 -33.61 26.39
N ILE C 190 40.87 -33.31 27.66
CA ILE C 190 42.12 -33.72 28.29
C ILE C 190 42.18 -35.24 28.39
N ASN C 191 41.03 -35.91 28.45
CA ASN C 191 41.00 -37.36 28.61
C ASN C 191 41.14 -38.09 27.27
N ASN C 192 40.69 -37.48 26.19
CA ASN C 192 40.75 -38.12 24.88
C ASN C 192 42.08 -37.88 24.17
N ALA C 193 42.94 -37.02 24.74
CA ALA C 193 44.18 -36.67 24.07
C ALA C 193 45.13 -37.86 23.97
N GLU C 194 44.98 -38.85 24.85
CA GLU C 194 45.91 -39.97 24.88
C GLU C 194 45.75 -40.90 23.68
N ASN C 195 44.61 -40.86 22.99
CA ASN C 195 44.38 -41.77 21.88
C ASN C 195 45.27 -41.46 20.67
N LEU C 196 45.83 -40.27 20.60
CA LEU C 196 46.60 -39.88 19.42
C LEU C 196 47.81 -40.79 19.23
N PHE C 197 48.54 -41.06 20.31
CA PHE C 197 49.68 -41.97 20.25
C PHE C 197 49.28 -43.36 19.77
N ARG C 198 48.07 -43.82 20.11
CA ARG C 198 47.65 -45.18 19.80
C ARG C 198 47.82 -45.47 18.31
N ALA C 199 47.54 -44.49 17.46
CA ALA C 199 47.82 -44.63 16.04
C ALA C 199 49.21 -44.11 15.70
N PHE C 200 49.54 -42.91 16.16
CA PHE C 200 50.75 -42.19 15.73
C PHE C 200 52.04 -42.94 16.08
N LEU C 201 51.94 -44.01 16.87
CA LEU C 201 53.12 -44.79 17.20
C LEU C 201 53.43 -45.80 16.10
N GLY C 202 52.40 -46.43 15.52
CA GLY C 202 52.63 -47.40 14.47
C GLY C 202 52.49 -46.85 13.07
N GLU C 203 51.61 -45.87 12.87
CA GLU C 203 51.31 -45.41 11.52
C GLU C 203 52.47 -44.60 10.93
N LEU C 204 53.19 -43.86 11.77
CA LEU C 204 54.33 -43.10 11.27
C LEU C 204 55.45 -44.04 10.82
N LYS C 205 55.66 -45.13 11.56
CA LYS C 205 56.57 -46.18 11.10
C LYS C 205 56.04 -46.83 9.83
N THR C 206 54.72 -46.99 9.72
CA THR C 206 54.11 -47.59 8.55
C THR C 206 54.37 -46.77 7.29
N GLN C 207 54.26 -45.45 7.40
CA GLN C 207 54.25 -44.59 6.22
C GLN C 207 55.61 -44.52 5.50
N MET C 208 56.70 -44.39 6.24
CA MET C 208 57.93 -43.81 5.70
C MET C 208 58.92 -44.89 5.29
N THR C 209 59.34 -45.77 6.19
CA THR C 209 60.43 -46.68 5.84
C THR C 209 59.99 -48.13 5.74
N SER C 210 58.85 -48.50 6.32
CA SER C 210 58.24 -49.79 6.02
C SER C 210 57.52 -49.64 4.69
N ALA C 211 58.15 -50.13 3.63
CA ALA C 211 57.79 -49.84 2.25
C ALA C 211 56.44 -50.43 1.84
N VAL C 212 55.66 -50.98 2.76
CA VAL C 212 54.35 -51.54 2.46
C VAL C 212 53.51 -50.51 1.70
N ARG C 213 53.64 -49.25 2.07
CA ARG C 213 53.07 -48.15 1.30
C ARG C 213 54.12 -47.07 1.17
N GLU C 214 54.27 -46.52 -0.04
CA GLU C 214 55.39 -45.63 -0.36
C GLU C 214 55.44 -44.41 0.53
N PRO C 215 56.63 -43.93 0.90
CA PRO C 215 56.73 -42.73 1.73
C PRO C 215 56.39 -41.47 0.96
N LYS C 216 55.18 -41.40 0.40
CA LYS C 216 54.76 -40.21 -0.31
C LYS C 216 54.50 -39.07 0.68
N LEU C 217 54.76 -37.85 0.21
CA LEU C 217 54.94 -36.73 1.14
C LEU C 217 53.69 -36.41 1.96
N PRO C 218 52.51 -36.24 1.39
CA PRO C 218 51.39 -35.68 2.18
C PRO C 218 51.00 -36.50 3.40
N VAL C 219 50.94 -37.83 3.29
CA VAL C 219 50.57 -38.63 4.45
C VAL C 219 51.61 -38.49 5.55
N LEU C 220 52.89 -38.51 5.16
CA LEU C 220 53.97 -38.33 6.13
C LEU C 220 53.87 -36.97 6.82
N ALA C 221 53.65 -35.91 6.04
CA ALA C 221 53.58 -34.57 6.61
C ALA C 221 52.40 -34.44 7.56
N GLY C 222 51.24 -34.98 7.17
CA GLY C 222 50.09 -34.92 8.05
C GLY C 222 50.29 -35.70 9.34
N CYS C 223 50.82 -36.92 9.23
CA CYS C 223 51.04 -37.74 10.41
C CYS C 223 52.04 -37.09 11.36
N LEU C 224 53.11 -36.52 10.81
CA LEU C 224 54.09 -35.83 11.65
C LEU C 224 53.49 -34.60 12.31
N LYS C 225 52.73 -33.80 11.54
CA LYS C 225 52.19 -32.56 12.10
C LYS C 225 51.21 -32.87 13.21
N GLY C 226 50.38 -33.90 13.03
CA GLY C 226 49.48 -34.34 14.07
C GLY C 226 50.21 -34.87 15.29
N LEU C 227 51.23 -35.70 15.05
CA LEU C 227 52.01 -36.27 16.15
C LEU C 227 52.78 -35.19 16.90
N SER C 228 53.20 -34.13 16.20
CA SER C 228 54.03 -33.11 16.81
C SER C 228 53.25 -32.19 17.74
N SER C 229 52.15 -31.61 17.26
CA SER C 229 51.49 -30.54 17.98
C SER C 229 50.89 -30.97 19.31
N LEU C 230 50.78 -32.28 19.56
CA LEU C 230 50.07 -32.73 20.75
C LEU C 230 50.90 -32.54 22.03
N LEU C 231 52.22 -32.55 21.93
CA LEU C 231 53.06 -32.42 23.12
C LEU C 231 53.27 -30.96 23.53
N CYS C 232 52.47 -30.05 22.96
CA CYS C 232 52.48 -28.67 23.43
C CYS C 232 52.08 -28.57 24.89
N ASN C 233 51.24 -29.49 25.37
CA ASN C 233 50.83 -29.55 26.76
C ASN C 233 51.20 -30.93 27.29
N PHE C 234 50.70 -31.26 28.50
CA PHE C 234 51.16 -32.44 29.22
C PHE C 234 52.67 -32.44 29.37
N THR C 235 53.19 -31.39 30.01
CA THR C 235 54.62 -31.11 30.00
C THR C 235 55.42 -32.27 30.58
N LYS C 236 56.57 -32.55 29.96
CA LYS C 236 57.40 -33.71 30.29
C LYS C 236 58.48 -33.39 31.31
N SER C 237 58.21 -32.44 32.21
CA SER C 237 59.08 -32.21 33.36
C SER C 237 58.78 -33.18 34.50
N MET C 238 57.75 -34.00 34.35
CA MET C 238 57.34 -34.94 35.40
C MET C 238 57.63 -36.40 35.00
N GLU C 239 57.35 -36.75 33.75
CA GLU C 239 57.56 -38.13 33.29
C GLU C 239 57.51 -38.15 31.77
N GLU C 240 57.96 -39.28 31.21
CA GLU C 240 57.87 -39.66 29.79
C GLU C 240 58.86 -38.92 28.90
N ASP C 241 59.85 -38.22 29.45
CA ASP C 241 60.91 -37.66 28.62
C ASP C 241 61.73 -38.74 27.94
N PRO C 242 62.20 -39.80 28.63
CA PRO C 242 62.90 -40.88 27.91
C PRO C 242 61.99 -41.92 27.30
N GLN C 243 60.67 -41.75 27.39
CA GLN C 243 59.71 -42.71 26.84
C GLN C 243 58.95 -42.16 25.65
N THR C 244 58.27 -41.02 25.82
CA THR C 244 57.56 -40.41 24.71
C THR C 244 58.10 -39.03 24.35
N SER C 245 59.35 -38.72 24.66
CA SER C 245 59.99 -37.51 24.16
C SER C 245 61.35 -37.80 23.53
N ARG C 246 61.75 -39.07 23.46
CA ARG C 246 62.96 -39.47 22.75
C ARG C 246 62.69 -40.51 21.67
N GLU C 247 61.79 -41.46 21.91
CA GLU C 247 61.46 -42.46 20.92
C GLU C 247 60.35 -42.03 19.97
N ILE C 248 59.85 -40.81 20.11
CA ILE C 248 59.09 -40.19 19.03
C ILE C 248 59.96 -39.06 18.48
N PHE C 249 60.86 -38.55 19.31
CA PHE C 249 61.81 -37.54 18.85
C PHE C 249 62.72 -38.12 17.77
N ASN C 250 63.19 -39.36 17.96
CA ASN C 250 63.93 -40.03 16.89
C ASN C 250 63.04 -40.22 15.66
N PHE C 251 61.75 -40.48 15.87
CA PHE C 251 60.80 -40.52 14.77
C PHE C 251 60.69 -39.15 14.10
N VAL C 252 60.74 -38.07 14.89
CA VAL C 252 60.70 -36.73 14.31
C VAL C 252 61.94 -36.50 13.44
N LEU C 253 63.11 -36.91 13.92
CA LEU C 253 64.32 -36.81 13.12
C LEU C 253 64.19 -37.62 11.83
N LYS C 254 63.64 -38.83 11.96
CA LYS C 254 63.45 -39.72 10.83
C LYS C 254 62.55 -39.09 9.77
N ALA C 255 61.54 -38.36 10.22
CA ALA C 255 60.61 -37.71 9.30
C ALA C 255 61.15 -36.41 8.72
N ILE C 256 61.97 -35.66 9.47
CA ILE C 256 62.45 -34.37 8.99
C ILE C 256 63.37 -34.55 7.78
N ARG C 257 64.25 -35.55 7.83
CA ARG C 257 65.09 -35.82 6.68
C ARG C 257 64.23 -36.15 5.46
N PRO C 258 64.59 -35.66 4.29
CA PRO C 258 63.71 -35.79 3.13
C PRO C 258 63.66 -37.20 2.58
N GLN C 259 62.51 -37.86 2.71
CA GLN C 259 62.35 -39.20 2.15
C GLN C 259 62.40 -39.18 0.62
N ILE C 260 62.19 -38.01 0.02
CA ILE C 260 62.52 -37.76 -1.37
C ILE C 260 62.93 -36.30 -1.47
N ASP C 261 63.65 -35.95 -2.55
CA ASP C 261 64.25 -34.64 -2.66
C ASP C 261 63.23 -33.52 -2.85
N LEU C 262 61.95 -33.85 -3.06
CA LEU C 262 60.93 -32.81 -3.15
C LEU C 262 60.84 -31.99 -1.85
N LYS C 263 60.94 -32.66 -0.70
CA LYS C 263 60.98 -32.06 0.64
C LYS C 263 60.00 -30.89 0.78
N ARG C 264 58.72 -31.18 0.67
CA ARG C 264 57.70 -30.14 0.68
C ARG C 264 57.64 -29.44 2.05
N TYR C 265 56.78 -28.42 2.12
CA TYR C 265 56.73 -27.51 3.26
C TYR C 265 56.52 -28.23 4.60
N ALA C 266 55.41 -28.95 4.73
CA ALA C 266 54.99 -29.46 6.03
C ALA C 266 55.70 -30.74 6.45
N VAL C 267 56.47 -31.36 5.56
CA VAL C 267 57.12 -32.64 5.89
C VAL C 267 58.12 -32.45 7.03
N PRO C 268 59.02 -31.45 6.99
CA PRO C 268 59.85 -31.19 8.16
C PRO C 268 59.33 -30.07 9.05
N SER C 269 58.29 -29.35 8.62
CA SER C 269 57.90 -28.12 9.33
C SER C 269 57.40 -28.42 10.74
N ALA C 270 56.74 -29.56 10.93
CA ALA C 270 56.20 -29.88 12.25
C ALA C 270 57.30 -30.01 13.29
N GLY C 271 58.36 -30.75 12.96
CA GLY C 271 59.45 -30.96 13.89
C GLY C 271 60.15 -29.67 14.25
N LEU C 272 60.49 -28.86 13.25
CA LEU C 272 61.19 -27.61 13.52
C LEU C 272 60.30 -26.63 14.26
N ARG C 273 59.00 -26.63 13.97
CA ARG C 273 58.06 -25.76 14.67
C ARG C 273 58.00 -26.13 16.15
N LEU C 274 57.86 -27.42 16.45
CA LEU C 274 57.87 -27.83 17.85
C LEU C 274 59.21 -27.59 18.50
N PHE C 275 60.30 -27.69 17.74
CA PHE C 275 61.62 -27.39 18.28
C PHE C 275 61.72 -25.93 18.70
N ALA C 276 61.25 -25.03 17.85
CA ALA C 276 61.29 -23.61 18.17
C ALA C 276 60.32 -23.26 19.29
N LEU C 277 59.19 -23.96 19.39
CA LEU C 277 58.19 -23.62 20.41
C LEU C 277 58.55 -24.21 21.77
N HIS C 278 58.63 -25.54 21.85
CA HIS C 278 58.71 -26.26 23.13
C HIS C 278 59.88 -27.23 23.19
N ALA C 279 61.08 -26.80 22.80
CA ALA C 279 62.26 -27.61 23.03
C ALA C 279 62.58 -27.64 24.52
N SER C 280 62.01 -26.69 25.27
CA SER C 280 62.26 -26.60 26.70
C SER C 280 61.60 -27.73 27.48
N GLN C 281 60.65 -28.45 26.89
CA GLN C 281 59.95 -29.50 27.61
C GLN C 281 60.83 -30.74 27.78
N PHE C 282 61.24 -31.33 26.67
CA PHE C 282 62.17 -32.46 26.70
C PHE C 282 63.56 -31.92 27.02
N SER C 283 64.02 -32.17 28.25
CA SER C 283 65.28 -31.62 28.74
C SER C 283 66.25 -32.65 29.30
N THR C 284 65.77 -33.74 29.90
CA THR C 284 66.66 -34.78 30.42
C THR C 284 67.40 -35.50 29.32
N CYS C 285 66.87 -35.49 28.10
CA CYS C 285 67.56 -36.13 26.98
C CYS C 285 68.92 -35.49 26.71
N LEU C 286 69.02 -34.18 26.90
CA LEU C 286 70.24 -33.44 26.58
C LEU C 286 71.40 -33.85 27.50
N LEU C 287 71.09 -34.57 28.57
CA LEU C 287 72.15 -35.02 29.48
C LEU C 287 73.10 -35.99 28.78
N ASP C 288 72.61 -36.75 27.81
CA ASP C 288 73.44 -37.63 27.01
C ASP C 288 73.42 -37.30 25.53
N ASN C 289 72.29 -36.80 25.02
CA ASN C 289 72.19 -36.42 23.62
C ASN C 289 73.21 -35.35 23.26
N TYR C 290 73.96 -35.60 22.19
CA TYR C 290 74.92 -34.61 21.71
C TYR C 290 74.27 -33.70 20.67
N VAL C 291 74.76 -32.47 20.58
CA VAL C 291 74.21 -31.49 19.64
C VAL C 291 75.13 -31.39 18.44
N SER C 292 75.96 -32.41 18.21
CA SER C 292 76.89 -32.40 17.09
C SER C 292 76.18 -32.41 15.75
N LEU C 293 74.88 -32.69 15.73
CA LEU C 293 74.08 -32.55 14.52
C LEU C 293 73.86 -31.08 14.14
N PHE C 294 74.55 -30.15 14.79
CA PHE C 294 74.37 -28.74 14.50
C PHE C 294 74.78 -28.42 13.07
N GLU C 295 75.83 -29.07 12.57
CA GLU C 295 76.21 -28.85 11.17
C GLU C 295 75.20 -29.45 10.20
N VAL C 296 74.55 -30.56 10.57
CA VAL C 296 73.47 -31.10 9.74
C VAL C 296 72.31 -30.09 9.66
N LEU C 297 71.90 -29.57 10.81
CA LEU C 297 70.84 -28.56 10.83
C LEU C 297 71.26 -27.29 10.11
N LEU C 298 72.55 -26.97 10.14
CA LEU C 298 73.06 -25.82 9.40
C LEU C 298 72.99 -26.05 7.90
N LYS C 299 73.41 -27.24 7.44
CA LYS C 299 73.52 -27.48 6.01
C LYS C 299 72.14 -27.67 5.38
N TRP C 300 71.24 -28.35 6.06
CA TRP C 300 69.90 -28.54 5.49
C TRP C 300 69.08 -27.27 5.66
N CYS C 301 69.52 -26.18 5.03
CA CYS C 301 68.93 -24.86 5.23
C CYS C 301 68.67 -24.12 3.93
N ALA C 302 68.84 -24.69 2.74
CA ALA C 302 68.74 -23.94 1.48
C ALA C 302 67.30 -23.68 1.02
N HIS C 303 66.33 -24.36 1.62
CA HIS C 303 64.94 -24.57 1.17
C HIS C 303 64.14 -23.26 0.93
N THR C 304 63.68 -23.01 -0.30
CA THR C 304 63.46 -21.64 -0.82
C THR C 304 62.32 -20.80 -0.21
N ASN C 305 61.45 -21.31 0.65
CA ASN C 305 60.49 -20.47 1.38
C ASN C 305 61.25 -19.54 2.34
N VAL C 306 61.12 -18.21 2.21
CA VAL C 306 62.08 -17.24 2.77
C VAL C 306 62.18 -17.30 4.30
N GLU C 307 61.12 -17.62 5.02
CA GLU C 307 61.17 -17.82 6.46
C GLU C 307 61.47 -19.26 6.84
N LEU C 308 61.29 -20.21 5.92
CA LEU C 308 61.78 -21.56 6.20
C LEU C 308 63.30 -21.60 6.11
N LYS C 309 63.88 -20.66 5.33
CA LYS C 309 65.31 -20.41 5.41
C LYS C 309 65.75 -20.07 6.83
N LYS C 310 64.91 -19.35 7.58
CA LYS C 310 65.20 -18.99 8.96
C LYS C 310 64.66 -19.99 9.97
N ALA C 311 63.87 -20.97 9.50
CA ALA C 311 63.32 -21.96 10.41
C ALA C 311 64.42 -22.76 11.11
N ALA C 312 65.49 -23.11 10.38
CA ALA C 312 66.62 -23.77 11.00
C ALA C 312 67.25 -22.88 12.07
N LEU C 313 67.35 -21.58 11.78
CA LEU C 313 67.88 -20.64 12.75
C LEU C 313 67.01 -20.59 14.00
N SER C 314 65.69 -20.61 13.83
CA SER C 314 64.79 -20.60 14.98
C SER C 314 64.96 -21.87 15.81
N ALA C 315 65.07 -23.01 15.14
CA ALA C 315 65.31 -24.26 15.85
C ALA C 315 66.62 -24.19 16.63
N LEU C 316 67.66 -23.64 16.01
CA LEU C 316 68.96 -23.57 16.65
C LEU C 316 68.94 -22.63 17.86
N GLU C 317 68.25 -21.49 17.73
CA GLU C 317 68.17 -20.58 18.88
C GLU C 317 67.41 -21.25 20.02
N SER C 318 66.38 -22.02 19.69
CA SER C 318 65.68 -22.80 20.71
C SER C 318 66.63 -23.77 21.40
N PHE C 319 67.41 -24.53 20.63
CA PHE C 319 68.31 -25.51 21.23
C PHE C 319 69.38 -24.84 22.08
N LEU C 320 69.88 -23.70 21.63
CA LEU C 320 70.86 -22.96 22.41
C LEU C 320 70.26 -22.46 23.71
N LYS C 321 69.02 -21.98 23.68
CA LYS C 321 68.35 -21.57 24.91
C LYS C 321 68.23 -22.75 25.86
N GLN C 322 67.87 -23.92 25.33
CA GLN C 322 67.74 -25.11 26.18
C GLN C 322 69.06 -25.55 26.78
N VAL C 323 70.15 -25.56 26.01
CA VAL C 323 71.44 -25.91 26.59
C VAL C 323 71.89 -24.84 27.56
N SER C 324 71.45 -23.59 27.38
CA SER C 324 71.79 -22.54 28.32
C SER C 324 71.11 -22.73 29.67
N ASN C 325 69.79 -23.00 29.65
CA ASN C 325 69.02 -23.05 30.90
C ASN C 325 69.02 -24.48 31.43
N MET C 326 70.13 -24.88 32.04
CA MET C 326 70.17 -26.13 32.78
C MET C 326 71.33 -26.16 33.78
N VAL C 327 71.00 -26.21 35.06
CA VAL C 327 72.01 -26.54 36.07
C VAL C 327 72.40 -28.01 35.98
N ALA C 328 71.60 -28.81 35.28
CA ALA C 328 71.92 -30.21 35.07
C ALA C 328 73.18 -30.40 34.22
N LYS C 329 73.64 -29.36 33.53
CA LYS C 329 74.94 -29.38 32.88
C LYS C 329 75.94 -28.39 33.46
N ASN C 330 75.49 -27.20 33.84
CA ASN C 330 76.36 -26.25 34.52
C ASN C 330 76.83 -26.84 35.84
N ALA C 331 78.14 -26.76 36.09
CA ALA C 331 78.82 -27.41 37.22
C ALA C 331 78.71 -28.92 37.16
N GLU C 332 78.31 -29.47 36.01
CA GLU C 332 78.26 -30.91 35.83
C GLU C 332 79.01 -31.42 34.60
N MET C 333 78.92 -30.74 33.45
CA MET C 333 79.68 -30.90 32.21
C MET C 333 79.86 -29.50 31.60
N HIS C 334 81.05 -28.93 31.81
CA HIS C 334 81.40 -27.63 31.24
C HIS C 334 82.12 -27.74 29.90
N LYS C 335 82.42 -28.96 29.47
CA LYS C 335 83.43 -29.16 28.43
C LYS C 335 82.95 -28.74 27.05
N ASN C 336 81.68 -29.00 26.72
CA ASN C 336 81.26 -29.04 25.32
C ASN C 336 81.25 -27.67 24.64
N LYS C 337 80.97 -26.60 25.38
CA LYS C 337 80.84 -25.28 24.76
C LYS C 337 82.17 -24.80 24.18
N LEU C 338 83.28 -25.13 24.85
CA LEU C 338 84.60 -24.67 24.40
C LEU C 338 84.97 -25.26 23.04
N GLN C 339 84.25 -26.30 22.62
CA GLN C 339 84.58 -27.00 21.37
C GLN C 339 84.45 -26.09 20.15
N TYR C 340 83.44 -25.22 20.15
CA TYR C 340 82.99 -24.59 18.91
C TYR C 340 83.79 -23.35 18.54
N PHE C 341 83.88 -22.38 19.46
CA PHE C 341 84.35 -21.04 19.14
C PHE C 341 85.81 -20.82 19.48
N MET C 342 86.25 -21.28 20.64
CA MET C 342 87.55 -20.89 21.17
C MET C 342 88.67 -21.45 20.31
N GLU C 343 89.71 -20.63 20.07
CA GLU C 343 90.74 -20.85 19.06
C GLU C 343 90.18 -21.07 17.65
N GLN C 344 88.91 -20.77 17.42
CA GLN C 344 88.39 -20.74 16.05
C GLN C 344 87.44 -19.59 15.80
N PHE C 345 87.14 -18.76 16.79
CA PHE C 345 86.28 -17.60 16.57
C PHE C 345 86.89 -16.59 15.61
N TYR C 346 88.21 -16.63 15.42
CA TYR C 346 88.86 -15.67 14.54
C TYR C 346 88.68 -16.00 13.07
N GLY C 347 88.42 -17.26 12.73
CA GLY C 347 88.22 -17.65 11.34
C GLY C 347 86.91 -18.38 11.15
N ILE C 348 86.07 -18.35 12.19
CA ILE C 348 84.77 -19.01 12.13
C ILE C 348 83.88 -18.37 11.08
N ILE C 349 84.27 -17.11 10.76
CA ILE C 349 83.88 -16.12 9.74
C ILE C 349 85.01 -15.82 8.71
N ARG C 350 86.01 -16.70 8.55
CA ARG C 350 86.92 -16.74 7.39
C ARG C 350 87.03 -18.10 6.70
N ASN C 351 86.58 -19.17 7.37
CA ASN C 351 86.02 -20.43 6.86
C ASN C 351 84.51 -20.21 6.98
N VAL C 352 84.03 -19.37 6.09
CA VAL C 352 82.85 -18.47 6.21
C VAL C 352 81.40 -18.95 6.24
N ASP C 353 81.08 -20.09 5.67
CA ASP C 353 79.71 -20.25 5.14
C ASP C 353 79.33 -21.71 4.96
N SER C 354 78.28 -21.95 4.17
CA SER C 354 78.13 -23.18 3.43
C SER C 354 77.29 -22.97 2.15
N ASN C 355 77.48 -23.87 1.17
CA ASN C 355 76.87 -23.91 -0.16
C ASN C 355 75.34 -24.10 -0.20
N ASN C 356 74.70 -24.18 0.96
CA ASN C 356 73.27 -24.11 1.16
C ASN C 356 72.76 -22.70 1.53
N LYS C 357 73.50 -21.63 1.21
CA LYS C 357 73.17 -20.21 1.50
C LYS C 357 73.12 -19.89 2.99
N GLU C 358 74.21 -20.20 3.70
CA GLU C 358 74.32 -20.13 5.18
C GLU C 358 75.59 -19.44 5.74
N LEU C 359 76.16 -18.54 4.94
CA LEU C 359 77.10 -17.48 5.31
C LEU C 359 76.56 -16.64 6.45
N SER C 360 75.26 -16.73 6.72
CA SER C 360 74.69 -16.12 7.92
C SER C 360 75.29 -16.68 9.20
N ILE C 361 76.16 -17.70 9.10
CA ILE C 361 76.84 -18.23 10.27
C ILE C 361 77.65 -17.14 10.95
N ALA C 362 78.10 -16.14 10.19
CA ALA C 362 78.82 -15.02 10.77
C ALA C 362 77.98 -14.34 11.85
N ILE C 363 76.67 -14.21 11.59
CA ILE C 363 75.68 -13.73 12.57
C ILE C 363 75.40 -14.80 13.62
N ARG C 364 75.04 -16.02 13.21
CA ARG C 364 74.61 -17.12 14.10
C ARG C 364 75.59 -17.43 15.22
N GLY C 365 76.88 -17.40 14.91
CA GLY C 365 77.95 -17.56 15.89
C GLY C 365 77.97 -16.47 16.98
N TYR C 366 77.26 -15.37 16.74
CA TYR C 366 76.99 -14.33 17.71
C TYR C 366 75.51 -14.00 17.73
N GLY C 367 74.66 -15.02 17.50
CA GLY C 367 73.29 -15.01 18.00
C GLY C 367 73.31 -15.25 19.51
N LEU C 368 72.36 -15.99 20.05
CA LEU C 368 72.49 -16.49 21.43
C LEU C 368 73.79 -17.30 21.63
N PHE C 369 74.40 -17.76 20.54
CA PHE C 369 75.70 -18.41 20.46
C PHE C 369 76.83 -17.58 21.07
N ALA C 370 76.68 -16.26 21.22
CA ALA C 370 77.58 -15.49 22.07
C ALA C 370 77.75 -16.15 23.46
N GLY C 371 76.69 -16.80 23.93
CA GLY C 371 76.73 -17.93 24.85
C GLY C 371 76.48 -17.63 26.33
N PRO C 372 75.95 -18.60 27.09
CA PRO C 372 75.87 -18.51 28.55
C PRO C 372 77.24 -18.27 29.15
N CYS C 373 77.28 -17.69 30.34
CA CYS C 373 78.51 -17.21 30.96
C CYS C 373 78.58 -17.50 32.47
N LYS C 374 77.73 -18.37 32.97
CA LYS C 374 77.44 -18.58 34.38
C LYS C 374 78.63 -19.15 35.15
N VAL C 375 79.46 -19.97 34.50
CA VAL C 375 80.65 -20.52 35.15
C VAL C 375 81.85 -20.13 34.31
N ILE C 376 81.70 -19.06 33.53
CA ILE C 376 82.70 -18.64 32.56
C ILE C 376 83.13 -17.21 32.87
N ASN C 377 84.41 -16.92 32.63
CA ASN C 377 85.00 -15.64 32.95
C ASN C 377 85.71 -15.08 31.73
N ALA C 378 86.52 -14.05 31.97
CA ALA C 378 87.42 -13.46 30.99
C ALA C 378 86.69 -12.70 29.90
N LYS C 379 87.44 -11.95 29.10
CA LYS C 379 86.88 -11.08 28.07
C LYS C 379 87.04 -11.64 26.66
N ASP C 380 87.31 -12.93 26.52
CA ASP C 380 87.49 -13.51 25.20
C ASP C 380 86.20 -13.50 24.38
N VAL C 381 85.04 -13.42 25.03
CA VAL C 381 83.78 -13.40 24.31
C VAL C 381 83.39 -12.01 23.83
N ASP C 382 83.85 -10.95 24.51
CA ASP C 382 83.55 -9.60 24.05
C ASP C 382 84.74 -8.88 23.44
N PHE C 383 85.91 -9.50 23.33
CA PHE C 383 86.90 -9.03 22.37
C PHE C 383 86.32 -9.01 20.97
N MET C 384 85.33 -9.89 20.72
CA MET C 384 84.72 -9.96 19.40
C MET C 384 84.08 -8.64 19.01
N TYR C 385 83.69 -7.83 20.00
CA TYR C 385 82.86 -6.65 19.73
C TYR C 385 83.47 -5.74 18.69
N VAL C 386 84.80 -5.69 18.57
CA VAL C 386 85.44 -4.81 17.58
C VAL C 386 85.18 -5.27 16.13
N GLU C 387 85.43 -6.53 15.76
CA GLU C 387 85.05 -6.96 14.41
C GLU C 387 83.54 -7.00 14.23
N LEU C 388 82.82 -7.35 15.30
CA LEU C 388 81.37 -7.23 15.33
C LEU C 388 80.93 -5.81 14.97
N ILE C 389 81.80 -4.81 15.04
CA ILE C 389 81.53 -3.48 14.54
C ILE C 389 82.08 -3.29 13.13
N GLN C 390 83.19 -3.93 12.76
CA GLN C 390 83.68 -3.87 11.38
C GLN C 390 82.66 -4.35 10.34
N ARG C 391 81.70 -5.19 10.71
CA ARG C 391 80.63 -5.58 9.76
C ARG C 391 79.81 -4.42 9.23
N CYS C 392 79.64 -3.42 10.09
CA CYS C 392 78.48 -2.53 10.11
C CYS C 392 78.82 -1.06 10.31
N LYS C 393 80.07 -0.75 10.60
CA LYS C 393 80.60 0.61 10.66
C LYS C 393 80.75 1.27 9.28
N GLN C 394 80.43 0.62 8.17
CA GLN C 394 80.68 1.20 6.85
C GLN C 394 79.48 1.05 5.92
N MET C 395 78.28 1.38 6.40
CA MET C 395 77.07 1.23 5.59
C MET C 395 77.07 2.16 4.37
N PHE C 396 77.28 3.46 4.59
CA PHE C 396 77.30 4.44 3.51
C PHE C 396 78.65 4.46 2.76
N LEU C 397 79.60 3.58 3.11
CA LEU C 397 80.97 3.78 2.66
C LEU C 397 81.34 2.93 1.44
N THR C 398 81.06 1.63 1.48
CA THR C 398 81.39 0.74 0.36
C THR C 398 80.22 -0.11 -0.11
N GLN C 399 79.06 -0.03 0.54
CA GLN C 399 78.04 -1.05 0.39
C GLN C 399 76.66 -0.41 0.26
N THR C 400 76.55 0.61 -0.60
CA THR C 400 75.29 1.34 -0.76
C THR C 400 74.16 0.41 -1.23
N ASP C 401 74.28 -0.14 -2.43
CA ASP C 401 73.28 -1.05 -2.96
C ASP C 401 73.39 -2.45 -2.35
N THR C 402 74.20 -2.60 -1.31
CA THR C 402 74.22 -3.78 -0.46
C THR C 402 73.21 -3.65 0.67
N GLY C 403 72.43 -2.58 0.68
CA GLY C 403 71.42 -2.33 1.67
C GLY C 403 70.23 -3.28 1.64
N ASP C 404 70.01 -3.96 0.52
CA ASP C 404 69.11 -5.11 0.45
C ASP C 404 69.89 -6.41 0.48
N ASP C 405 71.13 -6.37 0.97
CA ASP C 405 72.14 -7.43 0.87
C ASP C 405 72.84 -7.45 2.22
N ARG C 406 74.12 -7.83 2.28
CA ARG C 406 74.85 -8.02 3.53
C ARG C 406 74.56 -6.95 4.59
N VAL C 407 74.18 -5.73 4.21
CA VAL C 407 73.73 -4.76 5.20
C VAL C 407 72.22 -4.49 5.09
N TYR C 408 71.47 -5.44 4.54
CA TYR C 408 70.05 -5.56 4.86
C TYR C 408 69.87 -6.27 6.19
N GLN C 409 70.92 -6.93 6.66
CA GLN C 409 70.87 -7.74 7.87
C GLN C 409 71.03 -6.86 9.11
N MET C 410 70.68 -5.59 8.98
CA MET C 410 70.66 -4.71 10.14
C MET C 410 69.86 -5.30 11.30
N PRO C 411 68.65 -5.85 11.12
CA PRO C 411 67.96 -6.46 12.27
C PRO C 411 68.63 -7.71 12.80
N SER C 412 69.26 -8.51 11.93
CA SER C 412 70.09 -9.61 12.44
C SER C 412 71.24 -9.05 13.28
N PHE C 413 71.79 -7.92 12.86
CA PHE C 413 72.85 -7.29 13.63
C PHE C 413 72.31 -6.80 14.98
N LEU C 414 71.04 -6.36 14.97
CA LEU C 414 70.36 -6.03 16.21
C LEU C 414 70.26 -7.23 17.13
N GLN C 415 69.95 -8.40 16.56
CA GLN C 415 69.94 -9.62 17.36
C GLN C 415 71.32 -9.91 17.94
N SER C 416 72.36 -9.71 17.13
CA SER C 416 73.72 -9.95 17.63
C SER C 416 74.07 -9.00 18.77
N VAL C 417 73.76 -7.71 18.63
CA VAL C 417 74.10 -6.77 19.69
C VAL C 417 73.21 -7.00 20.91
N ALA C 418 71.98 -7.46 20.69
CA ALA C 418 71.14 -7.86 21.82
C ALA C 418 71.76 -9.04 22.55
N SER C 419 72.35 -9.97 21.80
CA SER C 419 73.05 -11.09 22.42
C SER C 419 74.23 -10.62 23.25
N VAL C 420 75.05 -9.72 22.70
CA VAL C 420 76.22 -9.28 23.46
C VAL C 420 75.81 -8.51 24.70
N LEU C 421 74.81 -7.64 24.58
CA LEU C 421 74.30 -6.92 25.74
C LEU C 421 73.73 -7.88 26.78
N LEU C 422 72.96 -8.87 26.31
CA LEU C 422 72.36 -9.85 27.22
C LEU C 422 73.41 -10.62 28.00
N TYR C 423 74.63 -10.70 27.47
CA TYR C 423 75.73 -11.33 28.19
C TYR C 423 76.84 -10.34 28.52
N LEU C 424 76.57 -9.04 28.44
CA LEU C 424 77.55 -8.04 28.86
C LEU C 424 77.54 -7.93 30.37
N ASP C 425 78.48 -8.62 31.02
CA ASP C 425 78.73 -8.45 32.44
C ASP C 425 80.06 -7.74 32.69
N THR C 426 80.64 -7.15 31.66
CA THR C 426 81.84 -6.33 31.78
C THR C 426 81.93 -5.37 30.61
N VAL C 427 82.51 -4.20 30.87
CA VAL C 427 82.69 -3.17 29.84
C VAL C 427 84.02 -2.46 30.06
N PRO C 428 85.04 -2.74 29.25
CA PRO C 428 86.23 -1.87 29.25
C PRO C 428 85.87 -0.49 28.75
N GLU C 429 86.02 0.52 29.61
CA GLU C 429 85.50 1.86 29.31
C GLU C 429 86.18 2.47 28.09
N VAL C 430 87.34 1.95 27.70
CA VAL C 430 88.08 2.52 26.57
C VAL C 430 87.29 2.38 25.27
N TYR C 431 86.39 1.40 25.20
CA TYR C 431 85.53 1.24 24.03
C TYR C 431 84.05 1.36 24.36
N THR C 432 83.70 2.25 25.29
CA THR C 432 82.35 2.80 25.28
C THR C 432 82.00 3.53 23.99
N PRO C 433 82.91 4.31 23.35
CA PRO C 433 82.49 5.02 22.13
C PRO C 433 81.92 4.12 21.05
N VAL C 434 82.56 2.98 20.78
CA VAL C 434 82.08 2.10 19.71
C VAL C 434 80.72 1.52 20.07
N LEU C 435 80.60 0.99 21.29
CA LEU C 435 79.33 0.54 21.83
C LEU C 435 78.23 1.56 21.61
N GLU C 436 78.42 2.75 22.19
CA GLU C 436 77.38 3.76 22.18
C GLU C 436 77.07 4.21 20.75
N HIS C 437 78.10 4.36 19.92
CA HIS C 437 77.87 4.95 18.61
C HIS C 437 77.18 3.98 17.67
N LEU C 438 77.53 2.69 17.72
CA LEU C 438 76.80 1.77 16.86
C LEU C 438 75.43 1.43 17.43
N VAL C 439 75.27 1.40 18.76
CA VAL C 439 73.93 1.29 19.33
C VAL C 439 73.08 2.45 18.85
N VAL C 440 73.68 3.63 18.77
CA VAL C 440 72.99 4.79 18.18
C VAL C 440 72.62 4.52 16.73
N MET C 441 73.59 4.06 15.95
CA MET C 441 73.34 3.83 14.52
C MET C 441 72.25 2.79 14.36
N GLN C 442 72.03 1.99 15.40
CA GLN C 442 70.98 1.00 15.52
C GLN C 442 69.58 1.59 15.60
N ILE C 443 69.33 2.60 16.45
CA ILE C 443 68.00 3.18 16.52
C ILE C 443 67.64 3.83 15.19
N ASP C 444 68.64 4.37 14.49
CA ASP C 444 68.39 5.00 13.21
C ASP C 444 67.83 3.99 12.21
N SER C 445 68.36 2.77 12.23
CA SER C 445 68.04 1.78 11.20
C SER C 445 66.66 1.17 11.36
N PHE C 446 65.93 1.51 12.42
CA PHE C 446 64.65 0.92 12.81
C PHE C 446 63.55 0.86 11.75
N PRO C 447 63.31 1.92 10.96
CA PRO C 447 62.11 1.92 10.10
C PRO C 447 62.21 1.04 8.86
N GLN C 448 63.32 0.34 8.64
CA GLN C 448 63.61 -0.18 7.31
C GLN C 448 63.03 -1.56 7.05
N TYR C 449 61.97 -1.97 7.76
CA TYR C 449 61.51 -3.35 7.75
C TYR C 449 60.05 -3.46 8.21
N SER C 450 59.66 -4.71 8.52
CA SER C 450 58.27 -5.10 8.68
C SER C 450 57.91 -5.31 10.16
N PRO C 451 56.62 -5.42 10.49
CA PRO C 451 56.21 -5.45 11.91
C PRO C 451 56.79 -6.57 12.76
N LYS C 452 56.96 -7.79 12.23
CA LYS C 452 57.61 -8.84 13.02
C LYS C 452 58.97 -8.39 13.51
N MET C 453 59.76 -7.87 12.57
CA MET C 453 61.10 -7.42 12.86
C MET C 453 61.04 -6.19 13.77
N GLN C 454 59.93 -5.44 13.69
CA GLN C 454 59.68 -4.35 14.63
C GLN C 454 59.52 -4.88 16.05
N LEU C 455 58.73 -5.93 16.21
CA LEU C 455 58.50 -6.49 17.55
C LEU C 455 59.80 -7.01 18.14
N VAL C 456 60.63 -7.67 17.33
CA VAL C 456 61.89 -8.18 17.88
C VAL C 456 62.85 -7.02 18.18
N CYS C 457 62.90 -6.01 17.31
CA CYS C 457 63.80 -4.89 17.53
C CYS C 457 63.44 -4.09 18.77
N CYS C 458 62.14 -3.90 19.02
CA CYS C 458 61.73 -3.09 20.16
C CYS C 458 62.26 -3.69 21.45
N ARG C 459 62.01 -4.98 21.68
CA ARG C 459 62.53 -5.63 22.88
C ARG C 459 64.05 -5.66 22.87
N ALA C 460 64.66 -5.80 21.69
CA ALA C 460 66.12 -5.82 21.63
C ALA C 460 66.70 -4.52 22.18
N ILE C 461 66.25 -3.39 21.66
CA ILE C 461 66.79 -2.10 22.07
C ILE C 461 66.41 -1.79 23.51
N VAL C 462 65.22 -2.21 23.94
CA VAL C 462 64.82 -2.03 25.34
C VAL C 462 65.79 -2.74 26.26
N LYS C 463 66.10 -4.01 25.96
CA LYS C 463 67.05 -4.74 26.80
C LYS C 463 68.44 -4.15 26.72
N VAL C 464 68.83 -3.63 25.55
CA VAL C 464 70.12 -2.94 25.43
C VAL C 464 70.19 -1.79 26.42
N PHE C 465 69.22 -0.89 26.37
CA PHE C 465 69.25 0.28 27.24
C PHE C 465 69.15 -0.12 28.71
N LEU C 466 68.34 -1.12 29.02
CA LEU C 466 68.23 -1.58 30.40
C LEU C 466 69.57 -2.09 30.91
N ALA C 467 70.27 -2.88 30.09
CA ALA C 467 71.58 -3.39 30.48
C ALA C 467 72.57 -2.25 30.68
N LEU C 468 72.59 -1.28 29.76
CA LEU C 468 73.50 -0.15 29.91
C LEU C 468 73.23 0.61 31.20
N ALA C 469 71.95 0.85 31.50
CA ALA C 469 71.61 1.53 32.74
C ALA C 469 72.00 0.72 33.97
N ALA C 470 71.99 -0.61 33.86
CA ALA C 470 72.28 -1.44 35.02
C ALA C 470 73.76 -1.44 35.40
N LYS C 471 74.64 -1.05 34.48
CA LYS C 471 76.07 -1.29 34.69
C LYS C 471 76.82 -0.14 35.36
N GLY C 472 76.19 1.00 35.61
CA GLY C 472 76.84 2.00 36.44
C GLY C 472 76.79 3.44 35.97
N PRO C 473 77.04 4.36 36.90
CA PRO C 473 76.95 5.80 36.58
C PRO C 473 77.88 6.27 35.48
N VAL C 474 79.06 5.68 35.33
CA VAL C 474 79.96 6.13 34.26
C VAL C 474 79.35 5.83 32.90
N LEU C 475 78.54 4.76 32.81
CA LEU C 475 77.83 4.48 31.57
C LEU C 475 76.53 5.26 31.50
N ARG C 476 76.11 5.87 32.61
CA ARG C 476 74.96 6.77 32.57
C ARG C 476 75.25 7.98 31.68
N ASN C 477 76.47 8.51 31.75
CA ASN C 477 76.86 9.57 30.83
C ASN C 477 76.78 9.07 29.40
N CYS C 478 77.25 7.85 29.16
CA CYS C 478 77.24 7.31 27.81
C CYS C 478 75.82 7.19 27.27
N ILE C 479 74.90 6.69 28.09
CA ILE C 479 73.52 6.50 27.62
C ILE C 479 72.83 7.84 27.45
N SER C 480 73.14 8.80 28.32
CA SER C 480 72.59 10.15 28.13
C SER C 480 73.04 10.73 26.80
N THR C 481 74.33 10.57 26.47
CA THR C 481 74.80 10.99 25.16
C THR C 481 74.09 10.21 24.06
N VAL C 482 73.85 8.91 24.28
CA VAL C 482 73.20 8.09 23.27
C VAL C 482 71.85 8.68 22.91
N VAL C 483 71.02 8.95 23.93
CA VAL C 483 69.68 9.43 23.63
C VAL C 483 69.69 10.86 23.10
N HIS C 484 70.59 11.71 23.63
CA HIS C 484 70.72 13.06 23.12
C HIS C 484 71.04 13.05 21.62
N GLN C 485 72.02 12.25 21.21
CA GLN C 485 72.41 12.17 19.82
C GLN C 485 71.33 11.51 18.96
N GLY C 486 70.63 10.53 19.54
CA GLY C 486 69.52 9.91 18.85
C GLY C 486 68.44 10.91 18.47
N LEU C 487 67.99 11.72 19.44
CA LEU C 487 67.05 12.79 19.12
C LEU C 487 67.64 13.78 18.11
N ILE C 488 68.96 14.02 18.18
CA ILE C 488 69.59 14.94 17.21
C ILE C 488 69.36 14.47 15.78
N ARG C 489 69.61 13.19 15.50
CA ARG C 489 69.35 12.70 14.15
C ARG C 489 67.87 12.36 13.87
N ILE C 490 67.03 12.18 14.88
CA ILE C 490 65.61 11.97 14.57
C ILE C 490 65.06 13.16 13.79
N CYS C 491 65.39 14.38 14.22
CA CYS C 491 64.94 15.58 13.52
C CYS C 491 65.93 15.93 12.41
N SER C 492 65.98 15.05 11.39
CA SER C 492 66.88 15.30 10.27
C SER C 492 66.16 15.51 8.95
N LYS C 493 65.35 14.55 8.53
CA LYS C 493 64.86 14.53 7.14
C LYS C 493 63.44 15.07 7.07
N PRO C 494 63.16 16.03 6.19
CA PRO C 494 61.95 16.86 6.33
C PRO C 494 60.71 16.32 5.62
N VAL C 495 59.55 16.72 6.15
CA VAL C 495 58.26 16.48 5.50
C VAL C 495 57.27 17.45 6.13
N VAL C 496 56.22 17.82 5.39
CA VAL C 496 55.23 18.77 5.88
C VAL C 496 53.86 18.11 5.93
N LEU C 497 53.35 17.70 4.78
CA LEU C 497 52.03 17.07 4.65
C LEU C 497 50.92 17.90 5.29
N PRO C 522 59.64 7.32 4.77
CA PRO C 522 60.16 7.23 6.15
C PRO C 522 60.42 8.59 6.78
N THR C 523 59.83 8.82 7.95
CA THR C 523 60.00 10.06 8.68
C THR C 523 59.79 9.84 10.17
N TYR C 524 60.01 10.90 10.96
CA TYR C 524 59.77 10.81 12.39
C TYR C 524 58.30 10.62 12.75
N LYS C 525 57.39 11.01 11.87
CA LYS C 525 55.99 10.60 12.04
C LYS C 525 55.88 9.08 12.07
N ASP C 526 56.80 8.38 11.41
CA ASP C 526 56.89 6.92 11.54
C ASP C 526 57.79 6.53 12.71
N TYR C 527 58.80 7.36 13.02
CA TYR C 527 59.78 6.99 14.02
C TYR C 527 59.14 6.86 15.40
N VAL C 528 58.18 7.75 15.70
CA VAL C 528 57.77 8.01 17.08
C VAL C 528 57.18 6.77 17.73
N ASP C 529 56.79 5.77 16.94
CA ASP C 529 56.27 4.54 17.51
C ASP C 529 57.29 3.90 18.44
N LEU C 530 58.55 3.86 18.00
CA LEU C 530 59.64 3.32 18.81
C LEU C 530 59.74 4.04 20.15
N PHE C 531 59.80 5.37 20.12
CA PHE C 531 60.05 6.11 21.35
C PHE C 531 58.84 6.05 22.28
N ARG C 532 57.63 6.05 21.73
CA ARG C 532 56.45 5.91 22.57
C ARG C 532 56.43 4.55 23.24
N HIS C 533 56.82 3.49 22.51
CA HIS C 533 56.95 2.18 23.12
C HIS C 533 58.02 2.17 24.20
N LEU C 534 59.14 2.87 23.96
CA LEU C 534 60.19 2.95 24.97
C LEU C 534 59.67 3.57 26.25
N LEU C 535 59.04 4.74 26.15
CA LEU C 535 58.57 5.43 27.34
C LEU C 535 57.45 4.66 28.04
N SER C 536 56.61 3.98 27.26
CA SER C 536 55.53 3.18 27.82
C SER C 536 55.93 1.72 28.02
N SER C 537 57.23 1.43 28.10
CA SER C 537 57.72 0.05 28.23
C SER C 537 57.45 -0.45 29.65
N ASP C 538 56.16 -0.73 29.91
CA ASP C 538 55.75 -1.18 31.24
C ASP C 538 56.14 -2.63 31.48
N GLN C 539 55.93 -3.50 30.49
CA GLN C 539 56.02 -4.93 30.72
C GLN C 539 57.10 -5.60 29.88
N MET C 540 57.49 -5.04 28.73
CA MET C 540 58.49 -5.68 27.89
C MET C 540 59.84 -5.83 28.58
N MET C 541 59.98 -5.33 29.80
CA MET C 541 61.14 -5.66 30.63
C MET C 541 61.18 -7.15 30.96
N ASP C 542 60.04 -7.83 30.97
CA ASP C 542 59.98 -9.28 31.06
C ASP C 542 59.73 -9.87 29.67
N SER C 543 60.81 -9.97 28.89
CA SER C 543 60.74 -10.57 27.56
C SER C 543 62.12 -11.04 27.11
N SER C 557 61.81 -1.76 36.25
CA SER C 557 61.06 -1.07 35.20
C SER C 557 61.20 0.44 35.33
N GLU C 558 61.17 0.94 36.57
CA GLU C 558 61.35 2.36 36.81
C GLU C 558 62.71 2.84 36.32
N SER C 559 63.76 2.06 36.58
CA SER C 559 65.09 2.41 36.10
C SER C 559 65.14 2.52 34.59
N LEU C 560 64.19 1.91 33.90
CA LEU C 560 64.10 2.02 32.44
C LEU C 560 63.17 3.16 32.04
N ASN C 561 61.89 3.09 32.41
CA ASN C 561 60.92 4.08 31.91
C ASN C 561 61.20 5.47 32.45
N HIS C 562 61.41 5.59 33.76
CA HIS C 562 61.64 6.89 34.38
C HIS C 562 62.91 7.53 33.81
N LEU C 563 63.97 6.73 33.66
CA LEU C 563 65.21 7.25 33.13
C LEU C 563 65.07 7.65 31.66
N LEU C 564 64.35 6.85 30.86
CA LEU C 564 64.11 7.23 29.48
C LEU C 564 63.37 8.56 29.40
N TYR C 565 62.37 8.74 30.27
CA TYR C 565 61.59 9.97 30.27
C TYR C 565 62.46 11.18 30.60
N ASP C 566 63.20 11.11 31.70
CA ASP C 566 63.91 12.32 32.13
C ASP C 566 65.10 12.60 31.21
N GLU C 567 65.73 11.56 30.66
CA GLU C 567 66.78 11.82 29.68
C GLU C 567 66.19 12.44 28.42
N PHE C 568 64.98 12.01 28.03
CA PHE C 568 64.32 12.61 26.87
C PHE C 568 64.09 14.10 27.09
N VAL C 569 63.53 14.47 28.24
CA VAL C 569 63.21 15.87 28.47
C VAL C 569 64.49 16.71 28.60
N LYS C 570 65.52 16.13 29.25
CA LYS C 570 66.80 16.82 29.30
C LYS C 570 67.37 17.04 27.91
N SER C 571 67.30 16.02 27.06
CA SER C 571 67.83 16.13 25.70
C SER C 571 67.08 17.17 24.90
N VAL C 572 65.75 17.21 25.02
CA VAL C 572 65.00 18.17 24.22
C VAL C 572 65.28 19.59 24.69
N LEU C 573 65.38 19.82 25.99
CA LEU C 573 65.73 21.16 26.45
C LEU C 573 67.14 21.54 26.02
N LYS C 574 68.07 20.59 26.09
CA LYS C 574 69.45 20.86 25.71
C LYS C 574 69.54 21.23 24.23
N ILE C 575 68.83 20.50 23.38
CA ILE C 575 68.90 20.79 21.95
C ILE C 575 68.21 22.10 21.63
N VAL C 576 67.03 22.35 22.20
CA VAL C 576 66.31 23.59 21.88
C VAL C 576 67.12 24.79 22.35
N GLU C 577 67.91 24.63 23.42
CA GLU C 577 68.85 25.68 23.78
C GLU C 577 69.86 25.92 22.67
N LYS C 578 70.50 24.85 22.19
CA LYS C 578 71.65 25.01 21.31
C LYS C 578 71.27 25.57 19.93
N LEU C 579 70.01 25.40 19.51
CA LEU C 579 69.62 25.90 18.20
C LEU C 579 69.51 27.42 18.20
N ASP C 580 69.65 28.01 17.01
CA ASP C 580 69.51 29.45 16.82
C ASP C 580 68.38 29.72 15.81
N LEU C 581 67.27 30.24 16.32
CA LEU C 581 66.06 30.45 15.55
C LEU C 581 65.86 31.90 15.10
N THR C 582 66.94 32.66 14.93
CA THR C 582 66.85 34.05 14.50
C THR C 582 66.24 34.16 13.09
N LEU C 583 65.50 35.23 12.82
CA LEU C 583 64.89 35.39 11.50
C LEU C 583 65.50 36.57 10.73
N GLU C 584 65.33 37.78 11.28
CA GLU C 584 65.89 39.04 10.75
C GLU C 584 65.98 39.06 9.23
N ILE C 585 64.84 38.90 8.57
CA ILE C 585 64.67 39.11 7.12
C ILE C 585 65.75 38.47 6.26
N MET C 602 65.07 50.48 -3.74
CA MET C 602 64.16 51.15 -4.67
C MET C 602 62.73 50.95 -4.21
N ILE C 603 62.37 49.69 -3.94
CA ILE C 603 61.00 49.33 -3.57
C ILE C 603 60.79 49.43 -2.07
N PRO C 604 59.82 50.21 -1.61
CA PRO C 604 59.39 50.15 -0.22
C PRO C 604 58.26 49.15 -0.01
N THR C 605 58.37 48.42 1.10
CA THR C 605 57.28 47.56 1.57
C THR C 605 57.11 47.81 3.06
N SER C 606 55.87 48.04 3.48
CA SER C 606 55.62 48.51 4.84
C SER C 606 54.57 47.67 5.56
N ASP C 607 54.66 46.35 5.47
CA ASP C 607 53.69 45.50 6.15
C ASP C 607 53.91 45.56 7.65
N PRO C 608 52.91 45.98 8.43
CA PRO C 608 53.07 45.91 9.90
C PRO C 608 53.18 44.48 10.41
N ALA C 609 52.71 43.51 9.64
CA ALA C 609 52.79 42.12 10.04
C ALA C 609 54.23 41.63 10.01
N ALA C 610 54.42 40.37 10.40
CA ALA C 610 55.75 39.77 10.50
C ALA C 610 56.11 39.10 9.18
N ASN C 611 56.74 39.87 8.29
CA ASN C 611 57.33 39.32 7.07
C ASN C 611 58.83 39.24 7.28
N LEU C 612 59.32 38.07 7.67
CA LEU C 612 60.72 37.91 8.03
C LEU C 612 61.24 36.61 7.44
N HIS C 613 62.38 36.67 6.76
CA HIS C 613 63.00 35.46 6.24
C HIS C 613 63.66 34.67 7.38
N PRO C 614 63.85 33.37 7.22
CA PRO C 614 64.71 32.64 8.15
C PRO C 614 66.17 32.98 7.94
N ALA C 615 66.96 32.80 9.00
CA ALA C 615 68.39 33.06 8.93
C ALA C 615 69.12 31.89 8.25
N LYS C 616 69.02 30.70 8.84
CA LYS C 616 69.52 29.47 8.23
C LYS C 616 68.41 28.43 8.31
N PRO C 617 67.77 28.11 7.18
CA PRO C 617 66.52 27.33 7.20
C PRO C 617 66.62 25.97 7.87
N LYS C 618 67.78 25.32 7.79
CA LYS C 618 67.89 23.95 8.27
C LYS C 618 67.63 23.85 9.76
N ASP C 619 68.19 24.76 10.55
CA ASP C 619 67.97 24.74 11.99
C ASP C 619 66.51 25.00 12.32
N PHE C 620 65.87 25.93 11.60
CA PHE C 620 64.46 26.22 11.85
C PHE C 620 63.59 25.02 11.53
N SER C 621 63.91 24.32 10.44
CA SER C 621 63.16 23.10 10.10
C SER C 621 63.36 22.03 11.17
N ALA C 622 64.59 21.89 11.67
CA ALA C 622 64.84 20.93 12.74
C ALA C 622 64.05 21.28 13.99
N PHE C 623 63.95 22.58 14.30
CA PHE C 623 63.15 23.00 15.44
C PHE C 623 61.68 22.65 15.24
N ILE C 624 61.17 22.87 14.02
CA ILE C 624 59.80 22.47 13.72
C ILE C 624 59.63 20.98 13.95
N ASN C 625 60.60 20.19 13.52
CA ASN C 625 60.54 18.75 13.67
C ASN C 625 60.47 18.37 15.14
N LEU C 626 61.32 18.99 15.97
CA LEU C 626 61.32 18.71 17.40
C LEU C 626 59.98 19.09 18.03
N VAL C 627 59.45 20.25 17.66
CA VAL C 627 58.19 20.72 18.23
C VAL C 627 57.08 19.74 17.91
N GLU C 628 57.00 19.27 16.67
CA GLU C 628 55.94 18.34 16.34
C GLU C 628 56.18 17.01 17.03
N PHE C 629 57.45 16.57 17.09
CA PHE C 629 57.76 15.24 17.61
C PHE C 629 57.40 15.11 19.08
N CYS C 630 57.74 16.12 19.89
CA CYS C 630 57.45 16.02 21.32
C CYS C 630 55.96 16.07 21.61
N ARG C 631 55.14 16.48 20.63
CA ARG C 631 53.71 16.66 20.85
C ARG C 631 53.01 15.35 21.21
N GLU C 632 53.31 14.28 20.49
CA GLU C 632 52.72 12.98 20.76
C GLU C 632 53.54 12.16 21.74
N ILE C 633 54.52 12.78 22.38
CA ILE C 633 55.38 12.09 23.33
C ILE C 633 55.09 12.56 24.75
N LEU C 634 55.28 13.86 24.99
CA LEU C 634 55.21 14.35 26.37
C LEU C 634 53.83 14.20 27.01
N PRO C 635 52.72 14.68 26.42
CA PRO C 635 51.45 14.66 27.15
C PRO C 635 50.62 13.40 26.96
N GLU C 636 50.94 12.59 25.94
CA GLU C 636 50.08 11.47 25.57
C GLU C 636 49.92 10.47 26.71
N LYS C 637 51.02 10.15 27.41
CA LYS C 637 50.95 9.19 28.50
C LYS C 637 50.30 9.78 29.75
N GLN C 638 50.44 11.08 29.98
CA GLN C 638 49.95 11.72 31.21
C GLN C 638 50.61 11.10 32.44
N ALA C 639 51.94 11.25 32.52
CA ALA C 639 52.76 10.55 33.49
C ALA C 639 53.01 11.40 34.73
N GLU C 640 53.37 10.73 35.82
CA GLU C 640 53.74 11.41 37.05
C GLU C 640 55.25 11.60 37.11
N PHE C 641 55.83 12.17 36.05
CA PHE C 641 57.26 12.42 35.99
C PHE C 641 57.59 13.84 35.56
N PHE C 642 56.62 14.61 35.08
CA PHE C 642 56.87 15.96 34.60
C PHE C 642 56.91 16.98 35.73
N GLU C 643 56.41 16.64 36.91
CA GLU C 643 56.29 17.59 38.01
C GLU C 643 57.62 18.19 38.46
N PRO C 644 58.73 17.44 38.58
CA PRO C 644 59.98 18.09 39.01
C PRO C 644 60.59 18.96 37.92
N TRP C 645 60.12 18.85 36.69
CA TRP C 645 60.71 19.60 35.58
C TRP C 645 59.94 20.88 35.27
N VAL C 646 58.66 20.95 35.68
CA VAL C 646 57.75 21.99 35.23
C VAL C 646 58.42 23.35 35.25
N TYR C 647 59.02 23.72 36.38
CA TYR C 647 59.57 25.06 36.54
C TYR C 647 60.68 25.32 35.53
N SER C 648 61.69 24.45 35.51
CA SER C 648 62.84 24.68 34.64
C SER C 648 62.45 24.62 33.17
N PHE C 649 61.61 23.65 32.82
CA PHE C 649 61.17 23.50 31.44
C PHE C 649 60.44 24.76 30.97
N SER C 650 59.44 25.19 31.73
CA SER C 650 58.69 26.38 31.35
C SER C 650 59.60 27.60 31.32
N TYR C 651 60.50 27.73 32.29
CA TYR C 651 61.38 28.89 32.33
C TYR C 651 62.27 28.95 31.09
N GLU C 652 62.86 27.82 30.72
CA GLU C 652 63.77 27.81 29.59
C GLU C 652 63.04 27.99 28.27
N LEU C 653 61.80 27.50 28.17
CA LEU C 653 61.00 27.81 26.99
C LEU C 653 60.67 29.30 26.92
N ILE C 654 60.30 29.90 28.06
CA ILE C 654 59.92 31.31 28.06
C ILE C 654 61.11 32.19 27.68
N LEU C 655 62.31 31.86 28.18
CA LEU C 655 63.48 32.66 27.83
C LEU C 655 63.68 32.78 26.33
N GLN C 656 63.28 31.78 25.57
CA GLN C 656 63.36 31.87 24.12
C GLN C 656 62.11 32.51 23.53
N SER C 657 60.93 32.07 23.98
CA SER C 657 59.69 32.53 23.37
C SER C 657 59.54 34.04 23.48
N THR C 658 59.81 34.60 24.66
CA THR C 658 59.74 36.05 24.80
C THR C 658 60.84 36.75 24.02
N ARG C 659 62.08 36.28 24.16
CA ARG C 659 63.21 36.93 23.51
C ARG C 659 63.21 36.73 22.00
N LEU C 660 62.69 35.59 21.50
CA LEU C 660 62.73 35.42 20.06
C LEU C 660 61.52 36.09 19.40
N PRO C 661 61.64 36.50 18.13
CA PRO C 661 60.56 37.23 17.46
C PRO C 661 59.33 36.37 17.19
N LEU C 662 58.81 35.77 18.25
CA LEU C 662 57.43 35.30 18.31
C LEU C 662 57.11 34.25 17.25
N ILE C 663 57.75 33.08 17.34
CA ILE C 663 57.55 31.99 16.40
C ILE C 663 56.69 30.92 17.08
N SER C 664 56.21 29.97 16.28
CA SER C 664 55.04 29.18 16.68
C SER C 664 55.36 28.19 17.79
N GLY C 665 56.35 27.31 17.57
CA GLY C 665 56.41 26.07 18.32
C GLY C 665 56.47 26.24 19.83
N PHE C 666 57.00 27.37 20.29
CA PHE C 666 57.16 27.58 21.72
C PHE C 666 55.82 27.61 22.44
N TYR C 667 54.82 28.25 21.83
CA TYR C 667 53.49 28.28 22.43
C TYR C 667 52.91 26.87 22.56
N LYS C 668 53.11 26.03 21.55
CA LYS C 668 52.59 24.67 21.61
C LYS C 668 53.30 23.86 22.70
N LEU C 669 54.61 24.05 22.85
CA LEU C 669 55.31 23.37 23.93
C LEU C 669 54.79 23.83 25.29
N LEU C 670 54.56 25.14 25.44
CA LEU C 670 54.02 25.65 26.70
C LEU C 670 52.62 25.13 26.95
N SER C 671 51.82 24.98 25.89
CA SER C 671 50.49 24.41 26.03
C SER C 671 50.57 22.97 26.52
N ILE C 672 51.50 22.19 25.98
CA ILE C 672 51.75 20.86 26.50
C ILE C 672 52.08 20.91 27.98
N THR C 673 52.96 21.83 28.36
CA THR C 673 53.38 21.98 29.75
C THR C 673 52.20 22.23 30.68
N VAL C 674 51.40 23.25 30.36
CA VAL C 674 50.28 23.59 31.22
C VAL C 674 49.22 22.49 31.22
N ARG C 675 49.02 21.81 30.09
CA ARG C 675 48.05 20.72 30.05
C ARG C 675 48.47 19.59 30.98
N ASN C 676 49.75 19.21 30.95
CA ASN C 676 50.22 18.20 31.89
C ASN C 676 50.09 18.69 33.33
N ALA C 677 50.43 19.95 33.58
CA ALA C 677 50.36 20.48 34.94
C ALA C 677 48.94 20.40 35.50
N LYS C 678 47.96 20.84 34.72
CA LYS C 678 46.59 20.80 35.21
C LYS C 678 46.04 19.37 35.20
N LYS C 679 46.63 18.49 34.39
CA LYS C 679 46.22 17.09 34.41
C LYS C 679 46.70 16.38 35.67
N ILE C 680 47.81 16.83 36.24
CA ILE C 680 48.41 16.11 37.35
C ILE C 680 48.00 16.74 38.68
N LYS C 681 46.99 17.62 38.64
CA LYS C 681 46.51 18.31 39.83
C LYS C 681 47.67 18.99 40.57
N TYR C 682 48.26 19.98 39.90
CA TYR C 682 49.55 20.50 40.34
C TYR C 682 49.41 21.72 41.26
N PHE C 683 48.52 22.64 40.93
CA PHE C 683 48.57 23.99 41.49
C PHE C 683 47.69 24.15 42.72
N GLU C 684 48.22 24.87 43.71
CA GLU C 684 47.50 25.38 44.87
C GLU C 684 47.95 26.84 45.09
N GLY C 685 47.96 27.60 44.00
CA GLY C 685 48.45 28.96 44.03
C GLY C 685 47.63 29.88 44.92
N VAL C 686 48.18 31.09 45.10
CA VAL C 686 47.65 32.14 46.00
C VAL C 686 47.09 31.60 47.31
N PRO C 698 57.55 26.12 46.78
CA PRO C 698 58.04 27.49 47.01
C PRO C 698 58.29 28.23 45.70
N GLU C 699 59.25 27.75 44.90
CA GLU C 699 59.40 28.27 43.55
C GLU C 699 58.19 27.92 42.69
N LYS C 700 57.40 26.94 43.12
CA LYS C 700 56.06 26.71 42.59
C LYS C 700 55.31 28.03 42.43
N TYR C 701 55.33 28.85 43.48
CA TYR C 701 54.67 30.15 43.42
C TYR C 701 55.31 31.05 42.37
N SER C 702 56.64 31.01 42.26
CA SER C 702 57.32 31.81 41.23
C SER C 702 56.91 31.38 39.83
N CYS C 703 56.83 30.07 39.59
CA CYS C 703 56.38 29.59 38.28
C CYS C 703 54.93 29.99 38.03
N PHE C 704 54.10 29.95 39.07
CA PHE C 704 52.71 30.39 38.94
C PHE C 704 52.64 31.86 38.52
N ALA C 705 53.45 32.70 39.17
CA ALA C 705 53.50 34.11 38.81
C ALA C 705 54.05 34.32 37.41
N LEU C 706 55.03 33.51 37.00
CA LEU C 706 55.53 33.58 35.63
C LEU C 706 54.42 33.28 34.64
N PHE C 707 53.63 32.24 34.92
CA PHE C 707 52.49 31.94 34.05
C PHE C 707 51.51 33.10 34.02
N VAL C 708 51.23 33.70 35.17
CA VAL C 708 50.32 34.85 35.22
C VAL C 708 50.80 35.94 34.28
N LYS C 709 52.03 36.41 34.51
CA LYS C 709 52.59 37.51 33.75
C LYS C 709 52.60 37.16 32.27
N PHE C 710 53.19 36.01 31.93
CA PHE C 710 53.36 35.60 30.54
C PHE C 710 52.03 35.49 29.83
N GLY C 711 51.03 34.88 30.48
CA GLY C 711 49.71 34.84 29.89
C GLY C 711 49.18 36.23 29.60
N LYS C 712 49.45 37.18 30.51
CA LYS C 712 48.96 38.53 30.26
C LYS C 712 49.61 39.15 29.02
N GLU C 713 50.95 39.11 28.90
CA GLU C 713 51.49 39.82 27.73
C GLU C 713 51.23 39.05 26.46
N VAL C 714 51.08 37.72 26.52
CA VAL C 714 50.77 37.00 25.29
C VAL C 714 49.34 37.31 24.85
N ALA C 715 48.42 37.45 25.81
CA ALA C 715 47.08 37.91 25.47
C ALA C 715 47.13 39.29 24.83
N VAL C 716 48.01 40.16 25.35
CA VAL C 716 48.14 41.50 24.75
C VAL C 716 48.67 41.40 23.31
N LYS C 717 49.72 40.61 23.10
CA LYS C 717 50.36 40.57 21.78
C LYS C 717 49.54 39.77 20.78
N MET C 718 48.54 39.01 21.26
CA MET C 718 47.75 38.17 20.37
C MET C 718 47.07 38.97 19.26
N LYS C 719 46.72 40.23 19.52
CA LYS C 719 45.86 40.96 18.60
C LYS C 719 46.51 41.18 17.24
N GLN C 720 47.83 41.03 17.15
CA GLN C 720 48.53 41.27 15.88
C GLN C 720 48.90 39.99 15.14
N TYR C 721 48.57 38.81 15.67
CA TYR C 721 48.93 37.57 15.00
C TYR C 721 47.94 37.20 13.91
N LYS C 722 48.27 36.11 13.21
CA LYS C 722 47.51 35.66 12.05
C LYS C 722 47.90 34.21 11.72
N ASP C 723 46.92 33.46 11.21
CA ASP C 723 47.09 32.08 10.70
C ASP C 723 47.70 31.20 11.79
N GLU C 724 48.70 30.36 11.47
CA GLU C 724 49.11 29.28 12.37
C GLU C 724 49.64 29.83 13.69
N LEU C 725 50.36 30.94 13.66
CA LEU C 725 50.82 31.56 14.89
C LEU C 725 49.63 31.95 15.76
N LEU C 726 48.60 32.54 15.15
CA LEU C 726 47.42 32.93 15.90
C LEU C 726 46.72 31.71 16.50
N ALA C 727 46.57 30.65 15.70
CA ALA C 727 45.93 29.44 16.20
C ALA C 727 46.70 28.85 17.37
N SER C 728 48.02 28.79 17.26
CA SER C 728 48.83 28.22 18.33
C SER C 728 48.75 29.06 19.60
N CYS C 729 48.84 30.39 19.47
CA CYS C 729 48.82 31.22 20.66
C CYS C 729 47.45 31.14 21.34
N LEU C 730 46.38 31.15 20.56
CA LEU C 730 45.05 31.00 21.16
C LEU C 730 44.92 29.65 21.85
N THR C 731 45.46 28.59 21.23
CA THR C 731 45.43 27.28 21.86
C THR C 731 46.16 27.31 23.20
N PHE C 732 47.29 28.03 23.27
CA PHE C 732 48.02 28.09 24.53
C PHE C 732 47.24 28.89 25.58
N LEU C 733 46.72 30.05 25.20
CA LEU C 733 45.95 30.87 26.14
C LEU C 733 44.78 30.11 26.72
N LEU C 734 44.03 29.40 25.88
CA LEU C 734 42.88 28.68 26.39
C LEU C 734 43.27 27.48 27.25
N SER C 735 44.56 27.12 27.29
CA SER C 735 45.00 25.99 28.10
C SER C 735 45.31 26.37 29.55
N LEU C 736 45.32 27.65 29.87
CA LEU C 736 45.68 28.10 31.22
C LEU C 736 44.71 27.54 32.24
N PRO C 737 45.18 27.08 33.40
CA PRO C 737 44.28 26.53 34.42
C PRO C 737 43.36 27.59 35.00
N HIS C 738 42.26 27.12 35.59
CA HIS C 738 41.24 27.99 36.15
C HIS C 738 41.82 28.94 37.19
N ASN C 739 42.91 28.53 37.85
CA ASN C 739 43.59 29.39 38.80
C ASN C 739 44.07 30.66 38.12
N ILE C 740 44.59 30.53 36.89
CA ILE C 740 44.98 31.69 36.12
C ILE C 740 43.75 32.47 35.65
N ILE C 741 42.59 31.82 35.62
CA ILE C 741 41.38 32.44 35.07
C ILE C 741 40.57 33.10 36.17
N GLU C 742 40.99 32.94 37.42
CA GLU C 742 40.22 33.51 38.51
C GLU C 742 40.88 34.78 39.04
N LEU C 743 42.17 34.94 38.76
CA LEU C 743 42.84 36.19 39.07
C LEU C 743 42.40 37.33 38.14
N ASP C 744 41.98 37.01 36.93
CA ASP C 744 41.40 37.97 36.01
C ASP C 744 40.64 37.20 34.93
N VAL C 745 39.57 37.82 34.39
CA VAL C 745 38.81 37.19 33.32
C VAL C 745 38.63 38.11 32.12
N ARG C 746 38.25 39.40 32.34
CA ARG C 746 38.27 40.35 31.23
C ARG C 746 39.51 40.20 30.36
N ALA C 747 40.65 39.83 30.95
CA ALA C 747 41.86 39.77 30.16
C ALA C 747 41.77 38.71 29.08
N TYR C 748 41.22 37.55 29.41
CA TYR C 748 41.25 36.42 28.50
C TYR C 748 39.98 36.30 27.66
N VAL C 749 38.97 37.11 27.99
CA VAL C 749 37.73 37.07 27.22
C VAL C 749 37.94 37.36 25.74
N PRO C 750 38.69 38.39 25.34
CA PRO C 750 38.92 38.57 23.89
C PRO C 750 39.61 37.39 23.25
N ALA C 751 40.55 36.76 23.97
CA ALA C 751 41.23 35.59 23.43
C ALA C 751 40.23 34.47 23.16
N LEU C 752 39.35 34.19 24.13
CA LEU C 752 38.33 33.17 23.92
C LEU C 752 37.39 33.56 22.78
N GLN C 753 37.03 34.83 22.70
CA GLN C 753 36.12 35.30 21.65
C GLN C 753 36.70 35.03 20.28
N MET C 754 37.95 35.45 20.05
CA MET C 754 38.59 35.17 18.78
C MET C 754 38.72 33.67 18.55
N ALA C 755 39.00 32.91 19.62
CA ALA C 755 39.17 31.47 19.49
C ALA C 755 37.94 30.83 18.86
N PHE C 756 36.80 30.91 19.55
CA PHE C 756 35.63 30.26 18.96
C PHE C 756 34.92 31.14 17.94
N LYS C 757 35.50 32.29 17.57
CA LYS C 757 35.03 32.99 16.39
C LYS C 757 35.66 32.42 15.13
N LEU C 758 36.98 32.24 15.14
CA LEU C 758 37.64 31.61 14.00
C LEU C 758 37.43 30.10 14.03
N GLY C 759 36.91 29.57 15.14
CA GLY C 759 36.72 28.13 15.26
C GLY C 759 35.86 27.51 14.19
N LEU C 760 34.94 28.28 13.59
CA LEU C 760 34.08 27.73 12.54
C LEU C 760 34.87 27.25 11.34
N SER C 761 36.01 27.87 11.05
CA SER C 761 36.79 27.50 9.87
C SER C 761 37.78 26.38 10.16
N TYR C 762 38.34 26.35 11.37
CA TYR C 762 39.35 25.35 11.73
C TYR C 762 38.97 24.85 13.13
N THR C 763 38.35 23.67 13.19
CA THR C 763 37.61 23.14 14.33
C THR C 763 38.37 23.00 15.65
N PRO C 764 39.63 22.56 15.68
CA PRO C 764 40.26 22.31 16.99
C PRO C 764 40.28 23.51 17.91
N LEU C 765 40.35 24.74 17.39
CA LEU C 765 40.20 25.90 18.27
C LEU C 765 38.83 25.91 18.93
N ALA C 766 37.79 25.61 18.15
CA ALA C 766 36.45 25.50 18.73
C ALA C 766 36.42 24.44 19.83
N GLU C 767 37.05 23.29 19.56
CA GLU C 767 37.07 22.22 20.55
C GLU C 767 37.77 22.68 21.83
N VAL C 768 38.91 23.35 21.69
CA VAL C 768 39.68 23.78 22.86
C VAL C 768 38.90 24.82 23.65
N GLY C 769 38.30 25.79 22.96
CA GLY C 769 37.53 26.81 23.64
C GLY C 769 36.31 26.24 24.35
N LEU C 770 35.61 25.31 23.71
CA LEU C 770 34.47 24.68 24.33
C LEU C 770 34.85 23.61 25.35
N ASN C 771 36.13 23.29 25.48
CA ASN C 771 36.60 22.61 26.69
C ASN C 771 36.84 23.61 27.82
N ALA C 772 37.51 24.72 27.50
CA ALA C 772 37.81 25.73 28.49
C ALA C 772 36.53 26.28 29.11
N LEU C 773 35.43 26.27 28.36
CA LEU C 773 34.18 26.80 28.90
C LEU C 773 33.72 26.01 30.11
N GLU C 774 33.62 24.68 30.01
CA GLU C 774 33.16 23.93 31.19
C GLU C 774 34.25 23.88 32.25
N GLU C 775 35.52 23.81 31.83
CA GLU C 775 36.58 23.80 32.84
C GLU C 775 36.59 25.10 33.64
N TRP C 776 36.13 26.20 33.06
CA TRP C 776 35.91 27.43 33.80
C TRP C 776 34.65 27.34 34.66
N SER C 777 33.54 26.92 34.07
CA SER C 777 32.25 26.99 34.75
C SER C 777 32.22 26.12 36.00
N ILE C 778 32.73 24.89 35.91
CA ILE C 778 32.62 23.98 37.04
C ILE C 778 33.58 24.37 38.16
N TYR C 779 34.59 25.19 37.86
CA TYR C 779 35.62 25.54 38.83
C TYR C 779 35.51 26.95 39.37
N ILE C 780 35.29 27.96 38.52
CA ILE C 780 35.26 29.36 38.94
C ILE C 780 33.98 29.63 39.72
N ASP C 781 34.04 30.60 40.63
CA ASP C 781 32.85 31.02 41.37
C ASP C 781 31.82 31.61 40.42
N ARG C 782 30.54 31.33 40.70
CA ARG C 782 29.48 31.78 39.80
C ARG C 782 29.42 33.29 39.70
N HIS C 783 29.52 33.99 40.83
CA HIS C 783 29.38 35.44 40.80
C HIS C 783 30.55 36.10 40.08
N VAL C 784 31.75 35.54 40.22
CA VAL C 784 32.92 36.12 39.55
C VAL C 784 32.76 36.08 38.05
N MET C 785 32.17 35.01 37.53
CA MET C 785 32.06 34.88 36.07
C MET C 785 30.74 35.42 35.52
N GLN C 786 29.70 35.55 36.36
CA GLN C 786 28.36 35.85 35.86
C GLN C 786 28.28 37.07 34.96
N PRO C 787 28.88 38.23 35.29
CA PRO C 787 28.84 39.38 34.37
C PRO C 787 29.52 39.11 33.03
N TYR C 788 30.49 38.19 33.00
CA TYR C 788 31.28 37.90 31.80
C TYR C 788 30.45 37.21 30.72
N TYR C 789 29.33 36.60 31.08
CA TYR C 789 28.62 35.76 30.11
C TYR C 789 27.97 36.59 29.00
N LYS C 790 27.82 37.90 29.23
CA LYS C 790 27.19 38.76 28.24
C LYS C 790 27.99 38.85 26.95
N ASP C 791 29.27 38.53 26.96
CA ASP C 791 30.09 38.50 25.76
C ASP C 791 30.54 37.09 25.39
N ILE C 792 30.67 36.19 26.38
CA ILE C 792 31.17 34.84 26.11
C ILE C 792 30.25 34.05 25.19
N LEU C 793 28.94 34.05 25.47
CA LEU C 793 28.02 33.23 24.66
C LEU C 793 27.58 33.84 23.33
N PRO C 794 27.30 35.14 23.22
CA PRO C 794 26.65 35.64 21.99
C PRO C 794 27.40 35.30 20.72
N CYS C 795 28.74 35.29 20.74
CA CYS C 795 29.49 34.94 19.54
C CYS C 795 29.44 33.44 19.23
N LEU C 796 28.91 32.62 20.15
CA LEU C 796 28.81 31.18 19.95
C LEU C 796 27.63 30.80 19.07
N ASP C 797 26.68 31.71 18.83
CA ASP C 797 25.49 31.38 18.06
C ASP C 797 25.83 31.01 16.63
N GLY C 798 26.99 31.45 16.13
CA GLY C 798 27.36 31.14 14.75
C GLY C 798 27.47 29.66 14.48
N TYR C 799 27.90 28.88 15.48
CA TYR C 799 27.95 27.43 15.33
C TYR C 799 26.58 26.84 15.06
N LEU C 800 25.51 27.51 15.49
CA LEU C 800 24.16 26.98 15.41
C LEU C 800 23.47 27.35 14.11
N LYS C 801 24.23 27.49 13.02
CA LYS C 801 23.66 28.03 11.78
C LYS C 801 23.19 26.93 10.84
N THR C 802 24.06 26.00 10.46
CA THR C 802 23.80 25.14 9.33
C THR C 802 23.77 23.67 9.74
N SER C 803 22.70 22.98 9.35
CA SER C 803 22.59 21.53 9.46
C SER C 803 21.99 20.99 8.17
N ALA C 804 22.78 20.21 7.43
CA ALA C 804 22.41 19.81 6.08
C ALA C 804 22.41 18.31 5.86
N LEU C 805 22.30 17.51 6.92
CA LEU C 805 22.27 16.06 6.76
C LEU C 805 20.88 15.57 6.33
N GLU C 844 41.58 14.06 9.78
CA GLU C 844 40.80 14.97 10.61
C GLU C 844 40.27 14.25 11.84
N ALA C 845 40.42 14.90 13.00
CA ALA C 845 39.99 14.32 14.26
C ALA C 845 38.93 15.13 14.98
N ILE C 846 38.63 16.34 14.53
CA ILE C 846 37.59 17.18 15.10
C ILE C 846 36.56 17.43 14.01
N SER C 847 35.29 17.12 14.31
CA SER C 847 34.25 17.15 13.30
C SER C 847 33.16 18.13 13.72
N LEU C 848 32.38 18.56 12.73
CA LEU C 848 31.30 19.52 12.99
C LEU C 848 30.19 18.92 13.84
N GLU C 849 29.85 17.65 13.61
CA GLU C 849 28.74 17.05 14.34
C GLU C 849 29.06 16.89 15.82
N GLU C 850 30.29 16.47 16.15
CA GLU C 850 30.66 16.36 17.56
C GLU C 850 30.63 17.72 18.24
N ILE C 851 31.22 18.74 17.63
CA ILE C 851 31.27 20.06 18.27
C ILE C 851 29.88 20.64 18.38
N ARG C 852 29.01 20.36 17.40
CA ARG C 852 27.65 20.89 17.44
C ARG C 852 26.85 20.25 18.56
N ILE C 853 26.87 18.93 18.65
CA ILE C 853 26.15 18.25 19.72
C ILE C 853 26.71 18.69 21.07
N ARG C 854 28.02 18.80 21.17
CA ARG C 854 28.65 19.18 22.44
C ARG C 854 28.31 20.62 22.81
N VAL C 855 28.25 21.52 21.83
CA VAL C 855 27.97 22.92 22.15
C VAL C 855 26.51 23.10 22.53
N VAL C 856 25.61 22.34 21.92
CA VAL C 856 24.22 22.37 22.36
C VAL C 856 24.12 21.85 23.79
N GLN C 857 24.81 20.75 24.08
CA GLN C 857 24.85 20.22 25.43
C GLN C 857 25.38 21.25 26.41
N MET C 858 26.43 21.98 26.02
CA MET C 858 27.04 22.97 26.90
C MET C 858 26.09 24.13 27.16
N LEU C 859 25.53 24.72 26.10
CA LEU C 859 24.63 25.84 26.26
C LEU C 859 23.36 25.45 26.99
N GLY C 860 23.00 24.18 27.03
CA GLY C 860 21.88 23.75 27.83
C GLY C 860 22.25 23.55 29.29
N SER C 861 23.29 22.75 29.53
CA SER C 861 23.69 22.41 30.89
C SER C 861 24.31 23.58 31.64
N LEU C 862 24.63 24.67 30.96
CA LEU C 862 25.25 25.79 31.64
C LEU C 862 24.24 26.50 32.54
N GLY C 863 22.97 26.44 32.19
CA GLY C 863 21.92 27.00 33.03
C GLY C 863 21.05 27.96 32.24
N GLY C 864 19.74 27.84 32.47
CA GLY C 864 18.77 28.66 31.78
C GLY C 864 18.99 30.14 32.03
N GLN C 865 19.17 30.47 33.32
CA GLN C 865 19.50 31.82 33.73
C GLN C 865 20.77 32.32 33.06
N ILE C 866 21.63 31.40 32.61
CA ILE C 866 22.87 31.80 31.96
C ILE C 866 22.68 31.91 30.45
N ASN C 867 22.16 30.86 29.80
CA ASN C 867 22.12 30.87 28.35
C ASN C 867 21.05 31.81 27.82
N LYS C 868 20.22 32.37 28.71
CA LYS C 868 19.33 33.45 28.29
C LYS C 868 20.07 34.52 27.50
N ASN C 869 21.36 34.74 27.79
CA ASN C 869 22.14 35.81 27.19
C ASN C 869 22.71 35.44 25.82
N LEU C 870 22.14 34.45 25.15
CA LEU C 870 22.72 33.97 23.89
C LEU C 870 22.38 34.85 22.69
N LEU C 871 21.44 35.77 22.82
CA LEU C 871 20.99 36.54 21.68
C LEU C 871 22.12 37.41 21.13
N THR C 872 21.98 37.80 19.85
CA THR C 872 23.07 38.46 19.13
C THR C 872 23.62 39.65 19.91
N VAL C 873 22.75 40.45 20.51
CA VAL C 873 23.09 41.34 21.62
C VAL C 873 22.00 41.14 22.65
N THR C 874 22.38 40.87 23.90
CA THR C 874 21.42 40.49 24.91
C THR C 874 20.63 41.70 25.42
N SER C 875 19.33 41.73 25.11
CA SER C 875 18.41 42.76 25.60
C SER C 875 18.86 44.16 25.20
N SER C 876 19.03 44.37 23.89
CA SER C 876 19.40 45.68 23.36
C SER C 876 18.74 45.89 22.01
N ASP C 877 18.59 47.16 21.64
CA ASP C 877 17.93 47.53 20.40
C ASP C 877 18.91 47.81 19.26
N GLU C 878 20.22 47.71 19.50
CA GLU C 878 21.25 48.28 18.62
C GLU C 878 21.31 47.62 17.23
N MET C 879 20.84 46.38 17.11
CA MET C 879 21.08 45.53 15.93
C MET C 879 20.01 45.68 14.83
N MET C 880 20.12 46.76 14.04
CA MET C 880 19.61 46.80 12.64
C MET C 880 20.70 47.23 11.64
N LYS C 881 21.98 47.03 12.00
CA LYS C 881 23.10 46.98 11.07
C LYS C 881 22.80 45.95 9.99
N SER C 882 23.20 46.16 8.73
CA SER C 882 22.95 45.23 7.61
C SER C 882 21.47 44.94 7.27
N TYR C 883 20.52 45.73 7.79
CA TYR C 883 19.08 45.55 7.67
C TYR C 883 18.40 46.86 7.36
N VAL C 884 18.95 47.61 6.42
CA VAL C 884 18.36 48.87 5.99
C VAL C 884 18.59 49.02 4.50
N ALA C 885 17.63 49.64 3.81
CA ALA C 885 17.84 50.05 2.43
C ALA C 885 18.95 51.09 2.42
N TRP C 886 20.07 50.75 1.78
CA TRP C 886 21.28 51.57 1.89
C TRP C 886 21.01 53.00 1.47
N ASP C 887 20.17 53.19 0.47
CA ASP C 887 19.81 54.52 0.00
C ASP C 887 18.41 54.96 0.42
N ARG C 888 17.54 54.00 0.77
CA ARG C 888 16.16 54.29 1.19
C ARG C 888 15.34 54.88 0.05
N GLU C 889 15.92 54.89 -1.16
CA GLU C 889 15.27 55.54 -2.28
C GLU C 889 15.35 54.76 -3.59
N LYS C 890 16.23 53.75 -3.66
CA LYS C 890 16.23 52.77 -4.77
C LYS C 890 16.34 53.43 -6.13
N ARG C 891 17.49 54.06 -6.39
CA ARG C 891 17.66 54.92 -7.56
C ARG C 891 18.34 54.26 -8.74
N LEU C 892 19.27 53.35 -8.51
CA LEU C 892 20.11 52.79 -9.57
C LEU C 892 19.44 51.52 -10.10
N SER C 893 18.74 51.67 -11.23
CA SER C 893 17.95 50.60 -11.82
C SER C 893 18.36 50.40 -13.28
N PHE C 894 18.05 49.21 -13.78
CA PHE C 894 18.37 48.84 -15.15
C PHE C 894 17.16 48.22 -15.83
N ALA C 895 17.05 48.43 -17.13
CA ALA C 895 15.99 47.83 -17.93
C ALA C 895 16.58 46.76 -18.84
N VAL C 896 16.15 45.52 -18.66
CA VAL C 896 16.61 44.40 -19.48
C VAL C 896 15.78 44.41 -20.77
N PRO C 897 16.39 44.25 -21.95
CA PRO C 897 15.65 44.38 -23.20
C PRO C 897 15.09 43.06 -23.71
N PHE C 898 13.78 43.05 -23.97
CA PHE C 898 13.09 42.00 -24.70
C PHE C 898 12.67 42.56 -26.07
N ARG C 899 11.92 41.79 -26.83
CA ARG C 899 11.61 42.14 -28.21
C ARG C 899 10.39 43.04 -28.35
N GLU C 900 9.65 43.26 -27.27
CA GLU C 900 8.56 44.22 -27.24
C GLU C 900 8.64 45.19 -26.07
N MET C 901 9.23 44.78 -24.97
CA MET C 901 9.09 45.53 -23.73
C MET C 901 10.39 45.42 -22.94
N LYS C 902 10.68 46.43 -22.12
CA LYS C 902 11.97 46.52 -21.42
C LYS C 902 11.73 46.68 -19.92
N PRO C 903 11.51 45.59 -19.21
CA PRO C 903 11.22 45.68 -17.78
C PRO C 903 12.38 46.26 -16.99
N VAL C 904 12.04 47.16 -16.05
CA VAL C 904 13.04 47.78 -15.21
C VAL C 904 13.20 46.97 -13.94
N ILE C 905 14.45 46.79 -13.51
CA ILE C 905 14.77 46.16 -12.24
C ILE C 905 15.60 47.15 -11.43
N PHE C 906 15.20 47.36 -10.18
CA PHE C 906 15.93 48.26 -9.29
C PHE C 906 17.22 47.56 -8.89
N LEU C 907 18.20 47.63 -9.79
CA LEU C 907 19.37 46.76 -9.70
C LEU C 907 20.11 46.92 -8.38
N ASP C 908 19.93 48.07 -7.72
CA ASP C 908 20.61 48.31 -6.45
C ASP C 908 20.04 47.49 -5.31
N VAL C 909 18.98 46.70 -5.55
CA VAL C 909 18.46 45.87 -4.48
C VAL C 909 19.34 44.64 -4.29
N PHE C 910 20.09 44.25 -5.33
CA PHE C 910 20.91 43.05 -5.23
C PHE C 910 22.16 43.26 -4.40
N LEU C 911 22.53 44.51 -4.12
CA LEU C 911 23.87 44.80 -3.61
C LEU C 911 24.23 44.03 -2.34
N PRO C 912 23.40 44.01 -1.27
CA PRO C 912 23.83 43.35 -0.03
C PRO C 912 24.17 41.88 -0.23
N ARG C 913 23.26 41.14 -0.88
CA ARG C 913 23.46 39.71 -1.02
C ARG C 913 24.67 39.39 -1.90
N VAL C 914 24.82 40.11 -3.01
CA VAL C 914 25.94 39.82 -3.91
C VAL C 914 27.26 40.18 -3.25
N THR C 915 27.29 41.26 -2.47
CA THR C 915 28.51 41.56 -1.72
C THR C 915 28.80 40.50 -0.67
N GLU C 916 27.76 40.01 0.01
CA GLU C 916 27.99 38.97 1.01
C GLU C 916 28.56 37.72 0.37
N LEU C 917 28.05 37.35 -0.80
CA LEU C 917 28.61 36.23 -1.54
C LEU C 917 30.06 36.50 -1.95
N ALA C 918 30.32 37.71 -2.44
CA ALA C 918 31.67 38.03 -2.92
C ALA C 918 32.68 38.03 -1.77
N LEU C 919 32.22 38.25 -0.54
CA LEU C 919 33.14 38.23 0.60
C LEU C 919 33.26 36.84 1.24
N THR C 920 32.14 36.16 1.48
CA THR C 920 32.15 34.99 2.36
C THR C 920 31.51 33.74 1.76
N ALA C 921 31.48 33.59 0.43
CA ALA C 921 30.93 32.38 -0.16
C ALA C 921 31.84 31.19 0.13
N SER C 922 31.24 30.00 0.21
CA SER C 922 31.95 28.78 0.56
C SER C 922 32.33 27.94 -0.65
N ASP C 923 32.16 28.45 -1.86
CA ASP C 923 32.52 27.69 -3.06
C ASP C 923 33.36 28.59 -3.95
N ARG C 924 34.54 28.09 -4.36
CA ARG C 924 35.47 28.90 -5.14
C ARG C 924 34.87 29.30 -6.49
N GLN C 925 34.18 28.38 -7.15
CA GLN C 925 33.56 28.71 -8.44
C GLN C 925 32.40 29.67 -8.24
N THR C 926 31.59 29.45 -7.20
CA THR C 926 30.60 30.46 -6.84
C THR C 926 31.28 31.76 -6.43
N LYS C 927 32.45 31.67 -5.80
CA LYS C 927 33.21 32.86 -5.44
C LYS C 927 33.54 33.69 -6.69
N VAL C 928 34.08 33.03 -7.72
CA VAL C 928 34.51 33.77 -8.91
C VAL C 928 33.30 34.29 -9.66
N ALA C 929 32.22 33.51 -9.75
CA ALA C 929 31.01 34.00 -10.40
C ALA C 929 30.47 35.23 -9.68
N ALA C 930 30.43 35.18 -8.34
CA ALA C 930 29.90 36.30 -7.58
C ALA C 930 30.77 37.54 -7.72
N CYS C 931 32.10 37.37 -7.71
CA CYS C 931 32.96 38.55 -7.78
C CYS C 931 32.92 39.15 -9.18
N GLU C 932 32.78 38.32 -10.21
CA GLU C 932 32.60 38.87 -11.55
C GLU C 932 31.27 39.62 -11.67
N LEU C 933 30.21 39.07 -11.06
CA LEU C 933 28.95 39.79 -10.99
C LEU C 933 29.13 41.16 -10.34
N LEU C 934 29.80 41.16 -9.18
CA LEU C 934 30.02 42.41 -8.45
C LEU C 934 30.83 43.39 -9.27
N HIS C 935 31.86 42.89 -9.97
CA HIS C 935 32.66 43.74 -10.85
C HIS C 935 31.79 44.39 -11.92
N SER C 936 31.04 43.57 -12.67
CA SER C 936 30.24 44.13 -13.75
C SER C 936 29.22 45.12 -13.21
N MET C 937 28.65 44.83 -12.05
CA MET C 937 27.58 45.65 -11.50
C MET C 937 28.12 46.97 -10.93
N VAL C 938 29.32 46.95 -10.35
CA VAL C 938 29.93 48.21 -9.93
C VAL C 938 30.33 49.03 -11.15
N MET C 939 30.77 48.36 -12.22
CA MET C 939 31.03 49.09 -13.46
C MET C 939 29.74 49.73 -13.95
N PHE C 940 28.60 49.06 -13.72
CA PHE C 940 27.33 49.61 -14.13
C PHE C 940 26.98 50.86 -13.33
N MET C 941 27.24 50.87 -12.02
CA MET C 941 27.05 52.13 -11.30
C MET C 941 27.97 53.21 -11.84
N LEU C 942 29.23 52.86 -12.12
CA LEU C 942 30.16 53.86 -12.63
C LEU C 942 29.66 54.47 -13.93
N GLY C 943 29.12 53.65 -14.82
CA GLY C 943 28.53 54.13 -16.05
C GLY C 943 27.27 54.95 -15.86
N LYS C 944 26.37 54.46 -15.00
CA LYS C 944 25.10 55.15 -14.76
C LYS C 944 25.30 56.46 -14.02
N ALA C 945 26.46 56.65 -13.37
CA ALA C 945 26.73 57.90 -12.67
C ALA C 945 26.55 59.11 -13.56
N THR C 946 26.77 58.97 -14.86
CA THR C 946 26.42 59.99 -15.83
C THR C 946 25.21 59.53 -16.65
N GLN C 947 24.21 60.39 -16.75
CA GLN C 947 23.05 60.15 -17.60
C GLN C 947 22.61 61.41 -18.33
N MET C 948 23.53 62.35 -18.55
CA MET C 948 23.21 63.68 -19.08
C MET C 948 22.25 64.41 -18.14
N PRO C 949 22.71 64.82 -16.94
CA PRO C 949 21.81 65.40 -15.92
C PRO C 949 21.33 66.80 -16.29
N GLU C 950 20.46 66.89 -17.31
CA GLU C 950 19.94 68.17 -17.75
C GLU C 950 18.44 68.32 -17.56
N GLY C 951 17.73 67.23 -17.28
CA GLY C 951 16.33 67.32 -16.89
C GLY C 951 16.22 67.39 -15.39
N GLY C 952 15.62 66.37 -14.77
CA GLY C 952 15.80 66.18 -13.35
C GLY C 952 17.28 65.99 -13.09
N GLN C 953 17.86 66.79 -12.20
CA GLN C 953 19.31 66.93 -12.14
C GLN C 953 19.94 65.66 -11.57
N GLY C 954 20.21 64.73 -12.48
CA GLY C 954 21.02 63.57 -12.18
C GLY C 954 20.35 62.56 -11.28
N ALA C 955 21.08 61.50 -11.01
CA ALA C 955 20.67 60.45 -10.09
C ALA C 955 21.84 60.13 -9.15
N PRO C 956 22.21 61.06 -8.27
CA PRO C 956 23.51 60.98 -7.59
C PRO C 956 23.53 59.95 -6.48
N PRO C 957 24.41 58.95 -6.57
CA PRO C 957 24.68 58.08 -5.42
C PRO C 957 25.82 58.56 -4.53
N MET C 958 26.56 59.60 -4.95
CA MET C 958 27.76 60.02 -4.23
C MET C 958 27.46 60.46 -2.79
N TYR C 959 26.20 60.55 -2.40
CA TYR C 959 25.84 60.82 -1.02
C TYR C 959 25.72 59.53 -0.20
N GLN C 960 25.05 58.52 -0.74
CA GLN C 960 24.67 57.36 0.06
C GLN C 960 25.32 56.05 -0.38
N LEU C 961 25.15 55.67 -1.65
CA LEU C 961 25.46 54.30 -2.06
C LEU C 961 26.96 54.06 -2.17
N TYR C 962 27.70 55.06 -2.68
CA TYR C 962 29.14 54.90 -2.79
C TYR C 962 29.77 54.74 -1.41
N LYS C 963 29.23 55.43 -0.41
CA LYS C 963 29.76 55.37 0.95
C LYS C 963 29.81 53.93 1.47
N ARG C 964 28.91 53.07 1.00
CA ARG C 964 28.89 51.69 1.44
C ARG C 964 29.34 50.70 0.37
N THR C 965 29.56 51.16 -0.87
CA THR C 965 30.06 50.21 -1.86
C THR C 965 31.59 50.30 -2.01
N PHE C 966 32.19 51.46 -1.75
CA PHE C 966 33.65 51.53 -1.78
C PHE C 966 34.33 50.65 -0.74
N PRO C 967 33.93 50.64 0.54
CA PRO C 967 34.59 49.72 1.49
C PRO C 967 34.47 48.26 1.07
N VAL C 968 33.38 47.89 0.39
CA VAL C 968 33.29 46.55 -0.18
C VAL C 968 34.44 46.32 -1.17
N LEU C 969 34.63 47.27 -2.09
CA LEU C 969 35.68 47.12 -3.09
C LEU C 969 37.05 47.03 -2.45
N LEU C 970 37.31 47.85 -1.43
CA LEU C 970 38.63 47.84 -0.80
C LEU C 970 38.87 46.54 -0.03
N ARG C 971 37.90 46.12 0.78
CA ARG C 971 38.10 44.93 1.60
C ARG C 971 38.27 43.67 0.77
N LEU C 972 37.51 43.51 -0.30
CA LEU C 972 37.71 42.35 -1.17
C LEU C 972 39.06 42.42 -1.88
N ALA C 973 39.55 43.62 -2.14
CA ALA C 973 40.86 43.76 -2.77
C ALA C 973 41.94 43.18 -1.86
N CYS C 974 42.86 42.44 -2.47
CA CYS C 974 43.88 41.67 -1.74
C CYS C 974 43.28 40.70 -0.74
N ASP C 975 42.15 40.09 -1.09
CA ASP C 975 41.77 38.84 -0.46
C ASP C 975 42.79 37.78 -0.88
N VAL C 976 42.92 36.73 -0.08
CA VAL C 976 43.96 35.76 -0.40
C VAL C 976 43.41 34.82 -1.47
N ASP C 977 43.48 35.29 -2.71
CA ASP C 977 43.08 34.52 -3.89
C ASP C 977 43.67 35.26 -5.08
N GLN C 978 44.58 34.61 -5.81
CA GLN C 978 45.31 35.32 -6.86
C GLN C 978 44.37 35.86 -7.92
N VAL C 979 43.39 35.06 -8.33
CA VAL C 979 42.53 35.45 -9.45
C VAL C 979 41.67 36.66 -9.08
N THR C 980 41.05 36.63 -7.91
CA THR C 980 40.21 37.75 -7.51
C THR C 980 41.03 39.02 -7.30
N ARG C 981 42.17 38.89 -6.64
CA ARG C 981 43.03 40.03 -6.40
C ARG C 981 43.48 40.68 -7.70
N GLN C 982 43.88 39.84 -8.67
CA GLN C 982 44.39 40.37 -9.93
C GLN C 982 43.26 40.93 -10.79
N LEU C 983 42.05 40.40 -10.64
CA LEU C 983 40.93 40.96 -11.39
C LEU C 983 40.45 42.27 -10.77
N TYR C 984 40.72 42.47 -9.48
CA TYR C 984 40.10 43.60 -8.81
C TYR C 984 41.05 44.78 -8.63
N GLU C 985 42.34 44.52 -8.40
CA GLU C 985 43.27 45.63 -8.19
C GLU C 985 43.38 46.59 -9.38
N PRO C 986 43.34 46.15 -10.64
CA PRO C 986 43.25 47.14 -11.72
C PRO C 986 42.02 48.01 -11.61
N LEU C 987 40.92 47.46 -11.11
CA LEU C 987 39.71 48.24 -10.92
C LEU C 987 39.90 49.32 -9.87
N VAL C 988 40.50 48.99 -8.74
CA VAL C 988 40.70 50.02 -7.72
C VAL C 988 41.67 51.08 -8.22
N MET C 989 42.70 50.65 -8.97
CA MET C 989 43.63 51.60 -9.54
C MET C 989 42.93 52.53 -10.53
N GLN C 990 42.07 51.98 -11.39
CA GLN C 990 41.36 52.80 -12.36
C GLN C 990 40.38 53.75 -11.70
N LEU C 991 39.66 53.28 -10.68
CA LEU C 991 38.69 54.15 -10.03
C LEU C 991 39.39 55.28 -9.30
N ILE C 992 40.53 55.01 -8.65
CA ILE C 992 41.23 56.07 -7.95
C ILE C 992 41.84 57.03 -8.97
N HIS C 993 42.40 56.49 -10.06
CA HIS C 993 42.95 57.26 -11.16
C HIS C 993 41.85 57.80 -12.09
N TRP C 994 40.60 57.71 -11.67
CA TRP C 994 39.51 58.43 -12.33
C TRP C 994 39.00 59.54 -11.41
N PHE C 995 38.67 59.21 -10.15
CA PHE C 995 38.20 60.24 -9.24
C PHE C 995 39.29 61.25 -8.89
N THR C 996 40.56 60.92 -9.14
CA THR C 996 41.61 61.90 -8.91
C THR C 996 41.88 62.75 -10.15
N ASN C 997 41.68 62.19 -11.34
CA ASN C 997 42.08 62.85 -12.58
C ASN C 997 40.98 63.66 -13.24
N ASN C 998 39.71 63.30 -13.04
CA ASN C 998 38.63 64.08 -13.62
C ASN C 998 38.65 65.50 -13.07
N LYS C 999 38.39 66.47 -13.95
CA LYS C 999 38.58 67.88 -13.59
C LYS C 999 37.68 68.28 -12.42
N LYS C 1000 36.48 67.72 -12.35
CA LYS C 1000 35.58 68.06 -11.26
C LYS C 1000 36.15 67.60 -9.92
N PHE C 1001 36.19 68.53 -8.95
CA PHE C 1001 36.85 68.31 -7.66
C PHE C 1001 35.89 68.60 -6.51
N GLU C 1002 34.86 69.40 -6.77
CA GLU C 1002 34.00 69.92 -5.72
C GLU C 1002 33.10 68.86 -5.09
N SER C 1003 32.85 67.75 -5.79
CA SER C 1003 31.92 66.76 -5.29
C SER C 1003 32.45 66.08 -4.04
N GLN C 1004 31.53 65.68 -3.16
CA GLN C 1004 31.92 65.07 -1.90
C GLN C 1004 32.44 63.65 -2.08
N ASP C 1005 32.28 63.09 -3.27
CA ASP C 1005 32.64 61.69 -3.53
C ASP C 1005 34.12 61.39 -3.28
N THR C 1006 35.00 62.28 -3.70
CA THR C 1006 36.42 62.09 -3.39
C THR C 1006 36.65 62.13 -1.88
N VAL C 1007 35.98 63.03 -1.17
CA VAL C 1007 36.10 63.07 0.28
C VAL C 1007 35.62 61.74 0.88
N ALA C 1008 34.51 61.22 0.38
CA ALA C 1008 33.97 59.94 0.83
C ALA C 1008 34.93 58.79 0.60
N LEU C 1009 35.55 58.72 -0.58
CA LEU C 1009 36.46 57.61 -0.85
C LEU C 1009 37.75 57.74 -0.05
N LEU C 1010 38.22 58.97 0.17
CA LEU C 1010 39.37 59.17 1.04
C LEU C 1010 39.07 58.74 2.47
N GLU C 1011 37.87 59.09 2.95
CA GLU C 1011 37.47 58.66 4.29
C GLU C 1011 37.37 57.14 4.36
N ALA C 1012 36.86 56.51 3.30
CA ALA C 1012 36.80 55.06 3.27
C ALA C 1012 38.20 54.44 3.29
N ILE C 1013 39.14 55.05 2.55
CA ILE C 1013 40.52 54.56 2.56
C ILE C 1013 41.09 54.64 3.97
N LEU C 1014 40.93 55.79 4.63
CA LEU C 1014 41.48 55.95 5.97
C LEU C 1014 40.80 55.02 6.96
N ASP C 1015 39.50 54.78 6.80
CA ASP C 1015 38.79 53.83 7.65
C ASP C 1015 39.31 52.42 7.45
N GLY C 1016 39.62 52.04 6.21
CA GLY C 1016 40.27 50.77 5.99
C GLY C 1016 41.66 50.72 6.62
N ILE C 1017 42.35 51.85 6.63
CA ILE C 1017 43.66 51.92 7.27
C ILE C 1017 43.56 51.68 8.77
N VAL C 1018 42.59 52.31 9.44
CA VAL C 1018 42.48 52.12 10.89
C VAL C 1018 41.92 50.74 11.23
N ASP C 1019 41.23 50.08 10.28
CA ASP C 1019 40.58 48.79 10.49
C ASP C 1019 41.56 47.78 11.09
N PRO C 1020 41.32 47.33 12.32
CA PRO C 1020 42.31 46.47 13.00
C PRO C 1020 42.15 44.99 12.73
N VAL C 1021 41.33 44.61 11.75
CA VAL C 1021 41.04 43.19 11.55
C VAL C 1021 42.14 42.50 10.73
N ASP C 1022 42.77 43.20 9.79
CA ASP C 1022 43.71 42.55 8.89
C ASP C 1022 44.94 43.41 8.64
N SER C 1023 46.13 42.80 8.75
CA SER C 1023 47.36 43.52 8.48
C SER C 1023 47.52 43.83 6.99
N THR C 1024 47.21 42.87 6.12
CA THR C 1024 47.39 43.08 4.69
C THR C 1024 46.49 44.19 4.18
N LEU C 1025 45.30 44.37 4.76
CA LEU C 1025 44.43 45.46 4.36
C LEU C 1025 45.06 46.81 4.68
N ARG C 1026 45.73 46.92 5.84
CA ARG C 1026 46.33 48.20 6.22
C ARG C 1026 47.40 48.62 5.22
N ASP C 1027 48.32 47.70 4.90
CA ASP C 1027 49.36 48.04 3.93
C ASP C 1027 48.84 48.16 2.50
N PHE C 1028 47.77 47.45 2.16
CA PHE C 1028 47.16 47.67 0.84
C PHE C 1028 46.55 49.05 0.75
N CYS C 1029 45.90 49.52 1.81
CA CYS C 1029 45.41 50.88 1.84
C CYS C 1029 46.56 51.88 1.81
N GLY C 1030 47.70 51.51 2.39
CA GLY C 1030 48.90 52.33 2.24
C GLY C 1030 49.34 52.44 0.79
N ARG C 1031 49.33 51.31 0.07
CA ARG C 1031 49.58 51.33 -1.36
C ARG C 1031 48.57 52.23 -2.08
N CYS C 1032 47.31 52.13 -1.68
CA CYS C 1032 46.25 52.92 -2.31
C CYS C 1032 46.49 54.42 -2.11
N ILE C 1033 46.86 54.82 -0.90
CA ILE C 1033 47.09 56.25 -0.65
C ILE C 1033 48.37 56.70 -1.35
N ARG C 1034 49.35 55.81 -1.48
CA ARG C 1034 50.54 56.15 -2.24
C ARG C 1034 50.18 56.49 -3.68
N GLU C 1035 49.43 55.60 -4.34
CA GLU C 1035 49.00 55.86 -5.71
C GLU C 1035 48.13 57.11 -5.79
N PHE C 1036 47.23 57.26 -4.82
CA PHE C 1036 46.39 58.46 -4.72
C PHE C 1036 47.23 59.71 -4.79
N LEU C 1037 48.13 59.90 -3.83
CA LEU C 1037 48.89 61.15 -3.79
C LEU C 1037 49.77 61.28 -5.02
N LYS C 1038 50.39 60.18 -5.46
CA LYS C 1038 51.34 60.26 -6.57
C LYS C 1038 50.65 60.78 -7.83
N TRP C 1039 49.57 60.14 -8.26
CA TRP C 1039 48.94 60.65 -9.48
C TRP C 1039 48.01 61.83 -9.24
N SER C 1040 47.62 62.12 -7.99
CA SER C 1040 46.92 63.36 -7.73
C SER C 1040 47.83 64.56 -7.94
N ILE C 1041 49.06 64.46 -7.46
CA ILE C 1041 50.00 65.58 -7.63
C ILE C 1041 50.57 65.58 -9.04
N LYS C 1042 50.62 64.41 -9.69
CA LYS C 1042 51.03 64.40 -11.09
C LYS C 1042 49.93 64.89 -12.01
N GLN C 1043 48.68 64.88 -11.54
CA GLN C 1043 47.55 65.37 -12.33
C GLN C 1043 47.32 66.87 -12.18
N ILE C 1044 47.80 67.48 -11.09
CA ILE C 1044 47.38 68.84 -10.75
C ILE C 1044 47.50 69.77 -11.95
N THR C 1045 46.48 70.62 -12.11
CA THR C 1045 46.58 71.71 -13.06
C THR C 1045 47.39 72.80 -12.37
N PRO C 1046 48.61 73.09 -12.84
CA PRO C 1046 49.52 73.87 -12.00
C PRO C 1046 49.27 75.36 -11.99
N GLN C 1047 48.64 75.91 -13.03
CA GLN C 1047 48.62 77.37 -13.18
C GLN C 1047 47.81 78.06 -12.09
N GLN C 1048 46.66 77.51 -11.70
CA GLN C 1048 45.82 78.21 -10.71
C GLN C 1048 46.42 78.02 -9.33
N GLN C 1049 46.65 79.12 -8.63
CA GLN C 1049 47.14 79.10 -7.26
C GLN C 1049 46.03 79.39 -6.26
N GLU C 1050 45.22 80.41 -6.53
CA GLU C 1050 43.99 80.65 -5.78
C GLU C 1050 42.84 79.99 -6.54
N LYS C 1051 42.16 79.06 -5.88
CA LYS C 1051 41.31 78.12 -6.61
C LYS C 1051 40.18 77.64 -5.72
N SER C 1052 39.11 77.19 -6.36
CA SER C 1052 38.03 76.47 -5.70
C SER C 1052 38.52 75.15 -5.12
N PRO C 1053 39.33 74.34 -5.87
CA PRO C 1053 39.80 73.07 -5.30
C PRO C 1053 40.85 73.23 -4.22
N VAL C 1054 40.41 73.47 -2.99
CA VAL C 1054 41.33 73.60 -1.86
C VAL C 1054 41.80 72.23 -1.39
N ASN C 1055 41.19 71.16 -1.89
CA ASN C 1055 41.30 69.84 -1.28
C ASN C 1055 42.65 69.16 -1.51
N THR C 1056 43.62 69.82 -2.16
CA THR C 1056 44.98 69.29 -2.17
C THR C 1056 45.56 69.31 -0.76
N LYS C 1057 45.18 70.30 0.03
CA LYS C 1057 45.58 70.40 1.43
C LYS C 1057 44.78 69.48 2.33
N SER C 1058 43.70 68.89 1.81
CA SER C 1058 42.67 68.29 2.67
C SER C 1058 43.18 67.05 3.39
N LEU C 1059 43.79 66.12 2.67
CA LEU C 1059 44.15 64.82 3.25
C LEU C 1059 45.09 65.01 4.42
N PHE C 1060 45.89 66.08 4.37
CA PHE C 1060 46.92 66.26 5.38
C PHE C 1060 46.31 66.45 6.76
N LYS C 1061 45.36 67.38 6.90
CA LYS C 1061 44.89 67.72 8.24
C LYS C 1061 44.16 66.56 8.88
N ARG C 1062 43.38 65.81 8.10
CA ARG C 1062 42.75 64.62 8.66
C ARG C 1062 43.77 63.55 8.98
N LEU C 1063 44.89 63.48 8.25
CA LEU C 1063 45.99 62.62 8.67
C LEU C 1063 46.55 63.05 10.01
N TYR C 1064 46.77 64.36 10.17
CA TYR C 1064 47.35 64.86 11.41
C TYR C 1064 46.44 64.53 12.58
N SER C 1065 45.13 64.68 12.35
CA SER C 1065 44.12 64.29 13.33
C SER C 1065 44.21 62.81 13.67
N LEU C 1066 44.24 61.94 12.65
CA LEU C 1066 44.34 60.52 12.88
C LEU C 1066 45.58 60.19 13.71
N ALA C 1067 46.65 60.96 13.52
CA ALA C 1067 47.83 60.81 14.36
C ALA C 1067 47.55 61.23 15.79
N LEU C 1068 46.96 62.40 15.97
CA LEU C 1068 46.74 62.96 17.31
C LEU C 1068 45.48 62.37 17.92
N HIS C 1069 45.42 61.04 18.03
CA HIS C 1069 44.26 60.36 18.55
C HIS C 1069 44.67 59.27 19.52
N PRO C 1070 44.11 59.24 20.73
CA PRO C 1070 44.62 58.31 21.75
C PRO C 1070 44.49 56.84 21.39
N ASN C 1071 43.52 56.44 20.58
CA ASN C 1071 43.38 55.04 20.20
C ASN C 1071 44.63 54.57 19.47
N ALA C 1072 45.14 53.41 19.86
CA ALA C 1072 46.40 52.91 19.30
C ALA C 1072 46.30 52.72 17.79
N PHE C 1073 45.20 52.13 17.35
CA PHE C 1073 45.08 51.75 15.94
C PHE C 1073 44.91 52.97 15.05
N LYS C 1074 44.31 54.04 15.57
CA LYS C 1074 44.12 55.24 14.78
C LYS C 1074 45.46 55.85 14.37
N ARG C 1075 46.34 56.10 15.34
CA ARG C 1075 47.65 56.66 14.97
C ARG C 1075 48.55 55.61 14.35
N LEU C 1076 48.30 54.32 14.64
CA LEU C 1076 48.97 53.27 13.87
C LEU C 1076 48.71 53.44 12.39
N GLY C 1077 47.44 53.57 12.01
CA GLY C 1077 47.12 53.76 10.61
C GLY C 1077 47.64 55.07 10.06
N ALA C 1078 47.55 56.14 10.85
CA ALA C 1078 48.07 57.43 10.40
C ALA C 1078 49.55 57.34 10.07
N SER C 1079 50.34 56.80 11.00
CA SER C 1079 51.78 56.68 10.77
C SER C 1079 52.07 55.73 9.60
N LEU C 1080 51.34 54.62 9.51
CA LEU C 1080 51.59 53.66 8.45
C LEU C 1080 51.33 54.28 7.08
N ALA C 1081 50.24 55.02 6.93
CA ALA C 1081 49.97 55.72 5.69
C ALA C 1081 51.02 56.80 5.44
N PHE C 1082 51.47 57.45 6.50
CA PHE C 1082 52.46 58.50 6.38
C PHE C 1082 53.79 57.95 5.89
N ASN C 1083 54.07 56.70 6.21
CA ASN C 1083 55.32 56.01 5.89
C ASN C 1083 55.41 55.64 4.41
N ASN C 1084 54.31 55.75 3.66
CA ASN C 1084 54.29 55.35 2.26
C ASN C 1084 54.08 56.53 1.31
N ILE C 1085 54.64 57.70 1.62
CA ILE C 1085 54.37 58.90 0.83
C ILE C 1085 55.61 59.42 0.11
N TYR C 1086 56.80 59.12 0.64
CA TYR C 1086 58.02 59.87 0.37
C TYR C 1086 58.68 59.59 -0.97
N ARG C 1087 58.51 58.39 -1.54
CA ARG C 1087 59.49 57.90 -2.50
C ARG C 1087 59.66 58.84 -3.69
N GLU C 1088 58.57 59.22 -4.35
CA GLU C 1088 58.65 60.24 -5.38
C GLU C 1088 58.31 61.63 -4.83
N PHE C 1089 57.83 61.69 -3.59
CA PHE C 1089 57.60 62.97 -2.92
C PHE C 1089 58.89 63.77 -2.81
N ARG C 1090 60.00 63.05 -2.61
CA ARG C 1090 61.31 63.63 -2.34
C ARG C 1090 61.80 64.60 -3.41
N GLU C 1091 61.70 64.19 -4.67
CA GLU C 1091 62.52 64.80 -5.72
C GLU C 1091 61.95 66.09 -6.28
N GLU C 1092 60.62 66.20 -6.42
CA GLU C 1092 60.06 67.31 -7.20
C GLU C 1092 59.02 68.14 -6.47
N GLU C 1093 58.56 67.75 -5.28
CA GLU C 1093 57.48 68.45 -4.59
C GLU C 1093 57.98 69.40 -3.51
N SER C 1094 59.07 70.12 -3.79
CA SER C 1094 59.71 70.96 -2.77
C SER C 1094 58.79 72.09 -2.30
N LEU C 1095 57.74 72.40 -3.06
CA LEU C 1095 56.82 73.44 -2.61
C LEU C 1095 56.02 73.01 -1.39
N VAL C 1096 55.72 71.71 -1.28
CA VAL C 1096 54.88 71.23 -0.19
C VAL C 1096 55.71 70.62 0.94
N GLU C 1097 57.04 70.78 0.90
CA GLU C 1097 57.88 70.18 1.94
C GLU C 1097 57.62 70.76 3.32
N GLN C 1098 57.07 71.97 3.41
CA GLN C 1098 56.81 72.58 4.70
C GLN C 1098 55.79 71.77 5.51
N PHE C 1099 54.74 71.27 4.87
CA PHE C 1099 53.70 70.57 5.60
C PHE C 1099 54.19 69.24 6.16
N VAL C 1100 54.96 68.47 5.38
CA VAL C 1100 55.51 67.23 5.91
C VAL C 1100 56.65 67.52 6.89
N PHE C 1101 57.36 68.63 6.70
CA PHE C 1101 58.32 69.10 7.68
C PHE C 1101 57.67 69.31 9.03
N GLU C 1102 56.47 69.91 9.02
CA GLU C 1102 55.68 70.07 10.23
C GLU C 1102 55.16 68.74 10.73
N ALA C 1103 54.77 67.87 9.80
CA ALA C 1103 54.21 66.57 10.14
C ALA C 1103 55.21 65.74 10.93
N LEU C 1104 56.48 65.79 10.55
CA LEU C 1104 57.47 64.95 11.21
C LEU C 1104 57.53 65.25 12.70
N VAL C 1105 57.59 66.54 13.05
CA VAL C 1105 57.71 66.89 14.45
C VAL C 1105 56.40 66.61 15.20
N ILE C 1106 55.25 66.89 14.60
CA ILE C 1106 54.02 66.67 15.36
C ILE C 1106 53.61 65.20 15.34
N TYR C 1107 54.22 64.39 14.46
CA TYR C 1107 54.16 62.94 14.62
C TYR C 1107 55.04 62.47 15.78
N MET C 1108 56.23 63.07 15.95
CA MET C 1108 56.97 62.77 17.17
C MET C 1108 56.12 63.11 18.40
N GLU C 1109 55.37 64.21 18.32
CA GLU C 1109 54.37 64.49 19.36
C GLU C 1109 53.34 63.38 19.44
N SER C 1110 52.84 62.90 18.30
CA SER C 1110 51.89 61.79 18.32
C SER C 1110 52.52 60.53 18.89
N LEU C 1111 53.76 60.23 18.51
CA LEU C 1111 54.45 59.10 19.10
C LEU C 1111 54.97 59.40 20.49
N ALA C 1112 55.01 60.67 20.89
CA ALA C 1112 55.12 60.99 22.31
C ALA C 1112 53.86 60.55 23.03
N LEU C 1113 52.69 60.76 22.42
CA LEU C 1113 51.45 60.23 22.96
C LEU C 1113 51.41 58.70 22.86
N ALA C 1114 52.30 58.10 22.09
CA ALA C 1114 52.30 56.67 21.87
C ALA C 1114 52.88 55.88 23.04
N HIS C 1115 53.05 56.48 24.21
CA HIS C 1115 53.20 55.70 25.44
C HIS C 1115 52.05 55.88 26.41
N ALA C 1116 51.38 57.03 26.37
CA ALA C 1116 50.18 57.20 27.15
C ALA C 1116 49.07 56.33 26.57
N ASP C 1117 48.38 55.59 27.45
CA ASP C 1117 47.34 54.64 27.06
C ASP C 1117 47.87 53.59 26.10
N GLU C 1118 49.17 53.26 26.20
CA GLU C 1118 49.81 52.41 25.21
C GLU C 1118 49.78 50.95 25.64
N LYS C 1119 49.57 50.08 24.66
CA LYS C 1119 49.79 48.65 24.80
C LYS C 1119 51.01 48.28 23.97
N SER C 1120 51.66 47.18 24.34
CA SER C 1120 52.94 46.86 23.74
C SER C 1120 52.78 46.23 22.35
N LEU C 1121 52.09 46.93 21.46
CA LEU C 1121 52.02 46.55 20.06
C LEU C 1121 53.27 47.08 19.37
N GLY C 1122 54.18 46.17 19.02
CA GLY C 1122 55.47 46.58 18.49
C GLY C 1122 55.37 47.38 17.21
N THR C 1123 54.22 47.31 16.54
CA THR C 1123 53.98 48.09 15.33
C THR C 1123 53.99 49.60 15.62
N ILE C 1124 53.42 50.00 16.76
CA ILE C 1124 53.32 51.43 17.08
C ILE C 1124 54.70 52.07 17.12
N GLN C 1125 55.55 51.57 18.02
CA GLN C 1125 56.85 52.21 18.26
C GLN C 1125 57.78 52.03 17.07
N GLN C 1126 57.71 50.87 16.40
CA GLN C 1126 58.62 50.62 15.29
C GLN C 1126 58.42 51.65 14.18
N CYS C 1127 57.19 52.09 13.95
CA CYS C 1127 56.93 53.11 12.93
C CYS C 1127 57.47 54.48 13.31
N CYS C 1128 58.18 54.60 14.43
CA CYS C 1128 58.92 55.83 14.69
C CYS C 1128 60.07 56.02 13.72
N ASP C 1129 60.43 54.98 12.97
CA ASP C 1129 61.49 55.09 11.98
C ASP C 1129 61.14 56.10 10.90
N ALA C 1130 59.84 56.39 10.71
CA ALA C 1130 59.44 57.40 9.74
C ALA C 1130 60.03 58.76 10.04
N ILE C 1131 60.19 59.08 11.33
CA ILE C 1131 60.78 60.38 11.70
C ILE C 1131 62.20 60.49 11.17
N ASP C 1132 63.09 59.60 11.61
CA ASP C 1132 64.46 59.60 11.11
C ASP C 1132 64.50 59.48 9.60
N HIS C 1133 63.55 58.73 9.04
CA HIS C 1133 63.44 58.56 7.60
C HIS C 1133 63.31 59.90 6.90
N LEU C 1134 62.26 60.66 7.22
CA LEU C 1134 62.10 61.95 6.55
C LEU C 1134 63.12 62.97 7.02
N CYS C 1135 63.74 62.75 8.19
CA CYS C 1135 64.87 63.58 8.56
C CYS C 1135 66.02 63.39 7.60
N ARG C 1136 66.17 62.19 7.05
CA ARG C 1136 67.15 61.99 5.99
C ARG C 1136 66.90 62.95 4.82
N ILE C 1137 65.65 63.08 4.39
CA ILE C 1137 65.28 64.06 3.39
C ILE C 1137 65.59 65.47 3.87
N ILE C 1138 65.36 65.73 5.17
CA ILE C 1138 65.65 67.05 5.72
C ILE C 1138 67.12 67.40 5.55
N GLU C 1139 68.02 66.48 5.88
CA GLU C 1139 69.45 66.77 5.69
C GLU C 1139 69.80 66.83 4.20
N LYS C 1140 69.14 66.01 3.38
CA LYS C 1140 69.46 65.98 1.94
C LYS C 1140 69.32 67.36 1.32
N LYS C 1141 68.17 68.00 1.53
CA LYS C 1141 67.91 69.34 1.01
C LYS C 1141 67.87 70.36 2.15
N HIS C 1142 68.74 70.17 3.14
CA HIS C 1142 68.92 71.18 4.17
C HIS C 1142 69.46 72.48 3.60
N VAL C 1143 70.09 72.42 2.42
CA VAL C 1143 70.69 73.60 1.82
C VAL C 1143 69.64 74.66 1.50
N SER C 1144 68.40 74.26 1.24
CA SER C 1144 67.35 75.21 0.89
C SER C 1144 66.61 75.76 2.11
N LEU C 1145 66.81 75.17 3.28
CA LEU C 1145 66.07 75.57 4.48
C LEU C 1145 66.86 76.57 5.31
N ASN C 1146 67.70 77.36 4.65
CA ASN C 1146 68.33 78.52 5.27
C ASN C 1146 67.65 79.82 4.87
N LYS C 1147 67.42 80.03 3.58
CA LYS C 1147 66.60 81.13 3.09
C LYS C 1147 66.27 80.87 1.63
N ALA C 1148 64.98 80.94 1.31
CA ALA C 1148 64.56 80.71 -0.07
C ALA C 1148 63.43 81.64 -0.51
N LYS C 1149 63.23 82.79 0.12
CA LYS C 1149 62.09 83.68 -0.11
C LYS C 1149 60.76 83.01 0.17
N LYS C 1150 60.76 81.87 0.86
CA LYS C 1150 59.55 81.25 1.36
C LYS C 1150 59.46 81.47 2.87
N ARG C 1151 58.24 81.74 3.35
CA ARG C 1151 58.11 82.15 4.75
C ARG C 1151 57.14 81.30 5.58
N ARG C 1152 56.03 80.89 5.00
CA ARG C 1152 54.91 80.36 5.79
C ARG C 1152 55.33 79.19 6.66
N LEU C 1153 54.95 79.27 7.93
CA LEU C 1153 55.34 78.30 8.96
C LEU C 1153 54.17 78.07 9.91
N PRO C 1154 53.26 77.17 9.54
CA PRO C 1154 52.02 77.02 10.33
C PRO C 1154 52.21 76.48 11.74
N ARG C 1155 53.45 76.22 12.17
CA ARG C 1155 53.70 75.55 13.44
C ARG C 1155 53.19 76.39 14.62
N GLY C 1156 53.61 77.65 14.71
CA GLY C 1156 52.93 78.64 15.53
C GLY C 1156 52.96 78.43 17.03
N PHE C 1157 53.44 77.28 17.53
CA PHE C 1157 53.52 77.10 18.98
C PHE C 1157 54.34 78.19 19.66
N PRO C 1158 55.51 78.60 19.15
CA PRO C 1158 55.97 79.95 19.40
C PRO C 1158 55.30 80.92 18.44
N PRO C 1159 55.07 82.17 18.85
CA PRO C 1159 54.33 83.10 18.01
C PRO C 1159 54.91 83.23 16.60
N SER C 1160 54.08 83.74 15.69
CA SER C 1160 54.36 83.77 14.26
C SER C 1160 55.79 84.22 13.96
N ALA C 1161 56.45 83.49 13.07
CA ALA C 1161 57.86 83.70 12.77
C ALA C 1161 58.08 83.44 11.27
N SER C 1162 59.35 83.33 10.88
CA SER C 1162 59.71 83.10 9.48
C SER C 1162 60.64 81.90 9.40
N LEU C 1163 60.81 81.37 8.19
CA LEU C 1163 61.52 80.12 7.98
C LEU C 1163 63.04 80.21 8.14
N CYS C 1164 63.59 79.29 8.90
CA CYS C 1164 65.02 78.95 8.93
C CYS C 1164 65.18 77.75 9.85
N LEU C 1165 66.28 77.02 9.65
CA LEU C 1165 66.43 75.72 10.31
C LEU C 1165 66.55 75.85 11.83
N LEU C 1166 67.17 76.92 12.32
CA LEU C 1166 67.52 77.00 13.73
C LEU C 1166 66.29 76.95 14.63
N ASP C 1167 65.11 77.25 14.09
CA ASP C 1167 63.89 77.18 14.89
C ASP C 1167 63.63 75.77 15.38
N LEU C 1168 63.80 74.77 14.50
CA LEU C 1168 63.57 73.39 14.92
C LEU C 1168 64.65 72.92 15.88
N VAL C 1169 65.88 73.41 15.72
CA VAL C 1169 66.93 73.06 16.67
C VAL C 1169 66.57 73.55 18.06
N LYS C 1170 66.18 74.81 18.18
CA LYS C 1170 65.76 75.30 19.49
C LYS C 1170 64.45 74.68 19.95
N TRP C 1171 63.61 74.20 19.02
CA TRP C 1171 62.41 73.47 19.42
C TRP C 1171 62.78 72.16 20.09
N LEU C 1172 63.70 71.42 19.50
CA LEU C 1172 64.19 70.19 20.13
C LEU C 1172 64.83 70.50 21.48
N LEU C 1173 65.58 71.59 21.55
CA LEU C 1173 66.11 72.04 22.85
C LEU C 1173 64.98 72.23 23.86
N ALA C 1174 63.94 72.96 23.47
CA ALA C 1174 62.88 73.31 24.41
C ALA C 1174 62.07 72.09 24.82
N HIS C 1175 61.87 71.15 23.89
CA HIS C 1175 61.03 69.99 24.15
C HIS C 1175 61.81 68.73 24.44
N CYS C 1176 62.97 68.83 25.10
CA CYS C 1176 63.60 67.63 25.63
C CYS C 1176 62.84 67.06 26.81
N GLY C 1177 62.03 67.89 27.48
CA GLY C 1177 61.34 67.49 28.69
C GLY C 1177 60.09 66.67 28.47
N ARG C 1178 59.99 65.97 27.35
CA ARG C 1178 58.84 65.13 27.10
C ARG C 1178 58.84 63.96 28.08
N PRO C 1179 57.81 63.78 28.91
CA PRO C 1179 57.87 62.77 29.98
C PRO C 1179 57.80 61.33 29.48
N GLN C 1180 57.92 61.08 28.18
CA GLN C 1180 57.68 59.76 27.62
C GLN C 1180 58.96 59.25 26.94
N THR C 1181 59.25 57.96 27.09
CA THR C 1181 60.59 57.45 26.85
C THR C 1181 60.99 57.50 25.38
N GLU C 1182 60.11 57.04 24.48
CA GLU C 1182 60.48 56.94 23.07
C GLU C 1182 60.86 58.31 22.51
N CYS C 1183 60.00 59.30 22.71
CA CYS C 1183 60.35 60.66 22.29
C CYS C 1183 61.52 61.20 23.10
N ARG C 1184 61.58 60.83 24.39
CA ARG C 1184 62.70 61.23 25.25
C ARG C 1184 64.04 60.87 24.63
N HIS C 1185 64.12 59.75 23.94
CA HIS C 1185 65.33 59.44 23.17
C HIS C 1185 65.32 60.17 21.83
N LYS C 1186 64.27 59.95 21.03
CA LYS C 1186 64.29 60.38 19.63
C LYS C 1186 64.66 61.85 19.51
N SER C 1187 64.15 62.69 20.42
CA SER C 1187 64.48 64.10 20.41
C SER C 1187 65.99 64.31 20.55
N ILE C 1188 66.62 63.60 21.49
CA ILE C 1188 68.03 63.88 21.77
C ILE C 1188 68.93 63.39 20.63
N GLU C 1189 68.72 62.17 20.12
CA GLU C 1189 69.63 61.78 19.04
C GLU C 1189 69.29 62.54 17.75
N LEU C 1190 68.04 62.96 17.59
CA LEU C 1190 67.70 63.75 16.40
C LEU C 1190 68.34 65.13 16.49
N PHE C 1191 68.43 65.68 17.70
CA PHE C 1191 69.20 66.91 17.92
C PHE C 1191 70.65 66.71 17.54
N TYR C 1192 71.26 65.61 18.01
CA TYR C 1192 72.65 65.35 17.63
C TYR C 1192 72.79 65.23 16.12
N LYS C 1193 71.80 64.63 15.46
CA LYS C 1193 71.84 64.49 14.01
C LYS C 1193 71.75 65.84 13.31
N PHE C 1194 70.88 66.72 13.81
CA PHE C 1194 70.63 68.00 13.13
C PHE C 1194 71.74 69.00 13.34
N VAL C 1195 72.32 69.06 14.54
CA VAL C 1195 73.24 70.16 14.87
C VAL C 1195 74.42 70.34 13.91
N PRO C 1196 75.08 69.30 13.37
CA PRO C 1196 76.15 69.58 12.41
C PRO C 1196 75.65 70.25 11.14
N LEU C 1197 74.36 70.12 10.83
CA LEU C 1197 73.77 70.71 9.62
C LEU C 1197 73.46 72.18 9.78
N LEU C 1198 73.66 72.74 10.97
CA LEU C 1198 73.50 74.17 11.22
C LEU C 1198 74.48 74.90 10.30
N PRO C 1199 74.11 76.06 9.73
CA PRO C 1199 75.05 76.77 8.85
C PRO C 1199 76.29 77.26 9.58
N GLY C 1200 76.37 77.01 10.88
CA GLY C 1200 77.61 77.18 11.62
C GLY C 1200 78.65 76.12 11.35
N ASN C 1201 78.23 74.93 10.95
CA ASN C 1201 79.12 73.84 10.55
C ASN C 1201 80.12 73.47 11.63
N ARG C 1202 79.72 73.50 12.90
CA ARG C 1202 80.62 73.39 14.02
C ARG C 1202 80.07 72.43 15.07
N SER C 1203 80.98 71.88 15.88
CA SER C 1203 80.64 70.79 16.78
C SER C 1203 79.63 71.25 17.82
N PRO C 1204 78.60 70.44 18.11
CA PRO C 1204 77.64 70.84 19.16
C PRO C 1204 78.27 70.99 20.53
N ASN C 1205 79.19 70.09 20.88
CA ASN C 1205 79.86 70.16 22.17
C ASN C 1205 80.90 71.27 22.23
N LEU C 1206 81.14 71.96 21.12
CA LEU C 1206 82.10 73.06 21.09
C LEU C 1206 81.40 74.40 21.06
N TRP C 1207 80.50 74.61 20.09
CA TRP C 1207 79.94 75.95 19.90
C TRP C 1207 78.73 76.20 20.80
N LEU C 1208 77.66 75.42 20.65
CA LEU C 1208 76.45 75.69 21.42
C LEU C 1208 76.68 75.47 22.90
N LYS C 1209 77.58 74.55 23.26
CA LYS C 1209 77.96 74.39 24.66
C LYS C 1209 78.56 75.66 25.23
N ASP C 1210 79.08 76.55 24.38
CA ASP C 1210 79.64 77.83 24.80
C ASP C 1210 78.64 78.96 24.65
N VAL C 1211 77.71 78.83 23.69
CA VAL C 1211 76.70 79.87 23.49
C VAL C 1211 75.67 79.84 24.61
N LEU C 1212 75.26 78.64 25.04
CA LEU C 1212 74.16 78.53 25.99
C LEU C 1212 74.56 79.05 27.37
N LYS C 1213 75.85 79.05 27.69
CA LYS C 1213 76.27 79.52 29.01
C LYS C 1213 76.11 81.02 29.19
N GLU C 1214 75.77 81.75 28.12
CA GLU C 1214 75.61 83.20 28.20
C GLU C 1214 74.64 83.58 29.32
N GLU C 1215 73.46 82.95 29.34
CA GLU C 1215 72.51 83.16 30.42
C GLU C 1215 71.55 81.98 30.49
N GLY C 1216 70.56 82.08 31.38
CA GLY C 1216 69.49 81.09 31.39
C GLY C 1216 69.93 79.67 31.65
N VAL C 1217 70.77 79.46 32.66
CA VAL C 1217 71.08 78.09 33.09
C VAL C 1217 69.80 77.35 33.46
N SER C 1218 68.72 78.09 33.74
CA SER C 1218 67.42 77.48 33.98
C SER C 1218 66.93 76.67 32.79
N PHE C 1219 67.51 76.90 31.60
CA PHE C 1219 67.18 76.10 30.43
C PHE C 1219 67.38 74.60 30.67
N LEU C 1220 68.07 74.22 31.74
CA LEU C 1220 68.33 72.82 32.02
C LEU C 1220 67.60 72.32 33.26
N ILE C 1221 66.97 73.20 34.05
CA ILE C 1221 66.29 72.78 35.26
C ILE C 1221 64.82 73.19 35.19
N ASN C 1222 64.57 74.48 35.03
CA ASN C 1222 63.19 74.97 34.95
C ASN C 1222 62.47 74.39 33.74
N THR C 1223 63.17 74.23 32.61
CA THR C 1223 62.57 73.67 31.42
C THR C 1223 62.19 72.20 31.61
N PHE C 1224 62.67 71.55 32.66
CA PHE C 1224 62.50 70.12 32.82
C PHE C 1224 61.18 69.77 33.51
N GLU C 1225 60.10 70.38 33.05
CA GLU C 1225 58.74 69.92 33.34
C GLU C 1225 57.80 70.36 32.22
N GLY C 1226 57.57 69.46 31.25
CA GLY C 1226 56.68 69.77 30.15
C GLY C 1226 57.09 71.03 29.39
N GLY C 1227 56.26 72.06 29.51
CA GLY C 1227 56.54 73.35 28.91
C GLY C 1227 55.97 74.49 29.72
N GLY C 1228 56.78 75.50 30.00
CA GLY C 1228 56.32 76.63 30.79
C GLY C 1228 56.18 76.37 32.26
N CYS C 1229 56.88 75.36 32.79
CA CYS C 1229 56.78 75.02 34.20
C CYS C 1229 58.14 75.12 34.88
N GLY C 1230 58.23 74.64 36.12
CA GLY C 1230 59.49 74.58 36.84
C GLY C 1230 59.70 73.22 37.47
N GLN C 1231 60.12 73.20 38.73
CA GLN C 1231 60.09 71.94 39.46
C GLN C 1231 59.46 72.17 40.83
N PRO C 1232 58.21 72.64 40.89
CA PRO C 1232 57.65 73.01 42.19
C PRO C 1232 57.34 71.82 43.08
N SER C 1233 56.72 70.79 42.52
CA SER C 1233 56.45 69.55 43.25
C SER C 1233 57.48 68.48 42.94
N GLY C 1234 58.65 68.86 42.42
CA GLY C 1234 59.69 67.92 42.05
C GLY C 1234 60.02 66.92 43.13
N ILE C 1235 60.58 67.38 44.25
CA ILE C 1235 60.83 66.49 45.37
C ILE C 1235 59.61 66.35 46.27
N LEU C 1236 58.54 67.09 45.99
CA LEU C 1236 57.36 67.12 46.84
C LEU C 1236 56.47 65.90 46.58
N ALA C 1237 57.04 64.71 46.72
CA ALA C 1237 56.23 63.50 46.57
C ALA C 1237 55.46 63.19 47.84
N GLN C 1238 55.85 63.80 48.96
CA GLN C 1238 55.21 63.52 50.25
C GLN C 1238 53.71 63.81 50.27
N PRO C 1239 53.21 64.94 49.77
CA PRO C 1239 51.75 65.11 49.69
C PRO C 1239 51.07 64.03 48.87
N THR C 1240 51.65 63.66 47.73
CA THR C 1240 51.07 62.59 46.91
C THR C 1240 51.14 61.24 47.58
N LEU C 1241 52.05 61.04 48.54
CA LEU C 1241 52.04 59.79 49.31
C LEU C 1241 50.77 59.63 50.11
N LEU C 1242 50.11 60.74 50.45
CA LEU C 1242 48.92 60.69 51.29
C LEU C 1242 47.75 61.48 50.71
N TYR C 1243 47.76 61.78 49.41
CA TYR C 1243 46.67 62.49 48.77
C TYR C 1243 46.38 61.89 47.39
N SER C 1249 43.54 54.06 47.77
CA SER C 1249 42.63 55.19 47.90
C SER C 1249 43.24 56.45 47.31
N LEU C 1250 44.50 56.35 46.89
CA LEU C 1250 45.25 57.48 46.35
C LEU C 1250 45.89 57.05 45.03
N GLN C 1251 46.41 58.02 44.28
CA GLN C 1251 46.82 57.76 42.90
C GLN C 1251 47.93 58.70 42.50
N ALA C 1252 48.23 58.72 41.20
CA ALA C 1252 49.22 59.59 40.55
C ALA C 1252 50.65 59.28 40.96
N THR C 1253 50.85 58.18 41.71
CA THR C 1253 52.20 57.80 42.12
C THR C 1253 53.08 57.55 40.90
N LEU C 1254 52.62 56.71 39.97
CA LEU C 1254 53.37 56.46 38.75
C LEU C 1254 53.51 57.73 37.92
N CYS C 1255 52.52 58.61 38.00
CA CYS C 1255 52.59 59.87 37.26
C CYS C 1255 53.77 60.72 37.73
N TRP C 1256 54.01 60.75 39.04
CA TRP C 1256 55.17 61.47 39.55
C TRP C 1256 56.46 60.69 39.29
N LEU C 1257 56.40 59.36 39.44
CA LEU C 1257 57.60 58.55 39.26
C LEU C 1257 58.16 58.67 37.86
N ASP C 1258 57.31 58.47 36.84
CA ASP C 1258 57.77 58.59 35.46
C ASP C 1258 58.20 60.01 35.14
N LEU C 1259 57.49 61.00 35.67
CA LEU C 1259 57.85 62.40 35.43
C LEU C 1259 59.27 62.67 35.91
N LEU C 1260 59.62 62.17 37.10
CA LEU C 1260 60.99 62.35 37.57
C LEU C 1260 61.97 61.48 36.81
N LEU C 1261 61.57 60.25 36.48
CA LEU C 1261 62.46 59.30 35.85
C LEU C 1261 62.92 59.79 34.49
N ALA C 1262 62.02 60.41 33.74
CA ALA C 1262 62.39 60.96 32.44
C ALA C 1262 63.44 62.05 32.57
N ALA C 1263 63.41 62.82 33.65
CA ALA C 1263 64.45 63.82 33.88
C ALA C 1263 65.82 63.17 34.02
N LEU C 1264 65.92 62.12 34.83
CA LEU C 1264 67.19 61.40 34.95
C LEU C 1264 67.57 60.76 33.62
N GLU C 1265 66.58 60.32 32.85
CA GLU C 1265 66.86 59.79 31.52
C GLU C 1265 67.47 60.86 30.63
N CYS C 1266 67.10 62.13 30.86
CA CYS C 1266 67.76 63.22 30.14
C CYS C 1266 69.24 63.30 30.51
N TYR C 1267 69.53 63.54 31.79
CA TYR C 1267 70.89 63.85 32.21
C TYR C 1267 71.88 62.76 31.79
N ASN C 1268 71.46 61.50 31.86
CA ASN C 1268 72.39 60.39 31.62
C ASN C 1268 73.05 60.50 30.26
N THR C 1269 72.34 61.03 29.26
CA THR C 1269 72.93 61.16 27.92
C THR C 1269 73.72 62.45 27.80
N PHE C 1270 73.26 63.54 28.43
CA PHE C 1270 73.98 64.80 28.36
C PHE C 1270 75.35 64.68 29.03
N ILE C 1271 75.39 64.18 30.26
CA ILE C 1271 76.66 63.98 30.94
C ILE C 1271 77.43 62.82 30.31
N GLY C 1272 76.72 61.76 29.94
CA GLY C 1272 77.41 60.56 29.47
C GLY C 1272 78.22 60.78 28.19
N GLU C 1273 77.61 61.45 27.20
CA GLU C 1273 78.27 61.65 25.92
C GLU C 1273 79.09 62.94 25.86
N ARG C 1274 79.51 63.46 27.01
CA ARG C 1274 80.24 64.73 27.10
C ARG C 1274 79.44 65.90 26.53
N THR C 1275 78.15 65.71 26.29
CA THR C 1275 77.30 66.82 25.86
C THR C 1275 77.22 67.90 26.93
N VAL C 1276 77.06 67.51 28.19
CA VAL C 1276 76.95 68.43 29.32
C VAL C 1276 77.82 67.88 30.45
N GLY C 1277 78.29 68.77 31.30
CA GLY C 1277 78.98 68.37 32.52
C GLY C 1277 78.02 68.35 33.68
N ALA C 1278 78.19 67.36 34.56
CA ALA C 1278 77.26 67.18 35.67
C ALA C 1278 77.28 68.36 36.63
N LEU C 1279 78.40 69.07 36.72
CA LEU C 1279 78.52 70.20 37.64
C LEU C 1279 77.51 71.29 37.30
N GLN C 1280 77.34 71.58 36.01
CA GLN C 1280 76.60 72.75 35.57
C GLN C 1280 75.13 72.74 35.98
N VAL C 1281 74.58 71.59 36.39
CA VAL C 1281 73.19 71.56 36.84
C VAL C 1281 73.06 71.63 38.36
N LEU C 1282 74.15 71.87 39.08
CA LEU C 1282 74.11 72.04 40.53
C LEU C 1282 74.94 73.22 41.01
N GLY C 1283 75.82 73.77 40.17
CA GLY C 1283 76.77 74.77 40.61
C GLY C 1283 76.20 76.05 41.18
N THR C 1284 76.32 76.21 42.51
CA THR C 1284 76.00 77.44 43.26
C THR C 1284 74.76 78.17 42.75
N GLU C 1285 73.70 77.43 42.44
CA GLU C 1285 72.44 78.05 42.05
C GLU C 1285 71.32 77.05 42.34
N ALA C 1286 70.14 77.28 41.75
CA ALA C 1286 68.92 76.52 42.04
C ALA C 1286 69.18 75.01 42.05
N GLN C 1287 68.97 74.39 43.19
CA GLN C 1287 69.29 72.97 43.35
C GLN C 1287 68.28 72.10 42.62
N SER C 1288 68.79 71.08 41.94
CA SER C 1288 67.94 70.19 41.16
C SER C 1288 68.28 68.72 41.30
N SER C 1289 69.15 68.34 42.22
CA SER C 1289 69.54 66.94 42.36
C SER C 1289 68.41 66.15 43.02
N LEU C 1290 68.51 64.82 42.88
CA LEU C 1290 67.58 63.92 43.52
C LEU C 1290 67.90 63.85 45.02
N LEU C 1291 67.60 64.93 45.72
CA LEU C 1291 68.25 65.20 47.00
C LEU C 1291 67.75 64.27 48.12
N LYS C 1292 66.43 64.13 48.29
CA LYS C 1292 65.93 63.29 49.38
C LYS C 1292 65.04 62.15 48.92
N ALA C 1293 64.09 62.44 48.03
CA ALA C 1293 62.98 61.52 47.78
C ALA C 1293 63.45 60.13 47.35
N VAL C 1294 64.64 60.03 46.75
CA VAL C 1294 65.14 58.72 46.36
C VAL C 1294 65.46 57.87 47.58
N ALA C 1295 65.98 58.50 48.65
CA ALA C 1295 66.38 57.75 49.83
C ALA C 1295 65.20 57.02 50.45
N PHE C 1296 64.07 57.72 50.58
CA PHE C 1296 62.84 57.06 51.00
C PHE C 1296 62.40 56.02 49.97
N PHE C 1297 62.55 56.35 48.68
CA PHE C 1297 62.16 55.44 47.62
C PHE C 1297 63.01 54.18 47.64
N LEU C 1298 64.30 54.30 47.95
CA LEU C 1298 65.20 53.16 47.91
C LEU C 1298 64.99 52.19 49.06
N GLU C 1299 64.29 52.58 50.11
CA GLU C 1299 64.17 51.70 51.27
C GLU C 1299 62.75 51.25 51.56
N SER C 1300 61.76 52.14 51.46
CA SER C 1300 60.38 51.80 51.72
C SER C 1300 59.64 51.33 50.49
N ILE C 1301 60.24 51.46 49.30
CA ILE C 1301 59.55 51.16 48.05
C ILE C 1301 60.30 50.06 47.31
N ALA C 1302 61.61 50.20 47.17
CA ALA C 1302 62.44 49.26 46.42
C ALA C 1302 62.87 48.06 47.25
N MET C 1303 62.19 47.78 48.36
CA MET C 1303 62.52 46.65 49.22
C MET C 1303 61.48 45.55 49.18
N HIS C 1304 60.23 45.87 48.85
CA HIS C 1304 59.16 44.90 48.82
C HIS C 1304 58.97 44.35 47.41
N ASP C 1305 58.36 43.18 47.31
CA ASP C 1305 58.10 42.56 46.02
C ASP C 1305 56.68 42.05 45.83
N ILE C 1306 55.93 41.79 46.89
CA ILE C 1306 54.58 41.24 46.77
C ILE C 1306 53.58 42.10 47.50
N ILE C 1307 53.99 42.71 48.61
CA ILE C 1307 53.10 43.58 49.38
C ILE C 1307 53.62 45.00 49.27
N ALA C 1308 54.28 45.30 48.16
CA ALA C 1308 54.66 46.67 47.84
C ALA C 1308 53.42 47.43 47.39
N ALA C 1309 52.99 48.40 48.20
CA ALA C 1309 51.77 49.14 47.93
C ALA C 1309 52.06 50.63 47.97
N GLU C 1310 51.00 51.42 47.92
CA GLU C 1310 51.10 52.87 48.02
C GLU C 1310 51.24 53.29 49.47
N LYS C 1311 52.45 53.60 49.90
CA LYS C 1311 52.73 53.93 51.29
C LYS C 1311 52.30 55.35 51.63
N SER C 1323 44.30 43.90 45.74
CA SER C 1323 44.18 43.36 44.40
C SER C 1323 45.51 43.41 43.66
N PRO C 1324 45.80 42.38 42.86
CA PRO C 1324 47.07 42.36 42.12
C PRO C 1324 47.21 43.51 41.12
N GLN C 1325 46.12 44.06 40.61
CA GLN C 1325 46.20 45.17 39.67
C GLN C 1325 46.86 46.39 40.30
N GLU C 1326 46.81 46.50 41.64
CA GLU C 1326 47.50 47.59 42.31
C GLU C 1326 49.01 47.47 42.09
N GLY C 1327 49.54 46.26 42.12
CA GLY C 1327 50.97 46.08 41.98
C GLY C 1327 51.42 45.83 40.55
N GLU C 1328 50.49 45.52 39.64
CA GLU C 1328 50.88 45.06 38.31
C GLU C 1328 51.66 46.13 37.55
N ARG C 1329 51.10 47.34 37.43
CA ARG C 1329 51.85 48.42 36.80
C ARG C 1329 52.98 48.90 37.71
N TYR C 1330 52.74 48.85 39.02
CA TYR C 1330 53.59 49.52 40.00
C TYR C 1330 54.96 48.84 40.08
N ASN C 1331 55.00 47.51 39.99
CA ASN C 1331 56.28 46.80 40.04
C ASN C 1331 57.12 47.13 38.82
N TYR C 1332 56.52 47.13 37.63
CA TYR C 1332 57.28 47.45 36.43
C TYR C 1332 57.78 48.88 36.49
N SER C 1333 56.96 49.79 37.02
CA SER C 1333 57.41 51.17 37.17
C SER C 1333 58.60 51.26 38.12
N LYS C 1334 58.51 50.62 39.29
CA LYS C 1334 59.63 50.70 40.23
C LYS C 1334 60.90 50.16 39.58
N CYS C 1335 60.78 49.01 38.92
CA CYS C 1335 61.97 48.36 38.39
C CYS C 1335 62.59 49.16 37.26
N THR C 1336 61.77 49.78 36.40
CA THR C 1336 62.33 50.70 35.41
C THR C 1336 63.06 51.85 36.09
N VAL C 1337 62.46 52.42 37.14
CA VAL C 1337 63.11 53.52 37.84
C VAL C 1337 64.47 53.08 38.39
N VAL C 1338 64.51 51.89 39.00
CA VAL C 1338 65.74 51.47 39.67
C VAL C 1338 66.83 51.16 38.65
N VAL C 1339 66.48 50.52 37.53
CA VAL C 1339 67.52 50.21 36.54
C VAL C 1339 68.03 51.51 35.91
N ARG C 1340 67.13 52.47 35.67
CA ARG C 1340 67.56 53.71 35.06
C ARG C 1340 68.44 54.53 36.01
N ILE C 1341 68.12 54.54 37.31
CA ILE C 1341 69.00 55.24 38.25
C ILE C 1341 70.33 54.50 38.38
N MET C 1342 70.31 53.16 38.26
CA MET C 1342 71.57 52.43 38.20
C MET C 1342 72.44 52.94 37.06
N GLU C 1343 71.86 53.05 35.85
CA GLU C 1343 72.61 53.51 34.70
C GLU C 1343 73.11 54.94 34.90
N PHE C 1344 72.25 55.80 35.45
CA PHE C 1344 72.64 57.19 35.71
C PHE C 1344 73.83 57.27 36.65
N THR C 1345 73.75 56.56 37.78
CA THR C 1345 74.86 56.57 38.73
C THR C 1345 76.12 55.98 38.10
N THR C 1346 75.96 54.98 37.24
CA THR C 1346 77.12 54.39 36.57
C THR C 1346 77.83 55.41 35.69
N THR C 1347 77.08 56.17 34.88
CA THR C 1347 77.73 57.10 33.97
C THR C 1347 78.17 58.38 34.67
N LEU C 1348 77.85 58.53 35.96
CA LEU C 1348 78.01 59.81 36.63
C LEU C 1348 79.49 60.14 36.89
N LEU C 1349 80.17 59.28 37.65
CA LEU C 1349 81.49 59.62 38.16
C LEU C 1349 82.55 59.63 37.06
N ASN C 1350 82.33 58.87 35.99
CA ASN C 1350 83.35 58.66 34.96
C ASN C 1350 83.82 59.96 34.33
N THR C 1351 85.14 60.06 34.14
CA THR C 1351 85.81 61.17 33.45
C THR C 1351 85.54 62.52 34.10
N SER C 1352 85.37 62.54 35.43
CA SER C 1352 85.17 63.79 36.13
C SER C 1352 86.32 64.02 37.11
N PRO C 1353 87.27 64.92 36.81
CA PRO C 1353 88.32 65.23 37.78
C PRO C 1353 87.79 65.77 39.10
N GLU C 1354 86.68 66.50 39.08
CA GLU C 1354 86.02 66.88 40.32
C GLU C 1354 85.39 65.68 41.02
N GLY C 1355 84.86 64.74 40.23
CA GLY C 1355 84.42 63.46 40.75
C GLY C 1355 83.35 63.49 41.83
N TRP C 1356 83.60 62.79 42.93
CA TRP C 1356 82.62 62.61 43.99
C TRP C 1356 82.55 63.79 44.96
N LYS C 1357 83.04 64.96 44.59
CA LYS C 1357 82.97 66.11 45.50
C LYS C 1357 81.51 66.49 45.79
N LEU C 1358 80.66 66.49 44.76
CA LEU C 1358 79.24 66.76 45.00
C LEU C 1358 78.56 65.53 45.59
N LEU C 1359 79.03 64.34 45.22
CA LEU C 1359 78.49 63.10 45.79
C LEU C 1359 78.80 62.98 47.27
N LYS C 1360 79.72 63.79 47.79
CA LYS C 1360 80.03 63.78 49.21
C LYS C 1360 78.81 64.20 50.04
N LYS C 1361 78.12 65.25 49.61
CA LYS C 1361 77.00 65.77 50.39
C LYS C 1361 75.84 64.78 50.45
N ASP C 1362 75.42 64.24 49.30
CA ASP C 1362 74.31 63.29 49.27
C ASP C 1362 74.81 61.88 49.58
N LEU C 1363 75.33 61.72 50.80
CA LEU C 1363 75.80 60.43 51.26
C LEU C 1363 74.67 59.40 51.36
N CYS C 1364 73.43 59.80 51.03
CA CYS C 1364 72.32 58.86 50.90
C CYS C 1364 72.56 57.90 49.74
N ASN C 1365 73.70 58.05 49.05
CA ASN C 1365 74.15 57.01 48.14
C ASN C 1365 74.56 55.77 48.90
N THR C 1366 74.64 55.86 50.23
CA THR C 1366 74.79 54.65 51.04
C THR C 1366 73.62 53.70 50.80
N HIS C 1367 72.40 54.23 50.71
CA HIS C 1367 71.25 53.44 50.32
C HIS C 1367 71.30 53.02 48.85
N LEU C 1368 72.03 53.75 48.02
CA LEU C 1368 72.34 53.25 46.69
C LEU C 1368 73.13 51.95 46.78
N MET C 1369 74.15 51.92 47.64
CA MET C 1369 74.87 50.67 47.87
C MET C 1369 73.97 49.63 48.53
N ARG C 1370 72.99 50.07 49.33
CA ARG C 1370 72.02 49.13 49.90
C ARG C 1370 71.27 48.39 48.81
N VAL C 1371 70.70 49.14 47.86
CA VAL C 1371 69.96 48.49 46.78
C VAL C 1371 70.91 47.71 45.87
N LEU C 1372 72.14 48.20 45.69
CA LEU C 1372 73.13 47.41 44.97
C LEU C 1372 73.36 46.05 45.60
N VAL C 1373 73.52 46.00 46.93
CA VAL C 1373 73.70 44.72 47.60
C VAL C 1373 72.44 43.86 47.45
N GLN C 1374 71.28 44.45 47.71
CA GLN C 1374 70.04 43.68 47.70
C GLN C 1374 69.71 43.13 46.32
N THR C 1375 70.20 43.77 45.26
CA THR C 1375 69.89 43.31 43.91
C THR C 1375 71.01 42.43 43.36
N LEU C 1376 72.26 42.76 43.71
CA LEU C 1376 73.39 41.92 43.35
C LEU C 1376 73.26 40.52 43.96
N CYS C 1377 72.80 40.44 45.21
CA CYS C 1377 72.63 39.16 45.87
C CYS C 1377 71.26 38.55 45.64
N GLU C 1378 70.18 39.30 45.85
CA GLU C 1378 68.85 38.74 45.61
C GLU C 1378 68.02 39.67 44.73
N PRO C 1379 68.28 39.72 43.42
CA PRO C 1379 67.49 40.61 42.55
C PRO C 1379 66.03 40.20 42.46
N ALA C 1380 65.72 38.91 42.59
CA ALA C 1380 64.36 38.44 42.34
C ALA C 1380 63.43 38.64 43.53
N SER C 1381 63.97 38.86 44.73
CA SER C 1381 63.12 38.98 45.91
C SER C 1381 63.16 40.40 46.47
N ILE C 1382 64.35 40.98 46.54
CA ILE C 1382 64.48 42.37 46.98
C ILE C 1382 65.05 43.18 45.84
N GLY C 1383 64.18 43.85 45.08
CA GLY C 1383 64.57 44.52 43.86
C GLY C 1383 63.55 44.30 42.76
N PHE C 1384 63.98 43.69 41.67
CA PHE C 1384 63.06 43.35 40.59
C PHE C 1384 62.08 42.26 41.04
N ASN C 1385 60.97 42.16 40.32
CA ASN C 1385 59.92 41.19 40.61
C ASN C 1385 60.35 39.84 40.05
N ILE C 1386 59.40 38.91 39.95
CA ILE C 1386 59.62 37.66 39.22
C ILE C 1386 58.89 37.77 37.88
N GLY C 1387 59.65 37.80 36.79
CA GLY C 1387 59.03 38.04 35.50
C GLY C 1387 60.01 37.95 34.35
N ASP C 1388 59.90 38.93 33.44
CA ASP C 1388 60.55 38.86 32.14
C ASP C 1388 62.08 38.86 32.25
N VAL C 1389 62.72 38.20 31.28
CA VAL C 1389 64.18 38.06 31.28
C VAL C 1389 64.85 39.30 30.72
N GLN C 1390 64.12 40.11 29.95
CA GLN C 1390 64.72 41.24 29.25
C GLN C 1390 65.46 42.17 30.20
N VAL C 1391 64.99 42.28 31.43
CA VAL C 1391 65.70 43.05 32.45
C VAL C 1391 66.31 42.14 33.50
N MET C 1392 65.68 40.99 33.77
CA MET C 1392 66.20 40.05 34.76
C MET C 1392 67.64 39.64 34.44
N ALA C 1393 67.97 39.50 33.16
CA ALA C 1393 69.33 39.14 32.77
C ALA C 1393 70.17 40.37 32.42
N HIS C 1394 69.54 41.46 32.03
CA HIS C 1394 70.30 42.65 31.65
C HIS C 1394 70.84 43.39 32.86
N LEU C 1395 70.07 43.41 33.95
CA LEU C 1395 70.47 44.14 35.16
C LEU C 1395 71.81 43.70 35.72
N PRO C 1396 72.15 42.40 35.79
CA PRO C 1396 73.50 42.04 36.26
C PRO C 1396 74.61 42.66 35.43
N ASP C 1397 74.42 42.82 34.12
CA ASP C 1397 75.48 43.38 33.28
C ASP C 1397 75.74 44.84 33.64
N VAL C 1398 74.69 45.66 33.70
CA VAL C 1398 74.86 47.06 34.05
C VAL C 1398 75.33 47.21 35.49
N CYS C 1399 74.89 46.32 36.39
CA CYS C 1399 75.38 46.35 37.76
C CYS C 1399 76.88 46.07 37.81
N VAL C 1400 77.34 45.09 37.03
CA VAL C 1400 78.76 44.79 36.96
C VAL C 1400 79.52 45.99 36.42
N ASN C 1401 78.97 46.64 35.40
CA ASN C 1401 79.57 47.88 34.91
C ASN C 1401 79.65 48.90 36.04
N LEU C 1402 78.64 48.95 36.90
CA LEU C 1402 78.63 49.91 37.99
C LEU C 1402 79.73 49.61 39.00
N MET C 1403 79.93 48.34 39.35
CA MET C 1403 81.05 48.00 40.23
C MET C 1403 82.38 48.31 39.57
N LYS C 1404 82.48 48.08 38.25
CA LYS C 1404 83.70 48.43 37.53
C LYS C 1404 83.97 49.92 37.62
N ALA C 1405 82.91 50.73 37.59
CA ALA C 1405 83.06 52.16 37.80
C ALA C 1405 83.63 52.49 39.17
N LEU C 1406 83.21 51.78 40.21
CA LEU C 1406 83.82 51.95 41.53
C LEU C 1406 85.28 51.52 41.52
N LYS C 1407 85.59 50.43 40.82
CA LYS C 1407 86.96 49.93 40.79
C LYS C 1407 87.89 50.91 40.12
N MET C 1408 87.47 51.51 38.99
CA MET C 1408 88.27 52.54 38.36
C MET C 1408 88.24 53.85 39.14
N SER C 1409 87.24 54.03 39.99
CA SER C 1409 87.24 55.18 40.89
C SER C 1409 88.36 55.03 41.91
N PRO C 1410 89.11 56.10 42.18
CA PRO C 1410 90.22 56.00 43.14
C PRO C 1410 89.77 55.66 44.56
N TYR C 1411 88.51 55.88 44.90
CA TYR C 1411 88.04 55.63 46.25
C TYR C 1411 87.18 54.38 46.33
N LYS C 1412 87.55 53.49 47.25
CA LYS C 1412 86.75 52.31 47.56
C LYS C 1412 86.74 51.95 49.04
N ASP C 1413 87.36 52.77 49.91
CA ASP C 1413 87.64 52.33 51.27
C ASP C 1413 86.39 52.18 52.14
N ILE C 1414 85.42 53.09 52.05
CA ILE C 1414 84.21 52.90 52.82
C ILE C 1414 83.50 51.62 52.40
N LEU C 1415 83.53 51.31 51.11
CA LEU C 1415 82.99 50.05 50.63
C LEU C 1415 83.75 48.87 51.23
N GLU C 1416 85.09 48.96 51.26
CA GLU C 1416 85.96 47.88 51.70
C GLU C 1416 85.65 47.39 53.10
N THR C 1417 84.84 48.12 53.86
CA THR C 1417 84.34 47.64 55.13
C THR C 1417 82.81 47.50 55.11
N HIS C 1418 82.10 48.52 54.62
CA HIS C 1418 80.65 48.55 54.72
C HIS C 1418 80.00 47.41 53.97
N LEU C 1419 80.64 46.88 52.92
CA LEU C 1419 80.08 45.76 52.19
C LEU C 1419 80.82 44.45 52.45
N ARG C 1420 82.10 44.53 52.79
CA ARG C 1420 82.84 43.33 53.20
C ARG C 1420 82.31 42.78 54.52
N GLU C 1421 81.70 43.64 55.34
CA GLU C 1421 81.19 43.23 56.64
C GLU C 1421 79.84 42.54 56.55
N LYS C 1422 79.12 42.67 55.43
CA LYS C 1422 77.91 41.88 55.22
C LYS C 1422 78.26 40.40 55.27
N ILE C 1423 77.73 39.70 56.27
CA ILE C 1423 78.15 38.34 56.55
C ILE C 1423 77.39 37.37 55.66
N THR C 1424 77.86 37.19 54.43
CA THR C 1424 77.52 36.00 53.67
C THR C 1424 78.35 34.89 54.31
N ALA C 1425 77.81 34.31 55.38
CA ALA C 1425 78.63 33.66 56.39
C ALA C 1425 79.42 32.49 55.81
N GLN C 1426 80.52 32.18 56.51
CA GLN C 1426 81.27 30.96 56.20
C GLN C 1426 80.41 29.73 56.43
N SER C 1427 79.31 29.89 57.18
CA SER C 1427 78.36 28.81 57.39
C SER C 1427 77.69 28.34 56.11
N ILE C 1428 77.68 29.16 55.05
CA ILE C 1428 77.09 28.72 53.80
C ILE C 1428 77.81 27.49 53.27
N GLU C 1429 79.12 27.40 53.52
CA GLU C 1429 79.85 26.17 53.28
C GLU C 1429 79.49 25.12 54.34
N GLU C 1430 79.27 25.57 55.58
CA GLU C 1430 79.18 24.67 56.72
C GLU C 1430 77.75 24.32 57.11
N LEU C 1431 76.79 25.23 56.94
CA LEU C 1431 75.41 24.90 57.25
C LEU C 1431 74.80 23.92 56.24
N CYS C 1432 75.51 23.66 55.14
CA CYS C 1432 75.13 22.59 54.23
C CYS C 1432 75.46 21.21 54.78
N ALA C 1433 76.23 21.13 55.86
CA ALA C 1433 76.51 19.87 56.52
C ALA C 1433 75.32 19.37 57.35
N VAL C 1434 74.62 20.27 58.04
CA VAL C 1434 73.45 19.89 58.80
C VAL C 1434 72.23 19.74 57.91
N ASN C 1435 72.12 20.57 56.87
CA ASN C 1435 71.04 20.42 55.88
C ASN C 1435 71.52 19.51 54.77
N LEU C 1436 71.09 18.26 54.81
CA LEU C 1436 71.58 17.28 53.85
C LEU C 1436 71.07 17.58 52.44
N TYR C 1437 71.87 17.19 51.46
CA TYR C 1437 71.50 17.33 50.06
C TYR C 1437 70.30 16.44 49.75
N GLY C 1438 69.38 16.97 48.94
CA GLY C 1438 68.28 16.18 48.44
C GLY C 1438 66.90 16.68 48.82
N PRO C 1439 66.20 15.90 49.65
CA PRO C 1439 64.76 16.13 49.86
C PRO C 1439 64.43 17.51 50.42
N ASP C 1440 65.26 18.07 51.29
CA ASP C 1440 64.98 19.35 51.92
C ASP C 1440 65.92 20.46 51.47
N ALA C 1441 66.75 20.22 50.46
CA ALA C 1441 67.75 21.20 50.05
C ALA C 1441 67.15 22.39 49.31
N GLN C 1442 65.85 22.33 48.97
CA GLN C 1442 65.24 23.40 48.18
C GLN C 1442 65.25 24.73 48.92
N VAL C 1443 65.33 24.70 50.26
CA VAL C 1443 65.23 25.93 51.04
C VAL C 1443 66.40 26.86 50.74
N ASP C 1444 67.62 26.31 50.66
CA ASP C 1444 68.81 27.12 50.44
C ASP C 1444 69.34 27.02 49.01
N ARG C 1445 68.57 26.44 48.09
CA ARG C 1445 68.92 26.54 46.68
C ARG C 1445 68.98 28.00 46.25
N SER C 1446 68.07 28.82 46.77
CA SER C 1446 68.11 30.25 46.52
C SER C 1446 69.40 30.86 47.06
N ARG C 1447 69.81 30.43 48.25
CA ARG C 1447 71.06 30.93 48.81
C ARG C 1447 72.25 30.57 47.93
N LEU C 1448 72.29 29.33 47.45
CA LEU C 1448 73.38 28.90 46.58
C LEU C 1448 73.39 29.70 45.29
N ALA C 1449 72.21 29.89 44.69
CA ALA C 1449 72.13 30.67 43.46
C ALA C 1449 72.58 32.10 43.69
N ALA C 1450 72.15 32.70 44.80
CA ALA C 1450 72.53 34.07 45.12
C ALA C 1450 74.03 34.20 45.26
N VAL C 1451 74.65 33.28 46.00
CA VAL C 1451 76.08 33.41 46.28
C VAL C 1451 76.89 33.17 45.01
N VAL C 1452 76.48 32.20 44.19
CA VAL C 1452 77.24 31.94 42.97
C VAL C 1452 77.10 33.09 41.99
N SER C 1453 75.89 33.62 41.83
CA SER C 1453 75.71 34.76 40.93
C SER C 1453 76.48 35.97 41.42
N ALA C 1454 76.44 36.26 42.72
CA ALA C 1454 77.17 37.41 43.26
C ALA C 1454 78.67 37.24 43.07
N CYS C 1455 79.18 36.05 43.36
CA CYS C 1455 80.61 35.78 43.23
C CYS C 1455 81.07 35.92 41.79
N LYS C 1456 80.32 35.35 40.85
CA LYS C 1456 80.70 35.44 39.44
C LYS C 1456 80.61 36.88 38.94
N GLN C 1457 79.59 37.61 39.37
CA GLN C 1457 79.45 39.01 38.97
C GLN C 1457 80.63 39.83 39.48
N LEU C 1458 81.01 39.64 40.75
CA LEU C 1458 82.17 40.34 41.27
C LEU C 1458 83.45 39.96 40.54
N HIS C 1459 83.57 38.69 40.16
CA HIS C 1459 84.72 38.27 39.36
C HIS C 1459 84.74 38.97 38.01
N ARG C 1460 83.56 39.18 37.41
CA ARG C 1460 83.50 39.88 36.14
C ARG C 1460 84.07 41.29 36.26
N ALA C 1461 83.77 41.97 37.36
CA ALA C 1461 84.22 43.35 37.57
C ALA C 1461 85.66 43.45 38.04
N GLY C 1462 86.29 42.33 38.40
CA GLY C 1462 87.63 42.40 38.97
C GLY C 1462 87.67 42.80 40.42
N LEU C 1463 86.55 42.65 41.13
CA LEU C 1463 86.44 43.05 42.53
C LEU C 1463 86.36 41.85 43.47
N LEU C 1464 86.15 40.65 42.92
CA LEU C 1464 85.91 39.48 43.74
C LEU C 1464 87.08 39.16 44.66
N HIS C 1465 88.31 39.24 44.14
CA HIS C 1465 89.48 38.79 44.90
C HIS C 1465 89.67 39.56 46.19
N ASN C 1466 89.18 40.80 46.27
CA ASN C 1466 89.27 41.60 47.48
C ASN C 1466 87.96 41.71 48.23
N ILE C 1467 86.95 40.94 47.85
CA ILE C 1467 85.67 40.90 48.54
C ILE C 1467 85.40 39.55 49.19
N LEU C 1468 85.79 38.46 48.53
CA LEU C 1468 85.63 37.14 49.10
C LEU C 1468 86.43 37.03 50.39
N PRO C 1469 85.83 36.52 51.47
CA PRO C 1469 86.53 36.47 52.76
C PRO C 1469 87.76 35.57 52.69
N SER C 1470 88.76 35.94 53.48
CA SER C 1470 90.02 35.21 53.56
C SER C 1470 89.93 34.23 54.73
N GLN C 1471 89.70 32.96 54.41
CA GLN C 1471 89.59 31.94 55.45
C GLN C 1471 90.98 31.53 55.94
N SER C 1472 91.76 30.93 55.05
CA SER C 1472 93.17 30.65 55.33
C SER C 1472 94.08 30.97 54.15
N THR C 1473 93.57 30.96 52.91
CA THR C 1473 94.37 31.26 51.74
C THR C 1473 93.50 32.08 50.79
N ASP C 1474 94.09 33.11 50.17
CA ASP C 1474 93.34 33.89 49.19
C ASP C 1474 92.83 33.01 48.06
N LEU C 1475 93.55 31.94 47.72
CA LEU C 1475 92.99 30.85 46.94
C LEU C 1475 92.50 29.79 47.90
N HIS C 1476 91.20 29.78 48.16
CA HIS C 1476 90.62 29.06 49.28
C HIS C 1476 90.25 27.64 48.89
N HIS C 1477 90.48 26.71 49.82
CA HIS C 1477 90.13 25.32 49.59
C HIS C 1477 88.63 25.11 49.48
N SER C 1478 87.85 26.06 50.02
CA SER C 1478 86.43 25.84 50.30
C SER C 1478 85.65 25.33 49.10
N VAL C 1479 85.85 25.94 47.92
CA VAL C 1479 85.08 25.55 46.75
C VAL C 1479 85.35 24.10 46.39
N GLY C 1480 86.62 23.71 46.34
CA GLY C 1480 86.96 22.33 46.00
C GLY C 1480 86.53 21.34 47.06
N THR C 1481 86.68 21.73 48.34
CA THR C 1481 86.30 20.83 49.43
C THR C 1481 84.80 20.56 49.42
N GLU C 1482 83.98 21.61 49.23
CA GLU C 1482 82.54 21.40 49.10
C GLU C 1482 82.21 20.61 47.84
N LEU C 1483 82.91 20.93 46.74
CA LEU C 1483 82.75 20.20 45.49
C LEU C 1483 82.88 18.71 45.69
N LEU C 1484 83.93 18.28 46.38
CA LEU C 1484 84.15 16.86 46.61
C LEU C 1484 83.18 16.32 47.66
N SER C 1485 82.97 17.08 48.74
CA SER C 1485 82.19 16.58 49.86
C SER C 1485 80.75 16.29 49.47
N LEU C 1486 80.13 17.20 48.70
CA LEU C 1486 78.78 16.91 48.22
C LEU C 1486 78.74 15.70 47.29
N VAL C 1487 79.89 15.32 46.74
CA VAL C 1487 79.96 14.14 45.90
C VAL C 1487 80.49 12.94 46.68
N TYR C 1488 81.56 13.16 47.46
CA TYR C 1488 82.23 12.06 48.15
C TYR C 1488 81.37 11.40 49.21
N LYS C 1489 80.39 12.12 49.77
CA LYS C 1489 79.47 11.52 50.72
C LYS C 1489 78.00 11.81 50.43
N GLY C 1490 77.67 12.89 49.74
CA GLY C 1490 76.28 13.25 49.53
C GLY C 1490 75.52 12.34 48.59
N ILE C 1491 75.87 12.36 47.30
CA ILE C 1491 75.13 11.56 46.33
C ILE C 1491 75.44 10.07 46.51
N ALA C 1492 76.73 9.73 46.72
CA ALA C 1492 77.24 8.41 47.09
C ALA C 1492 76.46 7.23 46.51
N PRO C 1493 76.34 7.11 45.18
CA PRO C 1493 75.59 5.97 44.63
C PRO C 1493 76.39 4.67 44.69
N GLY C 1494 77.71 4.77 44.49
CA GLY C 1494 78.56 3.60 44.55
C GLY C 1494 78.90 3.13 45.94
N ASP C 1495 78.71 3.97 46.95
CA ASP C 1495 78.89 3.54 48.33
C ASP C 1495 77.75 2.66 48.82
N GLU C 1496 76.65 2.59 48.09
CA GLU C 1496 75.57 1.65 48.39
C GLU C 1496 75.47 0.54 47.35
N ARG C 1497 76.23 0.62 46.25
CA ARG C 1497 76.51 -0.52 45.37
C ARG C 1497 75.23 -1.13 44.79
N GLN C 1498 74.36 -0.28 44.25
CA GLN C 1498 73.12 -0.74 43.64
C GLN C 1498 72.82 0.14 42.43
N CYS C 1499 71.95 -0.37 41.57
CA CYS C 1499 71.48 0.39 40.41
C CYS C 1499 70.70 1.61 40.91
N LEU C 1500 70.98 2.77 40.33
CA LEU C 1500 70.46 4.03 40.84
C LEU C 1500 69.24 4.46 40.04
N PRO C 1501 68.16 4.88 40.70
CA PRO C 1501 67.01 5.42 39.96
C PRO C 1501 67.32 6.76 39.30
N SER C 1502 66.29 7.33 38.68
CA SER C 1502 66.48 8.48 37.82
C SER C 1502 66.93 9.73 38.58
N LEU C 1503 66.70 9.84 39.90
CA LEU C 1503 67.09 11.00 40.73
C LEU C 1503 66.51 12.36 40.24
N ASP C 1504 67.20 13.47 40.53
CA ASP C 1504 66.62 14.82 40.69
C ASP C 1504 67.31 15.90 39.84
N LEU C 1505 66.54 16.85 39.33
CA LEU C 1505 67.09 17.98 38.57
C LEU C 1505 67.84 18.99 39.44
N SER C 1506 67.69 18.90 40.77
CA SER C 1506 68.63 19.47 41.74
C SER C 1506 70.06 19.05 41.43
N CYS C 1507 70.29 17.80 41.01
CA CYS C 1507 71.60 17.28 40.59
C CYS C 1507 72.14 17.90 39.30
N LYS C 1508 71.36 18.78 38.68
CA LYS C 1508 71.75 19.63 37.56
C LYS C 1508 71.78 21.08 38.03
N GLN C 1509 70.74 21.59 38.67
CA GLN C 1509 70.70 22.99 39.14
C GLN C 1509 71.81 23.25 40.14
N LEU C 1510 71.78 22.54 41.27
CA LEU C 1510 72.76 22.68 42.32
C LEU C 1510 74.15 22.41 41.74
N ALA C 1511 74.29 21.33 40.99
CA ALA C 1511 75.54 20.98 40.34
C ALA C 1511 76.14 22.13 39.49
N SER C 1512 75.33 22.67 38.60
CA SER C 1512 75.74 23.80 37.77
C SER C 1512 76.08 25.01 38.64
N GLY C 1513 75.28 25.27 39.66
CA GLY C 1513 75.57 26.41 40.52
C GLY C 1513 76.89 26.24 41.25
N LEU C 1514 77.12 25.07 41.84
CA LEU C 1514 78.35 24.87 42.60
C LEU C 1514 79.57 24.91 41.68
N LEU C 1515 79.47 24.30 40.49
CA LEU C 1515 80.60 24.35 39.57
C LEU C 1515 80.86 25.77 39.09
N GLU C 1516 79.79 26.51 38.77
CA GLU C 1516 79.95 27.90 38.33
C GLU C 1516 80.62 28.73 39.42
N LEU C 1517 80.27 28.47 40.67
CA LEU C 1517 80.97 29.11 41.79
C LEU C 1517 82.44 28.74 41.76
N ALA C 1518 82.74 27.47 41.52
CA ALA C 1518 84.13 27.03 41.49
C ALA C 1518 84.90 27.67 40.34
N PHE C 1519 84.21 28.03 39.26
CA PHE C 1519 84.87 28.42 38.02
C PHE C 1519 84.83 29.91 37.75
N ALA C 1520 84.19 30.70 38.63
CA ALA C 1520 84.62 32.08 38.79
C ALA C 1520 86.00 32.12 39.42
N PHE C 1521 86.42 31.01 40.00
CA PHE C 1521 87.70 30.84 40.67
C PHE C 1521 88.59 29.89 39.86
N GLY C 1522 89.89 29.90 40.16
CA GLY C 1522 90.84 29.07 39.44
C GLY C 1522 92.07 28.78 40.27
N GLY C 1523 92.94 27.94 39.71
CA GLY C 1523 94.18 27.55 40.35
C GLY C 1523 94.14 26.25 41.13
N LEU C 1524 93.08 25.46 40.98
CA LEU C 1524 92.93 24.23 41.76
C LEU C 1524 93.63 23.04 41.13
N CYS C 1525 94.27 23.21 39.96
CA CYS C 1525 94.69 22.08 39.16
C CYS C 1525 95.57 21.10 39.94
N GLU C 1526 96.53 21.62 40.72
CA GLU C 1526 97.46 20.75 41.42
C GLU C 1526 96.74 19.76 42.33
N ARG C 1527 95.66 20.20 42.98
CA ARG C 1527 94.93 19.31 43.87
C ARG C 1527 93.68 18.76 43.18
N LEU C 1528 93.09 19.52 42.26
CA LEU C 1528 91.88 19.06 41.60
C LEU C 1528 92.18 17.85 40.70
N VAL C 1529 93.32 17.85 40.01
CA VAL C 1529 93.69 16.70 39.19
C VAL C 1529 93.93 15.49 40.06
N SER C 1530 94.58 15.69 41.21
CA SER C 1530 94.75 14.59 42.16
C SER C 1530 93.41 14.06 42.65
N LEU C 1531 92.43 14.96 42.84
CA LEU C 1531 91.09 14.52 43.18
C LEU C 1531 90.46 13.75 42.03
N LEU C 1532 90.80 14.10 40.79
CA LEU C 1532 90.46 13.25 39.65
C LEU C 1532 91.19 11.92 39.71
N LEU C 1533 92.29 11.87 40.47
CA LEU C 1533 93.13 10.68 40.51
C LEU C 1533 92.76 9.74 41.64
N ASN C 1534 91.78 10.10 42.47
CA ASN C 1534 91.42 9.28 43.62
C ASN C 1534 90.96 7.90 43.15
N PRO C 1535 91.58 6.81 43.62
CA PRO C 1535 91.20 5.47 43.15
C PRO C 1535 90.01 4.86 43.87
N ALA C 1536 89.25 5.63 44.65
CA ALA C 1536 88.07 5.08 45.30
C ALA C 1536 87.04 4.66 44.25
N VAL C 1537 86.52 3.45 44.40
CA VAL C 1537 85.74 2.79 43.35
C VAL C 1537 84.26 2.80 43.76
N LEU C 1538 83.40 3.24 42.84
CA LEU C 1538 81.95 3.15 43.02
C LEU C 1538 81.40 1.91 42.30
N SER C 1539 81.86 0.74 42.75
CA SER C 1539 81.38 -0.51 42.17
C SER C 1539 79.91 -0.72 42.48
N THR C 1540 79.28 -1.60 41.72
CA THR C 1540 77.86 -1.89 41.92
C THR C 1540 77.60 -3.39 42.03
N SER C 1549 79.73 -4.78 35.76
CA SER C 1549 80.94 -4.89 34.97
C SER C 1549 82.15 -5.18 35.86
N VAL C 1550 82.85 -6.28 35.58
CA VAL C 1550 84.07 -6.57 36.32
C VAL C 1550 85.21 -5.64 35.93
N ILE C 1551 85.08 -4.93 34.82
CA ILE C 1551 85.95 -3.78 34.55
C ILE C 1551 85.33 -2.59 35.28
N HIS C 1552 85.91 -2.23 36.42
CA HIS C 1552 85.25 -1.34 37.35
C HIS C 1552 85.59 0.13 37.06
N PHE C 1553 84.84 1.00 37.73
CA PHE C 1553 84.93 2.44 37.53
C PHE C 1553 84.98 3.12 38.90
N SER C 1554 85.81 4.16 38.98
CA SER C 1554 86.18 4.74 40.26
C SER C 1554 85.63 6.15 40.39
N HIS C 1555 85.71 6.69 41.61
CA HIS C 1555 85.25 8.06 41.85
C HIS C 1555 86.14 9.07 41.14
N GLY C 1556 87.29 8.64 40.64
CA GLY C 1556 88.17 9.51 39.89
C GLY C 1556 87.51 10.07 38.64
N GLU C 1557 86.85 9.20 37.87
CA GLU C 1557 86.12 9.67 36.70
C GLU C 1557 84.78 10.27 37.07
N TYR C 1558 84.37 10.15 38.33
CA TYR C 1558 83.04 10.60 38.73
C TYR C 1558 82.87 12.11 38.61
N PHE C 1559 83.93 12.88 38.78
CA PHE C 1559 83.85 14.30 38.50
C PHE C 1559 83.46 14.57 37.06
N TYR C 1560 84.15 13.93 36.10
CA TYR C 1560 83.79 14.15 34.71
C TYR C 1560 82.43 13.55 34.41
N SER C 1561 82.00 12.58 35.22
CA SER C 1561 80.67 12.00 35.07
C SER C 1561 79.59 13.02 35.41
N LEU C 1562 79.63 13.55 36.63
CA LEU C 1562 78.57 14.46 37.08
C LEU C 1562 78.80 15.88 36.61
N PHE C 1563 80.05 16.24 36.33
CA PHE C 1563 80.45 17.65 36.23
C PHE C 1563 81.27 17.84 34.97
N SER C 1564 82.00 18.96 34.91
CA SER C 1564 83.22 19.13 34.15
C SER C 1564 83.04 19.41 32.67
N GLU C 1565 81.84 19.75 32.21
CA GLU C 1565 81.70 20.25 30.85
C GLU C 1565 82.54 21.51 30.65
N THR C 1566 82.95 22.15 31.75
CA THR C 1566 83.71 23.38 31.71
C THR C 1566 85.01 23.32 32.52
N ILE C 1567 85.25 22.26 33.30
CA ILE C 1567 86.61 22.04 33.79
C ILE C 1567 87.56 21.86 32.62
N ASN C 1568 87.07 21.29 31.53
CA ASN C 1568 87.88 21.18 30.32
C ASN C 1568 88.40 22.56 29.89
N THR C 1569 87.51 23.54 29.77
CA THR C 1569 87.94 24.85 29.29
C THR C 1569 88.69 25.62 30.37
N GLU C 1570 88.40 25.35 31.65
CA GLU C 1570 89.22 25.91 32.72
C GLU C 1570 90.66 25.41 32.64
N LEU C 1571 90.85 24.15 32.26
CA LEU C 1571 92.20 23.65 32.04
C LEU C 1571 92.76 24.16 30.71
N LEU C 1572 91.88 24.47 29.75
CA LEU C 1572 92.35 24.97 28.47
C LEU C 1572 93.00 26.35 28.61
N LYS C 1573 92.33 27.28 29.30
CA LYS C 1573 92.93 28.59 29.48
C LYS C 1573 94.12 28.54 30.44
N ASN C 1574 94.27 27.45 31.18
CA ASN C 1574 95.41 27.26 32.07
C ASN C 1574 96.13 25.98 31.63
N LEU C 1575 96.48 25.90 30.34
CA LEU C 1575 97.16 24.72 29.83
C LEU C 1575 98.66 24.82 30.03
N ASP C 1576 99.19 26.04 30.09
CA ASP C 1576 100.62 26.24 30.17
C ASP C 1576 101.22 25.69 31.47
N LEU C 1577 100.46 25.74 32.56
CA LEU C 1577 100.95 25.21 33.83
C LEU C 1577 100.94 23.68 33.86
N ALA C 1578 100.04 23.06 33.11
CA ALA C 1578 99.86 21.61 33.14
C ALA C 1578 99.89 21.08 31.70
N VAL C 1579 100.89 21.51 30.93
CA VAL C 1579 100.99 21.09 29.53
C VAL C 1579 101.00 19.56 29.42
N LEU C 1580 101.86 18.88 30.17
CA LEU C 1580 101.79 17.43 30.22
C LEU C 1580 102.12 16.85 31.59
N GLU C 1581 102.31 17.67 32.63
CA GLU C 1581 102.73 17.15 33.92
C GLU C 1581 101.69 16.23 34.53
N LEU C 1582 100.41 16.43 34.19
CA LEU C 1582 99.34 15.58 34.69
C LEU C 1582 99.61 14.12 34.32
N MET C 1583 100.07 13.91 33.09
CA MET C 1583 100.58 12.62 32.65
C MET C 1583 101.94 12.32 33.26
N GLN C 1584 102.83 13.31 33.28
CA GLN C 1584 104.22 13.08 33.65
C GLN C 1584 104.35 12.58 35.08
N SER C 1585 103.40 12.93 35.95
CA SER C 1585 103.25 12.26 37.24
C SER C 1585 102.53 10.93 37.01
N SER C 1586 103.29 9.97 36.50
CA SER C 1586 102.70 8.76 35.92
C SER C 1586 102.09 7.86 37.00
N VAL C 1587 101.24 6.96 36.54
CA VAL C 1587 100.55 5.99 37.39
C VAL C 1587 100.54 4.66 36.66
N ASP C 1588 100.27 3.58 37.40
CA ASP C 1588 100.18 2.26 36.78
C ASP C 1588 98.91 2.14 35.92
N ASN C 1589 97.78 2.59 36.45
CA ASN C 1589 96.51 2.55 35.71
C ASN C 1589 96.24 3.92 35.10
N THR C 1590 96.85 4.13 33.94
CA THR C 1590 96.72 5.41 33.22
C THR C 1590 95.39 5.50 32.48
N LYS C 1591 94.44 4.61 32.79
CA LYS C 1591 93.14 4.68 32.14
C LYS C 1591 92.44 6.00 32.44
N MET C 1592 92.50 6.46 33.69
CA MET C 1592 91.90 7.74 34.04
C MET C 1592 92.51 8.87 33.22
N VAL C 1593 93.83 8.97 33.21
CA VAL C 1593 94.47 10.13 32.58
C VAL C 1593 94.31 10.06 31.06
N SER C 1594 94.36 8.87 30.48
CA SER C 1594 94.08 8.73 29.06
C SER C 1594 92.68 9.21 28.73
N ALA C 1595 91.68 8.78 29.51
CA ALA C 1595 90.32 9.20 29.26
C ALA C 1595 90.16 10.70 29.46
N VAL C 1596 90.85 11.27 30.45
CA VAL C 1596 90.67 12.69 30.74
C VAL C 1596 91.29 13.54 29.64
N LEU C 1597 92.47 13.16 29.13
CA LEU C 1597 93.05 13.89 28.01
C LEU C 1597 92.17 13.74 26.78
N ASN C 1598 91.59 12.55 26.58
CA ASN C 1598 90.67 12.38 25.46
C ASN C 1598 89.45 13.27 25.57
N GLY C 1599 88.88 13.40 26.77
CA GLY C 1599 87.73 14.28 26.93
C GLY C 1599 88.09 15.74 26.73
N MET C 1600 89.25 16.14 27.22
CA MET C 1600 89.74 17.49 26.96
C MET C 1600 89.89 17.73 25.46
N LEU C 1601 90.41 16.73 24.75
CA LEU C 1601 90.54 16.84 23.30
C LEU C 1601 89.18 16.95 22.62
N ASP C 1602 88.19 16.21 23.14
CA ASP C 1602 86.83 16.28 22.62
C ASP C 1602 86.26 17.68 22.77
N GLN C 1603 86.47 18.29 23.95
CA GLN C 1603 85.99 19.65 24.17
C GLN C 1603 86.71 20.64 23.26
N SER C 1604 88.02 20.48 23.10
CA SER C 1604 88.77 21.33 22.17
C SER C 1604 88.26 21.16 20.74
N PHE C 1605 87.77 19.98 20.39
CA PHE C 1605 87.12 19.78 19.10
C PHE C 1605 85.90 20.68 18.94
N ARG C 1606 85.12 20.84 20.00
CA ARG C 1606 83.90 21.65 19.91
C ARG C 1606 84.22 23.14 19.91
N GLU C 1607 85.23 23.56 20.69
CA GLU C 1607 85.41 24.99 20.95
C GLU C 1607 85.85 25.78 19.71
N ARG C 1608 86.39 25.12 18.69
CA ARG C 1608 87.10 25.83 17.63
C ARG C 1608 86.24 26.87 16.92
N ALA C 1609 84.92 26.67 16.86
CA ALA C 1609 84.07 27.60 16.13
C ALA C 1609 84.00 28.96 16.81
N ASN C 1610 83.97 28.97 18.15
CA ASN C 1610 83.74 30.20 18.91
C ASN C 1610 85.02 30.87 19.41
N GLN C 1611 86.04 30.09 19.76
CA GLN C 1611 87.30 30.64 20.24
C GLN C 1611 88.26 30.78 19.06
N LYS C 1612 88.79 31.99 18.88
CA LYS C 1612 89.58 32.29 17.69
C LYS C 1612 91.02 31.81 17.77
N HIS C 1613 91.52 31.43 18.95
CA HIS C 1613 92.85 30.84 19.01
C HIS C 1613 92.88 29.83 20.18
N GLN C 1614 92.57 28.59 19.86
CA GLN C 1614 92.64 27.48 20.80
C GLN C 1614 92.50 26.19 20.00
N GLY C 1615 93.13 25.13 20.49
CA GLY C 1615 93.27 23.93 19.68
C GLY C 1615 94.55 24.02 18.88
N LEU C 1616 94.81 25.19 18.30
CA LEU C 1616 96.15 25.51 17.85
C LEU C 1616 97.10 25.58 19.04
N LYS C 1617 96.61 26.02 20.19
CA LYS C 1617 97.35 25.87 21.43
C LYS C 1617 97.54 24.39 21.77
N LEU C 1618 96.51 23.58 21.49
CA LEU C 1618 96.69 22.14 21.63
C LEU C 1618 97.74 21.62 20.66
N ALA C 1619 97.72 22.09 19.42
CA ALA C 1619 98.77 21.71 18.48
C ALA C 1619 100.13 22.28 18.88
N THR C 1620 100.17 23.23 19.80
CA THR C 1620 101.40 23.84 20.28
C THR C 1620 101.94 23.11 21.52
N THR C 1621 101.06 22.48 22.29
CA THR C 1621 101.45 21.79 23.52
C THR C 1621 101.50 20.27 23.39
N ILE C 1622 100.78 19.69 22.43
CA ILE C 1622 100.61 18.24 22.32
C ILE C 1622 101.87 17.50 21.90
N LEU C 1623 102.91 18.24 21.50
CA LEU C 1623 104.01 17.64 20.74
C LEU C 1623 105.14 17.08 21.61
N GLN C 1624 104.93 16.89 22.91
CA GLN C 1624 106.02 16.50 23.81
C GLN C 1624 105.74 15.21 24.60
N HIS C 1625 104.90 14.32 24.10
CA HIS C 1625 104.62 13.08 24.83
C HIS C 1625 105.78 12.09 24.82
N TRP C 1626 106.86 12.37 24.10
CA TRP C 1626 107.88 11.37 23.83
C TRP C 1626 108.97 11.33 24.90
N LYS C 1627 108.65 11.73 26.13
CA LYS C 1627 109.67 11.72 27.18
C LYS C 1627 109.36 10.76 28.32
N LYS C 1628 108.20 10.90 28.96
CA LYS C 1628 107.93 10.08 30.13
C LYS C 1628 106.73 9.16 30.01
N CYS C 1629 105.84 9.33 29.04
CA CYS C 1629 104.90 8.26 28.75
C CYS C 1629 105.70 7.19 28.02
N ASP C 1630 106.57 6.52 28.77
CA ASP C 1630 107.72 5.85 28.18
C ASP C 1630 107.29 4.69 27.29
N SER C 1631 108.10 4.44 26.26
CA SER C 1631 107.91 3.33 25.34
C SER C 1631 106.58 3.42 24.60
N TRP C 1632 106.42 4.53 23.87
CA TRP C 1632 105.49 4.51 22.74
C TRP C 1632 105.91 3.44 21.74
N TRP C 1633 107.21 3.13 21.74
CA TRP C 1633 107.84 2.16 20.86
C TRP C 1633 107.91 0.76 21.48
N ALA C 1634 106.80 0.27 22.03
CA ALA C 1634 106.80 -1.03 22.68
C ALA C 1634 105.37 -1.46 22.93
N LYS C 1635 105.21 -2.72 23.34
CA LYS C 1635 103.95 -3.27 23.81
C LYS C 1635 104.12 -3.61 25.29
N ASP C 1636 103.91 -2.62 26.15
CA ASP C 1636 103.99 -2.84 27.58
C ASP C 1636 102.67 -3.31 28.16
N SER C 1637 101.56 -2.94 27.52
CA SER C 1637 100.22 -3.32 27.98
C SER C 1637 99.59 -4.19 26.90
N PRO C 1638 99.65 -5.52 27.06
CA PRO C 1638 99.03 -6.41 26.06
C PRO C 1638 97.52 -6.33 26.08
N LEU C 1639 96.98 -5.13 25.88
CA LEU C 1639 95.56 -4.89 25.94
C LEU C 1639 95.14 -4.09 24.72
N GLU C 1640 93.89 -3.64 24.73
CA GLU C 1640 93.42 -2.69 23.74
C GLU C 1640 93.92 -1.28 24.00
N THR C 1641 94.71 -1.07 25.05
CA THR C 1641 95.24 0.24 25.37
C THR C 1641 96.16 0.77 24.28
N LYS C 1642 96.66 -0.10 23.40
CA LYS C 1642 97.53 0.36 22.33
C LYS C 1642 96.80 1.32 21.40
N MET C 1643 95.48 1.17 21.26
CA MET C 1643 94.76 2.00 20.30
C MET C 1643 94.33 3.32 20.91
N ALA C 1644 94.57 3.52 22.21
CA ALA C 1644 94.39 4.84 22.80
C ALA C 1644 95.25 5.86 22.07
N VAL C 1645 96.44 5.45 21.64
CA VAL C 1645 97.32 6.34 20.89
C VAL C 1645 96.65 6.78 19.61
N LEU C 1646 96.16 5.81 18.83
CA LEU C 1646 95.51 6.14 17.56
C LEU C 1646 94.29 7.01 17.80
N ALA C 1647 93.49 6.67 18.81
CA ALA C 1647 92.29 7.44 19.11
C ALA C 1647 92.64 8.89 19.45
N LEU C 1648 93.70 9.09 20.24
CA LEU C 1648 94.03 10.45 20.66
C LEU C 1648 94.58 11.26 19.51
N LEU C 1649 95.43 10.64 18.66
CA LEU C 1649 95.90 11.37 17.48
C LEU C 1649 94.77 11.70 16.51
N ALA C 1650 93.78 10.80 16.39
CA ALA C 1650 92.87 10.85 15.25
C ALA C 1650 92.19 12.20 15.10
N LYS C 1651 91.35 12.57 16.07
CA LYS C 1651 90.56 13.79 15.93
C LYS C 1651 91.42 15.04 16.06
N ILE C 1652 92.41 15.02 16.95
CA ILE C 1652 93.21 16.23 17.15
C ILE C 1652 93.98 16.57 15.88
N LEU C 1653 94.31 15.55 15.08
CA LEU C 1653 95.10 15.81 13.89
C LEU C 1653 94.26 15.78 12.62
N GLN C 1654 92.99 15.38 12.73
CA GLN C 1654 92.12 15.31 11.56
C GLN C 1654 91.54 16.68 11.22
N ILE C 1655 91.56 17.60 12.19
CA ILE C 1655 91.16 18.98 11.99
C ILE C 1655 92.18 19.91 12.64
N ASP C 1656 92.54 20.97 11.91
CA ASP C 1656 93.36 22.06 12.45
C ASP C 1656 94.74 21.56 12.89
N SER C 1657 95.50 21.03 11.93
CA SER C 1657 96.87 20.59 12.17
C SER C 1657 97.83 21.41 11.34
N SER C 1658 97.62 22.73 11.31
CA SER C 1658 98.38 23.59 10.41
C SER C 1658 99.87 23.65 10.76
N VAL C 1659 100.26 23.22 11.95
CA VAL C 1659 101.63 23.39 12.41
C VAL C 1659 102.24 22.06 12.85
N SER C 1660 101.53 20.95 12.59
CA SER C 1660 102.05 19.63 12.94
C SER C 1660 102.55 18.85 11.74
N PHE C 1661 102.24 19.28 10.52
CA PHE C 1661 102.64 18.54 9.33
C PHE C 1661 104.06 18.91 8.91
N ASN C 1662 104.79 17.91 8.42
CA ASN C 1662 106.17 18.09 7.92
C ASN C 1662 107.09 18.65 9.01
N THR C 1663 106.75 18.41 10.26
CA THR C 1663 107.57 18.85 11.39
C THR C 1663 108.57 17.76 11.78
N SER C 1664 109.85 18.16 11.84
CA SER C 1664 110.90 17.23 12.19
C SER C 1664 111.56 17.61 13.52
N HIS C 1665 111.27 18.80 14.02
CA HIS C 1665 111.92 19.34 15.21
C HIS C 1665 111.27 18.91 16.52
N GLY C 1666 110.34 17.96 16.50
CA GLY C 1666 109.70 17.49 17.71
C GLY C 1666 109.92 16.01 18.01
N SER C 1667 111.15 15.54 17.80
CA SER C 1667 111.52 14.13 18.00
C SER C 1667 110.74 13.22 17.06
N PHE C 1668 110.45 13.74 15.87
CA PHE C 1668 109.64 13.07 14.85
C PHE C 1668 110.32 11.91 14.12
N PRO C 1669 111.65 11.90 13.92
CA PRO C 1669 112.25 10.68 13.34
C PRO C 1669 111.92 9.42 14.11
N GLU C 1670 111.95 9.48 15.45
CA GLU C 1670 111.52 8.35 16.25
C GLU C 1670 110.03 8.08 16.05
N VAL C 1671 109.23 9.15 15.92
CA VAL C 1671 107.80 8.98 15.70
C VAL C 1671 107.55 8.16 14.43
N PHE C 1672 108.21 8.52 13.33
CA PHE C 1672 108.05 7.79 12.08
C PHE C 1672 108.60 6.37 12.17
N THR C 1673 109.78 6.20 12.77
CA THR C 1673 110.35 4.86 12.82
C THR C 1673 109.48 3.92 13.66
N THR C 1674 108.84 4.44 14.71
CA THR C 1674 107.92 3.62 15.49
C THR C 1674 106.63 3.36 14.72
N TYR C 1675 106.08 4.40 14.08
CA TYR C 1675 104.85 4.25 13.32
C TYR C 1675 105.00 3.22 12.21
N ILE C 1676 106.23 3.02 11.73
CA ILE C 1676 106.50 1.99 10.74
C ILE C 1676 106.82 0.65 11.41
N SER C 1677 107.68 0.64 12.44
CA SER C 1677 108.12 -0.62 13.03
C SER C 1677 106.98 -1.36 13.70
N LEU C 1678 105.99 -0.65 14.23
CA LEU C 1678 104.80 -1.33 14.73
C LEU C 1678 104.07 -2.05 13.61
N LEU C 1679 104.11 -1.48 12.41
CA LEU C 1679 103.34 -2.00 11.29
C LEU C 1679 103.90 -3.31 10.76
N ALA C 1680 105.14 -3.67 11.11
CA ALA C 1680 105.68 -4.95 10.70
C ALA C 1680 105.33 -6.06 11.68
N ASP C 1681 104.70 -5.74 12.81
CA ASP C 1681 104.30 -6.75 13.79
C ASP C 1681 103.10 -7.49 13.24
N THR C 1682 103.32 -8.73 12.79
CA THR C 1682 102.32 -9.45 12.02
C THR C 1682 101.23 -10.10 12.87
N LYS C 1683 101.35 -10.07 14.19
CA LYS C 1683 100.31 -10.63 15.05
C LYS C 1683 98.97 -9.92 14.77
N LEU C 1684 97.91 -10.73 14.68
CA LEU C 1684 96.65 -10.27 14.12
C LEU C 1684 95.91 -9.33 15.08
N ASP C 1685 96.47 -8.12 15.18
CA ASP C 1685 95.70 -6.96 15.64
C ASP C 1685 95.37 -6.10 14.42
N LEU C 1686 94.30 -6.51 13.75
CA LEU C 1686 94.10 -6.14 12.34
C LEU C 1686 93.55 -4.73 12.18
N HIS C 1687 92.37 -4.47 12.76
CA HIS C 1687 91.72 -3.17 12.55
C HIS C 1687 92.61 -2.03 13.04
N LEU C 1688 93.54 -2.33 13.93
CA LEU C 1688 94.64 -1.41 14.24
C LEU C 1688 95.32 -0.94 12.98
N LYS C 1689 95.66 -1.86 12.08
CA LYS C 1689 96.43 -1.52 10.91
C LYS C 1689 95.61 -0.63 9.97
N GLY C 1690 94.32 -0.93 9.85
CA GLY C 1690 93.44 -0.09 9.05
C GLY C 1690 93.29 1.31 9.61
N GLN C 1691 93.16 1.43 10.94
CA GLN C 1691 93.10 2.76 11.54
C GLN C 1691 94.42 3.49 11.40
N ALA C 1692 95.54 2.75 11.40
CA ALA C 1692 96.84 3.37 11.19
C ALA C 1692 96.97 3.92 9.77
N VAL C 1693 96.50 3.18 8.77
CA VAL C 1693 96.50 3.70 7.40
C VAL C 1693 95.39 4.70 7.16
N THR C 1694 94.43 4.81 8.09
CA THR C 1694 93.57 5.99 8.11
C THR C 1694 94.35 7.21 8.57
N LEU C 1695 95.34 7.01 9.44
CA LEU C 1695 96.26 8.05 9.88
C LEU C 1695 97.48 8.17 8.96
N LEU C 1696 97.41 7.57 7.78
CA LEU C 1696 98.47 7.59 6.77
C LEU C 1696 98.72 8.95 6.13
N PRO C 1697 97.77 9.88 6.05
CA PRO C 1697 98.06 11.20 5.46
C PRO C 1697 99.13 11.99 6.19
N PHE C 1698 99.77 11.40 7.18
CA PHE C 1698 100.87 12.02 7.91
C PHE C 1698 102.19 11.37 7.52
N PHE C 1699 103.28 12.10 7.71
CA PHE C 1699 104.61 11.78 7.21
C PHE C 1699 104.69 11.81 5.69
N THR C 1700 103.83 12.58 5.01
CA THR C 1700 103.87 12.64 3.56
C THR C 1700 104.82 13.74 3.09
N SER C 1701 106.06 13.67 3.55
CA SER C 1701 107.15 14.48 3.04
C SER C 1701 108.29 13.64 2.47
N LEU C 1702 108.39 12.37 2.87
CA LEU C 1702 109.27 11.38 2.27
C LEU C 1702 110.75 11.72 2.44
N THR C 1703 111.07 12.63 3.36
CA THR C 1703 112.42 12.65 3.89
C THR C 1703 112.72 11.35 4.61
N GLY C 1704 111.70 10.78 5.24
CA GLY C 1704 111.75 9.41 5.72
C GLY C 1704 111.54 8.43 4.58
N GLY C 1705 112.27 8.65 3.49
CA GLY C 1705 112.41 7.69 2.42
C GLY C 1705 113.83 7.19 2.26
N SER C 1706 114.66 7.31 3.30
CA SER C 1706 116.08 6.99 3.18
C SER C 1706 116.28 5.53 2.78
N LEU C 1707 115.60 4.61 3.46
CA LEU C 1707 115.55 3.24 2.99
C LEU C 1707 114.12 2.85 2.61
N GLU C 1708 113.35 3.80 2.07
CA GLU C 1708 112.21 3.46 1.21
C GLU C 1708 111.14 2.68 1.99
N GLU C 1709 111.09 2.98 3.29
CA GLU C 1709 110.54 2.07 4.30
C GLU C 1709 109.07 1.78 4.08
N LEU C 1710 108.24 2.82 4.06
CA LEU C 1710 106.80 2.59 3.94
C LEU C 1710 106.48 1.90 2.62
N ARG C 1711 107.14 2.31 1.54
CA ARG C 1711 106.84 1.76 0.23
C ARG C 1711 107.26 0.29 0.14
N ARG C 1712 108.25 -0.13 0.93
CA ARG C 1712 108.65 -1.54 0.90
C ARG C 1712 107.85 -2.37 1.91
N VAL C 1713 107.35 -1.75 2.98
CA VAL C 1713 106.61 -2.52 3.97
C VAL C 1713 105.17 -2.71 3.50
N LEU C 1714 104.71 -1.81 2.62
CA LEU C 1714 103.32 -1.90 2.19
C LEU C 1714 103.02 -3.19 1.43
N GLU C 1715 103.96 -3.70 0.63
CA GLU C 1715 103.66 -4.96 -0.07
C GLU C 1715 103.74 -6.13 0.89
N GLN C 1716 104.72 -6.13 1.79
CA GLN C 1716 104.84 -7.25 2.72
C GLN C 1716 103.66 -7.26 3.69
N LEU C 1717 102.91 -6.15 3.73
CA LEU C 1717 101.60 -6.13 4.36
C LEU C 1717 100.50 -6.64 3.43
N ILE C 1718 100.35 -5.99 2.28
CA ILE C 1718 99.22 -6.26 1.38
C ILE C 1718 99.24 -7.68 0.83
N VAL C 1719 100.38 -8.17 0.34
CA VAL C 1719 100.43 -9.56 -0.13
C VAL C 1719 100.17 -10.53 1.01
N ALA C 1720 100.44 -10.14 2.25
CA ALA C 1720 100.06 -10.90 3.42
C ALA C 1720 98.59 -10.71 3.77
N HIS C 1721 97.91 -9.77 3.12
CA HIS C 1721 96.48 -9.59 3.37
C HIS C 1721 95.64 -9.64 2.10
N PHE C 1722 96.22 -9.24 0.96
CA PHE C 1722 95.51 -9.29 -0.31
C PHE C 1722 96.13 -10.42 -1.13
N PRO C 1723 95.73 -11.67 -0.88
CA PRO C 1723 96.55 -12.81 -1.33
C PRO C 1723 96.54 -13.12 -2.81
N MET C 1724 95.37 -13.15 -3.45
CA MET C 1724 95.29 -13.81 -4.75
C MET C 1724 94.01 -13.35 -5.44
N GLN C 1725 93.58 -14.09 -6.47
CA GLN C 1725 92.46 -13.75 -7.36
C GLN C 1725 91.25 -13.17 -6.64
N SER C 1726 91.07 -13.55 -5.37
CA SER C 1726 89.95 -13.09 -4.55
C SER C 1726 88.62 -13.68 -5.03
N ARG C 1727 88.71 -14.85 -5.67
CA ARG C 1727 87.54 -15.70 -5.79
C ARG C 1727 87.42 -16.60 -4.56
N GLU C 1728 88.56 -17.01 -4.01
CA GLU C 1728 88.63 -17.59 -2.67
C GLU C 1728 88.23 -16.59 -1.60
N PHE C 1729 88.17 -15.31 -1.94
CA PHE C 1729 87.52 -14.29 -1.13
C PHE C 1729 86.22 -13.95 -1.83
N PRO C 1730 85.17 -14.75 -1.69
CA PRO C 1730 83.97 -14.59 -2.51
C PRO C 1730 83.24 -13.30 -2.16
N PRO C 1731 82.49 -12.74 -3.09
CA PRO C 1731 81.75 -11.49 -2.81
C PRO C 1731 80.79 -11.67 -1.65
N GLY C 1732 80.71 -10.64 -0.80
CA GLY C 1732 79.92 -10.70 0.41
C GLY C 1732 80.62 -11.32 1.60
N THR C 1733 81.62 -12.18 1.37
CA THR C 1733 82.34 -12.80 2.46
C THR C 1733 83.11 -11.75 3.25
N PRO C 1734 83.19 -11.87 4.58
CA PRO C 1734 84.02 -10.93 5.34
C PRO C 1734 85.46 -10.87 4.86
N ARG C 1735 85.99 -11.98 4.35
CA ARG C 1735 87.32 -11.97 3.74
C ARG C 1735 87.39 -10.93 2.62
N PHE C 1736 86.40 -10.93 1.73
CA PHE C 1736 86.35 -10.00 0.62
C PHE C 1736 85.96 -8.58 1.04
N ASN C 1737 84.97 -8.43 1.90
CA ASN C 1737 84.46 -7.10 2.22
C ASN C 1737 85.29 -6.34 3.24
N ASN C 1738 85.97 -7.02 4.17
CA ASN C 1738 86.99 -6.31 4.92
C ASN C 1738 88.11 -5.82 4.00
N TYR C 1739 88.43 -6.59 2.97
CA TYR C 1739 89.38 -6.13 1.95
C TYR C 1739 88.88 -4.85 1.28
N VAL C 1740 87.65 -4.85 0.80
CA VAL C 1740 87.17 -3.68 0.06
C VAL C 1740 87.08 -2.47 0.99
N ASP C 1741 86.64 -2.66 2.24
CA ASP C 1741 86.56 -1.55 3.18
C ASP C 1741 87.94 -1.00 3.51
N CYS C 1742 88.91 -1.88 3.78
CA CYS C 1742 90.27 -1.44 4.05
C CYS C 1742 90.85 -0.71 2.85
N MET C 1743 90.54 -1.19 1.65
CA MET C 1743 91.09 -0.60 0.44
C MET C 1743 90.50 0.80 0.21
N LYS C 1744 89.20 0.97 0.50
CA LYS C 1744 88.66 2.33 0.45
C LYS C 1744 89.28 3.20 1.52
N LYS C 1745 89.66 2.62 2.66
CA LYS C 1745 90.22 3.46 3.71
C LYS C 1745 91.67 3.80 3.43
N PHE C 1746 92.33 3.06 2.52
CA PHE C 1746 93.48 3.67 1.83
C PHE C 1746 93.02 4.85 0.98
N LEU C 1747 92.02 4.64 0.11
CA LEU C 1747 91.66 5.65 -0.88
C LEU C 1747 91.41 7.02 -0.25
N ASP C 1748 90.71 7.03 0.88
CA ASP C 1748 90.39 8.30 1.54
C ASP C 1748 91.66 9.02 1.95
N ALA C 1749 92.64 8.29 2.49
CA ALA C 1749 93.88 8.90 2.93
C ALA C 1749 94.59 9.57 1.77
N LEU C 1750 94.54 8.96 0.57
CA LEU C 1750 95.25 9.54 -0.55
C LEU C 1750 94.51 10.75 -1.10
N GLU C 1751 93.18 10.68 -1.18
CA GLU C 1751 92.43 11.87 -1.53
C GLU C 1751 92.70 13.01 -0.55
N LEU C 1752 93.05 12.70 0.69
CA LEU C 1752 93.51 13.72 1.62
C LEU C 1752 94.95 14.16 1.35
N SER C 1753 95.83 13.25 0.94
CA SER C 1753 97.27 13.49 1.01
C SER C 1753 97.91 13.88 -0.32
N GLN C 1754 97.44 13.33 -1.44
CA GLN C 1754 98.09 13.51 -2.74
C GLN C 1754 99.55 13.04 -2.70
N SER C 1755 99.75 11.80 -2.25
CA SER C 1755 101.08 11.21 -2.22
C SER C 1755 101.24 10.27 -3.39
N PRO C 1756 102.05 10.62 -4.40
CA PRO C 1756 102.01 9.88 -5.68
C PRO C 1756 102.43 8.43 -5.56
N MET C 1757 103.38 8.11 -4.67
CA MET C 1757 103.86 6.74 -4.54
C MET C 1757 102.72 5.79 -4.21
N LEU C 1758 101.84 6.21 -3.31
CA LEU C 1758 100.79 5.29 -2.87
C LEU C 1758 99.67 5.23 -3.91
N LEU C 1759 99.53 6.28 -4.73
CA LEU C 1759 98.70 6.18 -5.93
C LEU C 1759 99.20 5.07 -6.84
N GLU C 1760 100.49 5.10 -7.19
CA GLU C 1760 101.00 4.04 -8.05
C GLU C 1760 100.94 2.69 -7.35
N LEU C 1761 100.98 2.70 -6.02
CA LEU C 1761 100.77 1.45 -5.29
C LEU C 1761 99.37 0.89 -5.50
N MET C 1762 98.32 1.72 -5.46
CA MET C 1762 97.00 1.15 -5.74
C MET C 1762 96.91 0.70 -7.19
N THR C 1763 97.56 1.43 -8.10
CA THR C 1763 97.54 1.01 -9.50
C THR C 1763 98.19 -0.36 -9.65
N GLU C 1764 99.25 -0.62 -8.88
CA GLU C 1764 99.82 -1.95 -8.84
C GLU C 1764 98.86 -2.97 -8.22
N VAL C 1765 98.15 -2.57 -7.17
CA VAL C 1765 97.24 -3.50 -6.50
C VAL C 1765 96.15 -3.96 -7.45
N LEU C 1766 95.60 -3.04 -8.24
CA LEU C 1766 94.52 -3.41 -9.15
C LEU C 1766 95.03 -4.24 -10.32
N CYS C 1767 96.30 -4.06 -10.69
CA CYS C 1767 96.78 -4.61 -11.96
C CYS C 1767 97.27 -6.04 -11.80
N ARG C 1768 96.81 -6.75 -10.77
CA ARG C 1768 96.92 -8.20 -10.73
C ARG C 1768 95.62 -8.84 -11.20
N GLU C 1769 94.67 -8.03 -11.67
CA GLU C 1769 93.32 -8.47 -12.00
C GLU C 1769 92.88 -7.65 -13.22
N GLN C 1770 91.73 -8.00 -13.78
CA GLN C 1770 91.24 -7.27 -14.94
C GLN C 1770 89.96 -6.50 -14.63
N GLN C 1771 88.94 -7.22 -14.16
CA GLN C 1771 87.61 -6.64 -13.92
C GLN C 1771 87.44 -6.27 -12.45
N HIS C 1772 88.10 -5.19 -12.05
CA HIS C 1772 88.04 -4.74 -10.67
C HIS C 1772 86.62 -4.26 -10.35
N VAL C 1773 86.09 -4.68 -9.19
CA VAL C 1773 84.71 -4.38 -8.85
C VAL C 1773 84.55 -3.00 -8.21
N MET C 1774 85.62 -2.46 -7.63
CA MET C 1774 85.60 -1.18 -6.92
C MET C 1774 85.46 0.00 -7.87
N GLU C 1775 85.38 -0.26 -9.18
CA GLU C 1775 85.78 0.71 -10.19
C GLU C 1775 85.11 2.06 -10.00
N GLU C 1776 83.77 2.08 -9.92
CA GLU C 1776 83.06 3.35 -9.91
C GLU C 1776 83.34 4.21 -8.68
N LEU C 1777 83.36 3.63 -7.48
CA LEU C 1777 83.79 4.39 -6.32
C LEU C 1777 85.29 4.64 -6.35
N PHE C 1778 86.01 3.90 -7.18
CA PHE C 1778 87.45 4.06 -7.34
C PHE C 1778 87.75 5.25 -8.25
N GLN C 1779 86.96 5.38 -9.33
CA GLN C 1779 87.01 6.59 -10.14
C GLN C 1779 86.44 7.79 -9.40
N SER C 1780 85.51 7.54 -8.46
CA SER C 1780 84.97 8.62 -7.66
C SER C 1780 86.04 9.25 -6.76
N SER C 1781 87.19 8.59 -6.61
CA SER C 1781 88.32 9.20 -5.94
C SER C 1781 89.33 9.75 -6.94
N PHE C 1782 89.58 9.01 -8.03
CA PHE C 1782 90.46 9.55 -9.08
C PHE C 1782 90.02 10.92 -9.58
N ARG C 1783 88.73 11.08 -9.87
CA ARG C 1783 88.26 12.32 -10.47
C ARG C 1783 88.44 13.51 -9.53
N ARG C 1784 88.54 13.28 -8.22
CA ARG C 1784 88.82 14.37 -7.29
C ARG C 1784 90.32 14.53 -7.04
N ILE C 1785 91.13 13.49 -7.29
CA ILE C 1785 92.56 13.62 -7.09
C ILE C 1785 93.12 14.76 -7.96
N ALA C 1786 92.67 14.86 -9.20
CA ALA C 1786 93.27 15.77 -10.16
C ALA C 1786 92.58 17.14 -10.23
N ARG C 1787 92.02 17.63 -9.13
CA ARG C 1787 91.35 18.93 -9.14
C ARG C 1787 91.64 19.79 -7.91
N ARG C 1788 92.52 19.37 -7.01
CA ARG C 1788 92.74 20.07 -5.76
C ARG C 1788 94.13 20.67 -5.65
N GLY C 1789 95.18 19.85 -5.81
CA GLY C 1789 96.53 20.27 -5.50
C GLY C 1789 97.10 21.24 -6.51
N SER C 1790 98.32 21.70 -6.22
CA SER C 1790 99.03 22.61 -7.09
C SER C 1790 99.47 21.90 -8.36
N CYS C 1791 99.76 22.70 -9.39
CA CYS C 1791 100.22 22.13 -10.65
C CYS C 1791 101.53 21.37 -10.49
N VAL C 1792 102.33 21.74 -9.50
CA VAL C 1792 103.54 20.98 -9.20
C VAL C 1792 103.19 19.58 -8.72
N THR C 1793 102.18 19.48 -7.84
CA THR C 1793 101.75 18.16 -7.39
C THR C 1793 101.16 17.34 -8.53
N GLN C 1794 100.40 18.00 -9.41
CA GLN C 1794 99.81 17.29 -10.55
C GLN C 1794 100.89 16.77 -11.49
N VAL C 1795 101.87 17.62 -11.83
CA VAL C 1795 102.94 17.13 -12.70
C VAL C 1795 103.75 16.04 -11.99
N GLY C 1796 103.90 16.13 -10.66
CA GLY C 1796 104.62 15.08 -9.95
C GLY C 1796 103.92 13.74 -10.04
N LEU C 1797 102.60 13.71 -9.82
CA LEU C 1797 101.88 12.45 -9.93
C LEU C 1797 101.87 11.96 -11.37
N LEU C 1798 101.72 12.88 -12.34
CA LEU C 1798 101.73 12.49 -13.73
C LEU C 1798 103.07 11.86 -14.12
N GLU C 1799 104.18 12.47 -13.71
CA GLU C 1799 105.48 11.91 -14.06
C GLU C 1799 105.74 10.62 -13.32
N SER C 1800 105.22 10.47 -12.09
CA SER C 1800 105.37 9.20 -11.38
C SER C 1800 104.70 8.07 -12.15
N VAL C 1801 103.43 8.25 -12.51
CA VAL C 1801 102.71 7.19 -13.22
C VAL C 1801 103.31 7.00 -14.61
N TYR C 1802 103.80 8.08 -15.22
CA TYR C 1802 104.39 8.00 -16.55
C TYR C 1802 105.68 7.20 -16.55
N GLU C 1803 106.56 7.47 -15.58
CA GLU C 1803 107.79 6.70 -15.42
C GLU C 1803 107.49 5.24 -15.09
N MET C 1804 106.50 4.99 -14.24
CA MET C 1804 106.15 3.60 -13.95
C MET C 1804 105.61 2.86 -15.16
N PHE C 1805 104.84 3.53 -16.03
CA PHE C 1805 104.46 2.86 -17.26
C PHE C 1805 105.66 2.65 -18.18
N ARG C 1806 106.57 3.63 -18.25
CA ARG C 1806 107.79 3.40 -19.00
C ARG C 1806 108.75 2.53 -18.21
N LYS C 1807 108.29 1.33 -17.84
CA LYS C 1807 109.09 0.37 -17.11
C LYS C 1807 108.89 -1.02 -17.70
N ASP C 1808 109.97 -1.78 -17.74
CA ASP C 1808 109.94 -3.15 -18.24
C ASP C 1808 110.18 -4.12 -17.09
N ASP C 1809 109.26 -5.06 -16.92
CA ASP C 1809 109.30 -6.02 -15.82
C ASP C 1809 108.53 -7.26 -16.24
N PRO C 1810 108.73 -8.39 -15.55
CA PRO C 1810 107.98 -9.61 -15.89
C PRO C 1810 106.47 -9.45 -15.75
N ARG C 1811 106.04 -8.37 -15.09
CA ARG C 1811 104.61 -8.08 -14.92
C ARG C 1811 103.89 -8.09 -16.26
N LEU C 1812 102.59 -8.36 -16.21
CA LEU C 1812 101.79 -8.47 -17.41
C LEU C 1812 101.51 -7.11 -18.03
N SER C 1813 101.98 -6.90 -19.27
CA SER C 1813 101.61 -5.70 -20.01
C SER C 1813 100.13 -5.69 -20.36
N PHE C 1814 99.50 -6.87 -20.31
CA PHE C 1814 98.04 -6.98 -20.20
C PHE C 1814 97.49 -5.98 -19.21
N THR C 1815 98.25 -5.69 -18.16
CA THR C 1815 97.83 -4.71 -17.16
C THR C 1815 98.40 -3.34 -17.44
N ARG C 1816 99.47 -3.25 -18.25
CA ARG C 1816 99.91 -1.95 -18.73
C ARG C 1816 98.81 -1.29 -19.55
N GLN C 1817 98.08 -2.08 -20.34
CA GLN C 1817 96.90 -1.55 -21.00
C GLN C 1817 95.89 -0.99 -20.01
N SER C 1818 95.80 -1.61 -18.82
CA SER C 1818 94.97 -1.03 -17.77
C SER C 1818 95.52 0.31 -17.30
N PHE C 1819 96.85 0.38 -17.12
CA PHE C 1819 97.46 1.64 -16.69
C PHE C 1819 97.15 2.78 -17.66
N VAL C 1820 97.30 2.54 -18.97
CA VAL C 1820 96.93 3.60 -19.91
C VAL C 1820 95.43 3.86 -19.87
N ASP C 1821 94.61 2.82 -20.00
CA ASP C 1821 93.17 3.02 -20.18
C ASP C 1821 92.52 3.64 -18.96
N ARG C 1822 93.11 3.52 -17.77
CA ARG C 1822 92.50 4.13 -16.60
C ARG C 1822 93.32 5.27 -16.03
N SER C 1823 94.57 4.99 -15.63
CA SER C 1823 95.34 5.96 -14.88
C SER C 1823 95.76 7.15 -15.73
N LEU C 1824 96.30 6.88 -16.92
CA LEU C 1824 96.89 7.93 -17.73
C LEU C 1824 95.85 8.76 -18.48
N LEU C 1825 94.57 8.43 -18.37
CA LEU C 1825 93.51 9.20 -19.00
C LEU C 1825 92.63 9.94 -18.02
N THR C 1826 92.25 9.33 -16.89
CA THR C 1826 91.43 10.05 -15.92
C THR C 1826 92.22 11.19 -15.29
N LEU C 1827 93.54 11.04 -15.18
CA LEU C 1827 94.39 12.11 -14.67
C LEU C 1827 94.53 13.25 -15.67
N LEU C 1828 94.10 13.06 -16.91
CA LEU C 1828 94.14 14.12 -17.90
C LEU C 1828 92.77 14.52 -18.42
N TRP C 1829 91.74 13.73 -18.12
CA TRP C 1829 90.38 14.12 -18.48
C TRP C 1829 89.98 15.41 -17.77
N HIS C 1830 90.35 15.55 -16.51
CA HIS C 1830 90.02 16.73 -15.73
C HIS C 1830 91.22 17.66 -15.56
N CYS C 1831 92.06 17.78 -16.59
CA CYS C 1831 93.18 18.71 -16.54
C CYS C 1831 92.67 20.14 -16.45
N SER C 1832 93.05 20.84 -15.38
CA SER C 1832 92.51 22.18 -15.16
C SER C 1832 93.54 23.19 -14.66
N LEU C 1833 94.83 22.98 -14.85
CA LEU C 1833 95.85 23.91 -14.37
C LEU C 1833 96.90 24.13 -15.46
N ASP C 1834 97.90 24.94 -15.12
CA ASP C 1834 99.02 25.18 -16.05
C ASP C 1834 99.88 23.94 -16.24
N ALA C 1835 99.67 22.91 -15.41
CA ALA C 1835 100.37 21.63 -15.54
C ALA C 1835 100.10 21.01 -16.91
N LEU C 1836 99.00 21.43 -17.53
CA LEU C 1836 98.56 20.88 -18.81
C LEU C 1836 99.65 20.95 -19.88
N ARG C 1837 100.34 22.09 -19.97
CA ARG C 1837 101.41 22.25 -20.94
C ARG C 1837 102.77 21.87 -20.39
N GLU C 1838 102.96 21.94 -19.07
CA GLU C 1838 104.16 21.36 -18.46
C GLU C 1838 104.30 19.90 -18.85
N PHE C 1839 103.20 19.17 -18.81
CA PHE C 1839 103.21 17.76 -19.17
C PHE C 1839 103.62 17.56 -20.62
N PHE C 1840 103.13 18.44 -21.52
CA PHE C 1840 103.51 18.34 -22.93
C PHE C 1840 105.00 18.58 -23.12
N SER C 1841 105.49 19.71 -22.60
CA SER C 1841 106.91 20.03 -22.74
C SER C 1841 107.79 19.00 -22.07
N THR C 1842 107.25 18.23 -21.11
CA THR C 1842 108.03 17.18 -20.47
C THR C 1842 108.06 15.91 -21.32
N ILE C 1843 106.89 15.48 -21.81
CA ILE C 1843 106.80 14.13 -22.36
C ILE C 1843 107.05 14.08 -23.86
N VAL C 1844 106.87 15.19 -24.58
CA VAL C 1844 106.96 15.12 -26.04
C VAL C 1844 108.37 14.73 -26.47
N VAL C 1845 109.38 15.01 -25.63
CA VAL C 1845 110.75 14.64 -25.97
C VAL C 1845 110.90 13.13 -26.09
N ASP C 1846 110.18 12.37 -25.24
CA ASP C 1846 110.18 10.92 -25.34
C ASP C 1846 109.17 10.43 -26.37
N ALA C 1847 108.08 11.17 -26.54
CA ALA C 1847 107.08 10.82 -27.55
C ALA C 1847 107.71 10.81 -28.94
N ILE C 1848 108.52 11.83 -29.24
CA ILE C 1848 109.21 11.90 -30.52
C ILE C 1848 110.07 10.66 -30.71
N ASP C 1849 110.90 10.35 -29.72
CA ASP C 1849 111.84 9.24 -29.85
C ASP C 1849 111.11 7.91 -30.06
N VAL C 1850 110.03 7.70 -29.31
CA VAL C 1850 109.30 6.43 -29.43
C VAL C 1850 108.58 6.35 -30.76
N LEU C 1851 107.98 7.44 -31.20
CA LEU C 1851 107.17 7.41 -32.41
C LEU C 1851 107.97 7.66 -33.68
N LYS C 1852 109.29 7.86 -33.59
CA LYS C 1852 110.15 7.83 -34.77
C LYS C 1852 110.81 6.48 -34.95
N SER C 1853 111.41 5.92 -33.89
CA SER C 1853 112.02 4.61 -33.99
C SER C 1853 110.97 3.55 -34.32
N ARG C 1854 109.82 3.62 -33.66
CA ARG C 1854 108.64 2.81 -33.98
C ARG C 1854 108.95 1.33 -33.73
N PHE C 1855 108.28 0.44 -34.45
CA PHE C 1855 108.31 -0.98 -34.13
C PHE C 1855 109.71 -1.57 -34.31
N THR C 1856 110.09 -2.43 -33.36
CA THR C 1856 111.37 -3.13 -33.40
C THR C 1856 111.16 -4.55 -32.92
N LYS C 1857 112.00 -5.45 -33.44
CA LYS C 1857 111.98 -6.87 -33.06
C LYS C 1857 110.61 -7.49 -33.30
N LEU C 1858 110.15 -7.45 -34.56
CA LEU C 1858 108.94 -8.14 -34.96
C LEU C 1858 109.25 -9.61 -35.23
N ASN C 1859 110.53 -9.97 -35.11
CA ASN C 1859 110.94 -11.36 -35.15
C ASN C 1859 110.61 -12.11 -33.86
N GLU C 1860 110.43 -11.38 -32.77
CA GLU C 1860 110.13 -11.94 -31.45
C GLU C 1860 108.68 -11.63 -31.10
N SER C 1861 108.21 -12.20 -29.99
CA SER C 1861 106.88 -11.87 -29.48
C SER C 1861 106.94 -10.63 -28.59
N THR C 1862 108.13 -10.07 -28.39
CA THR C 1862 108.32 -9.00 -27.41
C THR C 1862 108.03 -7.62 -27.97
N PHE C 1863 107.63 -7.50 -29.25
CA PHE C 1863 107.23 -6.19 -29.75
C PHE C 1863 105.90 -5.74 -29.16
N ASP C 1864 105.21 -6.62 -28.43
CA ASP C 1864 103.98 -6.28 -27.75
C ASP C 1864 104.19 -5.07 -26.83
N THR C 1865 105.33 -4.99 -26.15
CA THR C 1865 105.60 -3.82 -25.31
C THR C 1865 105.76 -2.56 -26.16
N GLN C 1866 106.39 -2.68 -27.33
CA GLN C 1866 106.50 -1.54 -28.24
C GLN C 1866 105.13 -1.02 -28.60
N ILE C 1867 104.22 -1.94 -28.98
CA ILE C 1867 102.89 -1.51 -29.41
C ILE C 1867 101.97 -1.19 -28.25
N THR C 1868 102.34 -1.53 -27.02
CA THR C 1868 101.67 -0.95 -25.86
C THR C 1868 102.05 0.51 -25.68
N LYS C 1869 103.37 0.79 -25.69
CA LYS C 1869 103.83 2.16 -25.51
C LYS C 1869 103.30 3.07 -26.61
N LYS C 1870 103.34 2.59 -27.86
CA LYS C 1870 102.90 3.40 -28.99
C LYS C 1870 101.43 3.81 -28.85
N MET C 1871 100.54 2.84 -28.60
CA MET C 1871 99.13 3.19 -28.49
C MET C 1871 98.86 4.03 -27.25
N GLY C 1872 99.56 3.75 -26.14
CA GLY C 1872 99.37 4.53 -24.94
C GLY C 1872 99.72 6.00 -25.13
N TYR C 1873 100.74 6.27 -25.95
CA TYR C 1873 101.10 7.66 -26.25
C TYR C 1873 99.92 8.43 -26.80
N TYR C 1874 99.20 7.84 -27.75
CA TYR C 1874 98.26 8.60 -28.58
C TYR C 1874 97.13 9.17 -27.74
N LYS C 1875 96.47 8.30 -26.96
CA LYS C 1875 95.28 8.73 -26.21
C LYS C 1875 95.64 9.77 -25.15
N ILE C 1876 96.74 9.54 -24.43
CA ILE C 1876 97.12 10.48 -23.37
C ILE C 1876 97.45 11.83 -23.98
N LEU C 1877 98.20 11.83 -25.10
CA LEU C 1877 98.49 13.08 -25.77
C LEU C 1877 97.20 13.76 -26.24
N ASP C 1878 96.25 12.99 -26.76
CA ASP C 1878 94.99 13.55 -27.23
C ASP C 1878 94.27 14.28 -26.12
N VAL C 1879 94.08 13.61 -24.98
CA VAL C 1879 93.28 14.20 -23.92
C VAL C 1879 94.01 15.38 -23.29
N MET C 1880 95.33 15.28 -23.12
CA MET C 1880 96.05 16.46 -22.67
C MET C 1880 96.19 17.49 -23.78
N TYR C 1881 95.92 17.11 -25.02
CA TYR C 1881 95.91 18.06 -26.12
C TYR C 1881 94.67 18.95 -26.07
N SER C 1882 93.57 18.38 -25.59
CA SER C 1882 92.26 19.02 -25.73
C SER C 1882 92.08 20.18 -24.75
N ARG C 1883 91.18 21.09 -25.12
CA ARG C 1883 90.79 22.25 -24.31
C ARG C 1883 91.99 23.11 -23.94
N LEU C 1884 92.97 23.19 -24.85
CA LEU C 1884 93.94 24.26 -24.83
C LEU C 1884 93.32 25.49 -25.48
N PRO C 1885 93.91 26.66 -25.29
CA PRO C 1885 93.67 27.73 -26.27
C PRO C 1885 94.23 27.24 -27.59
N LYS C 1886 93.35 26.99 -28.57
CA LYS C 1886 93.73 26.19 -29.73
C LYS C 1886 94.80 26.87 -30.58
N ASP C 1887 95.23 28.06 -30.19
CA ASP C 1887 96.33 28.74 -30.86
C ASP C 1887 97.66 28.09 -30.51
N ASP C 1888 97.73 27.40 -29.35
CA ASP C 1888 98.99 26.86 -28.85
C ASP C 1888 99.60 25.83 -29.80
N VAL C 1889 98.83 25.32 -30.75
CA VAL C 1889 99.24 24.18 -31.56
C VAL C 1889 99.44 24.55 -33.02
N HIS C 1890 99.09 25.78 -33.41
CA HIS C 1890 99.35 26.29 -34.75
C HIS C 1890 99.91 27.70 -34.66
N ALA C 1891 100.87 27.91 -33.77
CA ALA C 1891 101.46 29.22 -33.54
C ALA C 1891 102.97 29.14 -33.72
N LYS C 1892 103.54 30.17 -34.35
CA LYS C 1892 104.99 30.30 -34.40
C LYS C 1892 105.56 30.38 -32.98
N GLU C 1893 104.88 31.09 -32.10
CA GLU C 1893 105.25 31.17 -30.68
C GLU C 1893 104.46 30.12 -29.92
N SER C 1894 105.14 29.04 -29.54
CA SER C 1894 104.56 28.03 -28.66
C SER C 1894 105.70 27.26 -28.02
N LYS C 1895 105.49 26.85 -26.77
CA LYS C 1895 106.55 26.15 -26.05
C LYS C 1895 106.58 24.68 -26.46
N ILE C 1896 106.85 24.43 -27.73
CA ILE C 1896 106.88 23.08 -28.28
C ILE C 1896 108.34 22.72 -28.57
N ASN C 1897 108.95 22.00 -27.63
CA ASN C 1897 110.33 21.56 -27.81
C ASN C 1897 110.38 20.29 -28.64
N GLN C 1898 111.21 20.30 -29.67
CA GLN C 1898 111.31 19.18 -30.59
C GLN C 1898 112.76 19.06 -31.05
N VAL C 1899 113.14 17.85 -31.47
CA VAL C 1899 114.53 17.53 -31.73
C VAL C 1899 115.14 18.38 -32.85
N PHE C 1900 114.32 18.90 -33.76
CA PHE C 1900 114.86 19.56 -34.95
C PHE C 1900 115.72 20.77 -34.57
N HIS C 1901 115.13 21.74 -33.87
CA HIS C 1901 115.88 22.92 -33.41
C HIS C 1901 115.44 23.32 -32.00
N GLY C 1902 115.22 22.34 -31.14
CA GLY C 1902 114.78 22.64 -29.79
C GLY C 1902 113.39 23.26 -29.79
N SER C 1903 113.29 24.46 -29.21
CA SER C 1903 112.03 25.20 -29.18
C SER C 1903 112.23 26.68 -29.51
N CYS C 1904 113.46 27.11 -29.80
CA CYS C 1904 113.71 28.52 -30.08
C CYS C 1904 112.96 28.97 -31.34
N ILE C 1905 113.04 28.19 -32.41
CA ILE C 1905 112.33 28.46 -33.64
C ILE C 1905 111.38 27.30 -33.91
N THR C 1906 110.22 27.61 -34.48
CA THR C 1906 109.21 26.60 -34.78
C THR C 1906 108.69 26.68 -36.20
N GLU C 1907 109.24 27.58 -37.02
CA GLU C 1907 108.84 27.80 -38.42
C GLU C 1907 107.32 27.72 -38.58
N GLY C 1908 106.62 28.34 -37.65
CA GLY C 1908 105.15 28.27 -37.64
C GLY C 1908 104.57 27.01 -37.04
N ASN C 1909 104.88 25.86 -37.62
CA ASN C 1909 104.32 24.59 -37.16
C ASN C 1909 105.14 23.41 -37.66
N GLU C 1910 105.57 22.53 -36.75
CA GLU C 1910 106.35 21.37 -37.15
C GLU C 1910 105.82 20.06 -36.56
N LEU C 1911 105.15 20.11 -35.41
CA LEU C 1911 104.72 18.86 -34.78
C LEU C 1911 103.54 18.25 -35.49
N THR C 1912 102.68 19.08 -36.12
CA THR C 1912 101.47 18.56 -36.75
C THR C 1912 101.81 17.67 -37.94
N LYS C 1913 102.80 18.05 -38.75
CA LYS C 1913 103.13 17.26 -39.94
C LYS C 1913 103.60 15.87 -39.56
N THR C 1914 104.35 15.75 -38.46
CA THR C 1914 104.82 14.43 -38.03
C THR C 1914 103.68 13.56 -37.56
N LEU C 1915 102.83 14.08 -36.67
CA LEU C 1915 101.70 13.31 -36.17
C LEU C 1915 100.68 13.02 -37.27
N ILE C 1916 100.56 13.90 -38.26
CA ILE C 1916 99.74 13.62 -39.43
C ILE C 1916 100.26 12.38 -40.16
N LYS C 1917 101.58 12.29 -40.31
CA LYS C 1917 102.19 11.10 -40.91
C LYS C 1917 101.94 9.86 -40.06
N LEU C 1918 102.12 9.98 -38.75
CA LEU C 1918 102.12 8.81 -37.88
C LEU C 1918 100.73 8.24 -37.60
N CYS C 1919 99.71 8.70 -38.30
CA CYS C 1919 98.38 8.13 -38.20
C CYS C 1919 97.80 7.70 -39.55
N TYR C 1920 98.26 8.27 -40.65
CA TYR C 1920 97.82 7.82 -41.97
C TYR C 1920 98.60 6.60 -42.44
N ASP C 1921 99.82 6.41 -41.90
CA ASP C 1921 100.73 5.39 -42.43
C ASP C 1921 100.29 3.98 -42.07
N ALA C 1922 99.91 3.78 -40.80
CA ALA C 1922 99.79 2.43 -40.26
C ALA C 1922 98.74 1.61 -40.97
N PHE C 1923 97.61 2.21 -41.32
CA PHE C 1923 96.52 1.49 -41.98
C PHE C 1923 96.93 0.95 -43.34
N THR C 1924 97.67 1.73 -44.12
CA THR C 1924 98.27 1.22 -45.35
C THR C 1924 99.61 0.55 -45.10
N GLU C 1925 100.09 0.57 -43.87
CA GLU C 1925 101.22 -0.27 -43.46
C GLU C 1925 100.79 -1.63 -42.94
N ASN C 1926 99.49 -1.89 -42.86
CA ASN C 1926 98.96 -3.12 -42.27
C ASN C 1926 98.85 -4.20 -43.34
N MET C 1927 100.02 -4.70 -43.75
CA MET C 1927 100.07 -5.80 -44.72
C MET C 1927 100.24 -7.15 -44.04
N ALA C 1928 100.94 -7.19 -42.91
CA ALA C 1928 101.32 -8.44 -42.27
C ALA C 1928 100.11 -9.33 -42.04
N GLY C 1929 100.12 -10.48 -42.71
CA GLY C 1929 99.03 -11.43 -42.59
C GLY C 1929 99.28 -12.49 -41.54
N GLU C 1930 100.54 -12.89 -41.37
CA GLU C 1930 100.92 -13.88 -40.36
C GLU C 1930 100.95 -13.18 -39.00
N ASN C 1931 99.76 -12.90 -38.47
CA ASN C 1931 99.65 -12.31 -37.14
C ASN C 1931 99.71 -13.43 -36.11
N GLN C 1932 100.88 -13.56 -35.46
CA GLN C 1932 101.00 -14.51 -34.36
C GLN C 1932 99.96 -14.24 -33.30
N LEU C 1933 99.71 -12.96 -33.01
CA LEU C 1933 98.53 -12.51 -32.30
C LEU C 1933 98.02 -11.26 -33.02
N LEU C 1934 96.72 -11.04 -32.96
CA LEU C 1934 96.05 -10.18 -33.93
C LEU C 1934 95.25 -9.02 -33.33
N GLU C 1935 94.74 -9.16 -32.11
CA GLU C 1935 93.89 -8.10 -31.56
C GLU C 1935 94.68 -6.82 -31.31
N ARG C 1936 95.96 -6.96 -30.94
CA ARG C 1936 96.76 -5.79 -30.62
C ARG C 1936 96.87 -4.84 -31.81
N ARG C 1937 96.89 -5.39 -33.03
CA ARG C 1937 96.96 -4.55 -34.21
C ARG C 1937 95.75 -3.62 -34.29
N ARG C 1938 94.55 -4.17 -34.13
CA ARG C 1938 93.36 -3.33 -34.20
C ARG C 1938 93.35 -2.34 -33.04
N LEU C 1939 93.84 -2.75 -31.87
CA LEU C 1939 93.89 -1.81 -30.75
C LEU C 1939 94.77 -0.61 -31.05
N TYR C 1940 96.02 -0.82 -31.47
CA TYR C 1940 96.84 0.36 -31.68
C TYR C 1940 96.44 1.12 -32.94
N HIS C 1941 95.82 0.45 -33.92
CA HIS C 1941 95.36 1.18 -35.11
C HIS C 1941 94.14 2.04 -34.79
N CYS C 1942 93.23 1.55 -33.95
CA CYS C 1942 92.10 2.39 -33.55
C CYS C 1942 92.57 3.51 -32.64
N ALA C 1943 93.61 3.26 -31.83
CA ALA C 1943 94.24 4.34 -31.10
C ALA C 1943 94.78 5.39 -32.05
N ALA C 1944 95.42 4.96 -33.14
CA ALA C 1944 95.93 5.89 -34.14
C ALA C 1944 94.80 6.68 -34.78
N TYR C 1945 93.69 6.01 -35.11
CA TYR C 1945 92.58 6.70 -35.76
C TYR C 1945 91.95 7.72 -34.82
N ASN C 1946 91.80 7.36 -33.55
CA ASN C 1946 91.23 8.31 -32.58
C ASN C 1946 92.17 9.48 -32.34
N CYS C 1947 93.48 9.23 -32.33
CA CYS C 1947 94.43 10.33 -32.28
C CYS C 1947 94.27 11.24 -33.48
N ALA C 1948 94.08 10.65 -34.66
CA ALA C 1948 93.87 11.44 -35.87
C ALA C 1948 92.60 12.28 -35.76
N ILE C 1949 91.53 11.71 -35.21
CA ILE C 1949 90.28 12.45 -35.08
C ILE C 1949 90.43 13.61 -34.10
N SER C 1950 91.08 13.36 -32.96
CA SER C 1950 91.31 14.41 -31.98
C SER C 1950 92.17 15.52 -32.57
N VAL C 1951 93.16 15.16 -33.37
CA VAL C 1951 93.96 16.15 -34.08
C VAL C 1951 93.10 16.95 -35.05
N ILE C 1952 92.35 16.25 -35.89
CA ILE C 1952 91.55 16.86 -36.94
C ILE C 1952 90.52 17.83 -36.38
N CYS C 1953 89.98 17.55 -35.20
CA CYS C 1953 88.99 18.44 -34.60
C CYS C 1953 89.53 19.85 -34.35
N CYS C 1954 90.85 20.03 -34.26
CA CYS C 1954 91.38 21.32 -33.83
C CYS C 1954 92.45 21.93 -34.73
N VAL C 1955 93.32 21.11 -35.33
CA VAL C 1955 94.61 21.61 -35.80
C VAL C 1955 94.46 22.62 -36.92
N PHE C 1956 93.69 22.29 -37.95
CA PHE C 1956 93.77 23.05 -39.20
C PHE C 1956 93.00 24.36 -39.12
N ASN C 1957 93.39 25.29 -40.00
CA ASN C 1957 92.57 26.44 -40.34
C ASN C 1957 91.70 26.17 -41.56
N GLU C 1958 91.80 24.97 -42.11
CA GLU C 1958 90.94 24.47 -43.16
C GLU C 1958 90.84 22.96 -42.96
N LEU C 1959 89.65 22.49 -42.59
CA LEU C 1959 89.53 21.15 -42.03
C LEU C 1959 89.77 20.04 -43.06
N LYS C 1960 89.34 20.24 -44.30
CA LYS C 1960 89.55 19.26 -45.37
C LYS C 1960 90.84 19.65 -46.11
N PHE C 1961 91.97 19.23 -45.54
CA PHE C 1961 93.26 19.78 -45.96
C PHE C 1961 94.30 18.67 -45.97
N TYR C 1962 95.39 18.92 -46.72
CA TYR C 1962 96.47 17.96 -46.93
C TYR C 1962 95.94 16.61 -47.39
N GLN C 1963 96.52 15.52 -46.88
CA GLN C 1963 96.00 14.19 -47.13
C GLN C 1963 94.94 13.80 -46.12
N GLY C 1964 94.32 14.78 -45.45
CA GLY C 1964 93.27 14.47 -44.49
C GLY C 1964 92.04 13.87 -45.12
N PHE C 1965 91.61 14.39 -46.27
CA PHE C 1965 90.41 13.88 -46.90
C PHE C 1965 90.70 12.63 -47.73
N LEU C 1966 91.27 11.60 -47.11
CA LEU C 1966 91.44 10.25 -47.68
C LEU C 1966 92.15 10.29 -49.04
N PHE C 1967 93.43 10.71 -49.04
CA PHE C 1967 94.25 10.99 -50.24
C PHE C 1967 94.10 9.92 -51.32
N SER C 1968 94.18 8.68 -50.89
CA SER C 1968 93.71 7.51 -51.61
C SER C 1968 92.61 6.86 -50.75
N GLU C 1969 91.69 6.13 -51.37
CA GLU C 1969 90.54 5.54 -50.67
C GLU C 1969 91.00 4.40 -49.73
N LYS C 1970 91.08 4.70 -48.42
CA LYS C 1970 91.65 3.77 -47.42
C LYS C 1970 90.78 2.54 -47.17
N PRO C 1971 91.37 1.37 -46.85
CA PRO C 1971 90.63 0.23 -46.34
C PRO C 1971 90.32 0.43 -44.85
N GLU C 1972 89.08 0.18 -44.43
CA GLU C 1972 88.68 0.46 -43.04
C GLU C 1972 89.08 -0.61 -41.99
N LYS C 1973 90.21 -1.28 -42.23
CA LYS C 1973 90.71 -2.41 -41.42
C LYS C 1973 90.95 -2.01 -39.97
N ASN C 1974 91.11 -0.71 -39.73
CA ASN C 1974 91.31 -0.05 -38.44
C ASN C 1974 90.09 -0.14 -37.51
N LEU C 1975 88.87 -0.31 -38.03
CA LEU C 1975 87.67 -0.35 -37.20
C LEU C 1975 87.61 -1.61 -36.35
N LEU C 1976 87.47 -2.75 -37.02
CA LEU C 1976 87.22 -4.07 -36.47
C LEU C 1976 88.10 -5.13 -37.11
N ILE C 1977 88.51 -6.10 -36.30
CA ILE C 1977 88.79 -7.43 -36.82
C ILE C 1977 87.39 -8.02 -36.99
N PHE C 1978 86.89 -7.97 -38.23
CA PHE C 1978 85.49 -8.15 -38.56
C PHE C 1978 84.94 -9.40 -37.84
N GLU C 1979 83.76 -9.26 -37.24
CA GLU C 1979 83.35 -10.13 -36.13
C GLU C 1979 82.13 -10.97 -36.49
N ASN C 1980 82.09 -12.23 -36.01
CA ASN C 1980 81.27 -13.21 -36.71
C ASN C 1980 80.30 -13.98 -35.81
N LEU C 1981 80.71 -14.32 -34.58
CA LEU C 1981 79.96 -15.30 -33.80
C LEU C 1981 79.38 -14.77 -32.49
N ILE C 1982 79.38 -13.47 -32.24
CA ILE C 1982 78.91 -12.96 -30.95
C ILE C 1982 77.88 -11.85 -31.20
N ASP C 1983 77.89 -11.30 -32.40
CA ASP C 1983 77.20 -10.05 -32.69
C ASP C 1983 76.29 -10.23 -33.90
N LEU C 1984 75.86 -9.08 -34.45
CA LEU C 1984 74.93 -8.96 -35.57
C LEU C 1984 73.50 -9.22 -35.12
N LYS C 1985 73.34 -9.57 -33.83
CA LYS C 1985 72.05 -9.56 -33.17
C LYS C 1985 72.22 -9.64 -31.66
N MET C 2085 75.52 -9.38 -29.45
CA MET C 2085 75.60 -7.93 -29.26
C MET C 2085 77.01 -7.51 -28.86
N ASP C 2086 77.74 -6.88 -29.77
CA ASP C 2086 79.08 -6.42 -29.49
C ASP C 2086 79.47 -5.34 -30.48
N GLU C 2087 80.36 -4.45 -30.03
CA GLU C 2087 81.16 -3.56 -30.87
C GLU C 2087 80.34 -2.41 -31.44
N LEU C 2088 79.02 -2.42 -31.23
CA LEU C 2088 78.21 -1.28 -31.65
C LEU C 2088 77.82 -0.41 -30.48
N ASN C 2089 78.31 -0.73 -29.29
CA ASN C 2089 78.03 0.09 -28.11
C ASN C 2089 79.29 0.61 -27.44
N ARG C 2090 80.43 -0.08 -27.60
CA ARG C 2090 81.61 0.27 -26.83
C ARG C 2090 82.87 0.45 -27.68
N HIS C 2091 82.76 0.57 -28.99
CA HIS C 2091 83.91 0.95 -29.80
C HIS C 2091 84.37 2.34 -29.40
N GLU C 2092 85.69 2.51 -29.29
CA GLU C 2092 86.24 3.71 -28.66
C GLU C 2092 86.16 4.94 -29.55
N CYS C 2093 85.48 4.87 -30.70
CA CYS C 2093 85.44 6.00 -31.62
C CYS C 2093 84.12 6.74 -31.58
N MET C 2094 83.13 6.26 -30.82
CA MET C 2094 81.79 6.81 -30.92
C MET C 2094 81.74 8.28 -30.52
N ALA C 2095 82.37 8.63 -29.40
CA ALA C 2095 82.40 10.04 -29.03
C ALA C 2095 83.17 10.89 -30.04
N PRO C 2096 84.38 10.52 -30.49
CA PRO C 2096 85.06 11.34 -31.51
C PRO C 2096 84.34 11.35 -32.85
N LEU C 2097 83.89 10.19 -33.34
CA LEU C 2097 83.19 10.15 -34.62
C LEU C 2097 81.81 10.78 -34.56
N THR C 2098 81.26 10.98 -33.36
CA THR C 2098 80.03 11.75 -33.23
C THR C 2098 80.34 13.23 -33.21
N ALA C 2099 81.38 13.64 -32.48
CA ALA C 2099 81.82 15.03 -32.51
C ALA C 2099 82.23 15.44 -33.93
N LEU C 2100 82.62 14.47 -34.75
CA LEU C 2100 82.85 14.69 -36.17
C LEU C 2100 81.68 15.43 -36.83
N VAL C 2101 80.50 14.81 -36.79
CA VAL C 2101 79.33 15.44 -37.39
C VAL C 2101 78.75 16.52 -36.49
N LYS C 2102 79.14 16.55 -35.21
CA LYS C 2102 78.69 17.60 -34.32
C LYS C 2102 79.38 18.93 -34.62
N HIS C 2103 80.59 18.89 -35.14
CA HIS C 2103 81.35 20.09 -35.47
C HIS C 2103 81.38 20.40 -36.95
N MET C 2104 81.67 19.42 -37.81
CA MET C 2104 81.75 19.69 -39.24
C MET C 2104 80.44 20.24 -39.78
N HIS C 2105 79.31 19.81 -39.20
CA HIS C 2105 78.02 20.39 -39.57
C HIS C 2105 77.90 21.82 -39.08
N ARG C 2106 78.55 22.16 -37.97
CA ARG C 2106 78.48 23.50 -37.40
C ARG C 2106 79.82 24.24 -37.51
N SER C 2107 80.65 23.85 -38.46
CA SER C 2107 81.96 24.48 -38.67
C SER C 2107 81.90 25.66 -39.62
N LEU C 2108 80.71 26.01 -40.11
CA LEU C 2108 80.56 27.14 -41.03
C LEU C 2108 81.02 28.45 -40.39
N PRO C 2119 67.94 24.20 -53.43
CA PRO C 2119 69.17 24.95 -53.11
C PRO C 2119 70.20 24.11 -52.37
N ARG C 2120 70.18 22.81 -52.59
CA ARG C 2120 71.04 21.87 -51.87
C ARG C 2120 71.89 21.10 -52.87
N ASP C 2121 73.10 20.73 -52.45
CA ASP C 2121 73.99 19.94 -53.28
C ASP C 2121 74.93 19.14 -52.40
N LEU C 2122 75.69 18.24 -53.03
CA LEU C 2122 76.48 17.25 -52.31
C LEU C 2122 77.75 17.87 -51.73
N PRO C 2123 78.01 17.71 -50.44
CA PRO C 2123 79.31 18.11 -49.90
C PRO C 2123 80.43 17.25 -50.45
N SER C 2124 81.63 17.83 -50.53
CA SER C 2124 82.75 17.16 -51.17
C SER C 2124 83.23 15.95 -50.38
N TRP C 2125 83.25 16.06 -49.04
CA TRP C 2125 83.97 15.12 -48.20
C TRP C 2125 83.14 13.91 -47.75
N MET C 2126 81.82 13.93 -47.94
CA MET C 2126 81.00 12.82 -47.47
C MET C 2126 80.88 11.70 -48.51
N LYS C 2127 81.38 11.93 -49.72
CA LYS C 2127 81.31 10.91 -50.76
C LYS C 2127 82.11 9.66 -50.37
N PHE C 2128 83.15 9.83 -49.56
CA PHE C 2128 83.88 8.69 -49.04
C PHE C 2128 82.96 7.73 -48.30
N LEU C 2129 82.21 8.24 -47.32
CA LEU C 2129 81.30 7.38 -46.58
C LEU C 2129 80.16 6.89 -47.46
N HIS C 2130 79.65 7.75 -48.34
CA HIS C 2130 78.51 7.37 -49.17
C HIS C 2130 78.85 6.22 -50.11
N GLY C 2131 80.05 6.24 -50.70
CA GLY C 2131 80.40 5.21 -51.66
C GLY C 2131 80.48 3.83 -51.04
N LYS C 2132 81.15 3.72 -49.90
CA LYS C 2132 81.27 2.42 -49.24
C LYS C 2132 79.97 2.00 -48.56
N LEU C 2133 79.14 2.95 -48.13
CA LEU C 2133 77.86 2.58 -47.54
C LEU C 2133 76.95 1.92 -48.59
N GLY C 2134 76.93 2.45 -49.81
CA GLY C 2134 76.07 1.94 -50.85
C GLY C 2134 76.60 0.77 -51.66
N ASN C 2135 77.84 0.35 -51.43
CA ASN C 2135 78.41 -0.74 -52.19
C ASN C 2135 78.23 -2.03 -51.41
N PRO C 2136 77.32 -2.93 -51.81
CA PRO C 2136 77.00 -4.13 -51.02
C PRO C 2136 77.93 -5.30 -51.27
N ILE C 2137 79.23 -5.03 -51.26
CA ILE C 2137 80.23 -6.10 -51.38
C ILE C 2137 81.24 -5.93 -50.26
N VAL C 2138 81.19 -4.77 -49.60
CA VAL C 2138 82.06 -4.44 -48.47
C VAL C 2138 81.68 -5.38 -47.32
N PRO C 2139 82.62 -5.77 -46.46
CA PRO C 2139 82.26 -6.61 -45.31
C PRO C 2139 81.19 -5.98 -44.46
N LEU C 2140 80.36 -6.85 -43.86
CA LEU C 2140 79.12 -6.42 -43.23
C LEU C 2140 79.38 -5.50 -42.04
N ASN C 2141 80.44 -5.75 -41.30
CA ASN C 2141 80.71 -4.94 -40.11
C ASN C 2141 80.90 -3.47 -40.46
N ILE C 2142 81.62 -3.17 -41.53
CA ILE C 2142 81.85 -1.78 -41.93
C ILE C 2142 80.54 -1.10 -42.29
N ARG C 2143 79.73 -1.75 -43.13
CA ARG C 2143 78.49 -1.14 -43.57
C ARG C 2143 77.54 -0.91 -42.41
N LEU C 2144 77.45 -1.89 -41.50
CA LEU C 2144 76.55 -1.75 -40.35
C LEU C 2144 77.05 -0.66 -39.40
N PHE C 2145 78.36 -0.59 -39.19
CA PHE C 2145 78.91 0.44 -38.31
C PHE C 2145 78.63 1.83 -38.87
N LEU C 2146 78.84 2.02 -40.18
CA LEU C 2146 78.58 3.34 -40.75
C LEU C 2146 77.09 3.65 -40.77
N ALA C 2147 76.24 2.63 -40.97
CA ALA C 2147 74.80 2.85 -40.87
C ALA C 2147 74.41 3.33 -39.49
N LYS C 2148 74.96 2.69 -38.45
CA LYS C 2148 74.67 3.13 -37.08
C LYS C 2148 75.22 4.53 -36.81
N LEU C 2149 76.39 4.84 -37.39
CA LEU C 2149 76.93 6.19 -37.25
C LEU C 2149 75.98 7.21 -37.84
N VAL C 2150 75.38 6.91 -38.99
CA VAL C 2150 74.37 7.78 -39.57
C VAL C 2150 73.14 7.84 -38.68
N ILE C 2151 72.73 6.70 -38.12
CA ILE C 2151 71.59 6.64 -37.21
C ILE C 2151 71.78 7.55 -36.01
N ASN C 2152 73.02 7.72 -35.55
CA ASN C 2152 73.28 8.60 -34.41
C ASN C 2152 72.83 10.03 -34.66
N THR C 2153 72.67 10.44 -35.91
CA THR C 2153 72.29 11.80 -36.24
C THR C 2153 70.77 11.95 -36.21
N GLU C 2154 70.31 13.16 -35.87
CA GLU C 2154 68.89 13.46 -35.72
C GLU C 2154 68.53 14.79 -36.36
N GLU C 2155 67.23 15.03 -36.48
CA GLU C 2155 66.61 16.32 -36.82
C GLU C 2155 67.06 16.77 -38.21
N VAL C 2156 67.26 18.08 -38.44
CA VAL C 2156 67.29 18.69 -39.76
C VAL C 2156 68.62 18.44 -40.46
N PHE C 2157 69.48 17.62 -39.84
CA PHE C 2157 70.84 17.45 -40.33
C PHE C 2157 70.92 16.73 -41.67
N ARG C 2158 69.81 16.21 -42.20
CA ARG C 2158 69.86 15.40 -43.41
C ARG C 2158 68.96 15.92 -44.54
N PRO C 2159 69.00 17.22 -44.86
CA PRO C 2159 68.05 17.75 -45.85
C PRO C 2159 68.20 17.13 -47.23
N TYR C 2160 69.40 16.66 -47.58
CA TYR C 2160 69.69 16.12 -48.90
C TYR C 2160 69.51 14.60 -48.96
N ALA C 2161 68.58 14.04 -48.18
CA ALA C 2161 68.51 12.61 -48.00
C ALA C 2161 68.12 11.87 -49.27
N LYS C 2162 67.35 12.50 -50.16
CA LYS C 2162 66.83 11.77 -51.31
C LYS C 2162 67.93 11.34 -52.28
N HIS C 2163 69.07 12.02 -52.28
CA HIS C 2163 70.21 11.62 -53.09
C HIS C 2163 71.17 10.71 -52.34
N TRP C 2164 70.83 10.32 -51.11
CA TRP C 2164 71.58 9.34 -50.33
C TRP C 2164 70.86 8.00 -50.27
N LEU C 2165 69.57 7.98 -50.60
CA LEU C 2165 68.69 6.89 -50.17
C LEU C 2165 69.21 5.51 -50.53
N SER C 2166 69.86 5.35 -51.68
CA SER C 2166 70.20 4.01 -52.18
C SER C 2166 70.97 3.15 -51.19
N PRO C 2167 72.03 3.64 -50.51
CA PRO C 2167 72.63 2.84 -49.42
C PRO C 2167 71.67 2.44 -48.31
N LEU C 2168 70.88 3.40 -47.81
CA LEU C 2168 70.00 3.10 -46.69
C LEU C 2168 68.83 2.22 -47.09
N LEU C 2169 68.59 2.06 -48.40
CA LEU C 2169 67.57 1.13 -48.86
C LEU C 2169 68.17 -0.23 -49.19
N GLN C 2170 69.42 -0.26 -49.66
CA GLN C 2170 70.09 -1.53 -49.95
C GLN C 2170 70.45 -2.27 -48.67
N LEU C 2171 70.99 -1.57 -47.67
CA LEU C 2171 71.30 -2.21 -46.41
C LEU C 2171 70.02 -2.69 -45.71
N ALA C 2172 68.87 -2.13 -46.09
CA ALA C 2172 67.59 -2.53 -45.55
C ALA C 2172 67.15 -3.90 -46.08
N ALA C 2173 67.91 -4.46 -47.02
CA ALA C 2173 67.61 -5.78 -47.53
C ALA C 2173 67.72 -6.81 -46.41
N SER C 2174 66.79 -7.77 -46.41
CA SER C 2174 66.69 -8.72 -45.31
C SER C 2174 67.91 -9.62 -45.21
N GLU C 2175 68.70 -9.72 -46.28
CA GLU C 2175 69.90 -10.52 -46.25
C GLU C 2175 71.12 -9.66 -45.89
N ASN C 2176 72.26 -10.33 -45.75
CA ASN C 2176 73.56 -9.73 -45.41
C ASN C 2176 73.48 -8.78 -44.22
N ASN C 2177 72.60 -9.08 -43.27
CA ASN C 2177 72.53 -8.32 -42.02
C ASN C 2177 72.88 -9.14 -40.79
N GLY C 2178 72.81 -10.47 -40.87
CA GLY C 2178 73.27 -11.30 -39.77
C GLY C 2178 72.31 -11.44 -38.62
N GLY C 2179 72.26 -12.62 -38.01
CA GLY C 2179 71.32 -12.86 -36.94
C GLY C 2179 69.90 -12.88 -37.45
N GLU C 2180 69.57 -13.91 -38.23
CA GLU C 2180 68.29 -13.96 -38.92
C GLU C 2180 67.13 -13.88 -37.92
N GLY C 2181 66.05 -13.27 -38.36
CA GLY C 2181 65.01 -12.81 -37.45
C GLY C 2181 65.17 -11.33 -37.16
N ILE C 2182 64.04 -10.70 -36.79
CA ILE C 2182 64.05 -9.26 -36.54
C ILE C 2182 65.05 -8.93 -35.44
N HIS C 2183 65.97 -8.01 -35.74
CA HIS C 2183 66.98 -7.59 -34.78
C HIS C 2183 67.03 -6.08 -34.71
N TYR C 2184 67.61 -5.59 -33.62
CA TYR C 2184 67.47 -4.20 -33.21
C TYR C 2184 67.87 -3.20 -34.29
N MET C 2185 68.92 -3.51 -35.06
CA MET C 2185 69.34 -2.54 -36.08
C MET C 2185 68.31 -2.42 -37.20
N VAL C 2186 67.65 -3.51 -37.58
CA VAL C 2186 66.57 -3.39 -38.56
C VAL C 2186 65.39 -2.63 -37.97
N VAL C 2187 65.10 -2.85 -36.69
CA VAL C 2187 64.02 -2.11 -36.02
C VAL C 2187 64.31 -0.61 -36.13
N GLU C 2188 65.52 -0.20 -35.77
CA GLU C 2188 65.86 1.21 -35.85
C GLU C 2188 66.03 1.69 -37.29
N ILE C 2189 66.36 0.80 -38.22
CA ILE C 2189 66.42 1.17 -39.64
C ILE C 2189 65.04 1.58 -40.12
N VAL C 2190 64.05 0.72 -39.91
CA VAL C 2190 62.70 1.01 -40.36
C VAL C 2190 62.10 2.16 -39.55
N ALA C 2191 62.53 2.35 -38.30
CA ALA C 2191 62.13 3.53 -37.56
C ALA C 2191 62.66 4.81 -38.19
N THR C 2192 63.98 4.85 -38.45
CA THR C 2192 64.62 6.09 -38.86
C THR C 2192 64.26 6.47 -40.28
N ILE C 2193 64.15 5.48 -41.18
CA ILE C 2193 63.84 5.80 -42.57
C ILE C 2193 62.46 6.41 -42.69
N LEU C 2194 61.51 5.94 -41.88
CA LEU C 2194 60.19 6.56 -41.85
C LEU C 2194 60.19 7.87 -41.07
N SER C 2195 61.08 8.01 -40.08
CA SER C 2195 61.12 9.20 -39.25
C SER C 2195 61.38 10.47 -40.05
N TRP C 2196 61.75 10.35 -41.31
CA TRP C 2196 61.92 11.51 -42.20
C TRP C 2196 60.65 11.83 -42.97
N THR C 2197 59.50 11.51 -42.37
CA THR C 2197 58.17 11.92 -42.81
C THR C 2197 57.76 11.34 -44.16
N GLY C 2198 58.48 10.33 -44.64
CA GLY C 2198 58.15 9.81 -45.96
C GLY C 2198 58.43 10.84 -47.02
N LEU C 2199 59.71 11.06 -47.29
CA LEU C 2199 60.18 12.24 -48.04
C LEU C 2199 59.52 12.31 -49.43
N ALA C 2200 59.69 13.47 -50.07
CA ALA C 2200 58.86 13.91 -51.18
C ALA C 2200 58.67 12.84 -52.25
N THR C 2201 57.53 12.92 -52.92
CA THR C 2201 57.12 11.88 -53.88
C THR C 2201 57.81 11.96 -55.23
N PRO C 2202 57.87 13.09 -55.92
CA PRO C 2202 58.11 13.06 -57.37
C PRO C 2202 59.46 12.47 -57.74
N THR C 2203 59.48 11.83 -58.91
CA THR C 2203 60.66 11.18 -59.48
C THR C 2203 61.23 10.16 -58.49
N GLY C 2204 60.41 9.15 -58.20
CA GLY C 2204 60.79 8.11 -57.27
C GLY C 2204 61.68 7.07 -57.93
N VAL C 2205 61.71 5.89 -57.33
CA VAL C 2205 62.53 4.80 -57.84
C VAL C 2205 61.72 3.51 -57.90
N PRO C 2206 61.56 2.91 -59.08
CA PRO C 2206 60.86 1.62 -59.17
C PRO C 2206 61.59 0.49 -58.49
N LYS C 2207 62.89 0.64 -58.22
CA LYS C 2207 63.61 -0.39 -57.45
C LYS C 2207 63.09 -0.48 -56.03
N ASP C 2208 62.44 0.59 -55.54
CA ASP C 2208 61.83 0.57 -54.22
C ASP C 2208 60.49 -0.17 -54.22
N GLU C 2209 60.05 -0.66 -55.37
CA GLU C 2209 58.96 -1.61 -55.45
C GLU C 2209 59.44 -3.04 -55.22
N VAL C 2210 60.74 -3.29 -55.35
CA VAL C 2210 61.32 -4.56 -54.92
C VAL C 2210 61.84 -4.44 -53.50
N LEU C 2211 62.56 -3.35 -53.22
CA LEU C 2211 63.24 -3.20 -51.94
C LEU C 2211 62.26 -3.19 -50.78
N ALA C 2212 61.24 -2.32 -50.84
CA ALA C 2212 60.31 -2.19 -49.73
C ALA C 2212 59.51 -3.47 -49.52
N ASN C 2213 59.03 -4.05 -50.63
CA ASN C 2213 58.23 -5.26 -50.52
C ASN C 2213 59.03 -6.42 -49.96
N ARG C 2214 60.27 -6.61 -50.43
CA ARG C 2214 61.06 -7.71 -49.90
C ARG C 2214 61.56 -7.44 -48.48
N LEU C 2215 61.71 -6.17 -48.09
CA LEU C 2215 61.96 -5.87 -46.69
C LEU C 2215 60.76 -6.26 -45.83
N LEU C 2216 59.55 -5.98 -46.33
CA LEU C 2216 58.35 -6.41 -45.63
C LEU C 2216 58.26 -7.93 -45.56
N ASN C 2217 58.73 -8.62 -46.61
CA ASN C 2217 58.54 -10.06 -46.73
C ASN C 2217 59.05 -10.82 -45.50
N PHE C 2218 60.25 -10.47 -45.03
CA PHE C 2218 60.82 -11.20 -43.90
C PHE C 2218 59.96 -11.07 -42.66
N LEU C 2219 59.47 -9.86 -42.37
CA LEU C 2219 58.51 -9.70 -41.28
C LEU C 2219 57.23 -10.47 -41.55
N MET C 2220 56.75 -10.43 -42.80
CA MET C 2220 55.58 -11.21 -43.17
C MET C 2220 55.80 -12.69 -42.91
N LYS C 2221 57.04 -13.17 -43.01
CA LYS C 2221 57.36 -14.51 -42.54
C LYS C 2221 57.43 -14.55 -41.02
N HIS C 2222 58.03 -13.53 -40.39
CA HIS C 2222 58.26 -13.51 -38.95
C HIS C 2222 57.78 -12.18 -38.35
N VAL C 2223 56.46 -12.09 -38.10
CA VAL C 2223 55.95 -11.06 -37.22
C VAL C 2223 55.93 -11.54 -35.78
N PHE C 2224 55.80 -12.85 -35.56
CA PHE C 2224 55.63 -13.40 -34.23
C PHE C 2224 56.83 -13.13 -33.34
N HIS C 2225 56.55 -12.70 -32.11
CA HIS C 2225 57.54 -12.56 -31.05
C HIS C 2225 56.86 -12.89 -29.73
N PRO C 2226 57.43 -13.78 -28.91
CA PRO C 2226 56.79 -14.14 -27.64
C PRO C 2226 56.51 -12.96 -26.73
N LYS C 2227 57.34 -11.92 -26.78
CA LYS C 2227 57.09 -10.70 -26.01
C LYS C 2227 55.99 -9.91 -26.71
N ARG C 2228 54.94 -9.57 -25.97
CA ARG C 2228 53.80 -8.88 -26.58
C ARG C 2228 54.13 -7.41 -26.87
N ALA C 2229 54.97 -6.80 -26.05
CA ALA C 2229 55.29 -5.39 -26.25
C ALA C 2229 56.08 -5.17 -27.53
N VAL C 2230 57.09 -6.01 -27.77
CA VAL C 2230 57.83 -5.91 -29.03
C VAL C 2230 56.93 -6.28 -30.20
N PHE C 2231 55.93 -7.13 -29.97
CA PHE C 2231 54.94 -7.42 -31.00
C PHE C 2231 54.14 -6.18 -31.36
N ARG C 2232 53.74 -5.40 -30.35
CA ARG C 2232 53.06 -4.14 -30.59
C ARG C 2232 53.97 -3.14 -31.31
N HIS C 2233 55.25 -3.10 -30.93
CA HIS C 2233 56.19 -2.26 -31.67
C HIS C 2233 56.29 -2.68 -33.14
N ASN C 2234 56.33 -4.00 -33.39
CA ASN C 2234 56.37 -4.49 -34.77
C ASN C 2234 55.12 -4.06 -35.53
N LEU C 2235 53.95 -4.21 -34.92
CA LEU C 2235 52.71 -3.82 -35.58
C LEU C 2235 52.69 -2.34 -35.88
N GLU C 2236 53.10 -1.52 -34.91
CA GLU C 2236 53.12 -0.07 -35.10
C GLU C 2236 54.12 0.36 -36.17
N ILE C 2237 55.29 -0.29 -36.24
CA ILE C 2237 56.28 0.12 -37.21
C ILE C 2237 55.86 -0.30 -38.62
N ILE C 2238 55.22 -1.46 -38.76
CA ILE C 2238 54.67 -1.81 -40.07
C ILE C 2238 53.52 -0.88 -40.44
N LYS C 2239 52.74 -0.45 -39.43
CA LYS C 2239 51.68 0.52 -39.68
C LYS C 2239 52.24 1.83 -40.21
N THR C 2240 53.33 2.32 -39.60
CA THR C 2240 53.96 3.53 -40.12
C THR C 2240 54.57 3.30 -41.50
N LEU C 2241 55.14 2.11 -41.73
CA LEU C 2241 55.70 1.78 -43.02
C LEU C 2241 54.66 1.87 -44.13
N VAL C 2242 53.48 1.32 -43.88
CA VAL C 2242 52.41 1.39 -44.87
C VAL C 2242 51.71 2.74 -44.83
N GLU C 2243 51.94 3.54 -43.78
CA GLU C 2243 51.35 4.88 -43.72
C GLU C 2243 52.17 5.91 -44.47
N CYS C 2244 53.48 5.66 -44.65
CA CYS C 2244 54.35 6.58 -45.37
C CYS C 2244 54.59 6.16 -46.81
N TRP C 2245 54.66 4.86 -47.08
CA TRP C 2245 55.04 4.34 -48.38
C TRP C 2245 53.89 3.58 -49.07
N LYS C 2246 52.65 4.03 -48.84
CA LYS C 2246 51.50 3.32 -49.37
C LYS C 2246 51.46 3.32 -50.89
N ASP C 2247 52.12 4.29 -51.54
CA ASP C 2247 52.10 4.38 -52.99
C ASP C 2247 53.27 3.69 -53.66
N CYS C 2248 54.15 3.03 -52.90
CA CYS C 2248 55.28 2.31 -53.45
C CYS C 2248 55.26 0.81 -53.19
N LEU C 2249 54.22 0.29 -52.55
CA LEU C 2249 54.17 -1.12 -52.17
C LEU C 2249 52.97 -1.81 -52.78
N SER C 2250 53.07 -3.13 -52.90
CA SER C 2250 51.97 -3.98 -53.32
C SER C 2250 51.85 -5.11 -52.32
N ILE C 2251 50.87 -5.99 -52.55
CA ILE C 2251 50.59 -7.05 -51.58
C ILE C 2251 50.48 -8.40 -52.29
N PRO C 2252 51.55 -9.21 -52.31
CA PRO C 2252 51.47 -10.58 -52.86
C PRO C 2252 50.81 -11.56 -51.89
N TYR C 2253 49.67 -12.11 -52.32
CA TYR C 2253 48.84 -12.90 -51.42
C TYR C 2253 49.45 -14.25 -51.09
N ARG C 2254 50.30 -14.79 -51.97
CA ARG C 2254 50.97 -16.04 -51.67
C ARG C 2254 51.87 -15.91 -50.44
N LEU C 2255 52.36 -14.71 -50.17
CA LEU C 2255 53.14 -14.47 -48.96
C LEU C 2255 52.28 -14.56 -47.71
N ILE C 2256 50.96 -14.44 -47.86
CA ILE C 2256 50.04 -14.36 -46.73
C ILE C 2256 49.07 -15.54 -46.68
N PHE C 2257 49.15 -16.46 -47.64
CA PHE C 2257 48.28 -17.63 -47.63
C PHE C 2257 48.35 -18.38 -46.30
N GLU C 2258 49.57 -18.60 -45.81
CA GLU C 2258 49.76 -19.35 -44.58
C GLU C 2258 49.74 -18.47 -43.33
N LYS C 2259 49.66 -17.14 -43.50
CA LYS C 2259 49.59 -16.25 -42.35
C LYS C 2259 48.27 -16.39 -41.60
N PHE C 2260 47.30 -17.13 -42.14
CA PHE C 2260 46.05 -17.41 -41.46
C PHE C 2260 45.70 -18.88 -41.39
N SER C 2261 46.40 -19.75 -42.12
CA SER C 2261 46.04 -21.16 -42.20
C SER C 2261 46.77 -21.97 -41.13
N GLY C 2262 46.50 -23.28 -41.10
CA GLY C 2262 47.10 -24.15 -40.13
C GLY C 2262 46.10 -25.16 -39.55
N LYS C 2263 46.64 -26.13 -38.82
CA LYS C 2263 45.86 -27.22 -38.21
C LYS C 2263 46.60 -27.72 -36.97
N ASP C 2264 46.11 -27.37 -35.79
CA ASP C 2264 46.62 -27.87 -34.52
C ASP C 2264 45.46 -28.33 -33.66
N PRO C 2265 45.74 -29.05 -32.56
CA PRO C 2265 44.66 -29.33 -31.60
C PRO C 2265 43.96 -28.09 -31.08
N ASN C 2266 44.69 -26.99 -30.82
CA ASN C 2266 43.94 -25.77 -30.50
C ASN C 2266 44.24 -24.59 -31.42
N SER C 2267 45.49 -24.24 -31.66
CA SER C 2267 45.73 -22.96 -32.34
C SER C 2267 47.17 -22.86 -32.80
N LYS C 2268 47.42 -21.81 -33.59
CA LYS C 2268 48.74 -21.36 -34.06
C LYS C 2268 49.59 -22.51 -34.61
N ASP C 2269 49.14 -23.04 -35.75
CA ASP C 2269 49.94 -24.02 -36.48
C ASP C 2269 50.97 -23.33 -37.37
N ASN C 2270 50.50 -22.45 -38.26
CA ASN C 2270 51.36 -21.72 -39.17
C ASN C 2270 51.01 -20.23 -39.19
N SER C 2271 50.25 -19.76 -38.19
CA SER C 2271 49.67 -18.44 -38.28
C SER C 2271 49.50 -17.82 -36.90
N VAL C 2272 50.10 -16.65 -36.71
CA VAL C 2272 49.74 -15.73 -35.65
C VAL C 2272 49.58 -14.37 -36.33
N GLY C 2273 49.96 -14.32 -37.61
CA GLY C 2273 49.92 -13.10 -38.38
C GLY C 2273 48.54 -12.72 -38.86
N ILE C 2274 47.73 -12.19 -37.96
CA ILE C 2274 46.36 -11.79 -38.26
C ILE C 2274 46.23 -10.27 -38.40
N GLN C 2275 46.96 -9.52 -37.58
CA GLN C 2275 46.94 -8.06 -37.69
C GLN C 2275 47.49 -7.60 -39.03
N LEU C 2276 48.20 -8.48 -39.73
CA LEU C 2276 48.69 -8.23 -41.07
C LEU C 2276 47.63 -7.60 -41.95
N LEU C 2277 46.52 -8.30 -42.15
CA LEU C 2277 45.47 -7.77 -43.00
C LEU C 2277 44.50 -6.90 -42.22
N GLY C 2278 44.58 -6.92 -40.89
CA GLY C 2278 43.82 -5.96 -40.10
C GLY C 2278 44.27 -4.53 -40.35
N ILE C 2279 45.58 -4.34 -40.53
CA ILE C 2279 46.11 -3.03 -40.91
C ILE C 2279 45.59 -2.60 -42.27
N VAL C 2280 45.35 -3.56 -43.19
CA VAL C 2280 44.90 -3.22 -44.54
C VAL C 2280 43.57 -2.47 -44.49
N MET C 2281 42.59 -3.02 -43.77
CA MET C 2281 41.28 -2.39 -43.71
C MET C 2281 41.31 -1.11 -42.87
N ALA C 2282 42.11 -1.11 -41.80
CA ALA C 2282 42.11 0.02 -40.87
C ALA C 2282 42.65 1.29 -41.51
N ASN C 2283 43.52 1.16 -42.50
CA ASN C 2283 44.13 2.34 -43.10
C ASN C 2283 43.89 2.44 -44.60
N ASP C 2284 42.64 2.14 -45.01
CA ASP C 2284 42.13 2.54 -46.32
C ASP C 2284 42.90 1.89 -47.48
N LEU C 2285 42.99 0.56 -47.47
CA LEU C 2285 43.74 -0.15 -48.49
C LEU C 2285 42.86 -1.17 -49.19
N PRO C 2286 42.59 -1.02 -50.48
CA PRO C 2286 41.69 -1.95 -51.19
C PRO C 2286 42.33 -3.32 -51.34
N PRO C 2287 41.55 -4.39 -51.21
CA PRO C 2287 42.08 -5.74 -51.41
C PRO C 2287 41.88 -6.22 -52.85
N TYR C 2288 42.40 -7.43 -53.09
CA TYR C 2288 42.17 -8.21 -54.32
C TYR C 2288 42.51 -7.43 -55.59
N ASP C 2289 43.41 -6.45 -55.49
CA ASP C 2289 44.07 -5.96 -56.70
C ASP C 2289 44.84 -7.06 -57.42
N PRO C 2290 45.66 -7.89 -56.76
CA PRO C 2290 46.13 -9.12 -57.41
C PRO C 2290 45.00 -10.14 -57.49
N GLN C 2291 45.12 -11.06 -58.44
CA GLN C 2291 43.98 -11.88 -58.82
C GLN C 2291 43.55 -12.81 -57.69
N CYS C 2292 42.31 -13.27 -57.77
CA CYS C 2292 41.72 -14.12 -56.75
C CYS C 2292 42.06 -15.58 -57.02
N GLY C 2293 41.42 -16.47 -56.27
CA GLY C 2293 41.60 -17.89 -56.46
C GLY C 2293 40.32 -18.62 -56.16
N ILE C 2294 40.14 -19.76 -56.84
CA ILE C 2294 38.93 -20.57 -56.61
C ILE C 2294 38.90 -21.08 -55.18
N GLN C 2295 40.07 -21.40 -54.61
CA GLN C 2295 40.16 -21.88 -53.24
C GLN C 2295 40.77 -20.82 -52.32
N SER C 2296 40.41 -19.55 -52.53
CA SER C 2296 40.59 -18.56 -51.48
C SER C 2296 39.56 -18.75 -50.38
N SER C 2297 38.59 -19.64 -50.60
CA SER C 2297 37.55 -19.87 -49.62
C SER C 2297 38.06 -20.65 -48.42
N GLU C 2298 39.06 -21.51 -48.61
CA GLU C 2298 39.66 -22.21 -47.49
C GLU C 2298 40.29 -21.26 -46.48
N TYR C 2299 40.83 -20.13 -46.95
CA TYR C 2299 41.28 -19.05 -46.08
C TYR C 2299 40.22 -18.66 -45.06
N PHE C 2300 38.96 -18.98 -45.32
CA PHE C 2300 37.84 -18.66 -44.45
C PHE C 2300 37.56 -19.83 -43.51
N GLN C 2301 37.26 -20.98 -44.11
CA GLN C 2301 36.78 -22.14 -43.38
C GLN C 2301 37.84 -22.78 -42.49
N ALA C 2302 39.11 -22.75 -42.89
CA ALA C 2302 40.16 -23.29 -42.02
C ALA C 2302 40.26 -22.48 -40.73
N LEU C 2303 40.21 -21.16 -40.84
CA LEU C 2303 40.23 -20.32 -39.64
C LEU C 2303 38.93 -20.46 -38.84
N VAL C 2304 37.81 -20.69 -39.54
CA VAL C 2304 36.58 -21.01 -38.83
C VAL C 2304 36.75 -22.28 -38.01
N ASN C 2305 37.51 -23.24 -38.53
CA ASN C 2305 37.81 -24.48 -37.81
C ASN C 2305 38.71 -24.27 -36.61
N ASN C 2306 39.19 -23.05 -36.38
CA ASN C 2306 40.00 -22.74 -35.21
C ASN C 2306 39.16 -22.45 -33.97
N MET C 2307 37.90 -22.90 -33.94
CA MET C 2307 36.96 -22.54 -32.89
C MET C 2307 37.21 -23.26 -31.57
N SER C 2308 37.98 -24.35 -31.56
CA SER C 2308 37.90 -25.35 -30.50
C SER C 2308 38.77 -25.03 -29.29
N PHE C 2309 38.96 -23.76 -28.95
CA PHE C 2309 39.87 -23.43 -27.87
C PHE C 2309 39.34 -23.90 -26.51
N VAL C 2310 40.25 -23.87 -25.54
CA VAL C 2310 39.91 -24.02 -24.12
C VAL C 2310 40.58 -22.87 -23.36
N ARG C 2311 40.85 -21.79 -24.07
CA ARG C 2311 41.60 -20.66 -23.50
C ARG C 2311 40.83 -20.06 -22.33
N TYR C 2312 41.55 -19.74 -21.26
CA TYR C 2312 40.94 -19.35 -19.99
C TYR C 2312 40.87 -17.84 -19.79
N LYS C 2313 41.31 -17.03 -20.75
CA LYS C 2313 41.60 -15.63 -20.46
C LYS C 2313 40.87 -14.67 -21.42
N GLU C 2314 39.59 -14.94 -21.68
CA GLU C 2314 38.66 -13.99 -22.30
C GLU C 2314 39.12 -13.50 -23.67
N VAL C 2315 39.69 -14.37 -24.49
CA VAL C 2315 39.96 -14.01 -25.88
C VAL C 2315 39.00 -14.73 -26.83
N TYR C 2316 38.68 -15.98 -26.54
CA TYR C 2316 37.63 -16.79 -27.17
C TYR C 2316 37.96 -17.24 -28.59
N ALA C 2317 39.02 -16.69 -29.19
CA ALA C 2317 39.30 -17.05 -30.57
C ALA C 2317 40.62 -16.45 -31.02
N ALA C 2318 41.36 -17.23 -31.80
CA ALA C 2318 42.28 -16.73 -32.80
C ALA C 2318 41.63 -16.71 -34.17
N ALA C 2319 40.44 -17.33 -34.30
CA ALA C 2319 39.58 -17.07 -35.42
C ALA C 2319 39.29 -15.58 -35.50
N ALA C 2320 39.64 -14.99 -36.62
CA ALA C 2320 39.86 -13.56 -36.72
C ALA C 2320 38.58 -12.77 -36.50
N GLU C 2321 38.67 -11.77 -35.63
CA GLU C 2321 37.73 -10.65 -35.64
C GLU C 2321 37.57 -10.09 -37.05
N VAL C 2322 38.63 -10.21 -37.86
CA VAL C 2322 38.74 -9.52 -39.14
C VAL C 2322 38.26 -10.41 -40.28
N LEU C 2323 38.25 -11.73 -40.05
CA LEU C 2323 37.96 -12.66 -41.15
C LEU C 2323 36.58 -12.41 -41.75
N GLY C 2324 35.57 -12.18 -40.91
CA GLY C 2324 34.23 -11.95 -41.42
C GLY C 2324 34.09 -10.66 -42.21
N LEU C 2325 35.09 -9.79 -42.18
CA LEU C 2325 35.00 -8.49 -42.83
C LEU C 2325 35.04 -8.58 -44.34
N ILE C 2326 34.98 -9.78 -44.92
CA ILE C 2326 34.92 -9.91 -46.38
C ILE C 2326 33.67 -9.25 -46.92
N LEU C 2327 32.55 -9.39 -46.21
CA LEU C 2327 31.30 -8.77 -46.65
C LEU C 2327 31.42 -7.26 -46.71
N ARG C 2328 32.19 -6.66 -45.82
CA ARG C 2328 32.48 -5.23 -45.89
C ARG C 2328 33.47 -4.93 -47.01
N TYR C 2329 34.50 -5.77 -47.15
CA TYR C 2329 35.53 -5.58 -48.16
C TYR C 2329 34.94 -5.48 -49.56
N VAL C 2330 34.11 -6.45 -49.92
CA VAL C 2330 33.80 -6.71 -51.31
C VAL C 2330 32.38 -6.28 -51.68
N MET C 2331 31.78 -5.37 -50.92
CA MET C 2331 30.47 -4.84 -51.31
C MET C 2331 30.60 -3.61 -52.19
N GLU C 2332 31.34 -2.60 -51.71
CA GLU C 2332 31.51 -1.38 -52.50
C GLU C 2332 32.22 -1.67 -53.83
N ARG C 2333 33.26 -2.49 -53.79
CA ARG C 2333 33.95 -2.96 -54.99
C ARG C 2333 33.52 -4.41 -55.19
N LYS C 2334 32.83 -4.67 -56.31
CA LYS C 2334 32.10 -5.92 -56.48
C LYS C 2334 33.00 -7.00 -57.07
N ASN C 2335 33.29 -8.03 -56.28
CA ASN C 2335 33.77 -9.31 -56.76
C ASN C 2335 32.80 -10.39 -56.29
N ILE C 2336 32.57 -11.38 -57.15
CA ILE C 2336 31.42 -12.28 -56.97
C ILE C 2336 31.63 -13.36 -55.91
N LEU C 2337 32.80 -13.42 -55.27
CA LEU C 2337 33.11 -14.55 -54.40
C LEU C 2337 32.20 -14.63 -53.19
N GLU C 2338 31.76 -13.48 -52.65
CA GLU C 2338 31.03 -13.48 -51.38
C GLU C 2338 29.71 -14.24 -51.48
N GLU C 2339 29.11 -14.27 -52.67
CA GLU C 2339 27.81 -14.91 -52.82
C GLU C 2339 27.90 -16.41 -52.61
N SER C 2340 28.93 -17.04 -53.18
CA SER C 2340 29.17 -18.45 -52.92
C SER C 2340 29.77 -18.66 -51.53
N LEU C 2341 30.50 -17.65 -51.04
CA LEU C 2341 31.06 -17.69 -49.69
C LEU C 2341 29.97 -17.92 -48.64
N CYS C 2342 29.03 -16.99 -48.57
CA CYS C 2342 28.18 -16.86 -47.38
C CYS C 2342 27.38 -18.12 -47.11
N GLU C 2343 26.85 -18.76 -48.15
CA GLU C 2343 26.01 -19.92 -47.95
C GLU C 2343 26.76 -21.03 -47.23
N LEU C 2344 27.92 -21.43 -47.76
CA LEU C 2344 28.67 -22.52 -47.17
C LEU C 2344 29.27 -22.13 -45.83
N VAL C 2345 29.70 -20.87 -45.69
CA VAL C 2345 30.22 -20.42 -44.40
C VAL C 2345 29.15 -20.55 -43.33
N ALA C 2346 27.92 -20.14 -43.65
CA ALA C 2346 26.83 -20.27 -42.70
C ALA C 2346 26.47 -21.72 -42.44
N LYS C 2347 26.53 -22.57 -43.47
CA LYS C 2347 26.25 -23.99 -43.28
C LYS C 2347 27.19 -24.58 -42.23
N GLN C 2348 28.49 -24.41 -42.43
CA GLN C 2348 29.43 -24.96 -41.48
C GLN C 2348 29.38 -24.24 -40.14
N LEU C 2349 29.04 -22.96 -40.12
CA LEU C 2349 28.94 -22.24 -38.87
C LEU C 2349 27.77 -22.74 -38.03
N LYS C 2350 26.65 -23.10 -38.66
CA LYS C 2350 25.55 -23.68 -37.91
C LYS C 2350 25.87 -25.12 -37.51
N GLN C 2351 26.67 -25.82 -38.32
CA GLN C 2351 26.97 -27.22 -38.03
C GLN C 2351 27.92 -27.37 -36.85
N HIS C 2352 29.05 -26.66 -36.89
CA HIS C 2352 30.12 -26.91 -35.93
C HIS C 2352 29.81 -26.43 -34.51
N GLN C 2353 28.60 -25.94 -34.24
CA GLN C 2353 28.23 -25.65 -32.86
C GLN C 2353 28.24 -26.92 -32.00
N ASN C 2354 28.02 -28.08 -32.61
CA ASN C 2354 28.05 -29.36 -31.93
C ASN C 2354 29.35 -30.13 -32.18
N THR C 2355 30.39 -29.47 -32.69
CA THR C 2355 31.67 -30.13 -32.89
C THR C 2355 32.46 -30.26 -31.58
N MET C 2356 32.82 -29.15 -30.97
CA MET C 2356 33.43 -29.15 -29.65
C MET C 2356 32.92 -27.93 -28.89
N GLU C 2357 33.23 -27.87 -27.60
CA GLU C 2357 32.65 -26.87 -26.71
C GLU C 2357 33.31 -25.51 -26.90
N ASP C 2358 32.71 -24.69 -27.77
CA ASP C 2358 33.02 -23.26 -27.81
C ASP C 2358 31.88 -22.53 -28.51
N LYS C 2359 31.88 -21.22 -28.35
CA LYS C 2359 30.73 -20.40 -28.74
C LYS C 2359 30.95 -19.75 -30.10
N PHE C 2360 29.88 -19.72 -30.89
CA PHE C 2360 29.86 -19.05 -32.19
C PHE C 2360 29.15 -17.70 -32.20
N ILE C 2361 28.86 -17.12 -31.03
CA ILE C 2361 28.25 -15.80 -31.01
C ILE C 2361 29.24 -14.76 -31.51
N VAL C 2362 30.52 -14.91 -31.19
CA VAL C 2362 31.52 -13.94 -31.62
C VAL C 2362 31.61 -13.90 -33.15
N CYS C 2363 31.39 -15.06 -33.80
CA CYS C 2363 31.41 -15.22 -35.27
C CYS C 2363 30.31 -14.46 -35.95
N LEU C 2364 29.47 -13.80 -35.16
CA LEU C 2364 28.57 -12.77 -35.65
C LEU C 2364 28.81 -11.43 -34.97
N ASN C 2365 29.27 -11.45 -33.72
CA ASN C 2365 29.41 -10.24 -32.93
C ASN C 2365 30.48 -9.32 -33.51
N LYS C 2366 31.63 -9.91 -33.88
CA LYS C 2366 32.71 -9.07 -34.40
C LYS C 2366 32.51 -8.76 -35.88
N VAL C 2367 31.59 -9.45 -36.55
CA VAL C 2367 31.30 -9.17 -37.96
C VAL C 2367 30.02 -8.35 -38.05
N THR C 2368 29.47 -7.96 -36.90
CA THR C 2368 28.35 -7.01 -36.91
C THR C 2368 28.70 -5.77 -37.72
N LYS C 2369 27.66 -5.07 -38.16
CA LYS C 2369 27.78 -3.92 -39.06
C LYS C 2369 28.51 -4.30 -40.34
N SER C 2370 28.19 -5.48 -40.88
CA SER C 2370 28.73 -5.92 -42.17
C SER C 2370 27.63 -6.57 -42.98
N PHE C 2371 27.27 -5.94 -44.09
CA PHE C 2371 26.27 -6.42 -45.04
C PHE C 2371 24.95 -6.67 -44.33
N PRO C 2372 24.26 -5.61 -43.88
CA PRO C 2372 23.01 -5.77 -43.13
C PRO C 2372 21.91 -6.49 -43.91
N PRO C 2373 21.79 -6.33 -45.24
CA PRO C 2373 20.70 -7.01 -45.94
C PRO C 2373 20.67 -8.52 -45.75
N LEU C 2374 21.82 -9.18 -45.54
CA LEU C 2374 21.83 -10.56 -45.09
C LEU C 2374 22.78 -10.65 -43.89
N ALA C 2375 22.24 -10.32 -42.72
CA ALA C 2375 22.92 -10.50 -41.43
C ALA C 2375 21.95 -10.98 -40.36
N ASP C 2376 20.87 -11.65 -40.77
CA ASP C 2376 19.76 -11.95 -39.88
C ASP C 2376 19.31 -13.41 -39.89
N ARG C 2377 19.89 -14.27 -40.73
CA ARG C 2377 19.51 -15.69 -40.71
C ARG C 2377 19.82 -16.35 -39.37
N PHE C 2378 20.84 -15.87 -38.66
CA PHE C 2378 21.24 -16.48 -37.40
C PHE C 2378 20.14 -16.35 -36.36
N MET C 2379 19.67 -15.12 -36.13
CA MET C 2379 18.65 -14.88 -35.11
C MET C 2379 17.41 -15.73 -35.35
N ASN C 2380 17.07 -15.96 -36.62
CA ASN C 2380 15.90 -16.73 -37.02
C ASN C 2380 15.78 -18.05 -36.28
N ALA C 2381 16.89 -18.64 -35.89
CA ALA C 2381 16.87 -19.86 -35.08
C ALA C 2381 17.50 -19.67 -33.71
N VAL C 2382 18.41 -18.70 -33.56
CA VAL C 2382 19.07 -18.51 -32.28
C VAL C 2382 18.10 -17.99 -31.23
N PHE C 2383 17.12 -17.16 -31.63
CA PHE C 2383 16.21 -16.59 -30.64
C PHE C 2383 15.46 -17.68 -29.87
N PHE C 2384 15.05 -18.75 -30.53
CA PHE C 2384 14.47 -19.89 -29.83
C PHE C 2384 15.47 -20.63 -28.94
N LEU C 2385 16.79 -20.35 -29.04
CA LEU C 2385 17.92 -21.17 -28.53
C LEU C 2385 18.90 -20.49 -27.55
N LEU C 2386 19.27 -19.22 -27.70
CA LEU C 2386 20.25 -18.53 -26.83
C LEU C 2386 19.94 -17.05 -26.48
N PRO C 2387 18.70 -16.64 -26.18
CA PRO C 2387 18.46 -15.49 -25.31
C PRO C 2387 19.45 -15.46 -24.15
N LYS C 2388 20.10 -14.31 -23.94
CA LYS C 2388 21.42 -14.26 -23.32
C LYS C 2388 21.41 -13.78 -21.86
N PHE C 2389 22.33 -14.32 -21.07
CA PHE C 2389 22.72 -13.80 -19.76
C PHE C 2389 24.26 -13.71 -19.71
N HIS C 2390 24.86 -13.77 -18.52
CA HIS C 2390 26.27 -14.09 -18.26
C HIS C 2390 27.22 -12.93 -18.58
N GLY C 2391 26.75 -11.70 -18.42
CA GLY C 2391 27.67 -10.57 -18.30
C GLY C 2391 28.25 -10.11 -19.63
N VAL C 2392 29.54 -10.39 -19.83
CA VAL C 2392 30.26 -9.93 -21.02
C VAL C 2392 29.62 -10.56 -22.26
N LEU C 2393 29.22 -11.82 -22.14
CA LEU C 2393 28.53 -12.48 -23.26
C LEU C 2393 27.17 -11.84 -23.51
N LYS C 2394 26.51 -11.42 -22.43
CA LYS C 2394 25.25 -10.68 -22.56
C LYS C 2394 25.47 -9.39 -23.35
N THR C 2395 26.54 -8.65 -23.02
CA THR C 2395 26.85 -7.43 -23.76
C THR C 2395 27.19 -7.73 -25.22
N LEU C 2396 27.89 -8.84 -25.48
CA LEU C 2396 28.18 -9.22 -26.85
C LEU C 2396 26.90 -9.49 -27.63
N CYS C 2397 25.93 -10.18 -27.02
CA CYS C 2397 24.68 -10.44 -27.72
C CYS C 2397 23.84 -9.19 -27.85
N LEU C 2398 23.96 -8.26 -26.89
CA LEU C 2398 23.35 -6.94 -27.08
C LEU C 2398 23.90 -6.28 -28.34
N GLU C 2399 25.23 -6.23 -28.47
CA GLU C 2399 25.83 -5.69 -29.68
C GLU C 2399 25.43 -6.47 -30.92
N VAL C 2400 25.12 -7.76 -30.77
CA VAL C 2400 24.60 -8.55 -31.88
C VAL C 2400 23.23 -8.05 -32.31
N VAL C 2401 22.34 -7.78 -31.34
CA VAL C 2401 20.99 -7.32 -31.69
C VAL C 2401 21.04 -5.91 -32.25
N LEU C 2402 22.17 -5.20 -32.09
CA LEU C 2402 22.31 -3.83 -32.56
C LEU C 2402 22.18 -3.70 -34.07
N CYS C 2403 22.32 -4.82 -34.80
CA CYS C 2403 22.13 -4.77 -36.25
C CYS C 2403 20.69 -4.42 -36.58
N ARG C 2404 20.50 -3.47 -37.49
CA ARG C 2404 19.18 -2.98 -37.85
C ARG C 2404 18.64 -3.81 -39.01
N VAL C 2405 17.48 -4.44 -38.80
CA VAL C 2405 16.92 -5.37 -39.77
C VAL C 2405 15.42 -5.48 -39.54
N GLU C 2406 14.69 -5.81 -40.61
CA GLU C 2406 13.23 -5.93 -40.57
C GLU C 2406 12.77 -7.29 -40.08
N GLY C 2407 13.67 -8.26 -39.93
CA GLY C 2407 13.32 -9.65 -39.80
C GLY C 2407 12.40 -10.02 -38.65
N MET C 2408 12.01 -9.06 -37.82
CA MET C 2408 11.14 -9.33 -36.68
C MET C 2408 10.01 -8.31 -36.64
N THR C 2409 8.78 -8.81 -36.57
CA THR C 2409 7.62 -7.95 -36.43
C THR C 2409 6.82 -8.30 -35.18
N GLU C 2410 6.57 -9.58 -34.95
CA GLU C 2410 5.77 -10.03 -33.81
C GLU C 2410 6.60 -10.28 -32.56
N LEU C 2411 7.91 -10.00 -32.58
CA LEU C 2411 8.78 -10.37 -31.48
C LEU C 2411 8.42 -9.65 -30.19
N TYR C 2412 7.63 -8.58 -30.24
CA TYR C 2412 7.31 -7.82 -29.03
C TYR C 2412 6.51 -8.67 -28.04
N PHE C 2413 5.98 -9.81 -28.50
CA PHE C 2413 5.41 -10.74 -27.54
C PHE C 2413 6.47 -11.30 -26.60
N GLN C 2414 7.76 -11.18 -26.95
CA GLN C 2414 8.82 -11.48 -25.98
C GLN C 2414 8.83 -10.46 -24.86
N LEU C 2415 8.80 -9.16 -25.19
CA LEU C 2415 8.75 -8.11 -24.18
C LEU C 2415 7.39 -8.02 -23.50
N LYS C 2416 6.40 -8.74 -24.00
CA LYS C 2416 5.18 -8.98 -23.23
C LYS C 2416 5.45 -9.86 -22.02
N SER C 2417 6.63 -10.46 -21.93
CA SER C 2417 7.17 -10.99 -20.69
C SER C 2417 7.88 -9.85 -19.97
N LYS C 2418 7.78 -9.83 -18.65
CA LYS C 2418 8.09 -8.63 -17.88
C LYS C 2418 9.59 -8.35 -17.77
N ASP C 2419 10.36 -9.29 -17.23
CA ASP C 2419 11.65 -8.95 -16.63
C ASP C 2419 12.64 -8.64 -17.74
N PHE C 2420 12.39 -7.51 -18.40
CA PHE C 2420 13.40 -6.69 -19.07
C PHE C 2420 13.40 -5.32 -18.41
N VAL C 2421 13.41 -5.33 -17.08
CA VAL C 2421 13.27 -4.12 -16.29
C VAL C 2421 14.44 -3.98 -15.33
N GLN C 2422 14.62 -4.96 -14.45
CA GLN C 2422 15.79 -4.96 -13.56
C GLN C 2422 17.07 -5.35 -14.29
N VAL C 2423 16.97 -6.17 -15.34
CA VAL C 2423 18.15 -6.54 -16.11
C VAL C 2423 18.72 -5.32 -16.81
N MET C 2424 17.88 -4.31 -17.04
CA MET C 2424 18.30 -3.08 -17.69
C MET C 2424 19.44 -2.41 -16.95
N ARG C 2425 19.50 -2.58 -15.64
CA ARG C 2425 20.47 -1.92 -14.77
C ARG C 2425 21.44 -2.90 -14.12
N HIS C 2426 21.67 -4.05 -14.75
CA HIS C 2426 22.48 -5.10 -14.15
C HIS C 2426 23.92 -4.63 -13.93
N ARG C 2427 24.58 -4.12 -14.98
CA ARG C 2427 25.97 -3.69 -14.89
C ARG C 2427 26.06 -2.25 -15.37
N ASP C 2428 26.91 -1.47 -14.72
CA ASP C 2428 26.95 -0.03 -14.91
C ASP C 2428 27.42 0.34 -16.32
N ASP C 2429 27.32 1.63 -16.61
CA ASP C 2429 27.79 2.36 -17.80
C ASP C 2429 27.35 1.67 -19.11
N GLU C 2430 28.22 1.70 -20.12
CA GLU C 2430 27.79 1.62 -21.51
C GLU C 2430 27.23 0.26 -21.91
N ARG C 2431 27.42 -0.77 -21.07
CA ARG C 2431 27.11 -2.13 -21.50
C ARG C 2431 25.65 -2.30 -21.91
N GLN C 2432 24.74 -1.59 -21.25
CA GLN C 2432 23.32 -1.89 -21.37
C GLN C 2432 22.56 -0.98 -22.34
N LYS C 2433 23.25 -0.14 -23.11
CA LYS C 2433 22.55 0.87 -23.91
C LYS C 2433 21.73 0.26 -25.04
N VAL C 2434 22.14 -0.91 -25.55
CA VAL C 2434 21.39 -1.54 -26.62
C VAL C 2434 19.98 -1.90 -26.16
N CYS C 2435 19.79 -2.12 -24.86
CA CYS C 2435 18.46 -2.45 -24.35
C CYS C 2435 17.47 -1.32 -24.62
N LEU C 2436 17.85 -0.07 -24.32
CA LEU C 2436 16.99 1.06 -24.64
C LEU C 2436 17.00 1.37 -26.13
N ASP C 2437 18.15 1.16 -26.79
CA ASP C 2437 18.19 1.35 -28.24
C ASP C 2437 17.23 0.41 -28.95
N ILE C 2438 16.82 -0.68 -28.28
CA ILE C 2438 15.80 -1.57 -28.84
C ILE C 2438 14.51 -0.79 -29.08
N ILE C 2439 13.99 -0.15 -28.04
CA ILE C 2439 12.79 0.67 -28.18
C ILE C 2439 13.07 1.86 -29.10
N TYR C 2440 14.30 2.39 -29.05
CA TYR C 2440 14.65 3.50 -29.91
C TYR C 2440 14.46 3.12 -31.38
N LYS C 2441 14.94 1.94 -31.76
CA LYS C 2441 14.92 1.58 -33.17
C LYS C 2441 13.58 0.99 -33.58
N MET C 2442 12.77 0.55 -32.63
CA MET C 2442 11.41 0.15 -33.02
C MET C 2442 10.34 1.18 -32.68
N MET C 2443 10.71 2.41 -32.32
CA MET C 2443 9.70 3.43 -32.03
C MET C 2443 8.60 3.61 -33.08
N PRO C 2444 8.87 3.67 -34.40
CA PRO C 2444 7.84 4.22 -35.31
C PRO C 2444 6.50 3.50 -35.29
N LYS C 2445 6.47 2.17 -35.18
CA LYS C 2445 5.23 1.43 -35.43
C LYS C 2445 4.45 1.13 -34.16
N LEU C 2446 4.95 1.51 -32.99
CA LEU C 2446 4.43 0.96 -31.75
C LEU C 2446 3.05 1.52 -31.41
N LYS C 2447 2.39 0.82 -30.49
CA LYS C 2447 1.22 1.31 -29.76
C LYS C 2447 1.54 1.15 -28.28
N PRO C 2448 2.34 2.07 -27.73
CA PRO C 2448 3.05 1.78 -26.48
C PRO C 2448 2.17 1.63 -25.25
N VAL C 2449 1.39 0.55 -25.21
CA VAL C 2449 0.70 0.21 -23.97
C VAL C 2449 1.68 -0.25 -22.90
N GLU C 2450 2.72 -0.97 -23.31
CA GLU C 2450 3.66 -1.54 -22.34
C GLU C 2450 4.86 -0.64 -22.07
N LEU C 2451 5.18 0.28 -22.99
CA LEU C 2451 6.22 1.25 -22.69
C LEU C 2451 5.84 2.14 -21.53
N ARG C 2452 4.55 2.19 -21.17
CA ARG C 2452 4.12 2.79 -19.92
C ARG C 2452 4.94 2.25 -18.74
N GLU C 2453 4.85 0.94 -18.52
CA GLU C 2453 5.59 0.36 -17.40
C GLU C 2453 7.08 0.24 -17.71
N LEU C 2454 7.43 0.02 -18.99
CA LEU C 2454 8.85 -0.12 -19.34
C LEU C 2454 9.62 1.17 -19.08
N LEU C 2455 8.96 2.33 -19.20
CA LEU C 2455 9.62 3.60 -18.89
C LEU C 2455 9.60 3.91 -17.40
N ASN C 2456 8.86 3.14 -16.61
CA ASN C 2456 8.85 3.37 -15.16
C ASN C 2456 10.21 3.13 -14.51
N PRO C 2457 10.93 2.04 -14.76
CA PRO C 2457 12.31 1.99 -14.29
C PRO C 2457 13.19 3.05 -14.92
N VAL C 2458 12.86 3.46 -16.14
CA VAL C 2458 13.56 4.58 -16.76
C VAL C 2458 13.29 5.86 -15.97
N VAL C 2459 12.15 5.96 -15.29
CA VAL C 2459 11.97 7.05 -14.34
C VAL C 2459 13.06 7.00 -13.27
N GLU C 2460 13.41 5.78 -12.85
CA GLU C 2460 14.45 5.54 -11.84
C GLU C 2460 15.85 5.39 -12.44
N PHE C 2461 16.10 5.44 -13.75
CA PHE C 2461 17.47 5.56 -14.23
C PHE C 2461 18.01 6.97 -14.08
N VAL C 2462 17.16 7.93 -13.70
CA VAL C 2462 17.67 9.13 -13.05
C VAL C 2462 18.30 8.77 -11.71
N SER C 2463 17.66 7.86 -10.98
CA SER C 2463 18.24 7.35 -9.74
C SER C 2463 19.35 6.35 -10.00
N HIS C 2464 19.31 5.63 -11.13
CA HIS C 2464 20.35 4.65 -11.41
C HIS C 2464 21.55 5.31 -12.08
N PRO C 2465 22.76 4.97 -11.63
CA PRO C 2465 23.95 5.66 -12.15
C PRO C 2465 24.22 5.35 -13.61
N SER C 2466 24.37 6.40 -14.40
CA SER C 2466 24.84 6.36 -15.79
C SER C 2466 24.88 7.80 -16.28
N THR C 2467 25.64 8.03 -17.35
CA THR C 2467 25.61 9.33 -17.99
C THR C 2467 25.29 9.21 -19.48
N THR C 2468 25.93 8.28 -20.16
CA THR C 2468 25.64 8.04 -21.57
C THR C 2468 24.25 7.42 -21.73
N CYS C 2469 23.93 6.47 -20.85
CA CYS C 2469 22.60 5.90 -20.84
C CYS C 2469 21.55 6.95 -20.50
N ARG C 2470 21.87 7.89 -19.62
CA ARG C 2470 20.95 8.99 -19.33
C ARG C 2470 20.77 9.90 -20.53
N GLU C 2471 21.83 10.10 -21.31
CA GLU C 2471 21.69 10.86 -22.54
C GLU C 2471 20.77 10.15 -23.53
N GLN C 2472 20.91 8.83 -23.63
CA GLN C 2472 20.00 8.06 -24.47
C GLN C 2472 18.57 8.14 -23.95
N MET C 2473 18.41 8.10 -22.63
CA MET C 2473 17.13 8.37 -21.98
C MET C 2473 16.53 9.69 -22.47
N TYR C 2474 17.32 10.75 -22.42
CA TYR C 2474 16.80 12.07 -22.78
C TYR C 2474 16.45 12.13 -24.26
N ASN C 2475 17.24 11.49 -25.12
CA ASN C 2475 16.88 11.41 -26.53
C ASN C 2475 15.57 10.65 -26.72
N ILE C 2476 15.39 9.55 -25.99
CA ILE C 2476 14.15 8.78 -26.06
C ILE C 2476 12.97 9.66 -25.67
N LEU C 2477 13.12 10.40 -24.58
CA LEU C 2477 12.05 11.26 -24.08
C LEU C 2477 11.74 12.39 -25.06
N MET C 2478 12.79 12.95 -25.68
CA MET C 2478 12.59 14.03 -26.64
C MET C 2478 11.83 13.53 -27.86
N TRP C 2479 12.14 12.33 -28.33
CA TRP C 2479 11.34 11.76 -29.41
C TRP C 2479 9.91 11.49 -28.95
N ILE C 2480 9.75 10.96 -27.73
CA ILE C 2480 8.43 10.58 -27.26
C ILE C 2480 7.50 11.78 -27.26
N HIS C 2481 7.93 12.87 -26.61
CA HIS C 2481 7.05 14.03 -26.46
C HIS C 2481 6.62 14.58 -27.81
N ASP C 2482 7.55 14.64 -28.76
CA ASP C 2482 7.23 15.19 -30.07
C ASP C 2482 6.36 14.24 -30.88
N ASN C 2483 6.53 12.93 -30.68
CA ASN C 2483 6.00 11.98 -31.64
C ASN C 2483 4.78 11.20 -31.18
N TYR C 2484 4.35 11.35 -29.92
CA TYR C 2484 2.94 11.02 -29.77
C TYR C 2484 2.06 12.19 -30.19
N ARG C 2485 2.65 13.21 -30.79
CA ARG C 2485 1.92 14.37 -31.31
C ARG C 2485 1.13 15.04 -30.19
N ASP C 2486 1.87 15.61 -29.24
CA ASP C 2486 1.32 16.23 -28.04
C ASP C 2486 0.24 17.26 -28.37
N PRO C 2487 0.42 18.16 -29.35
CA PRO C 2487 -0.69 19.05 -29.73
C PRO C 2487 -1.91 18.33 -30.27
N GLU C 2488 -1.77 17.11 -30.78
CA GLU C 2488 -2.93 16.34 -31.22
C GLU C 2488 -3.71 15.83 -30.03
N SER C 2489 -4.43 16.72 -29.35
CA SER C 2489 -5.16 16.36 -28.15
C SER C 2489 -6.45 15.62 -28.48
N GLU C 2490 -6.32 14.38 -28.95
CA GLU C 2490 -7.50 13.56 -29.19
C GLU C 2490 -8.27 13.35 -27.89
N THR C 2491 -9.60 13.48 -27.98
CA THR C 2491 -10.42 13.47 -26.77
C THR C 2491 -10.39 12.12 -26.06
N ASP C 2492 -10.25 11.04 -26.82
CA ASP C 2492 -10.53 9.71 -26.28
C ASP C 2492 -9.27 8.85 -26.10
N ASN C 2493 -8.16 9.21 -26.74
CA ASN C 2493 -7.00 8.32 -26.77
C ASN C 2493 -6.40 8.12 -25.38
N ASP C 2494 -5.75 6.97 -25.20
CA ASP C 2494 -5.23 6.58 -23.89
C ASP C 2494 -3.92 7.26 -23.56
N SER C 2495 -3.34 8.03 -24.49
CA SER C 2495 -2.03 8.63 -24.29
C SER C 2495 -2.00 9.67 -23.17
N GLN C 2496 -3.13 9.94 -22.51
CA GLN C 2496 -3.15 10.96 -21.47
C GLN C 2496 -2.28 10.57 -20.28
N GLU C 2497 -2.27 9.28 -19.93
CA GLU C 2497 -1.43 8.81 -18.83
C GLU C 2497 0.05 9.02 -19.15
N ILE C 2498 0.47 8.59 -20.35
CA ILE C 2498 1.88 8.70 -20.72
C ILE C 2498 2.28 10.15 -20.89
N PHE C 2499 1.32 11.01 -21.25
CA PHE C 2499 1.57 12.45 -21.24
C PHE C 2499 2.19 12.87 -19.92
N LYS C 2500 1.46 12.67 -18.82
CA LYS C 2500 1.94 13.17 -17.55
C LYS C 2500 3.10 12.35 -17.00
N LEU C 2501 3.14 11.04 -17.23
CA LEU C 2501 4.27 10.29 -16.68
C LEU C 2501 5.55 10.61 -17.44
N ALA C 2502 5.46 10.94 -18.73
CA ALA C 2502 6.64 11.37 -19.47
C ALA C 2502 7.08 12.76 -19.04
N LYS C 2503 6.11 13.66 -18.83
CA LYS C 2503 6.45 14.97 -18.31
C LYS C 2503 7.09 14.87 -16.94
N ASP C 2504 6.68 13.86 -16.15
CA ASP C 2504 7.21 13.63 -14.81
C ASP C 2504 8.72 13.48 -14.80
N VAL C 2505 9.31 12.98 -15.87
CA VAL C 2505 10.75 12.81 -15.92
C VAL C 2505 11.37 13.87 -16.82
N LEU C 2506 10.60 14.33 -17.81
CA LEU C 2506 11.10 15.36 -18.72
C LEU C 2506 11.40 16.64 -17.97
N ILE C 2507 10.58 16.95 -16.96
CA ILE C 2507 10.84 18.13 -16.15
C ILE C 2507 12.08 17.94 -15.28
N GLN C 2508 12.17 16.80 -14.59
CA GLN C 2508 13.23 16.67 -13.58
C GLN C 2508 14.58 16.40 -14.21
N GLY C 2509 14.62 15.97 -15.48
CA GLY C 2509 15.89 15.56 -16.08
C GLY C 2509 16.97 16.63 -16.00
N LEU C 2510 16.55 17.90 -15.89
CA LEU C 2510 17.49 18.99 -15.71
C LEU C 2510 18.28 18.90 -14.40
N ILE C 2511 17.76 18.20 -13.39
CA ILE C 2511 18.48 18.05 -12.12
C ILE C 2511 19.76 17.25 -12.26
N ASP C 2512 19.91 16.48 -13.34
CA ASP C 2512 21.04 15.58 -13.50
C ASP C 2512 22.37 16.34 -13.41
N GLU C 2513 23.35 15.71 -12.78
CA GLU C 2513 24.58 16.38 -12.39
C GLU C 2513 25.50 16.71 -13.56
N ASN C 2514 25.28 16.10 -14.72
CA ASN C 2514 26.14 16.38 -15.86
C ASN C 2514 25.77 17.73 -16.47
N PRO C 2515 26.63 18.74 -16.38
CA PRO C 2515 26.25 20.08 -16.89
C PRO C 2515 25.93 20.08 -18.38
N GLY C 2516 26.66 19.30 -19.17
CA GLY C 2516 26.34 19.20 -20.58
C GLY C 2516 24.97 18.58 -20.80
N LEU C 2517 24.64 17.53 -20.04
CA LEU C 2517 23.31 16.97 -20.12
C LEU C 2517 22.24 17.88 -19.56
N GLN C 2518 22.62 18.87 -18.75
CA GLN C 2518 21.68 19.92 -18.36
C GLN C 2518 21.45 20.85 -19.53
N LEU C 2519 22.51 21.22 -20.25
CA LEU C 2519 22.39 22.15 -21.37
C LEU C 2519 21.61 21.52 -22.52
N ILE C 2520 21.74 20.21 -22.69
CA ILE C 2520 21.08 19.49 -23.79
C ILE C 2520 19.56 19.54 -23.60
N ILE C 2521 19.12 19.89 -22.39
CA ILE C 2521 17.69 20.01 -22.12
C ILE C 2521 17.34 21.50 -22.00
N ARG C 2522 18.31 22.30 -21.57
CA ARG C 2522 18.12 23.75 -21.52
C ARG C 2522 17.83 24.31 -22.90
N ASN C 2523 18.59 23.87 -23.91
CA ASN C 2523 18.32 24.31 -25.27
C ASN C 2523 17.06 23.64 -25.83
N PHE C 2524 16.81 22.40 -25.41
CA PHE C 2524 15.64 21.66 -25.91
C PHE C 2524 14.35 22.36 -25.53
N TRP C 2525 14.17 22.70 -24.25
CA TRP C 2525 12.93 23.32 -23.81
C TRP C 2525 12.74 24.70 -24.43
N SER C 2526 13.81 25.32 -24.94
CA SER C 2526 13.77 26.68 -25.46
C SER C 2526 13.35 26.76 -26.91
N HIS C 2527 13.09 25.63 -27.56
CA HIS C 2527 12.58 25.64 -28.92
C HIS C 2527 11.08 25.94 -28.89
N GLU C 2528 10.50 26.17 -30.06
CA GLU C 2528 9.06 26.47 -30.14
C GLU C 2528 8.21 25.26 -29.74
N THR C 2529 8.83 24.16 -29.30
CA THR C 2529 8.12 22.96 -28.91
C THR C 2529 7.04 23.24 -27.86
N ARG C 2530 7.39 23.92 -26.77
CA ARG C 2530 6.38 24.31 -25.79
C ARG C 2530 6.47 25.77 -25.38
N LEU C 2531 7.68 26.34 -25.38
CA LEU C 2531 7.91 27.63 -24.76
C LEU C 2531 7.70 28.73 -25.80
N PRO C 2532 6.69 29.59 -25.65
CA PRO C 2532 6.41 30.58 -26.70
C PRO C 2532 7.34 31.78 -26.61
N SER C 2533 7.07 32.76 -27.47
CA SER C 2533 7.87 33.98 -27.51
C SER C 2533 7.20 35.10 -26.75
N ASN C 2534 5.86 35.15 -26.77
CA ASN C 2534 5.12 36.20 -26.08
C ASN C 2534 5.41 36.14 -24.59
N THR C 2535 5.69 37.30 -23.99
CA THR C 2535 6.29 37.35 -22.66
C THR C 2535 5.39 36.72 -21.59
N LEU C 2536 4.11 37.06 -21.60
CA LEU C 2536 3.25 36.59 -20.52
C LEU C 2536 2.81 35.15 -20.73
N ASP C 2537 2.58 34.76 -21.98
CA ASP C 2537 2.42 33.33 -22.28
C ASP C 2537 3.66 32.56 -21.88
N ARG C 2538 4.84 33.19 -22.07
CA ARG C 2538 6.08 32.58 -21.62
C ARG C 2538 6.11 32.40 -20.11
N LEU C 2539 5.63 33.41 -19.37
CA LEU C 2539 5.54 33.27 -17.91
C LEU C 2539 4.62 32.12 -17.53
N LEU C 2540 3.44 32.06 -18.17
CA LEU C 2540 2.46 31.04 -17.81
C LEU C 2540 2.99 29.64 -18.12
N ALA C 2541 3.66 29.48 -19.26
CA ALA C 2541 4.17 28.17 -19.64
C ALA C 2541 5.20 27.67 -18.63
N LEU C 2542 6.15 28.52 -18.25
CA LEU C 2542 7.10 28.14 -17.20
C LEU C 2542 6.40 27.99 -15.86
N ASN C 2543 5.41 28.84 -15.59
CA ASN C 2543 4.55 28.66 -14.43
C ASN C 2543 3.89 27.29 -14.47
N SER C 2544 3.47 26.85 -15.66
CA SER C 2544 2.89 25.52 -15.80
C SER C 2544 3.91 24.40 -15.73
N LEU C 2545 5.20 24.73 -15.81
CA LEU C 2545 6.25 23.72 -15.87
C LEU C 2545 6.67 23.22 -14.50
N TYR C 2546 6.11 23.75 -13.42
CA TYR C 2546 6.52 23.35 -12.08
C TYR C 2546 6.16 21.88 -11.83
N SER C 2547 7.03 21.20 -11.09
CA SER C 2547 6.75 19.87 -10.57
C SER C 2547 7.22 19.82 -9.13
N PRO C 2548 6.56 19.01 -8.28
CA PRO C 2548 6.94 19.01 -6.86
C PRO C 2548 8.35 18.55 -6.61
N LYS C 2549 8.95 17.80 -7.55
CA LYS C 2549 10.28 17.26 -7.33
C LYS C 2549 11.39 18.20 -7.78
N ILE C 2550 11.05 19.35 -8.37
CA ILE C 2550 12.09 20.28 -8.82
C ILE C 2550 12.16 21.54 -7.97
N GLU C 2551 11.43 21.59 -6.85
CA GLU C 2551 11.33 22.83 -6.08
C GLU C 2551 12.69 23.35 -5.64
N VAL C 2552 13.67 22.46 -5.46
CA VAL C 2552 14.99 22.85 -4.99
C VAL C 2552 15.67 23.76 -6.00
N HIS C 2553 15.44 23.51 -7.29
CA HIS C 2553 16.11 24.22 -8.36
C HIS C 2553 15.21 25.10 -9.20
N PHE C 2554 13.91 25.12 -8.90
CA PHE C 2554 12.93 25.79 -9.77
C PHE C 2554 13.28 27.25 -10.01
N LEU C 2555 13.76 27.96 -8.99
CA LEU C 2555 14.07 29.38 -9.17
C LEU C 2555 15.16 29.56 -10.22
N SER C 2556 16.26 28.81 -10.08
CA SER C 2556 17.37 28.93 -11.02
C SER C 2556 16.93 28.53 -12.42
N LEU C 2557 16.17 27.45 -12.55
CA LEU C 2557 15.75 27.03 -13.89
C LEU C 2557 14.78 28.03 -14.51
N ALA C 2558 13.88 28.60 -13.71
CA ALA C 2558 12.95 29.60 -14.22
C ALA C 2558 13.72 30.81 -14.74
N THR C 2559 14.64 31.35 -13.95
CA THR C 2559 15.40 32.51 -14.42
C THR C 2559 16.28 32.15 -15.61
N ASN C 2560 16.83 30.93 -15.64
CA ASN C 2560 17.62 30.50 -16.79
C ASN C 2560 16.80 30.54 -18.06
N PHE C 2561 15.60 29.95 -18.02
CA PHE C 2561 14.76 29.94 -19.21
C PHE C 2561 14.31 31.35 -19.59
N LEU C 2562 14.03 32.20 -18.59
CA LEU C 2562 13.55 33.54 -18.87
C LEU C 2562 14.62 34.40 -19.55
N LEU C 2563 15.86 34.31 -19.09
CA LEU C 2563 16.85 35.28 -19.55
C LEU C 2563 17.49 34.93 -20.89
N GLU C 2564 17.12 33.81 -21.52
CA GLU C 2564 17.74 33.47 -22.79
C GLU C 2564 17.30 34.41 -23.92
N MET C 2565 16.08 34.93 -23.87
CA MET C 2565 15.67 35.91 -24.86
C MET C 2565 16.44 37.22 -24.73
N THR C 2566 16.97 37.53 -23.54
CA THR C 2566 17.93 38.61 -23.43
C THR C 2566 19.27 38.20 -24.02
N SER C 2567 19.64 36.93 -23.88
CA SER C 2567 20.90 36.42 -24.40
C SER C 2567 21.00 36.53 -25.92
N MET C 2568 19.88 36.67 -26.62
CA MET C 2568 19.86 36.92 -28.04
C MET C 2568 19.13 38.24 -28.29
N SER C 2569 19.90 39.29 -28.60
CA SER C 2569 19.35 40.62 -28.80
C SER C 2569 20.23 41.39 -29.78
N PRO C 2570 19.62 41.98 -30.82
CA PRO C 2570 20.44 42.72 -31.81
C PRO C 2570 20.94 44.07 -31.31
N ASP C 2571 20.54 44.49 -30.11
CA ASP C 2571 20.94 45.79 -29.57
C ASP C 2571 22.28 45.75 -28.85
N TYR C 2572 22.97 44.60 -28.86
CA TYR C 2572 24.28 44.52 -28.23
C TYR C 2572 25.28 45.55 -28.75
N PRO C 2573 25.37 45.86 -30.06
CA PRO C 2573 26.28 46.93 -30.49
C PRO C 2573 25.87 48.31 -29.99
N ASN C 2574 24.80 48.37 -29.18
CA ASN C 2574 24.38 49.61 -28.56
C ASN C 2574 24.61 49.55 -27.05
N PRO C 2575 25.82 49.82 -26.57
CA PRO C 2575 26.03 49.90 -25.13
C PRO C 2575 25.28 51.10 -24.56
N MET C 2576 25.16 51.13 -23.22
CA MET C 2576 24.24 52.03 -22.55
C MET C 2576 24.33 53.47 -23.06
N PHE C 2577 25.49 54.10 -22.92
CA PHE C 2577 25.61 55.52 -23.27
C PHE C 2577 26.72 55.76 -24.29
N GLU C 2578 27.84 55.05 -24.14
CA GLU C 2578 28.90 54.94 -25.14
C GLU C 2578 29.72 56.22 -25.23
N HIS C 2579 29.28 57.28 -24.56
CA HIS C 2579 29.99 58.56 -24.62
C HIS C 2579 31.39 58.41 -24.05
N PRO C 2580 32.43 58.68 -24.84
CA PRO C 2580 33.84 58.42 -24.44
C PRO C 2580 34.43 59.45 -23.49
N LEU C 2581 34.17 59.27 -22.20
CA LEU C 2581 34.75 60.16 -21.19
C LEU C 2581 36.18 59.78 -20.84
N SER C 2582 36.55 58.50 -20.99
CA SER C 2582 37.88 58.04 -20.64
C SER C 2582 38.56 57.49 -21.90
N GLU C 2583 39.75 56.91 -21.73
CA GLU C 2583 40.61 56.65 -22.88
C GLU C 2583 40.63 55.20 -23.37
N CYS C 2584 41.09 54.26 -22.55
CA CYS C 2584 41.33 52.89 -23.02
C CYS C 2584 41.80 52.02 -21.87
N GLU C 2585 41.62 50.71 -22.04
CA GLU C 2585 42.13 49.71 -21.10
C GLU C 2585 41.86 48.32 -21.67
N PHE C 2586 42.72 47.37 -21.31
CA PHE C 2586 42.53 45.95 -21.61
C PHE C 2586 43.40 45.13 -20.67
N GLN C 2587 42.96 43.89 -20.40
CA GLN C 2587 43.72 42.99 -19.53
C GLN C 2587 43.14 41.58 -19.61
N GLU C 2588 43.94 40.60 -19.20
CA GLU C 2588 43.51 39.21 -19.11
C GLU C 2588 44.38 38.49 -18.09
N TYR C 2589 43.77 37.59 -17.31
CA TYR C 2589 44.45 36.83 -16.28
C TYR C 2589 43.95 35.39 -16.24
N THR C 2590 44.82 34.47 -15.84
CA THR C 2590 44.50 33.05 -15.71
C THR C 2590 45.48 32.36 -14.77
N ILE C 2591 44.99 31.89 -13.62
CA ILE C 2591 45.73 31.01 -12.72
C ILE C 2591 44.80 29.91 -12.23
N ASP C 2592 45.27 28.68 -12.28
CA ASP C 2592 44.49 27.53 -11.83
C ASP C 2592 44.32 27.55 -10.31
N VAL C 2770 39.99 24.49 -12.50
CA VAL C 2770 38.72 25.06 -12.87
C VAL C 2770 38.79 26.59 -12.83
N LEU C 2771 38.12 27.24 -13.78
CA LEU C 2771 38.19 28.68 -13.99
C LEU C 2771 36.80 29.19 -14.36
N TYR C 2772 36.72 30.44 -14.82
CA TYR C 2772 35.47 30.99 -15.31
C TYR C 2772 35.78 32.00 -16.42
N ARG C 2773 34.78 32.35 -17.21
CA ARG C 2773 35.04 32.81 -18.57
C ARG C 2773 34.22 34.00 -19.07
N SER C 2774 33.31 34.57 -18.27
CA SER C 2774 32.33 35.52 -18.80
C SER C 2774 32.81 36.96 -18.84
N TYR C 2775 34.10 37.20 -19.04
CA TYR C 2775 34.66 38.54 -19.08
C TYR C 2775 34.94 38.95 -20.53
N ARG C 2776 34.92 40.26 -20.78
CA ARG C 2776 35.30 40.83 -22.07
C ARG C 2776 35.48 42.33 -21.90
N HIS C 2777 36.28 42.91 -22.80
CA HIS C 2777 36.64 44.32 -22.74
C HIS C 2777 36.07 45.08 -23.92
N GLY C 2778 35.66 46.33 -23.68
CA GLY C 2778 34.92 47.09 -24.67
C GLY C 2778 35.63 48.36 -25.11
N ASP C 2779 34.88 49.16 -25.89
CA ASP C 2779 35.41 50.41 -26.42
C ASP C 2779 35.70 51.42 -25.32
N LEU C 2780 34.74 51.63 -24.42
CA LEU C 2780 34.98 52.41 -23.20
C LEU C 2780 35.88 51.59 -22.29
N PRO C 2781 36.34 52.15 -21.16
CA PRO C 2781 36.93 51.28 -20.13
C PRO C 2781 35.95 50.17 -19.73
N ASP C 2782 36.44 49.20 -18.95
CA ASP C 2782 35.59 48.07 -18.58
C ASP C 2782 34.30 48.50 -17.89
N ILE C 2783 34.15 49.79 -17.58
CA ILE C 2783 32.95 50.34 -16.97
C ILE C 2783 31.75 50.03 -17.85
N GLN C 2784 31.88 50.26 -19.15
CA GLN C 2784 30.77 50.07 -20.07
C GLN C 2784 31.09 48.95 -21.04
N ILE C 2785 30.29 47.88 -20.98
CA ILE C 2785 30.47 46.71 -21.82
C ILE C 2785 29.11 46.39 -22.42
N LYS C 2786 29.10 45.53 -23.44
CA LYS C 2786 27.84 45.00 -23.97
C LYS C 2786 26.98 44.46 -22.83
N HIS C 2787 25.66 44.53 -23.02
CA HIS C 2787 24.74 44.17 -21.95
C HIS C 2787 24.91 42.73 -21.48
N SER C 2788 25.41 41.83 -22.33
CA SER C 2788 25.63 40.45 -21.95
C SER C 2788 26.48 40.36 -20.68
N SER C 2789 27.45 41.27 -20.55
CA SER C 2789 28.31 41.29 -19.37
C SER C 2789 27.53 41.50 -18.08
N LEU C 2790 26.30 42.03 -18.18
CA LEU C 2790 25.48 42.26 -17.00
C LEU C 2790 24.50 41.12 -16.77
N ILE C 2791 23.79 40.70 -17.81
CA ILE C 2791 22.80 39.64 -17.65
C ILE C 2791 23.47 38.30 -17.35
N THR C 2792 24.49 37.93 -18.13
CA THR C 2792 25.04 36.58 -17.99
C THR C 2792 25.51 36.24 -16.58
N PRO C 2793 26.23 37.11 -15.87
CA PRO C 2793 26.59 36.74 -14.49
C PRO C 2793 25.38 36.62 -13.58
N LEU C 2794 24.27 37.30 -13.91
CA LEU C 2794 23.07 37.17 -13.08
C LEU C 2794 22.58 35.73 -13.05
N GLN C 2795 22.36 35.12 -14.22
CA GLN C 2795 21.93 33.73 -14.20
C GLN C 2795 23.07 32.80 -13.79
N ALA C 2796 24.32 33.21 -14.03
CA ALA C 2796 25.45 32.42 -13.56
C ALA C 2796 25.39 32.23 -12.05
N VAL C 2797 25.26 33.32 -11.30
CA VAL C 2797 25.14 33.20 -9.85
C VAL C 2797 23.80 32.59 -9.47
N ALA C 2798 22.74 32.89 -10.21
CA ALA C 2798 21.41 32.37 -9.89
C ALA C 2798 21.35 30.86 -9.93
N GLN C 2799 22.16 30.23 -10.78
CA GLN C 2799 22.19 28.77 -10.76
C GLN C 2799 22.82 28.22 -9.48
N ARG C 2800 23.48 29.07 -8.69
CA ARG C 2800 24.21 28.64 -7.51
C ARG C 2800 23.49 29.01 -6.22
N ASP C 2801 23.20 30.30 -6.02
CA ASP C 2801 22.63 30.78 -4.76
C ASP C 2801 21.12 30.88 -4.89
N PRO C 2802 20.35 30.14 -4.09
CA PRO C 2802 18.89 30.25 -4.17
C PRO C 2802 18.35 31.64 -3.86
N ILE C 2803 18.98 32.38 -2.95
CA ILE C 2803 18.43 33.68 -2.54
C ILE C 2803 18.47 34.67 -3.69
N ILE C 2804 19.60 34.72 -4.40
CA ILE C 2804 19.72 35.68 -5.51
C ILE C 2804 18.76 35.30 -6.62
N ALA C 2805 18.55 34.00 -6.85
CA ALA C 2805 17.60 33.56 -7.86
C ALA C 2805 16.18 33.97 -7.48
N LYS C 2806 15.83 33.79 -6.20
CA LYS C 2806 14.53 34.22 -5.72
C LYS C 2806 14.32 35.71 -5.94
N GLN C 2807 15.30 36.51 -5.54
CA GLN C 2807 15.18 37.96 -5.64
C GLN C 2807 15.10 38.40 -7.09
N LEU C 2808 15.90 37.78 -7.97
CA LEU C 2808 15.85 38.10 -9.38
C LEU C 2808 14.51 37.75 -9.99
N PHE C 2809 13.96 36.58 -9.64
CA PHE C 2809 12.66 36.19 -10.16
C PHE C 2809 11.60 37.18 -9.75
N SER C 2810 11.62 37.59 -8.46
CA SER C 2810 10.63 38.56 -8.00
C SER C 2810 10.76 39.88 -8.75
N SER C 2811 11.99 40.36 -8.91
CA SER C 2811 12.20 41.64 -9.59
C SER C 2811 11.72 41.59 -11.03
N LEU C 2812 12.10 40.54 -11.76
CA LEU C 2812 11.72 40.44 -13.17
C LEU C 2812 10.21 40.29 -13.31
N PHE C 2813 9.59 39.51 -12.42
CA PHE C 2813 8.14 39.33 -12.49
C PHE C 2813 7.43 40.65 -12.23
N SER C 2814 7.91 41.43 -11.26
CA SER C 2814 7.33 42.74 -11.00
C SER C 2814 7.47 43.64 -12.22
N GLY C 2815 8.65 43.65 -12.84
CA GLY C 2815 8.83 44.45 -14.03
C GLY C 2815 7.89 44.06 -15.16
N ILE C 2816 7.76 42.76 -15.40
CA ILE C 2816 6.89 42.27 -16.47
C ILE C 2816 5.44 42.64 -16.19
N LEU C 2817 5.00 42.45 -14.94
CA LEU C 2817 3.59 42.74 -14.63
C LEU C 2817 3.30 44.23 -14.75
N LYS C 2818 4.22 45.08 -14.29
CA LYS C 2818 3.95 46.51 -14.37
C LYS C 2818 4.02 47.02 -15.80
N GLU C 2819 4.87 46.43 -16.64
CA GLU C 2819 4.90 46.88 -18.02
C GLU C 2819 3.85 46.16 -18.87
N MET C 2820 3.20 45.15 -18.32
CA MET C 2820 1.95 44.64 -18.88
C MET C 2820 0.84 45.68 -18.82
N ASP C 2821 0.92 46.62 -17.88
CA ASP C 2821 0.02 47.76 -17.86
C ASP C 2821 0.21 48.68 -19.06
N LYS C 2822 1.37 48.62 -19.72
CA LYS C 2822 1.56 49.34 -20.97
C LYS C 2822 0.83 48.67 -22.12
N PHE C 2823 0.63 47.34 -22.03
CA PHE C 2823 -0.25 46.66 -22.96
C PHE C 2823 -1.67 47.19 -22.83
N LYS C 2824 -2.15 47.33 -21.59
CA LYS C 2824 -3.25 48.21 -21.20
C LYS C 2824 -4.61 47.77 -21.77
N THR C 2825 -4.67 46.70 -22.55
CA THR C 2825 -5.98 46.17 -22.89
C THR C 2825 -6.62 45.63 -21.62
N LEU C 2826 -7.91 45.90 -21.42
CA LEU C 2826 -8.45 46.01 -20.07
C LEU C 2826 -9.03 44.69 -19.55
N SER C 2827 -9.59 43.86 -20.43
CA SER C 2827 -10.31 42.68 -19.95
C SER C 2827 -9.38 41.50 -19.73
N GLU C 2828 -8.37 41.33 -20.60
CA GLU C 2828 -7.57 40.12 -20.50
C GLU C 2828 -6.71 40.13 -19.25
N LYS C 2829 -6.44 41.30 -18.68
CA LYS C 2829 -5.64 41.35 -17.45
C LYS C 2829 -6.40 40.68 -16.31
N ASN C 2830 -7.67 41.02 -16.15
CA ASN C 2830 -8.52 40.32 -15.20
C ASN C 2830 -8.71 38.87 -15.58
N ASN C 2831 -8.65 38.56 -16.87
CA ASN C 2831 -8.75 37.16 -17.30
C ASN C 2831 -7.53 36.34 -16.86
N ILE C 2832 -6.33 36.92 -16.98
CA ILE C 2832 -5.10 36.14 -16.87
C ILE C 2832 -4.54 36.17 -15.46
N THR C 2833 -4.81 37.24 -14.70
CA THR C 2833 -4.48 37.21 -13.29
C THR C 2833 -5.15 36.03 -12.59
N GLN C 2834 -6.30 35.59 -13.11
CA GLN C 2834 -6.89 34.34 -12.66
C GLN C 2834 -5.90 33.19 -12.83
N LYS C 2835 -5.56 32.85 -14.08
CA LYS C 2835 -4.65 31.72 -14.33
C LYS C 2835 -3.42 31.81 -13.44
N LEU C 2836 -2.87 33.01 -13.30
CA LEU C 2836 -1.74 33.22 -12.39
C LEU C 2836 -2.09 32.78 -10.98
N LEU C 2837 -3.28 33.16 -10.49
CA LEU C 2837 -3.60 32.88 -9.09
C LEU C 2837 -3.94 31.40 -8.88
N GLN C 2838 -4.56 30.75 -9.87
CA GLN C 2838 -4.76 29.30 -9.70
C GLN C 2838 -3.42 28.57 -9.65
N ASP C 2839 -2.46 28.95 -10.51
CA ASP C 2839 -1.15 28.31 -10.43
C ASP C 2839 -0.48 28.60 -9.07
N PHE C 2840 -0.62 29.84 -8.60
CA PHE C 2840 -0.03 30.22 -7.33
C PHE C 2840 -0.66 29.41 -6.20
N ASN C 2841 -1.97 29.19 -6.25
CA ASN C 2841 -2.64 28.33 -5.29
C ASN C 2841 -2.11 26.91 -5.35
N ARG C 2842 -2.00 26.36 -6.57
CA ARG C 2842 -1.66 24.96 -6.74
C ARG C 2842 -0.27 24.65 -6.25
N PHE C 2843 0.66 25.60 -6.39
CA PHE C 2843 2.00 25.41 -5.82
C PHE C 2843 1.92 25.01 -4.36
N LEU C 2844 1.30 25.87 -3.53
CA LEU C 2844 1.19 25.56 -2.11
C LEU C 2844 0.29 24.35 -1.88
N ASN C 2845 -0.69 24.13 -2.76
CA ASN C 2845 -1.66 23.06 -2.56
C ASN C 2845 -1.05 21.68 -2.77
N THR C 2846 0.00 21.58 -3.58
CA THR C 2846 0.51 20.26 -3.95
C THR C 2846 1.96 19.99 -3.56
N THR C 2847 2.75 20.99 -3.16
CA THR C 2847 4.16 20.75 -2.89
C THR C 2847 4.34 19.91 -1.63
N PHE C 2848 5.51 19.27 -1.53
CA PHE C 2848 5.84 18.45 -0.38
C PHE C 2848 7.20 18.75 0.22
N SER C 2849 8.05 19.52 -0.45
CA SER C 2849 9.34 19.89 0.10
C SER C 2849 9.30 21.19 0.89
N PHE C 2850 8.43 22.12 0.51
CA PHE C 2850 8.27 23.39 1.21
C PHE C 2850 9.61 24.11 1.36
N PHE C 2851 10.29 24.27 0.24
CA PHE C 2851 11.62 24.88 0.23
C PHE C 2851 11.48 26.37 0.50
N PRO C 2852 12.10 26.90 1.55
CA PRO C 2852 11.70 28.21 2.10
C PRO C 2852 11.80 29.35 1.09
N PRO C 2853 12.97 29.60 0.47
CA PRO C 2853 13.05 30.79 -0.38
C PRO C 2853 12.09 30.77 -1.56
N PHE C 2854 11.77 29.58 -2.08
CA PHE C 2854 10.73 29.47 -3.10
C PHE C 2854 9.41 29.99 -2.58
N VAL C 2855 9.05 29.60 -1.35
CA VAL C 2855 7.80 30.07 -0.78
C VAL C 2855 7.84 31.58 -0.57
N SER C 2856 8.94 32.10 -0.03
CA SER C 2856 9.03 33.54 0.18
C SER C 2856 8.86 34.29 -1.13
N CYS C 2857 9.45 33.76 -2.21
CA CYS C 2857 9.17 34.30 -3.53
C CYS C 2857 7.68 34.23 -3.85
N ILE C 2858 7.03 33.11 -3.51
CA ILE C 2858 5.64 32.92 -3.94
C ILE C 2858 4.74 33.97 -3.30
N GLN C 2859 5.03 34.35 -2.05
CA GLN C 2859 4.29 35.48 -1.48
C GLN C 2859 4.77 36.82 -2.03
N ASP C 2860 6.04 36.92 -2.44
CA ASP C 2860 6.60 38.22 -2.80
C ASP C 2860 5.83 38.89 -3.94
N ILE C 2861 5.43 38.10 -4.95
CA ILE C 2861 4.65 38.66 -6.05
C ILE C 2861 3.32 39.21 -5.55
N SER C 2862 2.70 38.55 -4.57
CA SER C 2862 1.34 38.85 -4.18
C SER C 2862 1.18 40.30 -3.72
N CYS C 2863 2.06 40.78 -2.84
CA CYS C 2863 1.93 42.12 -2.28
C CYS C 2863 2.57 43.20 -3.13
N GLN C 2864 3.38 42.82 -4.12
CA GLN C 2864 3.97 43.82 -5.00
C GLN C 2864 2.90 44.47 -5.87
N HIS C 2865 2.08 43.66 -6.53
CA HIS C 2865 0.90 44.13 -7.24
C HIS C 2865 -0.31 43.92 -6.33
N ALA C 2866 -1.51 44.14 -6.86
CA ALA C 2866 -2.73 43.83 -6.11
C ALA C 2866 -3.55 42.80 -6.89
N ALA C 2867 -4.73 42.47 -6.37
CA ALA C 2867 -5.69 41.57 -7.01
C ALA C 2867 -5.19 40.13 -7.03
N LEU C 2868 -3.96 39.90 -6.56
CA LEU C 2868 -3.50 38.54 -6.34
C LEU C 2868 -3.64 38.14 -4.88
N LEU C 2869 -4.11 39.06 -4.04
CA LEU C 2869 -4.16 38.83 -2.60
C LEU C 2869 -5.34 37.96 -2.18
N SER C 2870 -6.20 37.57 -3.11
CA SER C 2870 -7.32 36.70 -2.82
C SER C 2870 -6.92 35.24 -2.69
N LEU C 2871 -5.64 34.96 -2.51
CA LEU C 2871 -5.14 33.60 -2.43
C LEU C 2871 -5.75 32.88 -1.23
N ASP C 2872 -5.97 31.57 -1.38
CA ASP C 2872 -6.57 30.73 -0.36
C ASP C 2872 -5.80 30.83 0.96
N PRO C 2873 -6.45 31.26 2.04
CA PRO C 2873 -5.71 31.50 3.29
C PRO C 2873 -5.16 30.23 3.92
N ALA C 2874 -5.95 29.16 3.97
CA ALA C 2874 -5.52 27.96 4.69
C ALA C 2874 -4.27 27.34 4.06
N ALA C 2875 -4.23 27.26 2.74
CA ALA C 2875 -3.10 26.61 2.08
C ALA C 2875 -1.80 27.35 2.34
N VAL C 2876 -1.78 28.66 2.10
CA VAL C 2876 -0.57 29.44 2.29
C VAL C 2876 -0.19 29.45 3.77
N SER C 2877 -1.19 29.56 4.66
CA SER C 2877 -0.88 29.58 6.09
C SER C 2877 -0.24 28.28 6.53
N ALA C 2878 -0.85 27.14 6.20
CA ALA C 2878 -0.30 25.85 6.59
C ALA C 2878 1.07 25.62 5.97
N GLY C 2879 1.27 26.05 4.73
CA GLY C 2879 2.59 25.97 4.14
C GLY C 2879 3.61 26.78 4.91
N CYS C 2880 3.19 27.94 5.42
CA CYS C 2880 4.08 28.74 6.25
C CYS C 2880 4.43 28.02 7.54
N LEU C 2881 3.43 27.53 8.28
CA LEU C 2881 3.73 26.82 9.52
C LEU C 2881 4.63 25.61 9.26
N ALA C 2882 4.44 24.92 8.14
CA ALA C 2882 5.28 23.77 7.83
C ALA C 2882 6.71 24.20 7.52
N SER C 2883 6.87 25.21 6.65
CA SER C 2883 8.19 25.60 6.17
C SER C 2883 8.75 26.82 6.88
N LEU C 2884 8.15 27.24 7.99
CA LEU C 2884 8.51 28.49 8.65
C LEU C 2884 8.33 29.64 7.66
N GLN C 2885 9.26 30.60 7.68
CA GLN C 2885 9.11 31.84 6.90
C GLN C 2885 7.79 32.53 7.23
N GLN C 2886 7.40 32.51 8.51
CA GLN C 2886 6.12 33.06 8.92
C GLN C 2886 5.94 34.54 8.62
N PRO C 2887 6.90 35.43 8.89
CA PRO C 2887 6.60 36.88 8.78
C PRO C 2887 6.08 37.31 7.42
N VAL C 2888 6.54 36.70 6.33
CA VAL C 2888 6.03 37.12 5.03
C VAL C 2888 4.56 36.71 4.88
N GLY C 2889 4.20 35.54 5.40
CA GLY C 2889 2.79 35.18 5.45
C GLY C 2889 2.00 36.10 6.35
N ILE C 2890 2.61 36.52 7.46
CA ILE C 2890 1.97 37.47 8.36
C ILE C 2890 1.61 38.71 7.59
N ARG C 2891 2.58 39.26 6.86
CA ARG C 2891 2.36 40.48 6.09
C ARG C 2891 1.36 40.26 4.97
N LEU C 2892 1.40 39.10 4.33
CA LEU C 2892 0.50 38.85 3.21
C LEU C 2892 -0.95 38.84 3.67
N LEU C 2893 -1.25 38.06 4.71
CA LEU C 2893 -2.62 38.06 5.22
C LEU C 2893 -3.01 39.43 5.77
N GLU C 2894 -2.06 40.11 6.41
CA GLU C 2894 -2.32 41.43 6.96
C GLU C 2894 -2.74 42.42 5.86
N GLU C 2895 -2.03 42.40 4.73
CA GLU C 2895 -2.37 43.28 3.63
C GLU C 2895 -3.63 42.85 2.92
N ALA C 2896 -3.86 41.53 2.79
CA ALA C 2896 -5.06 41.04 2.15
C ALA C 2896 -6.30 41.44 2.94
N LEU C 2897 -6.17 41.59 4.26
CA LEU C 2897 -7.30 42.03 5.05
C LEU C 2897 -7.69 43.48 4.78
N LEU C 2898 -6.82 44.27 4.14
CA LEU C 2898 -7.17 45.65 3.83
C LEU C 2898 -8.27 45.77 2.79
N ARG C 2899 -8.25 44.94 1.76
CA ARG C 2899 -9.14 45.12 0.61
C ARG C 2899 -10.55 44.63 0.95
N LEU C 2900 -11.50 45.55 0.93
CA LEU C 2900 -12.90 45.19 1.11
C LEU C 2900 -13.44 44.51 -0.15
N LEU C 2901 -14.48 43.71 0.03
CA LEU C 2901 -15.05 42.93 -1.05
C LEU C 2901 -16.51 43.33 -1.25
N PRO C 2902 -16.98 43.51 -2.49
CA PRO C 2902 -18.37 43.87 -2.78
C PRO C 2902 -19.33 42.70 -2.73
N ARG C 2915 -16.40 24.98 6.40
CA ARG C 2915 -17.11 24.97 7.68
C ARG C 2915 -17.07 26.35 8.32
N LEU C 2916 -16.72 27.35 7.52
CA LEU C 2916 -16.73 28.74 7.97
C LEU C 2916 -16.92 29.62 6.75
N PRO C 2917 -18.17 29.93 6.41
CA PRO C 2917 -18.46 30.66 5.16
C PRO C 2917 -17.71 31.98 5.04
N PRO C 2918 -17.78 32.88 6.03
CA PRO C 2918 -17.27 34.24 5.81
C PRO C 2918 -15.76 34.26 5.59
N ASP C 2919 -15.32 35.31 4.89
CA ASP C 2919 -13.89 35.50 4.67
C ASP C 2919 -13.16 35.85 5.95
N VAL C 2920 -13.85 35.85 7.09
CA VAL C 2920 -13.23 36.15 8.38
C VAL C 2920 -12.16 35.12 8.72
N LEU C 2921 -12.17 33.97 8.04
CA LEU C 2921 -11.21 32.92 8.38
C LEU C 2921 -9.77 33.37 8.18
N ARG C 2922 -9.55 34.45 7.41
CA ARG C 2922 -8.23 35.07 7.40
C ARG C 2922 -7.78 35.38 8.83
N TRP C 2923 -8.71 35.89 9.65
CA TRP C 2923 -8.39 36.23 11.02
C TRP C 2923 -7.90 35.02 11.80
N VAL C 2924 -8.63 33.91 11.73
CA VAL C 2924 -8.28 32.74 12.53
C VAL C 2924 -6.98 32.12 12.01
N GLU C 2925 -6.77 32.14 10.69
CA GLU C 2925 -5.50 31.67 10.16
C GLU C 2925 -4.35 32.51 10.68
N LEU C 2926 -4.53 33.83 10.69
CA LEU C 2926 -3.51 34.73 11.24
C LEU C 2926 -3.30 34.46 12.72
N ALA C 2927 -4.37 34.11 13.44
CA ALA C 2927 -4.24 33.82 14.86
C ALA C 2927 -3.44 32.55 15.11
N LYS C 2928 -3.73 31.49 14.35
CA LYS C 2928 -2.95 30.27 14.45
C LYS C 2928 -1.49 30.53 14.13
N LEU C 2929 -1.25 31.32 13.09
CA LEU C 2929 0.11 31.66 12.69
C LEU C 2929 0.84 32.47 13.76
N TYR C 2930 0.15 33.43 14.39
CA TYR C 2930 0.75 34.15 15.51
C TYR C 2930 1.04 33.23 16.68
N ARG C 2931 0.18 32.25 16.92
CA ARG C 2931 0.52 31.20 17.89
C ARG C 2931 1.83 30.52 17.51
N SER C 2932 1.99 30.21 16.23
CA SER C 2932 3.23 29.58 15.78
C SER C 2932 4.45 30.46 16.02
N ILE C 2933 4.35 31.76 15.73
CA ILE C 2933 5.49 32.65 15.96
C ILE C 2933 5.68 32.98 17.42
N GLY C 2934 4.61 32.92 18.24
CA GLY C 2934 4.76 33.18 19.65
C GLY C 2934 4.64 34.63 20.06
N GLU C 2935 4.02 35.47 19.24
CA GLU C 2935 3.71 36.85 19.64
C GLU C 2935 2.32 36.86 20.28
N TYR C 2936 2.30 36.45 21.55
CA TYR C 2936 1.03 36.14 22.21
C TYR C 2936 0.19 37.38 22.49
N ASP C 2937 0.82 38.53 22.75
CA ASP C 2937 0.05 39.72 23.07
C ASP C 2937 -0.85 40.14 21.91
N VAL C 2938 -0.29 40.16 20.70
CA VAL C 2938 -1.09 40.44 19.52
C VAL C 2938 -2.17 39.37 19.36
N LEU C 2939 -1.90 38.14 19.82
CA LEU C 2939 -2.90 37.09 19.73
C LEU C 2939 -4.17 37.46 20.50
N ARG C 2940 -4.02 37.91 21.76
CA ARG C 2940 -5.17 38.45 22.45
C ARG C 2940 -5.74 39.66 21.71
N GLY C 2941 -4.87 40.53 21.21
CA GLY C 2941 -5.35 41.70 20.50
C GLY C 2941 -6.26 41.37 19.34
N ILE C 2942 -6.04 40.20 18.73
CA ILE C 2942 -6.85 39.79 17.57
C ILE C 2942 -8.31 39.64 17.97
N PHE C 2943 -8.56 38.92 19.06
CA PHE C 2943 -9.94 38.69 19.47
C PHE C 2943 -10.41 39.78 20.43
N THR C 2944 -9.47 40.48 21.06
CA THR C 2944 -9.82 41.73 21.72
C THR C 2944 -10.25 42.78 20.71
N SER C 2945 -9.82 42.63 19.45
CA SER C 2945 -10.23 43.51 18.36
C SER C 2945 -11.67 43.30 17.95
N GLU C 2946 -12.41 42.52 18.74
CA GLU C 2946 -13.87 42.37 18.67
C GLU C 2946 -14.35 41.61 17.44
N ILE C 2947 -13.69 40.51 17.08
CA ILE C 2947 -14.23 39.63 16.05
C ILE C 2947 -14.86 38.42 16.74
N GLY C 2948 -16.19 38.32 16.76
CA GLY C 2948 -16.90 37.28 17.51
C GLY C 2948 -17.47 37.71 18.87
N THR C 2949 -17.97 38.94 18.95
CA THR C 2949 -18.45 39.55 20.18
C THR C 2949 -19.66 38.85 20.81
N LYS C 2950 -19.50 38.45 22.07
CA LYS C 2950 -20.58 38.32 23.05
C LYS C 2950 -19.98 38.45 24.45
N GLN C 2951 -20.48 39.39 25.24
CA GLN C 2951 -19.76 40.07 26.33
C GLN C 2951 -18.88 39.20 27.21
N ILE C 2952 -19.33 38.02 27.60
CA ILE C 2952 -18.60 37.20 28.57
C ILE C 2952 -17.18 36.88 28.09
N THR C 2953 -16.98 36.71 26.80
CA THR C 2953 -15.65 36.45 26.22
C THR C 2953 -14.69 37.58 26.55
N GLN C 2954 -15.17 38.82 26.57
CA GLN C 2954 -14.31 39.94 26.90
C GLN C 2954 -13.77 39.82 28.33
N SER C 2955 -14.65 39.49 29.28
CA SER C 2955 -14.20 39.30 30.66
C SER C 2955 -13.30 38.09 30.79
N ALA C 2956 -13.51 37.05 29.99
CA ALA C 2956 -12.62 35.90 30.02
C ALA C 2956 -11.22 36.28 29.54
N LEU C 2957 -11.14 37.05 28.45
CA LEU C 2957 -9.86 37.56 27.99
C LEU C 2957 -9.22 38.44 29.06
N LEU C 2958 -10.04 39.22 29.76
CA LEU C 2958 -9.53 40.05 30.85
C LEU C 2958 -8.89 39.19 31.95
N ALA C 2959 -9.61 38.15 32.37
CA ALA C 2959 -9.14 37.30 33.46
C ALA C 2959 -7.84 36.60 33.08
N GLU C 2960 -7.77 36.08 31.84
CA GLU C 2960 -6.53 35.44 31.41
C GLU C 2960 -5.41 36.44 31.19
N ALA C 2961 -5.74 37.69 30.84
CA ALA C 2961 -4.72 38.72 30.70
C ALA C 2961 -4.12 39.07 32.05
N ARG C 2962 -4.93 39.08 33.11
CA ARG C 2962 -4.40 39.25 34.46
C ARG C 2962 -3.66 38.02 34.96
N SER C 2963 -3.49 36.99 34.12
CA SER C 2963 -2.90 35.71 34.50
C SER C 2963 -3.72 35.00 35.58
N ASP C 2964 -4.97 35.43 35.78
CA ASP C 2964 -5.89 34.77 36.68
C ASP C 2964 -6.59 33.63 35.94
N TYR C 2965 -5.84 32.57 35.61
CA TYR C 2965 -6.39 31.50 34.80
C TYR C 2965 -7.51 30.76 35.52
N SER C 2966 -7.52 30.81 36.86
CA SER C 2966 -8.55 30.10 37.61
C SER C 2966 -9.95 30.63 37.30
N GLU C 2967 -10.12 31.95 37.32
CA GLU C 2967 -11.42 32.53 36.99
C GLU C 2967 -11.76 32.33 35.52
N ALA C 2968 -10.75 32.45 34.65
CA ALA C 2968 -10.97 32.26 33.22
C ALA C 2968 -11.46 30.85 32.93
N ALA C 2969 -10.98 29.86 33.67
CA ALA C 2969 -11.42 28.49 33.47
C ALA C 2969 -12.91 28.36 33.69
N LYS C 2970 -13.40 28.85 34.84
CA LYS C 2970 -14.83 28.77 35.13
C LYS C 2970 -15.64 29.57 34.13
N GLN C 2971 -15.15 30.76 33.74
CA GLN C 2971 -15.91 31.59 32.83
C GLN C 2971 -16.02 30.94 31.46
N TYR C 2972 -14.91 30.38 30.96
CA TYR C 2972 -14.95 29.64 29.69
C TYR C 2972 -15.88 28.44 29.80
N ASP C 2973 -15.81 27.69 30.90
CA ASP C 2973 -16.64 26.52 31.06
C ASP C 2973 -18.13 26.89 31.03
N GLU C 2974 -18.50 27.96 31.73
CA GLU C 2974 -19.88 28.41 31.68
C GLU C 2974 -20.26 28.92 30.30
N ALA C 2975 -19.31 29.49 29.57
CA ALA C 2975 -19.58 29.86 28.19
C ALA C 2975 -19.86 28.65 27.31
N LEU C 2976 -19.17 27.53 27.52
CA LEU C 2976 -19.45 26.32 26.76
C LEU C 2976 -20.73 25.62 27.19
N ASN C 2977 -21.01 25.52 28.48
CA ASN C 2977 -22.19 24.82 28.95
C ASN C 2977 -23.46 25.66 28.93
N LYS C 2978 -23.35 26.94 28.58
CA LYS C 2978 -24.53 27.78 28.43
C LYS C 2978 -25.34 27.32 27.23
N GLN C 2979 -26.60 26.95 27.46
CA GLN C 2979 -27.49 26.54 26.39
C GLN C 2979 -28.66 27.49 26.18
N ASP C 2980 -28.98 28.35 27.16
CA ASP C 2980 -30.03 29.34 27.00
C ASP C 2980 -29.47 30.61 26.37
N TRP C 2981 -28.80 30.45 25.23
CA TRP C 2981 -28.14 31.58 24.58
C TRP C 2981 -29.17 32.60 24.10
N VAL C 2982 -28.87 33.87 24.31
CA VAL C 2982 -29.74 34.97 23.92
C VAL C 2982 -28.91 36.04 23.23
N ASP C 2983 -29.59 37.07 22.71
CA ASP C 2983 -28.96 38.13 21.91
C ASP C 2983 -28.21 37.54 20.72
N GLY C 2984 -28.74 36.47 20.15
CA GLY C 2984 -28.07 35.78 19.06
C GLY C 2984 -27.25 34.61 19.53
N GLU C 2985 -26.33 34.15 18.69
CA GLU C 2985 -25.51 32.98 18.99
C GLU C 2985 -24.09 33.25 18.54
N PRO C 2986 -23.09 32.72 19.24
CA PRO C 2986 -21.72 32.78 18.72
C PRO C 2986 -21.53 31.80 17.58
N THR C 2987 -20.42 31.88 16.86
CA THR C 2987 -20.13 30.95 15.78
C THR C 2987 -19.12 29.92 16.24
N GLU C 2988 -19.05 28.82 15.48
CA GLU C 2988 -18.21 27.69 15.85
C GLU C 2988 -16.72 28.01 15.80
N ALA C 2989 -16.33 29.06 15.07
CA ALA C 2989 -14.94 29.52 15.15
C ALA C 2989 -14.59 29.92 16.58
N GLU C 2990 -15.51 30.63 17.24
CA GLU C 2990 -15.29 30.96 18.64
C GLU C 2990 -15.38 29.72 19.53
N LYS C 2991 -16.11 28.69 19.11
CA LYS C 2991 -16.05 27.42 19.84
C LYS C 2991 -14.65 26.84 19.80
N ASP C 2992 -14.02 26.84 18.62
CA ASP C 2992 -12.65 26.35 18.51
C ASP C 2992 -11.71 27.21 19.33
N PHE C 2993 -11.88 28.54 19.28
CA PHE C 2993 -11.05 29.42 20.09
C PHE C 2993 -11.23 29.15 21.58
N TRP C 2994 -12.48 28.93 22.01
CA TRP C 2994 -12.72 28.63 23.41
C TRP C 2994 -12.03 27.35 23.84
N GLU C 2995 -12.10 26.32 22.99
CA GLU C 2995 -11.42 25.08 23.31
C GLU C 2995 -9.92 25.28 23.43
N LEU C 2996 -9.33 26.01 22.48
CA LEU C 2996 -7.89 26.24 22.50
C LEU C 2996 -7.48 27.06 23.73
N ALA C 2997 -8.25 28.09 24.06
CA ALA C 2997 -7.93 28.91 25.22
C ALA C 2997 -8.09 28.13 26.51
N SER C 2998 -9.09 27.24 26.58
CA SER C 2998 -9.22 26.37 27.73
C SER C 2998 -8.01 25.46 27.86
N LEU C 2999 -7.54 24.90 26.73
CA LEU C 2999 -6.33 24.10 26.75
C LEU C 2999 -5.16 24.90 27.31
N ASP C 3000 -4.98 26.12 26.83
CA ASP C 3000 -3.85 26.93 27.28
C ASP C 3000 -3.95 27.24 28.77
N CYS C 3001 -5.11 27.72 29.22
CA CYS C 3001 -5.25 28.12 30.61
C CYS C 3001 -5.17 26.93 31.56
N TYR C 3002 -5.63 25.76 31.14
CA TYR C 3002 -5.41 24.56 31.93
C TYR C 3002 -3.93 24.18 31.96
N ASN C 3003 -3.24 24.33 30.83
CA ASN C 3003 -1.81 24.06 30.78
C ASN C 3003 -1.03 24.98 31.70
N HIS C 3004 -1.53 26.19 31.94
CA HIS C 3004 -0.90 27.09 32.89
C HIS C 3004 -1.33 26.81 34.33
N LEU C 3005 -2.24 25.87 34.54
CA LEU C 3005 -2.79 25.59 35.86
C LEU C 3005 -2.50 24.16 36.33
N ALA C 3006 -1.66 23.43 35.60
CA ALA C 3006 -1.40 22.02 35.89
C ALA C 3006 -2.70 21.23 35.88
N GLU C 3007 -2.99 20.52 36.99
CA GLU C 3007 -4.28 19.84 37.22
C GLU C 3007 -4.74 19.05 35.99
N TRP C 3008 -3.78 18.51 35.24
CA TRP C 3008 -3.99 18.05 33.87
C TRP C 3008 -5.09 17.01 33.75
N LYS C 3009 -5.63 16.49 34.86
CA LYS C 3009 -6.73 15.54 34.78
C LYS C 3009 -7.91 16.13 34.03
N SER C 3010 -8.30 17.36 34.39
CA SER C 3010 -9.34 18.04 33.63
C SER C 3010 -8.87 18.38 32.22
N LEU C 3011 -7.59 18.72 32.07
CA LEU C 3011 -7.05 18.98 30.75
C LEU C 3011 -7.13 17.72 29.88
N GLU C 3012 -6.76 16.57 30.44
CA GLU C 3012 -6.96 15.29 29.74
C GLU C 3012 -8.42 15.04 29.41
N TYR C 3013 -9.32 15.26 30.36
CA TYR C 3013 -10.72 14.96 30.09
C TYR C 3013 -11.23 15.81 28.93
N CYS C 3014 -10.90 17.11 28.94
CA CYS C 3014 -11.34 17.98 27.87
C CYS C 3014 -10.71 17.58 26.54
N SER C 3015 -9.40 17.29 26.53
CA SER C 3015 -8.72 16.96 25.29
C SER C 3015 -9.28 15.67 24.69
N THR C 3016 -9.53 14.67 25.52
CA THR C 3016 -10.05 13.40 25.04
C THR C 3016 -11.51 13.52 24.59
N ALA C 3017 -12.32 14.26 25.36
CA ALA C 3017 -13.74 14.37 25.04
C ALA C 3017 -13.98 15.18 23.78
N SER C 3018 -13.23 16.27 23.59
CA SER C 3018 -13.43 17.10 22.41
C SER C 3018 -13.11 16.36 21.13
N ILE C 3019 -12.35 15.27 21.21
CA ILE C 3019 -11.96 14.52 20.03
C ILE C 3019 -12.90 13.36 19.76
N ASP C 3020 -13.07 12.48 20.75
CA ASP C 3020 -13.79 11.24 20.55
C ASP C 3020 -14.83 11.10 21.66
N SER C 3021 -15.80 10.21 21.42
CA SER C 3021 -16.92 9.91 22.30
C SER C 3021 -16.55 9.04 23.51
N GLU C 3022 -15.81 7.93 23.36
CA GLU C 3022 -15.99 6.82 24.33
C GLU C 3022 -15.55 7.10 25.76
N ASN C 3023 -16.37 6.59 26.69
CA ASN C 3023 -16.40 6.95 28.10
C ASN C 3023 -15.20 6.43 28.91
N PRO C 3024 -14.69 5.21 28.71
CA PRO C 3024 -13.29 4.96 28.97
C PRO C 3024 -12.55 5.67 27.84
N PRO C 3025 -11.72 6.71 28.10
CA PRO C 3025 -11.28 7.62 27.06
C PRO C 3025 -10.48 6.93 25.95
N ASP C 3026 -10.77 7.22 24.68
CA ASP C 3026 -10.00 6.69 23.56
C ASP C 3026 -8.84 7.60 23.23
N LEU C 3027 -7.78 6.99 22.69
CA LEU C 3027 -6.70 7.74 22.08
C LEU C 3027 -6.47 7.37 20.63
N ASN C 3028 -6.82 6.13 20.26
CA ASN C 3028 -6.40 5.58 18.96
C ASN C 3028 -7.05 6.32 17.79
N LYS C 3029 -8.29 6.76 17.90
CA LYS C 3029 -8.97 7.41 16.78
C LYS C 3029 -8.52 8.84 16.56
N ILE C 3030 -7.53 9.36 17.29
CA ILE C 3030 -6.76 10.47 16.74
C ILE C 3030 -6.02 10.00 15.48
N TRP C 3031 -5.38 10.90 14.76
CA TRP C 3031 -5.00 10.66 13.37
C TRP C 3031 -6.17 10.48 12.39
N SER C 3032 -7.40 10.79 12.80
CA SER C 3032 -8.55 10.74 11.90
C SER C 3032 -8.67 11.97 10.98
N GLU C 3033 -8.29 13.17 11.41
CA GLU C 3033 -8.33 14.39 10.59
C GLU C 3033 -7.12 15.27 10.88
N PRO C 3034 -6.68 16.14 9.96
CA PRO C 3034 -5.45 16.87 10.29
C PRO C 3034 -5.61 17.90 11.39
N PHE C 3035 -6.82 18.44 11.52
CA PHE C 3035 -7.14 19.39 12.57
C PHE C 3035 -6.78 18.80 13.91
N TYR C 3036 -7.17 17.55 14.11
CA TYR C 3036 -7.03 16.91 15.40
C TYR C 3036 -5.57 16.84 15.78
N GLN C 3037 -4.74 16.38 14.86
CA GLN C 3037 -3.32 16.19 15.15
C GLN C 3037 -2.64 17.53 15.37
N GLU C 3038 -2.84 18.45 14.44
CA GLU C 3038 -2.12 19.72 14.39
C GLU C 3038 -2.54 20.69 15.49
N THR C 3039 -3.50 20.32 16.34
CA THR C 3039 -3.91 21.14 17.48
C THR C 3039 -3.98 20.35 18.77
N TYR C 3040 -4.60 19.18 18.78
CA TYR C 3040 -4.88 18.51 20.05
C TYR C 3040 -3.85 17.48 20.47
N LEU C 3041 -3.07 16.93 19.54
CA LEU C 3041 -2.09 15.91 19.86
C LEU C 3041 -1.09 16.36 20.93
N PRO C 3042 -0.48 17.55 20.82
CA PRO C 3042 0.53 17.92 21.83
C PRO C 3042 -0.02 18.04 23.23
N TYR C 3043 -1.15 18.71 23.40
CA TYR C 3043 -1.74 18.86 24.74
C TYR C 3043 -2.08 17.50 25.32
N MET C 3044 -2.67 16.63 24.49
CA MET C 3044 -2.98 15.27 24.92
C MET C 3044 -1.75 14.54 25.43
N ILE C 3045 -0.70 14.49 24.61
CA ILE C 3045 0.46 13.69 24.98
C ILE C 3045 1.15 14.28 26.21
N ARG C 3046 1.20 15.61 26.29
CA ARG C 3046 1.83 16.28 27.43
C ARG C 3046 1.07 15.97 28.72
N SER C 3047 -0.26 16.06 28.67
CA SER C 3047 -1.08 15.76 29.84
C SER C 3047 -0.92 14.31 30.27
N LYS C 3048 -0.93 13.37 29.32
CA LYS C 3048 -0.81 11.97 29.70
C LYS C 3048 0.54 11.69 30.32
N LEU C 3049 1.60 12.27 29.74
CA LEU C 3049 2.93 12.08 30.30
C LEU C 3049 3.01 12.61 31.73
N LYS C 3050 2.48 13.82 31.95
CA LYS C 3050 2.63 14.42 33.27
C LYS C 3050 1.75 13.70 34.30
N LEU C 3051 0.64 13.12 33.88
CA LEU C 3051 -0.10 12.24 34.79
C LEU C 3051 0.69 10.97 35.10
N LEU C 3052 1.23 10.31 34.07
CA LEU C 3052 1.87 9.02 34.28
C LEU C 3052 3.13 9.15 35.12
N LEU C 3053 3.88 10.24 34.97
CA LEU C 3053 5.12 10.40 35.72
C LEU C 3053 4.88 10.70 37.19
N GLN C 3054 3.67 11.07 37.58
CA GLN C 3054 3.31 11.28 38.97
C GLN C 3054 2.39 10.15 39.40
N GLY C 3055 2.83 9.35 40.36
CA GLY C 3055 2.10 8.14 40.67
C GLY C 3055 2.13 7.18 39.50
N GLU C 3056 1.03 6.46 39.31
CA GLU C 3056 0.93 5.53 38.19
C GLU C 3056 -0.53 5.33 37.84
N ALA C 3057 -0.78 5.09 36.56
CA ALA C 3057 -2.14 4.96 36.04
C ALA C 3057 -2.10 4.10 34.79
N ASP C 3058 -3.19 4.13 34.03
CA ASP C 3058 -3.33 3.32 32.82
C ASP C 3058 -2.21 3.61 31.83
N GLN C 3059 -1.66 2.56 31.23
CA GLN C 3059 -0.60 2.68 30.24
C GLN C 3059 -1.13 2.92 28.84
N SER C 3060 -2.31 3.52 28.72
CA SER C 3060 -2.93 3.72 27.40
C SER C 3060 -2.03 4.47 26.44
N LEU C 3061 -1.21 5.40 26.95
CA LEU C 3061 -0.28 6.10 26.08
C LEU C 3061 0.81 5.18 25.57
N LEU C 3062 1.22 4.21 26.40
CA LEU C 3062 2.22 3.25 25.95
C LEU C 3062 1.68 2.36 24.83
N THR C 3063 0.50 1.77 25.04
CA THR C 3063 -0.14 0.99 23.98
C THR C 3063 -0.42 1.87 22.77
N PHE C 3064 -0.65 3.16 23.00
CA PHE C 3064 -0.89 4.11 21.92
C PHE C 3064 0.35 4.31 21.06
N ILE C 3065 1.49 4.58 21.69
CA ILE C 3065 2.72 4.77 20.93
C ILE C 3065 3.17 3.46 20.32
N ASP C 3066 2.73 2.33 20.89
CA ASP C 3066 3.03 1.03 20.28
C ASP C 3066 2.47 0.93 18.87
N LYS C 3067 1.31 1.52 18.60
CA LYS C 3067 0.80 1.60 17.24
C LYS C 3067 1.28 2.85 16.51
N ALA C 3068 1.64 3.90 17.26
CA ALA C 3068 2.12 5.11 16.61
C ALA C 3068 3.39 4.90 15.79
N MET C 3069 4.28 4.01 16.24
CA MET C 3069 5.50 3.76 15.50
C MET C 3069 5.26 3.00 14.19
N HIS C 3070 4.41 1.98 14.21
CA HIS C 3070 4.19 1.16 13.03
C HIS C 3070 3.54 1.91 11.89
N GLY C 3071 2.88 3.04 12.18
CA GLY C 3071 2.45 3.94 11.13
C GLY C 3071 3.61 4.79 10.64
N GLU C 3072 4.01 4.60 9.38
CA GLU C 3072 5.22 5.24 8.88
C GLU C 3072 5.12 6.75 8.92
N LEU C 3073 3.99 7.31 8.50
CA LEU C 3073 3.82 8.76 8.53
C LEU C 3073 3.83 9.29 9.95
N GLN C 3074 3.36 8.51 10.91
CA GLN C 3074 3.36 8.94 12.30
C GLN C 3074 4.78 8.98 12.86
N LYS C 3075 5.63 8.06 12.41
CA LYS C 3075 7.03 8.06 12.84
C LYS C 3075 7.70 9.38 12.51
N ALA C 3076 7.40 9.94 11.34
CA ALA C 3076 7.98 11.22 10.95
C ALA C 3076 7.57 12.33 11.90
N ILE C 3077 6.28 12.42 12.22
CA ILE C 3077 5.80 13.47 13.11
C ILE C 3077 6.43 13.31 14.49
N LEU C 3078 6.47 12.08 15.00
CA LEU C 3078 6.99 11.87 16.36
C LEU C 3078 8.49 12.17 16.42
N GLU C 3079 9.26 11.73 15.42
CA GLU C 3079 10.67 12.08 15.39
C GLU C 3079 10.87 13.56 15.12
N LEU C 3080 9.84 14.25 14.61
CA LEU C 3080 9.98 15.68 14.33
C LEU C 3080 9.68 16.54 15.55
N HIS C 3081 8.78 16.10 16.43
CA HIS C 3081 8.28 17.02 17.45
C HIS C 3081 8.23 16.49 18.88
N TYR C 3082 8.53 15.21 19.14
CA TYR C 3082 8.26 14.70 20.48
C TYR C 3082 9.36 13.81 21.03
N SER C 3083 10.62 14.21 20.90
CA SER C 3083 11.70 13.39 21.43
C SER C 3083 11.66 13.31 22.95
N GLN C 3084 11.51 14.47 23.62
CA GLN C 3084 11.37 14.47 25.06
C GLN C 3084 10.29 13.52 25.52
N GLU C 3085 9.13 13.58 24.88
CA GLU C 3085 7.97 12.79 25.26
C GLU C 3085 8.26 11.30 25.22
N LEU C 3086 8.63 10.78 24.04
CA LEU C 3086 8.90 9.36 23.91
C LEU C 3086 10.04 8.92 24.81
N SER C 3087 11.10 9.73 24.91
CA SER C 3087 12.24 9.35 25.73
C SER C 3087 11.84 9.20 27.19
N LEU C 3088 11.20 10.22 27.76
CA LEU C 3088 10.86 10.15 29.18
C LEU C 3088 9.81 9.07 29.43
N LEU C 3089 8.90 8.85 28.47
CA LEU C 3089 7.90 7.81 28.64
C LEU C 3089 8.56 6.42 28.66
N TYR C 3090 9.54 6.21 27.77
CA TYR C 3090 10.31 4.97 27.81
C TYR C 3090 11.11 4.84 29.09
N LEU C 3091 11.56 5.96 29.67
CA LEU C 3091 12.31 5.89 30.92
C LEU C 3091 11.50 5.24 32.03
N LEU C 3092 10.18 5.23 31.91
CA LEU C 3092 9.36 4.47 32.85
C LEU C 3092 9.67 2.98 32.76
N GLN C 3093 9.87 2.47 31.56
CA GLN C 3093 10.03 1.04 31.33
C GLN C 3093 11.49 0.64 31.12
N ASP C 3094 12.44 1.51 31.46
CA ASP C 3094 13.86 1.19 31.55
C ASP C 3094 14.46 0.80 30.19
N ASP C 3095 13.85 1.23 29.09
CA ASP C 3095 14.44 1.03 27.77
C ASP C 3095 15.50 2.11 27.52
N VAL C 3096 16.54 2.07 28.35
CA VAL C 3096 17.55 3.13 28.35
C VAL C 3096 18.27 3.23 27.02
N ASP C 3097 18.47 2.10 26.35
CA ASP C 3097 19.09 2.14 25.02
C ASP C 3097 18.26 2.95 24.05
N ARG C 3098 16.94 2.70 24.04
CA ARG C 3098 16.06 3.48 23.16
C ARG C 3098 16.00 4.93 23.60
N ALA C 3099 15.99 5.19 24.91
CA ALA C 3099 15.91 6.55 25.41
C ALA C 3099 17.15 7.35 25.01
N LYS C 3100 18.31 6.72 25.07
CA LYS C 3100 19.54 7.41 24.66
C LYS C 3100 19.47 7.82 23.20
N TYR C 3101 19.03 6.91 22.34
CA TYR C 3101 18.82 7.23 20.93
C TYR C 3101 17.86 8.40 20.78
N TYR C 3102 16.74 8.36 21.50
CA TYR C 3102 15.76 9.42 21.40
C TYR C 3102 16.32 10.76 21.86
N ILE C 3103 17.21 10.76 22.85
CA ILE C 3103 17.76 12.03 23.33
C ILE C 3103 18.77 12.60 22.33
N GLN C 3104 19.67 11.77 21.79
CA GLN C 3104 20.54 12.32 20.74
C GLN C 3104 19.73 12.79 19.55
N ASN C 3105 18.62 12.12 19.24
CA ASN C 3105 17.79 12.58 18.14
C ASN C 3105 17.09 13.88 18.50
N GLY C 3106 16.72 14.05 19.77
CA GLY C 3106 16.09 15.29 20.20
C GLY C 3106 17.04 16.47 20.13
N ILE C 3107 18.31 16.23 20.45
CA ILE C 3107 19.32 17.27 20.26
C ILE C 3107 19.33 17.71 18.81
N GLN C 3108 19.36 16.75 17.88
CA GLN C 3108 19.37 17.09 16.46
C GLN C 3108 18.12 17.87 16.08
N SER C 3109 16.96 17.45 16.60
CA SER C 3109 15.71 18.14 16.27
C SER C 3109 15.76 19.59 16.73
N PHE C 3110 16.27 19.82 17.94
CA PHE C 3110 16.35 21.18 18.44
C PHE C 3110 17.31 22.02 17.60
N MET C 3111 18.48 21.47 17.24
CA MET C 3111 19.40 22.23 16.40
C MET C 3111 18.76 22.58 15.07
N GLN C 3112 18.10 21.61 14.44
CA GLN C 3112 17.50 21.89 13.13
C GLN C 3112 16.40 22.93 13.24
N ASN C 3113 15.56 22.81 14.27
CA ASN C 3113 14.48 23.78 14.47
C ASN C 3113 15.04 25.18 14.71
N TYR C 3114 16.04 25.29 15.57
CA TYR C 3114 16.62 26.59 15.88
C TYR C 3114 17.36 27.17 14.68
N SER C 3115 18.04 26.33 13.91
CA SER C 3115 18.73 26.81 12.71
C SER C 3115 17.73 27.32 11.68
N SER C 3116 16.58 26.66 11.57
CA SER C 3116 15.56 27.08 10.62
C SER C 3116 14.94 28.43 10.93
N ILE C 3117 14.75 28.77 12.21
CA ILE C 3117 14.03 29.98 12.56
C ILE C 3117 14.85 31.21 12.18
N ASP C 3118 14.17 32.31 11.89
CA ASP C 3118 14.83 33.53 11.46
C ASP C 3118 15.56 34.18 12.64
N VAL C 3119 16.51 35.07 12.30
CA VAL C 3119 17.40 35.64 13.30
C VAL C 3119 16.81 36.86 14.00
N LEU C 3120 15.74 37.44 13.48
CA LEU C 3120 15.25 38.72 13.97
C LEU C 3120 14.06 38.61 14.92
N LEU C 3121 13.73 37.42 15.42
CA LEU C 3121 12.55 37.21 16.25
C LEU C 3121 12.97 36.72 17.62
N HIS C 3122 12.95 37.64 18.60
CA HIS C 3122 13.42 37.30 19.94
C HIS C 3122 12.55 36.23 20.59
N GLN C 3123 11.23 36.38 20.52
CA GLN C 3123 10.34 35.53 21.29
C GLN C 3123 10.41 34.07 20.84
N SER C 3124 10.42 33.84 19.52
CA SER C 3124 10.47 32.48 19.01
C SER C 3124 11.78 31.80 19.42
N ARG C 3125 12.90 32.51 19.25
CA ARG C 3125 14.19 31.94 19.64
C ARG C 3125 14.21 31.63 21.12
N LEU C 3126 13.70 32.54 21.94
CA LEU C 3126 13.72 32.33 23.39
C LEU C 3126 12.87 31.12 23.77
N THR C 3127 11.69 31.01 23.17
CA THR C 3127 10.81 29.87 23.44
C THR C 3127 11.44 28.55 23.04
N LYS C 3128 12.12 28.51 21.89
CA LYS C 3128 12.82 27.29 21.51
C LYS C 3128 13.98 27.02 22.45
N LEU C 3129 14.71 28.07 22.83
CA LEU C 3129 15.93 27.92 23.61
C LEU C 3129 15.65 27.36 24.98
N GLN C 3130 14.56 27.80 25.63
CA GLN C 3130 14.36 27.43 27.02
C GLN C 3130 14.25 25.92 27.19
N SER C 3131 13.85 25.21 26.15
CA SER C 3131 13.56 23.78 26.28
C SER C 3131 14.82 22.96 26.47
N VAL C 3132 15.96 23.41 25.94
CA VAL C 3132 17.18 22.61 25.98
C VAL C 3132 17.60 22.30 27.42
N GLN C 3133 17.13 23.11 28.37
CA GLN C 3133 17.47 22.89 29.77
C GLN C 3133 16.98 21.52 30.25
N ALA C 3134 15.82 21.09 29.75
CA ALA C 3134 15.31 19.77 30.12
C ALA C 3134 16.03 18.65 29.36
N LEU C 3135 16.35 18.88 28.09
CA LEU C 3135 17.04 17.85 27.31
C LEU C 3135 18.39 17.53 27.92
N THR C 3136 19.13 18.56 28.33
CA THR C 3136 20.42 18.34 28.96
C THR C 3136 20.26 17.54 30.24
N GLU C 3137 19.21 17.80 31.01
CA GLU C 3137 18.97 17.04 32.23
C GLU C 3137 18.62 15.59 31.94
N ILE C 3138 17.85 15.33 30.87
CA ILE C 3138 17.55 13.93 30.52
C ILE C 3138 18.86 13.22 30.19
N GLN C 3139 19.71 13.87 29.41
CA GLN C 3139 21.01 13.29 29.05
C GLN C 3139 21.83 12.99 30.30
N GLU C 3140 21.89 13.96 31.22
CA GLU C 3140 22.65 13.78 32.45
C GLU C 3140 22.10 12.63 33.28
N PHE C 3141 20.78 12.53 33.37
CA PHE C 3141 20.19 11.44 34.16
C PHE C 3141 20.50 10.09 33.56
N ILE C 3142 20.37 9.97 32.23
CA ILE C 3142 20.59 8.67 31.59
C ILE C 3142 22.07 8.31 31.65
N SER C 3143 22.94 9.33 31.65
CA SER C 3143 24.36 9.07 31.90
C SER C 3143 24.57 8.53 33.30
N PHE C 3144 23.88 9.09 34.29
CA PHE C 3144 24.07 8.64 35.66
C PHE C 3144 23.52 7.24 35.90
N ILE C 3145 22.44 6.85 35.22
CA ILE C 3145 21.80 5.56 35.50
C ILE C 3145 22.77 4.40 35.26
N SER C 3146 23.47 4.42 34.13
CA SER C 3146 24.26 3.26 33.71
C SER C 3146 25.73 3.52 34.04
N LYS C 3147 26.10 3.27 35.30
CA LYS C 3147 27.50 3.21 35.69
C LYS C 3147 27.57 2.53 37.05
N GLN C 3148 28.17 1.35 37.11
CA GLN C 3148 28.19 0.59 38.36
C GLN C 3148 29.02 1.30 39.43
N GLY C 3149 30.02 2.08 39.03
CA GLY C 3149 30.80 2.82 40.00
C GLY C 3149 29.97 3.79 40.81
N ASN C 3150 28.87 4.28 40.23
CA ASN C 3150 27.94 5.15 40.93
C ASN C 3150 26.76 4.37 41.53
N LEU C 3151 26.43 3.22 40.95
CA LEU C 3151 25.31 2.42 41.45
C LEU C 3151 25.56 1.95 42.87
N SER C 3152 26.78 1.50 43.16
CA SER C 3152 27.09 0.89 44.44
C SER C 3152 27.76 1.83 45.43
N SER C 3153 27.97 3.09 45.06
CA SER C 3153 28.72 4.02 45.90
C SER C 3153 27.79 5.09 46.45
N GLN C 3154 28.39 6.04 47.18
CA GLN C 3154 27.60 7.09 47.82
C GLN C 3154 27.94 8.48 47.29
N VAL C 3155 29.07 8.61 46.60
CA VAL C 3155 29.67 9.91 46.28
C VAL C 3155 28.87 10.71 45.25
N PRO C 3156 28.65 10.20 44.03
CA PRO C 3156 28.21 11.10 42.94
C PRO C 3156 26.88 11.79 43.19
N LEU C 3157 26.01 11.21 44.02
CA LEU C 3157 24.68 11.79 44.22
C LEU C 3157 24.77 13.16 44.87
N LYS C 3158 25.71 13.33 45.81
CA LYS C 3158 25.86 14.64 46.45
C LYS C 3158 26.31 15.70 45.46
N ARG C 3159 27.27 15.36 44.60
CA ARG C 3159 27.70 16.30 43.56
C ARG C 3159 26.54 16.65 42.63
N LEU C 3160 25.76 15.63 42.23
CA LEU C 3160 24.63 15.87 41.36
C LEU C 3160 23.61 16.79 42.01
N LEU C 3161 23.34 16.56 43.30
CA LEU C 3161 22.42 17.42 44.03
C LEU C 3161 22.95 18.84 44.11
N ASN C 3162 24.25 19.00 44.32
CA ASN C 3162 24.85 20.33 44.33
C ASN C 3162 24.57 21.04 43.01
N THR C 3163 24.91 20.38 41.89
CA THR C 3163 24.72 20.99 40.58
C THR C 3163 23.26 21.35 40.35
N TRP C 3164 22.34 20.48 40.78
CA TRP C 3164 20.92 20.78 40.59
C TRP C 3164 20.46 21.95 41.46
N THR C 3165 21.01 22.06 42.67
CA THR C 3165 20.61 23.14 43.57
C THR C 3165 21.20 24.49 43.19
N ASN C 3166 22.30 24.56 42.44
CA ASN C 3166 22.69 25.88 41.93
C ASN C 3166 22.31 26.04 40.46
N ARG C 3167 21.27 25.35 40.01
CA ARG C 3167 20.79 25.45 38.64
C ARG C 3167 19.27 25.52 38.65
N TYR C 3168 18.73 26.68 38.29
CA TYR C 3168 17.31 26.88 38.11
C TYR C 3168 17.12 27.94 37.04
N PRO C 3169 16.06 27.83 36.24
CA PRO C 3169 15.76 28.89 35.27
C PRO C 3169 15.38 30.19 35.96
N ASP C 3170 15.34 31.26 35.16
CA ASP C 3170 15.47 32.62 35.67
C ASP C 3170 14.42 33.01 36.69
N ALA C 3171 13.22 32.41 36.63
CA ALA C 3171 12.12 32.70 37.54
C ALA C 3171 11.57 34.11 37.36
N LYS C 3172 12.19 34.92 36.50
CA LYS C 3172 11.58 36.16 36.07
C LYS C 3172 11.48 36.20 34.55
N MET C 3173 12.53 35.71 33.87
CA MET C 3173 12.50 35.63 32.41
C MET C 3173 11.65 34.50 31.89
N ASP C 3174 11.64 33.35 32.58
CA ASP C 3174 11.09 32.12 32.05
C ASP C 3174 9.71 31.85 32.64
N PRO C 3175 8.69 31.68 31.81
CA PRO C 3175 7.33 31.48 32.32
C PRO C 3175 7.18 30.12 33.01
N MET C 3176 5.98 29.94 33.58
CA MET C 3176 5.72 28.75 34.38
C MET C 3176 5.71 27.49 33.52
N ASN C 3177 5.20 27.57 32.30
CA ASN C 3177 4.95 26.38 31.48
C ASN C 3177 6.18 25.52 31.25
N ILE C 3178 7.39 26.00 31.56
CA ILE C 3178 8.59 25.18 31.53
C ILE C 3178 9.21 25.02 32.90
N TRP C 3179 9.00 25.97 33.80
CA TRP C 3179 9.45 25.82 35.18
C TRP C 3179 8.81 24.60 35.83
N ASP C 3180 7.49 24.44 35.63
CA ASP C 3180 6.81 23.25 36.17
C ASP C 3180 7.40 21.99 35.57
N ASP C 3181 7.72 22.04 34.27
CA ASP C 3181 8.31 20.89 33.60
C ASP C 3181 9.63 20.48 34.25
N ILE C 3182 10.53 21.43 34.45
CA ILE C 3182 11.83 21.08 35.02
C ILE C 3182 11.67 20.58 36.46
N ILE C 3183 10.74 21.18 37.20
CA ILE C 3183 10.48 20.73 38.57
C ILE C 3183 9.99 19.29 38.58
N THR C 3184 9.04 18.98 37.70
CA THR C 3184 8.46 17.64 37.66
C THR C 3184 9.48 16.60 37.22
N ASN C 3185 10.33 16.94 36.24
CA ASN C 3185 11.36 16.00 35.85
C ASN C 3185 12.33 15.73 36.98
N ARG C 3186 12.73 16.77 37.71
CA ARG C 3186 13.61 16.52 38.86
C ARG C 3186 12.94 15.64 39.91
N CYS C 3187 11.67 15.92 40.21
CA CYS C 3187 10.96 15.12 41.21
C CYS C 3187 10.88 13.66 40.79
N PHE C 3188 10.50 13.40 39.54
CA PHE C 3188 10.46 12.03 39.03
C PHE C 3188 11.85 11.40 39.06
N PHE C 3189 12.87 12.17 38.71
CA PHE C 3189 14.22 11.63 38.65
C PHE C 3189 14.63 11.09 40.02
N LEU C 3190 14.39 11.89 41.06
CA LEU C 3190 14.77 11.45 42.39
C LEU C 3190 13.89 10.30 42.87
N SER C 3191 12.58 10.36 42.61
CA SER C 3191 11.71 9.26 43.02
C SER C 3191 12.11 7.94 42.37
N LYS C 3192 12.58 8.01 41.12
CA LYS C 3192 13.01 6.79 40.42
C LYS C 3192 14.37 6.33 40.95
N ILE C 3193 15.28 7.27 41.20
CA ILE C 3193 16.61 6.90 41.65
C ILE C 3193 16.58 6.33 43.06
N GLU C 3194 15.51 6.60 43.81
CA GLU C 3194 15.39 6.06 45.16
C GLU C 3194 15.50 4.53 45.18
N GLU C 3195 15.03 3.88 44.12
CA GLU C 3195 14.97 2.42 44.12
C GLU C 3195 16.36 1.78 44.04
N LYS C 3196 17.26 2.37 43.25
CA LYS C 3196 18.52 1.69 42.97
C LYS C 3196 19.58 1.93 44.05
N LEU C 3197 19.32 2.84 44.98
CA LEU C 3197 20.34 3.16 45.98
C LEU C 3197 20.35 2.17 47.14
N THR C 3198 19.24 1.48 47.38
CA THR C 3198 19.05 0.66 48.56
C THR C 3198 20.11 -0.44 48.75
N PRO C 3199 20.53 -1.16 47.69
CA PRO C 3199 21.50 -2.22 48.00
C PRO C 3199 22.88 -1.67 48.37
N ILE C 3227 21.28 9.37 55.66
CA ILE C 3227 21.81 10.02 54.46
C ILE C 3227 20.81 9.89 53.32
N SER C 3228 20.21 8.72 53.18
CA SER C 3228 19.23 8.51 52.12
C SER C 3228 17.98 9.35 52.33
N SER C 3229 17.78 9.85 53.55
CA SER C 3229 16.57 10.61 53.85
C SER C 3229 16.61 12.03 53.29
N LEU C 3230 17.80 12.64 53.22
CA LEU C 3230 17.89 14.03 52.78
C LEU C 3230 17.54 14.17 51.31
N ILE C 3231 17.63 13.09 50.53
CA ILE C 3231 17.13 13.10 49.16
C ILE C 3231 15.64 13.42 49.14
N ARG C 3232 14.88 12.78 50.04
CA ARG C 3232 13.46 13.09 50.16
C ARG C 3232 13.27 14.55 50.58
N SER C 3233 14.21 15.07 51.38
CA SER C 3233 14.10 16.45 51.86
C SER C 3233 14.33 17.48 50.76
N CYS C 3234 15.29 17.23 49.86
CA CYS C 3234 15.64 18.22 48.84
C CYS C 3234 14.43 18.60 47.97
N LYS C 3235 13.48 17.69 47.78
CA LYS C 3235 12.25 18.02 47.09
C LYS C 3235 11.56 19.21 47.75
N PHE C 3236 11.60 19.27 49.09
CA PHE C 3236 10.93 20.35 49.79
C PHE C 3236 11.53 21.71 49.44
N SER C 3237 12.86 21.84 49.51
CA SER C 3237 13.49 23.11 49.18
C SER C 3237 13.29 23.46 47.71
N MET C 3238 13.41 22.47 46.85
CA MET C 3238 13.26 22.72 45.41
C MET C 3238 11.84 23.18 45.10
N LYS C 3239 10.84 22.61 45.77
CA LYS C 3239 9.48 23.10 45.58
C LYS C 3239 9.22 24.40 46.32
N MET C 3240 10.02 24.73 47.33
CA MET C 3240 9.94 26.07 47.89
C MET C 3240 10.38 27.10 46.86
N LYS C 3241 11.46 26.81 46.13
CA LYS C 3241 11.84 27.67 45.02
C LYS C 3241 10.75 27.72 43.95
N MET C 3242 10.16 26.56 43.64
CA MET C 3242 8.92 26.51 42.86
C MET C 3242 7.91 27.57 43.30
N ILE C 3243 7.51 27.51 44.57
CA ILE C 3243 6.44 28.37 45.07
C ILE C 3243 6.86 29.83 45.00
N ASP C 3244 8.09 30.13 45.40
CA ASP C 3244 8.54 31.51 45.37
C ASP C 3244 8.52 32.08 43.96
N SER C 3245 9.01 31.29 42.98
CA SER C 3245 8.98 31.75 41.60
C SER C 3245 7.55 31.95 41.11
N ALA C 3246 6.67 31.00 41.43
CA ALA C 3246 5.28 31.10 40.99
C ALA C 3246 4.61 32.34 41.56
N ARG C 3247 4.85 32.63 42.85
CA ARG C 3247 4.29 33.80 43.49
C ARG C 3247 4.84 35.08 42.87
N LYS C 3248 6.14 35.07 42.56
CA LYS C 3248 6.74 36.23 41.90
C LYS C 3248 6.14 36.46 40.52
N GLN C 3249 5.80 35.38 39.81
CA GLN C 3249 5.18 35.49 38.49
C GLN C 3249 3.69 35.82 38.57
N ASN C 3250 3.18 36.19 39.74
CA ASN C 3250 1.79 36.52 40.05
C ASN C 3250 0.80 35.45 39.62
N ASN C 3251 1.25 34.22 39.38
CA ASN C 3251 0.36 33.09 39.11
C ASN C 3251 -0.06 32.50 40.46
N PHE C 3252 -1.08 33.13 41.04
CA PHE C 3252 -1.39 32.89 42.45
C PHE C 3252 -2.07 31.55 42.67
N SER C 3253 -3.02 31.17 41.81
CA SER C 3253 -3.80 29.96 42.05
C SER C 3253 -2.93 28.70 41.97
N LEU C 3254 -1.99 28.67 41.01
CA LEU C 3254 -1.08 27.53 40.90
C LEU C 3254 -0.25 27.39 42.17
N ALA C 3255 0.28 28.51 42.68
CA ALA C 3255 1.01 28.46 43.93
C ALA C 3255 0.12 28.00 45.07
N MET C 3256 -1.14 28.44 45.07
CA MET C 3256 -2.07 28.04 46.12
C MET C 3256 -2.25 26.54 46.15
N LYS C 3257 -2.48 25.93 44.99
CA LYS C 3257 -2.70 24.48 44.96
C LYS C 3257 -1.42 23.73 45.31
N LEU C 3258 -0.28 24.20 44.78
CA LEU C 3258 0.98 23.51 45.06
C LEU C 3258 1.34 23.60 46.53
N LEU C 3259 1.00 24.70 47.18
CA LEU C 3259 1.22 24.84 48.62
C LEU C 3259 0.21 24.02 49.41
N LYS C 3260 -1.03 23.93 48.93
CA LYS C 3260 -2.01 23.02 49.50
C LYS C 3260 -1.45 21.61 49.58
N GLU C 3261 -0.73 21.21 48.53
CA GLU C 3261 -0.19 19.86 48.47
C GLU C 3261 0.83 19.59 49.59
N LEU C 3262 1.41 20.66 50.16
CA LEU C 3262 2.60 20.48 51.00
C LEU C 3262 2.31 20.38 52.49
N HIS C 3263 1.17 20.85 52.98
CA HIS C 3263 0.92 20.83 54.42
C HIS C 3263 0.86 19.40 54.94
N LYS C 3264 0.19 18.51 54.20
CA LYS C 3264 0.11 17.12 54.61
C LYS C 3264 1.46 16.40 54.52
N GLU C 3265 2.44 17.01 53.85
CA GLU C 3265 3.74 16.38 53.68
C GLU C 3265 4.78 16.86 54.67
N SER C 3266 4.83 18.18 54.92
CA SER C 3266 5.85 18.77 55.76
C SER C 3266 5.41 19.01 57.20
N LYS C 3267 4.24 18.51 57.59
CA LYS C 3267 3.72 18.71 58.95
C LYS C 3267 4.59 18.00 59.98
N THR C 3268 5.46 17.10 59.53
CA THR C 3268 6.12 16.17 60.45
C THR C 3268 7.20 16.84 61.32
N ARG C 3269 8.02 17.72 60.76
CA ARG C 3269 9.14 18.26 61.54
C ARG C 3269 9.28 19.75 61.25
N ASP C 3270 9.93 20.44 62.18
CA ASP C 3270 9.73 21.88 62.38
C ASP C 3270 10.28 22.72 61.22
N ASP C 3271 11.47 22.36 60.74
CA ASP C 3271 12.17 23.24 59.81
C ASP C 3271 11.37 23.47 58.52
N TRP C 3272 10.56 22.48 58.11
CA TRP C 3272 9.82 22.69 56.87
C TRP C 3272 8.56 23.48 57.14
N LEU C 3273 7.92 23.22 58.28
CA LEU C 3273 6.66 23.89 58.59
C LEU C 3273 6.87 25.37 58.88
N VAL C 3274 7.94 25.71 59.60
CA VAL C 3274 8.18 27.12 59.90
C VAL C 3274 8.47 27.90 58.62
N SER C 3275 8.96 27.21 57.59
CA SER C 3275 9.16 27.87 56.30
C SER C 3275 7.90 27.81 55.44
N TRP C 3276 7.08 26.79 55.66
CA TRP C 3276 5.83 26.64 54.92
C TRP C 3276 4.85 27.75 55.31
N VAL C 3277 4.82 28.08 56.60
CA VAL C 3277 3.89 29.11 57.05
C VAL C 3277 4.29 30.48 56.50
N GLN C 3278 5.59 30.75 56.42
CA GLN C 3278 6.01 32.05 55.88
C GLN C 3278 5.66 32.14 54.40
N SER C 3279 5.83 31.04 53.67
CA SER C 3279 5.44 31.03 52.26
C SER C 3279 3.93 31.24 52.13
N TYR C 3280 3.14 30.58 52.98
CA TYR C 3280 1.69 30.72 52.92
C TYR C 3280 1.26 32.16 53.17
N CYS C 3281 1.79 32.78 54.22
CA CYS C 3281 1.38 34.14 54.53
C CYS C 3281 1.91 35.13 53.49
N ARG C 3282 3.10 34.85 52.92
CA ARG C 3282 3.63 35.73 51.88
C ARG C 3282 2.79 35.65 50.62
N LEU C 3283 2.36 34.45 50.24
CA LEU C 3283 1.43 34.32 49.13
C LEU C 3283 0.13 35.04 49.44
N SER C 3284 -0.32 34.95 50.69
CA SER C 3284 -1.51 35.68 51.11
C SER C 3284 -1.34 37.18 50.88
N HIS C 3285 -0.21 37.74 51.31
CA HIS C 3285 0.06 39.16 51.09
C HIS C 3285 0.05 39.49 49.60
N CYS C 3286 0.81 38.72 48.82
CA CYS C 3286 1.02 39.03 47.42
C CYS C 3286 -0.29 38.96 46.65
N ARG C 3287 -1.14 37.97 46.95
CA ARG C 3287 -2.45 37.96 46.32
C ARG C 3287 -3.30 39.13 46.83
N SER C 3288 -3.43 39.26 48.15
CA SER C 3288 -4.38 40.22 48.70
C SER C 3288 -4.10 41.63 48.20
N ARG C 3289 -2.83 41.93 47.89
CA ARG C 3289 -2.49 43.25 47.38
C ARG C 3289 -3.16 43.51 46.03
N SER C 3290 -3.26 42.47 45.20
CA SER C 3290 -3.49 42.65 43.77
C SER C 3290 -4.95 42.68 43.36
N GLN C 3291 -5.92 42.42 44.25
CA GLN C 3291 -7.31 42.50 43.84
C GLN C 3291 -8.13 43.24 44.87
N GLY C 3292 -9.25 43.79 44.42
CA GLY C 3292 -10.33 44.18 45.29
C GLY C 3292 -9.96 45.30 46.24
N CYS C 3293 -10.68 45.33 47.36
CA CYS C 3293 -10.59 46.37 48.38
C CYS C 3293 -10.87 45.73 49.74
N SER C 3294 -11.28 46.53 50.72
CA SER C 3294 -11.60 46.04 52.06
C SER C 3294 -12.35 44.70 52.05
N GLU C 3295 -13.18 44.47 51.03
CA GLU C 3295 -13.89 43.20 50.95
C GLU C 3295 -12.96 42.01 50.74
N GLN C 3296 -11.87 42.18 49.98
CA GLN C 3296 -10.99 41.05 49.73
C GLN C 3296 -10.11 40.77 50.94
N VAL C 3297 -9.84 41.79 51.76
CA VAL C 3297 -9.07 41.61 52.97
C VAL C 3297 -9.77 40.65 53.93
N LEU C 3298 -11.09 40.52 53.79
CA LEU C 3298 -11.87 39.67 54.69
C LEU C 3298 -11.35 38.24 54.71
N THR C 3299 -10.86 37.76 53.57
CA THR C 3299 -10.32 36.40 53.49
C THR C 3299 -9.03 36.26 54.29
N VAL C 3300 -8.24 37.33 54.37
CA VAL C 3300 -6.93 37.24 55.01
C VAL C 3300 -7.06 36.97 56.51
N LEU C 3301 -8.12 37.48 57.13
CA LEU C 3301 -8.24 37.48 58.59
C LEU C 3301 -8.20 36.08 59.21
N LYS C 3302 -9.07 35.18 58.74
CA LYS C 3302 -9.23 33.90 59.43
C LYS C 3302 -8.01 33.00 59.32
N THR C 3303 -7.12 33.29 58.38
CA THR C 3303 -5.91 32.48 58.24
C THR C 3303 -4.79 33.00 59.13
N VAL C 3304 -4.39 34.25 58.92
CA VAL C 3304 -3.30 34.84 59.71
C VAL C 3304 -3.70 34.95 61.17
N SER C 3305 -4.99 34.85 61.47
CA SER C 3305 -5.44 34.89 62.85
C SER C 3305 -4.85 33.77 63.70
N LEU C 3306 -4.52 32.64 63.10
CA LEU C 3306 -3.97 31.53 63.87
C LEU C 3306 -2.69 30.95 63.30
N LEU C 3307 -2.56 30.89 61.96
CA LEU C 3307 -1.53 30.04 61.38
C LEU C 3307 -0.12 30.47 61.78
N ASP C 3308 0.03 31.72 62.22
CA ASP C 3308 1.36 32.24 62.55
C ASP C 3308 1.87 31.75 63.90
N GLU C 3309 0.99 31.33 64.79
CA GLU C 3309 1.36 31.13 66.19
C GLU C 3309 2.21 29.87 66.37
N ASN C 3310 3.01 29.88 67.43
CA ASN C 3310 4.00 28.85 67.71
C ASN C 3310 3.43 27.66 68.48
N ASN C 3311 2.12 27.41 68.38
CA ASN C 3311 1.55 26.22 68.99
C ASN C 3311 2.25 24.95 68.50
N VAL C 3312 2.75 24.97 67.27
CA VAL C 3312 3.52 23.86 66.74
C VAL C 3312 5.01 24.12 66.95
N SER C 3313 5.46 25.33 66.63
CA SER C 3313 6.87 25.69 66.76
C SER C 3313 7.14 26.40 68.09
N SER C 3314 6.80 25.72 69.18
CA SER C 3314 7.11 26.24 70.50
C SER C 3314 8.61 26.22 70.78
N TYR C 3315 9.37 25.50 69.96
CA TYR C 3315 10.82 25.39 70.10
C TYR C 3315 11.57 26.21 69.05
N LEU C 3316 10.93 27.26 68.52
CA LEU C 3316 11.55 28.05 67.46
C LEU C 3316 12.77 28.81 67.95
N SER C 3317 12.97 28.89 69.26
CA SER C 3317 14.06 29.70 69.80
C SER C 3317 15.42 29.25 69.30
N LYS C 3318 15.54 28.01 68.82
CA LYS C 3318 16.81 27.52 68.31
C LYS C 3318 17.28 28.28 67.06
N ASN C 3319 16.37 28.56 66.12
CA ASN C 3319 16.76 29.09 64.83
C ASN C 3319 16.65 30.61 64.85
N ILE C 3320 17.42 31.27 63.99
CA ILE C 3320 17.60 32.71 64.10
C ILE C 3320 16.94 33.44 62.94
N LEU C 3321 17.12 32.92 61.72
CA LEU C 3321 16.51 33.58 60.56
C LEU C 3321 14.99 33.49 60.60
N ALA C 3322 14.47 32.29 60.92
CA ALA C 3322 13.02 32.10 60.89
C ALA C 3322 12.32 32.95 61.95
N PHE C 3323 13.01 33.22 63.06
CA PHE C 3323 12.44 34.10 64.09
C PHE C 3323 12.20 35.50 63.50
N ARG C 3324 13.22 36.05 62.84
CA ARG C 3324 13.05 37.34 62.17
C ARG C 3324 11.95 37.27 61.12
N ASP C 3325 11.91 36.16 60.37
CA ASP C 3325 10.91 36.02 59.31
C ASP C 3325 9.49 36.04 59.88
N GLN C 3326 9.27 35.32 60.98
CA GLN C 3326 7.93 35.30 61.55
C GLN C 3326 7.56 36.67 62.10
N ASN C 3327 8.50 37.35 62.75
CA ASN C 3327 8.21 38.70 63.21
C ASN C 3327 7.77 39.58 62.04
N ILE C 3328 8.55 39.56 60.96
CA ILE C 3328 8.27 40.40 59.80
C ILE C 3328 6.91 40.06 59.20
N LEU C 3329 6.59 38.77 59.11
CA LEU C 3329 5.36 38.39 58.44
C LEU C 3329 4.13 38.73 59.28
N LEU C 3330 4.23 38.57 60.60
CA LEU C 3330 3.15 39.09 61.46
C LEU C 3330 2.96 40.58 61.24
N GLY C 3331 4.05 41.34 61.21
CA GLY C 3331 3.93 42.77 60.98
C GLY C 3331 3.27 43.11 59.66
N THR C 3332 3.66 42.40 58.60
CA THR C 3332 3.10 42.68 57.28
C THR C 3332 1.64 42.27 57.20
N THR C 3333 1.25 41.18 57.87
CA THR C 3333 -0.17 40.86 57.97
C THR C 3333 -0.93 41.98 58.65
N TYR C 3334 -0.40 42.49 59.76
CA TYR C 3334 -1.14 43.48 60.52
C TYR C 3334 -1.21 44.82 59.80
N ARG C 3335 -0.22 45.12 58.96
CA ARG C 3335 -0.18 46.43 58.30
C ARG C 3335 -1.35 46.62 57.34
N ILE C 3336 -1.72 45.59 56.59
CA ILE C 3336 -2.76 45.75 55.57
C ILE C 3336 -4.13 45.87 56.22
N ILE C 3337 -4.29 45.29 57.42
CA ILE C 3337 -5.59 45.32 58.09
C ILE C 3337 -5.95 46.75 58.49
N ALA C 3338 -4.96 47.54 58.93
CA ALA C 3338 -5.23 48.92 59.29
C ALA C 3338 -5.71 49.71 58.08
N ASN C 3339 -5.08 49.51 56.93
CA ASN C 3339 -5.54 50.16 55.71
C ASN C 3339 -6.94 49.69 55.32
N ALA C 3340 -7.23 48.41 55.59
CA ALA C 3340 -8.55 47.87 55.25
C ALA C 3340 -9.64 48.51 56.07
N LEU C 3341 -9.44 48.62 57.39
CA LEU C 3341 -10.45 49.24 58.24
C LEU C 3341 -10.51 50.75 58.10
N SER C 3342 -9.83 51.33 57.11
CA SER C 3342 -9.94 52.76 56.84
C SER C 3342 -10.29 53.09 55.40
N SER C 3343 -9.99 52.21 54.43
CA SER C 3343 -10.36 52.48 53.05
C SER C 3343 -11.87 52.65 52.91
N GLU C 3344 -12.64 51.70 53.42
CA GLU C 3344 -14.05 51.92 53.66
C GLU C 3344 -14.34 51.91 55.15
N PRO C 3345 -14.80 53.02 55.71
CA PRO C 3345 -15.28 52.99 57.10
C PRO C 3345 -16.47 52.06 57.28
N ALA C 3346 -17.18 51.74 56.20
CA ALA C 3346 -18.34 50.85 56.25
C ALA C 3346 -17.96 49.37 56.19
N CYS C 3347 -17.06 48.93 57.08
CA CYS C 3347 -16.81 47.50 57.21
C CYS C 3347 -17.88 46.82 58.05
N LEU C 3348 -18.51 47.57 58.96
CA LEU C 3348 -19.62 47.05 59.73
C LEU C 3348 -20.80 46.76 58.82
N ALA C 3349 -21.61 45.76 59.20
CA ALA C 3349 -22.72 45.26 58.42
C ALA C 3349 -22.27 44.68 57.08
N GLU C 3350 -20.97 44.45 56.90
CA GLU C 3350 -20.39 43.87 55.70
C GLU C 3350 -19.37 42.81 56.08
N ILE C 3351 -19.69 41.98 57.08
CA ILE C 3351 -18.72 41.07 57.68
C ILE C 3351 -19.46 39.91 58.34
N GLU C 3352 -18.84 38.73 58.29
CA GLU C 3352 -19.31 37.60 59.07
C GLU C 3352 -19.10 37.89 60.55
N GLU C 3353 -20.07 37.49 61.37
CA GLU C 3353 -20.15 37.99 62.74
C GLU C 3353 -19.03 37.44 63.61
N ASP C 3354 -18.72 36.14 63.45
CA ASP C 3354 -17.75 35.50 64.34
C ASP C 3354 -16.37 36.16 64.24
N LYS C 3355 -15.85 36.32 63.03
CA LYS C 3355 -14.55 36.95 62.88
C LYS C 3355 -14.61 38.44 63.15
N ALA C 3356 -15.79 39.06 62.98
CA ALA C 3356 -15.95 40.45 63.37
C ALA C 3356 -15.71 40.65 64.85
N ARG C 3357 -16.03 39.64 65.67
CA ARG C 3357 -15.69 39.67 67.08
C ARG C 3357 -14.20 39.37 67.30
N ARG C 3358 -13.61 38.55 66.45
CA ARG C 3358 -12.18 38.28 66.55
C ARG C 3358 -11.38 39.55 66.25
N ILE C 3359 -11.97 40.47 65.48
CA ILE C 3359 -11.36 41.79 65.29
C ILE C 3359 -11.17 42.48 66.63
N LEU C 3360 -12.24 42.54 67.44
CA LEU C 3360 -12.13 43.14 68.76
C LEU C 3360 -11.19 42.33 69.65
N GLU C 3361 -11.23 41.00 69.53
CA GLU C 3361 -10.34 40.16 70.32
C GLU C 3361 -8.88 40.49 70.04
N LEU C 3362 -8.54 40.72 68.78
CA LEU C 3362 -7.21 41.19 68.43
C LEU C 3362 -6.95 42.59 68.96
N SER C 3363 -7.94 43.47 68.87
CA SER C 3363 -7.76 44.83 69.36
C SER C 3363 -7.55 44.86 70.87
N GLY C 3364 -8.35 44.10 71.62
CA GLY C 3364 -8.21 44.00 73.05
C GLY C 3364 -9.01 45.00 73.85
N SER C 3365 -9.41 46.10 73.23
CA SER C 3365 -10.18 47.12 73.93
C SER C 3365 -11.61 46.64 74.17
N SER C 3366 -12.38 47.50 74.85
CA SER C 3366 -13.79 47.24 75.12
C SER C 3366 -14.70 48.18 74.34
N SER C 3367 -14.27 48.62 73.16
CA SER C 3367 -15.00 49.61 72.39
C SER C 3367 -15.23 49.12 70.97
N GLU C 3368 -16.01 49.90 70.22
CA GLU C 3368 -16.22 49.66 68.79
C GLU C 3368 -15.89 50.91 67.99
N ASP C 3369 -15.01 51.76 68.52
CA ASP C 3369 -14.51 52.92 67.79
C ASP C 3369 -13.44 52.41 66.83
N SER C 3370 -13.81 52.28 65.56
CA SER C 3370 -12.96 51.62 64.58
C SER C 3370 -11.63 52.33 64.36
N GLU C 3371 -11.55 53.62 64.71
CA GLU C 3371 -10.32 54.36 64.47
C GLU C 3371 -9.16 53.82 65.32
N LYS C 3372 -9.47 53.20 66.46
CA LYS C 3372 -8.48 52.91 67.48
C LYS C 3372 -7.68 51.63 67.22
N VAL C 3373 -8.02 50.85 66.20
CA VAL C 3373 -7.35 49.57 65.97
C VAL C 3373 -5.93 49.75 65.44
N ILE C 3374 -5.59 50.95 64.96
CA ILE C 3374 -4.30 51.17 64.31
C ILE C 3374 -3.17 50.88 65.28
N ALA C 3375 -3.23 51.45 66.49
CA ALA C 3375 -2.22 51.20 67.50
C ALA C 3375 -2.21 49.75 67.93
N GLY C 3376 -3.37 49.13 68.11
CA GLY C 3376 -3.40 47.73 68.47
C GLY C 3376 -2.67 46.86 67.47
N LEU C 3377 -2.67 47.28 66.20
CA LEU C 3377 -1.92 46.55 65.20
C LEU C 3377 -0.43 46.87 65.23
N TYR C 3378 -0.08 48.16 65.08
CA TYR C 3378 1.34 48.49 64.94
C TYR C 3378 2.11 48.21 66.22
N GLN C 3379 1.44 48.12 67.36
CA GLN C 3379 2.13 47.80 68.61
C GLN C 3379 2.85 46.47 68.49
N ARG C 3380 2.08 45.39 68.29
CA ARG C 3380 2.69 44.09 68.08
C ARG C 3380 3.57 44.09 66.84
N ALA C 3381 3.22 44.88 65.82
CA ALA C 3381 4.08 44.95 64.63
C ALA C 3381 5.51 45.34 64.99
N PHE C 3382 5.69 46.54 65.55
CA PHE C 3382 7.05 46.97 65.85
C PHE C 3382 7.63 46.24 67.06
N GLN C 3383 6.82 45.61 67.89
CA GLN C 3383 7.39 44.78 68.95
C GLN C 3383 8.09 43.57 68.33
N HIS C 3384 7.40 42.91 67.41
CA HIS C 3384 8.01 41.81 66.68
C HIS C 3384 9.26 42.28 65.94
N LEU C 3385 9.19 43.44 65.29
CA LEU C 3385 10.34 43.93 64.54
C LEU C 3385 11.52 44.27 65.45
N SER C 3386 11.24 44.85 66.62
CA SER C 3386 12.30 45.21 67.55
C SER C 3386 12.97 43.96 68.12
N GLU C 3387 12.18 42.93 68.39
CA GLU C 3387 12.78 41.67 68.81
C GLU C 3387 13.60 41.06 67.67
N ALA C 3388 13.11 41.17 66.43
CA ALA C 3388 13.82 40.61 65.30
C ALA C 3388 15.18 41.26 65.09
N VAL C 3389 15.24 42.59 65.22
CA VAL C 3389 16.51 43.29 64.99
C VAL C 3389 17.55 42.97 66.05
N GLN C 3390 17.17 42.31 67.14
CA GLN C 3390 18.15 41.84 68.10
C GLN C 3390 18.97 40.66 67.56
N ALA C 3391 18.48 39.98 66.53
CA ALA C 3391 19.18 38.82 65.99
C ALA C 3391 20.44 39.21 65.24
N ALA C 3392 20.67 40.51 65.01
CA ALA C 3392 21.91 40.97 64.41
C ALA C 3392 23.13 40.68 65.27
N GLU C 3393 22.93 40.33 66.54
CA GLU C 3393 24.01 39.88 67.41
C GLU C 3393 24.52 38.50 67.03
N GLU C 3394 23.88 37.84 66.07
CA GLU C 3394 24.25 36.49 65.63
C GLU C 3394 24.73 36.56 64.18
N GLU C 3395 24.93 35.38 63.59
CA GLU C 3395 25.48 35.23 62.24
C GLU C 3395 26.91 35.76 62.15
N ALA C 3406 21.37 38.17 50.15
CA ALA C 3406 22.33 39.02 50.85
C ALA C 3406 21.70 40.36 51.19
N ALA C 3407 20.38 40.45 51.04
CA ALA C 3407 19.64 41.66 51.37
C ALA C 3407 18.36 41.42 52.15
N GLY C 3408 17.92 40.17 52.33
CA GLY C 3408 16.66 39.93 53.03
C GLY C 3408 16.80 40.05 54.54
N VAL C 3409 18.02 40.18 55.04
CA VAL C 3409 18.24 40.45 56.45
C VAL C 3409 17.78 41.88 56.73
N ILE C 3410 17.92 42.73 55.72
CA ILE C 3410 17.92 44.18 55.91
C ILE C 3410 16.51 44.74 55.93
N ASP C 3411 15.60 44.16 55.11
CA ASP C 3411 14.31 44.77 54.83
C ASP C 3411 13.40 44.89 56.04
N ALA C 3412 13.72 44.20 57.14
CA ALA C 3412 12.93 44.36 58.36
C ALA C 3412 12.95 45.81 58.81
N TYR C 3413 14.12 46.44 58.72
CA TYR C 3413 14.25 47.83 59.13
C TYR C 3413 13.39 48.74 58.24
N MET C 3414 13.38 48.46 56.94
CA MET C 3414 12.55 49.23 56.03
C MET C 3414 11.07 49.02 56.29
N THR C 3415 10.65 47.79 56.58
CA THR C 3415 9.24 47.55 56.90
C THR C 3415 8.85 48.28 58.18
N LEU C 3416 9.76 48.34 59.15
CA LEU C 3416 9.55 49.19 60.32
C LEU C 3416 9.39 50.66 59.90
N ALA C 3417 10.21 51.09 58.95
CA ALA C 3417 10.16 52.49 58.52
C ALA C 3417 8.85 52.81 57.79
N ASP C 3418 8.36 51.86 56.99
CA ASP C 3418 7.32 52.16 56.01
C ASP C 3418 5.98 52.45 56.66
N PHE C 3419 5.60 51.66 57.67
CA PHE C 3419 4.31 51.92 58.31
C PHE C 3419 4.33 53.24 59.08
N CYS C 3420 5.48 53.59 59.68
CA CYS C 3420 5.61 54.91 60.27
C CYS C 3420 5.54 56.00 59.21
N ASP C 3421 6.12 55.74 58.03
CA ASP C 3421 6.04 56.72 56.94
C ASP C 3421 4.60 56.93 56.50
N GLN C 3422 3.82 55.86 56.40
CA GLN C 3422 2.42 56.01 56.06
C GLN C 3422 1.65 56.72 57.17
N GLN C 3423 1.97 56.40 58.43
CA GLN C 3423 1.36 57.08 59.56
C GLN C 3423 1.62 58.58 59.50
N LEU C 3424 2.83 58.97 59.11
CA LEU C 3424 3.14 60.39 58.95
C LEU C 3424 2.42 60.99 57.76
N ARG C 3425 2.67 60.47 56.57
CA ARG C 3425 2.07 60.97 55.34
C ARG C 3425 0.54 61.00 55.41
N LYS C 3426 -0.06 60.30 56.37
CA LYS C 3426 -1.46 60.50 56.70
C LYS C 3426 -1.66 61.40 57.92
N GLU C 3427 -0.63 61.64 58.73
CA GLU C 3427 -0.71 62.57 59.85
C GLU C 3427 -0.73 64.02 59.39
N GLU C 3428 0.19 64.42 58.52
CA GLU C 3428 0.10 65.74 57.91
C GLU C 3428 -1.00 65.76 56.87
N GLU C 3429 -1.55 66.95 56.64
CA GLU C 3429 -2.69 67.18 55.74
C GLU C 3429 -3.90 66.43 56.32
N ASN C 3430 -4.46 65.47 55.61
CA ASN C 3430 -5.79 64.95 55.92
C ASN C 3430 -5.79 64.10 57.18
N ALA C 3431 -6.96 64.06 57.83
CA ALA C 3431 -7.33 62.99 58.75
C ALA C 3431 -6.44 62.92 60.00
N SER C 3432 -5.79 64.02 60.37
CA SER C 3432 -5.18 64.05 61.69
C SER C 3432 -6.22 64.44 62.73
N VAL C 3433 -6.65 65.70 62.65
CA VAL C 3433 -7.94 66.14 63.18
C VAL C 3433 -8.72 66.87 62.10
N ILE C 3434 -8.15 67.94 61.56
CA ILE C 3434 -8.48 68.46 60.25
C ILE C 3434 -7.16 68.57 59.47
N ASP C 3435 -6.20 69.27 60.05
CA ASP C 3435 -4.90 69.45 59.40
C ASP C 3435 -3.72 69.29 60.36
N SER C 3436 -3.93 69.35 61.67
CA SER C 3436 -2.82 69.29 62.62
C SER C 3436 -3.25 68.76 63.97
N ALA C 3437 -2.91 67.51 64.28
CA ALA C 3437 -3.12 66.96 65.62
C ALA C 3437 -2.11 67.61 66.56
N GLU C 3438 -2.59 68.33 67.56
CA GLU C 3438 -1.74 69.20 68.36
C GLU C 3438 -0.98 68.47 69.46
N LEU C 3439 -1.39 67.27 69.85
CA LEU C 3439 -0.70 66.58 70.94
C LEU C 3439 -1.07 65.11 70.95
N GLN C 3440 -0.04 64.26 70.85
CA GLN C 3440 -0.07 62.84 71.13
C GLN C 3440 1.38 62.38 71.20
N ALA C 3441 1.59 61.20 71.79
CA ALA C 3441 2.90 60.58 71.69
C ALA C 3441 3.16 60.07 70.28
N TYR C 3442 2.13 59.97 69.45
CA TYR C 3442 2.29 59.46 68.09
C TYR C 3442 3.18 60.37 67.25
N PRO C 3443 2.91 61.68 67.13
CA PRO C 3443 3.83 62.52 66.34
C PRO C 3443 5.19 62.68 67.00
N ALA C 3444 5.34 62.29 68.27
CA ALA C 3444 6.59 62.50 68.99
C ALA C 3444 7.65 61.46 68.60
N LEU C 3445 7.34 60.18 68.79
CA LEU C 3445 8.38 59.15 68.71
C LEU C 3445 8.63 58.65 67.29
N VAL C 3446 7.79 59.02 66.33
CA VAL C 3446 7.91 58.48 64.98
C VAL C 3446 9.28 58.81 64.39
N VAL C 3447 9.72 60.05 64.56
CA VAL C 3447 10.96 60.48 63.91
C VAL C 3447 12.09 59.52 64.27
N GLU C 3448 12.34 59.33 65.56
CA GLU C 3448 13.42 58.44 65.96
C GLU C 3448 13.12 57.01 65.53
N LYS C 3449 11.92 56.51 65.86
CA LYS C 3449 11.69 55.08 65.73
C LYS C 3449 11.72 54.63 64.28
N MET C 3450 11.61 55.57 63.35
CA MET C 3450 11.69 55.17 61.95
C MET C 3450 12.96 55.61 61.24
N LEU C 3451 13.56 56.77 61.56
CA LEU C 3451 14.77 57.15 60.82
C LEU C 3451 16.05 56.76 61.51
N LYS C 3452 16.04 56.24 62.75
CA LYS C 3452 17.23 55.57 63.21
C LYS C 3452 17.45 54.31 62.39
N ALA C 3453 16.37 53.73 61.87
CA ALA C 3453 16.47 52.61 60.94
C ALA C 3453 17.15 53.02 59.64
N LEU C 3454 16.79 54.19 59.11
CA LEU C 3454 17.28 54.59 57.79
C LEU C 3454 18.79 54.71 57.77
N LYS C 3455 19.38 55.19 58.87
CA LYS C 3455 20.83 55.24 58.99
C LYS C 3455 21.44 53.85 58.80
N LEU C 3456 20.84 52.84 59.45
CA LEU C 3456 21.34 51.49 59.29
C LEU C 3456 21.01 50.94 57.89
N ASN C 3457 19.83 51.27 57.37
CA ASN C 3457 19.49 50.87 56.01
C ASN C 3457 20.44 51.49 55.00
N SER C 3458 20.74 52.78 55.15
CA SER C 3458 21.76 53.41 54.32
C SER C 3458 23.11 52.73 54.49
N ASN C 3459 23.41 52.23 55.67
CA ASN C 3459 24.64 51.47 55.87
C ASN C 3459 24.60 50.16 55.09
N GLU C 3460 23.45 49.52 55.00
CA GLU C 3460 23.34 48.19 54.41
C GLU C 3460 22.87 48.25 52.96
N ALA C 3461 23.76 48.70 52.09
CA ALA C 3461 23.75 48.37 50.67
C ALA C 3461 22.41 48.62 49.91
N ARG C 3462 22.04 47.68 49.01
CA ARG C 3462 21.22 47.90 47.80
C ARG C 3462 19.79 48.45 47.95
N LEU C 3463 19.36 49.29 47.01
CA LEU C 3463 17.99 49.77 46.81
C LEU C 3463 17.38 50.47 48.03
N LYS C 3464 18.14 51.35 48.69
CA LYS C 3464 17.65 52.27 49.75
C LYS C 3464 17.62 53.72 49.30
N PHE C 3465 18.76 54.20 48.83
CA PHE C 3465 18.99 55.55 48.30
C PHE C 3465 17.94 56.05 47.33
N PRO C 3466 17.36 55.25 46.43
CA PRO C 3466 16.33 55.82 45.52
C PRO C 3466 15.13 56.39 46.26
N ARG C 3467 14.90 55.97 47.50
CA ARG C 3467 13.81 56.48 48.32
C ARG C 3467 14.26 56.99 49.67
N LEU C 3468 15.57 57.11 49.90
CA LEU C 3468 16.08 57.36 51.25
C LEU C 3468 15.92 58.82 51.65
N LEU C 3469 16.59 59.73 50.94
CA LEU C 3469 16.79 61.07 51.46
C LEU C 3469 15.50 61.86 51.61
N GLN C 3470 14.63 61.86 50.60
CA GLN C 3470 13.38 62.62 50.65
C GLN C 3470 12.72 62.49 52.02
N ILE C 3471 12.79 61.30 52.61
CA ILE C 3471 12.31 61.11 53.97
C ILE C 3471 13.02 62.07 54.91
N ILE C 3472 14.35 61.97 55.01
CA ILE C 3472 15.11 62.77 55.96
C ILE C 3472 14.84 64.25 55.75
N GLU C 3473 14.90 64.70 54.50
CA GLU C 3473 14.68 66.11 54.23
C GLU C 3473 13.23 66.54 54.16
N ARG C 3474 12.26 65.69 54.52
CA ARG C 3474 10.97 66.31 54.83
C ARG C 3474 10.89 66.72 56.30
N TYR C 3475 11.72 66.14 57.15
CA TYR C 3475 11.72 66.40 58.60
C TYR C 3475 12.16 67.78 59.06
N PRO C 3476 13.00 68.52 58.34
CA PRO C 3476 13.36 69.87 58.82
C PRO C 3476 12.16 70.74 59.16
N GLU C 3477 11.06 70.61 58.40
CA GLU C 3477 9.81 71.28 58.79
C GLU C 3477 9.23 70.69 60.06
N GLU C 3478 9.53 69.42 60.35
CA GLU C 3478 8.82 68.68 61.38
C GLU C 3478 9.51 68.70 62.75
N THR C 3479 10.83 68.73 62.78
CA THR C 3479 11.58 68.17 63.90
C THR C 3479 12.23 69.23 64.79
N LEU C 3480 12.30 68.88 66.08
CA LEU C 3480 13.14 69.58 67.05
C LEU C 3480 14.41 68.79 67.34
N SER C 3481 14.35 67.48 67.09
CA SER C 3481 15.41 66.55 67.49
C SER C 3481 16.36 66.18 66.36
N LEU C 3482 16.20 66.77 65.17
CA LEU C 3482 16.93 66.29 64.00
C LEU C 3482 18.43 66.42 64.17
N MET C 3483 18.90 67.59 64.61
CA MET C 3483 20.33 67.85 64.68
C MET C 3483 21.02 66.91 65.68
N THR C 3484 20.40 66.73 66.85
CA THR C 3484 20.95 65.80 67.82
C THR C 3484 20.97 64.37 67.27
N LYS C 3485 19.90 63.98 66.57
CA LYS C 3485 19.87 62.66 65.95
C LYS C 3485 20.91 62.54 64.84
N GLU C 3486 20.95 63.53 63.96
CA GLU C 3486 21.59 63.37 62.65
C GLU C 3486 23.09 63.16 62.77
N ILE C 3487 23.77 63.94 63.61
CA ILE C 3487 25.22 64.09 63.52
C ILE C 3487 25.93 62.77 63.82
N SER C 3488 25.25 61.84 64.50
CA SER C 3488 25.93 60.65 65.03
C SER C 3488 26.70 59.89 63.95
N SER C 3489 26.10 59.66 62.79
CA SER C 3489 26.80 58.96 61.71
C SER C 3489 26.05 59.15 60.40
N VAL C 3490 26.81 59.50 59.37
CA VAL C 3490 26.35 59.53 57.99
C VAL C 3490 27.40 58.86 57.11
N PRO C 3491 27.62 57.55 57.24
CA PRO C 3491 28.73 56.91 56.55
C PRO C 3491 28.46 56.67 55.08
N CYS C 3492 29.55 56.32 54.37
CA CYS C 3492 29.52 55.84 52.99
C CYS C 3492 29.17 56.91 51.97
N TRP C 3493 29.22 56.52 50.69
CA TRP C 3493 29.13 57.38 49.52
C TRP C 3493 27.74 57.41 48.89
N GLN C 3494 26.71 56.91 49.57
CA GLN C 3494 25.42 56.71 48.93
C GLN C 3494 24.73 58.02 48.54
N PHE C 3495 25.23 59.16 49.02
CA PHE C 3495 24.49 60.41 48.92
C PHE C 3495 24.73 61.16 47.61
N ILE C 3496 25.50 60.59 46.68
CA ILE C 3496 25.91 61.33 45.49
C ILE C 3496 24.73 61.60 44.58
N SER C 3497 23.64 60.83 44.73
CA SER C 3497 22.51 60.96 43.82
C SER C 3497 21.83 62.32 43.98
N TRP C 3498 21.65 62.77 45.22
CA TRP C 3498 20.84 63.95 45.48
C TRP C 3498 21.69 65.18 45.81
N ILE C 3499 22.88 65.26 45.22
CA ILE C 3499 23.77 66.40 45.46
C ILE C 3499 23.11 67.70 45.02
N SER C 3500 22.41 67.69 43.89
CA SER C 3500 21.76 68.89 43.38
C SER C 3500 20.72 69.43 44.35
N HIS C 3501 20.24 68.61 45.29
CA HIS C 3501 19.33 69.09 46.32
C HIS C 3501 20.08 69.35 47.62
N MET C 3502 21.18 68.63 47.85
CA MET C 3502 22.01 68.92 49.01
C MET C 3502 22.48 70.37 48.97
N VAL C 3503 23.01 70.78 47.82
CA VAL C 3503 23.49 72.15 47.68
C VAL C 3503 22.35 73.15 47.88
N ALA C 3504 21.14 72.80 47.46
CA ALA C 3504 20.00 73.68 47.70
C ALA C 3504 19.70 73.82 49.19
N LEU C 3505 19.76 72.72 49.95
CA LEU C 3505 19.51 72.82 51.37
C LEU C 3505 20.65 73.47 52.15
N LEU C 3506 21.86 73.55 51.58
CA LEU C 3506 22.90 74.34 52.25
C LEU C 3506 22.51 75.80 52.46
N ASP C 3507 21.39 76.27 51.92
CA ASP C 3507 21.06 77.69 52.03
C ASP C 3507 20.15 78.02 53.21
N LYS C 3508 18.95 77.46 53.23
CA LYS C 3508 17.89 78.03 54.05
C LYS C 3508 18.00 77.56 55.51
N ASP C 3509 16.91 77.75 56.26
CA ASP C 3509 16.89 77.56 57.70
C ASP C 3509 17.45 76.22 58.12
N GLN C 3510 18.33 76.25 59.13
CA GLN C 3510 18.96 75.05 59.67
C GLN C 3510 19.60 74.23 58.54
N ALA C 3511 20.43 74.91 57.75
CA ALA C 3511 21.14 74.26 56.66
C ALA C 3511 22.20 73.32 57.20
N VAL C 3512 22.52 73.45 58.49
CA VAL C 3512 23.52 72.63 59.15
C VAL C 3512 23.11 71.15 59.18
N ALA C 3513 21.90 70.82 58.73
CA ALA C 3513 21.47 69.44 58.71
C ALA C 3513 22.39 68.58 57.85
N VAL C 3514 22.84 69.09 56.71
CA VAL C 3514 23.72 68.33 55.82
C VAL C 3514 24.98 69.16 55.53
N GLN C 3515 26.04 68.90 56.27
CA GLN C 3515 27.30 69.63 56.11
C GLN C 3515 28.51 68.74 56.06
N HIS C 3516 28.40 67.50 56.55
CA HIS C 3516 29.55 66.60 56.57
C HIS C 3516 29.64 65.78 55.28
N SER C 3517 28.48 65.38 54.75
CA SER C 3517 28.48 64.53 53.57
C SER C 3517 29.09 65.25 52.37
N VAL C 3518 28.73 66.50 52.16
CA VAL C 3518 29.24 67.24 51.01
C VAL C 3518 30.76 67.35 51.08
N GLU C 3519 31.29 67.69 52.25
CA GLU C 3519 32.73 67.88 52.36
C GLU C 3519 33.47 66.57 52.21
N GLU C 3520 32.92 65.46 52.73
CA GLU C 3520 33.60 64.18 52.58
C GLU C 3520 33.55 63.71 51.13
N ILE C 3521 32.46 63.98 50.43
CA ILE C 3521 32.41 63.68 49.00
C ILE C 3521 33.45 64.49 48.24
N THR C 3522 33.56 65.79 48.55
CA THR C 3522 34.56 66.62 47.89
C THR C 3522 35.96 66.09 48.13
N ASP C 3523 36.28 65.77 49.38
CA ASP C 3523 37.61 65.27 49.70
C ASP C 3523 37.85 63.86 49.16
N ASN C 3524 36.79 63.13 48.79
CA ASN C 3524 36.93 61.80 48.22
C ASN C 3524 36.72 61.79 46.70
N TYR C 3525 35.58 62.30 46.23
CA TYR C 3525 35.24 62.31 44.81
C TYR C 3525 34.86 63.73 44.41
N PRO C 3526 35.84 64.57 44.09
CA PRO C 3526 35.55 66.01 43.96
C PRO C 3526 34.71 66.36 42.75
N GLN C 3527 34.80 65.60 41.66
CA GLN C 3527 34.21 66.04 40.40
C GLN C 3527 32.68 66.11 40.46
N ALA C 3528 32.06 65.35 41.36
CA ALA C 3528 30.61 65.30 41.40
C ALA C 3528 29.99 66.64 41.81
N ILE C 3529 30.54 67.29 42.85
CA ILE C 3529 29.91 68.48 43.38
C ILE C 3529 30.13 69.69 42.48
N VAL C 3530 31.07 69.58 41.52
CA VAL C 3530 31.56 70.75 40.81
C VAL C 3530 30.41 71.48 40.11
N TYR C 3531 29.74 70.79 39.19
CA TYR C 3531 28.71 71.42 38.38
C TYR C 3531 27.51 71.93 39.19
N PRO C 3532 26.90 71.13 40.08
CA PRO C 3532 25.73 71.65 40.81
C PRO C 3532 26.04 72.91 41.62
N PHE C 3533 27.23 72.99 42.22
CA PHE C 3533 27.57 74.14 43.04
C PHE C 3533 27.56 75.42 42.22
N ILE C 3534 27.89 75.33 40.93
CA ILE C 3534 27.92 76.51 40.08
C ILE C 3534 26.58 77.21 40.09
N ILE C 3535 25.50 76.46 39.85
CA ILE C 3535 24.18 77.06 39.88
C ILE C 3535 23.76 77.36 41.32
N SER C 3536 24.10 76.46 42.25
CA SER C 3536 23.68 76.64 43.64
C SER C 3536 24.20 77.96 44.21
N SER C 3537 25.32 78.45 43.68
CA SER C 3537 25.85 79.74 44.12
C SER C 3537 24.85 80.86 43.89
N GLU C 3538 24.23 80.89 42.71
CA GLU C 3538 23.35 82.00 42.35
C GLU C 3538 22.10 82.08 43.24
N SER C 3539 21.74 80.99 43.91
CA SER C 3539 20.56 81.00 44.78
C SER C 3539 20.90 81.20 46.25
N TYR C 3540 22.18 81.22 46.59
CA TYR C 3540 22.57 81.37 47.99
C TYR C 3540 22.18 82.74 48.53
N SER C 3541 21.52 82.76 49.68
CA SER C 3541 21.08 84.00 50.30
C SER C 3541 21.14 83.85 51.81
N PHE C 3542 21.48 84.93 52.51
CA PHE C 3542 21.74 84.86 53.95
C PHE C 3542 21.35 86.17 54.61
N LYS C 3543 21.25 86.11 55.94
CA LYS C 3543 21.13 87.29 56.80
C LYS C 3543 22.22 87.19 57.85
N ASP C 3544 22.76 88.33 58.26
CA ASP C 3544 23.95 88.35 59.14
C ASP C 3544 23.56 87.97 60.56
N THR C 3545 23.38 86.67 60.79
CA THR C 3545 23.07 86.12 62.10
C THR C 3545 23.77 84.78 62.21
N SER C 3546 23.49 84.07 63.31
CA SER C 3546 24.00 82.70 63.44
C SER C 3546 23.51 81.84 62.28
N THR C 3547 22.37 82.20 61.69
CA THR C 3547 21.93 81.57 60.46
C THR C 3547 22.79 81.96 59.27
N GLY C 3548 23.57 83.04 59.40
CA GLY C 3548 24.38 83.50 58.29
C GLY C 3548 25.81 83.88 58.65
N HIS C 3549 26.42 83.18 59.60
CA HIS C 3549 27.84 83.39 59.89
C HIS C 3549 28.59 82.13 59.49
N LYS C 3550 28.28 80.97 60.07
CA LYS C 3550 28.99 79.76 59.68
C LYS C 3550 28.34 79.12 58.46
N ASN C 3551 27.05 79.36 58.25
CA ASN C 3551 26.43 78.93 57.01
C ASN C 3551 26.94 79.70 55.80
N LYS C 3552 27.60 80.83 56.02
CA LYS C 3552 28.34 81.51 54.97
C LYS C 3552 29.80 81.10 54.97
N GLU C 3553 30.36 80.82 56.15
CA GLU C 3553 31.75 80.40 56.22
C GLU C 3553 31.96 79.08 55.51
N PHE C 3554 31.01 78.15 55.64
CA PHE C 3554 31.16 76.85 54.98
C PHE C 3554 31.15 76.99 53.46
N VAL C 3555 30.19 77.77 52.93
CA VAL C 3555 30.12 77.94 51.48
C VAL C 3555 31.35 78.69 50.98
N ALA C 3556 31.85 79.65 51.78
CA ALA C 3556 33.09 80.32 51.42
C ALA C 3556 34.26 79.35 51.42
N ARG C 3557 34.32 78.43 52.38
CA ARG C 3557 35.42 77.48 52.44
C ARG C 3557 35.41 76.54 51.24
N ILE C 3558 34.23 76.00 50.92
CA ILE C 3558 34.15 75.08 49.78
C ILE C 3558 34.44 75.82 48.48
N LYS C 3559 33.95 77.07 48.37
CA LYS C 3559 34.28 77.91 47.22
C LYS C 3559 35.78 78.12 47.10
N SER C 3560 36.44 78.40 48.23
CA SER C 3560 37.89 78.57 48.21
C SER C 3560 38.60 77.30 47.76
N LYS C 3561 38.12 76.14 48.20
CA LYS C 3561 38.68 74.89 47.71
C LYS C 3561 37.96 74.36 46.48
N LEU C 3562 36.93 75.05 46.00
CA LEU C 3562 36.30 74.67 44.74
C LEU C 3562 37.24 74.99 43.58
N ASP C 3563 36.98 74.34 42.45
CA ASP C 3563 37.79 74.52 41.24
C ASP C 3563 39.25 74.18 41.56
N GLN C 3564 39.47 72.91 41.88
CA GLN C 3564 40.71 72.50 42.52
C GLN C 3564 41.92 72.83 41.67
N GLY C 3565 41.85 72.58 40.36
CA GLY C 3565 42.95 72.84 39.47
C GLY C 3565 42.89 74.13 38.70
N GLY C 3566 41.80 74.89 38.83
CA GLY C 3566 41.68 76.14 38.10
C GLY C 3566 41.44 75.98 36.62
N VAL C 3567 40.90 74.86 36.18
CA VAL C 3567 40.72 74.57 34.77
C VAL C 3567 39.25 74.37 34.41
N ILE C 3568 38.43 73.99 35.39
CA ILE C 3568 37.04 73.66 35.11
C ILE C 3568 36.24 74.90 34.72
N GLN C 3569 36.41 76.02 35.43
CA GLN C 3569 35.70 77.23 35.05
C GLN C 3569 36.17 77.76 33.71
N ASP C 3570 37.46 77.62 33.41
CA ASP C 3570 37.95 77.96 32.08
C ASP C 3570 37.30 77.08 31.02
N PHE C 3571 37.11 75.80 31.31
CA PHE C 3571 36.37 74.93 30.41
C PHE C 3571 34.93 75.41 30.24
N ILE C 3572 34.32 75.87 31.32
CA ILE C 3572 32.95 76.38 31.26
C ILE C 3572 32.89 77.55 30.29
N ASN C 3573 33.83 78.51 30.42
CA ASN C 3573 33.84 79.65 29.51
C ASN C 3573 34.15 79.22 28.08
N ALA C 3574 35.01 78.22 27.92
CA ALA C 3574 35.34 77.73 26.59
C ALA C 3574 34.11 77.17 25.89
N LEU C 3575 33.28 76.44 26.62
CA LEU C 3575 32.03 75.98 26.05
C LEU C 3575 31.04 77.12 25.87
N ASP C 3576 31.08 78.09 26.79
CA ASP C 3576 30.15 79.22 26.73
C ASP C 3576 30.32 80.00 25.44
N GLN C 3577 31.56 80.32 25.09
CA GLN C 3577 31.81 81.04 23.85
C GLN C 3577 31.43 80.23 22.63
N LEU C 3578 31.29 78.90 22.75
CA LEU C 3578 30.84 78.09 21.63
C LEU C 3578 29.38 78.34 21.28
N SER C 3579 28.57 78.77 22.24
CA SER C 3579 27.19 79.12 21.94
C SER C 3579 27.14 80.39 21.12
N ASN C 3580 26.02 80.59 20.43
CA ASN C 3580 25.83 81.80 19.64
C ASN C 3580 25.39 82.93 20.56
N PRO C 3581 26.15 84.03 20.64
CA PRO C 3581 25.66 85.21 21.40
C PRO C 3581 24.37 85.79 20.85
N GLU C 3582 24.00 85.43 19.61
CA GLU C 3582 22.71 85.86 19.07
C GLU C 3582 21.58 85.48 20.02
N LEU C 3583 21.55 84.21 20.46
CA LEU C 3583 20.53 83.81 21.41
C LEU C 3583 20.75 84.45 22.78
N LEU C 3584 22.01 84.75 23.12
CA LEU C 3584 22.28 85.43 24.39
C LEU C 3584 21.70 86.84 24.37
N PHE C 3585 21.93 87.58 23.28
CA PHE C 3585 21.35 88.92 23.20
C PHE C 3585 19.83 88.86 23.06
N LYS C 3586 19.30 87.85 22.37
CA LYS C 3586 17.86 87.67 22.34
C LYS C 3586 17.29 87.39 23.72
N ASP C 3587 18.01 86.64 24.56
CA ASP C 3587 17.65 86.53 25.96
C ASP C 3587 17.60 87.90 26.60
N TRP C 3588 18.68 88.67 26.44
CA TRP C 3588 18.74 90.02 27.01
C TRP C 3588 17.58 90.89 26.55
N SER C 3589 17.08 90.67 25.34
CA SER C 3589 16.03 91.50 24.76
C SER C 3589 14.72 91.44 25.55
N ASN C 3590 14.50 90.39 26.32
CA ASN C 3590 13.31 90.30 27.16
C ASN C 3590 13.64 90.15 28.64
N ASP C 3591 14.88 89.77 28.96
CA ASP C 3591 15.29 89.56 30.35
C ASP C 3591 14.94 90.75 31.23
N VAL C 3592 15.51 91.91 30.90
CA VAL C 3592 15.50 93.06 31.81
C VAL C 3592 14.08 93.46 32.17
N ARG C 3593 13.13 93.31 31.26
CA ARG C 3593 11.75 93.69 31.52
C ARG C 3593 11.23 92.97 32.77
N ALA C 3594 11.14 91.64 32.71
CA ALA C 3594 10.62 90.88 33.83
C ALA C 3594 11.56 90.95 35.03
N GLU C 3595 12.87 90.95 34.78
CA GLU C 3595 13.84 90.82 35.86
C GLU C 3595 14.00 92.09 36.68
N LEU C 3596 13.79 93.27 36.11
CA LEU C 3596 14.00 94.51 36.85
C LEU C 3596 12.81 95.46 36.80
N ALA C 3597 12.14 95.54 35.66
CA ALA C 3597 11.31 96.71 35.38
C ALA C 3597 9.91 96.33 34.91
N LYS C 3598 9.26 95.38 35.57
CA LYS C 3598 7.80 95.34 35.50
C LYS C 3598 7.23 96.58 36.16
N THR C 3599 7.73 96.92 37.34
CA THR C 3599 7.75 98.21 37.97
C THR C 3599 9.13 98.32 38.59
N PRO C 3600 9.66 99.53 38.77
CA PRO C 3600 11.05 99.65 39.23
C PRO C 3600 11.22 99.04 40.62
N VAL C 3601 12.49 98.76 40.94
CA VAL C 3601 12.93 98.09 42.16
C VAL C 3601 12.13 96.80 42.40
N ASN C 3602 11.96 96.01 41.32
CA ASN C 3602 11.59 94.61 41.52
C ASN C 3602 12.64 93.90 42.35
N LYS C 3603 13.90 93.99 41.92
CA LYS C 3603 15.06 93.84 42.80
C LYS C 3603 16.25 94.52 42.12
N LYS C 3604 16.66 95.68 42.63
CA LYS C 3604 17.61 96.50 41.88
C LYS C 3604 19.00 95.90 41.86
N ASN C 3605 19.27 94.88 42.66
CA ASN C 3605 20.54 94.17 42.60
C ASN C 3605 20.43 92.99 41.64
N ILE C 3606 19.92 93.30 40.45
CA ILE C 3606 20.00 92.41 39.31
C ILE C 3606 20.97 93.02 38.31
N GLU C 3607 20.72 94.27 37.92
CA GLU C 3607 21.63 94.98 37.02
C GLU C 3607 23.05 94.99 37.57
N LYS C 3608 23.18 95.21 38.87
CA LYS C 3608 24.40 94.86 39.58
C LYS C 3608 24.30 93.42 40.05
N MET C 3609 25.43 92.72 40.11
CA MET C 3609 25.51 91.27 40.27
C MET C 3609 25.07 90.60 38.97
N TYR C 3610 24.68 91.40 37.98
CA TYR C 3610 24.43 90.97 36.63
C TYR C 3610 25.71 91.09 35.80
N GLU C 3611 26.78 90.43 36.26
CA GLU C 3611 28.06 90.52 35.60
C GLU C 3611 28.02 89.89 34.22
N ARG C 3612 27.19 88.87 34.04
CA ARG C 3612 27.25 88.06 32.83
C ARG C 3612 26.73 88.81 31.61
N MET C 3613 26.06 89.95 31.82
CA MET C 3613 25.77 90.83 30.68
C MET C 3613 27.05 91.16 29.92
N TYR C 3614 28.16 91.25 30.64
CA TYR C 3614 29.46 91.47 30.03
C TYR C 3614 30.20 90.12 29.94
N ALA C 3615 31.44 90.15 29.44
CA ALA C 3615 32.25 88.97 29.17
C ALA C 3615 31.69 88.22 27.97
N ALA C 3616 30.51 88.63 27.51
CA ALA C 3616 29.97 88.22 26.22
C ALA C 3616 29.68 89.42 25.34
N LEU C 3617 29.51 90.60 25.94
CA LEU C 3617 29.50 91.86 25.21
C LEU C 3617 30.94 92.13 24.82
N GLY C 3618 31.33 91.56 23.68
CA GLY C 3618 32.73 91.32 23.41
C GLY C 3618 33.52 92.59 23.11
N ASP C 3619 34.83 92.45 23.30
CA ASP C 3619 35.86 93.43 22.98
C ASP C 3619 37.18 92.67 23.02
N PRO C 3620 38.31 93.25 22.60
CA PRO C 3620 39.57 92.49 22.65
C PRO C 3620 40.03 92.14 24.06
N LYS C 3621 39.46 92.76 25.09
CA LYS C 3621 39.94 92.56 26.45
C LYS C 3621 39.18 91.49 27.23
N ALA C 3622 37.88 91.67 27.42
CA ALA C 3622 37.14 90.90 28.42
C ALA C 3622 36.98 89.43 28.02
N PRO C 3623 36.39 89.09 26.86
CA PRO C 3623 36.30 87.66 26.51
C PRO C 3623 37.65 87.01 26.34
N GLY C 3624 38.66 87.74 25.87
CA GLY C 3624 40.01 87.20 25.85
C GLY C 3624 40.51 86.89 27.24
N LEU C 3625 40.21 87.75 28.21
CA LEU C 3625 40.55 87.48 29.60
C LEU C 3625 39.73 86.32 30.16
N GLY C 3626 38.46 86.21 29.77
CA GLY C 3626 37.59 85.16 30.27
C GLY C 3626 38.01 83.78 29.82
N ALA C 3627 37.86 83.49 28.53
CA ALA C 3627 38.32 82.22 27.98
C ALA C 3627 39.44 82.42 26.97
N PHE C 3628 39.21 83.20 25.91
CA PHE C 3628 40.20 83.47 24.88
C PHE C 3628 39.57 84.43 23.89
N ARG C 3629 40.36 84.90 22.92
CA ARG C 3629 39.86 85.67 21.80
C ARG C 3629 39.13 84.73 20.85
N ARG C 3630 37.83 84.56 21.11
CA ARG C 3630 36.96 83.79 20.23
C ARG C 3630 36.97 84.41 18.84
N LYS C 3631 36.96 83.55 17.81
CA LYS C 3631 37.11 84.03 16.44
C LYS C 3631 35.99 84.99 16.07
N PHE C 3632 34.76 84.68 16.46
CA PHE C 3632 33.65 85.51 16.00
C PHE C 3632 33.48 86.80 16.81
N ILE C 3633 34.40 87.05 17.74
CA ILE C 3633 34.46 88.37 18.37
C ILE C 3633 34.72 89.45 17.33
N GLN C 3634 35.45 89.10 16.26
CA GLN C 3634 35.63 90.04 15.16
C GLN C 3634 34.28 90.47 14.59
N THR C 3635 33.27 89.59 14.65
CA THR C 3635 31.94 89.97 14.20
C THR C 3635 31.17 90.72 15.28
N PHE C 3636 31.06 90.13 16.47
CA PHE C 3636 30.27 90.74 17.53
C PHE C 3636 31.12 91.65 18.41
N GLY C 3637 32.20 91.10 18.98
CA GLY C 3637 33.00 91.86 19.92
C GLY C 3637 33.78 93.00 19.30
N LYS C 3638 34.03 92.98 17.99
CA LYS C 3638 34.78 94.04 17.33
C LYS C 3638 34.05 94.66 16.15
N GLU C 3639 32.87 94.17 15.79
CA GLU C 3639 32.07 94.87 14.79
C GLU C 3639 30.62 95.05 15.22
N PHE C 3640 30.25 94.65 16.45
CA PHE C 3640 28.93 94.97 16.97
C PHE C 3640 29.04 95.41 18.44
N ASP C 3641 29.99 96.29 18.74
CA ASP C 3641 30.07 96.83 20.10
C ASP C 3641 29.52 98.25 20.17
N LYS C 3642 29.59 98.99 19.06
CA LYS C 3642 29.23 100.40 19.08
C LYS C 3642 27.74 100.61 19.36
N HIS C 3643 26.89 99.81 18.72
CA HIS C 3643 25.46 100.07 18.70
C HIS C 3643 24.75 99.65 19.98
N PHE C 3644 25.49 99.21 21.01
CA PHE C 3644 24.89 98.94 22.31
C PHE C 3644 24.88 100.18 23.19
N GLY C 3645 25.25 101.34 22.63
CA GLY C 3645 25.50 102.51 23.44
C GLY C 3645 24.26 103.11 24.09
N LYS C 3646 23.08 102.61 23.75
CA LYS C 3646 21.82 103.10 24.31
C LYS C 3646 21.88 103.08 25.84
N GLY C 3647 22.54 102.07 26.40
CA GLY C 3647 22.83 102.03 27.82
C GLY C 3647 24.24 101.53 28.06
N GLY C 3648 24.92 101.15 26.97
CA GLY C 3648 26.28 100.66 27.04
C GLY C 3648 27.33 101.74 26.86
N SER C 3649 26.95 102.86 26.26
CA SER C 3649 27.81 104.04 26.24
C SER C 3649 27.17 105.07 27.16
N LYS C 3650 25.86 104.96 27.33
CA LYS C 3650 25.17 105.57 28.46
C LYS C 3650 25.24 104.60 29.63
N LEU C 3651 26.48 104.42 30.12
CA LEU C 3651 26.85 103.26 30.92
C LEU C 3651 25.94 103.07 32.11
N LEU C 3652 25.78 101.80 32.49
CA LEU C 3652 24.93 101.39 33.62
C LEU C 3652 23.49 101.88 33.38
N ARG C 3653 22.89 101.30 32.34
CA ARG C 3653 21.64 101.79 31.77
C ARG C 3653 20.57 102.10 32.80
N MET C 3654 20.21 103.37 32.90
CA MET C 3654 19.03 103.77 33.66
C MET C 3654 17.86 103.92 32.69
N LYS C 3655 16.82 103.11 32.88
CA LYS C 3655 15.71 103.13 31.95
C LYS C 3655 14.91 104.42 32.09
N LEU C 3656 14.65 105.06 30.96
CA LEU C 3656 13.69 106.16 30.88
C LEU C 3656 12.58 105.88 29.87
N SER C 3657 12.68 104.77 29.15
CA SER C 3657 11.69 104.35 28.17
C SER C 3657 11.98 102.89 27.83
N ASP C 3658 11.10 102.30 27.04
CA ASP C 3658 11.24 100.93 26.56
C ASP C 3658 11.65 101.01 25.10
N PHE C 3659 12.93 100.75 24.83
CA PHE C 3659 13.53 101.07 23.54
C PHE C 3659 13.31 99.97 22.50
N ASN C 3660 12.24 99.20 22.63
CA ASN C 3660 12.03 98.06 21.73
C ASN C 3660 12.08 98.48 20.27
N ASP C 3661 11.53 99.65 19.94
CA ASP C 3661 11.49 100.08 18.54
C ASP C 3661 12.89 100.24 17.95
N ILE C 3662 13.81 100.82 18.71
CA ILE C 3662 15.17 101.03 18.21
C ILE C 3662 16.10 99.85 18.51
N THR C 3663 15.67 98.90 19.34
CA THR C 3663 16.43 97.64 19.44
C THR C 3663 16.04 96.71 18.31
N ASN C 3664 14.83 96.87 17.75
CA ASN C 3664 14.38 96.01 16.68
C ASN C 3664 15.16 96.24 15.40
N MET C 3665 15.73 97.43 15.21
CA MET C 3665 16.49 97.68 14.00
C MET C 3665 17.82 96.94 13.96
N LEU C 3666 18.34 96.51 15.11
CA LEU C 3666 19.49 95.62 15.15
C LEU C 3666 19.11 94.17 15.43
N LEU C 3667 17.93 93.93 16.01
CA LEU C 3667 17.34 92.59 15.91
C LEU C 3667 17.13 92.21 14.45
N LEU C 3668 16.92 93.21 13.59
CA LEU C 3668 16.89 92.98 12.16
C LEU C 3668 18.30 92.80 11.60
N LYS C 3669 19.28 93.55 12.12
CA LYS C 3669 20.68 93.38 11.72
C LYS C 3669 21.16 91.98 12.07
N MET C 3670 20.47 91.33 13.00
CA MET C 3670 20.72 89.92 13.28
C MET C 3670 20.58 89.06 12.03
N ASN C 3671 20.01 89.61 10.96
CA ASN C 3671 20.08 88.96 9.66
C ASN C 3671 21.52 88.77 9.21
N LYS C 3672 22.44 89.60 9.72
CA LYS C 3672 23.87 89.44 9.44
C LYS C 3672 24.45 88.44 10.44
N ASP C 3673 24.41 87.17 10.07
CA ASP C 3673 25.07 86.10 10.80
C ASP C 3673 26.35 85.73 10.06
N SER C 3674 27.48 86.09 10.63
CA SER C 3674 28.76 85.95 9.93
C SER C 3674 29.09 84.48 9.67
N LYS C 3675 29.76 84.25 8.56
CA LYS C 3675 30.19 82.93 8.09
C LYS C 3675 29.05 81.90 8.20
N PRO C 3676 27.99 82.05 7.42
CA PRO C 3676 26.89 81.07 7.46
C PRO C 3676 27.30 79.69 6.97
N PRO C 3677 27.96 79.55 5.80
CA PRO C 3677 27.91 78.25 5.11
C PRO C 3677 28.49 77.08 5.89
N GLY C 3678 29.45 77.34 6.78
CA GLY C 3678 30.05 76.24 7.53
C GLY C 3678 30.89 76.79 8.67
N ASN C 3679 31.35 75.86 9.51
CA ASN C 3679 32.17 76.17 10.66
C ASN C 3679 33.22 75.09 10.85
N LEU C 3680 34.24 75.42 11.65
CA LEU C 3680 35.31 74.50 12.02
C LEU C 3680 35.65 74.78 13.48
N LYS C 3681 36.47 73.92 14.10
CA LYS C 3681 36.73 74.09 15.53
C LYS C 3681 37.35 75.45 15.84
N GLU C 3682 37.98 76.08 14.83
CA GLU C 3682 38.93 77.16 15.05
C GLU C 3682 38.29 78.32 15.80
N CYS C 3683 36.96 78.42 15.76
CA CYS C 3683 36.25 79.40 16.55
C CYS C 3683 36.52 79.23 18.05
N SER C 3684 36.92 78.04 18.47
CA SER C 3684 37.17 77.76 19.89
C SER C 3684 38.63 77.40 20.07
N PRO C 3685 39.48 78.35 20.45
CA PRO C 3685 40.92 78.08 20.49
C PRO C 3685 41.36 77.21 21.66
N TRP C 3686 40.84 77.46 22.86
CA TRP C 3686 41.20 76.60 23.98
C TRP C 3686 40.78 75.16 23.71
N MET C 3687 39.68 74.98 22.98
CA MET C 3687 39.21 73.71 22.46
C MET C 3687 40.24 73.07 21.53
N SER C 3688 41.33 73.78 21.27
CA SER C 3688 42.46 73.28 20.50
C SER C 3688 43.72 73.42 21.32
N ASP C 3689 44.83 72.86 20.81
CA ASP C 3689 46.09 72.80 21.55
C ASP C 3689 45.86 72.27 22.96
N PHE C 3690 45.05 71.22 23.05
CA PHE C 3690 44.68 70.59 24.31
C PHE C 3690 45.02 69.11 24.35
N LYS C 3691 45.34 68.53 23.19
CA LYS C 3691 45.55 67.10 23.08
C LYS C 3691 46.57 66.60 24.10
N VAL C 3692 47.63 67.36 24.32
CA VAL C 3692 48.54 67.06 25.42
C VAL C 3692 47.86 67.51 26.70
N GLU C 3693 47.25 66.57 27.42
CA GLU C 3693 46.49 66.92 28.61
C GLU C 3693 47.44 67.38 29.71
N PHE C 3694 47.34 68.66 30.05
CA PHE C 3694 48.19 69.22 31.10
C PHE C 3694 47.70 68.74 32.45
N LEU C 3695 48.59 68.08 33.20
CA LEU C 3695 48.18 67.38 34.42
C LEU C 3695 48.08 68.33 35.62
N ARG C 3696 47.10 69.23 35.61
CA ARG C 3696 46.76 70.01 36.80
C ARG C 3696 45.48 69.48 37.41
N ASN C 3697 44.41 69.41 36.62
CA ASN C 3697 43.17 68.76 37.01
C ASN C 3697 42.55 68.20 35.72
N GLU C 3698 42.84 66.94 35.44
CA GLU C 3698 42.45 66.33 34.18
C GLU C 3698 40.93 66.17 34.13
N LEU C 3699 40.31 66.84 33.17
CA LEU C 3699 38.86 66.90 33.08
C LEU C 3699 38.27 65.54 32.78
N GLU C 3700 37.30 65.13 33.59
CA GLU C 3700 36.58 63.89 33.33
C GLU C 3700 35.41 64.18 32.39
N ILE C 3701 35.22 63.33 31.39
CA ILE C 3701 34.08 63.47 30.48
C ILE C 3701 32.84 63.30 31.34
N PRO C 3702 31.97 64.31 31.40
CA PRO C 3702 30.94 64.34 32.46
C PRO C 3702 29.94 63.20 32.32
N GLY C 3703 29.44 62.74 33.47
CA GLY C 3703 28.31 61.84 33.50
C GLY C 3703 28.55 60.43 34.00
N GLN C 3704 29.60 60.19 34.80
CA GLN C 3704 29.85 58.84 35.28
C GLN C 3704 29.11 58.55 36.58
N TYR C 3705 29.07 59.52 37.49
CA TYR C 3705 28.54 59.27 38.82
C TYR C 3705 27.04 59.03 38.75
N ASP C 3706 26.64 57.78 38.98
CA ASP C 3706 25.25 57.37 38.82
C ASP C 3706 24.76 56.54 40.00
N GLY C 3707 25.24 56.86 41.21
CA GLY C 3707 24.83 56.10 42.36
C GLY C 3707 25.38 54.68 42.33
N ARG C 3708 24.62 53.76 42.91
CA ARG C 3708 24.98 52.35 42.98
C ARG C 3708 26.30 52.21 43.76
N GLY C 3709 27.15 51.28 43.36
CA GLY C 3709 28.32 50.93 44.12
C GLY C 3709 29.35 52.05 44.19
N LYS C 3710 30.40 51.79 44.96
CA LYS C 3710 31.43 52.79 45.17
C LYS C 3710 32.18 53.05 43.86
N PRO C 3711 32.42 54.31 43.50
CA PRO C 3711 33.02 54.61 42.19
C PRO C 3711 34.46 54.11 42.10
N LEU C 3712 34.87 53.86 40.85
CA LEU C 3712 36.25 53.52 40.52
C LEU C 3712 36.71 54.54 39.48
N PRO C 3713 37.06 55.76 39.92
CA PRO C 3713 37.44 56.80 38.97
C PRO C 3713 38.66 56.46 38.13
N GLU C 3714 39.47 55.50 38.57
CA GLU C 3714 40.59 55.03 37.77
C GLU C 3714 40.10 54.44 36.46
N TYR C 3715 38.83 54.04 36.42
CA TYR C 3715 38.21 53.51 35.22
C TYR C 3715 37.25 54.50 34.57
N HIS C 3716 36.88 55.58 35.26
CA HIS C 3716 36.19 56.66 34.59
C HIS C 3716 37.12 57.35 33.61
N VAL C 3717 36.52 57.97 32.59
CA VAL C 3717 37.29 58.50 31.47
C VAL C 3717 37.50 59.99 31.67
N ARG C 3718 38.77 60.39 31.51
CA ARG C 3718 39.16 61.79 31.45
C ARG C 3718 39.24 62.20 29.99
N ILE C 3719 38.85 63.44 29.69
CA ILE C 3719 38.89 63.89 28.31
C ILE C 3719 40.33 64.10 27.89
N ALA C 3720 40.66 63.67 26.68
CA ALA C 3720 42.02 63.71 26.18
C ALA C 3720 42.18 64.27 24.78
N GLY C 3721 41.12 64.35 23.99
CA GLY C 3721 41.24 64.80 22.62
C GLY C 3721 39.97 65.46 22.13
N PHE C 3722 40.15 66.42 21.24
CA PHE C 3722 39.05 67.20 20.69
C PHE C 3722 39.04 67.07 19.17
N ASP C 3723 37.95 66.56 18.64
CA ASP C 3723 37.90 66.22 17.21
C ASP C 3723 37.78 67.49 16.36
N GLU C 3724 37.99 67.31 15.07
CA GLU C 3724 38.06 68.42 14.13
C GLU C 3724 36.73 68.78 13.47
N ARG C 3725 35.79 67.84 13.40
CA ARG C 3725 34.54 68.14 12.71
C ARG C 3725 33.50 68.66 13.69
N VAL C 3726 32.86 69.77 13.31
CA VAL C 3726 31.83 70.41 14.11
C VAL C 3726 30.66 70.71 13.18
N THR C 3727 29.46 70.38 13.65
CA THR C 3727 28.25 70.45 12.83
C THR C 3727 27.12 71.10 13.61
N VAL C 3728 26.23 71.79 12.88
CA VAL C 3728 25.08 72.43 13.50
C VAL C 3728 23.83 71.60 13.25
N MET C 3729 23.03 71.42 14.29
CA MET C 3729 21.74 70.74 14.19
C MET C 3729 20.63 71.76 13.99
N ALA C 3730 19.78 71.52 13.00
CA ALA C 3730 18.71 72.46 12.65
C ALA C 3730 17.60 72.39 13.69
N SER C 3731 17.45 73.44 14.49
CA SER C 3731 16.40 73.54 15.47
C SER C 3731 16.16 75.01 15.77
N LEU C 3732 15.20 75.26 16.67
CA LEU C 3732 14.92 76.64 17.06
C LEU C 3732 16.12 77.27 17.73
N ARG C 3733 16.81 76.51 18.59
CA ARG C 3733 18.03 77.00 19.22
C ARG C 3733 19.24 76.84 18.31
N ARG C 3734 19.13 76.03 17.26
CA ARG C 3734 20.25 75.65 16.41
C ARG C 3734 21.41 75.14 17.25
N PRO C 3735 21.22 74.04 17.99
CA PRO C 3735 22.28 73.56 18.89
C PRO C 3735 23.47 73.04 18.11
N LYS C 3736 24.57 72.87 18.84
CA LYS C 3736 25.87 72.63 18.20
C LYS C 3736 26.46 71.31 18.70
N ARG C 3737 27.09 70.57 17.79
CA ARG C 3737 27.65 69.27 18.13
C ARG C 3737 29.17 69.34 18.26
N ILE C 3738 29.71 68.60 19.23
CA ILE C 3738 31.15 68.45 19.39
C ILE C 3738 31.46 66.97 19.59
N ILE C 3739 32.58 66.54 19.01
CA ILE C 3739 33.08 65.18 19.16
C ILE C 3739 34.32 65.25 20.03
N ILE C 3740 34.29 64.56 21.16
CA ILE C 3740 35.35 64.66 22.16
C ILE C 3740 35.96 63.29 22.39
N ARG C 3741 37.28 63.27 22.57
CA ARG C 3741 38.07 62.05 22.65
C ARG C 3741 38.67 61.95 24.03
N GLY C 3742 38.31 60.90 24.78
CA GLY C 3742 38.88 60.69 26.09
C GLY C 3742 40.12 59.81 26.04
N HIS C 3743 40.61 59.43 27.23
CA HIS C 3743 41.73 58.52 27.25
C HIS C 3743 41.21 57.09 27.10
N ASP C 3744 40.36 56.90 26.09
CA ASP C 3744 39.77 55.63 25.74
C ASP C 3744 39.93 55.45 24.24
N GLU C 3745 39.97 54.20 23.79
CA GLU C 3745 40.05 53.94 22.36
C GLU C 3745 38.84 54.51 21.62
N ARG C 3746 37.66 54.41 22.20
CA ARG C 3746 36.45 54.87 21.56
C ARG C 3746 36.35 56.39 21.56
N GLU C 3747 35.45 56.91 20.73
CA GLU C 3747 35.12 58.32 20.72
C GLU C 3747 33.80 58.56 21.44
N HIS C 3748 33.49 59.83 21.66
CA HIS C 3748 32.23 60.16 22.33
C HIS C 3748 31.64 61.45 21.77
N PRO C 3749 30.42 61.39 21.23
CA PRO C 3749 29.77 62.61 20.75
C PRO C 3749 28.88 63.25 21.82
N PHE C 3750 28.67 64.56 21.65
CA PHE C 3750 27.83 65.32 22.56
C PHE C 3750 27.21 66.50 21.83
N LEU C 3751 26.16 67.03 22.42
CA LEU C 3751 25.46 68.21 21.93
C LEU C 3751 25.54 69.31 22.98
N VAL C 3752 26.07 70.47 22.61
CA VAL C 3752 26.22 71.57 23.56
C VAL C 3752 25.06 72.54 23.42
N LYS C 3753 24.04 72.38 24.27
CA LYS C 3753 22.87 73.25 24.21
C LYS C 3753 23.12 74.52 25.01
N GLY C 3754 23.22 75.64 24.31
CA GLY C 3754 23.31 76.92 24.96
C GLY C 3754 21.94 77.57 25.06
N GLY C 3755 21.88 78.62 25.88
CA GLY C 3755 20.66 79.41 26.01
C GLY C 3755 19.50 78.67 26.62
N GLU C 3756 19.77 77.63 27.40
CA GLU C 3756 18.72 76.88 28.07
C GLU C 3756 19.19 76.41 29.44
N ASP C 3757 18.23 76.14 30.31
CA ASP C 3757 18.48 75.51 31.59
C ASP C 3757 17.81 74.15 31.57
N LEU C 3758 18.53 73.11 31.99
CA LEU C 3758 18.10 71.74 31.77
C LEU C 3758 17.99 70.91 33.05
N ARG C 3759 18.08 71.52 34.23
CA ARG C 3759 18.00 70.72 35.46
C ARG C 3759 16.68 69.96 35.57
N GLN C 3760 15.59 70.56 35.09
CA GLN C 3760 14.32 69.84 35.09
C GLN C 3760 14.43 68.55 34.30
N ASP C 3761 15.13 68.59 33.17
CA ASP C 3761 15.23 67.40 32.36
C ASP C 3761 16.20 66.39 32.99
N GLN C 3762 17.25 66.89 33.63
CA GLN C 3762 18.14 66.02 34.40
C GLN C 3762 17.35 65.26 35.45
N ARG C 3763 16.47 65.96 36.17
CA ARG C 3763 15.71 65.31 37.24
C ARG C 3763 14.66 64.35 36.70
N VAL C 3764 14.02 64.70 35.58
CA VAL C 3764 13.03 63.79 35.02
C VAL C 3764 13.71 62.52 34.50
N GLU C 3765 14.94 62.66 33.98
CA GLU C 3765 15.68 61.47 33.58
C GLU C 3765 16.10 60.66 34.81
N GLN C 3766 16.44 61.36 35.90
CA GLN C 3766 16.77 60.68 37.15
C GLN C 3766 15.61 59.82 37.62
N LEU C 3767 14.38 60.35 37.52
CA LEU C 3767 13.22 59.57 37.92
C LEU C 3767 12.86 58.50 36.89
N PHE C 3768 13.15 58.74 35.61
CA PHE C 3768 13.05 57.67 34.62
C PHE C 3768 13.96 56.50 34.98
N GLN C 3769 15.10 56.78 35.60
CA GLN C 3769 15.95 55.69 36.07
C GLN C 3769 15.19 54.80 37.06
N VAL C 3770 14.49 55.41 38.01
CA VAL C 3770 13.73 54.64 39.00
C VAL C 3770 12.59 53.89 38.33
N MET C 3771 11.91 54.54 37.39
CA MET C 3771 10.84 53.87 36.66
C MET C 3771 11.37 52.65 35.92
N ASN C 3772 12.52 52.80 35.26
CA ASN C 3772 13.13 51.68 34.56
C ASN C 3772 13.49 50.56 35.52
N GLY C 3773 14.03 50.90 36.69
CA GLY C 3773 14.36 49.87 37.66
C GLY C 3773 13.14 49.09 38.13
N ILE C 3774 12.07 49.81 38.48
CA ILE C 3774 10.87 49.13 38.98
C ILE C 3774 10.22 48.32 37.87
N LEU C 3775 10.29 48.80 36.62
CA LEU C 3775 9.81 48.00 35.50
C LEU C 3775 10.63 46.72 35.37
N ALA C 3776 11.95 46.82 35.53
CA ALA C 3776 12.80 45.64 35.47
C ALA C 3776 12.49 44.64 36.57
N GLN C 3777 12.19 45.11 37.78
CA GLN C 3777 11.90 44.20 38.88
C GLN C 3777 10.65 43.37 38.63
N ASP C 3778 9.62 43.97 38.04
CA ASP C 3778 8.36 43.27 37.84
C ASP C 3778 8.55 42.09 36.89
N SER C 3779 7.78 41.02 37.14
CA SER C 3779 7.91 39.80 36.33
C SER C 3779 7.26 39.96 34.98
N ALA C 3780 5.94 40.23 34.96
CA ALA C 3780 5.20 40.27 33.71
C ALA C 3780 5.75 41.31 32.75
N CYS C 3781 6.18 42.45 33.26
CA CYS C 3781 6.78 43.48 32.42
C CYS C 3781 8.11 43.01 31.84
N SER C 3782 8.84 42.20 32.60
CA SER C 3782 10.21 41.86 32.23
C SER C 3782 10.28 41.03 30.97
N GLN C 3783 9.42 40.01 30.83
CA GLN C 3783 9.51 39.13 29.66
C GLN C 3783 9.33 39.90 28.36
N ARG C 3784 8.45 40.89 28.34
CA ARG C 3784 8.28 41.71 27.15
C ARG C 3784 9.41 42.70 26.97
N ALA C 3785 10.26 42.88 27.99
CA ALA C 3785 11.42 43.76 27.93
C ALA C 3785 11.02 45.21 27.68
N LEU C 3786 10.35 45.79 28.67
CA LEU C 3786 9.97 47.22 28.64
C LEU C 3786 11.04 48.09 29.30
N GLN C 3787 12.22 48.19 28.69
CA GLN C 3787 13.22 49.09 29.25
C GLN C 3787 13.19 50.42 28.51
N LEU C 3788 12.99 51.49 29.26
CA LEU C 3788 12.96 52.82 28.68
C LEU C 3788 14.35 53.22 28.19
N ARG C 3789 14.38 53.93 27.07
CA ARG C 3789 15.62 54.53 26.62
C ARG C 3789 15.86 55.81 27.41
N THR C 3790 17.12 56.02 27.80
CA THR C 3790 17.48 57.19 28.60
C THR C 3790 18.77 57.75 28.06
N TYR C 3791 18.83 59.07 27.89
CA TYR C 3791 20.03 59.73 27.38
C TYR C 3791 20.66 60.53 28.53
N SER C 3792 21.93 60.25 28.81
CA SER C 3792 22.61 60.91 29.93
C SER C 3792 22.70 62.41 29.69
N VAL C 3793 22.37 63.18 30.73
CA VAL C 3793 22.25 64.62 30.63
C VAL C 3793 22.92 65.26 31.85
N VAL C 3794 23.72 66.30 31.60
CA VAL C 3794 24.41 67.00 32.67
C VAL C 3794 24.36 68.51 32.42
N PRO C 3795 24.15 69.33 33.43
CA PRO C 3795 24.13 70.78 33.22
C PRO C 3795 25.50 71.42 33.45
N MET C 3796 25.66 72.58 32.84
CA MET C 3796 26.82 73.44 33.05
C MET C 3796 26.46 74.74 33.76
N THR C 3797 25.55 75.52 33.20
CA THR C 3797 25.02 76.72 33.84
C THR C 3797 23.51 76.71 33.64
N SER C 3798 22.87 77.83 33.97
CA SER C 3798 21.46 77.96 33.62
C SER C 3798 21.26 78.29 32.15
N ARG C 3799 22.35 78.35 31.38
CA ARG C 3799 22.31 78.66 29.96
C ARG C 3799 23.22 77.77 29.11
N LEU C 3800 24.04 76.94 29.73
CA LEU C 3800 24.97 76.08 28.99
C LEU C 3800 24.67 74.64 29.34
N GLY C 3801 24.60 73.80 28.32
CA GLY C 3801 24.26 72.41 28.56
C GLY C 3801 25.11 71.50 27.70
N LEU C 3802 25.10 70.23 28.06
CA LEU C 3802 25.94 69.24 27.37
C LEU C 3802 25.15 67.95 27.33
N ILE C 3803 24.58 67.64 26.16
CA ILE C 3803 23.65 66.53 26.01
C ILE C 3803 24.29 65.44 25.17
N GLU C 3804 24.22 64.21 25.65
CA GLU C 3804 24.71 63.08 24.88
C GLU C 3804 23.80 62.84 23.68
N TRP C 3805 24.42 62.60 22.54
CA TRP C 3805 23.69 62.43 21.28
C TRP C 3805 23.66 60.95 20.92
N LEU C 3806 22.47 60.41 20.76
CA LEU C 3806 22.32 59.05 20.24
C LEU C 3806 22.74 59.04 18.78
N GLU C 3807 23.67 58.15 18.44
CA GLU C 3807 24.12 58.04 17.06
C GLU C 3807 23.06 57.35 16.22
N ASN C 3808 22.88 57.84 15.00
CA ASN C 3808 21.94 57.28 14.02
C ASN C 3808 20.50 57.32 14.53
N THR C 3809 20.00 58.55 14.68
CA THR C 3809 18.60 58.79 15.02
C THR C 3809 18.08 59.94 14.17
N VAL C 3810 16.75 60.05 14.11
CA VAL C 3810 16.09 61.02 13.24
C VAL C 3810 14.85 61.54 13.96
N THR C 3811 14.53 62.81 13.72
CA THR C 3811 13.30 63.36 14.26
C THR C 3811 12.11 62.71 13.55
N LEU C 3812 10.98 62.63 14.26
CA LEU C 3812 9.79 62.04 13.66
C LEU C 3812 9.32 62.86 12.46
N LYS C 3813 9.41 64.18 12.57
CA LYS C 3813 8.99 65.06 11.47
C LYS C 3813 9.87 64.88 10.25
N ASP C 3814 11.19 64.75 10.46
CA ASP C 3814 12.11 64.52 9.35
C ASP C 3814 11.77 63.21 8.64
N LEU C 3815 11.54 62.15 9.42
CA LEU C 3815 11.19 60.86 8.84
C LEU C 3815 9.88 60.94 8.06
N LEU C 3816 8.88 61.63 8.61
CA LEU C 3816 7.60 61.76 7.92
C LEU C 3816 7.75 62.54 6.62
N LEU C 3817 8.51 63.63 6.64
CA LEU C 3817 8.61 64.47 5.45
C LEU C 3817 9.47 63.85 4.36
N ASN C 3818 10.52 63.11 4.72
CA ASN C 3818 11.33 62.55 3.64
C ASN C 3818 10.75 61.30 3.01
N THR C 3819 9.67 60.73 3.54
CA THR C 3819 9.05 59.57 2.92
C THR C 3819 7.88 59.94 2.01
N MET C 3820 7.54 61.22 1.90
CA MET C 3820 6.45 61.62 1.02
C MET C 3820 7.00 62.28 -0.24
N SER C 3821 6.12 62.41 -1.24
CA SER C 3821 6.49 63.09 -2.47
C SER C 3821 6.57 64.60 -2.23
N GLN C 3822 7.28 65.28 -3.14
CA GLN C 3822 7.40 66.74 -3.02
C GLN C 3822 6.05 67.42 -3.22
N GLU C 3823 5.17 66.86 -4.05
CA GLU C 3823 3.81 67.35 -4.11
C GLU C 3823 3.08 67.11 -2.79
N GLU C 3824 3.36 65.98 -2.14
CA GLU C 3824 2.86 65.76 -0.79
C GLU C 3824 3.56 66.67 0.21
N LYS C 3825 4.83 67.01 -0.02
CA LYS C 3825 5.44 68.12 0.69
C LYS C 3825 4.77 69.44 0.30
N ALA C 3826 4.46 69.59 -0.99
CA ALA C 3826 3.68 70.74 -1.44
C ALA C 3826 2.25 70.69 -0.93
N ALA C 3827 1.79 69.52 -0.49
CA ALA C 3827 0.50 69.48 0.16
C ALA C 3827 0.49 70.22 1.47
N TYR C 3828 1.65 70.60 2.02
CA TYR C 3828 1.71 71.44 3.20
C TYR C 3828 2.39 72.78 2.92
N LEU C 3829 3.60 72.77 2.38
CA LEU C 3829 4.36 73.99 2.18
C LEU C 3829 3.95 74.71 0.90
N SER C 3830 2.97 74.19 0.17
CA SER C 3830 2.41 74.88 -0.97
C SER C 3830 0.88 74.93 -0.88
N ASP C 3831 0.34 74.87 0.33
CA ASP C 3831 -1.09 75.00 0.57
C ASP C 3831 -1.56 76.40 0.18
N PRO C 3832 -2.82 76.54 -0.27
CA PRO C 3832 -3.35 77.89 -0.50
C PRO C 3832 -3.38 78.73 0.77
N ARG C 3833 -3.39 78.09 1.94
CA ARG C 3833 -3.35 78.80 3.20
C ARG C 3833 -1.89 79.06 3.59
N ALA C 3834 -1.57 80.32 3.85
CA ALA C 3834 -0.26 80.64 4.43
C ALA C 3834 -0.05 79.90 5.75
N PRO C 3835 -1.02 79.80 6.65
CA PRO C 3835 -0.91 78.84 7.75
C PRO C 3835 -0.75 77.44 7.23
N PRO C 3836 0.04 76.60 7.90
CA PRO C 3836 0.38 75.29 7.34
C PRO C 3836 -0.76 74.28 7.34
N CYS C 3837 -1.85 74.51 8.06
CA CYS C 3837 -2.93 73.53 8.10
C CYS C 3837 -4.25 74.24 8.40
N GLU C 3838 -5.29 73.43 8.64
CA GLU C 3838 -6.63 73.93 8.94
C GLU C 3838 -6.87 74.01 10.45
N TYR C 3839 -6.05 74.83 11.10
CA TYR C 3839 -6.28 75.20 12.49
C TYR C 3839 -6.32 76.71 12.66
N LYS C 3840 -5.33 77.42 12.12
CA LYS C 3840 -5.35 78.88 12.18
C LYS C 3840 -6.43 79.46 11.27
N ASP C 3841 -6.69 78.81 10.13
CA ASP C 3841 -7.68 79.32 9.20
C ASP C 3841 -9.08 79.30 9.81
N TRP C 3842 -9.38 78.26 10.60
CA TRP C 3842 -10.69 78.22 11.25
C TRP C 3842 -10.74 79.16 12.46
N LEU C 3843 -9.60 79.42 13.09
CA LEU C 3843 -9.56 80.51 14.07
C LEU C 3843 -9.97 81.81 13.41
N THR C 3844 -9.73 81.93 12.10
CA THR C 3844 -10.23 83.07 11.34
C THR C 3844 -11.64 82.83 10.82
N LYS C 3845 -12.04 81.57 10.67
CA LYS C 3845 -13.27 81.24 9.95
C LYS C 3845 -14.51 81.74 10.67
N MET C 3846 -14.67 81.41 11.96
CA MET C 3846 -15.91 81.72 12.65
C MET C 3846 -15.71 82.59 13.88
N SER C 3847 -14.62 83.34 13.97
CA SER C 3847 -14.45 84.27 15.07
C SER C 3847 -13.92 85.64 14.64
N GLY C 3848 -13.64 85.85 13.38
CA GLY C 3848 -13.11 87.13 12.92
C GLY C 3848 -11.61 87.26 13.20
N LYS C 3849 -11.26 88.11 14.17
CA LYS C 3849 -9.86 88.32 14.56
C LYS C 3849 -9.22 87.01 15.03
N HIS C 3850 -7.88 86.93 14.95
CA HIS C 3850 -7.24 85.62 14.89
C HIS C 3850 -5.99 85.46 15.76
N ASP C 3851 -5.95 86.00 16.98
CA ASP C 3851 -4.80 85.80 17.84
C ASP C 3851 -5.24 85.18 19.17
N VAL C 3852 -4.25 84.88 20.02
CA VAL C 3852 -4.53 84.34 21.34
C VAL C 3852 -5.31 85.32 22.19
N GLY C 3853 -5.20 86.62 21.90
CA GLY C 3853 -6.06 87.60 22.52
C GLY C 3853 -7.51 87.49 22.11
N ALA C 3854 -7.78 86.65 21.12
CA ALA C 3854 -9.15 86.33 20.72
C ALA C 3854 -9.40 84.84 20.51
N TYR C 3855 -8.37 83.99 20.53
CA TYR C 3855 -8.55 82.58 20.22
C TYR C 3855 -9.22 81.89 21.41
N MET C 3856 -10.53 82.11 21.53
CA MET C 3856 -11.40 81.31 22.36
C MET C 3856 -12.59 80.81 21.54
N LEU C 3857 -12.37 80.55 20.25
CA LEU C 3857 -13.43 80.14 19.34
C LEU C 3857 -14.16 78.90 19.81
N MET C 3858 -13.46 77.96 20.43
CA MET C 3858 -14.06 76.70 20.84
C MET C 3858 -15.26 76.92 21.76
N TYR C 3859 -15.20 77.96 22.58
CA TYR C 3859 -16.36 78.42 23.33
C TYR C 3859 -17.53 78.68 22.38
N LYS C 3860 -17.27 79.40 21.29
CA LYS C 3860 -18.28 79.71 20.30
C LYS C 3860 -18.48 78.60 19.27
N GLY C 3861 -17.58 77.61 19.21
CA GLY C 3861 -17.90 76.41 18.45
C GLY C 3861 -19.14 75.74 18.99
N ALA C 3862 -19.20 75.53 20.30
CA ALA C 3862 -20.43 75.37 21.07
C ALA C 3862 -21.15 74.05 20.83
N ASN C 3863 -20.68 73.25 19.87
CA ASN C 3863 -21.30 71.98 19.53
C ASN C 3863 -20.24 70.97 19.09
N ARG C 3864 -20.11 69.89 19.85
CA ARG C 3864 -19.37 68.73 19.37
C ARG C 3864 -20.03 68.13 18.14
N THR C 3865 -21.35 68.29 18.04
CA THR C 3865 -22.16 67.68 16.99
C THR C 3865 -22.04 68.41 15.65
N GLU C 3866 -21.06 69.29 15.49
CA GLU C 3866 -20.86 70.04 14.25
C GLU C 3866 -19.45 69.96 13.71
N THR C 3867 -18.45 69.78 14.57
CA THR C 3867 -17.08 70.11 14.19
C THR C 3867 -16.34 68.89 13.65
N VAL C 3868 -16.75 67.69 14.06
CA VAL C 3868 -15.94 66.49 13.85
C VAL C 3868 -15.70 66.21 12.37
N THR C 3869 -16.65 66.59 11.51
CA THR C 3869 -16.49 66.35 10.08
C THR C 3869 -15.27 67.07 9.52
N SER C 3870 -14.87 68.20 10.12
CA SER C 3870 -13.64 68.86 9.73
C SER C 3870 -12.42 68.01 10.06
N PHE C 3871 -12.44 67.37 11.23
CA PHE C 3871 -11.33 66.49 11.57
C PHE C 3871 -11.25 65.32 10.60
N ARG C 3872 -12.40 64.75 10.24
CA ARG C 3872 -12.40 63.68 9.24
C ARG C 3872 -11.90 64.19 7.88
N LYS C 3873 -12.26 65.41 7.50
CA LYS C 3873 -11.84 65.92 6.21
C LYS C 3873 -10.35 66.19 6.17
N ARG C 3874 -9.77 66.68 7.29
CA ARG C 3874 -8.32 66.82 7.32
C ARG C 3874 -7.64 65.46 7.32
N GLU C 3875 -8.23 64.48 8.00
CA GLU C 3875 -7.74 63.11 7.91
C GLU C 3875 -7.68 62.62 6.48
N SER C 3876 -8.70 62.93 5.68
CA SER C 3876 -8.69 62.58 4.26
C SER C 3876 -7.69 63.40 3.43
N LYS C 3877 -7.56 64.70 3.66
CA LYS C 3877 -6.61 65.50 2.88
C LYS C 3877 -5.18 65.04 3.10
N VAL C 3878 -4.80 64.80 4.34
CA VAL C 3878 -3.44 64.32 4.60
C VAL C 3878 -3.33 62.87 4.14
N PRO C 3879 -2.19 62.43 3.62
CA PRO C 3879 -2.11 61.08 3.05
C PRO C 3879 -1.94 60.03 4.14
N ALA C 3880 -2.57 58.88 3.94
CA ALA C 3880 -2.37 57.74 4.83
C ALA C 3880 -1.20 56.90 4.35
N ASP C 3881 -0.83 55.91 5.18
CA ASP C 3881 0.25 54.96 4.88
C ASP C 3881 1.58 55.69 4.69
N LEU C 3882 1.98 56.46 5.71
CA LEU C 3882 3.28 57.10 5.73
C LEU C 3882 4.26 56.43 6.68
N LEU C 3883 3.89 56.27 7.95
CA LEU C 3883 4.70 55.46 8.85
C LEU C 3883 4.84 54.04 8.32
N LYS C 3884 3.74 53.47 7.84
CA LYS C 3884 3.79 52.18 7.15
C LYS C 3884 4.77 52.23 5.99
N ARG C 3885 4.67 53.29 5.18
CA ARG C 3885 5.56 53.41 4.03
C ARG C 3885 7.02 53.51 4.46
N ALA C 3886 7.30 54.34 5.46
CA ALA C 3886 8.68 54.48 5.92
C ALA C 3886 9.23 53.16 6.42
N PHE C 3887 8.45 52.47 7.25
CA PHE C 3887 8.93 51.22 7.85
C PHE C 3887 9.11 50.12 6.82
N VAL C 3888 8.25 50.06 5.81
CA VAL C 3888 8.51 49.10 4.74
C VAL C 3888 9.71 49.57 3.91
N ARG C 3889 9.99 50.87 3.90
CA ARG C 3889 11.10 51.37 3.10
C ARG C 3889 12.46 51.01 3.70
N MET C 3890 12.66 51.20 5.01
CA MET C 3890 13.98 50.87 5.55
C MET C 3890 14.14 49.36 5.68
N SER C 3891 13.05 48.63 5.81
CA SER C 3891 13.16 47.17 5.91
C SER C 3891 13.67 46.59 4.60
N THR C 3892 14.73 45.77 4.69
CA THR C 3892 15.23 45.09 3.51
C THR C 3892 14.27 43.98 3.08
N SER C 3893 13.77 43.22 4.04
CA SER C 3893 12.84 42.14 3.78
C SER C 3893 11.73 42.20 4.83
N PRO C 3894 10.54 41.71 4.51
CA PRO C 3894 9.41 41.83 5.46
C PRO C 3894 9.64 41.14 6.79
N GLU C 3895 10.54 40.14 6.86
CA GLU C 3895 10.83 39.51 8.14
C GLU C 3895 11.33 40.52 9.16
N ALA C 3896 12.12 41.51 8.69
CA ALA C 3896 12.52 42.60 9.57
C ALA C 3896 11.34 43.50 9.90
N PHE C 3897 10.39 43.64 8.96
CA PHE C 3897 9.33 44.62 9.11
C PHE C 3897 8.44 44.31 10.31
N LEU C 3898 8.09 43.03 10.49
CA LEU C 3898 7.20 42.69 11.60
C LEU C 3898 7.82 43.06 12.94
N ALA C 3899 9.06 42.61 13.18
CA ALA C 3899 9.72 42.91 14.44
C ALA C 3899 9.91 44.42 14.61
N LEU C 3900 10.26 45.11 13.52
CA LEU C 3900 10.46 46.55 13.59
C LEU C 3900 9.18 47.27 13.98
N ARG C 3901 8.06 46.88 13.36
CA ARG C 3901 6.77 47.50 13.67
C ARG C 3901 6.36 47.22 15.11
N SER C 3902 6.49 45.97 15.54
CA SER C 3902 6.13 45.63 16.91
C SER C 3902 6.99 46.38 17.90
N HIS C 3903 8.29 46.50 17.63
CA HIS C 3903 9.18 47.19 18.56
C HIS C 3903 8.88 48.68 18.59
N PHE C 3904 8.59 49.28 17.44
CA PHE C 3904 8.18 50.68 17.41
C PHE C 3904 6.93 50.91 18.23
N ALA C 3905 5.92 50.06 18.04
CA ALA C 3905 4.67 50.21 18.78
C ALA C 3905 4.90 50.09 20.28
N SER C 3906 5.64 49.05 20.69
CA SER C 3906 5.89 48.84 22.11
C SER C 3906 6.67 49.99 22.71
N SER C 3907 7.72 50.44 22.02
CA SER C 3907 8.53 51.55 22.52
C SER C 3907 7.69 52.81 22.68
N HIS C 3908 6.90 53.15 21.66
CA HIS C 3908 6.07 54.34 21.74
C HIS C 3908 5.07 54.24 22.88
N ALA C 3909 4.43 53.08 23.04
CA ALA C 3909 3.43 52.93 24.08
C ALA C 3909 4.04 53.05 25.46
N LEU C 3910 5.19 52.40 25.68
CA LEU C 3910 5.86 52.53 26.97
C LEU C 3910 6.28 53.98 27.22
N ILE C 3911 6.80 54.65 26.19
CA ILE C 3911 7.24 56.03 26.35
C ILE C 3911 6.07 56.92 26.74
N CYS C 3912 4.92 56.74 26.07
CA CYS C 3912 3.79 57.61 26.36
C CYS C 3912 3.19 57.31 27.74
N ILE C 3913 3.07 56.03 28.09
CA ILE C 3913 2.54 55.73 29.42
C ILE C 3913 3.48 56.24 30.51
N SER C 3914 4.80 56.19 30.26
CA SER C 3914 5.75 56.78 31.21
C SER C 3914 5.57 58.28 31.30
N HIS C 3915 5.37 58.95 30.16
CA HIS C 3915 5.05 60.38 30.22
C HIS C 3915 3.72 60.65 30.87
N TRP C 3916 2.85 59.68 31.04
CA TRP C 3916 1.59 59.97 31.70
C TRP C 3916 1.54 59.61 33.18
N ILE C 3917 2.36 58.65 33.63
CA ILE C 3917 2.34 58.31 35.06
C ILE C 3917 2.59 59.55 35.90
N LEU C 3918 3.59 60.34 35.53
CA LEU C 3918 3.65 61.75 35.88
C LEU C 3918 3.51 62.54 34.59
N GLY C 3919 2.52 63.43 34.55
CA GLY C 3919 2.18 64.05 33.29
C GLY C 3919 3.26 64.99 32.78
N ILE C 3920 3.45 64.95 31.47
CA ILE C 3920 4.20 65.99 30.76
C ILE C 3920 3.44 66.29 29.47
N GLY C 3921 3.23 67.57 29.21
CA GLY C 3921 2.51 67.97 28.01
C GLY C 3921 3.46 68.29 26.87
N ASP C 3922 3.22 69.42 26.21
CA ASP C 3922 4.14 70.04 25.25
C ASP C 3922 4.89 69.03 24.38
N ARG C 3923 4.20 67.98 23.95
CA ARG C 3923 4.78 67.02 23.01
C ARG C 3923 4.68 67.53 21.59
N HIS C 3924 5.40 68.60 21.28
CA HIS C 3924 5.61 68.97 19.88
C HIS C 3924 6.16 67.78 19.13
N LEU C 3925 5.70 67.58 17.90
CA LEU C 3925 5.95 66.32 17.21
C LEU C 3925 7.44 66.05 17.10
N ASN C 3926 8.26 67.11 17.19
CA ASN C 3926 9.71 66.96 17.28
C ASN C 3926 10.18 66.49 18.64
N ASN C 3927 9.30 66.41 19.65
CA ASN C 3927 9.74 65.88 20.94
C ASN C 3927 9.92 64.37 20.94
N PHE C 3928 9.53 63.67 19.88
CA PHE C 3928 9.76 62.24 19.74
C PHE C 3928 10.87 62.00 18.72
N MET C 3929 11.95 61.35 19.15
CA MET C 3929 12.99 60.90 18.22
C MET C 3929 12.79 59.43 17.91
N VAL C 3930 12.86 59.09 16.63
CA VAL C 3930 12.93 57.70 16.21
C VAL C 3930 14.40 57.35 15.99
N ALA C 3931 14.92 56.45 16.81
CA ALA C 3931 16.25 55.89 16.60
C ALA C 3931 16.11 54.90 15.44
N MET C 3932 16.08 55.47 14.24
CA MET C 3932 15.50 54.80 13.08
C MET C 3932 16.08 53.42 12.86
N GLU C 3933 17.39 53.33 12.60
CA GLU C 3933 17.97 52.02 12.33
C GLU C 3933 18.31 51.27 13.61
N THR C 3934 17.36 51.25 14.55
CA THR C 3934 17.37 50.36 15.69
C THR C 3934 15.99 49.78 15.96
N GLY C 3935 14.95 50.36 15.38
CA GLY C 3935 13.59 49.90 15.58
C GLY C 3935 12.84 50.64 16.67
N GLY C 3936 13.58 51.31 17.57
CA GLY C 3936 12.95 51.95 18.70
C GLY C 3936 12.81 53.45 18.55
N VAL C 3937 12.08 54.04 19.49
CA VAL C 3937 11.92 55.49 19.55
C VAL C 3937 12.27 55.97 20.96
N ILE C 3938 12.75 57.21 21.02
CA ILE C 3938 13.06 57.86 22.29
C ILE C 3938 12.34 59.19 22.35
N GLY C 3939 11.70 59.44 23.49
CA GLY C 3939 11.09 60.72 23.74
C GLY C 3939 12.08 61.70 24.29
N ILE C 3940 12.55 62.63 23.47
CA ILE C 3940 13.42 63.68 23.97
C ILE C 3940 12.56 64.68 24.69
N ASP C 3941 12.43 64.49 26.00
CA ASP C 3941 11.72 65.45 26.83
C ASP C 3941 12.61 66.68 26.92
N PHE C 3942 12.25 67.69 26.14
CA PHE C 3942 12.61 69.07 26.45
C PHE C 3942 11.47 69.79 27.15
N GLY C 3943 10.44 69.05 27.56
CA GLY C 3943 9.20 69.64 28.01
C GLY C 3943 9.19 69.97 29.49
N HIS C 3944 7.98 70.03 30.03
CA HIS C 3944 7.74 70.64 31.34
C HIS C 3944 6.67 69.82 32.07
N ALA C 3945 6.95 69.50 33.34
CA ALA C 3945 6.31 68.37 33.97
C ALA C 3945 4.94 68.72 34.54
N PHE C 3946 4.20 67.67 34.91
CA PHE C 3946 2.88 67.69 35.56
C PHE C 3946 1.95 68.65 34.81
N GLY C 3947 1.08 69.37 35.52
CA GLY C 3947 0.13 70.26 34.89
C GLY C 3947 0.69 71.61 34.53
N SER C 3948 1.99 71.80 34.71
CA SER C 3948 2.63 73.07 34.35
C SER C 3948 2.47 73.35 32.85
N ALA C 3949 2.41 72.29 32.04
CA ALA C 3949 2.17 72.48 30.62
C ALA C 3949 0.74 72.87 30.33
N THR C 3950 -0.23 72.23 30.99
CA THR C 3950 -1.62 72.47 30.65
C THR C 3950 -2.16 73.73 31.35
N GLN C 3951 -1.50 74.17 32.42
CA GLN C 3951 -2.02 75.28 33.19
C GLN C 3951 -1.97 76.61 32.44
N PHE C 3952 -1.08 76.76 31.46
CA PHE C 3952 -0.90 78.08 30.86
C PHE C 3952 -2.08 78.52 30.01
N LEU C 3953 -2.21 79.85 29.88
CA LEU C 3953 -3.38 80.47 29.28
C LEU C 3953 -3.55 80.18 27.80
N PRO C 3954 -2.56 80.50 26.90
CA PRO C 3954 -2.84 80.64 25.47
C PRO C 3954 -3.78 79.58 24.90
N VAL C 3955 -3.41 78.32 25.08
CA VAL C 3955 -4.29 77.20 24.75
C VAL C 3955 -4.20 76.16 25.87
N PRO C 3956 -5.32 75.73 26.44
CA PRO C 3956 -5.26 74.60 27.37
C PRO C 3956 -4.92 73.33 26.62
N GLU C 3957 -4.14 72.48 27.27
CA GLU C 3957 -3.72 71.20 26.72
C GLU C 3957 -4.36 70.08 27.51
N LEU C 3958 -4.95 69.13 26.79
CA LEU C 3958 -5.68 68.04 27.42
C LEU C 3958 -5.16 66.67 27.01
N MET C 3959 -4.07 66.61 26.26
CA MET C 3959 -3.68 65.38 25.58
C MET C 3959 -2.67 64.62 26.43
N PRO C 3960 -3.00 63.46 26.99
CA PRO C 3960 -1.97 62.67 27.67
C PRO C 3960 -1.06 61.91 26.73
N PHE C 3961 -1.59 61.39 25.62
CA PHE C 3961 -0.80 60.67 24.63
C PHE C 3961 -0.89 61.38 23.29
N ARG C 3962 0.09 61.12 22.44
CA ARG C 3962 -0.02 61.45 21.02
C ARG C 3962 -0.22 60.14 20.27
N LEU C 3963 -1.49 59.81 20.01
CA LEU C 3963 -1.86 58.57 19.34
C LEU C 3963 -2.93 58.92 18.29
N THR C 3964 -2.64 59.94 17.49
CA THR C 3964 -3.70 60.64 16.77
C THR C 3964 -4.15 59.93 15.50
N ARG C 3965 -3.33 59.93 14.45
CA ARG C 3965 -3.73 59.22 13.24
C ARG C 3965 -2.72 58.20 12.75
N GLN C 3966 -1.47 58.63 12.56
CA GLN C 3966 -0.53 57.79 11.84
C GLN C 3966 0.03 56.69 12.73
N PHE C 3967 -0.04 56.87 14.04
CA PHE C 3967 0.38 55.82 14.96
C PHE C 3967 -0.60 54.66 14.92
N ILE C 3968 -1.90 54.96 14.98
CA ILE C 3968 -2.91 53.91 14.88
C ILE C 3968 -2.99 53.38 13.46
N ASN C 3969 -2.56 54.19 12.48
CA ASN C 3969 -2.63 53.76 11.09
C ASN C 3969 -1.68 52.61 10.80
N LEU C 3970 -0.60 52.46 11.57
CA LEU C 3970 0.29 51.33 11.37
C LEU C 3970 -0.42 50.01 11.62
N MET C 3971 -1.34 49.99 12.59
CA MET C 3971 -2.10 48.80 12.93
C MET C 3971 -3.44 48.73 12.20
N LEU C 3972 -3.51 49.27 10.98
CA LEU C 3972 -4.77 49.41 10.27
C LEU C 3972 -5.65 48.15 10.26
N PRO C 3973 -5.13 46.94 10.05
CA PRO C 3973 -6.00 45.76 10.18
C PRO C 3973 -6.60 45.61 11.56
N MET C 3974 -5.88 46.02 12.60
CA MET C 3974 -6.38 45.92 13.96
C MET C 3974 -6.95 47.25 14.44
N LYS C 3975 -7.66 47.20 15.55
CA LYS C 3975 -7.98 48.43 16.27
C LYS C 3975 -6.75 48.89 17.04
N GLU C 3976 -6.79 50.13 17.53
CA GLU C 3976 -5.71 50.68 18.35
C GLU C 3976 -5.29 49.75 19.47
N THR C 3977 -6.17 48.84 19.89
CA THR C 3977 -5.86 47.89 20.95
C THR C 3977 -4.75 46.92 20.58
N GLY C 3978 -4.26 46.94 19.34
CA GLY C 3978 -3.23 46.01 18.94
C GLY C 3978 -1.92 46.25 19.65
N LEU C 3979 -1.63 45.40 20.64
CA LEU C 3979 -0.41 45.39 21.44
C LEU C 3979 -0.32 46.62 22.34
N MET C 3980 -1.12 47.65 22.06
CA MET C 3980 -1.11 48.85 22.88
C MET C 3980 -1.80 48.60 24.21
N TYR C 3981 -2.99 48.01 24.15
CA TYR C 3981 -3.72 47.66 25.36
C TYR C 3981 -2.92 46.69 26.22
N SER C 3982 -2.37 45.65 25.59
CA SER C 3982 -1.63 44.64 26.35
C SER C 3982 -0.37 45.22 26.97
N ILE C 3983 0.32 46.09 26.25
CA ILE C 3983 1.55 46.65 26.80
C ILE C 3983 1.22 47.62 27.93
N MET C 3984 0.17 48.43 27.76
CA MET C 3984 -0.10 49.49 28.72
C MET C 3984 -0.71 48.93 30.00
N VAL C 3985 -1.52 47.88 29.90
CA VAL C 3985 -2.10 47.31 31.12
C VAL C 3985 -0.99 46.78 32.01
N HIS C 3986 -0.01 46.08 31.41
CA HIS C 3986 1.11 45.58 32.19
C HIS C 3986 1.96 46.71 32.74
N ALA C 3987 2.22 47.74 31.93
CA ALA C 3987 3.04 48.85 32.41
C ALA C 3987 2.38 49.56 33.59
N LEU C 3988 1.08 49.84 33.47
CA LEU C 3988 0.38 50.53 34.55
C LEU C 3988 0.26 49.66 35.78
N ARG C 3989 0.06 48.35 35.60
CA ARG C 3989 0.02 47.46 36.76
C ARG C 3989 1.36 47.43 37.47
N ALA C 3990 2.45 47.39 36.72
CA ALA C 3990 3.78 47.41 37.34
C ALA C 3990 4.02 48.71 38.07
N PHE C 3991 3.61 49.84 37.46
CA PHE C 3991 3.75 51.12 38.12
C PHE C 3991 2.92 51.22 39.39
N ARG C 3992 1.71 50.69 39.37
CA ARG C 3992 0.82 50.76 40.53
C ARG C 3992 1.09 49.68 41.56
N SER C 3993 2.00 48.75 41.26
CA SER C 3993 2.25 47.64 42.18
C SER C 3993 2.84 48.12 43.51
N ASP C 3994 3.56 49.23 43.49
CA ASP C 3994 4.08 49.84 44.73
C ASP C 3994 4.27 51.32 44.50
N PRO C 3995 3.31 52.15 44.95
CA PRO C 3995 3.39 53.59 44.65
C PRO C 3995 4.57 54.28 45.30
N GLY C 3996 5.08 53.75 46.42
CA GLY C 3996 5.98 54.51 47.26
C GLY C 3996 7.22 55.00 46.55
N LEU C 3997 7.88 54.12 45.79
CA LEU C 3997 9.15 54.48 45.17
C LEU C 3997 8.99 55.67 44.23
N LEU C 3998 7.92 55.70 43.45
CA LEU C 3998 7.70 56.82 42.54
C LEU C 3998 7.15 58.05 43.25
N THR C 3999 6.04 57.89 43.99
CA THR C 3999 5.43 59.02 44.66
C THR C 3999 6.43 59.74 45.54
N ASN C 4000 7.30 58.99 46.23
CA ASN C 4000 8.35 59.61 47.03
C ASN C 4000 9.40 60.26 46.13
N THR C 4001 9.65 59.66 44.96
CA THR C 4001 10.65 60.22 44.05
C THR C 4001 10.23 61.58 43.53
N MET C 4002 8.95 61.74 43.16
CA MET C 4002 8.50 63.05 42.70
C MET C 4002 8.42 64.06 43.83
N ASP C 4003 8.53 63.63 45.09
CA ASP C 4003 8.58 64.59 46.18
C ASP C 4003 9.80 65.48 46.07
N VAL C 4004 10.98 64.87 45.86
CA VAL C 4004 12.19 65.67 45.77
C VAL C 4004 12.24 66.47 44.47
N PHE C 4005 11.31 66.23 43.55
CA PHE C 4005 11.42 66.86 42.24
C PHE C 4005 10.84 68.27 42.26
N VAL C 4006 9.73 68.48 42.97
CA VAL C 4006 9.08 69.78 42.98
C VAL C 4006 8.91 70.30 44.40
N LYS C 4007 8.90 69.40 45.38
CA LYS C 4007 8.73 69.85 46.76
C LYS C 4007 10.07 70.37 47.29
N GLU C 4008 10.71 71.23 46.50
CA GLU C 4008 12.04 71.77 46.76
C GLU C 4008 12.04 73.22 46.31
N PRO C 4009 12.95 74.04 46.84
CA PRO C 4009 13.16 75.38 46.28
C PRO C 4009 13.89 75.35 44.93
N SER C 4010 14.23 74.17 44.42
CA SER C 4010 14.93 74.07 43.15
C SER C 4010 14.12 74.69 42.01
N PHE C 4011 12.80 74.60 42.09
CA PHE C 4011 11.91 75.12 41.06
C PHE C 4011 10.96 76.13 41.66
N ASP C 4012 10.70 77.19 40.91
CA ASP C 4012 9.90 78.32 41.38
C ASP C 4012 9.34 79.05 40.18
N TRP C 4013 8.39 79.95 40.43
CA TRP C 4013 7.88 80.84 39.40
C TRP C 4013 9.02 81.64 38.80
N LYS C 4014 10.07 81.88 39.60
CA LYS C 4014 11.23 82.61 39.14
C LYS C 4014 11.88 81.92 37.94
N ASN C 4015 11.97 80.60 37.98
CA ASN C 4015 12.68 79.84 36.96
C ASN C 4015 11.76 79.26 35.89
N PHE C 4016 10.63 78.66 36.29
CA PHE C 4016 9.81 77.94 35.31
C PHE C 4016 9.12 78.88 34.33
N GLU C 4017 8.73 80.07 34.79
CA GLU C 4017 8.11 81.04 33.89
C GLU C 4017 8.97 81.29 32.66
N GLN C 4018 10.28 81.38 32.87
CA GLN C 4018 11.20 81.59 31.76
C GLN C 4018 11.26 80.36 30.86
N LYS C 4019 11.04 79.17 31.42
CA LYS C 4019 11.18 77.94 30.64
C LYS C 4019 10.08 77.80 29.59
N MET C 4020 8.86 78.20 29.92
CA MET C 4020 7.73 78.09 28.99
C MET C 4020 7.78 79.13 27.89
N LEU C 4021 8.10 80.39 28.21
CA LEU C 4021 7.71 81.50 27.37
C LEU C 4021 8.26 81.36 25.95
N LYS C 4022 9.54 81.03 25.82
CA LYS C 4022 10.09 80.81 24.49
C LYS C 4022 9.57 79.52 23.85
N LYS C 4023 9.34 78.48 24.66
CA LYS C 4023 8.85 77.21 24.12
C LYS C 4023 7.40 77.31 23.62
N GLY C 4024 6.63 78.27 24.11
CA GLY C 4024 5.26 78.44 23.68
C GLY C 4024 5.13 79.30 22.44
N GLY C 4025 5.94 80.35 22.35
CA GLY C 4025 5.85 81.29 21.23
C GLY C 4025 4.82 82.37 21.40
N SER C 4026 3.56 81.98 21.60
CA SER C 4026 2.49 82.95 21.87
C SER C 4026 2.57 83.52 23.27
N TRP C 4027 3.43 82.99 24.13
CA TRP C 4027 3.57 83.47 25.50
C TRP C 4027 4.63 84.55 25.65
N ILE C 4028 5.35 84.89 24.59
CA ILE C 4028 6.45 85.85 24.71
C ILE C 4028 5.92 87.28 24.74
N GLN C 4029 5.06 87.63 23.78
CA GLN C 4029 4.65 89.03 23.62
C GLN C 4029 3.73 89.49 24.74
N GLU C 4030 2.83 88.62 25.19
CA GLU C 4030 1.84 89.01 26.19
C GLU C 4030 2.31 88.63 27.59
N ILE C 4031 1.96 89.47 28.55
CA ILE C 4031 2.35 89.31 29.94
C ILE C 4031 1.10 89.28 30.80
N ASN C 4032 0.91 88.17 31.52
CA ASN C 4032 -0.30 87.95 32.32
C ASN C 4032 0.06 87.41 33.70
N VAL C 4033 1.01 88.08 34.38
CA VAL C 4033 1.55 87.59 35.65
C VAL C 4033 0.48 87.44 36.74
N ALA C 4034 -0.72 88.00 36.54
CA ALA C 4034 -1.83 87.81 37.46
C ALA C 4034 -1.91 86.36 37.93
N GLU C 4035 -2.13 86.18 39.24
CA GLU C 4035 -1.79 84.92 39.90
C GLU C 4035 -2.37 83.70 39.18
N LYS C 4036 -1.54 82.66 39.09
CA LYS C 4036 -1.96 81.35 38.59
C LYS C 4036 -1.77 80.28 39.65
N ASN C 4037 -1.29 80.67 40.83
CA ASN C 4037 -1.06 79.75 41.95
C ASN C 4037 -0.09 78.64 41.60
N TRP C 4038 1.17 78.98 41.36
CA TRP C 4038 2.23 77.98 41.39
C TRP C 4038 2.23 77.34 42.77
N TYR C 4039 1.86 76.06 42.83
CA TYR C 4039 1.68 75.44 44.13
C TYR C 4039 2.23 74.02 44.10
N PRO C 4040 3.27 73.74 44.90
CA PRO C 4040 3.92 72.42 44.80
C PRO C 4040 3.03 71.26 45.18
N ARG C 4041 2.15 71.44 46.16
CA ARG C 4041 1.46 70.28 46.75
C ARG C 4041 0.46 69.67 45.79
N GLN C 4042 -0.26 70.48 45.02
CA GLN C 4042 -1.44 69.97 44.32
C GLN C 4042 -1.04 69.09 43.13
N LYS C 4043 0.00 69.50 42.40
CA LYS C 4043 0.44 68.72 41.23
C LYS C 4043 0.94 67.35 41.65
N ILE C 4044 1.63 67.26 42.79
CA ILE C 4044 2.08 65.96 43.28
C ILE C 4044 0.92 65.19 43.92
N CYS C 4045 -0.08 65.90 44.44
CA CYS C 4045 -1.25 65.22 45.00
C CYS C 4045 -2.00 64.47 43.92
N TYR C 4046 -2.15 65.11 42.76
CA TYR C 4046 -2.76 64.49 41.60
C TYR C 4046 -2.00 63.24 41.15
N ALA C 4047 -0.69 63.20 41.41
CA ALA C 4047 0.09 62.01 41.13
C ALA C 4047 -0.41 60.82 41.95
N LYS C 4048 -0.49 60.95 43.27
CA LYS C 4048 -0.98 59.82 44.06
C LYS C 4048 -2.47 59.59 43.80
N ARG C 4049 -3.19 60.65 43.42
CA ARG C 4049 -4.59 60.47 43.05
C ARG C 4049 -4.72 59.50 41.89
N LYS C 4050 -3.94 59.71 40.82
CA LYS C 4050 -4.07 58.85 39.66
C LYS C 4050 -3.40 57.49 39.86
N LEU C 4051 -2.27 57.43 40.56
CA LEU C 4051 -1.66 56.14 40.83
C LEU C 4051 -2.49 55.28 41.76
N ALA C 4052 -3.24 55.89 42.68
CA ALA C 4052 -4.18 55.11 43.48
C ALA C 4052 -5.29 54.51 42.64
N GLY C 4053 -5.49 55.01 41.42
CA GLY C 4053 -6.56 54.57 40.56
C GLY C 4053 -7.69 55.58 40.53
N ALA C 4054 -7.72 56.42 39.50
CA ALA C 4054 -8.70 57.48 39.40
C ALA C 4054 -9.00 57.77 37.94
N ASN C 4055 -10.20 58.27 37.70
CA ASN C 4055 -10.60 58.64 36.35
C ASN C 4055 -9.81 59.84 35.88
N PRO C 4056 -9.16 59.78 34.72
CA PRO C 4056 -8.33 60.92 34.29
C PRO C 4056 -9.12 62.20 34.09
N ALA C 4057 -10.36 62.11 33.62
CA ALA C 4057 -11.13 63.32 33.33
C ALA C 4057 -11.38 64.12 34.61
N VAL C 4058 -11.68 63.42 35.70
CA VAL C 4058 -11.96 64.11 36.96
C VAL C 4058 -10.74 64.91 37.40
N ILE C 4059 -9.57 64.27 37.43
CA ILE C 4059 -8.37 64.97 37.91
C ILE C 4059 -7.99 66.08 36.95
N THR C 4060 -8.18 65.86 35.65
CA THR C 4060 -7.84 66.89 34.67
C THR C 4060 -8.70 68.13 34.85
N CYS C 4061 -10.03 67.94 34.94
CA CYS C 4061 -10.89 69.10 35.17
C CYS C 4061 -10.62 69.70 36.55
N ASP C 4062 -10.06 68.92 37.47
CA ASP C 4062 -9.61 69.51 38.72
C ASP C 4062 -8.47 70.50 38.50
N GLU C 4063 -7.49 70.18 37.63
CA GLU C 4063 -6.50 71.22 37.36
C GLU C 4063 -7.16 72.41 36.68
N LEU C 4064 -8.04 72.13 35.71
CA LEU C 4064 -8.61 73.22 34.93
C LEU C 4064 -9.41 74.19 35.79
N LEU C 4065 -10.22 73.68 36.71
CA LEU C 4065 -10.99 74.58 37.58
C LEU C 4065 -10.09 75.22 38.63
N LEU C 4066 -9.25 74.41 39.29
CA LEU C 4066 -8.52 74.92 40.45
C LEU C 4066 -7.34 75.82 40.04
N GLY C 4067 -6.71 75.53 38.91
CA GLY C 4067 -5.51 76.24 38.55
C GLY C 4067 -5.67 77.70 38.20
N HIS C 4068 -6.83 78.11 37.67
CA HIS C 4068 -6.90 79.42 37.05
C HIS C 4068 -7.63 80.47 37.89
N GLU C 4069 -8.88 80.18 38.25
CA GLU C 4069 -9.86 81.15 38.77
C GLU C 4069 -9.86 82.43 37.94
N LYS C 4070 -9.37 82.32 36.69
CA LYS C 4070 -9.21 83.48 35.83
C LYS C 4070 -9.93 83.31 34.49
N ALA C 4071 -9.75 82.17 33.85
CA ALA C 4071 -10.06 82.04 32.43
C ALA C 4071 -11.54 82.27 32.18
N PRO C 4072 -11.90 83.01 31.11
CA PRO C 4072 -13.32 83.19 30.79
C PRO C 4072 -14.03 81.89 30.44
N ALA C 4073 -13.30 80.84 30.13
CA ALA C 4073 -13.90 79.56 29.75
C ALA C 4073 -13.48 78.47 30.73
N PHE C 4074 -14.40 78.07 31.61
CA PHE C 4074 -14.14 76.96 32.52
C PHE C 4074 -14.98 75.75 32.16
N ARG C 4075 -16.29 75.93 32.18
CA ARG C 4075 -17.22 74.81 32.15
C ARG C 4075 -17.35 74.19 30.76
N ASP C 4076 -17.14 74.97 29.71
CA ASP C 4076 -17.10 74.38 28.37
C ASP C 4076 -16.00 73.35 28.28
N TYR C 4077 -14.79 73.71 28.71
CA TYR C 4077 -13.68 72.77 28.69
C TYR C 4077 -13.92 71.60 29.65
N VAL C 4078 -14.50 71.89 30.82
CA VAL C 4078 -14.80 70.81 31.77
C VAL C 4078 -15.71 69.77 31.12
N ALA C 4079 -16.82 70.23 30.52
CA ALA C 4079 -17.75 69.31 29.89
C ALA C 4079 -17.11 68.59 28.71
N VAL C 4080 -16.30 69.30 27.94
CA VAL C 4080 -15.64 68.70 26.78
C VAL C 4080 -14.73 67.57 27.22
N ALA C 4081 -13.98 67.78 28.30
CA ALA C 4081 -13.11 66.72 28.81
C ALA C 4081 -13.90 65.57 29.42
N ARG C 4082 -15.00 65.87 30.12
CA ARG C 4082 -15.73 64.82 30.84
C ARG C 4082 -16.41 63.83 29.91
N GLY C 4083 -16.67 64.21 28.67
CA GLY C 4083 -17.17 63.27 27.68
C GLY C 4083 -18.69 63.13 27.69
N SER C 4084 -19.20 62.58 26.59
CA SER C 4084 -20.63 62.40 26.43
C SER C 4084 -21.12 61.27 27.32
N LYS C 4085 -22.27 61.48 27.98
CA LYS C 4085 -22.86 60.45 28.82
C LYS C 4085 -23.31 59.26 27.99
N ASP C 4086 -23.90 59.52 26.82
CA ASP C 4086 -24.51 58.44 26.04
C ASP C 4086 -23.46 57.52 25.41
N HIS C 4087 -22.45 58.10 24.74
CA HIS C 4087 -21.58 57.26 23.91
C HIS C 4087 -20.10 57.47 24.19
N ASN C 4088 -19.73 57.94 25.38
CA ASN C 4088 -18.35 57.94 25.83
C ASN C 4088 -18.30 57.34 27.23
N ILE C 4089 -17.70 56.15 27.35
CA ILE C 4089 -17.71 55.45 28.62
C ILE C 4089 -16.86 56.16 29.67
N ARG C 4090 -16.15 57.23 29.31
CA ARG C 4090 -15.56 58.10 30.31
C ARG C 4090 -16.63 58.67 31.24
N ALA C 4091 -17.77 59.05 30.69
CA ALA C 4091 -18.89 59.54 31.47
C ALA C 4091 -19.76 58.41 32.01
N GLN C 4092 -19.38 57.16 31.82
CA GLN C 4092 -20.06 56.02 32.40
C GLN C 4092 -19.30 55.44 33.58
N GLU C 4093 -17.98 55.32 33.49
CA GLU C 4093 -17.19 54.81 34.58
C GLU C 4093 -16.97 55.92 35.62
N PRO C 4094 -17.43 55.76 36.85
CA PRO C 4094 -17.44 56.89 37.79
C PRO C 4094 -16.24 56.98 38.72
N GLU C 4095 -15.97 58.21 39.18
CA GLU C 4095 -15.08 58.51 40.29
C GLU C 4095 -13.69 57.90 40.17
N SER C 4096 -13.40 56.90 40.98
CA SER C 4096 -12.02 56.42 41.16
C SER C 4096 -12.04 54.94 41.49
N GLY C 4097 -10.87 54.44 41.91
CA GLY C 4097 -10.74 53.03 42.23
C GLY C 4097 -10.93 52.10 41.06
N LEU C 4098 -10.85 52.62 39.84
CA LEU C 4098 -11.08 51.80 38.66
C LEU C 4098 -9.93 50.84 38.42
N SER C 4099 -10.26 49.65 37.92
CA SER C 4099 -9.25 48.65 37.62
C SER C 4099 -8.34 49.12 36.48
N GLU C 4100 -7.13 48.55 36.46
CA GLU C 4100 -6.11 48.98 35.51
C GLU C 4100 -6.58 48.85 34.08
N GLU C 4101 -7.32 47.79 33.76
CA GLU C 4101 -7.88 47.67 32.42
C GLU C 4101 -8.91 48.77 32.15
N THR C 4102 -9.75 49.08 33.14
CA THR C 4102 -10.64 50.23 32.97
C THR C 4102 -9.85 51.52 32.90
N GLN C 4103 -8.77 51.64 33.65
CA GLN C 4103 -7.87 52.79 33.53
C GLN C 4103 -7.42 52.97 32.09
N VAL C 4104 -6.88 51.91 31.48
CA VAL C 4104 -6.32 52.05 30.15
C VAL C 4104 -7.41 52.24 29.12
N LYS C 4105 -8.58 51.64 29.32
CA LYS C 4105 -9.70 51.86 28.41
C LYS C 4105 -10.15 53.31 28.44
N CYS C 4106 -10.31 53.87 29.63
CA CYS C 4106 -10.72 55.27 29.74
C CYS C 4106 -9.65 56.19 29.17
N LEU C 4107 -8.38 55.87 29.40
CA LEU C 4107 -7.29 56.68 28.86
C LEU C 4107 -7.27 56.61 27.34
N MET C 4108 -7.47 55.42 26.77
CA MET C 4108 -7.60 55.26 25.33
C MET C 4108 -8.78 56.02 24.76
N ASP C 4109 -9.88 56.14 25.51
CA ASP C 4109 -11.01 56.94 25.08
C ASP C 4109 -10.56 58.34 24.71
N GLN C 4110 -9.76 58.96 25.60
CA GLN C 4110 -9.18 60.25 25.29
C GLN C 4110 -8.19 60.13 24.14
N ALA C 4111 -7.35 59.11 24.16
CA ALA C 4111 -6.23 59.00 23.23
C ALA C 4111 -6.67 59.02 21.77
N THR C 4112 -7.88 58.58 21.47
CA THR C 4112 -8.43 58.67 20.12
C THR C 4112 -9.83 59.25 20.19
N ASP C 4113 -9.97 60.38 20.87
CA ASP C 4113 -11.24 61.09 20.93
C ASP C 4113 -11.21 62.20 19.88
N PRO C 4114 -11.94 62.08 18.77
CA PRO C 4114 -11.83 63.07 17.69
C PRO C 4114 -12.23 64.47 18.11
N ASN C 4115 -13.19 64.62 19.03
CA ASN C 4115 -13.59 65.95 19.47
C ASN C 4115 -12.41 66.72 20.04
N ILE C 4116 -11.70 66.11 20.98
CA ILE C 4116 -10.62 66.82 21.66
C ILE C 4116 -9.31 66.69 20.90
N LEU C 4117 -9.16 65.64 20.10
CA LEU C 4117 -7.97 65.54 19.27
C LEU C 4117 -7.99 66.53 18.11
N GLY C 4118 -9.17 66.95 17.65
CA GLY C 4118 -9.21 67.91 16.57
C GLY C 4118 -9.10 69.34 17.00
N ARG C 4119 -8.70 69.59 18.24
CA ARG C 4119 -8.71 70.95 18.75
C ARG C 4119 -7.49 71.34 19.55
N THR C 4120 -6.30 70.82 19.26
CA THR C 4120 -5.10 71.30 19.92
C THR C 4120 -4.22 72.09 18.95
N TRP C 4121 -3.42 72.99 19.52
CA TRP C 4121 -2.75 74.08 18.83
C TRP C 4121 -1.74 73.58 17.80
N GLU C 4122 -1.62 74.35 16.71
CA GLU C 4122 -0.68 74.02 15.65
C GLU C 4122 0.74 73.99 16.17
N GLY C 4123 1.42 72.87 15.92
CA GLY C 4123 2.62 72.51 16.65
C GLY C 4123 2.47 71.22 17.44
N TRP C 4124 1.24 70.83 17.76
CA TRP C 4124 0.96 69.45 18.15
C TRP C 4124 0.87 68.61 16.89
N GLU C 4125 0.41 69.25 15.81
CA GLU C 4125 0.06 68.60 14.55
C GLU C 4125 -0.84 67.40 14.83
N PRO C 4126 -2.03 67.62 15.40
CA PRO C 4126 -2.89 66.48 15.75
C PRO C 4126 -3.42 65.71 14.57
N TRP C 4127 -3.46 66.32 13.39
CA TRP C 4127 -3.99 65.65 12.20
C TRP C 4127 -3.07 64.55 11.68
N MET C 4128 -1.75 64.70 11.76
CA MET C 4128 -0.88 63.54 11.57
C MET C 4128 -1.21 62.47 12.60
N UNK D 1 76.64 23.87 6.89
CA UNK D 1 76.10 25.08 7.52
C UNK D 1 74.73 24.82 8.13
N UNK D 2 74.66 23.81 9.00
CA UNK D 2 73.43 23.46 9.69
C UNK D 2 73.76 23.07 11.13
N UNK D 3 73.13 23.74 12.08
CA UNK D 3 73.44 23.58 13.50
C UNK D 3 73.27 22.14 13.98
N UNK D 4 72.13 21.54 13.66
CA UNK D 4 71.85 20.17 14.09
C UNK D 4 72.85 19.20 13.48
N UNK D 5 73.15 19.41 12.21
CA UNK D 5 74.10 18.57 11.49
C UNK D 5 75.47 18.63 12.15
N UNK D 6 75.90 19.85 12.51
CA UNK D 6 77.21 20.05 13.13
C UNK D 6 77.23 19.43 14.54
N UNK D 7 76.13 19.58 15.26
CA UNK D 7 76.01 19.02 16.60
C UNK D 7 76.13 17.50 16.54
N UNK D 8 75.51 16.90 15.54
CA UNK D 8 75.61 15.46 15.35
C UNK D 8 77.03 15.06 14.97
N UNK D 9 77.61 15.79 14.02
CA UNK D 9 78.94 15.52 13.51
C UNK D 9 79.99 15.59 14.60
N UNK D 10 79.76 16.42 15.62
CA UNK D 10 80.70 16.52 16.74
C UNK D 10 80.92 15.16 17.41
N UNK D 11 79.84 14.59 17.94
CA UNK D 11 79.90 13.32 18.64
C UNK D 11 80.03 12.17 17.67
N UNK D 12 79.85 12.43 16.38
CA UNK D 12 80.13 11.43 15.36
C UNK D 12 81.63 11.36 15.10
N UNK D 13 82.28 12.50 15.24
CA UNK D 13 83.72 12.61 15.04
C UNK D 13 84.43 12.04 16.24
N UNK D 14 84.01 12.42 17.44
CA UNK D 14 84.62 11.91 18.66
C UNK D 14 84.45 10.38 18.78
N UNK D 15 84.92 9.68 17.74
CA UNK D 15 84.77 8.23 17.61
C UNK D 15 85.44 7.79 16.31
N UNK D 16 85.70 8.78 15.44
CA UNK D 16 86.31 8.57 14.13
C UNK D 16 85.48 7.68 13.22
N UNK D 17 84.17 7.65 13.46
CA UNK D 17 83.25 6.90 12.60
C UNK D 17 82.86 7.76 11.41
N UNK D 18 81.82 7.34 10.67
CA UNK D 18 81.30 8.16 9.56
C UNK D 18 79.86 7.90 9.09
N UNK D 19 79.33 6.68 9.21
CA UNK D 19 78.02 6.29 8.65
C UNK D 19 76.82 7.07 9.20
N UNK D 20 75.82 7.35 8.33
CA UNK D 20 74.62 8.14 8.62
C UNK D 20 73.51 8.01 7.57
#